data_6TXA
#
_entry.id   6TXA
#
_cell.length_a   97.782
_cell.length_b   172.897
_cell.length_c   275.886
_cell.angle_alpha   90.000
_cell.angle_beta   95.200
_cell.angle_gamma   90.000
#
_symmetry.space_group_name_H-M   'P 1 21 1'
#
loop_
_entity.id
_entity.type
_entity.pdbx_description
1 polymer 'Deoxynucleoside triphosphate triphosphohydrolase SAMHD1'
2 non-polymer 'FE (III) ION'
3 non-polymer 'MAGNESIUM ION'
4 non-polymer "2'-deoxy-5'-O-[(R)-hydroxy{[(R)-hydroxy(phosphonooxy)phosphoryl]amino}phosphoryl]guanosine"
5 non-polymer '[[(2~{R},3~{S},4~{R},5~{R})-5-[2,6-bis(oxidanylidene)-3~{H}-purin-9-yl]-3,4-bis(oxidanyl)oxolan-2-yl]methoxy-oxidanyl-phosphoryl] phosphono hydrogen phosphate'
6 non-polymer 'SULFATE ION'
#
_entity_poly.entity_id   1
_entity_poly.type   'polypeptide(L)'
_entity_poly.pdbx_seq_one_letter_code
;GSQIHVDTMKVINDPIHGHIELHPLLVRIINTPQFQRLRYIKQLGGGYYVFPGASHNRFEHSLGVGYLAGCLVHALGEKQ
PELQISERDVLCVQIAGLCHDLGHGPFSHMFDGRFIPLARPEVKWTHEQGSVMMFEHLINSNGIKPVMEQYGLIPEEDIC
FIKEQIVGPLESPVEDSLWPYKGRPENKSFLYEIVSNKRNGIDVDKWDYFARDCHHLGIQNNFDYKRFIKFARVCEVDNE
LRICARDKEVGNLYDMFHTRNSLHRRAYQHKVGNIIDTMITDAFLKADDYIEITGAGGKKYRISTAIDDMEAYTKLTDNI
FLEILYSTDPKLKDAREILKQIEYRNLFKYVGETQPTGQIKIKREDYESLPKEVASAKPKVLLDVKLKAEDFIVDVINMD
YGMQEKNPIDHVSFYCKTAPNRAIRITKNQVSQLLPEKFAEQLIRVYCKKVDRKSLYAARQYFVQWCADRNFTKPQDGDV
IAPLITPQKKEWNDSTSVQNPTRLREASKSRVQLFKDDPM
;
_entity_poly.pdbx_strand_id   A,B,C,D,E,F,G,H,I,J,K,L,M,N,O,P
#
loop_
_chem_comp.id
_chem_comp.type
_chem_comp.name
_chem_comp.formula
CZF non-polymer '[[(2~{R},3~{S},4~{R},5~{R})-5-[2,6-bis(oxidanylidene)-3~{H}-purin-9-yl]-3,4-bis(oxidanyl)oxolan-2-yl]methoxy-oxidanyl-phosphoryl] phosphono hydrogen phosphate' 'C10 H15 N4 O15 P3'
FE non-polymer 'FE (III) ION' 'Fe 3'
MG non-polymer 'MAGNESIUM ION' 'Mg 2'
SO4 non-polymer 'SULFATE ION' 'O4 S -2'
XG4 non-polymer 2'-deoxy-5'-O-[(R)-hydroxy{[(R)-hydroxy(phosphonooxy)phosphoryl]amino}phosphoryl]guanosine 'C10 H17 N6 O12 P3'
#
# COMPACT_ATOMS: atom_id res chain seq x y z
N THR A 8 -53.50 -31.17 -33.32
CA THR A 8 -52.66 -31.45 -32.11
C THR A 8 -51.16 -31.08 -32.38
N MET A 9 -50.32 -31.25 -31.36
CA MET A 9 -48.88 -30.88 -31.39
C MET A 9 -48.04 -32.11 -31.68
N LYS A 10 -46.89 -31.90 -32.29
CA LYS A 10 -45.89 -32.94 -32.46
C LYS A 10 -44.81 -32.80 -31.40
N VAL A 11 -44.44 -33.90 -30.77
CA VAL A 11 -43.38 -33.91 -29.79
C VAL A 11 -42.14 -34.55 -30.39
N ILE A 12 -40.98 -33.99 -30.07
CA ILE A 12 -39.70 -34.48 -30.58
C ILE A 12 -38.66 -34.42 -29.48
N ASN A 13 -37.82 -35.45 -29.37
CA ASN A 13 -36.90 -35.60 -28.22
C ASN A 13 -35.45 -35.25 -28.56
N ASP A 14 -35.11 -34.02 -28.18
CA ASP A 14 -33.76 -33.49 -28.21
C ASP A 14 -33.06 -33.85 -26.90
N PRO A 15 -31.81 -34.34 -26.97
CA PRO A 15 -31.12 -34.71 -25.74
C PRO A 15 -30.71 -33.55 -24.86
N ILE A 16 -30.67 -32.33 -25.39
CA ILE A 16 -30.34 -31.17 -24.59
C ILE A 16 -31.56 -30.68 -23.87
N HIS A 17 -32.62 -30.40 -24.61
CA HIS A 17 -33.78 -29.68 -24.07
C HIS A 17 -34.94 -30.54 -23.63
N GLY A 18 -34.92 -31.81 -23.99
CA GLY A 18 -35.97 -32.73 -23.57
C GLY A 18 -37.00 -32.86 -24.68
N HIS A 19 -38.26 -33.07 -24.30
CA HIS A 19 -39.34 -33.23 -25.27
C HIS A 19 -39.88 -31.87 -25.68
N ILE A 20 -39.50 -31.43 -26.87
CA ILE A 20 -39.96 -30.18 -27.44
C ILE A 20 -41.32 -30.39 -28.09
N GLU A 21 -42.25 -29.43 -27.91
CA GLU A 21 -43.49 -29.41 -28.66
C GLU A 21 -43.32 -28.55 -29.91
N LEU A 22 -43.81 -29.05 -31.04
CA LEU A 22 -43.71 -28.33 -32.32
C LEU A 22 -45.11 -28.07 -32.87
N HIS A 23 -45.42 -26.77 -32.99
CA HIS A 23 -46.64 -26.32 -33.60
C HIS A 23 -46.73 -26.77 -35.08
N PRO A 24 -47.94 -27.09 -35.58
CA PRO A 24 -48.09 -27.66 -36.93
C PRO A 24 -47.42 -26.86 -38.03
N LEU A 25 -47.48 -25.54 -37.93
CA LEU A 25 -46.80 -24.63 -38.85
C LEU A 25 -45.29 -24.83 -38.85
N LEU A 26 -44.71 -25.04 -37.66
CA LEU A 26 -43.27 -25.30 -37.55
C LEU A 26 -42.92 -26.64 -38.18
N VAL A 27 -43.74 -27.66 -37.92
CA VAL A 27 -43.55 -28.99 -38.51
C VAL A 27 -43.53 -28.91 -40.01
N ARG A 28 -44.42 -28.08 -40.54
CA ARG A 28 -44.57 -27.90 -41.96
C ARG A 28 -43.34 -27.23 -42.59
N ILE A 29 -42.75 -26.28 -41.85
CA ILE A 29 -41.50 -25.63 -42.23
C ILE A 29 -40.32 -26.59 -42.12
N ILE A 30 -40.28 -27.34 -41.04
CA ILE A 30 -39.22 -28.33 -40.79
C ILE A 30 -39.12 -29.38 -41.88
N ASN A 31 -40.28 -29.92 -42.29
CA ASN A 31 -40.32 -30.99 -43.29
C ASN A 31 -40.25 -30.47 -44.73
N THR A 32 -39.13 -29.83 -45.04
CA THR A 32 -38.84 -29.29 -46.36
C THR A 32 -37.37 -29.55 -46.68
N PRO A 33 -37.01 -29.66 -47.97
CA PRO A 33 -35.60 -29.84 -48.32
C PRO A 33 -34.67 -28.76 -47.83
N GLN A 34 -35.16 -27.54 -47.71
CA GLN A 34 -34.32 -26.39 -47.36
C GLN A 34 -33.88 -26.46 -45.90
N PHE A 35 -34.77 -27.00 -45.07
CA PHE A 35 -34.52 -27.18 -43.64
C PHE A 35 -33.81 -28.49 -43.36
N GLN A 36 -34.31 -29.60 -43.92
CA GLN A 36 -33.72 -30.93 -43.66
C GLN A 36 -32.27 -30.99 -44.13
N ARG A 37 -31.92 -30.13 -45.10
CA ARG A 37 -30.55 -29.86 -45.48
C ARG A 37 -29.59 -29.74 -44.30
N LEU A 38 -30.04 -29.09 -43.25
CA LEU A 38 -29.22 -28.87 -42.08
C LEU A 38 -28.82 -30.15 -41.35
N ARG A 39 -29.47 -31.28 -41.63
CA ARG A 39 -29.01 -32.57 -41.12
C ARG A 39 -27.64 -32.97 -41.62
N TYR A 40 -27.21 -32.37 -42.73
CA TYR A 40 -25.98 -32.76 -43.39
C TYR A 40 -24.92 -31.66 -43.31
N ILE A 41 -25.00 -30.82 -42.29
CA ILE A 41 -23.98 -29.81 -42.03
C ILE A 41 -23.58 -29.87 -40.55
N LYS A 42 -22.30 -30.15 -40.27
CA LYS A 42 -21.85 -30.28 -38.90
C LYS A 42 -21.76 -28.92 -38.24
N GLN A 43 -22.07 -28.89 -36.95
CA GLN A 43 -22.11 -27.65 -36.20
C GLN A 43 -20.72 -27.06 -36.11
N LEU A 44 -19.77 -27.92 -35.74
CA LEU A 44 -18.40 -27.47 -35.48
C LEU A 44 -17.43 -27.84 -36.57
N GLY A 45 -17.94 -28.01 -37.79
CA GLY A 45 -17.11 -28.29 -38.96
C GLY A 45 -16.01 -29.29 -38.73
N GLY A 46 -14.78 -28.81 -38.90
CA GLY A 46 -13.56 -29.60 -38.72
C GLY A 46 -13.24 -30.00 -37.30
N GLY A 47 -13.92 -29.39 -36.32
CA GLY A 47 -13.82 -29.79 -34.93
C GLY A 47 -14.10 -31.27 -34.67
N TYR A 48 -14.96 -31.88 -35.47
CA TYR A 48 -15.21 -33.33 -35.38
C TYR A 48 -13.90 -34.12 -35.50
N TYR A 49 -12.97 -33.62 -36.31
CA TYR A 49 -11.67 -34.29 -36.53
C TYR A 49 -10.68 -34.07 -35.36
N VAL A 50 -11.10 -33.34 -34.33
CA VAL A 50 -10.36 -33.22 -33.06
C VAL A 50 -11.15 -33.72 -31.86
N PHE A 51 -12.43 -33.36 -31.78
CA PHE A 51 -13.34 -33.86 -30.74
C PHE A 51 -14.27 -34.87 -31.35
N PRO A 52 -13.98 -36.17 -31.20
CA PRO A 52 -14.77 -37.16 -31.91
C PRO A 52 -16.24 -37.22 -31.43
N GLY A 53 -16.56 -36.57 -30.31
CA GLY A 53 -17.97 -36.45 -29.93
C GLY A 53 -18.84 -35.53 -30.80
N ALA A 54 -18.18 -34.57 -31.47
CA ALA A 54 -18.84 -33.44 -32.15
C ALA A 54 -19.40 -33.74 -33.56
N SER A 55 -20.12 -34.85 -33.61
CA SER A 55 -20.86 -35.35 -34.77
C SER A 55 -22.14 -34.53 -35.04
N HIS A 56 -22.59 -33.78 -34.04
CA HIS A 56 -23.83 -33.02 -34.11
C HIS A 56 -23.89 -32.00 -35.24
N ASN A 57 -25.09 -31.89 -35.82
CA ASN A 57 -25.39 -31.10 -36.99
C ASN A 57 -26.30 -29.90 -36.69
N ARG A 58 -26.40 -28.98 -37.66
CA ARG A 58 -27.18 -27.74 -37.49
C ARG A 58 -28.66 -27.97 -37.26
N PHE A 59 -29.21 -28.98 -37.94
CA PHE A 59 -30.60 -29.37 -37.76
C PHE A 59 -31.05 -29.28 -36.30
N GLU A 60 -30.35 -30.01 -35.43
CA GLU A 60 -30.77 -30.11 -34.04
C GLU A 60 -30.48 -28.84 -33.23
N HIS A 61 -29.42 -28.11 -33.56
CA HIS A 61 -29.19 -26.75 -33.03
C HIS A 61 -30.38 -25.86 -33.39
N SER A 62 -30.77 -25.93 -34.67
CA SER A 62 -31.88 -25.14 -35.18
C SER A 62 -33.17 -25.43 -34.41
N LEU A 63 -33.49 -26.70 -34.17
CA LEU A 63 -34.67 -27.03 -33.34
C LEU A 63 -34.59 -26.40 -31.94
N GLY A 64 -33.43 -26.50 -31.32
CA GLY A 64 -33.24 -25.99 -29.97
C GLY A 64 -33.34 -24.49 -29.86
N VAL A 65 -32.83 -23.78 -30.86
CA VAL A 65 -32.92 -22.32 -30.84
C VAL A 65 -34.38 -21.91 -31.00
N GLY A 66 -35.09 -22.63 -31.86
CA GLY A 66 -36.52 -22.45 -32.00
C GLY A 66 -37.24 -22.68 -30.68
N TYR A 67 -36.85 -23.76 -29.99
CA TYR A 67 -37.45 -24.10 -28.71
C TYR A 67 -37.22 -23.00 -27.64
N LEU A 68 -35.96 -22.57 -27.51
CA LEU A 68 -35.62 -21.58 -26.48
C LEU A 68 -36.20 -20.23 -26.78
N ALA A 69 -36.28 -19.89 -28.06
CA ALA A 69 -36.95 -18.66 -28.45
C ALA A 69 -38.38 -18.65 -27.94
N GLY A 70 -39.09 -19.76 -28.11
CA GLY A 70 -40.43 -19.94 -27.56
C GLY A 70 -40.45 -19.79 -26.04
N CYS A 71 -39.50 -20.42 -25.36
CA CYS A 71 -39.46 -20.38 -23.91
C CYS A 71 -39.38 -18.97 -23.40
N LEU A 72 -38.49 -18.18 -23.98
CA LEU A 72 -38.20 -16.86 -23.46
C LEU A 72 -39.37 -15.91 -23.74
N VAL A 73 -39.87 -15.92 -24.97
CA VAL A 73 -41.00 -15.05 -25.31
C VAL A 73 -42.27 -15.42 -24.56
N HIS A 74 -42.51 -16.72 -24.37
CA HIS A 74 -43.68 -17.20 -23.63
C HIS A 74 -43.55 -16.83 -22.15
N ALA A 75 -42.35 -16.89 -21.61
CA ALA A 75 -42.09 -16.53 -20.22
C ALA A 75 -42.30 -15.05 -19.96
N LEU A 76 -41.80 -14.21 -20.85
CA LEU A 76 -41.99 -12.78 -20.72
C LEU A 76 -43.47 -12.45 -20.73
N GLY A 77 -44.22 -13.16 -21.57
CA GLY A 77 -45.66 -12.99 -21.68
C GLY A 77 -46.43 -13.31 -20.41
N GLU A 78 -46.11 -14.45 -19.79
CA GLU A 78 -46.80 -14.85 -18.56
C GLU A 78 -46.48 -13.85 -17.45
N LYS A 79 -45.20 -13.53 -17.27
CA LYS A 79 -44.77 -12.62 -16.20
C LYS A 79 -45.31 -11.17 -16.42
N GLN A 80 -45.47 -10.72 -17.66
CA GLN A 80 -45.89 -9.32 -17.96
C GLN A 80 -46.98 -9.26 -19.05
N PRO A 81 -48.26 -9.44 -18.66
CA PRO A 81 -49.35 -9.37 -19.62
C PRO A 81 -49.48 -8.03 -20.30
N GLU A 82 -49.11 -6.96 -19.59
CA GLU A 82 -49.09 -5.60 -20.15
C GLU A 82 -48.41 -5.47 -21.50
N LEU A 83 -47.47 -6.36 -21.80
CA LEU A 83 -46.73 -6.33 -23.07
C LEU A 83 -47.58 -6.74 -24.29
N GLN A 84 -48.67 -7.46 -24.04
CA GLN A 84 -49.59 -7.92 -25.06
C GLN A 84 -48.87 -8.69 -26.15
N ILE A 85 -48.22 -9.75 -25.70
CA ILE A 85 -47.51 -10.65 -26.58
C ILE A 85 -48.55 -11.60 -27.08
N SER A 86 -48.78 -11.64 -28.38
CA SER A 86 -49.80 -12.51 -28.99
C SER A 86 -49.25 -13.88 -29.35
N GLU A 87 -50.13 -14.86 -29.52
CA GLU A 87 -49.71 -16.19 -30.00
C GLU A 87 -49.16 -16.10 -31.42
N ARG A 88 -49.51 -15.03 -32.11
CA ARG A 88 -48.89 -14.71 -33.38
C ARG A 88 -47.42 -14.30 -33.21
N ASP A 89 -47.16 -13.42 -32.26
CA ASP A 89 -45.78 -13.02 -31.95
C ASP A 89 -44.91 -14.21 -31.56
N VAL A 90 -45.46 -15.10 -30.75
CA VAL A 90 -44.74 -16.28 -30.27
C VAL A 90 -44.34 -17.18 -31.42
N LEU A 91 -45.30 -17.47 -32.29
CA LEU A 91 -45.01 -18.27 -33.47
C LEU A 91 -43.93 -17.68 -34.35
N CYS A 92 -43.97 -16.37 -34.54
CA CYS A 92 -42.99 -15.71 -35.37
C CYS A 92 -41.57 -15.78 -34.80
N VAL A 93 -41.48 -15.61 -33.49
CA VAL A 93 -40.21 -15.70 -32.77
C VAL A 93 -39.66 -17.14 -32.89
N GLN A 94 -40.53 -18.12 -32.70
CA GLN A 94 -40.16 -19.54 -32.89
C GLN A 94 -39.67 -19.84 -34.29
N ILE A 95 -40.38 -19.34 -35.29
CA ILE A 95 -39.99 -19.56 -36.68
C ILE A 95 -38.63 -18.95 -36.96
N ALA A 96 -38.38 -17.77 -36.43
CA ALA A 96 -37.09 -17.12 -36.60
C ALA A 96 -35.98 -17.97 -36.00
N GLY A 97 -36.18 -18.36 -34.74
CA GLY A 97 -35.24 -19.20 -34.05
C GLY A 97 -34.95 -20.48 -34.80
N LEU A 98 -36.02 -21.09 -35.30
CA LEU A 98 -35.92 -22.34 -36.03
C LEU A 98 -35.11 -22.19 -37.33
N CYS A 99 -35.34 -21.09 -38.02
CA CYS A 99 -34.73 -20.84 -39.34
C CYS A 99 -33.48 -19.96 -39.31
N HIS A 100 -32.94 -19.69 -38.13
CA HIS A 100 -31.95 -18.61 -37.98
C HIS A 100 -30.61 -18.94 -38.63
N ASP A 101 -30.28 -20.24 -38.64
CA ASP A 101 -29.02 -20.70 -39.24
C ASP A 101 -29.22 -21.46 -40.55
N LEU A 102 -30.42 -21.34 -41.13
CA LEU A 102 -30.71 -21.95 -42.46
C LEU A 102 -29.67 -21.79 -43.56
N GLY A 103 -28.91 -20.70 -43.52
CA GLY A 103 -27.93 -20.36 -44.54
C GLY A 103 -26.47 -20.73 -44.29
N HIS A 104 -26.21 -21.60 -43.33
CA HIS A 104 -24.83 -22.06 -43.12
C HIS A 104 -24.40 -22.95 -44.26
N GLY A 105 -23.13 -22.85 -44.60
CA GLY A 105 -22.56 -23.66 -45.68
C GLY A 105 -21.97 -24.96 -45.20
N PRO A 106 -21.34 -25.71 -46.10
CA PRO A 106 -20.58 -26.88 -45.71
C PRO A 106 -19.57 -26.54 -44.63
N PHE A 107 -19.54 -27.38 -43.59
CA PHE A 107 -18.70 -27.18 -42.41
C PHE A 107 -18.92 -25.82 -41.73
N SER A 108 -20.18 -25.40 -41.69
CA SER A 108 -20.62 -24.23 -40.94
C SER A 108 -19.76 -22.97 -41.12
N HIS A 109 -18.94 -22.64 -40.14
CA HIS A 109 -18.27 -21.34 -40.11
C HIS A 109 -17.03 -21.34 -40.97
N MET A 110 -16.50 -22.51 -41.28
CA MET A 110 -15.45 -22.64 -42.29
C MET A 110 -15.87 -22.00 -43.59
N PHE A 111 -17.12 -22.18 -43.99
CA PHE A 111 -17.63 -21.65 -45.27
C PHE A 111 -17.68 -20.15 -45.32
N ASP A 112 -18.41 -19.52 -44.41
CA ASP A 112 -18.55 -18.05 -44.42
C ASP A 112 -17.34 -17.33 -43.84
N GLY A 113 -16.52 -18.04 -43.07
CA GLY A 113 -15.39 -17.46 -42.37
C GLY A 113 -14.04 -17.62 -43.04
N ARG A 114 -13.82 -18.74 -43.74
CA ARG A 114 -12.56 -19.00 -44.44
C ARG A 114 -12.71 -19.06 -45.95
N PHE A 115 -13.60 -19.92 -46.42
CA PHE A 115 -13.72 -20.22 -47.86
C PHE A 115 -14.22 -19.08 -48.72
N ILE A 116 -15.40 -18.56 -48.46
CA ILE A 116 -15.98 -17.52 -49.29
C ILE A 116 -15.09 -16.26 -49.30
N PRO A 117 -14.56 -15.84 -48.15
CA PRO A 117 -13.62 -14.73 -48.20
C PRO A 117 -12.38 -14.93 -49.08
N LEU A 118 -11.91 -16.17 -49.24
CA LEU A 118 -10.80 -16.45 -50.14
C LEU A 118 -11.25 -16.65 -51.57
N ALA A 119 -12.32 -17.41 -51.77
CA ALA A 119 -12.83 -17.72 -53.10
C ALA A 119 -13.41 -16.52 -53.81
N ARG A 120 -14.05 -15.61 -53.08
CA ARG A 120 -14.73 -14.46 -53.66
C ARG A 120 -14.55 -13.22 -52.79
N PRO A 121 -13.33 -12.64 -52.81
CA PRO A 121 -12.99 -11.50 -51.95
C PRO A 121 -13.83 -10.25 -52.19
N GLU A 122 -14.36 -10.11 -53.41
CA GLU A 122 -15.23 -8.99 -53.76
C GLU A 122 -16.53 -8.91 -52.94
N VAL A 123 -17.08 -10.06 -52.51
CA VAL A 123 -18.40 -10.11 -51.88
C VAL A 123 -18.29 -9.90 -50.37
N LYS A 124 -19.32 -9.29 -49.77
CA LYS A 124 -19.50 -9.27 -48.31
C LYS A 124 -20.73 -10.16 -48.04
N TRP A 125 -20.49 -11.42 -47.69
CA TRP A 125 -21.55 -12.44 -47.46
C TRP A 125 -21.40 -13.12 -46.11
N THR A 126 -22.51 -13.42 -45.45
CA THR A 126 -22.56 -14.04 -44.12
C THR A 126 -23.58 -15.19 -44.07
N HIS A 127 -23.48 -16.06 -43.05
CA HIS A 127 -24.43 -17.18 -42.87
C HIS A 127 -25.85 -16.64 -42.73
N GLU A 128 -25.98 -15.48 -42.10
CA GLU A 128 -27.27 -14.86 -41.81
C GLU A 128 -27.96 -14.38 -43.07
N GLN A 129 -27.22 -13.68 -43.94
CA GLN A 129 -27.78 -13.22 -45.21
C GLN A 129 -28.30 -14.40 -46.00
N GLY A 130 -27.55 -15.50 -45.95
CA GLY A 130 -27.96 -16.75 -46.56
C GLY A 130 -29.25 -17.28 -45.97
N SER A 131 -29.38 -17.18 -44.64
CA SER A 131 -30.60 -17.64 -43.96
C SER A 131 -31.85 -16.92 -44.43
N VAL A 132 -31.76 -15.60 -44.56
CA VAL A 132 -32.86 -14.81 -45.06
C VAL A 132 -33.26 -15.27 -46.46
N MET A 133 -32.29 -15.40 -47.33
CA MET A 133 -32.55 -15.85 -48.70
C MET A 133 -33.11 -17.26 -48.76
N MET A 134 -32.51 -18.15 -47.98
CA MET A 134 -32.94 -19.53 -47.94
C MET A 134 -34.33 -19.65 -47.28
N PHE A 135 -34.65 -18.75 -46.35
CA PHE A 135 -35.98 -18.72 -45.76
C PHE A 135 -37.05 -18.36 -46.79
N GLU A 136 -36.79 -17.29 -47.54
CA GLU A 136 -37.63 -16.88 -48.67
C GLU A 136 -37.84 -18.05 -49.62
N HIS A 137 -36.76 -18.72 -50.04
CA HIS A 137 -36.85 -19.87 -50.94
C HIS A 137 -37.69 -21.00 -50.36
N LEU A 138 -37.54 -21.25 -49.06
CA LEU A 138 -38.31 -22.30 -48.37
C LEU A 138 -39.80 -22.02 -48.41
N ILE A 139 -40.16 -20.78 -48.10
CA ILE A 139 -41.55 -20.34 -48.04
C ILE A 139 -42.22 -20.50 -49.42
N ASN A 140 -41.54 -20.00 -50.45
CA ASN A 140 -42.10 -19.94 -51.79
C ASN A 140 -42.18 -21.31 -52.43
N SER A 141 -41.10 -22.07 -52.36
CA SER A 141 -41.07 -23.38 -52.97
C SER A 141 -41.95 -24.44 -52.26
N ASN A 142 -42.44 -24.19 -51.05
CA ASN A 142 -43.27 -25.16 -50.32
C ASN A 142 -44.70 -24.70 -49.95
N GLY A 143 -45.12 -23.55 -50.45
CA GLY A 143 -46.48 -23.05 -50.22
C GLY A 143 -46.83 -22.87 -48.75
N ILE A 144 -45.94 -22.21 -48.04
CA ILE A 144 -46.08 -22.03 -46.62
C ILE A 144 -47.02 -20.88 -46.31
N LYS A 145 -47.01 -19.86 -47.18
CA LYS A 145 -47.81 -18.65 -46.98
C LYS A 145 -49.30 -18.90 -46.66
N PRO A 146 -49.98 -19.80 -47.40
CA PRO A 146 -51.33 -20.25 -47.02
C PRO A 146 -51.45 -20.81 -45.61
N VAL A 147 -50.45 -21.59 -45.21
CA VAL A 147 -50.46 -22.24 -43.90
C VAL A 147 -50.23 -21.21 -42.80
N MET A 148 -49.38 -20.22 -43.05
CA MET A 148 -49.17 -19.14 -42.08
C MET A 148 -50.50 -18.43 -41.79
N GLU A 149 -51.23 -18.07 -42.86
CA GLU A 149 -52.53 -17.43 -42.76
C GLU A 149 -53.50 -18.29 -41.98
N GLN A 150 -53.54 -19.58 -42.30
CA GLN A 150 -54.41 -20.53 -41.60
C GLN A 150 -54.25 -20.47 -40.09
N TYR A 151 -53.03 -20.25 -39.61
CA TYR A 151 -52.76 -20.17 -38.16
C TYR A 151 -52.61 -18.71 -37.67
N GLY A 152 -53.27 -17.77 -38.34
CA GLY A 152 -53.36 -16.40 -37.83
C GLY A 152 -52.20 -15.47 -38.08
N LEU A 153 -51.26 -15.86 -38.93
CA LEU A 153 -50.16 -14.95 -39.27
C LEU A 153 -50.54 -14.09 -40.46
N ILE A 154 -49.81 -13.00 -40.63
CA ILE A 154 -49.98 -12.09 -41.75
C ILE A 154 -48.65 -12.03 -42.52
N PRO A 155 -48.50 -12.87 -43.56
CA PRO A 155 -47.24 -13.00 -44.29
C PRO A 155 -46.54 -11.68 -44.67
N GLU A 156 -47.27 -10.69 -45.13
CA GLU A 156 -46.65 -9.38 -45.43
C GLU A 156 -45.81 -8.87 -44.28
N GLU A 157 -46.46 -8.66 -43.15
CA GLU A 157 -45.80 -8.13 -41.93
C GLU A 157 -44.84 -9.12 -41.30
N ASP A 158 -45.28 -10.35 -41.14
CA ASP A 158 -44.56 -11.34 -40.32
C ASP A 158 -43.32 -11.94 -40.98
N ILE A 159 -43.35 -12.21 -42.28
CA ILE A 159 -42.14 -12.68 -42.97
C ILE A 159 -41.04 -11.63 -42.91
N CYS A 160 -41.41 -10.37 -42.90
CA CYS A 160 -40.43 -9.30 -42.68
C CYS A 160 -39.87 -9.40 -41.26
N PHE A 161 -40.77 -9.53 -40.28
CA PHE A 161 -40.39 -9.64 -38.87
C PHE A 161 -39.44 -10.81 -38.61
N ILE A 162 -39.72 -11.95 -39.23
CA ILE A 162 -38.86 -13.13 -39.11
C ILE A 162 -37.47 -12.86 -39.69
N LYS A 163 -37.42 -12.32 -40.91
CA LYS A 163 -36.14 -11.98 -41.54
C LYS A 163 -35.38 -10.96 -40.72
N GLU A 164 -36.09 -9.98 -40.17
CA GLU A 164 -35.48 -8.94 -39.35
C GLU A 164 -34.87 -9.49 -38.06
N GLN A 165 -35.52 -10.49 -37.47
CA GLN A 165 -34.97 -11.18 -36.29
C GLN A 165 -33.63 -11.83 -36.59
N ILE A 166 -33.46 -12.31 -37.81
CA ILE A 166 -32.28 -13.05 -38.21
C ILE A 166 -31.07 -12.14 -38.54
N VAL A 167 -31.26 -11.20 -39.48
CA VAL A 167 -30.14 -10.37 -39.99
C VAL A 167 -30.09 -8.95 -39.49
N GLY A 168 -31.09 -8.52 -38.74
CA GLY A 168 -31.19 -7.12 -38.34
C GLY A 168 -32.04 -6.36 -39.35
N PRO A 169 -31.94 -5.03 -39.39
CA PRO A 169 -32.87 -4.30 -40.24
C PRO A 169 -32.60 -4.46 -41.73
N LEU A 170 -33.65 -4.74 -42.50
CA LEU A 170 -33.55 -4.86 -43.93
C LEU A 170 -33.27 -3.55 -44.69
N GLU A 171 -33.26 -2.38 -44.03
CA GLU A 171 -32.83 -1.10 -44.68
C GLU A 171 -32.03 -0.26 -43.70
N LEU A 178 -34.46 7.33 -35.94
CA LEU A 178 -35.68 6.68 -35.84
C LEU A 178 -35.68 5.14 -35.86
N TRP A 179 -36.87 4.56 -35.60
CA TRP A 179 -37.06 3.12 -35.46
C TRP A 179 -36.82 2.36 -36.78
N PRO A 180 -35.73 1.60 -36.86
CA PRO A 180 -35.36 0.96 -38.12
C PRO A 180 -36.18 -0.27 -38.58
N TYR A 181 -37.08 -0.80 -37.77
CA TYR A 181 -37.76 -2.05 -38.14
C TYR A 181 -39.15 -1.80 -38.72
N LYS A 182 -39.47 -2.50 -39.80
CA LYS A 182 -40.78 -2.47 -40.45
C LYS A 182 -41.69 -3.61 -39.96
N GLY A 183 -41.14 -4.65 -39.35
CA GLY A 183 -41.90 -5.85 -38.99
C GLY A 183 -42.73 -5.73 -37.73
N ARG A 184 -42.26 -4.96 -36.76
CA ARG A 184 -42.99 -4.71 -35.52
C ARG A 184 -42.70 -3.30 -34.99
N PRO A 185 -43.66 -2.72 -34.26
CA PRO A 185 -43.46 -1.39 -33.67
C PRO A 185 -42.48 -1.34 -32.50
N GLU A 186 -42.15 -0.13 -32.06
CA GLU A 186 -41.21 0.13 -30.96
C GLU A 186 -41.61 -0.50 -29.62
N ASN A 187 -42.91 -0.62 -29.40
CA ASN A 187 -43.47 -1.21 -28.17
C ASN A 187 -43.29 -2.73 -28.10
N LYS A 188 -42.72 -3.31 -29.14
CA LYS A 188 -42.34 -4.71 -29.14
C LYS A 188 -40.88 -4.91 -29.60
N SER A 189 -40.01 -3.95 -29.29
CA SER A 189 -38.59 -4.07 -29.66
C SER A 189 -37.90 -5.24 -28.96
N PHE A 190 -38.39 -5.59 -27.79
CA PHE A 190 -37.84 -6.70 -27.02
C PHE A 190 -37.86 -8.01 -27.78
N LEU A 191 -38.83 -8.20 -28.68
CA LEU A 191 -38.86 -9.40 -29.50
C LEU A 191 -37.63 -9.57 -30.40
N TYR A 192 -37.01 -8.46 -30.81
CA TYR A 192 -35.79 -8.53 -31.62
C TYR A 192 -34.53 -8.96 -30.84
N GLU A 193 -34.60 -8.91 -29.52
CA GLU A 193 -33.49 -9.32 -28.66
C GLU A 193 -33.48 -10.82 -28.26
N ILE A 194 -34.39 -11.64 -28.80
CA ILE A 194 -34.46 -13.05 -28.40
C ILE A 194 -33.54 -13.97 -29.21
N VAL A 195 -33.71 -13.97 -30.52
CA VAL A 195 -32.99 -14.94 -31.38
C VAL A 195 -31.57 -14.48 -31.70
N SER A 196 -31.40 -13.19 -32.01
CA SER A 196 -30.09 -12.64 -32.34
C SER A 196 -30.04 -11.18 -31.86
N ASN A 197 -29.40 -10.99 -30.72
CA ASN A 197 -29.40 -9.73 -29.99
C ASN A 197 -28.26 -8.86 -30.52
N LYS A 198 -28.61 -7.85 -31.29
CA LYS A 198 -27.62 -6.93 -31.88
C LYS A 198 -27.07 -5.95 -30.85
N ARG A 199 -27.81 -5.69 -29.78
CA ARG A 199 -27.44 -4.68 -28.79
C ARG A 199 -26.26 -5.10 -27.97
N ASN A 200 -26.34 -6.32 -27.41
CA ASN A 200 -25.30 -6.85 -26.51
C ASN A 200 -24.86 -8.31 -26.79
N GLY A 201 -25.62 -9.06 -27.58
CA GLY A 201 -25.24 -10.43 -27.91
C GLY A 201 -25.83 -11.52 -27.04
N ILE A 202 -26.57 -11.15 -26.00
CA ILE A 202 -27.22 -12.13 -25.13
C ILE A 202 -28.48 -12.64 -25.81
N ASP A 203 -28.38 -13.82 -26.43
CA ASP A 203 -29.49 -14.40 -27.21
C ASP A 203 -29.58 -15.93 -27.02
N VAL A 204 -30.66 -16.52 -27.51
CA VAL A 204 -30.87 -17.95 -27.30
C VAL A 204 -30.04 -18.82 -28.27
N ASP A 205 -29.52 -18.26 -29.38
CA ASP A 205 -28.56 -18.98 -30.24
C ASP A 205 -27.42 -19.44 -29.34
N LYS A 206 -26.86 -18.49 -28.57
CA LYS A 206 -25.76 -18.80 -27.64
C LYS A 206 -26.15 -19.86 -26.64
N TRP A 207 -27.35 -19.73 -26.08
CA TRP A 207 -27.72 -20.59 -24.96
C TRP A 207 -27.80 -22.03 -25.42
N ASP A 208 -28.34 -22.25 -26.61
CA ASP A 208 -28.43 -23.58 -27.13
C ASP A 208 -27.05 -24.15 -27.41
N TYR A 209 -26.23 -23.44 -28.19
CA TYR A 209 -24.95 -24.03 -28.59
C TYR A 209 -23.98 -24.23 -27.43
N PHE A 210 -24.06 -23.43 -26.37
CA PHE A 210 -23.26 -23.71 -25.18
C PHE A 210 -23.61 -25.11 -24.67
N ALA A 211 -24.90 -25.29 -24.39
CA ALA A 211 -25.40 -26.55 -23.86
C ALA A 211 -25.12 -27.71 -24.80
N ARG A 212 -25.38 -27.50 -26.08
CA ARG A 212 -25.27 -28.56 -27.06
C ARG A 212 -23.85 -28.93 -27.37
N ASP A 213 -23.01 -27.92 -27.63
CA ASP A 213 -21.61 -28.17 -28.01
C ASP A 213 -20.93 -28.85 -26.84
N CYS A 214 -21.14 -28.35 -25.62
CA CYS A 214 -20.59 -28.99 -24.42
C CYS A 214 -20.97 -30.47 -24.30
N HIS A 215 -22.24 -30.77 -24.54
CA HIS A 215 -22.73 -32.14 -24.41
C HIS A 215 -21.96 -33.08 -25.32
N HIS A 216 -21.74 -32.64 -26.55
CA HIS A 216 -21.09 -33.46 -27.57
C HIS A 216 -19.54 -33.35 -27.49
N LEU A 217 -19.01 -32.19 -27.10
CA LEU A 217 -17.56 -32.01 -27.04
C LEU A 217 -16.92 -32.86 -25.95
N GLY A 218 -17.62 -32.91 -24.82
CA GLY A 218 -17.07 -33.48 -23.59
C GLY A 218 -16.43 -32.42 -22.73
N ILE A 219 -17.05 -31.26 -22.69
CA ILE A 219 -16.68 -30.18 -21.79
C ILE A 219 -17.97 -29.85 -21.03
N GLN A 220 -17.87 -29.47 -19.77
CA GLN A 220 -19.07 -29.05 -19.03
C GLN A 220 -19.27 -27.50 -19.21
N ASN A 221 -20.55 -27.15 -19.24
CA ASN A 221 -21.04 -25.81 -19.52
C ASN A 221 -21.33 -25.16 -18.17
N ASN A 222 -20.80 -23.94 -17.98
CA ASN A 222 -20.97 -23.27 -16.70
C ASN A 222 -22.06 -22.18 -16.68
N PHE A 223 -22.99 -22.19 -17.64
CA PHE A 223 -24.00 -21.11 -17.79
C PHE A 223 -25.42 -21.63 -17.72
N ASP A 224 -26.23 -21.02 -16.86
CA ASP A 224 -27.60 -21.48 -16.61
C ASP A 224 -28.60 -20.56 -17.29
N TYR A 225 -29.05 -20.96 -18.48
CA TYR A 225 -29.99 -20.14 -19.27
C TYR A 225 -31.36 -20.09 -18.62
N LYS A 226 -31.77 -21.18 -18.01
CA LYS A 226 -33.06 -21.25 -17.36
C LYS A 226 -33.22 -20.23 -16.25
N ARG A 227 -32.14 -20.05 -15.50
CA ARG A 227 -32.07 -19.07 -14.43
C ARG A 227 -32.20 -17.67 -15.00
N PHE A 228 -31.48 -17.39 -16.09
CA PHE A 228 -31.53 -16.07 -16.69
C PHE A 228 -32.95 -15.70 -17.11
N ILE A 229 -33.68 -16.66 -17.64
CA ILE A 229 -35.08 -16.49 -18.03
C ILE A 229 -35.94 -16.16 -16.82
N LYS A 230 -35.75 -16.85 -15.70
CA LYS A 230 -36.51 -16.52 -14.50
C LYS A 230 -36.34 -15.09 -14.02
N PHE A 231 -35.18 -14.50 -14.26
CA PHE A 231 -34.91 -13.13 -13.83
C PHE A 231 -34.82 -12.15 -14.99
N ALA A 232 -35.54 -12.43 -16.05
CA ALA A 232 -35.56 -11.55 -17.20
C ALA A 232 -36.87 -10.82 -17.16
N ARG A 233 -36.88 -9.63 -17.74
CA ARG A 233 -38.02 -8.74 -17.63
C ARG A 233 -37.87 -7.59 -18.61
N VAL A 234 -38.99 -7.10 -19.14
CA VAL A 234 -39.00 -5.99 -20.08
C VAL A 234 -39.24 -4.69 -19.34
N CYS A 235 -38.38 -3.69 -19.59
CA CYS A 235 -38.51 -2.34 -19.01
C CYS A 235 -38.34 -1.31 -20.09
N GLU A 236 -38.73 -0.08 -19.79
CA GLU A 236 -38.52 1.02 -20.74
C GLU A 236 -37.08 1.51 -20.61
N VAL A 237 -36.40 1.65 -21.74
CA VAL A 237 -35.05 2.23 -21.82
C VAL A 237 -34.98 3.11 -23.04
N ASP A 238 -34.78 4.42 -22.86
CA ASP A 238 -34.67 5.39 -23.97
C ASP A 238 -35.83 5.23 -24.96
N ASN A 239 -37.05 5.40 -24.45
CA ASN A 239 -38.30 5.41 -25.24
C ASN A 239 -38.56 4.12 -26.05
N GLU A 240 -38.12 3.01 -25.50
CA GLU A 240 -38.07 1.71 -26.20
C GLU A 240 -38.17 0.60 -25.15
N LEU A 241 -38.99 -0.42 -25.41
CA LEU A 241 -39.15 -1.54 -24.44
C LEU A 241 -38.15 -2.69 -24.67
N ARG A 242 -37.16 -2.84 -23.79
CA ARG A 242 -36.09 -3.82 -23.94
C ARG A 242 -36.08 -4.86 -22.81
N ILE A 243 -35.40 -5.97 -23.07
CA ILE A 243 -35.19 -6.99 -22.06
C ILE A 243 -34.11 -6.53 -21.10
N CYS A 244 -34.36 -6.75 -19.82
CA CYS A 244 -33.43 -6.40 -18.75
C CYS A 244 -33.23 -7.60 -17.84
N ALA A 245 -32.04 -7.71 -17.28
CA ALA A 245 -31.73 -8.76 -16.32
C ALA A 245 -31.74 -8.19 -14.93
N ARG A 246 -31.85 -9.03 -13.91
CA ARG A 246 -31.82 -8.53 -12.58
C ARG A 246 -30.40 -8.13 -12.17
N ASP A 247 -30.30 -7.12 -11.31
CA ASP A 247 -29.01 -6.60 -10.79
C ASP A 247 -28.04 -7.70 -10.35
N LYS A 248 -28.53 -8.69 -9.63
CA LYS A 248 -27.70 -9.77 -9.13
C LYS A 248 -27.09 -10.67 -10.23
N GLU A 249 -27.75 -10.79 -11.37
CA GLU A 249 -27.22 -11.60 -12.47
C GLU A 249 -26.01 -11.00 -13.19
N VAL A 250 -25.60 -9.77 -12.90
CA VAL A 250 -24.51 -9.14 -13.64
C VAL A 250 -23.26 -10.03 -13.66
N GLY A 251 -22.96 -10.67 -12.54
CA GLY A 251 -21.83 -11.57 -12.48
C GLY A 251 -21.95 -12.75 -13.44
N ASN A 252 -23.12 -13.37 -13.43
CA ASN A 252 -23.40 -14.52 -14.30
C ASN A 252 -23.35 -14.16 -15.78
N LEU A 253 -23.66 -12.90 -16.11
CA LEU A 253 -23.54 -12.42 -17.47
C LEU A 253 -22.10 -12.23 -17.91
N TYR A 254 -21.23 -11.71 -17.04
CA TYR A 254 -19.80 -11.66 -17.38
C TYR A 254 -19.29 -13.09 -17.59
N ASP A 255 -19.76 -14.02 -16.76
CA ASP A 255 -19.36 -15.43 -16.86
C ASP A 255 -19.90 -16.10 -18.12
N MET A 256 -21.03 -15.62 -18.64
CA MET A 256 -21.54 -16.12 -19.92
C MET A 256 -20.52 -15.86 -21.03
N PHE A 257 -19.99 -14.64 -21.10
CA PHE A 257 -19.04 -14.31 -22.15
C PHE A 257 -17.68 -14.96 -21.90
N HIS A 258 -17.35 -15.20 -20.64
CA HIS A 258 -16.15 -15.96 -20.28
C HIS A 258 -16.28 -17.39 -20.81
N THR A 259 -17.39 -18.02 -20.50
CA THR A 259 -17.72 -19.36 -21.00
C THR A 259 -17.58 -19.43 -22.51
N ARG A 260 -18.09 -18.42 -23.20
CA ARG A 260 -17.99 -18.35 -24.67
C ARG A 260 -16.54 -18.34 -25.12
N ASN A 261 -15.78 -17.43 -24.54
CA ASN A 261 -14.38 -17.26 -24.89
C ASN A 261 -13.61 -18.53 -24.57
N SER A 262 -13.96 -19.15 -23.47
CA SER A 262 -13.35 -20.39 -23.03
C SER A 262 -13.63 -21.55 -24.02
N LEU A 263 -14.85 -21.66 -24.51
CA LEU A 263 -15.19 -22.64 -25.55
C LEU A 263 -14.46 -22.42 -26.87
N HIS A 264 -14.24 -21.15 -27.20
CA HIS A 264 -13.44 -20.81 -28.36
C HIS A 264 -11.99 -21.22 -28.19
N ARG A 265 -11.43 -20.98 -27.01
CA ARG A 265 -10.04 -21.31 -26.76
C ARG A 265 -9.83 -22.79 -26.77
N ARG A 266 -10.68 -23.53 -26.07
CA ARG A 266 -10.50 -24.97 -25.97
C ARG A 266 -10.86 -25.73 -27.25
N ALA A 267 -12.00 -25.38 -27.85
CA ALA A 267 -12.58 -26.20 -28.90
C ALA A 267 -12.62 -25.52 -30.25
N TYR A 268 -13.37 -24.43 -30.36
CA TYR A 268 -13.70 -23.91 -31.68
C TYR A 268 -12.47 -23.41 -32.43
N GLN A 269 -11.55 -22.75 -31.71
CA GLN A 269 -10.27 -22.31 -32.27
C GLN A 269 -9.11 -23.22 -31.90
N HIS A 270 -9.39 -24.50 -31.72
CA HIS A 270 -8.33 -25.48 -31.45
C HIS A 270 -7.34 -25.50 -32.61
N LYS A 271 -6.06 -25.47 -32.28
CA LYS A 271 -4.99 -25.32 -33.27
C LYS A 271 -5.10 -26.31 -34.45
N VAL A 272 -5.49 -27.54 -34.16
CA VAL A 272 -5.61 -28.59 -35.18
C VAL A 272 -6.97 -28.55 -35.86
N GLY A 273 -7.99 -28.19 -35.11
CA GLY A 273 -9.32 -27.99 -35.70
C GLY A 273 -9.27 -26.93 -36.79
N ASN A 274 -8.56 -25.84 -36.49
CA ASN A 274 -8.36 -24.76 -37.44
C ASN A 274 -7.50 -25.16 -38.64
N ILE A 275 -6.47 -25.96 -38.42
CA ILE A 275 -5.64 -26.39 -39.55
C ILE A 275 -6.39 -27.36 -40.45
N ILE A 276 -7.26 -28.17 -39.88
CA ILE A 276 -8.09 -29.04 -40.69
C ILE A 276 -9.11 -28.22 -41.48
N ASP A 277 -9.65 -27.18 -40.84
CA ASP A 277 -10.53 -26.24 -41.54
C ASP A 277 -9.77 -25.59 -42.71
N THR A 278 -8.55 -25.09 -42.48
CA THR A 278 -7.79 -24.45 -43.59
C THR A 278 -7.48 -25.47 -44.69
N MET A 279 -7.18 -26.71 -44.33
CA MET A 279 -6.93 -27.75 -45.33
C MET A 279 -8.16 -28.12 -46.14
N ILE A 280 -9.32 -28.17 -45.49
CA ILE A 280 -10.56 -28.45 -46.22
C ILE A 280 -10.91 -27.26 -47.11
N THR A 281 -10.77 -26.04 -46.58
CA THR A 281 -10.97 -24.82 -47.37
C THR A 281 -10.06 -24.83 -48.60
N ASP A 282 -8.80 -25.18 -48.40
CA ASP A 282 -7.81 -25.26 -49.48
C ASP A 282 -8.25 -26.23 -50.56
N ALA A 283 -8.69 -27.41 -50.15
CA ALA A 283 -9.21 -28.42 -51.09
C ALA A 283 -10.46 -27.96 -51.83
N PHE A 284 -11.29 -27.16 -51.17
CA PHE A 284 -12.48 -26.60 -51.81
C PHE A 284 -12.07 -25.59 -52.87
N LEU A 285 -11.12 -24.71 -52.54
CA LEU A 285 -10.60 -23.75 -53.51
C LEU A 285 -10.05 -24.45 -54.76
N LYS A 286 -9.32 -25.54 -54.56
CA LYS A 286 -8.76 -26.31 -55.69
C LYS A 286 -9.79 -27.09 -56.47
N ALA A 287 -10.88 -27.48 -55.82
CA ALA A 287 -11.97 -28.18 -56.48
C ALA A 287 -13.01 -27.26 -57.09
N ASP A 288 -12.93 -25.97 -56.80
CA ASP A 288 -14.05 -25.03 -57.08
C ASP A 288 -14.43 -25.03 -58.54
N ASP A 289 -13.40 -24.83 -59.36
CA ASP A 289 -13.54 -24.67 -60.81
C ASP A 289 -14.19 -25.88 -61.49
N TYR A 290 -13.97 -27.08 -61.00
CA TYR A 290 -14.42 -28.29 -61.68
C TYR A 290 -15.66 -28.95 -61.09
N ILE A 291 -16.26 -28.38 -60.06
CA ILE A 291 -17.52 -28.92 -59.51
C ILE A 291 -18.68 -28.04 -59.91
N GLU A 292 -19.68 -28.68 -60.51
CA GLU A 292 -20.90 -28.06 -60.98
C GLU A 292 -22.04 -28.49 -60.09
N ILE A 293 -22.91 -27.54 -59.72
CA ILE A 293 -24.10 -27.82 -58.94
C ILE A 293 -25.31 -27.22 -59.66
N THR A 294 -26.29 -28.07 -59.97
CA THR A 294 -27.48 -27.67 -60.72
C THR A 294 -28.34 -26.75 -59.87
N GLY A 295 -28.66 -25.58 -60.42
CA GLY A 295 -29.49 -24.59 -59.76
C GLY A 295 -30.85 -24.43 -60.39
N ALA A 296 -31.38 -23.21 -60.32
CA ALA A 296 -32.70 -22.88 -60.81
C ALA A 296 -32.65 -22.73 -62.30
N GLY A 297 -33.64 -23.35 -62.96
CA GLY A 297 -33.70 -23.40 -64.42
C GLY A 297 -32.56 -24.19 -65.05
N GLY A 298 -31.98 -25.12 -64.30
CA GLY A 298 -30.85 -25.89 -64.79
C GLY A 298 -29.49 -25.20 -64.84
N LYS A 299 -29.38 -23.91 -64.49
CA LYS A 299 -28.11 -23.17 -64.59
C LYS A 299 -27.03 -23.84 -63.74
N LYS A 300 -25.77 -23.80 -64.19
CA LYS A 300 -24.67 -24.43 -63.45
C LYS A 300 -24.01 -23.43 -62.52
N TYR A 301 -23.87 -23.81 -61.25
CA TYR A 301 -23.16 -23.03 -60.25
C TYR A 301 -21.98 -23.78 -59.67
N ARG A 302 -20.98 -23.04 -59.24
CA ARG A 302 -19.79 -23.57 -58.58
C ARG A 302 -20.03 -23.53 -57.07
N ILE A 303 -19.11 -24.12 -56.31
CA ILE A 303 -19.22 -24.12 -54.85
C ILE A 303 -19.28 -22.68 -54.34
N SER A 304 -18.34 -21.86 -54.80
CA SER A 304 -18.30 -20.46 -54.40
C SER A 304 -19.49 -19.60 -54.85
N THR A 305 -20.15 -19.99 -55.95
CA THR A 305 -21.27 -19.21 -56.50
C THR A 305 -22.66 -19.76 -56.17
N ALA A 306 -22.73 -20.89 -55.49
CA ALA A 306 -24.03 -21.46 -55.11
C ALA A 306 -24.78 -20.58 -54.14
N ILE A 307 -24.05 -19.78 -53.38
CA ILE A 307 -24.67 -18.78 -52.50
C ILE A 307 -25.57 -17.77 -53.22
N ASP A 308 -25.35 -17.58 -54.51
CA ASP A 308 -26.18 -16.67 -55.29
C ASP A 308 -27.55 -17.25 -55.65
N ASP A 309 -27.67 -18.57 -55.77
CA ASP A 309 -28.95 -19.21 -56.07
C ASP A 309 -29.32 -20.33 -55.08
N MET A 310 -30.42 -20.14 -54.35
CA MET A 310 -30.80 -21.03 -53.26
C MET A 310 -31.22 -22.41 -53.67
N GLU A 311 -31.65 -22.61 -54.90
CA GLU A 311 -31.98 -23.96 -55.34
C GLU A 311 -30.72 -24.81 -55.47
N ALA A 312 -29.62 -24.15 -55.84
CA ALA A 312 -28.32 -24.82 -55.89
C ALA A 312 -27.77 -25.05 -54.49
N TYR A 313 -27.79 -23.98 -53.69
CA TYR A 313 -27.29 -24.02 -52.31
C TYR A 313 -27.97 -25.06 -51.42
N THR A 314 -29.22 -25.38 -51.72
CA THR A 314 -29.94 -26.46 -51.05
C THR A 314 -29.20 -27.81 -51.15
N LYS A 315 -28.51 -28.02 -52.27
CA LYS A 315 -27.77 -29.27 -52.49
C LYS A 315 -26.29 -29.18 -52.08
N LEU A 316 -25.86 -28.05 -51.54
CA LEU A 316 -24.47 -27.86 -51.10
C LEU A 316 -24.31 -28.05 -49.58
N THR A 317 -23.79 -29.22 -49.20
CA THR A 317 -23.65 -29.64 -47.81
C THR A 317 -22.26 -30.22 -47.55
N ASP A 318 -22.04 -30.79 -46.37
CA ASP A 318 -20.79 -31.49 -46.05
C ASP A 318 -20.48 -32.61 -47.02
N ASN A 319 -21.50 -33.17 -47.67
CA ASN A 319 -21.32 -34.10 -48.78
C ASN A 319 -20.16 -33.77 -49.71
N ILE A 320 -20.01 -32.48 -50.00
CA ILE A 320 -19.05 -32.03 -50.97
C ILE A 320 -17.62 -32.50 -50.64
N PHE A 321 -17.31 -32.65 -49.36
CA PHE A 321 -16.07 -33.25 -48.88
C PHE A 321 -15.92 -34.67 -49.42
N LEU A 322 -16.91 -35.51 -49.17
CA LEU A 322 -16.83 -36.90 -49.60
C LEU A 322 -16.92 -37.08 -51.11
N GLU A 323 -17.58 -36.12 -51.78
CA GLU A 323 -17.67 -36.11 -53.24
C GLU A 323 -16.28 -35.96 -53.81
N ILE A 324 -15.53 -34.97 -53.32
CA ILE A 324 -14.14 -34.75 -53.68
C ILE A 324 -13.28 -35.95 -53.34
N LEU A 325 -13.43 -36.47 -52.13
CA LEU A 325 -12.59 -37.59 -51.66
C LEU A 325 -12.78 -38.85 -52.50
N TYR A 326 -14.03 -39.19 -52.77
CA TYR A 326 -14.33 -40.40 -53.54
C TYR A 326 -14.17 -40.26 -55.06
N SER A 327 -13.97 -39.04 -55.58
CA SER A 327 -13.93 -38.83 -57.02
C SER A 327 -12.72 -39.46 -57.69
N THR A 328 -12.88 -39.71 -58.99
CA THR A 328 -11.83 -40.19 -59.88
C THR A 328 -11.47 -39.21 -61.00
N ASP A 329 -12.20 -38.09 -61.12
CA ASP A 329 -11.86 -37.04 -62.10
C ASP A 329 -10.41 -36.57 -61.88
N PRO A 330 -9.56 -36.62 -62.92
CA PRO A 330 -8.21 -36.10 -62.74
C PRO A 330 -8.10 -34.60 -62.53
N LYS A 331 -9.13 -33.84 -62.87
CA LYS A 331 -9.15 -32.40 -62.59
C LYS A 331 -9.18 -32.10 -61.10
N LEU A 332 -9.79 -33.00 -60.33
CA LEU A 332 -9.89 -32.90 -58.87
C LEU A 332 -8.75 -33.58 -58.11
N LYS A 333 -7.67 -33.99 -58.79
CA LYS A 333 -6.59 -34.73 -58.13
C LYS A 333 -5.92 -33.88 -57.06
N ASP A 334 -5.68 -32.58 -57.33
CA ASP A 334 -5.05 -31.71 -56.34
C ASP A 334 -5.88 -31.58 -55.05
N ALA A 335 -7.19 -31.41 -55.21
CA ALA A 335 -8.12 -31.32 -54.07
C ALA A 335 -8.20 -32.64 -53.30
N ARG A 336 -8.44 -33.73 -54.02
CA ARG A 336 -8.53 -35.06 -53.44
C ARG A 336 -7.27 -35.46 -52.66
N GLU A 337 -6.10 -34.98 -53.09
CA GLU A 337 -4.85 -35.30 -52.37
C GLU A 337 -4.79 -34.63 -51.01
N ILE A 338 -5.30 -33.40 -50.89
CA ILE A 338 -5.36 -32.73 -49.59
C ILE A 338 -6.26 -33.48 -48.64
N LEU A 339 -7.45 -33.85 -49.09
CA LEU A 339 -8.39 -34.59 -48.24
C LEU A 339 -7.88 -35.97 -47.87
N LYS A 340 -7.14 -36.61 -48.78
CA LYS A 340 -6.52 -37.90 -48.46
C LYS A 340 -5.44 -37.72 -47.38
N GLN A 341 -4.71 -36.59 -47.42
CA GLN A 341 -3.72 -36.28 -46.39
C GLN A 341 -4.35 -36.07 -45.01
N ILE A 342 -5.61 -35.66 -44.94
CA ILE A 342 -6.33 -35.55 -43.66
C ILE A 342 -6.67 -36.94 -43.11
N GLU A 343 -7.08 -37.85 -43.99
CA GLU A 343 -7.39 -39.22 -43.58
C GLU A 343 -6.18 -39.86 -42.91
N TYR A 344 -5.03 -39.75 -43.57
CA TYR A 344 -3.76 -40.33 -43.11
C TYR A 344 -3.15 -39.58 -41.94
N ARG A 345 -3.63 -38.36 -41.70
CA ARG A 345 -3.21 -37.50 -40.61
C ARG A 345 -1.85 -36.87 -40.84
N ASN A 346 -1.54 -36.56 -42.12
CA ASN A 346 -0.37 -35.76 -42.49
C ASN A 346 -0.86 -34.35 -42.61
N LEU A 347 -1.08 -33.74 -41.46
CA LEU A 347 -1.58 -32.39 -41.40
C LEU A 347 -0.39 -31.45 -41.41
N PHE A 348 -0.64 -30.22 -41.81
CA PHE A 348 0.37 -29.18 -41.70
C PHE A 348 0.78 -29.05 -40.23
N LYS A 349 2.06 -28.89 -39.96
CA LYS A 349 2.54 -28.93 -38.57
C LYS A 349 2.42 -27.58 -37.88
N TYR A 350 1.93 -27.60 -36.65
CA TYR A 350 1.81 -26.41 -35.83
C TYR A 350 3.18 -26.03 -35.32
N VAL A 351 3.56 -24.77 -35.51
CA VAL A 351 4.86 -24.28 -35.08
C VAL A 351 4.74 -23.60 -33.71
N GLY A 352 3.75 -22.73 -33.56
CA GLY A 352 3.51 -22.03 -32.31
C GLY A 352 2.48 -20.92 -32.40
N GLU A 353 2.20 -20.31 -31.25
CA GLU A 353 1.20 -19.26 -31.12
C GLU A 353 1.89 -18.04 -30.56
N THR A 354 1.40 -16.86 -30.93
CA THR A 354 1.89 -15.60 -30.36
C THR A 354 0.82 -14.52 -30.42
N GLN A 355 1.03 -13.46 -29.66
CA GLN A 355 0.12 -12.32 -29.57
C GLN A 355 0.86 -11.01 -29.82
N PRO A 356 0.17 -10.00 -30.38
CA PRO A 356 0.75 -8.66 -30.37
C PRO A 356 0.86 -8.07 -28.97
N THR A 357 1.66 -7.01 -28.83
CA THR A 357 1.76 -6.25 -27.58
C THR A 357 1.38 -4.79 -27.77
N GLY A 358 1.26 -4.09 -26.65
CA GLY A 358 0.99 -2.68 -26.64
C GLY A 358 -0.46 -2.67 -27.04
N GLN A 359 -0.77 -1.83 -28.02
CA GLN A 359 -2.07 -1.79 -28.64
C GLN A 359 -1.79 -1.81 -30.15
N ILE A 360 -1.15 -2.88 -30.64
CA ILE A 360 -0.90 -3.09 -32.08
C ILE A 360 -1.96 -4.08 -32.59
N LYS A 361 -3.03 -3.59 -33.25
CA LYS A 361 -3.99 -4.50 -33.93
C LYS A 361 -3.42 -4.85 -35.30
N ILE A 362 -3.51 -6.11 -35.70
CA ILE A 362 -3.19 -6.52 -37.07
C ILE A 362 -4.42 -6.40 -37.96
N LYS A 363 -4.39 -5.50 -38.94
CA LYS A 363 -5.52 -5.25 -39.83
C LYS A 363 -5.75 -6.45 -40.78
N ARG A 364 -6.99 -6.69 -41.17
CA ARG A 364 -7.36 -7.85 -42.02
C ARG A 364 -6.67 -7.82 -43.41
N GLU A 365 -6.60 -6.63 -43.98
CA GLU A 365 -5.78 -6.31 -45.17
C GLU A 365 -4.36 -6.94 -45.19
N ASP A 366 -3.71 -6.97 -44.03
CA ASP A 366 -2.32 -7.48 -43.90
C ASP A 366 -2.17 -9.01 -43.75
N TYR A 367 -3.25 -9.74 -43.58
CA TYR A 367 -3.20 -11.22 -43.37
C TYR A 367 -2.48 -11.92 -44.52
N GLU A 368 -2.77 -11.54 -45.77
CA GLU A 368 -2.11 -12.12 -46.96
C GLU A 368 -0.59 -12.04 -46.88
N SER A 369 -0.08 -10.93 -46.32
CA SER A 369 1.37 -10.66 -46.27
C SER A 369 2.20 -11.37 -45.20
N LEU A 370 1.56 -11.96 -44.21
CA LEU A 370 2.27 -12.48 -43.03
C LEU A 370 3.15 -13.71 -43.26
N PRO A 371 2.73 -14.65 -44.13
CA PRO A 371 3.65 -15.75 -44.47
C PRO A 371 4.99 -15.28 -45.08
N LYS A 372 4.92 -14.22 -45.92
CA LYS A 372 6.09 -13.56 -46.47
C LYS A 372 7.01 -13.07 -45.38
N GLU A 373 6.44 -12.42 -44.37
CA GLU A 373 7.22 -11.87 -43.25
C GLU A 373 7.96 -12.91 -42.44
N VAL A 374 7.37 -14.08 -42.26
CA VAL A 374 7.99 -15.15 -41.45
C VAL A 374 9.20 -15.73 -42.17
N ALA A 375 9.05 -16.04 -43.47
CA ALA A 375 10.15 -16.50 -44.31
C ALA A 375 11.26 -15.44 -44.45
N SER A 376 10.86 -14.17 -44.47
CA SER A 376 11.78 -13.05 -44.54
C SER A 376 12.63 -12.79 -43.31
N ALA A 377 12.28 -13.38 -42.17
CA ALA A 377 13.09 -13.24 -40.96
C ALA A 377 14.42 -13.90 -41.15
N LYS A 378 15.46 -13.27 -40.58
CA LYS A 378 16.84 -13.73 -40.73
C LYS A 378 17.30 -14.12 -39.33
N PRO A 379 17.04 -15.37 -38.91
CA PRO A 379 17.48 -15.83 -37.58
C PRO A 379 18.97 -16.08 -37.53
N LYS A 380 19.66 -15.61 -36.50
CA LYS A 380 21.12 -15.76 -36.40
C LYS A 380 21.52 -17.17 -35.99
N VAL A 381 21.19 -18.13 -36.88
CA VAL A 381 21.61 -19.56 -36.83
C VAL A 381 21.42 -19.95 -38.30
N LEU A 382 22.33 -19.55 -39.16
CA LEU A 382 22.21 -19.56 -40.62
C LEU A 382 21.84 -21.02 -41.02
N LEU A 383 20.68 -21.23 -41.67
CA LEU A 383 19.96 -22.46 -41.61
C LEU A 383 20.23 -23.37 -42.81
N ASP A 384 20.22 -24.67 -42.53
CA ASP A 384 20.61 -25.69 -43.46
C ASP A 384 19.54 -25.97 -44.52
N VAL A 385 18.23 -25.76 -44.15
CA VAL A 385 17.22 -25.60 -45.23
C VAL A 385 16.54 -24.19 -45.09
N LYS A 386 16.44 -23.52 -46.28
CA LYS A 386 15.70 -22.30 -46.44
C LYS A 386 14.24 -22.67 -46.79
N LEU A 387 13.29 -21.91 -46.22
CA LEU A 387 11.85 -22.10 -46.49
C LEU A 387 11.26 -20.85 -47.17
N LYS A 388 10.48 -21.06 -48.22
CA LYS A 388 9.80 -19.97 -48.95
C LYS A 388 8.48 -19.61 -48.23
N ALA A 389 7.90 -18.47 -48.58
CA ALA A 389 6.68 -17.98 -47.92
C ALA A 389 5.43 -18.85 -48.10
N GLU A 390 5.31 -19.48 -49.26
CA GLU A 390 4.22 -20.44 -49.55
C GLU A 390 4.23 -21.67 -48.63
N ASP A 391 5.36 -21.95 -47.98
CA ASP A 391 5.47 -23.06 -47.01
C ASP A 391 4.80 -22.75 -45.66
N PHE A 392 4.66 -21.48 -45.32
CA PHE A 392 4.01 -21.05 -44.07
C PHE A 392 2.51 -20.73 -44.22
N ILE A 393 1.76 -21.05 -43.17
CA ILE A 393 0.38 -20.57 -42.97
C ILE A 393 0.35 -19.78 -41.69
N VAL A 394 -0.25 -18.60 -41.74
CA VAL A 394 -0.40 -17.78 -40.54
C VAL A 394 -1.86 -17.46 -40.39
N ASP A 395 -2.44 -17.95 -39.30
CA ASP A 395 -3.86 -17.88 -39.03
C ASP A 395 -4.00 -16.85 -37.93
N VAL A 396 -4.75 -15.77 -38.19
CA VAL A 396 -4.96 -14.74 -37.18
C VAL A 396 -6.38 -14.87 -36.70
N ILE A 397 -6.55 -14.81 -35.38
CA ILE A 397 -7.82 -15.12 -34.73
C ILE A 397 -8.15 -14.00 -33.74
N ASN A 398 -9.34 -13.41 -33.92
CA ASN A 398 -9.80 -12.35 -33.02
C ASN A 398 -10.69 -12.90 -31.95
N MET A 399 -10.20 -12.90 -30.72
CA MET A 399 -10.98 -13.33 -29.58
C MET A 399 -11.52 -12.08 -28.93
N ASP A 400 -12.86 -12.01 -28.79
CA ASP A 400 -13.50 -10.87 -28.15
C ASP A 400 -14.71 -11.32 -27.34
N TYR A 401 -15.39 -10.35 -26.74
CA TYR A 401 -16.66 -10.62 -26.05
C TYR A 401 -17.84 -10.26 -26.96
N GLY A 402 -17.68 -10.49 -28.26
CA GLY A 402 -18.77 -10.34 -29.22
C GLY A 402 -18.99 -8.96 -29.78
N MET A 403 -18.31 -7.94 -29.26
CA MET A 403 -18.52 -6.55 -29.70
C MET A 403 -17.19 -5.87 -29.85
N GLN A 404 -16.36 -6.49 -30.71
CA GLN A 404 -15.00 -6.05 -30.92
C GLN A 404 -14.38 -5.62 -29.57
N GLU A 405 -13.96 -4.37 -29.42
CA GLU A 405 -13.23 -3.92 -28.24
C GLU A 405 -14.10 -3.53 -27.07
N LYS A 406 -15.44 -3.56 -27.24
CA LYS A 406 -16.38 -3.13 -26.21
C LYS A 406 -16.78 -4.22 -25.23
N ASN A 407 -17.12 -3.78 -24.02
CA ASN A 407 -17.64 -4.62 -22.95
C ASN A 407 -19.14 -4.71 -23.19
N PRO A 408 -19.66 -5.88 -23.54
CA PRO A 408 -21.08 -5.98 -23.82
C PRO A 408 -21.99 -5.76 -22.61
N ILE A 409 -21.47 -5.92 -21.41
CA ILE A 409 -22.25 -5.69 -20.20
C ILE A 409 -22.56 -4.19 -20.02
N ASP A 410 -21.72 -3.32 -20.58
CA ASP A 410 -22.04 -1.90 -20.65
C ASP A 410 -23.24 -1.61 -21.55
N HIS A 411 -23.61 -2.56 -22.41
CA HIS A 411 -24.83 -2.47 -23.20
C HIS A 411 -25.98 -3.41 -22.74
N VAL A 412 -26.04 -3.68 -21.43
CA VAL A 412 -27.15 -4.44 -20.83
C VAL A 412 -27.82 -3.53 -19.81
N SER A 413 -29.14 -3.60 -19.78
CA SER A 413 -29.94 -2.88 -18.80
C SER A 413 -30.33 -3.84 -17.68
N PHE A 414 -30.30 -3.35 -16.45
CA PHE A 414 -30.60 -4.15 -15.27
C PHE A 414 -31.80 -3.60 -14.49
N TYR A 415 -32.35 -4.37 -13.55
CA TYR A 415 -33.42 -3.89 -12.67
C TYR A 415 -33.23 -4.39 -11.25
N CYS A 416 -33.85 -3.69 -10.28
CA CYS A 416 -33.73 -4.08 -8.86
C CYS A 416 -35.01 -4.63 -8.32
N LYS A 417 -34.89 -5.45 -7.27
CA LYS A 417 -36.07 -6.04 -6.63
C LYS A 417 -37.02 -4.94 -6.16
N THR A 418 -36.43 -3.89 -5.60
CA THR A 418 -37.13 -2.77 -5.02
C THR A 418 -37.88 -1.86 -6.02
N ALA A 419 -37.50 -1.90 -7.30
CA ALA A 419 -38.12 -1.07 -8.36
C ALA A 419 -37.99 -1.76 -9.71
N PRO A 420 -38.85 -2.76 -9.95
CA PRO A 420 -38.65 -3.66 -11.07
C PRO A 420 -38.96 -3.11 -12.44
N ASN A 421 -39.56 -1.92 -12.54
CA ASN A 421 -39.77 -1.28 -13.86
C ASN A 421 -38.73 -0.24 -14.22
N ARG A 422 -37.87 0.08 -13.25
CA ARG A 422 -36.84 1.07 -13.43
C ARG A 422 -35.54 0.40 -13.83
N ALA A 423 -35.18 0.62 -15.09
CA ALA A 423 -33.95 0.10 -15.67
C ALA A 423 -32.75 0.91 -15.22
N ILE A 424 -31.61 0.25 -15.08
CA ILE A 424 -30.36 0.90 -14.65
C ILE A 424 -29.17 0.30 -15.40
N ARG A 425 -28.00 0.91 -15.22
CA ARG A 425 -26.76 0.43 -15.79
C ARG A 425 -25.85 0.01 -14.65
N ILE A 426 -24.98 -0.97 -14.93
CA ILE A 426 -23.98 -1.40 -13.95
C ILE A 426 -22.64 -1.41 -14.69
N THR A 427 -21.71 -0.62 -14.19
CA THR A 427 -20.39 -0.50 -14.82
C THR A 427 -19.51 -1.67 -14.38
N LYS A 428 -18.32 -1.77 -14.95
CA LYS A 428 -17.41 -2.84 -14.57
C LYS A 428 -16.90 -2.68 -13.14
N ASN A 429 -16.55 -1.45 -12.77
CA ASN A 429 -16.03 -1.14 -11.42
C ASN A 429 -16.98 -1.48 -10.28
N GLN A 430 -18.29 -1.39 -10.56
CA GLN A 430 -19.31 -1.73 -9.59
C GLN A 430 -19.39 -3.23 -9.30
N VAL A 431 -18.80 -4.08 -10.17
CA VAL A 431 -18.91 -5.54 -10.04
C VAL A 431 -17.69 -6.20 -9.39
N SER A 432 -16.53 -6.05 -10.03
CA SER A 432 -15.32 -6.73 -9.58
C SER A 432 -14.06 -6.22 -10.23
N GLN A 433 -12.98 -6.18 -9.46
CA GLN A 433 -11.64 -5.93 -9.93
C GLN A 433 -10.98 -7.13 -10.60
N LEU A 434 -11.56 -8.32 -10.44
CA LEU A 434 -11.02 -9.55 -11.08
C LEU A 434 -11.57 -9.82 -12.49
N LEU A 435 -12.30 -8.87 -13.07
CA LEU A 435 -12.80 -9.01 -14.43
C LEU A 435 -11.71 -8.63 -15.41
N PRO A 436 -11.92 -8.90 -16.71
CA PRO A 436 -10.91 -8.57 -17.70
C PRO A 436 -10.67 -7.07 -17.86
N GLU A 437 -9.44 -6.70 -18.19
CA GLU A 437 -9.05 -5.32 -18.42
C GLU A 437 -9.48 -4.90 -19.81
N LYS A 438 -9.15 -5.72 -20.80
CA LYS A 438 -9.55 -5.58 -22.19
C LYS A 438 -10.66 -6.58 -22.52
N PHE A 439 -11.35 -6.35 -23.64
CA PHE A 439 -12.38 -7.29 -24.12
C PHE A 439 -12.17 -7.80 -25.54
N ALA A 440 -10.95 -7.63 -26.05
CA ALA A 440 -10.55 -8.22 -27.31
C ALA A 440 -9.04 -8.40 -27.35
N GLU A 441 -8.61 -9.38 -28.13
CA GLU A 441 -7.20 -9.64 -28.37
C GLU A 441 -7.07 -10.44 -29.64
N GLN A 442 -5.83 -10.65 -30.07
CA GLN A 442 -5.54 -11.43 -31.25
C GLN A 442 -4.62 -12.57 -30.93
N LEU A 443 -4.85 -13.70 -31.59
CA LEU A 443 -3.96 -14.85 -31.52
C LEU A 443 -3.43 -15.12 -32.89
N ILE A 444 -2.14 -15.35 -32.98
CA ILE A 444 -1.48 -15.64 -34.24
C ILE A 444 -0.86 -17.01 -34.16
N ARG A 445 -1.40 -17.94 -34.94
CA ARG A 445 -0.88 -19.29 -35.03
C ARG A 445 -0.12 -19.42 -36.33
N VAL A 446 1.06 -20.01 -36.27
CA VAL A 446 1.87 -20.25 -37.45
C VAL A 446 2.02 -21.75 -37.62
N TYR A 447 1.80 -22.23 -38.85
CA TYR A 447 2.00 -23.63 -39.18
C TYR A 447 2.96 -23.71 -40.35
N CYS A 448 3.49 -24.90 -40.61
CA CYS A 448 4.40 -25.13 -41.73
C CYS A 448 3.89 -26.27 -42.57
N LYS A 449 3.83 -26.09 -43.89
CA LYS A 449 3.33 -27.13 -44.80
C LYS A 449 4.31 -28.28 -45.00
N LYS A 450 5.60 -28.05 -44.79
CA LYS A 450 6.59 -29.12 -44.86
C LYS A 450 6.67 -29.82 -43.50
N VAL A 451 6.47 -31.15 -43.54
CA VAL A 451 6.23 -31.97 -42.36
C VAL A 451 7.51 -32.52 -41.70
N ASP A 452 8.55 -32.78 -42.50
CA ASP A 452 9.81 -33.44 -42.06
C ASP A 452 10.56 -32.78 -40.89
N ARG A 453 11.39 -33.59 -40.20
CA ARG A 453 12.14 -33.16 -39.00
C ARG A 453 13.00 -31.91 -39.26
N LYS A 454 13.66 -31.85 -40.42
CA LYS A 454 14.60 -30.75 -40.76
C LYS A 454 13.85 -29.43 -41.00
N SER A 455 12.74 -29.47 -41.74
CA SER A 455 11.97 -28.26 -42.07
C SER A 455 11.23 -27.68 -40.86
N LEU A 456 10.76 -28.56 -39.99
CA LEU A 456 10.08 -28.15 -38.75
C LEU A 456 11.04 -27.40 -37.83
N TYR A 457 12.28 -27.88 -37.70
CA TYR A 457 13.30 -27.16 -36.92
C TYR A 457 13.51 -25.74 -37.49
N ALA A 458 13.63 -25.66 -38.81
CA ALA A 458 13.84 -24.39 -39.47
C ALA A 458 12.68 -23.45 -39.24
N ALA A 459 11.48 -23.97 -39.47
CA ALA A 459 10.24 -23.21 -39.29
C ALA A 459 10.15 -22.57 -37.91
N ARG A 460 10.50 -23.34 -36.87
CA ARG A 460 10.54 -22.84 -35.50
C ARG A 460 11.47 -21.66 -35.31
N GLN A 461 12.63 -21.70 -35.99
CA GLN A 461 13.61 -20.61 -35.88
C GLN A 461 13.07 -19.36 -36.58
N TYR A 462 12.56 -19.52 -37.80
CA TYR A 462 11.92 -18.41 -38.49
C TYR A 462 10.82 -17.77 -37.64
N PHE A 463 9.97 -18.60 -37.05
CA PHE A 463 8.85 -18.14 -36.26
C PHE A 463 9.28 -17.37 -35.02
N VAL A 464 10.15 -17.95 -34.20
CA VAL A 464 10.53 -17.32 -32.93
C VAL A 464 11.30 -16.03 -33.18
N GLN A 465 12.00 -15.97 -34.31
CA GLN A 465 12.67 -14.74 -34.74
C GLN A 465 11.64 -13.71 -35.11
N TRP A 466 10.75 -14.08 -36.04
CA TRP A 466 9.67 -13.20 -36.48
C TRP A 466 8.90 -12.57 -35.32
N CYS A 467 8.71 -13.35 -34.26
CA CYS A 467 8.11 -12.86 -33.02
C CYS A 467 8.96 -11.77 -32.36
N ALA A 468 10.26 -12.00 -32.25
CA ALA A 468 11.18 -11.00 -31.71
C ALA A 468 11.23 -9.75 -32.62
N ASP A 469 11.28 -9.97 -33.93
CA ASP A 469 11.31 -8.89 -34.93
C ASP A 469 10.14 -7.93 -34.81
N ARG A 470 8.95 -8.46 -34.53
CA ARG A 470 7.73 -7.63 -34.48
C ARG A 470 7.26 -7.26 -33.08
N ASN A 471 8.14 -7.46 -32.10
CA ASN A 471 7.85 -7.22 -30.68
C ASN A 471 6.56 -7.91 -30.21
N PHE A 472 6.36 -9.15 -30.64
CA PHE A 472 5.27 -10.02 -30.17
C PHE A 472 5.68 -10.73 -28.88
N THR A 473 4.71 -11.41 -28.26
CA THR A 473 4.94 -12.15 -27.02
C THR A 473 5.78 -13.38 -27.29
N LYS A 474 6.54 -13.77 -26.28
CA LYS A 474 7.39 -14.96 -26.37
C LYS A 474 6.49 -16.19 -26.45
N PRO A 475 6.69 -17.04 -27.48
CA PRO A 475 5.98 -18.30 -27.49
C PRO A 475 6.20 -19.08 -26.18
N GLN A 476 5.14 -19.70 -25.68
CA GLN A 476 5.20 -20.44 -24.39
C GLN A 476 6.35 -21.42 -24.33
N ASP A 477 6.48 -22.20 -25.39
CA ASP A 477 7.56 -23.19 -25.56
C ASP A 477 8.84 -22.63 -26.19
N GLY A 478 9.00 -21.30 -26.19
CA GLY A 478 10.00 -20.63 -27.04
C GLY A 478 11.44 -20.95 -26.68
N ASP A 479 11.72 -21.05 -25.38
CA ASP A 479 13.06 -21.38 -24.90
C ASP A 479 13.49 -22.78 -25.29
N VAL A 480 12.52 -23.67 -25.49
CA VAL A 480 12.79 -25.05 -25.89
C VAL A 480 12.99 -25.17 -27.40
N ILE A 481 12.03 -24.67 -28.18
CA ILE A 481 12.07 -24.84 -29.65
C ILE A 481 13.13 -24.03 -30.38
N ALA A 482 13.52 -22.90 -29.80
CA ALA A 482 14.53 -22.03 -30.40
C ALA A 482 15.38 -21.39 -29.29
N PRO A 483 16.22 -22.21 -28.63
CA PRO A 483 16.98 -21.76 -27.47
C PRO A 483 18.10 -20.75 -27.83
N LEU A 484 18.54 -20.78 -29.08
CA LEU A 484 19.54 -19.84 -29.58
C LEU A 484 18.97 -18.45 -29.90
N ILE A 485 17.66 -18.36 -30.10
CA ILE A 485 17.01 -17.10 -30.51
C ILE A 485 16.41 -16.29 -29.34
N THR A 486 15.86 -16.96 -28.32
CA THR A 486 15.19 -16.26 -27.21
C THR A 486 16.05 -15.32 -26.33
N PRO A 487 17.34 -15.63 -26.10
CA PRO A 487 18.11 -14.63 -25.33
C PRO A 487 18.38 -13.31 -26.12
N GLN A 488 18.41 -13.35 -27.46
CA GLN A 488 18.55 -12.15 -28.31
C GLN A 488 17.66 -10.97 -27.87
N LYS A 489 16.42 -11.23 -27.50
CA LYS A 489 15.46 -10.17 -27.13
C LYS A 489 15.57 -9.80 -25.65
N LYS A 490 15.96 -8.55 -25.38
CA LYS A 490 16.09 -8.00 -24.00
C LYS A 490 14.76 -8.07 -23.26
N GLU A 491 13.68 -7.73 -23.96
CA GLU A 491 12.33 -7.69 -23.39
C GLU A 491 11.80 -9.03 -22.82
N TRP A 492 12.31 -10.17 -23.30
CA TRP A 492 11.89 -11.50 -22.80
C TRP A 492 12.62 -12.00 -21.54
N ASN A 493 13.66 -11.28 -21.08
CA ASN A 493 14.39 -11.67 -19.85
C ASN A 493 13.93 -10.80 -18.66
N THR B 8 5.70 -41.44 -26.74
CA THR B 8 4.61 -41.16 -25.74
C THR B 8 3.21 -41.57 -26.32
N MET B 9 2.16 -41.37 -25.52
CA MET B 9 0.76 -41.79 -25.81
C MET B 9 -0.03 -40.60 -26.33
N LYS B 10 -1.02 -40.88 -27.14
CA LYS B 10 -1.94 -39.86 -27.63
C LYS B 10 -3.24 -39.88 -26.84
N VAL B 11 -3.69 -38.72 -26.42
CA VAL B 11 -4.92 -38.59 -25.66
C VAL B 11 -6.01 -38.02 -26.57
N ILE B 12 -7.21 -38.56 -26.44
CA ILE B 12 -8.36 -38.14 -27.22
C ILE B 12 -9.61 -38.08 -26.33
N ASN B 13 -10.43 -37.05 -26.49
CA ASN B 13 -11.56 -36.78 -25.59
C ASN B 13 -12.93 -37.18 -26.17
N ASP B 14 -13.34 -38.36 -25.75
CA ASP B 14 -14.67 -38.91 -25.99
C ASP B 14 -15.63 -38.41 -24.90
N PRO B 15 -16.82 -37.92 -25.27
CA PRO B 15 -17.74 -37.45 -24.25
C PRO B 15 -18.34 -38.51 -23.35
N ILE B 16 -18.29 -39.78 -23.76
CA ILE B 16 -18.79 -40.86 -22.92
C ILE B 16 -17.73 -41.27 -21.93
N HIS B 17 -16.55 -41.61 -22.41
CA HIS B 17 -15.52 -42.27 -21.59
C HIS B 17 -14.46 -41.36 -21.02
N GLY B 18 -14.39 -40.14 -21.49
CA GLY B 18 -13.42 -39.19 -20.96
C GLY B 18 -12.21 -39.13 -21.84
N HIS B 19 -11.04 -38.88 -21.24
CA HIS B 19 -9.79 -38.81 -22.00
C HIS B 19 -9.19 -40.22 -22.14
N ILE B 20 -9.35 -40.78 -23.32
CA ILE B 20 -8.81 -42.09 -23.65
C ILE B 20 -7.33 -41.93 -24.06
N GLU B 21 -6.48 -42.86 -23.59
CA GLU B 21 -5.11 -42.95 -24.08
C GLU B 21 -5.04 -43.95 -25.22
N LEU B 22 -4.34 -43.57 -26.29
CA LEU B 22 -4.17 -44.42 -27.48
C LEU B 22 -2.70 -44.76 -27.70
N HIS B 23 -2.40 -46.05 -27.62
CA HIS B 23 -1.07 -46.56 -27.92
C HIS B 23 -0.70 -46.27 -29.40
N PRO B 24 0.59 -46.00 -29.68
CA PRO B 24 1.01 -45.60 -31.03
C PRO B 24 0.57 -46.50 -32.16
N LEU B 25 0.58 -47.81 -31.90
CA LEU B 25 0.06 -48.81 -32.83
C LEU B 25 -1.40 -48.62 -33.15
N LEU B 26 -2.20 -48.29 -32.13
CA LEU B 26 -3.62 -48.02 -32.34
C LEU B 26 -3.83 -46.76 -33.16
N VAL B 27 -3.05 -45.72 -32.85
CA VAL B 27 -3.11 -44.46 -33.60
C VAL B 27 -2.83 -44.71 -35.07
N ARG B 28 -1.87 -45.58 -35.32
CA ARG B 28 -1.44 -45.92 -36.66
C ARG B 28 -2.53 -46.66 -37.44
N ILE B 29 -3.27 -47.52 -36.73
CA ILE B 29 -4.42 -48.23 -37.29
C ILE B 29 -5.59 -47.27 -37.51
N ILE B 30 -5.84 -46.40 -36.54
CA ILE B 30 -6.91 -45.42 -36.62
C ILE B 30 -6.77 -44.49 -37.82
N ASN B 31 -5.56 -43.99 -38.05
CA ASN B 31 -5.29 -43.03 -39.13
C ASN B 31 -5.08 -43.70 -40.50
N THR B 32 -6.13 -44.39 -40.94
CA THR B 32 -6.15 -45.07 -42.23
C THR B 32 -7.53 -44.86 -42.87
N PRO B 33 -7.62 -44.89 -44.21
CA PRO B 33 -8.92 -44.76 -44.86
C PRO B 33 -9.96 -45.79 -44.45
N GLN B 34 -9.51 -46.98 -44.10
CA GLN B 34 -10.41 -48.10 -43.79
C GLN B 34 -11.14 -47.87 -42.47
N PHE B 35 -10.43 -47.25 -41.53
CA PHE B 35 -10.96 -46.89 -40.21
C PHE B 35 -11.68 -45.57 -40.23
N GLN B 36 -11.07 -44.53 -40.80
CA GLN B 36 -11.69 -43.18 -40.81
C GLN B 36 -13.00 -43.19 -41.57
N ARG B 37 -13.16 -44.14 -42.48
CA ARG B 37 -14.44 -44.48 -43.12
C ARG B 37 -15.61 -44.47 -42.14
N LEU B 38 -15.38 -45.00 -40.95
CA LEU B 38 -16.43 -45.10 -39.95
C LEU B 38 -16.95 -43.75 -39.47
N ARG B 39 -16.24 -42.65 -39.73
CA ARG B 39 -16.77 -41.32 -39.47
C ARG B 39 -18.01 -40.99 -40.27
N TYR B 40 -18.22 -41.71 -41.37
CA TYR B 40 -19.29 -41.41 -42.30
C TYR B 40 -20.36 -42.51 -42.32
N ILE B 41 -20.49 -43.23 -41.23
CA ILE B 41 -21.54 -44.22 -41.05
C ILE B 41 -22.25 -44.02 -39.71
N LYS B 42 -23.53 -43.71 -39.71
CA LYS B 42 -24.25 -43.43 -38.47
C LYS B 42 -24.52 -44.70 -37.71
N GLN B 43 -24.46 -44.59 -36.38
CA GLN B 43 -24.58 -45.73 -35.51
C GLN B 43 -25.97 -46.31 -35.64
N LEU B 44 -26.97 -45.42 -35.57
CA LEU B 44 -28.36 -45.85 -35.53
C LEU B 44 -29.10 -45.65 -36.84
N GLY B 45 -28.34 -45.60 -37.94
CA GLY B 45 -28.92 -45.47 -39.27
C GLY B 45 -30.05 -44.48 -39.37
N GLY B 46 -31.22 -45.01 -39.72
CA GLY B 46 -32.44 -44.19 -39.90
C GLY B 46 -33.03 -43.63 -38.63
N GLY B 47 -32.57 -44.12 -37.47
CA GLY B 47 -32.94 -43.55 -36.18
C GLY B 47 -32.71 -42.07 -36.04
N TYR B 48 -31.70 -41.53 -36.72
CA TYR B 48 -31.46 -40.08 -36.74
C TYR B 48 -32.70 -39.31 -37.21
N TYR B 49 -33.46 -39.92 -38.13
CA TYR B 49 -34.69 -39.30 -38.67
C TYR B 49 -35.89 -39.39 -37.72
N VAL B 50 -35.70 -40.00 -36.55
CA VAL B 50 -36.68 -39.98 -35.46
C VAL B 50 -36.13 -39.33 -34.17
N PHE B 51 -34.90 -39.67 -33.80
CA PHE B 51 -34.22 -39.07 -32.66
C PHE B 51 -33.17 -38.10 -33.18
N PRO B 52 -33.48 -36.80 -33.24
CA PRO B 52 -32.54 -35.90 -33.87
C PRO B 52 -31.21 -35.76 -33.14
N GLY B 53 -31.12 -36.27 -31.92
CA GLY B 53 -29.80 -36.33 -31.26
C GLY B 53 -28.80 -37.32 -31.83
N ALA B 54 -29.31 -38.36 -32.50
CA ALA B 54 -28.54 -39.57 -32.88
C ALA B 54 -27.71 -39.43 -34.18
N SER B 55 -26.97 -38.32 -34.22
CA SER B 55 -26.01 -37.96 -35.27
C SER B 55 -24.72 -38.78 -35.18
N HIS B 56 -24.48 -39.41 -34.02
CA HIS B 56 -23.25 -40.15 -33.75
C HIS B 56 -22.98 -41.28 -34.73
N ASN B 57 -21.68 -41.44 -35.03
CA ASN B 57 -21.16 -42.36 -36.02
C ASN B 57 -20.34 -43.50 -35.41
N ARG B 58 -20.06 -44.52 -36.23
CA ARG B 58 -19.35 -45.73 -35.77
C ARG B 58 -17.94 -45.46 -35.28
N PHE B 59 -17.26 -44.54 -35.94
CA PHE B 59 -15.92 -44.11 -35.53
C PHE B 59 -15.78 -44.03 -34.01
N GLU B 60 -16.63 -43.23 -33.38
CA GLU B 60 -16.49 -42.97 -31.96
C GLU B 60 -16.94 -44.14 -31.08
N HIS B 61 -17.94 -44.90 -31.53
CA HIS B 61 -18.27 -46.20 -30.91
C HIS B 61 -17.05 -47.11 -30.93
N SER B 62 -16.41 -47.19 -32.10
CA SER B 62 -15.25 -48.03 -32.30
C SER B 62 -14.12 -47.64 -31.33
N LEU B 63 -13.84 -46.35 -31.17
CA LEU B 63 -12.85 -45.92 -30.16
C LEU B 63 -13.21 -46.38 -28.74
N GLY B 64 -14.46 -46.22 -28.38
CA GLY B 64 -14.93 -46.57 -27.06
C GLY B 64 -14.88 -48.05 -26.75
N VAL B 65 -15.19 -48.88 -27.74
CA VAL B 65 -15.11 -50.32 -27.55
C VAL B 65 -13.66 -50.73 -27.37
N GLY B 66 -12.78 -50.12 -28.16
CA GLY B 66 -11.35 -50.28 -27.99
C GLY B 66 -10.92 -49.90 -26.59
N TYR B 67 -11.41 -48.76 -26.12
CA TYR B 67 -11.08 -48.29 -24.77
C TYR B 67 -11.53 -49.25 -23.67
N LEU B 68 -12.78 -49.67 -23.73
CA LEU B 68 -13.34 -50.55 -22.70
C LEU B 68 -12.72 -51.92 -22.73
N ALA B 69 -12.40 -52.40 -23.92
CA ALA B 69 -11.69 -53.66 -24.04
C ALA B 69 -10.38 -53.61 -23.24
N GLY B 70 -9.64 -52.51 -23.39
CA GLY B 70 -8.44 -52.26 -22.60
C GLY B 70 -8.71 -52.23 -21.10
N CYS B 71 -9.78 -51.55 -20.71
CA CYS B 71 -10.10 -51.41 -19.30
C CYS B 71 -10.30 -52.76 -18.66
N LEU B 72 -11.08 -53.62 -19.32
CA LEU B 72 -11.47 -54.89 -18.73
C LEU B 72 -10.29 -55.85 -18.65
N VAL B 73 -9.54 -55.96 -19.75
CA VAL B 73 -8.39 -56.85 -19.76
C VAL B 73 -7.29 -56.39 -18.81
N HIS B 74 -7.07 -55.08 -18.73
CA HIS B 74 -6.07 -54.51 -17.82
C HIS B 74 -6.50 -54.70 -16.36
N ALA B 75 -7.78 -54.59 -16.09
CA ALA B 75 -8.32 -54.80 -14.74
C ALA B 75 -8.19 -56.24 -14.29
N LEU B 76 -8.51 -57.18 -15.16
CA LEU B 76 -8.35 -58.60 -14.82
C LEU B 76 -6.91 -58.90 -14.52
N GLY B 77 -6.00 -58.29 -15.27
CA GLY B 77 -4.56 -58.45 -15.07
C GLY B 77 -4.06 -57.97 -13.73
N GLU B 78 -4.48 -56.79 -13.30
CA GLU B 78 -4.04 -56.25 -12.01
C GLU B 78 -4.58 -57.12 -10.89
N LYS B 79 -5.87 -57.44 -10.93
CA LYS B 79 -6.52 -58.24 -9.87
C LYS B 79 -5.95 -59.69 -9.82
N GLN B 80 -5.55 -60.26 -10.95
CA GLN B 80 -5.09 -61.68 -11.01
C GLN B 80 -3.82 -61.86 -11.86
N PRO B 81 -2.64 -61.62 -11.25
CA PRO B 81 -1.39 -61.78 -11.98
C PRO B 81 -1.14 -63.20 -12.47
N GLU B 82 -1.66 -64.18 -11.72
CA GLU B 82 -1.58 -65.60 -12.11
C GLU B 82 -2.00 -65.88 -13.55
N LEU B 83 -2.86 -65.05 -14.12
CA LEU B 83 -3.34 -65.24 -15.48
C LEU B 83 -2.27 -64.98 -16.56
N GLN B 84 -1.24 -64.22 -16.20
CA GLN B 84 -0.13 -63.90 -17.08
C GLN B 84 -0.62 -63.27 -18.37
N ILE B 85 -1.32 -62.17 -18.19
CA ILE B 85 -1.84 -61.38 -19.27
C ILE B 85 -0.68 -60.49 -19.66
N SER B 86 -0.21 -60.59 -20.89
CA SER B 86 0.93 -59.80 -21.38
C SER B 86 0.48 -58.48 -21.98
N GLU B 87 1.40 -57.52 -22.09
CA GLU B 87 1.13 -56.27 -22.79
C GLU B 87 0.84 -56.50 -24.26
N ARG B 88 1.30 -57.63 -24.76
CA ARG B 88 0.94 -58.10 -26.07
C ARG B 88 -0.54 -58.50 -26.15
N ASP B 89 -1.00 -59.27 -25.18
CA ASP B 89 -2.42 -59.64 -25.09
C ASP B 89 -3.32 -58.41 -25.02
N VAL B 90 -2.92 -57.43 -24.21
CA VAL B 90 -3.71 -56.21 -24.01
C VAL B 90 -3.86 -55.44 -25.32
N LEU B 91 -2.74 -55.26 -26.01
CA LEU B 91 -2.79 -54.58 -27.29
C LEU B 91 -3.68 -55.27 -28.30
N CYS B 92 -3.63 -56.59 -28.34
CA CYS B 92 -4.45 -57.34 -29.28
C CYS B 92 -5.94 -57.21 -28.99
N VAL B 93 -6.29 -57.25 -27.71
CA VAL B 93 -7.68 -57.08 -27.27
C VAL B 93 -8.17 -55.68 -27.65
N GLN B 94 -7.34 -54.66 -27.40
CA GLN B 94 -7.65 -53.29 -27.81
C GLN B 94 -7.85 -53.14 -29.31
N ILE B 95 -6.97 -53.74 -30.09
CA ILE B 95 -7.06 -53.67 -31.54
C ILE B 95 -8.36 -54.32 -32.02
N ALA B 96 -8.72 -55.45 -31.42
CA ALA B 96 -9.97 -56.11 -31.78
C ALA B 96 -11.16 -55.20 -31.49
N GLY B 97 -11.20 -54.69 -30.27
CA GLY B 97 -12.25 -53.76 -29.87
C GLY B 97 -12.35 -52.58 -30.80
N LEU B 98 -11.21 -52.02 -31.14
CA LEU B 98 -11.14 -50.87 -32.01
C LEU B 98 -11.68 -51.16 -33.42
N CYS B 99 -11.34 -52.34 -33.93
CA CYS B 99 -11.68 -52.74 -35.31
C CYS B 99 -12.93 -53.62 -35.43
N HIS B 100 -13.69 -53.76 -34.35
CA HIS B 100 -14.70 -54.82 -34.28
C HIS B 100 -15.88 -54.56 -35.21
N ASP B 101 -16.18 -53.27 -35.44
CA ASP B 101 -17.28 -52.89 -36.31
C ASP B 101 -16.81 -52.29 -37.64
N LEU B 102 -15.54 -52.46 -37.96
CA LEU B 102 -14.98 -52.02 -39.26
C LEU B 102 -15.78 -52.30 -40.52
N GLY B 103 -16.54 -53.39 -40.51
CA GLY B 103 -17.31 -53.84 -41.66
C GLY B 103 -18.77 -53.46 -41.74
N HIS B 104 -19.22 -52.49 -40.96
CA HIS B 104 -20.59 -52.01 -41.08
C HIS B 104 -20.78 -51.27 -42.37
N GLY B 105 -21.97 -51.42 -42.95
CA GLY B 105 -22.28 -50.74 -44.20
C GLY B 105 -22.95 -49.39 -43.99
N PRO B 106 -23.38 -48.77 -45.08
CA PRO B 106 -24.20 -47.57 -44.99
C PRO B 106 -25.40 -47.80 -44.10
N PHE B 107 -25.63 -46.85 -43.19
CA PHE B 107 -26.69 -46.92 -42.17
C PHE B 107 -26.62 -48.19 -41.33
N SER B 108 -25.41 -48.59 -40.98
CA SER B 108 -25.13 -49.68 -40.03
C SER B 108 -25.95 -50.95 -40.24
N HIS B 109 -26.94 -51.19 -39.41
CA HIS B 109 -27.64 -52.48 -39.36
C HIS B 109 -28.69 -52.59 -40.45
N MET B 110 -29.12 -51.46 -40.98
CA MET B 110 -29.95 -51.45 -42.18
C MET B 110 -29.29 -52.24 -43.30
N PHE B 111 -27.99 -52.08 -43.47
CA PHE B 111 -27.25 -52.74 -44.54
C PHE B 111 -27.20 -54.25 -44.42
N ASP B 112 -26.68 -54.76 -43.31
CA ASP B 112 -26.56 -56.22 -43.13
C ASP B 112 -27.88 -56.88 -42.73
N GLY B 113 -28.82 -56.10 -42.23
CA GLY B 113 -30.08 -56.61 -41.71
C GLY B 113 -31.26 -56.53 -42.65
N ARG B 114 -31.32 -55.51 -43.50
CA ARG B 114 -32.41 -55.34 -44.47
C ARG B 114 -31.96 -55.44 -45.90
N PHE B 115 -30.98 -54.62 -46.30
CA PHE B 115 -30.57 -54.49 -47.70
C PHE B 115 -29.92 -55.72 -48.32
N ILE B 116 -28.82 -56.19 -47.75
CA ILE B 116 -28.10 -57.32 -48.32
C ILE B 116 -28.98 -58.58 -48.38
N PRO B 117 -29.74 -58.88 -47.33
CA PRO B 117 -30.66 -60.00 -47.44
C PRO B 117 -31.69 -59.90 -48.57
N LEU B 118 -32.10 -58.70 -48.96
CA LEU B 118 -33.01 -58.53 -50.09
C LEU B 118 -32.28 -58.48 -51.41
N ALA B 119 -31.18 -57.74 -51.47
CA ALA B 119 -30.41 -57.57 -52.70
C ALA B 119 -29.71 -58.85 -53.15
N ARG B 120 -29.25 -59.65 -52.21
CA ARG B 120 -28.47 -60.85 -52.51
C ARG B 120 -28.83 -61.99 -51.55
N PRO B 121 -30.03 -62.59 -51.75
CA PRO B 121 -30.55 -63.63 -50.86
C PRO B 121 -29.70 -64.89 -50.79
N GLU B 122 -28.94 -65.16 -51.85
CA GLU B 122 -28.02 -66.30 -51.89
C GLU B 122 -26.92 -66.27 -50.81
N VAL B 123 -26.47 -65.08 -50.42
CA VAL B 123 -25.30 -64.94 -49.54
C VAL B 123 -25.72 -64.98 -48.07
N LYS B 124 -24.85 -65.50 -47.20
CA LYS B 124 -24.98 -65.36 -45.75
C LYS B 124 -23.80 -64.45 -45.34
N TRP B 125 -24.09 -63.14 -45.19
CA TRP B 125 -23.09 -62.11 -44.86
C TRP B 125 -23.50 -61.28 -43.65
N THR B 126 -22.52 -60.91 -42.82
CA THR B 126 -22.74 -60.13 -41.60
C THR B 126 -21.73 -58.98 -41.47
N HIS B 127 -22.03 -58.00 -40.60
CA HIS B 127 -21.12 -56.84 -40.36
C HIS B 127 -19.76 -57.36 -39.89
N GLU B 128 -19.77 -58.45 -39.11
CA GLU B 128 -18.57 -59.01 -38.52
C GLU B 128 -17.66 -59.63 -39.54
N GLN B 129 -18.22 -60.42 -40.45
CA GLN B 129 -17.43 -61.02 -41.54
C GLN B 129 -16.75 -59.92 -42.33
N GLY B 130 -17.47 -58.84 -42.56
CA GLY B 130 -16.94 -57.66 -43.21
C GLY B 130 -15.78 -57.05 -42.42
N SER B 131 -15.91 -57.01 -41.11
CA SER B 131 -14.85 -56.46 -40.25
C SER B 131 -13.54 -57.23 -40.37
N VAL B 132 -13.62 -58.55 -40.37
CA VAL B 132 -12.45 -59.38 -40.55
C VAL B 132 -11.77 -59.07 -41.88
N MET B 133 -12.56 -59.05 -42.94
CA MET B 133 -12.03 -58.75 -44.28
C MET B 133 -11.44 -57.36 -44.37
N MET B 134 -12.16 -56.40 -43.83
CA MET B 134 -11.72 -55.01 -43.86
C MET B 134 -10.51 -54.82 -42.96
N PHE B 135 -10.39 -55.60 -41.89
CA PHE B 135 -9.19 -55.55 -41.04
C PHE B 135 -7.95 -56.02 -41.79
N GLU B 136 -8.07 -57.17 -42.46
CA GLU B 136 -7.04 -57.69 -43.35
C GLU B 136 -6.62 -56.63 -44.38
N HIS B 137 -7.59 -56.02 -45.05
CA HIS B 137 -7.31 -54.97 -46.04
C HIS B 137 -6.59 -53.78 -45.43
N LEU B 138 -7.00 -53.39 -44.22
CA LEU B 138 -6.36 -52.26 -43.53
C LEU B 138 -4.90 -52.52 -43.25
N ILE B 139 -4.62 -53.72 -42.72
CA ILE B 139 -3.26 -54.13 -42.36
C ILE B 139 -2.34 -54.12 -43.58
N ASN B 140 -2.81 -54.74 -44.67
CA ASN B 140 -2.00 -54.95 -45.86
C ASN B 140 -1.79 -53.65 -46.61
N SER B 141 -2.86 -52.91 -46.84
CA SER B 141 -2.74 -51.67 -47.59
C SER B 141 -2.01 -50.53 -46.84
N ASN B 142 -1.77 -50.64 -45.54
CA ASN B 142 -1.08 -49.57 -44.78
C ASN B 142 0.23 -49.97 -44.09
N GLY B 143 0.73 -51.17 -44.36
CA GLY B 143 2.02 -51.62 -43.81
C GLY B 143 2.07 -51.63 -42.30
N ILE B 144 1.04 -52.21 -41.71
CA ILE B 144 0.90 -52.24 -40.26
C ILE B 144 1.73 -53.35 -39.68
N LYS B 145 1.88 -54.46 -40.42
CA LYS B 145 2.61 -55.65 -39.95
C LYS B 145 4.01 -55.35 -39.36
N PRO B 146 4.83 -54.52 -40.05
CA PRO B 146 6.08 -54.03 -39.47
C PRO B 146 5.92 -53.32 -38.12
N VAL B 147 4.89 -52.51 -38.02
CA VAL B 147 4.64 -51.72 -36.80
C VAL B 147 4.18 -52.64 -35.67
N MET B 148 3.39 -53.66 -35.97
CA MET B 148 2.98 -54.63 -34.97
C MET B 148 4.22 -55.30 -34.34
N GLU B 149 5.13 -55.75 -35.20
CA GLU B 149 6.39 -56.37 -34.77
C GLU B 149 7.19 -55.42 -33.91
N GLN B 150 7.31 -54.17 -34.35
CA GLN B 150 8.02 -53.14 -33.60
C GLN B 150 7.57 -53.04 -32.15
N TYR B 151 6.27 -53.22 -31.90
CA TYR B 151 5.72 -53.17 -30.54
C TYR B 151 5.46 -54.56 -29.93
N GLY B 152 6.23 -55.55 -30.35
CA GLY B 152 6.21 -56.86 -29.70
C GLY B 152 5.13 -57.83 -30.09
N LEU B 153 4.37 -57.54 -31.14
CA LEU B 153 3.34 -58.48 -31.58
C LEU B 153 3.93 -59.46 -32.58
N ILE B 154 3.24 -60.58 -32.76
CA ILE B 154 3.62 -61.61 -33.71
C ILE B 154 2.48 -61.78 -34.73
N PRO B 155 2.55 -61.06 -35.87
CA PRO B 155 1.45 -61.03 -36.84
C PRO B 155 0.81 -62.37 -37.20
N GLU B 156 1.61 -63.41 -37.40
CA GLU B 156 1.05 -64.74 -37.69
C GLU B 156 -0.03 -65.13 -36.66
N GLU B 157 0.38 -65.21 -35.39
CA GLU B 157 -0.50 -65.61 -34.30
C GLU B 157 -1.55 -64.56 -33.96
N ASP B 158 -1.14 -63.31 -33.87
CA ASP B 158 -2.00 -62.25 -33.33
C ASP B 158 -3.07 -61.73 -34.27
N ILE B 159 -2.79 -61.62 -35.57
CA ILE B 159 -3.83 -61.23 -36.53
C ILE B 159 -4.94 -62.26 -36.56
N CYS B 160 -4.61 -63.52 -36.34
CA CYS B 160 -5.63 -64.56 -36.20
C CYS B 160 -6.45 -64.32 -34.93
N PHE B 161 -5.76 -64.07 -33.82
CA PHE B 161 -6.40 -63.79 -32.52
C PHE B 161 -7.36 -62.61 -32.59
N ILE B 162 -6.94 -61.55 -33.27
CA ILE B 162 -7.79 -60.37 -33.43
C ILE B 162 -9.04 -60.71 -34.24
N LYS B 163 -8.86 -61.37 -35.37
CA LYS B 163 -10.00 -61.78 -36.21
C LYS B 163 -10.93 -62.71 -35.44
N GLU B 164 -10.35 -63.61 -34.67
CA GLU B 164 -11.14 -64.56 -33.87
C GLU B 164 -11.97 -63.87 -32.78
N GLN B 165 -11.43 -62.81 -32.19
CA GLN B 165 -12.18 -62.00 -31.23
C GLN B 165 -13.42 -61.39 -31.84
N ILE B 166 -13.35 -61.05 -33.12
CA ILE B 166 -14.43 -60.37 -33.82
C ILE B 166 -15.55 -61.31 -34.27
N VAL B 167 -15.21 -62.35 -35.05
CA VAL B 167 -16.22 -63.24 -35.67
C VAL B 167 -16.39 -64.59 -35.04
N GLY B 168 -15.56 -64.94 -34.07
CA GLY B 168 -15.56 -66.28 -33.51
C GLY B 168 -14.55 -67.14 -34.24
N PRO B 169 -14.68 -68.47 -34.14
CA PRO B 169 -13.63 -69.29 -34.75
C PRO B 169 -13.68 -69.29 -36.26
N LEU B 170 -12.53 -69.12 -36.90
CA LEU B 170 -12.41 -69.46 -38.36
C LEU B 170 -12.44 -71.00 -38.57
N LEU B 178 -13.16 -80.30 -29.01
CA LEU B 178 -11.94 -79.66 -28.68
C LEU B 178 -11.92 -78.13 -28.82
N TRP B 179 -10.81 -77.53 -28.41
CA TRP B 179 -10.61 -76.08 -28.40
C TRP B 179 -10.57 -75.49 -29.82
N PRO B 180 -11.60 -74.74 -30.21
CA PRO B 180 -11.70 -74.25 -31.58
C PRO B 180 -10.79 -73.10 -32.00
N TYR B 181 -10.05 -72.45 -31.10
CA TYR B 181 -9.28 -71.26 -31.47
C TYR B 181 -7.80 -71.57 -31.72
N LYS B 182 -7.27 -71.00 -32.80
CA LYS B 182 -5.87 -71.10 -33.16
C LYS B 182 -5.04 -69.92 -32.64
N GLY B 183 -5.68 -68.81 -32.28
CA GLY B 183 -4.98 -67.57 -31.91
C GLY B 183 -4.42 -67.54 -30.52
N ARG B 184 -5.08 -68.20 -29.58
CA ARG B 184 -4.61 -68.31 -28.20
C ARG B 184 -5.04 -69.65 -27.59
N PRO B 185 -4.25 -70.15 -26.62
CA PRO B 185 -4.58 -71.40 -25.93
C PRO B 185 -5.77 -71.30 -24.97
N GLU B 186 -6.20 -72.45 -24.46
CA GLU B 186 -7.34 -72.58 -23.55
C GLU B 186 -7.17 -71.81 -22.22
N ASN B 187 -5.93 -71.67 -21.78
CA ASN B 187 -5.60 -70.94 -20.56
C ASN B 187 -5.76 -69.43 -20.68
N LYS B 188 -6.10 -68.95 -21.88
CA LYS B 188 -6.47 -67.58 -22.09
C LYS B 188 -7.81 -67.43 -22.83
N SER B 189 -8.74 -68.36 -22.59
CA SER B 189 -10.06 -68.27 -23.24
C SER B 189 -10.85 -67.04 -22.82
N PHE B 190 -10.59 -66.56 -21.62
CA PHE B 190 -11.27 -65.37 -21.11
C PHE B 190 -11.08 -64.15 -22.01
N LEU B 191 -9.95 -64.06 -22.70
CA LEU B 191 -9.74 -62.96 -23.64
C LEU B 191 -10.77 -62.91 -24.78
N TYR B 192 -11.30 -64.06 -25.18
CA TYR B 192 -12.35 -64.09 -26.20
C TYR B 192 -13.73 -63.60 -25.74
N GLU B 193 -13.91 -63.49 -24.44
CA GLU B 193 -15.16 -62.99 -23.86
C GLU B 193 -15.23 -61.46 -23.65
N ILE B 194 -14.24 -60.69 -24.09
CA ILE B 194 -14.21 -59.25 -23.84
C ILE B 194 -14.94 -58.41 -24.91
N VAL B 195 -14.54 -58.56 -26.15
CA VAL B 195 -15.06 -57.71 -27.23
C VAL B 195 -16.39 -58.22 -27.78
N SER B 196 -16.50 -59.52 -27.97
CA SER B 196 -17.73 -60.13 -28.49
C SER B 196 -17.90 -61.53 -27.87
N ASN B 197 -18.75 -61.59 -26.85
CA ASN B 197 -18.89 -62.75 -25.99
C ASN B 197 -19.90 -63.70 -26.63
N LYS B 198 -19.40 -64.80 -27.18
CA LYS B 198 -20.25 -65.80 -27.83
C LYS B 198 -21.02 -66.66 -26.83
N ARG B 199 -20.52 -66.77 -25.61
CA ARG B 199 -21.07 -67.65 -24.60
C ARG B 199 -22.42 -67.14 -24.11
N ASN B 200 -22.45 -65.87 -23.69
CA ASN B 200 -23.63 -65.25 -23.10
C ASN B 200 -24.00 -63.84 -23.62
N GLY B 201 -23.08 -63.18 -24.33
CA GLY B 201 -23.38 -61.86 -24.88
C GLY B 201 -22.96 -60.67 -24.04
N ILE B 202 -22.44 -60.91 -22.83
CA ILE B 202 -21.97 -59.83 -21.97
C ILE B 202 -20.58 -59.39 -22.45
N ASP B 203 -20.54 -58.30 -23.20
CA ASP B 203 -19.30 -57.79 -23.81
C ASP B 203 -19.23 -56.25 -23.79
N VAL B 204 -18.06 -55.71 -24.11
CA VAL B 204 -17.88 -54.26 -24.03
C VAL B 204 -18.49 -53.52 -25.24
N ASP B 205 -18.79 -54.20 -26.35
CA ASP B 205 -19.54 -53.60 -27.47
C ASP B 205 -20.84 -53.04 -26.86
N LYS B 206 -21.55 -53.91 -26.12
CA LYS B 206 -22.81 -53.51 -25.47
C LYS B 206 -22.62 -52.34 -24.54
N TRP B 207 -21.55 -52.40 -23.74
CA TRP B 207 -21.40 -51.41 -22.67
C TRP B 207 -21.22 -50.03 -23.25
N ASP B 208 -20.44 -49.95 -24.34
CA ASP B 208 -20.23 -48.67 -24.96
C ASP B 208 -21.53 -48.15 -25.58
N TYR B 209 -22.19 -48.95 -26.42
CA TYR B 209 -23.35 -48.42 -27.14
C TYR B 209 -24.54 -48.09 -26.23
N PHE B 210 -24.67 -48.78 -25.10
CA PHE B 210 -25.70 -48.38 -24.13
C PHE B 210 -25.44 -46.94 -23.72
N ALA B 211 -24.24 -46.70 -23.21
CA ALA B 211 -23.85 -45.40 -22.73
C ALA B 211 -23.92 -44.35 -23.83
N ARG B 212 -23.41 -44.69 -25.00
CA ARG B 212 -23.30 -43.75 -26.09
C ARG B 212 -24.64 -43.44 -26.73
N ASP B 213 -25.42 -44.47 -27.03
CA ASP B 213 -26.69 -44.29 -27.70
C ASP B 213 -27.61 -43.49 -26.79
N CYS B 214 -27.64 -43.85 -25.51
CA CYS B 214 -28.42 -43.07 -24.52
C CYS B 214 -28.05 -41.57 -24.50
N HIS B 215 -26.76 -41.30 -24.52
CA HIS B 215 -26.28 -39.93 -24.45
C HIS B 215 -26.84 -39.10 -25.59
N HIS B 216 -26.81 -39.67 -26.78
CA HIS B 216 -27.25 -38.99 -28.00
C HIS B 216 -28.78 -39.11 -28.21
N LEU B 217 -29.39 -40.22 -27.81
CA LEU B 217 -30.83 -40.40 -28.02
C LEU B 217 -31.66 -39.44 -27.19
N GLY B 218 -31.20 -39.25 -25.95
CA GLY B 218 -31.97 -38.55 -24.94
C GLY B 218 -32.78 -39.52 -24.11
N ILE B 219 -32.20 -40.65 -23.80
CA ILE B 219 -32.73 -41.62 -22.86
C ILE B 219 -31.64 -41.82 -21.83
N GLN B 220 -31.98 -42.07 -20.58
CA GLN B 220 -30.96 -42.39 -19.57
C GLN B 220 -30.75 -43.93 -19.52
N ASN B 221 -29.49 -44.28 -19.27
CA ASN B 221 -28.98 -45.65 -19.28
C ASN B 221 -28.97 -46.14 -17.83
N ASN B 222 -29.53 -47.31 -17.62
CA ASN B 222 -29.64 -47.87 -16.28
C ASN B 222 -28.59 -48.94 -15.93
N PHE B 223 -27.48 -49.03 -16.70
CA PHE B 223 -26.48 -50.10 -16.51
C PHE B 223 -25.09 -49.57 -16.21
N ASP B 224 -24.47 -50.07 -15.14
CA ASP B 224 -23.18 -49.55 -14.67
C ASP B 224 -22.07 -50.53 -15.06
N TYR B 225 -21.39 -50.26 -16.17
CA TYR B 225 -20.33 -51.15 -16.65
C TYR B 225 -19.11 -51.13 -15.74
N LYS B 226 -18.82 -49.96 -15.18
CA LYS B 226 -17.67 -49.80 -14.31
C LYS B 226 -17.75 -50.71 -13.09
N ARG B 227 -18.95 -50.80 -12.54
CA ARG B 227 -19.24 -51.66 -11.42
C ARG B 227 -19.03 -53.12 -11.78
N PHE B 228 -19.51 -53.53 -12.95
CA PHE B 228 -19.37 -54.91 -13.38
C PHE B 228 -17.89 -55.32 -13.46
N ILE B 229 -17.06 -54.40 -13.95
CA ILE B 229 -15.62 -54.61 -14.04
C ILE B 229 -15.01 -54.78 -12.63
N LYS B 230 -15.42 -53.97 -11.66
CA LYS B 230 -14.91 -54.14 -10.32
C LYS B 230 -15.19 -55.51 -9.71
N PHE B 231 -16.29 -56.14 -10.11
CA PHE B 231 -16.66 -57.45 -9.58
C PHE B 231 -16.52 -58.56 -10.62
N ALA B 232 -15.60 -58.39 -11.55
CA ALA B 232 -15.35 -59.40 -12.55
C ALA B 232 -14.09 -60.13 -12.17
N ARG B 233 -13.99 -61.37 -12.58
CA ARG B 233 -12.91 -62.24 -12.15
C ARG B 233 -12.87 -63.49 -13.02
N VAL B 234 -11.68 -64.03 -13.24
CA VAL B 234 -11.51 -65.24 -14.04
C VAL B 234 -11.44 -66.46 -13.12
N CYS B 235 -12.23 -67.48 -13.41
CA CYS B 235 -12.24 -68.75 -12.66
C CYS B 235 -12.23 -69.90 -13.61
N GLU B 236 -11.92 -71.09 -13.10
CA GLU B 236 -11.94 -72.29 -13.94
C GLU B 236 -13.37 -72.77 -14.06
N VAL B 237 -13.80 -73.06 -15.28
CA VAL B 237 -15.13 -73.64 -15.55
C VAL B 237 -14.97 -74.67 -16.67
N ASP B 238 -15.21 -75.95 -16.36
CA ASP B 238 -15.09 -77.04 -17.34
C ASP B 238 -13.75 -76.99 -18.08
N ASN B 239 -12.67 -77.07 -17.30
CA ASN B 239 -11.28 -77.17 -17.84
C ASN B 239 -10.84 -75.99 -18.73
N GLU B 240 -11.40 -74.82 -18.43
CA GLU B 240 -11.26 -73.62 -19.26
C GLU B 240 -11.38 -72.39 -18.36
N LEU B 241 -10.50 -71.39 -18.56
CA LEU B 241 -10.54 -70.17 -17.72
C LEU B 241 -11.46 -69.08 -18.29
N ARG B 242 -12.61 -68.83 -17.64
CA ARG B 242 -13.61 -67.86 -18.11
C ARG B 242 -13.85 -66.72 -17.14
N ILE B 243 -14.44 -65.64 -17.65
CA ILE B 243 -14.82 -64.51 -16.82
C ILE B 243 -16.07 -64.86 -16.05
N CYS B 244 -16.08 -64.49 -14.78
CA CYS B 244 -17.21 -64.72 -13.89
C CYS B 244 -17.56 -63.42 -13.18
N ALA B 245 -18.84 -63.25 -12.88
CA ALA B 245 -19.33 -62.10 -12.14
C ALA B 245 -19.60 -62.50 -10.71
N ARG B 246 -19.69 -61.54 -9.80
CA ARG B 246 -19.98 -61.89 -8.45
C ARG B 246 -21.47 -62.25 -8.29
N ASP B 247 -21.76 -63.16 -7.35
CA ASP B 247 -23.13 -63.61 -7.03
C ASP B 247 -24.15 -62.48 -6.93
N LYS B 248 -23.79 -61.39 -6.27
CA LYS B 248 -24.71 -60.27 -6.08
C LYS B 248 -25.07 -59.52 -7.37
N GLU B 249 -24.18 -59.54 -8.37
CA GLU B 249 -24.49 -58.89 -9.63
C GLU B 249 -25.54 -59.57 -10.51
N VAL B 250 -26.01 -60.76 -10.15
CA VAL B 250 -26.96 -61.49 -11.01
C VAL B 250 -28.16 -60.62 -11.38
N GLY B 251 -28.66 -59.86 -10.43
CA GLY B 251 -29.77 -58.95 -10.69
C GLY B 251 -29.45 -57.91 -11.74
N ASN B 252 -28.29 -57.27 -11.56
CA ASN B 252 -27.84 -56.23 -12.51
C ASN B 252 -27.61 -56.77 -13.91
N LEU B 253 -27.25 -58.05 -14.02
CA LEU B 253 -27.10 -58.69 -15.31
C LEU B 253 -28.43 -58.94 -16.00
N TYR B 254 -29.45 -59.37 -15.27
CA TYR B 254 -30.79 -59.47 -15.88
C TYR B 254 -31.23 -58.10 -16.35
N ASP B 255 -30.92 -57.06 -15.57
CA ASP B 255 -31.28 -55.68 -15.90
C ASP B 255 -30.49 -55.15 -17.10
N MET B 256 -29.29 -55.68 -17.32
CA MET B 256 -28.53 -55.33 -18.52
C MET B 256 -29.29 -55.72 -19.77
N PHE B 257 -29.81 -56.94 -19.80
CA PHE B 257 -30.55 -57.40 -20.97
C PHE B 257 -31.91 -56.75 -21.08
N HIS B 258 -32.50 -56.38 -19.94
CA HIS B 258 -33.72 -55.58 -19.92
C HIS B 258 -33.47 -54.22 -20.58
N THR B 259 -32.43 -53.55 -20.13
CA THR B 259 -32.00 -52.28 -20.72
C THR B 259 -31.85 -52.38 -22.22
N ARG B 260 -31.22 -53.46 -22.68
CA ARG B 260 -31.02 -53.71 -24.11
C ARG B 260 -32.36 -53.78 -24.84
N ASN B 261 -33.24 -54.62 -24.32
CA ASN B 261 -34.54 -54.86 -24.91
C ASN B 261 -35.35 -53.57 -24.90
N SER B 262 -35.20 -52.82 -23.83
CA SER B 262 -35.88 -51.54 -23.67
C SER B 262 -35.41 -50.50 -24.69
N LEU B 263 -34.10 -50.44 -24.94
CA LEU B 263 -33.55 -49.57 -26.02
C LEU B 263 -34.02 -49.96 -27.42
N HIS B 264 -34.18 -51.25 -27.64
CA HIS B 264 -34.74 -51.74 -28.89
C HIS B 264 -36.19 -51.32 -29.05
N ARG B 265 -36.97 -51.44 -27.98
CA ARG B 265 -38.38 -51.10 -28.05
C ARG B 265 -38.58 -49.62 -28.26
N ARG B 266 -37.87 -48.81 -27.49
CA ARG B 266 -38.05 -47.37 -27.60
C ARG B 266 -37.43 -46.76 -28.84
N ALA B 267 -36.21 -47.15 -29.16
CA ALA B 267 -35.43 -46.45 -30.18
C ALA B 267 -35.11 -47.27 -31.41
N TYR B 268 -34.37 -48.35 -31.24
CA TYR B 268 -33.79 -49.01 -32.42
C TYR B 268 -34.85 -49.60 -33.33
N GLN B 269 -35.89 -50.19 -32.74
CA GLN B 269 -37.05 -50.72 -33.49
C GLN B 269 -38.25 -49.77 -33.45
N HIS B 270 -38.01 -48.47 -33.36
CA HIS B 270 -39.08 -47.49 -33.43
C HIS B 270 -39.83 -47.62 -34.72
N LYS B 271 -41.16 -47.63 -34.66
CA LYS B 271 -42.02 -47.90 -35.82
C LYS B 271 -41.68 -47.04 -37.05
N VAL B 272 -41.34 -45.77 -36.83
CA VAL B 272 -41.01 -44.85 -37.91
C VAL B 272 -39.55 -44.95 -38.30
N GLY B 273 -38.70 -45.22 -37.34
CA GLY B 273 -37.28 -45.47 -37.63
C GLY B 273 -37.13 -46.64 -38.58
N ASN B 274 -37.89 -47.69 -38.32
CA ASN B 274 -37.92 -48.87 -39.17
C ASN B 274 -38.52 -48.62 -40.54
N ILE B 275 -39.57 -47.81 -40.62
CA ILE B 275 -40.15 -47.53 -41.93
C ILE B 275 -39.20 -46.66 -42.77
N ILE B 276 -38.46 -45.77 -42.13
CA ILE B 276 -37.46 -45.00 -42.84
C ILE B 276 -36.32 -45.89 -43.30
N ASP B 277 -35.93 -46.85 -42.47
CA ASP B 277 -34.93 -47.85 -42.85
C ASP B 277 -35.45 -48.63 -44.07
N THR B 278 -36.70 -49.12 -44.06
CA THR B 278 -37.22 -49.87 -45.22
C THR B 278 -37.28 -49.00 -46.46
N MET B 279 -37.63 -47.72 -46.30
CA MET B 279 -37.68 -46.79 -47.45
C MET B 279 -36.29 -46.51 -48.01
N ILE B 280 -35.29 -46.36 -47.16
CA ILE B 280 -33.93 -46.17 -47.64
C ILE B 280 -33.41 -47.44 -48.30
N THR B 281 -33.66 -48.59 -47.68
CA THR B 281 -33.32 -49.89 -48.27
C THR B 281 -33.95 -50.03 -49.66
N ASP B 282 -35.22 -49.66 -49.76
CA ASP B 282 -35.96 -49.72 -51.02
C ASP B 282 -35.29 -48.86 -52.09
N ALA B 283 -34.94 -47.63 -51.73
CA ALA B 283 -34.24 -46.74 -52.64
C ALA B 283 -32.87 -47.26 -53.05
N PHE B 284 -32.19 -47.98 -52.16
CA PHE B 284 -30.90 -48.59 -52.48
C PHE B 284 -31.09 -49.71 -53.49
N LEU B 285 -32.10 -50.55 -53.27
CA LEU B 285 -32.41 -51.62 -54.22
C LEU B 285 -32.68 -51.06 -55.61
N LYS B 286 -33.42 -49.97 -55.70
CA LYS B 286 -33.73 -49.32 -56.99
C LYS B 286 -32.54 -48.61 -57.61
N ALA B 287 -31.63 -48.14 -56.79
CA ALA B 287 -30.40 -47.50 -57.28
C ALA B 287 -29.26 -48.47 -57.55
N ASP B 288 -29.41 -49.72 -57.15
CA ASP B 288 -28.28 -50.67 -57.10
C ASP B 288 -27.61 -50.81 -58.45
N ASP B 289 -28.45 -51.11 -59.45
CA ASP B 289 -28.02 -51.40 -60.82
C ASP B 289 -27.23 -50.28 -61.46
N TYR B 290 -27.51 -49.03 -61.14
CA TYR B 290 -26.91 -47.89 -61.84
C TYR B 290 -25.81 -47.18 -61.08
N ILE B 291 -25.43 -47.64 -59.89
CA ILE B 291 -24.32 -47.04 -59.15
C ILE B 291 -23.12 -47.96 -59.22
N GLU B 292 -22.01 -47.39 -59.66
CA GLU B 292 -20.75 -48.08 -59.85
C GLU B 292 -19.77 -47.57 -58.81
N ILE B 293 -19.01 -48.47 -58.21
CA ILE B 293 -17.96 -48.12 -57.26
C ILE B 293 -16.67 -48.81 -57.68
N THR B 294 -15.62 -48.01 -57.92
CA THR B 294 -14.32 -48.50 -58.35
C THR B 294 -13.66 -49.31 -57.25
N GLY B 295 -13.28 -50.54 -57.59
CA GLY B 295 -12.64 -51.44 -56.64
C GLY B 295 -11.17 -51.68 -56.98
N ALA B 296 -10.71 -52.88 -56.64
CA ALA B 296 -9.31 -53.27 -56.80
C ALA B 296 -9.11 -53.65 -58.28
N GLY B 297 -7.99 -53.14 -58.81
CA GLY B 297 -7.66 -53.30 -60.22
C GLY B 297 -8.63 -52.59 -61.15
N GLY B 298 -9.31 -51.55 -60.66
CA GLY B 298 -10.29 -50.85 -61.44
C GLY B 298 -11.65 -51.52 -61.69
N LYS B 299 -11.87 -52.75 -61.21
CA LYS B 299 -13.12 -53.48 -61.47
C LYS B 299 -14.31 -52.68 -60.92
N LYS B 300 -15.46 -52.77 -61.59
CA LYS B 300 -16.66 -52.05 -61.15
C LYS B 300 -17.52 -52.92 -60.24
N TYR B 301 -17.87 -52.38 -59.08
CA TYR B 301 -18.78 -53.03 -58.15
C TYR B 301 -20.04 -52.20 -57.90
N ARG B 302 -21.12 -52.88 -57.60
CA ARG B 302 -22.40 -52.29 -57.25
C ARG B 302 -22.47 -52.16 -55.74
N ILE B 303 -23.52 -51.50 -55.25
CA ILE B 303 -23.70 -51.34 -53.80
C ILE B 303 -23.77 -52.71 -53.16
N SER B 304 -24.60 -53.58 -53.70
CA SER B 304 -24.76 -54.94 -53.16
C SER B 304 -23.52 -55.83 -53.27
N THR B 305 -22.66 -55.57 -54.24
CA THR B 305 -21.45 -56.38 -54.48
C THR B 305 -20.15 -55.80 -53.94
N ALA B 306 -20.19 -54.60 -53.39
CA ALA B 306 -18.99 -53.99 -52.82
C ALA B 306 -18.46 -54.74 -51.63
N ILE B 307 -19.33 -55.46 -50.95
CA ILE B 307 -18.93 -56.34 -49.85
C ILE B 307 -17.93 -57.43 -50.27
N ASP B 308 -17.88 -57.76 -51.55
CA ASP B 308 -16.93 -58.74 -52.04
C ASP B 308 -15.51 -58.21 -52.17
N ASP B 309 -15.34 -56.91 -52.41
CA ASP B 309 -14.01 -56.30 -52.50
C ASP B 309 -13.83 -55.06 -51.61
N MET B 310 -12.93 -55.15 -50.66
CA MET B 310 -12.75 -54.15 -49.63
C MET B 310 -12.24 -52.81 -50.10
N GLU B 311 -11.57 -52.76 -51.24
CA GLU B 311 -11.12 -51.47 -51.74
C GLU B 311 -12.31 -50.65 -52.22
N ALA B 312 -13.33 -51.36 -52.74
CA ALA B 312 -14.58 -50.72 -53.15
C ALA B 312 -15.39 -50.32 -51.90
N TYR B 313 -15.54 -51.28 -50.99
CA TYR B 313 -16.31 -51.10 -49.76
C TYR B 313 -15.82 -49.96 -48.87
N THR B 314 -14.52 -49.65 -48.94
CA THR B 314 -13.94 -48.50 -48.27
C THR B 314 -14.63 -47.17 -48.67
N LYS B 315 -15.08 -47.10 -49.91
CA LYS B 315 -15.74 -45.91 -50.42
C LYS B 315 -17.27 -45.95 -50.31
N LEU B 316 -17.83 -47.02 -49.73
CA LEU B 316 -19.28 -47.18 -49.54
C LEU B 316 -19.73 -46.80 -48.14
N THR B 317 -20.31 -45.61 -48.01
CA THR B 317 -20.72 -45.04 -46.71
C THR B 317 -22.12 -44.45 -46.80
N ASP B 318 -22.56 -43.76 -45.75
CA ASP B 318 -23.85 -43.03 -45.76
C ASP B 318 -23.94 -42.02 -46.88
N ASN B 319 -22.81 -41.52 -47.35
CA ASN B 319 -22.74 -40.71 -48.57
C ASN B 319 -23.69 -41.13 -49.68
N ILE B 320 -23.81 -42.43 -49.86
CA ILE B 320 -24.58 -43.00 -50.95
C ILE B 320 -26.02 -42.51 -50.96
N PHE B 321 -26.57 -42.22 -49.79
CA PHE B 321 -27.88 -41.59 -49.62
C PHE B 321 -27.90 -40.23 -50.31
N LEU B 322 -26.96 -39.36 -49.96
CA LEU B 322 -26.95 -38.02 -50.54
C LEU B 322 -26.56 -38.00 -52.01
N GLU B 323 -25.80 -39.02 -52.43
CA GLU B 323 -25.41 -39.17 -53.84
C GLU B 323 -26.66 -39.39 -54.66
N ILE B 324 -27.49 -40.34 -54.22
CA ILE B 324 -28.78 -40.60 -54.84
C ILE B 324 -29.68 -39.37 -54.80
N LEU B 325 -29.78 -38.74 -53.64
CA LEU B 325 -30.68 -37.60 -53.46
C LEU B 325 -30.32 -36.42 -54.34
N TYR B 326 -29.04 -36.08 -54.40
CA TYR B 326 -28.59 -34.95 -55.20
C TYR B 326 -28.43 -35.24 -56.71
N SER B 327 -28.55 -36.50 -57.13
CA SER B 327 -28.29 -36.84 -58.54
C SER B 327 -29.35 -36.28 -59.48
N THR B 328 -28.93 -36.16 -60.74
CA THR B 328 -29.80 -35.77 -61.86
C THR B 328 -29.90 -36.88 -62.93
N ASP B 329 -29.14 -37.98 -62.79
CA ASP B 329 -29.26 -39.13 -63.66
C ASP B 329 -30.71 -39.64 -63.71
N PRO B 330 -31.31 -39.73 -64.92
CA PRO B 330 -32.68 -40.26 -64.95
C PRO B 330 -32.82 -41.73 -64.61
N LYS B 331 -31.72 -42.49 -64.64
CA LYS B 331 -31.76 -43.90 -64.22
C LYS B 331 -32.06 -44.03 -62.73
N LEU B 332 -31.62 -43.04 -61.95
CA LEU B 332 -31.85 -43.00 -60.49
C LEU B 332 -33.12 -42.27 -60.07
N LYS B 333 -34.02 -41.96 -61.00
CA LYS B 333 -35.24 -41.19 -60.66
C LYS B 333 -36.12 -41.94 -59.69
N ASP B 334 -36.30 -43.24 -59.87
CA ASP B 334 -37.12 -44.05 -58.95
C ASP B 334 -36.59 -44.04 -57.52
N ALA B 335 -35.27 -44.19 -57.38
CA ALA B 335 -34.62 -44.15 -56.06
C ALA B 335 -34.68 -42.77 -55.43
N ARG B 336 -34.31 -41.76 -56.18
CA ARG B 336 -34.35 -40.36 -55.75
C ARG B 336 -35.72 -39.92 -55.29
N GLU B 337 -36.79 -40.45 -55.89
CA GLU B 337 -38.16 -40.08 -55.49
C GLU B 337 -38.51 -40.62 -54.11
N ILE B 338 -38.03 -41.81 -53.77
CA ILE B 338 -38.26 -42.37 -52.43
C ILE B 338 -37.57 -41.50 -51.38
N LEU B 339 -36.31 -41.17 -51.61
CA LEU B 339 -35.56 -40.34 -50.66
C LEU B 339 -36.14 -38.93 -50.56
N LYS B 340 -36.67 -38.39 -51.66
CA LYS B 340 -37.33 -37.09 -51.61
C LYS B 340 -38.61 -37.18 -50.77
N GLN B 341 -39.32 -38.31 -50.86
CA GLN B 341 -40.51 -38.53 -50.01
C GLN B 341 -40.19 -38.58 -48.52
N ILE B 342 -38.97 -38.97 -48.14
CA ILE B 342 -38.54 -38.92 -46.75
C ILE B 342 -38.30 -37.48 -46.29
N GLU B 343 -37.70 -36.66 -47.15
CA GLU B 343 -37.48 -35.25 -46.84
C GLU B 343 -38.77 -34.55 -46.51
N TYR B 344 -39.75 -34.74 -47.39
CA TYR B 344 -41.09 -34.11 -47.27
C TYR B 344 -41.95 -34.76 -46.19
N ARG B 345 -41.55 -35.93 -45.74
CA ARG B 345 -42.19 -36.67 -44.64
C ARG B 345 -43.49 -37.34 -45.09
N ASN B 346 -43.54 -37.78 -46.36
CA ASN B 346 -44.61 -38.64 -46.87
C ASN B 346 -44.14 -40.04 -46.73
N LEU B 347 -44.16 -40.51 -45.49
CA LEU B 347 -43.71 -41.87 -45.18
C LEU B 347 -44.92 -42.77 -45.30
N PHE B 348 -44.63 -44.04 -45.48
CA PHE B 348 -45.69 -45.06 -45.45
C PHE B 348 -46.36 -45.01 -44.09
N LYS B 349 -47.66 -45.15 -44.03
CA LYS B 349 -48.37 -44.97 -42.76
C LYS B 349 -48.41 -46.25 -41.93
N TYR B 350 -48.15 -46.10 -40.64
CA TYR B 350 -48.18 -47.20 -39.70
C TYR B 350 -49.63 -47.55 -39.40
N VAL B 351 -49.98 -48.82 -39.54
CA VAL B 351 -51.34 -49.29 -39.30
C VAL B 351 -51.50 -49.82 -37.88
N GLY B 352 -50.55 -50.67 -37.47
CA GLY B 352 -50.55 -51.23 -36.11
C GLY B 352 -49.53 -52.33 -35.89
N GLU B 353 -49.48 -52.81 -34.67
CA GLU B 353 -48.53 -53.84 -34.25
C GLU B 353 -49.31 -55.00 -33.69
N THR B 354 -48.77 -56.20 -33.85
CA THR B 354 -49.35 -57.41 -33.25
C THR B 354 -48.30 -58.48 -33.02
N GLN B 355 -48.66 -59.46 -32.19
CA GLN B 355 -47.79 -60.56 -31.83
C GLN B 355 -48.46 -61.91 -32.08
N PRO B 356 -47.69 -62.96 -32.39
CA PRO B 356 -48.25 -64.31 -32.36
C PRO B 356 -48.61 -64.76 -30.94
N THR B 357 -49.43 -65.81 -30.85
CA THR B 357 -49.76 -66.43 -29.56
C THR B 357 -49.38 -67.90 -29.54
N GLY B 358 -49.47 -68.50 -28.36
CA GLY B 358 -49.17 -69.90 -28.16
C GLY B 358 -47.67 -69.88 -28.28
N GLN B 359 -47.16 -70.79 -29.10
CA GLN B 359 -45.77 -70.83 -29.47
C GLN B 359 -45.77 -70.97 -31.00
N ILE B 360 -46.34 -69.99 -31.72
CA ILE B 360 -46.34 -69.96 -33.19
C ILE B 360 -45.22 -69.01 -33.67
N LYS B 361 -44.06 -69.54 -34.05
CA LYS B 361 -42.97 -68.69 -34.61
C LYS B 361 -43.25 -68.48 -36.09
N ILE B 362 -43.08 -67.27 -36.58
CA ILE B 362 -43.14 -66.98 -38.03
C ILE B 362 -41.73 -67.16 -38.62
N LYS B 363 -41.58 -68.15 -39.52
CA LYS B 363 -40.28 -68.45 -40.14
C LYS B 363 -39.89 -67.34 -41.14
N ARG B 364 -38.59 -67.09 -41.30
CA ARG B 364 -38.08 -66.02 -42.18
C ARG B 364 -38.47 -66.18 -43.65
N GLU B 365 -38.42 -67.42 -44.12
CA GLU B 365 -38.99 -67.85 -45.43
C GLU B 365 -40.38 -67.29 -45.76
N ASP B 366 -41.26 -67.16 -44.76
CA ASP B 366 -42.65 -66.69 -44.94
C ASP B 366 -42.86 -65.17 -44.99
N TYR B 367 -41.82 -64.37 -44.66
CA TYR B 367 -41.94 -62.90 -44.61
C TYR B 367 -42.45 -62.33 -45.93
N GLU B 368 -41.91 -62.81 -47.07
CA GLU B 368 -42.33 -62.36 -48.40
C GLU B 368 -43.84 -62.47 -48.61
N SER B 369 -44.45 -63.52 -48.07
CA SER B 369 -45.88 -63.85 -48.28
C SER B 369 -46.91 -63.08 -47.47
N LEU B 370 -46.47 -62.37 -46.41
CA LEU B 370 -47.40 -61.79 -45.44
C LEU B 370 -48.25 -60.61 -45.95
N PRO B 371 -47.69 -59.74 -46.80
CA PRO B 371 -48.55 -58.72 -47.43
C PRO B 371 -49.73 -59.28 -48.21
N LYS B 372 -49.52 -60.39 -48.93
CA LYS B 372 -50.58 -61.14 -49.62
C LYS B 372 -51.67 -61.54 -48.64
N GLU B 373 -51.28 -62.07 -47.48
CA GLU B 373 -52.24 -62.52 -46.47
C GLU B 373 -53.14 -61.42 -45.91
N VAL B 374 -52.58 -60.22 -45.75
CA VAL B 374 -53.32 -59.09 -45.18
C VAL B 374 -54.40 -58.61 -46.15
N ALA B 375 -54.01 -58.43 -47.42
CA ALA B 375 -54.95 -58.07 -48.49
C ALA B 375 -56.02 -59.16 -48.71
N SER B 376 -55.62 -60.42 -48.52
CA SER B 376 -56.52 -61.57 -48.64
C SER B 376 -57.58 -61.70 -47.55
N ALA B 377 -57.43 -61.00 -46.43
CA ALA B 377 -58.44 -61.02 -45.38
C ALA B 377 -59.73 -60.39 -45.88
N LYS B 378 -60.85 -60.96 -45.44
CA LYS B 378 -62.17 -60.54 -45.89
C LYS B 378 -62.89 -60.01 -44.66
N PRO B 379 -62.70 -58.71 -44.34
CA PRO B 379 -63.37 -58.13 -43.15
C PRO B 379 -64.84 -57.89 -43.38
N LYS B 380 -65.70 -58.29 -42.46
CA LYS B 380 -67.16 -58.17 -42.66
C LYS B 380 -67.63 -56.72 -42.44
N VAL B 381 -67.10 -55.80 -43.24
CA VAL B 381 -67.35 -54.34 -43.13
C VAL B 381 -67.26 -53.71 -44.50
N LEU B 382 -68.17 -52.79 -44.81
CA LEU B 382 -68.21 -52.13 -46.12
C LEU B 382 -67.03 -51.17 -46.28
N LEU B 383 -66.18 -51.47 -47.28
CA LEU B 383 -64.99 -50.68 -47.55
C LEU B 383 -65.19 -49.74 -48.71
N ASP B 384 -64.58 -48.59 -48.63
CA ASP B 384 -64.61 -47.56 -49.70
C ASP B 384 -63.67 -47.99 -50.86
N VAL B 385 -62.55 -48.60 -50.52
CA VAL B 385 -61.47 -48.98 -51.41
C VAL B 385 -61.04 -50.42 -51.18
N LYS B 386 -60.74 -51.18 -52.23
CA LYS B 386 -60.06 -52.49 -52.10
C LYS B 386 -58.56 -52.24 -52.25
N LEU B 387 -57.74 -52.91 -51.45
CA LEU B 387 -56.26 -52.73 -51.47
C LEU B 387 -55.55 -54.02 -51.87
N LYS B 388 -54.59 -53.90 -52.79
CA LYS B 388 -53.80 -55.05 -53.27
C LYS B 388 -52.63 -55.30 -52.31
N ALA B 389 -51.98 -56.45 -52.45
CA ALA B 389 -50.90 -56.87 -51.54
C ALA B 389 -49.64 -56.00 -51.61
N GLU B 390 -49.33 -55.47 -52.79
CA GLU B 390 -48.22 -54.52 -52.97
C GLU B 390 -48.38 -53.21 -52.18
N ASP B 391 -49.60 -52.89 -51.76
CA ASP B 391 -49.87 -51.70 -50.92
C ASP B 391 -49.43 -51.87 -49.46
N PHE B 392 -49.34 -53.11 -48.98
CA PHE B 392 -48.93 -53.41 -47.60
C PHE B 392 -47.44 -53.72 -47.46
N ILE B 393 -46.86 -53.30 -46.33
CA ILE B 393 -45.56 -53.75 -45.84
C ILE B 393 -45.75 -54.38 -44.50
N VAL B 394 -45.15 -55.54 -44.30
CA VAL B 394 -45.21 -56.24 -43.01
C VAL B 394 -43.80 -56.51 -42.55
N ASP B 395 -43.43 -55.89 -41.44
CA ASP B 395 -42.09 -55.90 -40.89
C ASP B 395 -42.15 -56.82 -39.68
N VAL B 396 -41.38 -57.89 -39.68
CA VAL B 396 -41.36 -58.81 -38.55
C VAL B 396 -40.05 -58.64 -37.82
N ILE B 397 -40.13 -58.56 -36.50
CA ILE B 397 -39.00 -58.19 -35.66
C ILE B 397 -38.86 -59.18 -34.51
N ASN B 398 -37.69 -59.77 -34.38
CA ASN B 398 -37.41 -60.72 -33.30
C ASN B 398 -36.73 -60.03 -32.14
N MET B 399 -37.46 -59.89 -31.04
CA MET B 399 -36.91 -59.34 -29.81
C MET B 399 -36.51 -60.50 -28.94
N ASP B 400 -35.25 -60.54 -28.51
CA ASP B 400 -34.75 -61.58 -27.60
C ASP B 400 -33.75 -61.02 -26.62
N TYR B 401 -33.21 -61.88 -25.78
CA TYR B 401 -32.12 -61.53 -24.87
C TYR B 401 -30.78 -61.98 -25.46
N GLY B 402 -30.65 -61.91 -26.78
CA GLY B 402 -29.40 -62.18 -27.46
C GLY B 402 -29.11 -63.62 -27.81
N MET B 403 -29.90 -64.58 -27.30
CA MET B 403 -29.62 -66.00 -27.53
C MET B 403 -30.91 -66.70 -27.86
N GLN B 404 -31.54 -66.22 -28.93
CA GLN B 404 -32.83 -66.68 -29.35
C GLN B 404 -33.72 -66.95 -28.13
N GLU B 405 -34.18 -68.18 -27.92
CA GLU B 405 -35.14 -68.48 -26.87
C GLU B 405 -34.53 -68.72 -25.50
N LYS B 406 -33.19 -68.70 -25.40
CA LYS B 406 -32.48 -69.00 -24.15
C LYS B 406 -32.28 -67.79 -23.25
N ASN B 407 -32.20 -68.08 -21.96
CA ASN B 407 -31.89 -67.11 -20.91
C ASN B 407 -30.37 -67.05 -20.84
N PRO B 408 -29.77 -65.91 -21.23
CA PRO B 408 -28.32 -65.84 -21.22
C PRO B 408 -27.68 -65.91 -19.84
N ILE B 409 -28.43 -65.61 -18.79
CA ILE B 409 -27.90 -65.70 -17.44
C ILE B 409 -27.66 -67.15 -17.02
N ASP B 410 -28.38 -68.09 -17.62
CA ASP B 410 -28.08 -69.51 -17.45
C ASP B 410 -26.74 -69.89 -18.06
N HIS B 411 -26.18 -69.06 -18.95
CA HIS B 411 -24.82 -69.23 -19.47
C HIS B 411 -23.78 -68.24 -18.89
N VAL B 412 -23.96 -67.81 -17.64
CA VAL B 412 -23.00 -66.98 -16.93
C VAL B 412 -22.55 -67.75 -15.69
N SER B 413 -21.25 -67.66 -15.41
CA SER B 413 -20.66 -68.25 -14.23
C SER B 413 -20.50 -67.17 -13.17
N PHE B 414 -20.78 -67.50 -11.91
CA PHE B 414 -20.69 -66.56 -10.79
C PHE B 414 -19.69 -67.01 -9.75
N TYR B 415 -19.33 -66.13 -8.81
CA TYR B 415 -18.47 -66.51 -7.67
C TYR B 415 -18.94 -65.84 -6.38
N CYS B 416 -18.54 -66.38 -5.23
CA CYS B 416 -18.92 -65.81 -3.92
C CYS B 416 -17.77 -65.18 -3.21
N LYS B 417 -18.06 -64.27 -2.32
CA LYS B 417 -17.03 -63.59 -1.52
C LYS B 417 -16.21 -64.60 -0.74
N THR B 418 -16.92 -65.57 -0.18
CA THR B 418 -16.36 -66.64 0.66
C THR B 418 -15.48 -67.65 -0.06
N ALA B 419 -15.61 -67.77 -1.39
CA ALA B 419 -14.81 -68.72 -2.21
C ALA B 419 -14.65 -68.18 -3.63
N PRO B 420 -13.75 -67.21 -3.79
CA PRO B 420 -13.69 -66.45 -5.03
C PRO B 420 -13.11 -67.16 -6.25
N ASN B 421 -12.53 -68.35 -6.07
CA ASN B 421 -12.04 -69.14 -7.20
C ASN B 421 -13.00 -70.23 -7.66
N ARG B 422 -14.06 -70.43 -6.87
CA ARG B 422 -15.04 -71.46 -7.13
C ARG B 422 -16.23 -70.89 -7.86
N ALA B 423 -16.32 -71.24 -9.13
CA ALA B 423 -17.41 -70.80 -10.00
C ALA B 423 -18.68 -71.57 -9.74
N ILE B 424 -19.82 -70.91 -9.90
CA ILE B 424 -21.13 -71.51 -9.67
C ILE B 424 -22.14 -71.02 -10.70
N ARG B 425 -23.32 -71.61 -10.69
CA ARG B 425 -24.43 -71.20 -11.56
C ARG B 425 -25.55 -70.66 -10.68
N ILE B 426 -26.34 -69.75 -11.21
CA ILE B 426 -27.49 -69.21 -10.51
C ILE B 426 -28.66 -69.29 -11.49
N THR B 427 -29.69 -70.03 -11.11
CA THR B 427 -30.86 -70.23 -11.97
C THR B 427 -31.79 -69.04 -11.86
N LYS B 428 -32.85 -69.02 -12.67
CA LYS B 428 -33.80 -67.93 -12.60
C LYS B 428 -34.58 -67.92 -11.29
N ASN B 429 -35.02 -69.11 -10.86
CA ASN B 429 -35.81 -69.24 -9.60
C ASN B 429 -35.09 -68.78 -8.37
N GLN B 430 -33.77 -68.91 -8.37
CA GLN B 430 -32.93 -68.44 -7.26
C GLN B 430 -32.89 -66.91 -7.13
N VAL B 431 -33.29 -66.18 -8.17
CA VAL B 431 -33.19 -64.70 -8.20
C VAL B 431 -34.50 -64.00 -7.89
N SER B 432 -35.51 -64.22 -8.73
CA SER B 432 -36.79 -63.50 -8.58
C SER B 432 -37.91 -64.12 -9.42
N GLN B 433 -39.11 -64.07 -8.87
CA GLN B 433 -40.33 -64.44 -9.58
C GLN B 433 -40.83 -63.31 -10.53
N LEU B 434 -40.30 -62.10 -10.38
CA LEU B 434 -40.68 -60.98 -11.24
C LEU B 434 -39.86 -60.84 -12.53
N LEU B 435 -39.04 -61.82 -12.85
CA LEU B 435 -38.28 -61.82 -14.09
C LEU B 435 -39.14 -62.30 -15.23
N PRO B 436 -38.67 -62.17 -16.48
CA PRO B 436 -39.48 -62.61 -17.62
C PRO B 436 -39.70 -64.11 -17.67
N GLU B 437 -40.85 -64.52 -18.20
CA GLU B 437 -41.20 -65.93 -18.33
C GLU B 437 -40.51 -66.49 -19.57
N LYS B 438 -40.63 -65.79 -20.69
CA LYS B 438 -39.94 -66.10 -21.94
C LYS B 438 -38.77 -65.15 -22.15
N PHE B 439 -37.88 -65.49 -23.07
CA PHE B 439 -36.75 -64.61 -23.44
C PHE B 439 -36.66 -64.28 -24.93
N ALA B 440 -37.75 -64.50 -25.64
CA ALA B 440 -37.87 -64.11 -27.03
C ALA B 440 -39.30 -63.99 -27.43
N GLU B 441 -39.56 -63.11 -28.40
CA GLU B 441 -40.88 -62.92 -28.97
C GLU B 441 -40.74 -62.29 -30.32
N GLN B 442 -41.87 -62.16 -31.02
CA GLN B 442 -41.91 -61.52 -32.33
C GLN B 442 -42.89 -60.38 -32.32
N LEU B 443 -42.53 -59.33 -33.03
CA LEU B 443 -43.41 -58.19 -33.23
C LEU B 443 -43.66 -58.06 -34.70
N ILE B 444 -44.93 -57.85 -35.05
CA ILE B 444 -45.33 -57.71 -36.45
C ILE B 444 -45.94 -56.34 -36.60
N ARG B 445 -45.27 -55.50 -37.37
CA ARG B 445 -45.77 -54.16 -37.68
C ARG B 445 -46.26 -54.17 -39.11
N VAL B 446 -47.43 -53.60 -39.33
CA VAL B 446 -48.00 -53.48 -40.66
C VAL B 446 -48.08 -52.00 -41.02
N TYR B 447 -47.65 -51.67 -42.22
CA TYR B 447 -47.78 -50.30 -42.73
C TYR B 447 -48.52 -50.36 -44.06
N CYS B 448 -48.99 -49.21 -44.52
CA CYS B 448 -49.70 -49.11 -45.79
C CYS B 448 -49.04 -48.04 -46.64
N LYS B 449 -48.75 -48.36 -47.90
CA LYS B 449 -48.10 -47.41 -48.81
C LYS B 449 -49.02 -46.29 -49.30
N LYS B 450 -50.34 -46.53 -49.30
CA LYS B 450 -51.29 -45.48 -49.64
C LYS B 450 -51.62 -44.65 -48.40
N VAL B 451 -51.40 -43.34 -48.53
CA VAL B 451 -51.40 -42.40 -47.42
C VAL B 451 -52.79 -41.82 -47.06
N ASP B 452 -53.64 -41.63 -48.06
CA ASP B 452 -54.96 -40.96 -47.93
C ASP B 452 -55.93 -41.49 -46.87
N ARG B 453 -56.86 -40.64 -46.43
CA ARG B 453 -57.84 -40.95 -45.36
C ARG B 453 -58.64 -42.24 -45.63
N LYS B 454 -59.06 -42.44 -46.88
CA LYS B 454 -59.93 -43.58 -47.27
C LYS B 454 -59.14 -44.91 -47.23
N SER B 455 -57.92 -44.92 -47.76
CA SER B 455 -57.10 -46.15 -47.82
C SER B 455 -56.60 -46.58 -46.44
N LEU B 456 -56.29 -45.60 -45.58
CA LEU B 456 -55.85 -45.88 -44.23
C LEU B 456 -56.95 -46.55 -43.41
N TYR B 457 -58.20 -46.08 -43.55
CA TYR B 457 -59.34 -46.74 -42.90
C TYR B 457 -59.44 -48.21 -43.34
N ALA B 458 -59.33 -48.43 -44.64
CA ALA B 458 -59.42 -49.77 -45.21
C ALA B 458 -58.32 -50.66 -44.68
N ALA B 459 -57.09 -50.15 -44.73
CA ALA B 459 -55.91 -50.86 -44.27
C ALA B 459 -56.08 -51.36 -42.84
N ARG B 460 -56.59 -50.49 -41.97
CA ARG B 460 -56.88 -50.85 -40.57
C ARG B 460 -57.85 -52.02 -40.43
N GLN B 461 -58.86 -52.07 -41.30
CA GLN B 461 -59.84 -53.15 -41.26
C GLN B 461 -59.21 -54.46 -41.72
N TYR B 462 -58.48 -54.42 -42.84
CA TYR B 462 -57.73 -55.59 -43.29
C TYR B 462 -56.81 -56.12 -42.21
N PHE B 463 -56.08 -55.22 -41.57
CA PHE B 463 -55.11 -55.58 -40.54
C PHE B 463 -55.76 -56.23 -39.32
N VAL B 464 -56.76 -55.58 -38.73
CA VAL B 464 -57.37 -56.08 -37.49
C VAL B 464 -58.08 -57.40 -37.75
N GLN B 465 -58.57 -57.59 -38.97
CA GLN B 465 -59.16 -58.86 -39.38
C GLN B 465 -58.08 -59.91 -39.46
N TRP B 466 -57.04 -59.63 -40.25
CA TRP B 466 -55.90 -60.54 -40.39
C TRP B 466 -55.35 -61.03 -39.07
N CYS B 467 -55.36 -60.15 -38.07
CA CYS B 467 -55.00 -60.50 -36.69
C CYS B 467 -55.95 -61.54 -36.09
N ALA B 468 -57.25 -61.31 -36.24
CA ALA B 468 -58.25 -62.27 -35.78
C ALA B 468 -58.14 -63.60 -36.54
N ASP B 469 -57.96 -63.52 -37.86
CA ASP B 469 -57.83 -64.69 -38.73
C ASP B 469 -56.69 -65.61 -38.31
N ARG B 470 -55.56 -65.05 -37.89
CA ARG B 470 -54.38 -65.86 -37.55
C ARG B 470 -54.16 -66.08 -36.04
N ASN B 471 -55.20 -65.79 -35.26
CA ASN B 471 -55.16 -65.89 -33.81
C ASN B 471 -53.99 -65.13 -33.16
N PHE B 472 -53.72 -63.93 -33.68
CA PHE B 472 -52.74 -63.01 -33.10
C PHE B 472 -53.37 -62.18 -31.99
N THR B 473 -52.54 -61.41 -31.30
CA THR B 473 -52.99 -60.55 -30.20
C THR B 473 -53.76 -59.38 -30.74
N LYS B 474 -54.68 -58.88 -29.93
CA LYS B 474 -55.49 -57.73 -30.30
C LYS B 474 -54.60 -56.50 -30.36
N PRO B 475 -54.61 -55.76 -31.48
CA PRO B 475 -53.91 -54.50 -31.48
C PRO B 475 -54.33 -53.60 -30.32
N GLN B 476 -53.37 -52.92 -29.70
CA GLN B 476 -53.64 -52.07 -28.52
C GLN B 476 -54.75 -51.08 -28.76
N ASP B 477 -54.69 -50.41 -29.91
CA ASP B 477 -55.71 -49.46 -30.36
C ASP B 477 -56.87 -50.08 -31.16
N GLY B 478 -57.04 -51.40 -31.06
CA GLY B 478 -57.89 -52.16 -31.99
C GLY B 478 -59.36 -51.82 -31.93
N ASP B 479 -59.86 -51.60 -30.72
CA ASP B 479 -61.28 -51.23 -30.52
C ASP B 479 -61.60 -49.88 -31.12
N VAL B 480 -60.61 -49.01 -31.24
CA VAL B 480 -60.79 -47.69 -31.82
C VAL B 480 -60.71 -47.72 -33.34
N ILE B 481 -59.64 -48.28 -33.88
CA ILE B 481 -59.40 -48.27 -35.35
C ILE B 481 -60.34 -49.17 -36.16
N ALA B 482 -60.83 -50.23 -35.54
CA ALA B 482 -61.72 -51.18 -36.22
C ALA B 482 -62.75 -51.71 -35.22
N PRO B 483 -63.69 -50.84 -34.80
CA PRO B 483 -64.64 -51.18 -33.75
C PRO B 483 -65.68 -52.22 -34.19
N LEU B 484 -65.90 -52.34 -35.50
CA LEU B 484 -66.83 -53.32 -36.06
C LEU B 484 -66.21 -54.72 -36.15
N ILE B 485 -64.88 -54.83 -36.12
CA ILE B 485 -64.18 -56.11 -36.26
C ILE B 485 -63.79 -56.79 -34.94
N THR B 486 -63.44 -56.03 -33.91
CA THR B 486 -62.99 -56.60 -32.63
C THR B 486 -64.00 -57.46 -31.84
N PRO B 487 -65.31 -57.13 -31.88
CA PRO B 487 -66.22 -58.06 -31.19
C PRO B 487 -66.35 -59.46 -31.85
N GLN B 488 -66.13 -59.55 -33.17
CA GLN B 488 -66.13 -60.83 -33.92
C GLN B 488 -65.35 -61.96 -33.21
N LYS B 489 -64.19 -61.64 -32.64
CA LYS B 489 -63.32 -62.65 -32.01
C LYS B 489 -63.72 -62.87 -30.54
N LYS B 490 -64.14 -64.10 -30.23
CA LYS B 490 -64.53 -64.51 -28.86
C LYS B 490 -63.37 -64.35 -27.88
N GLU B 491 -62.17 -64.74 -28.32
CA GLU B 491 -60.96 -64.72 -27.49
C GLU B 491 -60.54 -63.32 -27.00
N TRP B 492 -60.94 -62.23 -27.67
CA TRP B 492 -60.60 -60.86 -27.25
C TRP B 492 -61.57 -60.24 -26.22
N ASN B 493 -62.67 -60.91 -25.87
CA ASN B 493 -63.61 -60.40 -24.85
C ASN B 493 -63.39 -61.10 -23.49
N MET C 9 -42.99 -13.50 -6.52
CA MET C 9 -42.71 -14.97 -6.46
C MET C 9 -41.29 -15.22 -6.00
N LYS C 10 -41.10 -16.29 -5.25
CA LYS C 10 -39.78 -16.69 -4.80
C LYS C 10 -39.23 -17.80 -5.65
N VAL C 11 -37.98 -17.67 -6.07
CA VAL C 11 -37.32 -18.70 -6.86
C VAL C 11 -36.32 -19.42 -5.97
N ILE C 12 -36.24 -20.74 -6.12
CA ILE C 12 -35.36 -21.58 -5.32
C ILE C 12 -34.74 -22.65 -6.21
N ASN C 13 -33.44 -22.92 -6.03
CA ASN C 13 -32.68 -23.79 -6.92
C ASN C 13 -32.43 -25.20 -6.36
N ASP C 14 -33.29 -26.10 -6.81
CA ASP C 14 -33.19 -27.53 -6.59
C ASP C 14 -32.31 -28.15 -7.67
N PRO C 15 -31.35 -29.02 -7.30
CA PRO C 15 -30.49 -29.60 -8.31
C PRO C 15 -31.16 -30.60 -9.24
N ILE C 16 -32.33 -31.13 -8.85
CA ILE C 16 -33.05 -32.03 -9.72
C ILE C 16 -33.88 -31.28 -10.70
N HIS C 17 -34.72 -30.38 -10.22
CA HIS C 17 -35.75 -29.76 -11.06
C HIS C 17 -35.41 -28.40 -11.61
N GLY C 18 -34.36 -27.78 -11.11
CA GLY C 18 -33.92 -26.49 -11.62
C GLY C 18 -34.44 -25.39 -10.73
N HIS C 19 -34.74 -24.23 -11.32
CA HIS C 19 -35.28 -23.11 -10.57
C HIS C 19 -36.80 -23.22 -10.43
N ILE C 20 -37.24 -23.62 -9.26
CA ILE C 20 -38.64 -23.73 -8.93
C ILE C 20 -39.19 -22.36 -8.53
N GLU C 21 -40.39 -22.02 -8.99
CA GLU C 21 -41.11 -20.83 -8.49
C GLU C 21 -42.02 -21.22 -7.34
N LEU C 22 -42.01 -20.44 -6.27
CA LEU C 22 -42.84 -20.69 -5.08
C LEU C 22 -43.82 -19.52 -4.88
N HIS C 23 -45.10 -19.85 -4.97
CA HIS C 23 -46.17 -18.96 -4.59
C HIS C 23 -46.10 -18.48 -3.17
N PRO C 24 -46.45 -17.20 -2.88
CA PRO C 24 -46.31 -16.65 -1.52
C PRO C 24 -46.92 -17.48 -0.41
N LEU C 25 -48.08 -18.05 -0.69
CA LEU C 25 -48.76 -18.98 0.21
C LEU C 25 -47.91 -20.21 0.53
N LEU C 26 -47.25 -20.76 -0.47
CA LEU C 26 -46.35 -21.90 -0.27
C LEU C 26 -45.15 -21.51 0.57
N VAL C 27 -44.57 -20.34 0.28
CA VAL C 27 -43.44 -19.82 1.05
C VAL C 27 -43.81 -19.70 2.52
N ARG C 28 -45.02 -19.26 2.75
CA ARG C 28 -45.53 -19.04 4.09
C ARG C 28 -45.71 -20.36 4.85
N ILE C 29 -46.13 -21.40 4.13
CA ILE C 29 -46.23 -22.75 4.66
C ILE C 29 -44.85 -23.35 4.90
N ILE C 30 -43.95 -23.16 3.94
CA ILE C 30 -42.57 -23.68 4.04
C ILE C 30 -41.83 -23.14 5.26
N ASN C 31 -41.95 -21.84 5.50
CA ASN C 31 -41.23 -21.17 6.59
C ASN C 31 -41.93 -21.32 7.96
N THR C 32 -42.08 -22.56 8.39
CA THR C 32 -42.67 -22.92 9.65
C THR C 32 -41.88 -24.06 10.29
N PRO C 33 -41.88 -24.17 11.62
CA PRO C 33 -41.19 -25.28 12.27
C PRO C 33 -41.63 -26.66 11.83
N GLN C 34 -42.90 -26.81 11.47
CA GLN C 34 -43.47 -28.12 11.14
C GLN C 34 -42.93 -28.65 9.81
N PHE C 35 -42.69 -27.70 8.89
CA PHE C 35 -42.12 -28.00 7.58
C PHE C 35 -40.60 -28.04 7.62
N GLN C 36 -39.95 -27.04 8.21
CA GLN C 36 -38.49 -26.97 8.25
C GLN C 36 -37.91 -28.17 8.99
N ARG C 37 -38.69 -28.75 9.88
CA ARG C 37 -38.41 -30.05 10.49
C ARG C 37 -37.87 -31.08 9.50
N LEU C 38 -38.42 -31.09 8.30
CA LEU C 38 -38.04 -32.05 7.28
C LEU C 38 -36.59 -31.89 6.81
N ARG C 39 -35.94 -30.77 7.11
CA ARG C 39 -34.51 -30.64 6.86
C ARG C 39 -33.66 -31.61 7.66
N TYR C 40 -34.21 -32.14 8.74
CA TYR C 40 -33.48 -32.98 9.66
C TYR C 40 -33.97 -34.43 9.66
N ILE C 41 -34.55 -34.85 8.55
CA ILE C 41 -34.95 -36.25 8.36
C ILE C 41 -34.42 -36.74 7.01
N LYS C 42 -33.57 -37.76 7.02
CA LYS C 42 -32.98 -38.26 5.77
C LYS C 42 -34.00 -39.05 4.99
N GLN C 43 -33.91 -38.93 3.66
CA GLN C 43 -34.87 -39.55 2.77
C GLN C 43 -34.77 -41.06 2.88
N LEU C 44 -33.52 -41.54 2.81
CA LEU C 44 -33.27 -42.97 2.76
C LEU C 44 -32.76 -43.54 4.07
N GLY C 45 -33.07 -42.87 5.17
CA GLY C 45 -32.73 -43.34 6.51
C GLY C 45 -31.32 -43.91 6.62
N GLY C 46 -31.28 -45.22 6.95
CA GLY C 46 -30.03 -45.96 7.11
C GLY C 46 -29.23 -46.18 5.84
N GLY C 47 -29.87 -45.99 4.69
CA GLY C 47 -29.19 -46.06 3.39
C GLY C 47 -27.98 -45.16 3.26
N TYR C 48 -27.97 -44.02 3.96
CA TYR C 48 -26.79 -43.15 3.99
C TYR C 48 -25.55 -43.92 4.45
N TYR C 49 -25.74 -44.87 5.37
CA TYR C 49 -24.64 -45.68 5.91
C TYR C 49 -24.18 -46.80 4.95
N VAL C 50 -24.79 -46.89 3.78
CA VAL C 50 -24.33 -47.74 2.67
C VAL C 50 -24.00 -46.95 1.40
N PHE C 51 -24.84 -45.99 1.03
CA PHE C 51 -24.59 -45.09 -0.09
C PHE C 51 -24.21 -43.73 0.45
N PRO C 52 -22.92 -43.42 0.51
CA PRO C 52 -22.53 -42.18 1.17
C PRO C 52 -23.02 -40.92 0.44
N GLY C 53 -23.51 -41.05 -0.79
CA GLY C 53 -24.14 -39.91 -1.45
C GLY C 53 -25.48 -39.47 -0.88
N ALA C 54 -26.19 -40.40 -0.24
CA ALA C 54 -27.60 -40.27 0.15
C ALA C 54 -27.85 -39.47 1.45
N SER C 55 -27.20 -38.31 1.51
CA SER C 55 -27.32 -37.31 2.56
C SER C 55 -28.62 -36.52 2.48
N HIS C 56 -29.29 -36.59 1.33
CA HIS C 56 -30.50 -35.82 1.07
C HIS C 56 -31.64 -36.10 2.04
N ASN C 57 -32.36 -35.02 2.35
CA ASN C 57 -33.42 -34.98 3.35
C ASN C 57 -34.80 -34.76 2.73
N ARG C 58 -35.84 -34.99 3.53
CA ARG C 58 -37.23 -34.89 3.07
C ARG C 58 -37.64 -33.51 2.59
N PHE C 59 -37.12 -32.49 3.27
CA PHE C 59 -37.34 -31.11 2.87
C PHE C 59 -37.33 -30.91 1.35
N GLU C 60 -36.21 -31.30 0.73
CA GLU C 60 -36.04 -31.06 -0.70
C GLU C 60 -36.87 -31.98 -1.58
N HIS C 61 -37.11 -33.21 -1.15
CA HIS C 61 -38.11 -34.09 -1.80
C HIS C 61 -39.48 -33.41 -1.78
N SER C 62 -39.85 -32.89 -0.60
CA SER C 62 -41.12 -32.23 -0.40
C SER C 62 -41.27 -31.04 -1.36
N LEU C 63 -40.25 -30.20 -1.51
CA LEU C 63 -40.30 -29.11 -2.50
C LEU C 63 -40.54 -29.62 -3.93
N GLY C 64 -39.82 -30.67 -4.30
CA GLY C 64 -39.92 -31.23 -5.64
C GLY C 64 -41.27 -31.85 -5.95
N VAL C 65 -41.87 -32.51 -4.97
CA VAL C 65 -43.19 -33.09 -5.18
C VAL C 65 -44.21 -31.98 -5.35
N GLY C 66 -44.06 -30.93 -4.55
CA GLY C 66 -44.86 -29.73 -4.72
C GLY C 66 -44.70 -29.15 -6.12
N TYR C 67 -43.46 -29.08 -6.57
CA TYR C 67 -43.18 -28.56 -7.91
C TYR C 67 -43.82 -29.38 -9.03
N LEU C 68 -43.63 -30.69 -8.98
CA LEU C 68 -44.15 -31.57 -10.02
C LEU C 68 -45.65 -31.65 -10.00
N ALA C 69 -46.24 -31.59 -8.82
CA ALA C 69 -47.69 -31.52 -8.72
C ALA C 69 -48.23 -30.32 -9.50
N GLY C 70 -47.57 -29.17 -9.33
CA GLY C 70 -47.88 -27.97 -10.12
C GLY C 70 -47.71 -28.20 -11.62
N CYS C 71 -46.63 -28.84 -12.01
CA CYS C 71 -46.35 -29.06 -13.43
C CYS C 71 -47.46 -29.84 -14.07
N LEU C 72 -47.88 -30.92 -13.44
CA LEU C 72 -48.84 -31.83 -14.03
C LEU C 72 -50.22 -31.20 -14.11
N VAL C 73 -50.68 -30.60 -13.01
CA VAL C 73 -51.99 -29.97 -13.01
C VAL C 73 -52.06 -28.76 -13.94
N HIS C 74 -50.97 -27.99 -14.01
CA HIS C 74 -50.91 -26.83 -14.90
C HIS C 74 -50.88 -27.28 -16.37
N ALA C 75 -50.21 -28.39 -16.65
CA ALA C 75 -50.14 -28.94 -17.99
C ALA C 75 -51.48 -29.45 -18.47
N LEU C 76 -52.20 -30.17 -17.61
CA LEU C 76 -53.52 -30.66 -17.96
C LEU C 76 -54.44 -29.50 -18.27
N GLY C 77 -54.30 -28.42 -17.50
CA GLY C 77 -55.09 -27.22 -17.69
C GLY C 77 -54.87 -26.52 -19.01
N GLU C 78 -53.62 -26.36 -19.43
CA GLU C 78 -53.34 -25.71 -20.71
C GLU C 78 -53.87 -26.56 -21.85
N LYS C 79 -53.57 -27.87 -21.83
CA LYS C 79 -53.98 -28.77 -22.91
C LYS C 79 -55.54 -28.92 -22.97
N GLN C 80 -56.25 -28.84 -21.84
CA GLN C 80 -57.71 -29.08 -21.80
C GLN C 80 -58.45 -28.03 -20.94
N PRO C 81 -58.75 -26.86 -21.52
CA PRO C 81 -59.47 -25.83 -20.78
C PRO C 81 -60.86 -26.27 -20.34
N GLU C 82 -61.49 -27.16 -21.10
CA GLU C 82 -62.78 -27.73 -20.72
C GLU C 82 -62.88 -28.27 -19.30
N LEU C 83 -61.75 -28.65 -18.72
CA LEU C 83 -61.72 -29.18 -17.35
C LEU C 83 -61.99 -28.14 -16.27
N GLN C 84 -61.78 -26.87 -16.62
CA GLN C 84 -61.99 -25.74 -15.71
C GLN C 84 -61.24 -25.93 -14.41
N ILE C 85 -59.93 -26.07 -14.58
CA ILE C 85 -59.00 -26.19 -13.48
C ILE C 85 -58.74 -24.75 -13.07
N SER C 86 -59.06 -24.40 -11.83
CA SER C 86 -58.88 -23.03 -11.33
C SER C 86 -57.51 -22.83 -10.71
N GLU C 87 -57.08 -21.58 -10.57
CA GLU C 87 -55.83 -21.27 -9.86
C GLU C 87 -55.93 -21.65 -8.40
N ARG C 88 -57.15 -21.76 -7.91
CA ARG C 88 -57.40 -22.33 -6.60
C ARG C 88 -57.08 -23.82 -6.55
N ASP C 89 -57.54 -24.57 -7.55
CA ASP C 89 -57.25 -26.00 -7.64
C ASP C 89 -55.74 -26.24 -7.72
N VAL C 90 -55.04 -25.43 -8.50
CA VAL C 90 -53.60 -25.57 -8.71
C VAL C 90 -52.86 -25.37 -7.40
N LEU C 91 -53.19 -24.30 -6.69
CA LEU C 91 -52.58 -24.06 -5.39
C LEU C 91 -52.80 -25.18 -4.42
N CYS C 92 -54.00 -25.73 -4.38
CA CYS C 92 -54.30 -26.82 -3.47
C CYS C 92 -53.50 -28.08 -3.77
N VAL C 93 -53.36 -28.39 -5.05
CA VAL C 93 -52.58 -29.54 -5.49
C VAL C 93 -51.10 -29.34 -5.10
N GLN C 94 -50.57 -28.13 -5.34
CA GLN C 94 -49.21 -27.79 -4.91
C GLN C 94 -49.00 -27.92 -3.41
N ILE C 95 -49.95 -27.42 -2.63
CA ILE C 95 -49.86 -27.49 -1.19
C ILE C 95 -49.84 -28.94 -0.72
N ALA C 96 -50.67 -29.77 -1.34
CA ALA C 96 -50.70 -31.20 -1.00
C ALA C 96 -49.35 -31.83 -1.28
N GLY C 97 -48.87 -31.61 -2.49
CA GLY C 97 -47.57 -32.14 -2.89
C GLY C 97 -46.47 -31.70 -1.94
N LEU C 98 -46.49 -30.43 -1.58
CA LEU C 98 -45.50 -29.85 -0.70
C LEU C 98 -45.53 -30.48 0.70
N CYS C 99 -46.74 -30.71 1.19
CA CYS C 99 -46.95 -31.22 2.56
C CYS C 99 -47.17 -32.73 2.66
N HIS C 100 -46.94 -33.46 1.59
CA HIS C 100 -47.43 -34.85 1.49
C HIS C 100 -46.68 -35.79 2.41
N ASP C 101 -45.40 -35.48 2.65
CA ASP C 101 -44.57 -36.31 3.53
C ASP C 101 -44.26 -35.63 4.87
N LEU C 102 -44.98 -34.57 5.18
CA LEU C 102 -44.85 -33.89 6.49
C LEU C 102 -44.77 -34.74 7.75
N GLY C 103 -45.39 -35.92 7.72
CA GLY C 103 -45.46 -36.83 8.85
C GLY C 103 -44.46 -37.97 8.92
N HIS C 104 -43.38 -37.91 8.15
CA HIS C 104 -42.34 -38.93 8.28
C HIS C 104 -41.62 -38.77 9.58
N GLY C 105 -41.22 -39.90 10.14
CA GLY C 105 -40.48 -39.90 11.41
C GLY C 105 -38.98 -39.87 11.22
N PRO C 106 -38.23 -39.99 12.33
CA PRO C 106 -36.79 -40.15 12.24
C PRO C 106 -36.44 -41.32 11.34
N PHE C 107 -35.49 -41.08 10.45
CA PHE C 107 -35.06 -42.05 9.42
C PHE C 107 -36.21 -42.57 8.55
N SER C 108 -37.12 -41.66 8.21
CA SER C 108 -38.18 -41.89 7.24
C SER C 108 -38.96 -43.20 7.42
N HIS C 109 -38.70 -44.19 6.57
CA HIS C 109 -39.54 -45.38 6.52
C HIS C 109 -39.19 -46.38 7.60
N MET C 110 -38.00 -46.26 8.15
CA MET C 110 -37.64 -47.01 9.35
C MET C 110 -38.66 -46.81 10.45
N PHE C 111 -39.11 -45.56 10.62
CA PHE C 111 -40.05 -45.21 11.69
C PHE C 111 -41.42 -45.85 11.54
N ASP C 112 -42.09 -45.60 10.42
CA ASP C 112 -43.44 -46.16 10.21
C ASP C 112 -43.44 -47.61 9.79
N GLY C 113 -42.30 -48.09 9.29
CA GLY C 113 -42.18 -49.44 8.75
C GLY C 113 -41.60 -50.48 9.69
N ARG C 114 -40.68 -50.09 10.56
CA ARG C 114 -40.05 -51.00 11.52
C ARG C 114 -40.36 -50.67 12.96
N PHE C 115 -40.10 -49.43 13.37
CA PHE C 115 -40.17 -49.02 14.78
C PHE C 115 -41.57 -49.01 15.38
N ILE C 116 -42.47 -48.24 14.81
CA ILE C 116 -43.81 -48.12 15.36
C ILE C 116 -44.55 -49.46 15.39
N PRO C 117 -44.44 -50.25 14.32
CA PRO C 117 -45.03 -51.59 14.40
C PRO C 117 -44.50 -52.48 15.53
N LEU C 118 -43.25 -52.32 15.93
CA LEU C 118 -42.69 -53.06 17.06
C LEU C 118 -43.00 -52.42 18.39
N ALA C 119 -42.83 -51.10 18.48
CA ALA C 119 -43.06 -50.36 19.72
C ALA C 119 -44.52 -50.32 20.14
N ARG C 120 -45.43 -50.25 19.18
CA ARG C 120 -46.87 -50.13 19.46
C ARG C 120 -47.70 -50.95 18.48
N PRO C 121 -47.68 -52.29 18.65
CA PRO C 121 -48.36 -53.22 17.74
C PRO C 121 -49.86 -53.03 17.63
N GLU C 122 -50.47 -52.49 18.69
CA GLU C 122 -51.91 -52.20 18.71
C GLU C 122 -52.36 -51.20 17.64
N VAL C 123 -51.50 -50.23 17.28
CA VAL C 123 -51.88 -49.12 16.40
C VAL C 123 -51.70 -49.48 14.93
N LYS C 124 -52.55 -48.94 14.06
CA LYS C 124 -52.34 -48.96 12.62
C LYS C 124 -52.06 -47.50 12.24
N TRP C 125 -50.77 -47.14 12.11
CA TRP C 125 -50.29 -45.77 11.83
C TRP C 125 -49.33 -45.76 10.64
N THR C 126 -49.43 -44.70 9.83
CA THR C 126 -48.62 -44.53 8.61
C THR C 126 -48.04 -43.10 8.52
N HIS C 127 -47.03 -42.91 7.67
CA HIS C 127 -46.41 -41.58 7.47
C HIS C 127 -47.47 -40.59 7.00
N GLU C 128 -48.42 -41.07 6.20
CA GLU C 128 -49.47 -40.24 5.60
C GLU C 128 -50.44 -39.73 6.63
N GLN C 129 -50.90 -40.60 7.51
CA GLN C 129 -51.80 -40.19 8.61
C GLN C 129 -51.15 -39.10 9.42
N GLY C 130 -49.85 -39.26 9.66
CA GLY C 130 -49.06 -38.25 10.33
C GLY C 130 -49.03 -36.93 9.57
N SER C 131 -48.91 -37.01 8.26
CA SER C 131 -48.90 -35.80 7.41
C SER C 131 -50.18 -34.98 7.53
N VAL C 132 -51.31 -35.66 7.52
CA VAL C 132 -52.60 -35.00 7.68
C VAL C 132 -52.64 -34.27 9.02
N MET C 133 -52.27 -34.97 10.09
CA MET C 133 -52.27 -34.38 11.41
C MET C 133 -51.29 -33.23 11.54
N MET C 134 -50.10 -33.44 11.01
CA MET C 134 -49.05 -32.42 11.05
C MET C 134 -49.42 -31.23 10.17
N PHE C 135 -50.17 -31.47 9.10
CA PHE C 135 -50.66 -30.37 8.25
C PHE C 135 -51.64 -29.48 9.00
N GLU C 136 -52.62 -30.11 9.66
CA GLU C 136 -53.57 -29.44 10.55
C GLU C 136 -52.81 -28.60 11.58
N HIS C 137 -51.83 -29.21 12.27
CA HIS C 137 -51.04 -28.50 13.28
C HIS C 137 -50.29 -27.29 12.69
N LEU C 138 -49.74 -27.47 11.49
CA LEU C 138 -49.02 -26.39 10.82
C LEU C 138 -49.92 -25.20 10.54
N ILE C 139 -51.09 -25.48 10.00
CA ILE C 139 -52.08 -24.45 9.64
C ILE C 139 -52.49 -23.65 10.87
N ASN C 140 -52.85 -24.36 11.94
CA ASN C 140 -53.42 -23.74 13.13
C ASN C 140 -52.37 -22.97 13.91
N SER C 141 -51.22 -23.58 14.14
CA SER C 141 -50.17 -22.94 14.90
C SER C 141 -49.49 -21.75 14.18
N ASN C 142 -49.68 -21.58 12.87
CA ASN C 142 -49.03 -20.47 12.14
C ASN C 142 -49.97 -19.48 11.43
N GLY C 143 -51.26 -19.57 11.70
CA GLY C 143 -52.24 -18.62 11.14
C GLY C 143 -52.25 -18.57 9.62
N ILE C 144 -52.30 -19.73 9.03
CA ILE C 144 -52.25 -19.87 7.58
C ILE C 144 -53.61 -19.61 6.98
N LYS C 145 -54.67 -19.99 7.71
CA LYS C 145 -56.06 -19.87 7.22
C LYS C 145 -56.41 -18.48 6.64
N PRO C 146 -56.05 -17.38 7.34
CA PRO C 146 -56.19 -16.04 6.75
C PRO C 146 -55.48 -15.85 5.42
N VAL C 147 -54.28 -16.41 5.31
CA VAL C 147 -53.46 -16.27 4.10
C VAL C 147 -54.06 -17.08 2.96
N MET C 148 -54.59 -18.26 3.26
CA MET C 148 -55.28 -19.06 2.24
C MET C 148 -56.43 -18.27 1.62
N GLU C 149 -57.25 -17.66 2.48
CA GLU C 149 -58.38 -16.81 2.05
C GLU C 149 -57.89 -15.67 1.19
N GLN C 150 -56.84 -14.99 1.64
CA GLN C 150 -56.24 -13.89 0.89
C GLN C 150 -55.94 -14.24 -0.55
N TYR C 151 -55.51 -15.48 -0.80
CA TYR C 151 -55.20 -15.95 -2.15
C TYR C 151 -56.31 -16.81 -2.77
N GLY C 152 -57.55 -16.58 -2.36
CA GLY C 152 -58.71 -17.18 -3.02
C GLY C 152 -59.09 -18.59 -2.63
N LEU C 153 -58.51 -19.13 -1.58
CA LEU C 153 -58.89 -20.47 -1.12
C LEU C 153 -60.02 -20.39 -0.13
N ILE C 154 -60.71 -21.51 0.06
CA ILE C 154 -61.80 -21.65 1.00
C ILE C 154 -61.43 -22.75 2.01
N PRO C 155 -60.83 -22.38 3.16
CA PRO C 155 -60.32 -23.35 4.13
C PRO C 155 -61.23 -24.52 4.46
N GLU C 156 -62.53 -24.30 4.67
CA GLU C 156 -63.45 -25.41 4.92
C GLU C 156 -63.30 -26.53 3.89
N GLU C 157 -63.55 -26.19 2.64
CA GLU C 157 -63.51 -27.14 1.52
C GLU C 157 -62.10 -27.59 1.18
N ASP C 158 -61.17 -26.65 1.11
CA ASP C 158 -59.84 -26.93 0.57
C ASP C 158 -58.89 -27.66 1.50
N ILE C 159 -58.92 -27.37 2.80
CA ILE C 159 -58.10 -28.13 3.75
C ILE C 159 -58.52 -29.60 3.76
N CYS C 160 -59.80 -29.87 3.53
CA CYS C 160 -60.24 -31.25 3.37
C CYS C 160 -59.64 -31.85 2.09
N PHE C 161 -59.74 -31.11 0.99
CA PHE C 161 -59.20 -31.52 -0.30
C PHE C 161 -57.71 -31.85 -0.24
N ILE C 162 -56.95 -30.99 0.45
CA ILE C 162 -55.52 -31.21 0.63
C ILE C 162 -55.24 -32.49 1.41
N LYS C 163 -55.93 -32.66 2.54
CA LYS C 163 -55.78 -33.86 3.35
C LYS C 163 -56.17 -35.10 2.57
N GLU C 164 -57.23 -35.00 1.79
CA GLU C 164 -57.71 -36.12 0.98
C GLU C 164 -56.72 -36.53 -0.11
N GLN C 165 -56.02 -35.55 -0.68
CA GLN C 165 -54.95 -35.83 -1.63
C GLN C 165 -53.85 -36.68 -1.04
N ILE C 166 -53.59 -36.46 0.24
CA ILE C 166 -52.49 -37.13 0.95
C ILE C 166 -52.82 -38.57 1.38
N VAL C 167 -53.91 -38.75 2.14
CA VAL C 167 -54.25 -40.06 2.76
C VAL C 167 -55.37 -40.83 2.09
N GLY C 168 -56.04 -40.23 1.12
CA GLY C 168 -57.23 -40.83 0.53
C GLY C 168 -58.45 -40.33 1.29
N PRO C 169 -59.58 -41.08 1.18
CA PRO C 169 -60.78 -40.56 1.80
C PRO C 169 -60.74 -40.63 3.33
N LEU C 170 -61.12 -39.53 3.98
CA LEU C 170 -61.06 -39.46 5.43
C LEU C 170 -62.15 -40.31 6.16
N GLU C 171 -63.12 -40.94 5.43
CA GLU C 171 -64.07 -41.88 6.02
C GLU C 171 -64.28 -43.03 5.02
N SER C 177 -69.68 -47.75 -2.88
CA SER C 177 -68.95 -47.31 -4.08
C SER C 177 -69.50 -46.05 -4.87
N LEU C 178 -70.44 -45.29 -4.31
CA LEU C 178 -70.55 -43.86 -4.53
C LEU C 178 -69.30 -43.03 -4.21
N TRP C 179 -69.30 -41.76 -4.58
CA TRP C 179 -68.13 -40.88 -4.58
C TRP C 179 -67.64 -40.59 -3.16
N PRO C 180 -66.48 -41.15 -2.78
CA PRO C 180 -66.01 -41.03 -1.39
C PRO C 180 -65.42 -39.70 -0.95
N TYR C 181 -65.21 -38.74 -1.84
CA TYR C 181 -64.50 -37.50 -1.46
C TYR C 181 -65.46 -36.35 -1.19
N LYS C 182 -65.19 -35.62 -0.11
CA LYS C 182 -65.93 -34.42 0.27
C LYS C 182 -65.26 -33.14 -0.24
N GLY C 183 -63.98 -33.20 -0.59
CA GLY C 183 -63.20 -32.00 -0.93
C GLY C 183 -63.42 -31.45 -2.33
N ARG C 184 -63.70 -32.33 -3.28
CA ARG C 184 -64.00 -31.95 -4.65
C ARG C 184 -65.00 -32.93 -5.28
N PRO C 185 -65.80 -32.45 -6.25
CA PRO C 185 -66.75 -33.30 -6.96
C PRO C 185 -66.12 -34.31 -7.91
N GLU C 186 -66.96 -35.21 -8.43
CA GLU C 186 -66.53 -36.27 -9.38
C GLU C 186 -65.90 -35.76 -10.68
N ASN C 187 -66.34 -34.58 -11.12
CA ASN C 187 -65.83 -33.95 -12.35
C ASN C 187 -64.42 -33.39 -12.20
N LYS C 188 -63.86 -33.49 -10.99
CA LYS C 188 -62.46 -33.17 -10.75
C LYS C 188 -61.74 -34.31 -10.03
N SER C 189 -62.13 -35.55 -10.28
CA SER C 189 -61.46 -36.70 -9.65
C SER C 189 -59.99 -36.82 -10.07
N PHE C 190 -59.67 -36.35 -11.27
CA PHE C 190 -58.31 -36.38 -11.77
C PHE C 190 -57.31 -35.69 -10.86
N LEU C 191 -57.75 -34.66 -10.15
CA LEU C 191 -56.88 -33.98 -9.19
C LEU C 191 -56.37 -34.89 -8.06
N TYR C 192 -57.15 -35.90 -7.69
CA TYR C 192 -56.70 -36.85 -6.67
C TYR C 192 -55.64 -37.85 -7.13
N GLU C 193 -55.44 -37.95 -8.45
CA GLU C 193 -54.44 -38.83 -9.03
C GLU C 193 -53.05 -38.19 -9.23
N ILE C 194 -52.82 -36.96 -8.76
CA ILE C 194 -51.55 -36.28 -8.99
C ILE C 194 -50.49 -36.58 -7.92
N VAL C 195 -50.81 -36.30 -6.67
CA VAL C 195 -49.84 -36.37 -5.58
C VAL C 195 -49.67 -37.81 -5.05
N SER C 196 -50.77 -38.52 -4.88
CA SER C 196 -50.77 -39.88 -4.38
C SER C 196 -51.93 -40.65 -5.00
N ASN C 197 -51.60 -41.43 -6.03
CA ASN C 197 -52.58 -42.07 -6.88
C ASN C 197 -52.99 -43.40 -6.27
N LYS C 198 -54.20 -43.45 -5.73
CA LYS C 198 -54.74 -44.66 -5.10
C LYS C 198 -55.17 -45.70 -6.12
N ARG C 199 -55.46 -45.29 -7.34
CA ARG C 199 -55.99 -46.18 -8.38
C ARG C 199 -54.92 -47.16 -8.85
N ASN C 200 -53.78 -46.61 -9.25
CA ASN C 200 -52.67 -47.38 -9.84
C ASN C 200 -51.27 -47.09 -9.31
N GLY C 201 -51.09 -45.99 -8.59
CA GLY C 201 -49.78 -45.66 -8.00
C GLY C 201 -48.90 -44.74 -8.84
N ILE C 202 -49.32 -44.38 -10.05
CA ILE C 202 -48.55 -43.47 -10.90
C ILE C 202 -48.80 -42.03 -10.42
N ASP C 203 -47.85 -41.51 -9.64
CA ASP C 203 -47.96 -40.17 -9.03
C ASP C 203 -46.62 -39.41 -9.04
N VAL C 204 -46.66 -38.14 -8.71
CA VAL C 204 -45.45 -37.32 -8.76
C VAL C 204 -44.51 -37.54 -7.55
N ASP C 205 -45.00 -38.13 -6.45
CA ASP C 205 -44.13 -38.54 -5.34
C ASP C 205 -43.05 -39.44 -5.95
N LYS C 206 -43.49 -40.45 -6.71
CA LYS C 206 -42.58 -41.39 -7.36
C LYS C 206 -41.60 -40.68 -8.26
N TRP C 207 -42.12 -39.75 -9.07
CA TRP C 207 -41.32 -39.16 -10.11
C TRP C 207 -40.17 -38.38 -9.53
N ASP C 208 -40.44 -37.67 -8.44
CA ASP C 208 -39.41 -36.90 -7.78
C ASP C 208 -38.36 -37.83 -7.18
N TYR C 209 -38.78 -38.79 -6.36
CA TYR C 209 -37.78 -39.60 -5.63
C TYR C 209 -36.96 -40.50 -6.55
N PHE C 210 -37.51 -40.92 -7.69
CA PHE C 210 -36.68 -41.64 -8.67
C PHE C 210 -35.51 -40.75 -9.06
N ALA C 211 -35.84 -39.57 -9.56
CA ALA C 211 -34.85 -38.62 -10.03
C ALA C 211 -33.89 -38.22 -8.92
N ARG C 212 -34.43 -37.94 -7.74
CA ARG C 212 -33.65 -37.42 -6.64
C ARG C 212 -32.78 -38.48 -6.02
N ASP C 213 -33.35 -39.64 -5.74
CA ASP C 213 -32.60 -40.71 -5.06
C ASP C 213 -31.48 -41.15 -5.98
N CYS C 214 -31.78 -41.33 -7.27
CA CYS C 214 -30.73 -41.66 -8.25
C CYS C 214 -29.57 -40.67 -8.26
N HIS C 215 -29.89 -39.39 -8.23
CA HIS C 215 -28.88 -38.34 -8.29
C HIS C 215 -27.90 -38.47 -7.14
N HIS C 216 -28.44 -38.72 -5.94
CA HIS C 216 -27.64 -38.80 -4.73
C HIS C 216 -27.04 -40.22 -4.52
N LEU C 217 -27.76 -41.28 -4.94
CA LEU C 217 -27.28 -42.64 -4.74
C LEU C 217 -26.04 -42.93 -5.56
N GLY C 218 -26.07 -42.44 -6.80
CA GLY C 218 -25.10 -42.81 -7.81
C GLY C 218 -25.58 -43.96 -8.65
N ILE C 219 -26.87 -43.96 -8.95
CA ILE C 219 -27.48 -44.88 -9.89
C ILE C 219 -28.17 -44.00 -10.92
N GLN C 220 -28.22 -44.42 -12.18
CA GLN C 220 -28.95 -43.66 -13.19
C GLN C 220 -30.44 -44.15 -13.25
N ASN C 221 -31.30 -43.18 -13.51
CA ASN C 221 -32.75 -43.34 -13.50
C ASN C 221 -33.18 -43.54 -14.94
N ASN C 222 -33.99 -44.58 -15.16
CA ASN C 222 -34.43 -44.91 -16.51
C ASN C 222 -35.85 -44.45 -16.86
N PHE C 223 -36.43 -43.50 -16.10
CA PHE C 223 -37.85 -43.07 -16.29
C PHE C 223 -37.97 -41.60 -16.58
N ASP C 224 -38.70 -41.25 -17.64
CA ASP C 224 -38.81 -39.87 -18.11
C ASP C 224 -40.18 -39.32 -17.74
N TYR C 225 -40.25 -38.60 -16.62
CA TYR C 225 -41.54 -38.06 -16.15
C TYR C 225 -42.06 -36.95 -17.06
N LYS C 226 -41.14 -36.15 -17.58
CA LYS C 226 -41.51 -35.06 -18.47
C LYS C 226 -42.27 -35.53 -19.69
N ARG C 227 -41.82 -36.65 -20.24
CA ARG C 227 -42.45 -37.27 -21.38
C ARG C 227 -43.85 -37.74 -21.02
N PHE C 228 -44.01 -38.36 -19.87
CA PHE C 228 -45.31 -38.85 -19.46
C PHE C 228 -46.34 -37.72 -19.36
N ILE C 229 -45.89 -36.57 -18.86
CA ILE C 229 -46.73 -35.37 -18.78
C ILE C 229 -47.14 -34.89 -20.17
N LYS C 230 -46.23 -34.89 -21.13
CA LYS C 230 -46.60 -34.48 -22.48
C LYS C 230 -47.70 -35.35 -23.10
N PHE C 231 -47.78 -36.62 -22.71
CA PHE C 231 -48.79 -37.51 -23.27
C PHE C 231 -49.84 -37.91 -22.24
N ALA C 232 -50.11 -37.02 -21.30
CA ALA C 232 -51.13 -37.27 -20.29
C ALA C 232 -52.33 -36.47 -20.70
N ARG C 233 -53.50 -36.92 -20.28
CA ARG C 233 -54.76 -36.34 -20.73
C ARG C 233 -55.90 -36.87 -19.86
N VAL C 234 -56.92 -36.05 -19.63
CA VAL C 234 -58.09 -36.44 -18.85
C VAL C 234 -59.19 -36.90 -19.78
N CYS C 235 -59.76 -38.08 -19.50
CA CYS C 235 -60.89 -38.65 -20.26
C CYS C 235 -61.93 -39.16 -19.31
N GLU C 236 -63.13 -39.41 -19.83
CA GLU C 236 -64.19 -39.99 -19.01
C GLU C 236 -63.98 -41.49 -18.92
N VAL C 237 -64.03 -42.03 -17.70
CA VAL C 237 -63.96 -43.47 -17.45
C VAL C 237 -64.96 -43.80 -16.34
N ASP C 238 -65.98 -44.60 -16.66
CA ASP C 238 -66.99 -45.01 -15.66
C ASP C 238 -67.55 -43.80 -14.92
N ASN C 239 -68.13 -42.86 -15.68
CA ASN C 239 -68.85 -41.69 -15.14
C ASN C 239 -68.01 -40.76 -14.27
N GLU C 240 -66.71 -40.71 -14.55
CA GLU C 240 -65.71 -40.05 -13.71
C GLU C 240 -64.54 -39.59 -14.59
N LEU C 241 -64.04 -38.39 -14.38
CA LEU C 241 -62.93 -37.84 -15.20
C LEU C 241 -61.54 -38.19 -14.64
N ARG C 242 -60.81 -39.09 -15.30
CA ARG C 242 -59.49 -39.55 -14.82
C ARG C 242 -58.36 -39.23 -15.78
N ILE C 243 -57.14 -39.29 -15.27
CA ILE C 243 -55.94 -39.10 -16.09
C ILE C 243 -55.70 -40.39 -16.86
N CYS C 244 -55.37 -40.21 -18.13
CA CYS C 244 -55.06 -41.31 -19.04
C CYS C 244 -53.75 -41.04 -19.74
N ALA C 245 -53.01 -42.10 -20.04
CA ALA C 245 -51.77 -42.03 -20.78
C ALA C 245 -52.01 -42.43 -22.21
N ARG C 246 -51.10 -42.07 -23.11
CA ARG C 246 -51.27 -42.48 -24.47
C ARG C 246 -50.93 -43.96 -24.65
N ASP C 247 -51.61 -44.62 -25.58
CA ASP C 247 -51.40 -46.05 -25.90
C ASP C 247 -49.93 -46.47 -25.98
N LYS C 248 -49.12 -45.66 -26.66
CA LYS C 248 -47.70 -45.97 -26.84
C LYS C 248 -46.88 -45.96 -25.54
N GLU C 249 -47.30 -45.18 -24.54
CA GLU C 249 -46.58 -45.17 -23.27
C GLU C 249 -46.71 -46.42 -22.41
N VAL C 250 -47.56 -47.37 -22.77
CA VAL C 250 -47.78 -48.55 -21.92
C VAL C 250 -46.47 -49.24 -21.55
N GLY C 251 -45.56 -49.32 -22.51
CA GLY C 251 -44.26 -49.91 -22.25
C GLY C 251 -43.47 -49.16 -21.19
N ASN C 252 -43.41 -47.84 -21.35
CA ASN C 252 -42.70 -47.00 -20.38
C ASN C 252 -43.29 -47.04 -18.98
N LEU C 253 -44.59 -47.30 -18.90
CA LEU C 253 -45.24 -47.46 -17.61
C LEU C 253 -44.88 -48.77 -16.92
N TYR C 254 -44.80 -49.87 -17.67
CA TYR C 254 -44.30 -51.11 -17.06
C TYR C 254 -42.86 -50.89 -16.58
N ASP C 255 -42.08 -50.14 -17.36
CA ASP C 255 -40.68 -49.85 -17.01
C ASP C 255 -40.57 -48.92 -15.81
N MET C 256 -41.58 -48.09 -15.58
CA MET C 256 -41.62 -47.26 -14.36
C MET C 256 -41.63 -48.13 -13.12
N PHE C 257 -42.48 -49.15 -13.11
CA PHE C 257 -42.57 -50.01 -11.94
C PHE C 257 -41.38 -50.95 -11.84
N HIS C 258 -40.77 -51.28 -12.98
CA HIS C 258 -39.51 -52.03 -13.01
C HIS C 258 -38.40 -51.20 -12.34
N THR C 259 -38.27 -49.95 -12.77
CA THR C 259 -37.33 -49.01 -12.18
C THR C 259 -37.50 -48.93 -10.67
N ARG C 260 -38.75 -48.85 -10.22
CA ARG C 260 -39.06 -48.80 -8.79
C ARG C 260 -38.53 -50.04 -8.07
N ASN C 261 -38.89 -51.19 -8.60
CA ASN C 261 -38.50 -52.48 -8.02
C ASN C 261 -36.98 -52.60 -8.03
N SER C 262 -36.37 -52.12 -9.09
CA SER C 262 -34.93 -52.15 -9.23
C SER C 262 -34.23 -51.26 -8.18
N LEU C 263 -34.76 -50.06 -7.93
CA LEU C 263 -34.24 -49.21 -6.86
C LEU C 263 -34.39 -49.80 -5.47
N HIS C 264 -35.48 -50.54 -5.26
CA HIS C 264 -35.66 -51.26 -4.01
C HIS C 264 -34.64 -52.36 -3.85
N ARG C 265 -34.39 -53.11 -4.92
CA ARG C 265 -33.45 -54.21 -4.85
C ARG C 265 -32.05 -53.72 -4.61
N ARG C 266 -31.62 -52.72 -5.37
CA ARG C 266 -30.27 -52.22 -5.24
C ARG C 266 -30.00 -51.40 -4.00
N ALA C 267 -30.92 -50.49 -3.67
CA ALA C 267 -30.65 -49.48 -2.65
C ALA C 267 -31.55 -49.60 -1.43
N TYR C 268 -32.85 -49.43 -1.60
CA TYR C 268 -33.72 -49.23 -0.44
C TYR C 268 -33.77 -50.46 0.46
N GLN C 269 -33.82 -51.64 -0.15
CA GLN C 269 -33.77 -52.92 0.58
C GLN C 269 -32.40 -53.57 0.56
N HIS C 270 -31.35 -52.76 0.47
CA HIS C 270 -29.99 -53.27 0.55
C HIS C 270 -29.78 -53.98 1.86
N LYS C 271 -29.18 -55.17 1.79
CA LYS C 271 -29.04 -56.07 2.94
C LYS C 271 -28.45 -55.38 4.19
N VAL C 272 -27.48 -54.50 3.99
CA VAL C 272 -26.82 -53.80 5.08
C VAL C 272 -27.58 -52.54 5.48
N GLY C 273 -28.20 -51.89 4.50
CA GLY C 273 -29.06 -50.75 4.79
C GLY C 273 -30.18 -51.15 5.73
N ASN C 274 -30.77 -52.30 5.44
CA ASN C 274 -31.82 -52.87 6.28
C ASN C 274 -31.35 -53.29 7.66
N ILE C 275 -30.15 -53.86 7.74
CA ILE C 275 -29.65 -54.27 9.06
C ILE C 275 -29.30 -53.06 9.91
N ILE C 276 -28.84 -51.98 9.29
CA ILE C 276 -28.60 -50.75 10.01
C ILE C 276 -29.92 -50.14 10.48
N ASP C 277 -30.94 -50.20 9.63
CA ASP C 277 -32.27 -49.78 10.03
C ASP C 277 -32.74 -50.61 11.23
N THR C 278 -32.63 -51.94 11.19
CA THR C 278 -33.08 -52.78 12.33
C THR C 278 -32.27 -52.45 13.59
N MET C 279 -30.97 -52.20 13.45
CA MET C 279 -30.15 -51.83 14.60
C MET C 279 -30.51 -50.48 15.20
N ILE C 280 -30.82 -49.51 14.36
CA ILE C 280 -31.26 -48.20 14.86
C ILE C 280 -32.63 -48.33 15.51
N THR C 281 -33.54 -49.07 14.88
CA THR C 281 -34.86 -49.36 15.45
C THR C 281 -34.72 -50.02 16.82
N ASP C 282 -33.81 -50.99 16.91
CA ASP C 282 -33.55 -51.72 18.15
C ASP C 282 -33.09 -50.76 19.25
N ALA C 283 -32.15 -49.88 18.92
CA ALA C 283 -31.69 -48.87 19.85
C ALA C 283 -32.78 -47.90 20.28
N PHE C 284 -33.71 -47.59 19.38
CA PHE C 284 -34.85 -46.74 19.71
C PHE C 284 -35.77 -47.43 20.69
N LEU C 285 -36.06 -48.71 20.43
CA LEU C 285 -36.88 -49.50 21.35
C LEU C 285 -36.28 -49.51 22.76
N LYS C 286 -34.97 -49.68 22.86
CA LYS C 286 -34.28 -49.70 24.15
C LYS C 286 -34.20 -48.35 24.81
N ALA C 287 -34.18 -47.29 24.02
CA ALA C 287 -34.17 -45.92 24.55
C ALA C 287 -35.56 -45.35 24.82
N ASP C 288 -36.59 -46.04 24.38
CA ASP C 288 -37.95 -45.46 24.33
C ASP C 288 -38.41 -44.96 25.67
N ASP C 289 -38.31 -45.86 26.65
CA ASP C 289 -38.79 -45.64 28.01
C ASP C 289 -38.16 -44.44 28.70
N TYR C 290 -36.90 -44.13 28.40
CA TYR C 290 -36.17 -43.10 29.15
C TYR C 290 -36.01 -41.77 28.42
N ILE C 291 -36.58 -41.62 27.21
CA ILE C 291 -36.54 -40.34 26.51
C ILE C 291 -37.90 -39.69 26.54
N GLU C 292 -37.91 -38.45 27.04
CA GLU C 292 -39.08 -37.63 27.17
C GLU C 292 -39.06 -36.52 26.14
N ILE C 293 -40.20 -36.24 25.52
CA ILE C 293 -40.34 -35.15 24.57
C ILE C 293 -41.53 -34.29 24.99
N THR C 294 -41.30 -33.00 25.23
CA THR C 294 -42.33 -32.07 25.68
C THR C 294 -43.31 -31.82 24.57
N GLY C 295 -44.59 -32.03 24.86
CA GLY C 295 -45.67 -31.85 23.89
C GLY C 295 -46.55 -30.64 24.22
N ALA C 296 -47.81 -30.74 23.86
CA ALA C 296 -48.78 -29.68 24.03
C ALA C 296 -49.24 -29.65 25.48
N GLY C 297 -49.28 -28.43 26.03
CA GLY C 297 -49.59 -28.23 27.44
C GLY C 297 -48.56 -28.79 28.38
N GLY C 298 -47.31 -28.94 27.91
CA GLY C 298 -46.25 -29.55 28.71
C GLY C 298 -46.28 -31.06 28.93
N LYS C 299 -47.30 -31.78 28.41
CA LYS C 299 -47.41 -33.23 28.64
C LYS C 299 -46.15 -33.96 28.13
N LYS C 300 -45.75 -35.04 28.81
CA LYS C 300 -44.53 -35.76 28.39
C LYS C 300 -44.89 -36.92 27.47
N TYR C 301 -44.21 -36.97 26.32
CA TYR C 301 -44.39 -38.07 25.36
C TYR C 301 -43.07 -38.81 25.14
N ARG C 302 -43.19 -40.10 24.82
CA ARG C 302 -42.07 -40.95 24.47
C ARG C 302 -41.89 -40.92 22.97
N ILE C 303 -40.82 -41.54 22.48
CA ILE C 303 -40.55 -41.61 21.05
C ILE C 303 -41.74 -42.28 20.35
N SER C 304 -42.15 -43.42 20.87
CA SER C 304 -43.28 -44.16 20.29
C SER C 304 -44.63 -43.47 20.37
N THR C 305 -44.81 -42.58 21.36
CA THR C 305 -46.09 -41.88 21.58
C THR C 305 -46.15 -40.45 21.05
N ALA C 306 -45.04 -39.94 20.55
CA ALA C 306 -45.01 -38.57 20.00
C ALA C 306 -45.90 -38.43 18.79
N ILE C 307 -46.14 -39.52 18.08
CA ILE C 307 -47.09 -39.54 16.96
C ILE C 307 -48.51 -39.14 17.35
N ASP C 308 -48.86 -39.26 18.63
CA ASP C 308 -50.17 -38.86 19.10
C ASP C 308 -50.34 -37.36 19.24
N ASP C 309 -49.26 -36.64 19.51
CA ASP C 309 -49.32 -35.17 19.63
C ASP C 309 -48.28 -34.43 18.77
N MET C 310 -48.74 -33.65 17.84
CA MET C 310 -47.91 -33.02 16.81
C MET C 310 -46.95 -31.96 17.33
N GLU C 311 -47.24 -31.36 18.47
CA GLU C 311 -46.30 -30.39 19.02
C GLU C 311 -45.04 -31.10 19.50
N ALA C 312 -45.22 -32.34 19.99
CA ALA C 312 -44.10 -33.17 20.39
C ALA C 312 -43.35 -33.69 19.16
N TYR C 313 -44.12 -34.25 18.23
CA TYR C 313 -43.59 -34.83 17.00
C TYR C 313 -42.77 -33.87 16.13
N THR C 314 -43.09 -32.57 16.22
CA THR C 314 -42.32 -31.52 15.57
C THR C 314 -40.83 -31.53 16.00
N LYS C 315 -40.59 -31.92 17.25
CA LYS C 315 -39.23 -31.97 17.77
C LYS C 315 -38.57 -33.35 17.64
N LEU C 316 -39.25 -34.33 17.05
CA LEU C 316 -38.72 -35.67 16.84
C LEU C 316 -38.16 -35.89 15.43
N THR C 317 -36.83 -35.86 15.33
CA THR C 317 -36.12 -35.95 14.03
C THR C 317 -34.96 -36.95 14.13
N ASP C 318 -34.12 -37.00 13.09
CA ASP C 318 -32.90 -37.82 13.10
C ASP C 318 -31.98 -37.48 14.26
N ASN C 319 -32.06 -36.24 14.76
CA ASN C 319 -31.39 -35.84 16.00
C ASN C 319 -31.35 -36.89 17.09
N ILE C 320 -32.49 -37.58 17.24
CA ILE C 320 -32.68 -38.54 18.31
C ILE C 320 -31.59 -39.62 18.34
N PHE C 321 -31.06 -39.96 17.17
CA PHE C 321 -29.89 -40.84 17.01
C PHE C 321 -28.69 -40.26 17.76
N LEU C 322 -28.33 -39.03 17.44
CA LEU C 322 -27.16 -38.41 18.07
C LEU C 322 -27.37 -38.08 19.54
N GLU C 323 -28.62 -37.87 19.93
CA GLU C 323 -28.98 -37.63 21.33
C GLU C 323 -28.63 -38.87 22.14
N ILE C 324 -29.08 -40.02 21.66
CA ILE C 324 -28.76 -41.31 22.27
C ILE C 324 -27.26 -41.56 22.25
N LEU C 325 -26.61 -41.33 21.11
CA LEU C 325 -25.18 -41.61 20.97
C LEU C 325 -24.32 -40.78 21.92
N TYR C 326 -24.60 -39.48 22.00
CA TYR C 326 -23.82 -38.59 22.85
C TYR C 326 -24.20 -38.63 24.35
N SER C 327 -25.28 -39.31 24.72
CA SER C 327 -25.74 -39.29 26.11
C SER C 327 -24.81 -39.99 27.07
N THR C 328 -24.91 -39.59 28.34
CA THR C 328 -24.21 -40.20 29.46
C THR C 328 -25.15 -40.85 30.50
N ASP C 329 -26.46 -40.70 30.33
CA ASP C 329 -27.43 -41.37 31.21
C ASP C 329 -27.19 -42.89 31.21
N PRO C 330 -26.99 -43.50 32.39
CA PRO C 330 -26.83 -44.96 32.39
C PRO C 330 -28.07 -45.77 32.01
N LYS C 331 -29.25 -45.15 32.05
CA LYS C 331 -30.48 -45.81 31.59
C LYS C 331 -30.44 -46.09 30.08
N LEU C 332 -29.76 -45.22 29.34
CA LEU C 332 -29.61 -45.34 27.88
C LEU C 332 -28.36 -46.12 27.44
N LYS C 333 -27.67 -46.81 28.36
CA LYS C 333 -26.44 -47.52 28.01
C LYS C 333 -26.69 -48.62 27.00
N ASP C 334 -27.77 -49.38 27.14
CA ASP C 334 -28.10 -50.43 26.17
C ASP C 334 -28.29 -49.91 24.75
N ALA C 335 -29.02 -48.81 24.62
CA ALA C 335 -29.27 -48.16 23.33
C ALA C 335 -28.00 -47.57 22.75
N ARG C 336 -27.28 -46.79 23.55
CA ARG C 336 -26.02 -46.18 23.15
C ARG C 336 -24.98 -47.20 22.68
N GLU C 337 -24.98 -48.40 23.24
CA GLU C 337 -24.03 -49.43 22.82
C GLU C 337 -24.32 -49.94 21.42
N ILE C 338 -25.59 -50.05 21.06
CA ILE C 338 -25.96 -50.46 19.70
C ILE C 338 -25.49 -49.43 18.68
N LEU C 339 -25.76 -48.17 18.94
CA LEU C 339 -25.35 -47.09 18.04
C LEU C 339 -23.85 -46.95 17.96
N LYS C 340 -23.13 -47.21 19.06
CA LYS C 340 -21.67 -47.21 19.02
C LYS C 340 -21.16 -48.37 18.15
N GLN C 341 -21.84 -49.51 18.19
CA GLN C 341 -21.49 -50.64 17.32
C GLN C 341 -21.67 -50.34 15.82
N ILE C 342 -22.56 -49.42 15.48
CA ILE C 342 -22.71 -48.98 14.09
C ILE C 342 -21.54 -48.10 13.65
N GLU C 343 -21.10 -47.22 14.55
CA GLU C 343 -19.94 -46.37 14.26
C GLU C 343 -18.71 -47.21 13.91
N TYR C 344 -18.44 -48.19 14.77
CA TYR C 344 -17.29 -49.10 14.64
C TYR C 344 -17.46 -50.13 13.52
N ARG C 345 -18.69 -50.28 13.05
CA ARG C 345 -19.05 -51.16 11.93
C ARG C 345 -19.07 -52.62 12.33
N ASN C 346 -19.44 -52.90 13.59
CA ASN C 346 -19.70 -54.27 14.08
C ASN C 346 -21.18 -54.48 13.94
N LEU C 347 -21.60 -54.69 12.71
CA LEU C 347 -23.00 -54.87 12.40
C LEU C 347 -23.32 -56.34 12.51
N PHE C 348 -24.58 -56.65 12.70
CA PHE C 348 -25.05 -58.02 12.64
C PHE C 348 -24.73 -58.59 11.26
N LYS C 349 -24.23 -59.83 11.21
CA LYS C 349 -23.73 -60.38 9.95
C LYS C 349 -24.82 -60.98 9.09
N TYR C 350 -24.76 -60.68 7.80
CA TYR C 350 -25.71 -61.22 6.83
C TYR C 350 -25.34 -62.66 6.55
N VAL C 351 -26.31 -63.55 6.65
CA VAL C 351 -26.08 -64.97 6.41
C VAL C 351 -26.46 -65.33 4.97
N GLY C 352 -27.65 -64.90 4.54
CA GLY C 352 -28.11 -65.16 3.18
C GLY C 352 -29.56 -64.76 2.94
N GLU C 353 -29.99 -64.92 1.69
CA GLU C 353 -31.32 -64.56 1.25
C GLU C 353 -31.98 -65.79 0.66
N THR C 354 -33.29 -65.88 0.78
CA THR C 354 -34.07 -66.95 0.14
C THR C 354 -35.50 -66.51 -0.12
N GLN C 355 -36.18 -67.28 -0.95
CA GLN C 355 -37.56 -67.01 -1.34
C GLN C 355 -38.44 -68.24 -1.12
N PRO C 356 -39.75 -68.05 -0.83
CA PRO C 356 -40.67 -69.17 -0.89
C PRO C 356 -40.87 -69.71 -2.29
N THR C 357 -41.41 -70.93 -2.40
CA THR C 357 -41.74 -71.51 -3.71
C THR C 357 -43.24 -71.83 -3.82
N GLY C 358 -43.65 -72.11 -5.06
CA GLY C 358 -45.04 -72.33 -5.39
C GLY C 358 -45.60 -70.94 -5.25
N GLN C 359 -46.70 -70.84 -4.52
CA GLN C 359 -47.28 -69.58 -4.13
C GLN C 359 -47.56 -69.73 -2.62
N ILE C 360 -46.52 -69.95 -1.83
CA ILE C 360 -46.66 -70.10 -0.36
C ILE C 360 -46.31 -68.75 0.32
N LYS C 361 -47.29 -67.93 0.67
CA LYS C 361 -47.02 -66.59 1.20
C LYS C 361 -46.78 -66.68 2.70
N ILE C 362 -45.79 -65.98 3.21
CA ILE C 362 -45.54 -65.90 4.66
C ILE C 362 -46.34 -64.76 5.26
N LYS C 363 -47.32 -65.07 6.12
CA LYS C 363 -48.21 -64.07 6.74
C LYS C 363 -47.43 -63.22 7.76
N ARG C 364 -47.82 -61.96 7.93
CA ARG C 364 -47.13 -61.01 8.84
C ARG C 364 -47.12 -61.47 10.32
N GLU C 365 -48.26 -62.00 10.75
CA GLU C 365 -48.41 -62.72 12.03
C GLU C 365 -47.25 -63.69 12.38
N ASP C 366 -46.71 -64.39 11.39
CA ASP C 366 -45.65 -65.40 11.59
C ASP C 366 -44.20 -64.86 11.67
N TYR C 367 -43.98 -63.59 11.37
CA TYR C 367 -42.62 -62.99 11.34
C TYR C 367 -41.89 -63.19 12.67
N GLU C 368 -42.58 -62.95 13.79
CA GLU C 368 -42.00 -63.10 15.15
C GLU C 368 -41.42 -64.51 15.35
N SER C 369 -42.07 -65.53 14.79
CA SER C 369 -41.71 -66.93 15.01
C SER C 369 -40.54 -67.50 14.20
N LEU C 370 -40.09 -66.78 13.17
CA LEU C 370 -39.13 -67.34 12.22
C LEU C 370 -37.70 -67.55 12.76
N PRO C 371 -37.21 -66.65 13.64
CA PRO C 371 -35.93 -66.94 14.29
C PRO C 371 -35.90 -68.27 15.06
N LYS C 372 -36.99 -68.58 15.75
CA LYS C 372 -37.19 -69.88 16.43
C LYS C 372 -37.01 -71.02 15.45
N GLU C 373 -37.64 -70.92 14.27
CA GLU C 373 -37.57 -71.99 13.27
C GLU C 373 -36.16 -72.25 12.73
N VAL C 374 -35.35 -71.21 12.59
CA VAL C 374 -33.99 -71.33 12.06
C VAL C 374 -33.08 -72.06 13.06
N ALA C 375 -33.14 -71.65 14.32
CA ALA C 375 -32.42 -72.32 15.41
C ALA C 375 -32.89 -73.77 15.61
N SER C 376 -34.18 -74.01 15.39
CA SER C 376 -34.77 -75.34 15.49
C SER C 376 -34.36 -76.33 14.39
N ALA C 377 -33.78 -75.85 13.30
CA ALA C 377 -33.30 -76.75 12.25
C ALA C 377 -32.15 -77.60 12.77
N LYS C 378 -32.11 -78.85 12.31
CA LYS C 378 -31.13 -79.82 12.78
C LYS C 378 -30.27 -80.19 11.58
N PRO C 379 -29.22 -79.40 11.29
CA PRO C 379 -28.37 -79.68 10.11
C PRO C 379 -27.45 -80.87 10.34
N LYS C 380 -27.38 -81.81 9.41
CA LYS C 380 -26.52 -82.96 9.46
C LYS C 380 -25.04 -82.59 9.25
N VAL C 381 -24.52 -81.75 10.14
CA VAL C 381 -23.14 -81.24 10.10
C VAL C 381 -22.64 -80.97 11.51
N LEU C 382 -21.39 -81.34 11.81
CA LEU C 382 -20.78 -81.10 13.12
C LEU C 382 -20.53 -79.62 13.36
N LEU C 383 -21.21 -79.04 14.35
CA LEU C 383 -21.08 -77.63 14.67
C LEU C 383 -20.21 -77.39 15.86
N ASP C 384 -19.42 -76.33 15.82
CA ASP C 384 -18.58 -75.88 16.96
C ASP C 384 -19.45 -75.25 18.04
N VAL C 385 -20.48 -74.52 17.62
CA VAL C 385 -21.36 -73.73 18.50
C VAL C 385 -22.83 -74.04 18.25
N LYS C 386 -23.65 -74.15 19.29
CA LYS C 386 -25.12 -74.19 19.16
C LYS C 386 -25.62 -72.75 19.32
N LEU C 387 -26.60 -72.35 18.50
CA LEU C 387 -27.15 -70.98 18.51
C LEU C 387 -28.63 -70.98 18.89
N LYS C 388 -29.00 -70.09 19.81
CA LYS C 388 -30.40 -69.92 20.25
C LYS C 388 -31.14 -68.99 19.28
N ALA C 389 -32.47 -68.95 19.39
CA ALA C 389 -33.31 -68.17 18.46
C ALA C 389 -33.12 -66.65 18.56
N GLU C 390 -32.83 -66.14 19.74
CA GLU C 390 -32.50 -64.73 19.95
C GLU C 390 -31.24 -64.24 19.19
N ASP C 391 -30.39 -65.18 18.78
CA ASP C 391 -29.19 -64.88 18.00
C ASP C 391 -29.49 -64.54 16.52
N PHE C 392 -30.62 -65.03 16.01
CA PHE C 392 -31.04 -64.78 14.63
C PHE C 392 -32.00 -63.60 14.46
N ILE C 393 -31.87 -62.90 13.33
CA ILE C 393 -32.86 -61.94 12.84
C ILE C 393 -33.32 -62.43 11.47
N VAL C 394 -34.61 -62.43 11.26
CA VAL C 394 -35.16 -62.79 9.95
C VAL C 394 -36.04 -61.66 9.49
N ASP C 395 -35.64 -61.04 8.39
CA ASP C 395 -36.26 -59.85 7.83
C ASP C 395 -37.02 -60.33 6.60
N VAL C 396 -38.33 -60.13 6.58
CA VAL C 396 -39.13 -60.54 5.43
C VAL C 396 -39.54 -59.28 4.71
N ILE C 397 -39.40 -59.30 3.38
CA ILE C 397 -39.56 -58.12 2.55
C ILE C 397 -40.49 -58.45 1.40
N ASN C 398 -41.58 -57.66 1.28
CA ASN C 398 -42.51 -57.83 0.17
C ASN C 398 -42.19 -56.90 -0.96
N MET C 399 -41.72 -57.46 -2.07
CA MET C 399 -41.44 -56.70 -3.28
C MET C 399 -42.67 -56.86 -4.17
N ASP C 400 -43.26 -55.74 -4.57
CA ASP C 400 -44.42 -55.75 -5.46
C ASP C 400 -44.37 -54.58 -6.42
N TYR C 401 -45.40 -54.48 -7.26
CA TYR C 401 -45.58 -53.33 -8.15
C TYR C 401 -46.58 -52.35 -7.54
N GLY C 402 -46.57 -52.23 -6.21
CA GLY C 402 -47.37 -51.23 -5.51
C GLY C 402 -48.79 -51.60 -5.17
N MET C 403 -49.29 -52.73 -5.67
CA MET C 403 -50.70 -53.11 -5.45
C MET C 403 -50.74 -54.59 -5.13
N GLN C 404 -50.01 -54.94 -4.07
CA GLN C 404 -49.87 -56.31 -3.66
C GLN C 404 -49.70 -57.22 -4.91
N GLU C 405 -50.59 -58.17 -5.13
CA GLU C 405 -50.43 -59.16 -6.18
C GLU C 405 -50.92 -58.70 -7.55
N LYS C 406 -51.50 -57.50 -7.64
CA LYS C 406 -52.08 -56.98 -8.88
C LYS C 406 -51.10 -56.24 -9.77
N ASN C 407 -51.41 -56.28 -11.07
CA ASN C 407 -50.69 -55.55 -12.11
C ASN C 407 -51.28 -54.17 -12.16
N PRO C 408 -50.54 -53.13 -11.76
CA PRO C 408 -51.12 -51.79 -11.76
C PRO C 408 -51.46 -51.25 -13.14
N ILE C 409 -50.86 -51.78 -14.19
CA ILE C 409 -51.16 -51.33 -15.56
C ILE C 409 -52.57 -51.76 -15.97
N ASP C 410 -53.10 -52.83 -15.38
CA ASP C 410 -54.50 -53.19 -15.55
C ASP C 410 -55.45 -52.16 -14.94
N HIS C 411 -54.95 -51.30 -14.06
CA HIS C 411 -55.70 -50.16 -13.53
C HIS C 411 -55.27 -48.78 -14.09
N VAL C 412 -54.79 -48.74 -15.33
CA VAL C 412 -54.47 -47.49 -16.05
C VAL C 412 -55.36 -47.44 -17.28
N SER C 413 -55.87 -46.25 -17.56
CA SER C 413 -56.66 -45.98 -18.74
C SER C 413 -55.76 -45.34 -19.80
N PHE C 414 -55.94 -45.73 -21.06
CA PHE C 414 -55.13 -45.24 -22.17
C PHE C 414 -55.98 -44.53 -23.22
N TYR C 415 -55.36 -43.80 -24.14
CA TYR C 415 -56.07 -43.18 -25.27
C TYR C 415 -55.27 -43.29 -26.56
N CYS C 416 -55.95 -43.17 -27.71
CA CYS C 416 -55.26 -43.26 -29.02
C CYS C 416 -55.23 -41.95 -29.73
N LYS C 417 -54.28 -41.79 -30.62
CA LYS C 417 -54.12 -40.55 -31.40
C LYS C 417 -55.40 -40.28 -32.18
N THR C 418 -55.94 -41.34 -32.74
CA THR C 418 -57.15 -41.30 -33.58
C THR C 418 -58.45 -40.95 -32.86
N ALA C 419 -58.51 -41.13 -31.54
CA ALA C 419 -59.72 -40.85 -30.72
C ALA C 419 -59.31 -40.49 -29.30
N PRO C 420 -58.85 -39.25 -29.12
CA PRO C 420 -58.20 -38.87 -27.87
C PRO C 420 -59.10 -38.69 -26.66
N ASN C 421 -60.42 -38.71 -26.84
CA ASN C 421 -61.35 -38.66 -25.70
C ASN C 421 -61.89 -40.00 -25.28
N ARG C 422 -61.60 -41.02 -26.08
CA ARG C 422 -62.07 -42.37 -25.83
C ARG C 422 -61.01 -43.17 -25.11
N ALA C 423 -61.28 -43.42 -23.83
CA ALA C 423 -60.41 -44.20 -22.97
C ALA C 423 -60.51 -45.67 -23.25
N ILE C 424 -59.41 -46.39 -23.09
CA ILE C 424 -59.35 -47.84 -23.33
C ILE C 424 -58.47 -48.52 -22.29
N ARG C 425 -58.47 -49.85 -22.31
CA ARG C 425 -57.61 -50.66 -21.47
C ARG C 425 -56.64 -51.41 -22.33
N ILE C 426 -55.46 -51.70 -21.78
CA ILE C 426 -54.44 -52.48 -22.49
C ILE C 426 -54.02 -53.58 -21.51
N THR C 427 -54.21 -54.83 -21.90
CA THR C 427 -53.86 -55.96 -21.05
C THR C 427 -52.39 -56.26 -21.15
N LYS C 428 -51.90 -57.20 -20.36
CA LYS C 428 -50.49 -57.56 -20.43
C LYS C 428 -50.13 -58.24 -21.74
N ASN C 429 -51.00 -59.16 -22.19
CA ASN C 429 -50.78 -59.91 -23.46
C ASN C 429 -50.68 -59.05 -24.69
N GLN C 430 -51.37 -57.91 -24.67
CA GLN C 430 -51.34 -56.95 -25.77
C GLN C 430 -49.99 -56.23 -25.88
N VAL C 431 -49.15 -56.27 -24.84
CA VAL C 431 -47.88 -55.52 -24.82
C VAL C 431 -46.66 -56.37 -25.14
N SER C 432 -46.40 -57.38 -24.32
CA SER C 432 -45.19 -58.19 -24.45
C SER C 432 -45.24 -59.48 -23.64
N GLN C 433 -44.64 -60.52 -24.22
CA GLN C 433 -44.43 -61.78 -23.54
C GLN C 433 -43.21 -61.75 -22.59
N LEU C 434 -42.37 -60.72 -22.70
CA LEU C 434 -41.19 -60.58 -21.83
C LEU C 434 -41.45 -59.81 -20.52
N LEU C 435 -42.71 -59.52 -20.21
CA LEU C 435 -43.05 -58.84 -18.96
C LEU C 435 -43.12 -59.86 -17.82
N PRO C 436 -43.22 -59.39 -16.58
CA PRO C 436 -43.24 -60.32 -15.46
C PRO C 436 -44.49 -61.18 -15.41
N GLU C 437 -44.34 -62.41 -14.90
CA GLU C 437 -45.44 -63.35 -14.78
C GLU C 437 -46.28 -62.98 -13.55
N LYS C 438 -45.60 -62.79 -12.42
CA LYS C 438 -46.19 -62.32 -11.16
C LYS C 438 -45.84 -60.86 -10.94
N PHE C 439 -46.54 -60.22 -10.02
CA PHE C 439 -46.26 -58.82 -9.63
C PHE C 439 -46.02 -58.62 -8.13
N ALA C 440 -45.75 -59.72 -7.43
CA ALA C 440 -45.33 -59.66 -6.05
C ALA C 440 -44.53 -60.92 -5.70
N GLU C 441 -43.64 -60.76 -4.75
CA GLU C 441 -42.84 -61.85 -4.22
C GLU C 441 -42.31 -61.48 -2.86
N GLN C 442 -41.68 -62.43 -2.20
CA GLN C 442 -41.13 -62.21 -0.87
C GLN C 442 -39.68 -62.55 -0.85
N LEU C 443 -38.90 -61.75 -0.12
CA LEU C 443 -37.50 -62.03 0.12
C LEU C 443 -37.30 -62.19 1.58
N ILE C 444 -36.55 -63.24 1.94
CA ILE C 444 -36.28 -63.55 3.34
C ILE C 444 -34.78 -63.46 3.54
N ARG C 445 -34.35 -62.48 4.32
CA ARG C 445 -32.95 -62.29 4.67
C ARG C 445 -32.77 -62.74 6.09
N VAL C 446 -31.72 -63.53 6.33
CA VAL C 446 -31.39 -63.99 7.67
C VAL C 446 -30.05 -63.39 8.06
N TYR C 447 -29.98 -62.85 9.27
CA TYR C 447 -28.72 -62.32 9.80
C TYR C 447 -28.45 -63.01 11.13
N CYS C 448 -27.22 -62.89 11.62
CA CYS C 448 -26.84 -63.46 12.92
C CYS C 448 -26.23 -62.37 13.78
N LYS C 449 -26.68 -62.28 15.03
CA LYS C 449 -26.17 -61.25 15.96
C LYS C 449 -24.76 -61.53 16.47
N LYS C 450 -24.33 -62.79 16.48
CA LYS C 450 -22.96 -63.13 16.84
C LYS C 450 -22.06 -63.00 15.61
N VAL C 451 -21.01 -62.21 15.77
CA VAL C 451 -20.17 -61.71 14.66
C VAL C 451 -18.99 -62.64 14.31
N ASP C 452 -18.44 -63.34 15.30
CA ASP C 452 -17.22 -64.18 15.19
C ASP C 452 -17.25 -65.28 14.10
N ARG C 453 -16.05 -65.71 13.67
CA ARG C 453 -15.90 -66.66 12.56
C ARG C 453 -16.66 -67.99 12.81
N LYS C 454 -16.62 -68.49 14.06
CA LYS C 454 -17.22 -69.78 14.42
C LYS C 454 -18.76 -69.74 14.38
N SER C 455 -19.35 -68.67 14.91
CA SER C 455 -20.83 -68.52 14.96
C SER C 455 -21.45 -68.28 13.60
N LEU C 456 -20.74 -67.53 12.75
CA LEU C 456 -21.18 -67.28 11.39
C LEU C 456 -21.22 -68.56 10.57
N TYR C 457 -20.22 -69.43 10.71
CA TYR C 457 -20.24 -70.75 10.06
C TYR C 457 -21.48 -71.54 10.48
N ALA C 458 -21.75 -71.55 11.78
CA ALA C 458 -22.88 -72.28 12.34
C ALA C 458 -24.19 -71.74 11.79
N ALA C 459 -24.32 -70.41 11.85
CA ALA C 459 -25.51 -69.72 11.36
C ALA C 459 -25.84 -70.10 9.93
N ARG C 460 -24.82 -70.13 9.07
CA ARG C 460 -24.97 -70.55 7.67
C ARG C 460 -25.53 -71.95 7.52
N GLN C 461 -25.11 -72.87 8.39
CA GLN C 461 -25.58 -74.24 8.34
C GLN C 461 -27.06 -74.31 8.76
N TYR C 462 -27.39 -73.66 9.88
CA TYR C 462 -28.79 -73.56 10.31
C TYR C 462 -29.68 -72.99 9.20
N PHE C 463 -29.22 -71.91 8.57
CA PHE C 463 -29.97 -71.22 7.53
C PHE C 463 -30.21 -72.10 6.29
N VAL C 464 -29.14 -72.66 5.73
CA VAL C 464 -29.28 -73.43 4.48
C VAL C 464 -30.11 -74.69 4.71
N GLN C 465 -30.07 -75.21 5.94
CA GLN C 465 -30.92 -76.33 6.32
C GLN C 465 -32.36 -75.88 6.37
N TRP C 466 -32.62 -74.83 7.15
CA TRP C 466 -33.96 -74.25 7.27
C TRP C 466 -34.62 -73.98 5.92
N CYS C 467 -33.81 -73.58 4.94
CA CYS C 467 -34.26 -73.42 3.55
C CYS C 467 -34.71 -74.75 2.94
N ALA C 468 -33.90 -75.79 3.11
CA ALA C 468 -34.27 -77.13 2.64
C ALA C 468 -35.52 -77.66 3.37
N ASP C 469 -35.56 -77.45 4.68
CA ASP C 469 -36.68 -77.89 5.53
C ASP C 469 -38.01 -77.32 5.08
N ARG C 470 -38.03 -76.06 4.65
CA ARG C 470 -39.29 -75.38 4.28
C ARG C 470 -39.55 -75.30 2.78
N ASN C 471 -38.79 -76.08 2.01
CA ASN C 471 -38.84 -76.10 0.55
C ASN C 471 -38.74 -74.68 -0.08
N PHE C 472 -37.82 -73.88 0.47
CA PHE C 472 -37.46 -72.57 -0.09
C PHE C 472 -36.41 -72.74 -1.18
N THR C 473 -36.11 -71.63 -1.87
CA THR C 473 -35.12 -71.64 -2.95
C THR C 473 -33.74 -71.79 -2.39
N LYS C 474 -32.85 -72.39 -3.18
CA LYS C 474 -31.47 -72.56 -2.79
C LYS C 474 -30.80 -71.21 -2.71
N PRO C 475 -30.17 -70.88 -1.57
CA PRO C 475 -29.40 -69.63 -1.55
C PRO C 475 -28.37 -69.60 -2.68
N GLN C 476 -28.20 -68.44 -3.31
CA GLN C 476 -27.32 -68.28 -4.47
C GLN C 476 -25.91 -68.80 -4.20
N ASP C 477 -25.38 -68.42 -3.03
CA ASP C 477 -24.07 -68.86 -2.55
C ASP C 477 -24.10 -70.18 -1.75
N GLY C 478 -25.17 -70.95 -1.87
CA GLY C 478 -25.46 -72.06 -0.95
C GLY C 478 -24.47 -73.19 -0.98
N ASP C 479 -24.01 -73.53 -2.17
CA ASP C 479 -23.01 -74.60 -2.35
C ASP C 479 -21.67 -74.25 -1.73
N VAL C 480 -21.39 -72.95 -1.61
CA VAL C 480 -20.14 -72.48 -1.01
C VAL C 480 -20.24 -72.43 0.52
N ILE C 481 -21.26 -71.75 1.04
CA ILE C 481 -21.38 -71.53 2.50
C ILE C 481 -21.75 -72.77 3.31
N ALA C 482 -22.44 -73.72 2.68
CA ALA C 482 -22.87 -74.94 3.34
C ALA C 482 -22.81 -76.10 2.35
N PRO C 483 -21.60 -76.52 1.97
CA PRO C 483 -21.42 -77.52 0.92
C PRO C 483 -21.85 -78.92 1.34
N LEU C 484 -21.88 -79.17 2.65
CA LEU C 484 -22.30 -80.45 3.22
C LEU C 484 -23.82 -80.56 3.30
N ILE C 485 -24.56 -79.45 3.23
CA ILE C 485 -26.02 -79.44 3.32
C ILE C 485 -26.77 -79.43 2.00
N THR C 486 -26.23 -78.78 0.98
CA THR C 486 -26.95 -78.65 -0.32
C THR C 486 -27.20 -79.96 -1.10
N PRO C 487 -26.29 -80.97 -1.03
CA PRO C 487 -26.68 -82.22 -1.71
C PRO C 487 -27.85 -82.98 -1.05
N GLN C 488 -28.04 -82.83 0.26
CA GLN C 488 -29.19 -83.42 1.02
C GLN C 488 -30.54 -83.24 0.31
N LYS C 489 -30.80 -82.09 -0.29
CA LYS C 489 -32.08 -81.82 -0.95
C LYS C 489 -32.07 -82.29 -2.42
N LYS C 490 -32.94 -83.26 -2.72
CA LYS C 490 -33.11 -83.83 -4.08
C LYS C 490 -33.50 -82.75 -5.09
N GLU C 491 -34.42 -81.87 -4.67
CA GLU C 491 -34.95 -80.80 -5.53
C GLU C 491 -33.90 -79.78 -6.03
N TRP C 492 -32.78 -79.61 -5.33
CA TRP C 492 -31.71 -78.68 -5.76
C TRP C 492 -30.68 -79.27 -6.73
N ASN C 493 -30.75 -80.55 -7.06
CA ASN C 493 -29.85 -81.17 -8.08
C ASN C 493 -30.58 -81.33 -9.42
N THR D 8 -10.14 -58.93 1.10
CA THR D 8 -10.11 -58.20 -0.22
C THR D 8 -10.36 -56.65 -0.03
N MET D 9 -10.39 -55.90 -1.12
CA MET D 9 -10.73 -54.48 -1.12
C MET D 9 -12.21 -54.31 -0.80
N LYS D 10 -12.55 -53.19 -0.16
CA LYS D 10 -13.93 -52.76 -0.02
C LYS D 10 -14.28 -51.73 -1.07
N VAL D 11 -15.42 -51.92 -1.72
CA VAL D 11 -15.87 -51.00 -2.74
C VAL D 11 -17.02 -50.18 -2.17
N ILE D 12 -17.04 -48.89 -2.49
CA ILE D 12 -18.05 -47.97 -1.99
C ILE D 12 -18.45 -47.00 -3.10
N ASN D 13 -19.75 -46.73 -3.23
CA ASN D 13 -20.27 -45.97 -4.38
C ASN D 13 -20.62 -44.51 -4.04
N ASP D 14 -19.66 -43.66 -4.39
CA ASP D 14 -19.78 -42.22 -4.36
C ASP D 14 -20.41 -41.73 -5.66
N PRO D 15 -21.41 -40.83 -5.61
CA PRO D 15 -22.02 -40.38 -6.84
C PRO D 15 -21.15 -39.48 -7.70
N ILE D 16 -20.09 -38.91 -7.14
CA ILE D 16 -19.18 -38.08 -7.92
C ILE D 16 -18.18 -38.95 -8.63
N HIS D 17 -17.47 -39.79 -7.89
CA HIS D 17 -16.30 -40.50 -8.41
C HIS D 17 -16.54 -41.92 -8.86
N GLY D 18 -17.69 -42.47 -8.53
CA GLY D 18 -18.02 -43.83 -8.96
C GLY D 18 -17.73 -44.81 -7.87
N HIS D 19 -17.33 -46.02 -8.24
CA HIS D 19 -17.00 -47.07 -7.27
C HIS D 19 -15.54 -46.92 -6.84
N ILE D 20 -15.35 -46.39 -5.65
CA ILE D 20 -14.04 -46.23 -5.05
C ILE D 20 -13.62 -47.56 -4.40
N GLU D 21 -12.36 -47.95 -4.55
CA GLU D 21 -11.80 -49.06 -3.78
C GLU D 21 -11.12 -48.52 -2.54
N LEU D 22 -11.36 -49.17 -1.40
CA LEU D 22 -10.79 -48.77 -0.12
C LEU D 22 -9.92 -49.89 0.44
N HIS D 23 -8.62 -49.57 0.58
CA HIS D 23 -7.66 -50.47 1.18
C HIS D 23 -8.04 -50.76 2.66
N PRO D 24 -7.78 -51.99 3.15
CA PRO D 24 -8.22 -52.38 4.49
C PRO D 24 -7.83 -51.45 5.61
N LEU D 25 -6.62 -50.91 5.53
CA LEU D 25 -6.12 -49.88 6.44
C LEU D 25 -6.99 -48.63 6.45
N LEU D 26 -7.42 -48.19 5.27
CA LEU D 26 -8.32 -47.04 5.16
C LEU D 26 -9.67 -47.33 5.77
N VAL D 27 -10.20 -48.52 5.49
CA VAL D 27 -11.49 -48.96 6.06
C VAL D 27 -11.43 -48.91 7.57
N ARG D 28 -10.30 -49.33 8.10
CA ARG D 28 -10.09 -49.39 9.53
C ARG D 28 -10.04 -47.99 10.16
N ILE D 29 -9.46 -47.04 9.44
CA ILE D 29 -9.45 -45.63 9.82
C ILE D 29 -10.84 -45.01 9.69
N ILE D 30 -11.52 -45.31 8.60
CA ILE D 30 -12.87 -44.80 8.35
C ILE D 30 -13.87 -45.20 9.44
N ASN D 31 -13.83 -46.46 9.83
CA ASN D 31 -14.78 -47.00 10.82
C ASN D 31 -14.37 -46.71 12.28
N THR D 32 -14.30 -45.41 12.59
CA THR D 32 -13.95 -44.93 13.90
C THR D 32 -14.85 -43.72 14.22
N PRO D 33 -15.12 -43.46 15.51
CA PRO D 33 -15.92 -42.29 15.88
C PRO D 33 -15.37 -40.97 15.39
N GLN D 34 -14.05 -40.86 15.28
CA GLN D 34 -13.39 -39.60 14.95
C GLN D 34 -13.64 -39.21 13.48
N PHE D 35 -13.72 -40.25 12.63
CA PHE D 35 -13.99 -40.10 11.21
C PHE D 35 -15.47 -40.06 10.93
N GLN D 36 -16.24 -41.00 11.47
CA GLN D 36 -17.70 -41.07 11.21
C GLN D 36 -18.41 -39.80 11.67
N ARG D 37 -17.80 -39.12 12.65
CA ARG D 37 -18.20 -37.77 13.04
C ARG D 37 -18.49 -36.85 11.86
N LEU D 38 -17.70 -36.97 10.80
CA LEU D 38 -17.85 -36.13 9.63
C LEU D 38 -19.17 -36.34 8.89
N ARG D 39 -19.88 -37.43 9.16
CA ARG D 39 -21.24 -37.59 8.64
C ARG D 39 -22.22 -36.54 9.13
N TYR D 40 -21.89 -35.88 10.24
CA TYR D 40 -22.78 -34.95 10.89
C TYR D 40 -22.27 -33.52 10.83
N ILE D 41 -21.47 -33.21 9.83
CA ILE D 41 -21.02 -31.85 9.58
C ILE D 41 -21.23 -31.50 8.10
N LYS D 42 -22.05 -30.49 7.81
CA LYS D 42 -22.35 -30.15 6.43
C LYS D 42 -21.18 -29.44 5.79
N GLN D 43 -20.98 -29.71 4.50
CA GLN D 43 -19.85 -29.19 3.76
C GLN D 43 -19.94 -27.69 3.67
N LEU D 44 -21.14 -27.21 3.30
CA LEU D 44 -21.34 -25.80 3.03
C LEU D 44 -22.08 -25.07 4.14
N GLY D 45 -22.03 -25.62 5.35
CA GLY D 45 -22.67 -25.01 6.52
C GLY D 45 -24.02 -24.43 6.28
N GLY D 46 -24.11 -23.10 6.45
CA GLY D 46 -25.38 -22.37 6.28
C GLY D 46 -25.88 -22.29 4.86
N GLY D 47 -25.03 -22.61 3.88
CA GLY D 47 -25.43 -22.70 2.48
C GLY D 47 -26.61 -23.60 2.22
N TYR D 48 -26.78 -24.66 3.02
CA TYR D 48 -27.98 -25.51 2.91
C TYR D 48 -29.27 -24.70 3.02
N TYR D 49 -29.24 -23.65 3.84
CA TYR D 49 -30.41 -22.78 4.04
C TYR D 49 -30.65 -21.79 2.89
N VAL D 50 -29.79 -21.83 1.86
CA VAL D 50 -30.01 -21.11 0.61
C VAL D 50 -30.10 -22.04 -0.62
N PHE D 51 -29.21 -23.02 -0.69
CA PHE D 51 -29.25 -24.05 -1.73
C PHE D 51 -29.74 -25.34 -1.13
N PRO D 52 -31.04 -25.65 -1.30
CA PRO D 52 -31.58 -26.80 -0.61
C PRO D 52 -30.98 -28.14 -1.09
N GLY D 53 -30.24 -28.13 -2.21
CA GLY D 53 -29.52 -29.34 -2.59
C GLY D 53 -28.32 -29.71 -1.70
N ALA D 54 -27.74 -28.71 -1.03
CA ALA D 54 -26.44 -28.80 -0.35
C ALA D 54 -26.47 -29.44 1.06
N SER D 55 -27.15 -30.60 1.10
CA SER D 55 -27.26 -31.47 2.27
C SER D 55 -25.98 -32.25 2.55
N HIS D 56 -25.09 -32.31 1.55
CA HIS D 56 -23.87 -33.11 1.63
C HIS D 56 -22.95 -32.71 2.77
N ASN D 57 -22.32 -33.74 3.34
CA ASN D 57 -21.48 -33.68 4.53
C ASN D 57 -20.01 -33.95 4.23
N ARG D 58 -19.15 -33.63 5.20
CA ARG D 58 -17.69 -33.77 5.06
C ARG D 58 -17.23 -35.20 4.83
N PHE D 59 -17.90 -36.14 5.50
CA PHE D 59 -17.63 -37.56 5.31
C PHE D 59 -17.33 -37.92 3.85
N GLU D 60 -18.28 -37.61 2.97
CA GLU D 60 -18.17 -38.01 1.58
C GLU D 60 -17.14 -37.20 0.78
N HIS D 61 -16.98 -35.92 1.12
CA HIS D 61 -15.85 -35.12 0.60
C HIS D 61 -14.53 -35.79 0.97
N SER D 62 -14.41 -36.16 2.25
CA SER D 62 -13.23 -36.80 2.78
C SER D 62 -12.91 -38.08 2.00
N LEU D 63 -13.90 -38.94 1.75
CA LEU D 63 -13.65 -40.13 0.92
C LEU D 63 -13.11 -39.79 -0.47
N GLY D 64 -13.71 -38.79 -1.10
CA GLY D 64 -13.33 -38.38 -2.43
C GLY D 64 -11.94 -37.80 -2.54
N VAL D 65 -11.54 -37.03 -1.54
CA VAL D 65 -10.20 -36.45 -1.54
C VAL D 65 -9.18 -37.58 -1.37
N GLY D 66 -9.51 -38.54 -0.51
CA GLY D 66 -8.72 -39.75 -0.37
C GLY D 66 -8.59 -40.48 -1.68
N TYR D 67 -9.71 -40.62 -2.38
CA TYR D 67 -9.72 -41.30 -3.67
C TYR D 67 -8.85 -40.60 -4.73
N LEU D 68 -9.02 -39.30 -4.87
CA LEU D 68 -8.28 -38.54 -5.87
C LEU D 68 -6.81 -38.45 -5.56
N ALA D 69 -6.48 -38.37 -4.28
CA ALA D 69 -5.10 -38.42 -3.87
C ALA D 69 -4.42 -39.70 -4.39
N GLY D 70 -5.12 -40.82 -4.23
CA GLY D 70 -4.67 -42.10 -4.79
C GLY D 70 -4.53 -42.06 -6.30
N CYS D 71 -5.51 -41.48 -6.98
CA CYS D 71 -5.47 -41.42 -8.44
C CYS D 71 -4.25 -40.72 -8.93
N LEU D 72 -3.94 -39.57 -8.34
CA LEU D 72 -2.87 -38.72 -8.85
C LEU D 72 -1.51 -39.34 -8.56
N VAL D 73 -1.30 -39.81 -7.34
CA VAL D 73 -0.03 -40.43 -6.99
C VAL D 73 0.20 -41.73 -7.76
N HIS D 74 -0.85 -42.52 -7.95
CA HIS D 74 -0.77 -43.79 -8.69
C HIS D 74 -0.48 -43.49 -10.18
N ALA D 75 -1.07 -42.43 -10.72
CA ALA D 75 -0.85 -42.04 -12.10
C ALA D 75 0.57 -41.57 -12.35
N LEU D 76 1.10 -40.75 -11.45
CA LEU D 76 2.48 -40.29 -11.57
C LEU D 76 3.41 -41.48 -11.55
N GLY D 77 3.11 -42.47 -10.71
CA GLY D 77 3.89 -43.69 -10.60
C GLY D 77 3.94 -44.52 -11.86
N GLU D 78 2.80 -44.73 -12.50
CA GLU D 78 2.76 -45.53 -13.74
C GLU D 78 3.52 -44.81 -14.83
N LYS D 79 3.25 -43.51 -15.01
CA LYS D 79 3.90 -42.72 -16.08
C LYS D 79 5.43 -42.58 -15.84
N GLN D 80 5.89 -42.52 -14.59
CA GLN D 80 7.32 -42.29 -14.28
C GLN D 80 7.85 -43.23 -13.17
N PRO D 81 8.25 -44.45 -13.55
CA PRO D 81 8.78 -45.40 -12.56
C PRO D 81 10.04 -44.90 -11.88
N GLU D 82 10.84 -44.11 -12.59
CA GLU D 82 12.04 -43.48 -12.04
C GLU D 82 11.86 -42.79 -10.69
N LEU D 83 10.64 -42.35 -10.41
CA LEU D 83 10.34 -41.66 -9.15
C LEU D 83 10.36 -42.57 -7.91
N GLN D 84 10.20 -43.87 -8.15
CA GLN D 84 10.21 -44.89 -7.10
C GLN D 84 9.20 -44.56 -6.02
N ILE D 85 7.96 -44.46 -6.47
CA ILE D 85 6.83 -44.22 -5.61
C ILE D 85 6.46 -45.59 -5.09
N SER D 86 6.52 -45.80 -3.78
CA SER D 86 6.20 -47.09 -3.17
C SER D 86 4.75 -47.23 -2.83
N GLU D 87 4.26 -48.46 -2.65
CA GLU D 87 2.89 -48.69 -2.19
C GLU D 87 2.70 -48.15 -0.78
N ARG D 88 3.80 -47.97 -0.07
CA ARG D 88 3.79 -47.27 1.19
C ARG D 88 3.50 -45.78 1.01
N ASP D 89 4.17 -45.14 0.06
CA ASP D 89 3.91 -43.74 -0.25
C ASP D 89 2.47 -43.51 -0.66
N VAL D 90 1.93 -44.40 -1.48
CA VAL D 90 0.55 -44.30 -1.99
C VAL D 90 -0.45 -44.34 -0.85
N LEU D 91 -0.28 -45.31 0.04
CA LEU D 91 -1.15 -45.43 1.19
C LEU D 91 -1.12 -44.20 2.07
N CYS D 92 0.06 -43.64 2.28
CA CYS D 92 0.19 -42.46 3.12
C CYS D 92 -0.50 -41.24 2.52
N VAL D 93 -0.37 -41.08 1.21
CA VAL D 93 -1.02 -39.98 0.48
C VAL D 93 -2.54 -40.14 0.58
N GLN D 94 -3.03 -41.37 0.38
CA GLN D 94 -4.47 -41.66 0.56
C GLN D 94 -4.97 -41.37 1.96
N ILE D 95 -4.22 -41.79 2.97
CA ILE D 95 -4.60 -41.54 4.36
C ILE D 95 -4.68 -40.05 4.63
N ALA D 96 -3.73 -39.30 4.11
CA ALA D 96 -3.75 -37.85 4.29
C ALA D 96 -4.99 -37.25 3.67
N GLY D 97 -5.22 -37.59 2.41
CA GLY D 97 -6.40 -37.13 1.70
C GLY D 97 -7.68 -37.46 2.44
N LEU D 98 -7.76 -38.68 2.94
CA LEU D 98 -8.92 -39.17 3.65
C LEU D 98 -9.17 -38.39 4.95
N CYS D 99 -8.08 -38.09 5.66
CA CYS D 99 -8.16 -37.44 6.97
C CYS D 99 -7.92 -35.92 6.95
N HIS D 100 -7.92 -35.32 5.77
CA HIS D 100 -7.39 -33.94 5.63
C HIS D 100 -8.29 -32.92 6.27
N ASP D 101 -9.60 -33.20 6.27
CA ASP D 101 -10.59 -32.29 6.86
C ASP D 101 -11.18 -32.82 8.17
N LEU D 102 -10.56 -33.83 8.75
CA LEU D 102 -10.97 -34.37 10.06
C LEU D 102 -11.31 -33.37 11.18
N GLY D 103 -10.67 -32.20 11.14
CA GLY D 103 -10.81 -31.18 12.15
C GLY D 103 -11.80 -30.04 11.90
N HIS D 104 -12.68 -30.19 10.94
CA HIS D 104 -13.71 -29.17 10.73
C HIS D 104 -14.69 -29.18 11.86
N GLY D 105 -15.17 -27.99 12.20
CA GLY D 105 -16.16 -27.86 13.26
C GLY D 105 -17.59 -27.90 12.77
N PRO D 106 -18.55 -27.66 13.68
CA PRO D 106 -19.94 -27.52 13.28
C PRO D 106 -20.07 -26.45 12.20
N PHE D 107 -20.82 -26.79 11.15
CA PHE D 107 -21.00 -25.96 9.97
C PHE D 107 -19.69 -25.53 9.30
N SER D 108 -18.75 -26.48 9.26
CA SER D 108 -17.50 -26.36 8.53
C SER D 108 -16.76 -25.03 8.71
N HIS D 109 -16.80 -24.15 7.72
CA HIS D 109 -15.94 -22.96 7.70
C HIS D 109 -16.50 -21.85 8.56
N MET D 110 -17.78 -21.90 8.86
CA MET D 110 -18.37 -21.02 9.85
C MET D 110 -17.61 -21.10 11.17
N PHE D 111 -17.24 -22.30 11.58
CA PHE D 111 -16.54 -22.53 12.85
C PHE D 111 -15.16 -21.91 12.92
N ASP D 112 -14.27 -22.27 12.01
CA ASP D 112 -12.90 -21.77 12.02
C ASP D 112 -12.78 -20.34 11.44
N GLY D 113 -13.78 -19.94 10.66
CA GLY D 113 -13.75 -18.66 9.96
C GLY D 113 -14.49 -17.52 10.62
N ARG D 114 -15.60 -17.82 11.33
CA ARG D 114 -16.38 -16.80 12.03
C ARG D 114 -16.37 -16.97 13.53
N PHE D 115 -16.76 -18.15 14.01
CA PHE D 115 -17.00 -18.39 15.45
C PHE D 115 -15.75 -18.33 16.33
N ILE D 116 -14.77 -19.17 16.05
CA ILE D 116 -13.57 -19.24 16.89
C ILE D 116 -12.83 -17.88 16.92
N PRO D 117 -12.68 -17.21 15.77
CA PRO D 117 -12.10 -15.88 15.83
C PRO D 117 -12.83 -14.87 16.72
N LEU D 118 -14.15 -14.99 16.87
CA LEU D 118 -14.92 -14.13 17.77
C LEU D 118 -14.90 -14.63 19.20
N ALA D 119 -15.11 -15.92 19.39
CA ALA D 119 -15.17 -16.53 20.71
C ALA D 119 -13.84 -16.53 21.43
N ARG D 120 -12.74 -16.69 20.70
CA ARG D 120 -11.40 -16.80 21.30
C ARG D 120 -10.37 -16.08 20.44
N PRO D 121 -10.38 -14.74 20.45
CA PRO D 121 -9.49 -13.91 19.61
C PRO D 121 -8.01 -14.11 19.88
N GLU D 122 -7.67 -14.52 21.10
CA GLU D 122 -6.28 -14.81 21.46
C GLU D 122 -5.63 -15.94 20.63
N VAL D 123 -6.41 -16.93 20.19
CA VAL D 123 -5.87 -18.14 19.54
C VAL D 123 -5.73 -17.94 18.04
N LYS D 124 -4.73 -18.58 17.44
CA LYS D 124 -4.62 -18.73 15.99
C LYS D 124 -4.86 -20.22 15.73
N TRP D 125 -6.11 -20.57 15.36
CA TRP D 125 -6.56 -21.96 15.11
C TRP D 125 -7.24 -22.11 13.76
N THR D 126 -6.99 -23.24 13.09
CA THR D 126 -7.54 -23.55 11.76
C THR D 126 -8.11 -24.98 11.70
N HIS D 127 -8.92 -25.27 10.69
CA HIS D 127 -9.51 -26.61 10.50
C HIS D 127 -8.40 -27.65 10.36
N GLU D 128 -7.28 -27.25 9.74
CA GLU D 128 -6.16 -28.13 9.46
C GLU D 128 -5.43 -28.52 10.72
N GLN D 129 -5.14 -27.56 11.59
CA GLN D 129 -4.49 -27.85 12.89
C GLN D 129 -5.32 -28.84 13.66
N GLY D 130 -6.63 -28.66 13.61
CA GLY D 130 -7.58 -29.59 14.20
C GLY D 130 -7.48 -30.98 13.60
N SER D 131 -7.32 -31.06 12.30
CA SER D 131 -7.18 -32.34 11.60
C SER D 131 -5.96 -33.14 12.09
N VAL D 132 -4.83 -32.46 12.23
CA VAL D 132 -3.63 -33.09 12.74
C VAL D 132 -3.88 -33.66 14.13
N MET D 133 -4.46 -32.84 15.01
CA MET D 133 -4.74 -33.28 16.37
C MET D 133 -5.74 -34.42 16.41
N MET D 134 -6.81 -34.29 15.62
CA MET D 134 -7.84 -35.30 15.56
C MET D 134 -7.32 -36.57 14.91
N PHE D 135 -6.36 -36.46 13.99
CA PHE D 135 -5.74 -37.64 13.39
C PHE D 135 -4.94 -38.44 14.43
N GLU D 136 -4.10 -37.72 15.19
CA GLU D 136 -3.38 -38.30 16.33
C GLU D 136 -4.34 -39.03 17.27
N HIS D 137 -5.43 -38.36 17.67
CA HIS D 137 -6.43 -38.96 18.56
C HIS D 137 -7.06 -40.21 17.96
N LEU D 138 -7.33 -40.18 16.67
CA LEU D 138 -7.93 -41.32 15.97
C LEU D 138 -7.02 -42.54 16.01
N ILE D 139 -5.74 -42.31 15.70
CA ILE D 139 -4.73 -43.36 15.66
C ILE D 139 -4.58 -44.03 17.03
N ASN D 140 -4.44 -43.21 18.07
CA ASN D 140 -4.14 -43.68 19.41
C ASN D 140 -5.35 -44.37 20.03
N SER D 141 -6.51 -43.75 19.95
CA SER D 141 -7.70 -44.32 20.56
C SER D 141 -8.24 -45.57 19.83
N ASN D 142 -7.79 -45.88 18.62
CA ASN D 142 -8.29 -47.06 17.89
C ASN D 142 -7.24 -48.13 17.51
N GLY D 143 -6.02 -47.99 18.02
CA GLY D 143 -4.97 -48.99 17.78
C GLY D 143 -4.64 -49.21 16.32
N ILE D 144 -4.45 -48.12 15.62
CA ILE D 144 -4.20 -48.14 14.19
C ILE D 144 -2.74 -48.46 13.92
N LYS D 145 -1.85 -48.00 14.80
CA LYS D 145 -0.40 -48.17 14.63
C LYS D 145 0.03 -49.62 14.30
N PRO D 146 -0.49 -50.63 15.01
CA PRO D 146 -0.27 -52.03 14.63
C PRO D 146 -0.69 -52.37 13.20
N VAL D 147 -1.82 -51.83 12.78
CA VAL D 147 -2.38 -52.12 11.47
C VAL D 147 -1.54 -51.43 10.38
N MET D 148 -1.04 -50.23 10.66
CA MET D 148 -0.15 -49.57 9.71
C MET D 148 1.09 -50.40 9.44
N GLU D 149 1.71 -50.91 10.52
CA GLU D 149 2.88 -51.79 10.42
C GLU D 149 2.56 -53.03 9.62
N GLN D 150 1.41 -53.66 9.92
CA GLN D 150 0.97 -54.84 9.20
C GLN D 150 0.98 -54.65 7.67
N TYR D 151 0.63 -53.46 7.21
CA TYR D 151 0.63 -53.14 5.77
C TYR D 151 1.87 -52.35 5.31
N GLY D 152 2.98 -52.52 5.99
CA GLY D 152 4.26 -52.00 5.53
C GLY D 152 4.58 -50.56 5.82
N LEU D 153 3.79 -49.89 6.66
CA LEU D 153 4.10 -48.51 7.02
C LEU D 153 5.00 -48.48 8.24
N ILE D 154 5.65 -47.33 8.42
CA ILE D 154 6.53 -47.08 9.56
C ILE D 154 5.98 -45.88 10.34
N PRO D 155 5.15 -46.12 11.37
CA PRO D 155 4.46 -45.05 12.09
C PRO D 155 5.29 -43.84 12.48
N GLU D 156 6.52 -44.03 12.96
CA GLU D 156 7.39 -42.90 13.31
C GLU D 156 7.48 -41.89 12.15
N GLU D 157 7.98 -42.37 11.01
CA GLU D 157 8.18 -41.54 9.83
C GLU D 157 6.88 -41.14 9.15
N ASP D 158 5.97 -42.09 8.98
CA ASP D 158 4.79 -41.87 8.15
C ASP D 158 3.68 -41.05 8.78
N ILE D 159 3.44 -41.19 10.09
CA ILE D 159 2.48 -40.33 10.77
C ILE D 159 2.89 -38.86 10.70
N CYS D 160 4.19 -38.61 10.71
CA CYS D 160 4.69 -37.25 10.49
C CYS D 160 4.38 -36.80 9.05
N PHE D 161 4.67 -37.66 8.09
CA PHE D 161 4.43 -37.41 6.67
C PHE D 161 2.97 -37.08 6.39
N ILE D 162 2.06 -37.84 7.00
CA ILE D 162 0.64 -37.62 6.86
C ILE D 162 0.22 -36.27 7.43
N LYS D 163 0.66 -35.97 8.64
CA LYS D 163 0.37 -34.69 9.28
C LYS D 163 0.93 -33.53 8.46
N GLU D 164 2.14 -33.72 7.93
CA GLU D 164 2.79 -32.69 7.10
C GLU D 164 2.04 -32.41 5.80
N GLN D 165 1.46 -33.46 5.22
CA GLN D 165 0.62 -33.29 4.03
C GLN D 165 -0.57 -32.39 4.30
N ILE D 166 -1.10 -32.46 5.51
CA ILE D 166 -2.30 -31.73 5.90
C ILE D 166 -2.04 -30.25 6.23
N VAL D 167 -1.14 -29.98 7.16
CA VAL D 167 -0.91 -28.60 7.68
C VAL D 167 0.34 -27.90 7.19
N GLY D 168 1.19 -28.60 6.45
CA GLY D 168 2.48 -28.07 6.06
C GLY D 168 3.51 -28.47 7.09
N PRO D 169 4.65 -27.74 7.14
CA PRO D 169 5.69 -28.17 8.06
C PRO D 169 5.33 -27.92 9.52
N LEU D 170 5.55 -28.92 10.36
CA LEU D 170 5.27 -28.89 11.77
C LEU D 170 6.28 -28.00 12.57
N GLU D 171 6.53 -26.82 12.07
CA GLU D 171 7.56 -25.84 12.60
C GLU D 171 7.08 -24.42 12.41
N SER D 177 17.70 -20.85 3.64
CA SER D 177 16.67 -21.83 4.00
C SER D 177 16.99 -23.24 3.46
N LEU D 178 16.48 -24.21 4.19
CA LEU D 178 16.65 -25.67 3.99
C LEU D 178 15.31 -26.35 3.64
N TRP D 179 15.35 -27.65 3.36
CA TRP D 179 14.18 -28.53 3.25
C TRP D 179 13.41 -28.66 4.57
N PRO D 180 12.21 -28.07 4.64
CA PRO D 180 11.49 -28.02 5.92
C PRO D 180 10.80 -29.32 6.38
N TYR D 181 10.73 -30.36 5.57
CA TYR D 181 9.95 -31.55 5.95
C TYR D 181 10.82 -32.66 6.54
N LYS D 182 10.33 -33.26 7.62
CA LYS D 182 10.95 -34.41 8.26
C LYS D 182 10.37 -35.75 7.77
N GLY D 183 9.20 -35.74 7.18
CA GLY D 183 8.48 -36.98 6.83
C GLY D 183 8.96 -37.67 5.57
N ARG D 184 9.45 -36.90 4.60
CA ARG D 184 10.01 -37.44 3.38
C ARG D 184 11.13 -36.54 2.85
N PRO D 185 12.11 -37.11 2.14
CA PRO D 185 13.20 -36.34 1.55
C PRO D 185 12.80 -35.46 0.36
N GLU D 186 13.73 -34.61 -0.07
CA GLU D 186 13.52 -33.68 -1.20
C GLU D 186 13.19 -34.36 -2.53
N ASN D 187 13.69 -35.57 -2.72
CA ASN D 187 13.43 -36.35 -3.96
C ASN D 187 12.01 -36.89 -4.04
N LYS D 188 11.21 -36.66 -3.00
CA LYS D 188 9.79 -36.94 -3.04
C LYS D 188 8.94 -35.74 -2.62
N SER D 189 9.40 -34.52 -2.92
CA SER D 189 8.64 -33.31 -2.57
C SER D 189 7.30 -33.24 -3.30
N PHE D 190 7.23 -33.85 -4.47
CA PHE D 190 5.99 -33.86 -5.24
C PHE D 190 4.83 -34.47 -4.48
N LEU D 191 5.08 -35.40 -3.59
CA LEU D 191 4.02 -35.97 -2.76
C LEU D 191 3.31 -34.94 -1.87
N TYR D 192 4.01 -33.90 -1.46
CA TYR D 192 3.39 -32.83 -0.66
C TYR D 192 2.47 -31.89 -1.45
N GLU D 193 2.55 -31.95 -2.78
CA GLU D 193 1.70 -31.14 -3.65
C GLU D 193 0.36 -31.81 -4.06
N ILE D 194 0.02 -32.98 -3.52
CA ILE D 194 -1.19 -33.69 -3.92
C ILE D 194 -2.44 -33.28 -3.11
N VAL D 195 -2.36 -33.41 -1.79
CA VAL D 195 -3.53 -33.21 -0.94
C VAL D 195 -3.78 -31.74 -0.62
N SER D 196 -2.72 -31.02 -0.31
CA SER D 196 -2.82 -29.59 0.02
C SER D 196 -1.54 -28.88 -0.44
N ASN D 197 -1.64 -28.23 -1.59
CA ASN D 197 -0.51 -27.69 -2.31
C ASN D 197 -0.20 -26.30 -1.79
N LYS D 198 0.88 -26.17 -1.02
CA LYS D 198 1.29 -24.90 -0.44
C LYS D 198 1.94 -23.99 -1.46
N ARG D 199 2.46 -24.53 -2.53
CA ARG D 199 3.21 -23.77 -3.54
C ARG D 199 2.27 -22.85 -4.32
N ASN D 200 1.22 -23.45 -4.88
CA ASN D 200 0.28 -22.75 -5.77
C ASN D 200 -1.22 -23.00 -5.50
N GLY D 201 -1.56 -24.01 -4.71
CA GLY D 201 -2.96 -24.28 -4.37
C GLY D 201 -3.68 -25.29 -5.27
N ILE D 202 -3.01 -25.78 -6.31
CA ILE D 202 -3.60 -26.80 -7.18
C ILE D 202 -3.49 -28.15 -6.50
N ASP D 203 -4.60 -28.59 -5.89
CA ASP D 203 -4.64 -29.85 -5.11
C ASP D 203 -5.96 -30.61 -5.30
N VAL D 204 -6.01 -31.84 -4.83
CA VAL D 204 -7.19 -32.66 -5.02
C VAL D 204 -8.34 -32.31 -4.07
N ASP D 205 -8.09 -31.61 -2.97
CA ASP D 205 -9.16 -31.07 -2.11
C ASP D 205 -10.07 -30.25 -3.03
N LYS D 206 -9.47 -29.33 -3.78
CA LYS D 206 -10.22 -28.48 -4.72
C LYS D 206 -10.99 -29.30 -5.72
N TRP D 207 -10.34 -30.30 -6.28
CA TRP D 207 -10.93 -31.02 -7.41
C TRP D 207 -12.20 -31.73 -6.98
N ASP D 208 -12.16 -32.32 -5.78
CA ASP D 208 -13.31 -33.01 -5.27
C ASP D 208 -14.44 -32.02 -5.00
N TYR D 209 -14.18 -30.97 -4.22
CA TYR D 209 -15.29 -30.10 -3.81
C TYR D 209 -15.89 -29.30 -4.96
N PHE D 210 -15.11 -29.02 -6.02
CA PHE D 210 -15.72 -28.42 -7.21
C PHE D 210 -16.80 -29.35 -7.72
N ALA D 211 -16.41 -30.58 -8.02
CA ALA D 211 -17.29 -31.59 -8.56
C ALA D 211 -18.47 -31.86 -7.63
N ARG D 212 -18.17 -32.00 -6.35
CA ARG D 212 -19.18 -32.39 -5.37
C ARG D 212 -20.14 -31.27 -5.06
N ASP D 213 -19.62 -30.08 -4.79
CA ASP D 213 -20.46 -28.94 -4.43
C ASP D 213 -21.37 -28.61 -5.60
N CYS D 214 -20.81 -28.57 -6.81
CA CYS D 214 -21.62 -28.36 -8.02
C CYS D 214 -22.77 -29.36 -8.15
N HIS D 215 -22.48 -30.63 -7.91
CA HIS D 215 -23.48 -31.68 -8.05
C HIS D 215 -24.68 -31.43 -7.16
N HIS D 216 -24.40 -31.03 -5.92
CA HIS D 216 -25.43 -30.81 -4.91
C HIS D 216 -26.01 -29.38 -5.00
N LEU D 217 -25.21 -28.39 -5.36
CA LEU D 217 -25.70 -27.00 -5.42
C LEU D 217 -26.74 -26.80 -6.52
N GLY D 218 -26.46 -27.44 -7.66
CA GLY D 218 -27.20 -27.19 -8.88
C GLY D 218 -26.52 -26.15 -9.74
N ILE D 219 -25.21 -26.19 -9.76
CA ILE D 219 -24.40 -25.39 -10.67
C ILE D 219 -23.54 -26.40 -11.42
N GLN D 220 -23.23 -26.17 -12.69
CA GLN D 220 -22.32 -27.05 -13.42
C GLN D 220 -20.84 -26.54 -13.24
N ASN D 221 -19.96 -27.54 -13.19
CA ASN D 221 -18.54 -27.37 -12.91
C ASN D 221 -17.81 -27.34 -14.25
N ASN D 222 -16.96 -26.33 -14.43
CA ASN D 222 -16.26 -26.17 -15.70
C ASN D 222 -14.80 -26.63 -15.66
N PHE D 223 -14.41 -27.46 -14.71
CA PHE D 223 -12.99 -27.89 -14.54
C PHE D 223 -12.83 -29.40 -14.63
N ASP D 224 -11.91 -29.85 -15.48
CA ASP D 224 -11.71 -31.26 -15.77
C ASP D 224 -10.46 -31.76 -15.06
N TYR D 225 -10.62 -32.35 -13.88
CA TYR D 225 -9.48 -32.83 -13.09
C TYR D 225 -8.80 -34.03 -13.73
N LYS D 226 -9.61 -34.89 -14.36
CA LYS D 226 -9.10 -36.09 -15.01
C LYS D 226 -8.10 -35.75 -16.09
N ARG D 227 -8.40 -34.71 -16.85
CA ARG D 227 -7.55 -34.22 -17.90
C ARG D 227 -6.25 -33.70 -17.33
N PHE D 228 -6.31 -32.95 -16.24
CA PHE D 228 -5.10 -32.41 -15.63
C PHE D 228 -4.14 -33.52 -15.21
N ILE D 229 -4.70 -34.61 -14.68
CA ILE D 229 -3.92 -35.78 -14.29
C ILE D 229 -3.25 -36.42 -15.51
N LYS D 230 -3.94 -36.53 -16.63
CA LYS D 230 -3.32 -37.09 -17.82
C LYS D 230 -2.10 -36.30 -18.30
N PHE D 231 -2.08 -35.00 -18.06
CA PHE D 231 -0.97 -34.16 -18.49
C PHE D 231 -0.13 -33.64 -17.33
N ALA D 232 -0.07 -34.42 -16.26
CA ALA D 232 0.73 -34.05 -15.11
C ALA D 232 1.97 -34.88 -15.17
N ARG D 233 3.04 -34.36 -14.59
CA ARG D 233 4.34 -34.97 -14.68
C ARG D 233 5.30 -34.33 -13.67
N VAL D 234 6.23 -35.12 -13.14
CA VAL D 234 7.22 -34.63 -12.18
C VAL D 234 8.50 -34.27 -12.91
N CYS D 235 9.02 -33.07 -12.66
CA CYS D 235 10.29 -32.59 -13.23
C CYS D 235 11.13 -31.98 -12.15
N GLU D 236 12.41 -31.79 -12.44
CA GLU D 236 13.29 -31.12 -11.48
C GLU D 236 13.09 -29.61 -11.63
N VAL D 237 12.90 -28.94 -10.49
CA VAL D 237 12.81 -27.48 -10.44
C VAL D 237 13.58 -27.01 -9.19
N ASP D 238 14.67 -26.27 -9.39
CA ASP D 238 15.49 -25.75 -8.30
C ASP D 238 15.86 -26.84 -7.30
N ASN D 239 16.55 -27.88 -7.81
CA ASN D 239 17.10 -28.97 -6.96
C ASN D 239 16.06 -29.77 -6.15
N GLU D 240 14.86 -29.85 -6.72
CA GLU D 240 13.68 -30.39 -6.02
C GLU D 240 12.73 -30.97 -7.07
N LEU D 241 12.16 -32.15 -6.82
CA LEU D 241 11.24 -32.78 -7.78
C LEU D 241 9.77 -32.39 -7.57
N ARG D 242 9.21 -31.58 -8.47
CA ARG D 242 7.83 -31.04 -8.32
C ARG D 242 6.92 -31.50 -9.46
N ILE D 243 5.62 -31.38 -9.22
CA ILE D 243 4.61 -31.67 -10.23
C ILE D 243 4.56 -30.49 -11.20
N CYS D 244 4.50 -30.82 -12.49
CA CYS D 244 4.38 -29.84 -13.55
C CYS D 244 3.23 -30.20 -14.46
N ALA D 245 2.59 -29.18 -15.01
CA ALA D 245 1.51 -29.36 -15.98
C ALA D 245 2.03 -29.11 -17.37
N ARG D 246 1.33 -29.59 -18.38
CA ARG D 246 1.79 -29.33 -19.72
C ARG D 246 1.50 -27.87 -20.13
N ASP D 247 2.36 -27.31 -20.98
CA ASP D 247 2.24 -25.94 -21.48
C ASP D 247 0.82 -25.55 -21.92
N LYS D 248 0.16 -26.44 -22.64
CA LYS D 248 -1.18 -26.17 -23.15
C LYS D 248 -2.26 -26.04 -22.04
N GLU D 249 -2.07 -26.69 -20.91
CA GLU D 249 -3.03 -26.57 -19.80
C GLU D 249 -3.05 -25.21 -19.08
N VAL D 250 -2.13 -24.30 -19.38
CA VAL D 250 -2.06 -23.03 -18.63
C VAL D 250 -3.40 -22.33 -18.63
N GLY D 251 -4.11 -22.35 -19.76
CA GLY D 251 -5.43 -21.73 -19.83
C GLY D 251 -6.42 -22.37 -18.87
N ASN D 252 -6.47 -23.70 -18.88
CA ASN D 252 -7.37 -24.44 -18.00
C ASN D 252 -7.07 -24.23 -16.53
N LEU D 253 -5.81 -23.95 -16.19
CA LEU D 253 -5.44 -23.64 -14.83
C LEU D 253 -5.91 -22.26 -14.39
N TYR D 254 -5.81 -21.25 -15.25
CA TYR D 254 -6.41 -19.96 -14.91
C TYR D 254 -7.91 -20.12 -14.70
N ASP D 255 -8.54 -20.96 -15.54
CA ASP D 255 -9.98 -21.21 -15.45
C ASP D 255 -10.35 -22.00 -14.19
N MET D 256 -9.43 -22.80 -13.67
CA MET D 256 -9.65 -23.48 -12.39
C MET D 256 -9.87 -22.46 -11.28
N PHE D 257 -9.02 -21.44 -11.21
CA PHE D 257 -9.16 -20.45 -10.15
C PHE D 257 -10.34 -19.52 -10.41
N HIS D 258 -10.69 -19.32 -11.68
CA HIS D 258 -11.90 -18.59 -12.05
C HIS D 258 -13.13 -19.33 -11.53
N THR D 259 -13.19 -20.62 -11.83
CA THR D 259 -14.26 -21.50 -11.34
C THR D 259 -14.40 -21.40 -9.84
N ARG D 260 -13.28 -21.42 -9.13
CA ARG D 260 -13.26 -21.30 -7.67
C ARG D 260 -13.91 -20.01 -7.22
N ASN D 261 -13.42 -18.91 -7.79
CA ASN D 261 -13.88 -17.58 -7.44
C ASN D 261 -15.35 -17.44 -7.78
N SER D 262 -15.74 -18.04 -8.88
CA SER D 262 -17.13 -18.03 -9.32
C SER D 262 -18.05 -18.79 -8.36
N LEU D 263 -17.62 -19.95 -7.87
CA LEU D 263 -18.36 -20.70 -6.82
C LEU D 263 -18.48 -19.93 -5.51
N HIS D 264 -17.45 -19.18 -5.17
CA HIS D 264 -17.52 -18.32 -4.00
C HIS D 264 -18.52 -17.21 -4.18
N ARG D 265 -18.53 -16.59 -5.35
CA ARG D 265 -19.44 -15.48 -5.62
C ARG D 265 -20.87 -15.95 -5.62
N ARG D 266 -21.15 -17.03 -6.32
CA ARG D 266 -22.52 -17.53 -6.43
C ARG D 266 -23.05 -18.19 -5.17
N ALA D 267 -22.24 -19.05 -4.56
CA ALA D 267 -22.73 -19.94 -3.51
C ALA D 267 -22.10 -19.68 -2.15
N TYR D 268 -20.79 -19.87 -2.04
CA TYR D 268 -20.18 -19.93 -0.71
C TYR D 268 -20.29 -18.61 0.04
N GLN D 269 -20.11 -17.50 -0.68
CA GLN D 269 -20.29 -16.14 -0.12
C GLN D 269 -21.61 -15.51 -0.51
N HIS D 270 -22.63 -16.33 -0.71
CA HIS D 270 -23.97 -15.82 -0.98
C HIS D 270 -24.44 -14.94 0.16
N LYS D 271 -24.98 -13.78 -0.18
CA LYS D 271 -25.34 -12.75 0.82
C LYS D 271 -26.20 -13.29 1.98
N VAL D 272 -27.12 -14.19 1.69
CA VAL D 272 -28.01 -14.77 2.70
C VAL D 272 -27.38 -15.96 3.38
N GLY D 273 -26.58 -16.72 2.64
CA GLY D 273 -25.81 -17.81 3.24
C GLY D 273 -24.91 -17.30 4.32
N ASN D 274 -24.25 -16.18 4.05
CA ASN D 274 -23.38 -15.52 5.00
C ASN D 274 -24.12 -14.94 6.18
N ILE D 275 -25.30 -14.37 5.96
CA ILE D 275 -26.06 -13.82 7.10
C ILE D 275 -26.59 -14.94 7.99
N ILE D 276 -26.94 -16.08 7.41
CA ILE D 276 -27.33 -17.22 8.20
C ILE D 276 -26.13 -17.77 8.98
N ASP D 277 -24.97 -17.79 8.37
CA ASP D 277 -23.75 -18.16 9.07
C ASP D 277 -23.51 -17.20 10.23
N THR D 278 -23.60 -15.88 10.03
CA THR D 278 -23.37 -14.93 11.13
C THR D 278 -24.42 -15.11 12.23
N MET D 279 -25.68 -15.39 11.86
CA MET D 279 -26.73 -15.63 12.85
C MET D 279 -26.51 -16.90 13.64
N ILE D 280 -26.05 -17.96 13.00
CA ILE D 280 -25.74 -19.19 13.73
C ILE D 280 -24.54 -18.99 14.62
N THR D 281 -23.51 -18.33 14.11
CA THR D 281 -22.33 -17.96 14.91
C THR D 281 -22.75 -17.17 16.14
N ASP D 282 -23.61 -16.20 15.93
CA ASP D 282 -24.12 -15.34 17.01
C ASP D 282 -24.81 -16.17 18.08
N ALA D 283 -25.67 -17.08 17.66
CA ALA D 283 -26.36 -17.98 18.58
C ALA D 283 -25.40 -18.90 19.32
N PHE D 284 -24.31 -19.30 18.68
CA PHE D 284 -23.29 -20.12 19.33
C PHE D 284 -22.57 -19.33 20.39
N LEU D 285 -22.20 -18.08 20.07
CA LEU D 285 -21.57 -17.20 21.06
C LEU D 285 -22.45 -17.02 22.30
N LYS D 286 -23.75 -16.85 22.10
CA LYS D 286 -24.69 -16.69 23.21
C LYS D 286 -24.95 -17.96 23.98
N ALA D 287 -24.82 -19.11 23.32
CA ALA D 287 -24.98 -20.40 23.97
C ALA D 287 -23.69 -20.95 24.58
N ASP D 288 -22.57 -20.31 24.30
CA ASP D 288 -21.23 -20.90 24.58
C ASP D 288 -21.08 -21.27 26.03
N ASP D 289 -21.34 -20.27 26.88
CA ASP D 289 -21.15 -20.34 28.33
C ASP D 289 -21.92 -21.45 28.99
N TYR D 290 -23.11 -21.77 28.48
CA TYR D 290 -24.00 -22.70 29.18
C TYR D 290 -24.07 -24.10 28.58
N ILE D 291 -23.28 -24.39 27.54
CA ILE D 291 -23.21 -25.74 26.98
C ILE D 291 -21.91 -26.39 27.38
N GLU D 292 -22.06 -27.57 27.98
CA GLU D 292 -20.96 -28.38 28.46
C GLU D 292 -20.83 -29.60 27.57
N ILE D 293 -19.59 -29.95 27.23
CA ILE D 293 -19.30 -31.16 26.44
C ILE D 293 -18.24 -31.97 27.18
N THR D 294 -18.57 -33.23 27.48
CA THR D 294 -17.68 -34.12 28.24
C THR D 294 -16.46 -34.47 27.40
N GLY D 295 -15.29 -34.25 27.97
CA GLY D 295 -14.02 -34.54 27.32
C GLY D 295 -13.28 -35.69 27.96
N ALA D 296 -11.94 -35.62 27.90
CA ALA D 296 -11.08 -36.68 28.40
C ALA D 296 -10.99 -36.58 29.91
N GLY D 297 -11.12 -37.74 30.55
CA GLY D 297 -11.18 -37.83 32.01
C GLY D 297 -12.38 -37.15 32.62
N GLY D 298 -13.46 -37.03 31.87
CA GLY D 298 -14.66 -36.34 32.33
C GLY D 298 -14.64 -34.82 32.40
N LYS D 299 -13.51 -34.16 32.07
CA LYS D 299 -13.41 -32.69 32.17
C LYS D 299 -14.49 -32.02 31.30
N LYS D 300 -15.00 -30.87 31.74
CA LYS D 300 -16.04 -30.15 31.00
C LYS D 300 -15.43 -29.11 30.07
N TYR D 301 -15.83 -29.18 28.79
CA TYR D 301 -15.43 -28.18 27.80
C TYR D 301 -16.62 -27.45 27.20
N ARG D 302 -16.40 -26.22 26.79
CA ARG D 302 -17.39 -25.41 26.10
C ARG D 302 -17.23 -25.59 24.61
N ILE D 303 -18.16 -25.03 23.84
CA ILE D 303 -18.08 -25.12 22.36
C ILE D 303 -16.77 -24.53 21.89
N SER D 304 -16.46 -23.33 22.36
CA SER D 304 -15.22 -22.65 21.98
C SER D 304 -13.92 -23.34 22.44
N THR D 305 -13.99 -24.11 23.53
CA THR D 305 -12.81 -24.77 24.09
C THR D 305 -12.67 -26.26 23.76
N ALA D 306 -13.65 -26.83 23.08
CA ALA D 306 -13.58 -28.24 22.69
C ALA D 306 -12.47 -28.52 21.73
N ILE D 307 -12.05 -27.51 20.98
CA ILE D 307 -10.87 -27.62 20.11
C ILE D 307 -9.58 -27.97 20.84
N ASP D 308 -9.52 -27.69 22.14
CA ASP D 308 -8.36 -28.04 22.94
C ASP D 308 -8.28 -29.52 23.29
N ASP D 309 -9.40 -30.22 23.40
CA ASP D 309 -9.41 -31.65 23.70
C ASP D 309 -10.24 -32.47 22.70
N MET D 310 -9.58 -33.36 21.96
CA MET D 310 -10.19 -34.09 20.86
C MET D 310 -11.25 -35.09 21.25
N GLU D 311 -11.24 -35.57 22.49
CA GLU D 311 -12.29 -36.47 22.91
C GLU D 311 -13.61 -35.72 23.04
N ALA D 312 -13.53 -34.45 23.41
CA ALA D 312 -14.69 -33.58 23.45
C ALA D 312 -15.14 -33.19 22.07
N TYR D 313 -14.17 -32.73 21.26
CA TYR D 313 -14.41 -32.29 19.89
C TYR D 313 -15.04 -33.35 18.98
N THR D 314 -14.78 -34.62 19.28
CA THR D 314 -15.42 -35.73 18.59
C THR D 314 -16.95 -35.69 18.70
N LYS D 315 -17.46 -35.17 19.81
CA LYS D 315 -18.89 -35.06 20.03
C LYS D 315 -19.49 -33.70 19.61
N LEU D 316 -18.66 -32.79 19.07
CA LEU D 316 -19.10 -31.46 18.65
C LEU D 316 -19.36 -31.39 17.13
N THR D 317 -20.64 -31.44 16.74
CA THR D 317 -21.07 -31.49 15.36
C THR D 317 -22.21 -30.49 15.09
N ASP D 318 -22.81 -30.56 13.90
CA ASP D 318 -23.98 -29.74 13.57
C ASP D 318 -25.13 -29.96 14.53
N ASN D 319 -25.19 -31.13 15.18
CA ASN D 319 -26.12 -31.39 16.28
C ASN D 319 -26.36 -30.21 17.21
N ILE D 320 -25.28 -29.51 17.51
CA ILE D 320 -25.31 -28.43 18.49
C ILE D 320 -26.37 -27.36 18.15
N PHE D 321 -26.62 -27.17 16.87
CA PHE D 321 -27.70 -26.32 16.36
C PHE D 321 -29.05 -26.81 16.89
N LEU D 322 -29.37 -28.07 16.65
CA LEU D 322 -30.65 -28.60 17.07
C LEU D 322 -30.78 -28.76 18.60
N GLU D 323 -29.63 -28.92 19.27
CA GLU D 323 -29.60 -29.00 20.73
C GLU D 323 -30.08 -27.67 21.30
N ILE D 324 -29.51 -26.57 20.79
CA ILE D 324 -29.93 -25.23 21.16
C ILE D 324 -31.38 -24.98 20.80
N LEU D 325 -31.77 -25.34 19.58
CA LEU D 325 -33.14 -25.08 19.11
C LEU D 325 -34.20 -25.80 19.94
N TYR D 326 -33.97 -27.07 20.22
CA TYR D 326 -34.93 -27.85 20.99
C TYR D 326 -34.90 -27.64 22.51
N SER D 327 -33.90 -26.91 23.03
CA SER D 327 -33.74 -26.78 24.47
C SER D 327 -34.85 -25.95 25.11
N THR D 328 -35.04 -26.18 26.41
CA THR D 328 -35.95 -25.41 27.27
C THR D 328 -35.21 -24.65 28.40
N ASP D 329 -33.90 -24.84 28.54
CA ASP D 329 -33.09 -24.09 29.49
C ASP D 329 -33.26 -22.58 29.29
N PRO D 330 -33.65 -21.84 30.32
CA PRO D 330 -33.75 -20.38 30.15
C PRO D 330 -32.43 -19.66 29.94
N LYS D 331 -31.31 -20.29 30.29
CA LYS D 331 -29.98 -19.71 30.02
C LYS D 331 -29.70 -19.61 28.52
N LEU D 332 -30.26 -20.55 27.76
CA LEU D 332 -30.12 -20.59 26.28
C LEU D 332 -31.22 -19.83 25.54
N LYS D 333 -32.04 -19.04 26.20
CA LYS D 333 -33.19 -18.38 25.54
C LYS D 333 -32.73 -17.41 24.47
N ASP D 334 -31.67 -16.64 24.74
CA ASP D 334 -31.15 -15.70 23.75
C ASP D 334 -30.67 -16.39 22.47
N ALA D 335 -29.95 -17.49 22.62
CA ALA D 335 -29.46 -18.28 21.51
C ALA D 335 -30.59 -18.94 20.74
N ARG D 336 -31.47 -19.63 21.45
CA ARG D 336 -32.64 -20.29 20.87
C ARG D 336 -33.54 -19.35 20.08
N GLU D 337 -33.62 -18.08 20.50
CA GLU D 337 -34.46 -17.10 19.76
C GLU D 337 -33.88 -16.77 18.42
N ILE D 338 -32.56 -16.69 18.31
CA ILE D 338 -31.91 -16.43 17.01
C ILE D 338 -32.18 -17.58 16.05
N LEU D 339 -31.99 -18.82 16.51
CA LEU D 339 -32.22 -19.97 15.67
C LEU D 339 -33.68 -20.14 15.30
N LYS D 340 -34.59 -19.76 16.19
CA LYS D 340 -36.02 -19.77 15.85
C LYS D 340 -36.33 -18.73 14.79
N GLN D 341 -35.65 -17.58 14.83
CA GLN D 341 -35.80 -16.56 13.78
C GLN D 341 -35.33 -17.03 12.41
N ILE D 342 -34.41 -17.97 12.34
CA ILE D 342 -33.99 -18.58 11.07
C ILE D 342 -35.08 -19.50 10.53
N GLU D 343 -35.70 -20.29 11.42
CA GLU D 343 -36.79 -21.17 11.00
C GLU D 343 -37.91 -20.40 10.33
N TYR D 344 -38.33 -19.31 11.00
CA TYR D 344 -39.43 -18.44 10.53
C TYR D 344 -39.02 -17.55 9.36
N ARG D 345 -37.73 -17.43 9.13
CA ARG D 345 -37.15 -16.68 8.03
C ARG D 345 -37.18 -15.17 8.25
N ASN D 346 -37.05 -14.75 9.52
CA ASN D 346 -36.86 -13.34 9.89
C ASN D 346 -35.38 -13.14 10.01
N LEU D 347 -34.74 -13.06 8.86
CA LEU D 347 -33.29 -12.89 8.82
C LEU D 347 -32.99 -11.42 8.82
N PHE D 348 -31.79 -11.08 9.25
CA PHE D 348 -31.31 -9.71 9.15
C PHE D 348 -31.33 -9.30 7.67
N LYS D 349 -31.76 -8.08 7.38
CA LYS D 349 -31.98 -7.69 5.99
C LYS D 349 -30.71 -7.17 5.33
N TYR D 350 -30.49 -7.61 4.10
CA TYR D 350 -29.36 -7.19 3.31
C TYR D 350 -29.62 -5.79 2.79
N VAL D 351 -28.67 -4.89 3.00
CA VAL D 351 -28.81 -3.50 2.56
C VAL D 351 -28.12 -3.30 1.21
N GLY D 352 -26.89 -3.78 1.09
CA GLY D 352 -26.14 -3.68 -0.16
C GLY D 352 -24.69 -4.10 -0.04
N GLU D 353 -23.99 -4.08 -1.17
CA GLU D 353 -22.61 -4.50 -1.27
C GLU D 353 -21.81 -3.34 -1.83
N THR D 354 -20.55 -3.25 -1.42
CA THR D 354 -19.64 -2.26 -1.99
C THR D 354 -18.19 -2.72 -1.89
N GLN D 355 -17.33 -2.05 -2.64
CA GLN D 355 -15.90 -2.35 -2.69
C GLN D 355 -15.07 -1.10 -2.42
N PRO D 356 -13.87 -1.26 -1.83
CA PRO D 356 -12.93 -0.14 -1.83
C PRO D 356 -12.41 0.22 -3.22
N THR D 357 -11.83 1.40 -3.35
CA THR D 357 -11.17 1.82 -4.60
C THR D 357 -9.69 2.14 -4.39
N GLY D 358 -9.00 2.35 -5.50
CA GLY D 358 -7.60 2.71 -5.51
C GLY D 358 -6.98 1.39 -5.11
N GLN D 359 -6.11 1.45 -4.12
CA GLN D 359 -5.54 0.27 -3.50
C GLN D 359 -5.68 0.51 -1.99
N ILE D 360 -6.93 0.65 -1.50
CA ILE D 360 -7.21 0.82 -0.06
C ILE D 360 -7.66 -0.54 0.49
N LYS D 361 -6.77 -1.28 1.15
CA LYS D 361 -7.15 -2.54 1.83
C LYS D 361 -7.74 -2.20 3.20
N ILE D 362 -8.84 -2.82 3.59
CA ILE D 362 -9.39 -2.70 4.93
C ILE D 362 -8.75 -3.76 5.84
N LYS D 363 -7.99 -3.31 6.85
CA LYS D 363 -7.29 -4.22 7.77
C LYS D 363 -8.28 -4.96 8.69
N ARG D 364 -7.95 -6.18 9.08
CA ARG D 364 -8.84 -7.02 9.92
C ARG D 364 -9.16 -6.41 11.29
N GLU D 365 -8.15 -5.81 11.91
CA GLU D 365 -8.26 -4.94 13.09
C GLU D 365 -9.45 -3.96 13.07
N ASP D 366 -9.75 -3.38 11.91
CA ASP D 366 -10.83 -2.37 11.74
C ASP D 366 -12.25 -2.91 11.57
N TYR D 367 -12.42 -4.22 11.38
CA TYR D 367 -13.75 -4.82 11.14
C TYR D 367 -14.74 -4.49 12.26
N GLU D 368 -14.28 -4.59 13.53
CA GLU D 368 -15.12 -4.28 14.71
C GLU D 368 -15.74 -2.87 14.63
N SER D 369 -14.97 -1.92 14.10
CA SER D 369 -15.35 -0.50 14.08
C SER D 369 -16.33 -0.05 12.99
N LEU D 370 -16.56 -0.87 11.96
CA LEU D 370 -17.29 -0.45 10.77
C LEU D 370 -18.79 -0.20 10.97
N PRO D 371 -19.48 -0.98 11.81
CA PRO D 371 -20.86 -0.62 12.13
C PRO D 371 -21.04 0.77 12.72
N LYS D 372 -20.11 1.18 13.59
CA LYS D 372 -20.04 2.55 14.15
C LYS D 372 -19.98 3.56 13.02
N GLU D 373 -19.11 3.33 12.04
CA GLU D 373 -18.95 4.26 10.92
C GLU D 373 -20.20 4.46 10.06
N VAL D 374 -20.97 3.41 9.87
CA VAL D 374 -22.18 3.47 9.04
C VAL D 374 -23.26 4.30 9.72
N ALA D 375 -23.51 4.03 11.01
CA ALA D 375 -24.43 4.83 11.83
C ALA D 375 -23.97 6.29 11.97
N SER D 376 -22.66 6.51 12.02
CA SER D 376 -22.07 7.85 12.09
C SER D 376 -22.20 8.70 10.83
N ALA D 377 -22.54 8.11 9.69
CA ALA D 377 -22.76 8.89 8.47
C ALA D 377 -23.98 9.79 8.64
N LYS D 378 -23.88 10.98 8.06
CA LYS D 378 -24.92 12.00 8.19
C LYS D 378 -25.47 12.23 6.79
N PRO D 379 -26.46 11.42 6.36
CA PRO D 379 -27.02 11.59 5.01
C PRO D 379 -27.93 12.79 4.90
N LYS D 380 -27.77 13.62 3.89
CA LYS D 380 -28.59 14.84 3.71
C LYS D 380 -30.00 14.46 3.19
N VAL D 381 -30.73 13.68 4.00
CA VAL D 381 -32.10 13.25 3.70
C VAL D 381 -32.88 13.11 5.00
N LEU D 382 -34.15 13.55 5.00
CA LEU D 382 -34.99 13.45 6.19
C LEU D 382 -35.36 12.02 6.53
N LEU D 383 -34.92 11.54 7.68
CA LEU D 383 -35.17 10.17 8.12
C LEU D 383 -36.25 10.19 9.18
N ASP D 384 -37.13 9.18 9.16
CA ASP D 384 -38.13 8.98 10.22
C ASP D 384 -37.48 8.42 11.49
N VAL D 385 -36.48 7.54 11.29
CA VAL D 385 -35.85 6.78 12.35
C VAL D 385 -34.31 6.95 12.33
N LYS D 386 -33.72 7.15 13.52
CA LYS D 386 -32.27 7.12 13.71
C LYS D 386 -31.90 5.69 14.08
N LEU D 387 -30.77 5.19 13.56
CA LEU D 387 -30.28 3.83 13.86
C LEU D 387 -28.92 3.87 14.56
N LYS D 388 -28.77 3.08 15.63
CA LYS D 388 -27.51 2.98 16.38
C LYS D 388 -26.60 1.95 15.69
N ALA D 389 -25.32 1.94 16.08
CA ALA D 389 -24.31 1.07 15.45
C ALA D 389 -24.54 -0.44 15.66
N GLU D 390 -25.10 -0.81 16.80
CA GLU D 390 -25.48 -2.20 17.10
C GLU D 390 -26.55 -2.77 16.14
N ASP D 391 -27.29 -1.89 15.46
CA ASP D 391 -28.28 -2.29 14.45
C ASP D 391 -27.68 -2.78 13.13
N PHE D 392 -26.45 -2.34 12.83
CA PHE D 392 -25.75 -2.75 11.60
C PHE D 392 -24.80 -3.93 11.79
N ILE D 393 -24.70 -4.76 10.74
CA ILE D 393 -23.65 -5.76 10.58
C ILE D 393 -22.90 -5.45 9.31
N VAL D 394 -21.57 -5.46 9.38
CA VAL D 394 -20.76 -5.26 8.20
C VAL D 394 -19.82 -6.44 8.06
N ASP D 395 -19.98 -7.18 6.98
CA ASP D 395 -19.29 -8.43 6.71
C ASP D 395 -18.27 -8.08 5.62
N VAL D 396 -16.99 -8.28 5.91
CA VAL D 396 -15.95 -8.02 4.92
C VAL D 396 -15.43 -9.34 4.44
N ILE D 397 -15.27 -9.46 3.12
CA ILE D 397 -14.96 -10.73 2.47
C ILE D 397 -13.79 -10.53 1.52
N ASN D 398 -12.72 -11.32 1.72
CA ASN D 398 -11.55 -11.25 0.84
C ASN D 398 -11.64 -12.31 -0.25
N MET D 399 -11.85 -11.90 -1.48
CA MET D 399 -11.87 -12.80 -2.61
C MET D 399 -10.50 -12.74 -3.26
N ASP D 400 -9.85 -13.90 -3.41
CA ASP D 400 -8.55 -13.98 -4.06
C ASP D 400 -8.44 -15.25 -4.89
N TYR D 401 -7.26 -15.45 -5.49
CA TYR D 401 -6.94 -16.68 -6.19
C TYR D 401 -6.11 -17.61 -5.30
N GLY D 402 -6.38 -17.58 -4.01
CA GLY D 402 -5.76 -18.50 -3.06
C GLY D 402 -4.42 -18.10 -2.49
N MET D 403 -3.81 -17.04 -3.00
CA MET D 403 -2.48 -16.61 -2.55
C MET D 403 -2.46 -15.12 -2.39
N GLN D 404 -3.37 -14.66 -1.56
CA GLN D 404 -3.58 -13.24 -1.33
C GLN D 404 -3.47 -12.49 -2.67
N GLU D 405 -2.53 -11.55 -2.79
CA GLU D 405 -2.45 -10.69 -3.97
C GLU D 405 -1.72 -11.30 -5.16
N LYS D 406 -1.16 -12.50 -4.99
CA LYS D 406 -0.33 -13.15 -6.02
C LYS D 406 -1.14 -13.97 -7.01
N ASN D 407 -0.59 -14.07 -8.22
CA ASN D 407 -1.09 -14.91 -9.30
C ASN D 407 -0.52 -16.29 -9.07
N PRO D 408 -1.34 -17.28 -8.73
CA PRO D 408 -0.79 -18.61 -8.46
C PRO D 408 -0.20 -19.30 -9.67
N ILE D 409 -0.56 -18.91 -10.87
CA ILE D 409 0.01 -19.50 -12.09
C ILE D 409 1.48 -19.11 -12.25
N ASP D 410 1.88 -17.98 -11.69
CA ASP D 410 3.30 -17.62 -11.62
C ASP D 410 4.09 -18.57 -10.71
N HIS D 411 3.40 -19.33 -9.86
CA HIS D 411 4.01 -20.40 -9.07
C HIS D 411 3.69 -21.83 -9.54
N VAL D 412 3.48 -22.01 -10.84
CA VAL D 412 3.30 -23.34 -11.45
C VAL D 412 4.42 -23.53 -12.46
N SER D 413 4.95 -24.75 -12.48
CA SER D 413 5.97 -25.14 -13.45
C SER D 413 5.29 -25.91 -14.57
N PHE D 414 5.73 -25.67 -15.81
CA PHE D 414 5.14 -26.29 -17.00
C PHE D 414 6.17 -27.11 -17.77
N TYR D 415 5.72 -27.95 -18.71
CA TYR D 415 6.64 -28.67 -19.61
C TYR D 415 6.12 -28.71 -21.03
N CYS D 416 7.00 -28.95 -22.00
CA CYS D 416 6.62 -28.99 -23.42
C CYS D 416 6.69 -30.37 -23.99
N LYS D 417 5.92 -30.59 -25.06
CA LYS D 417 5.88 -31.88 -25.74
C LYS D 417 7.28 -32.25 -26.21
N THR D 418 7.98 -31.26 -26.73
CA THR D 418 9.31 -31.42 -27.31
C THR D 418 10.43 -31.73 -26.30
N ALA D 419 10.24 -31.42 -25.02
CA ALA D 419 11.24 -31.61 -23.96
C ALA D 419 10.55 -31.80 -22.60
N PRO D 420 10.02 -33.01 -22.38
CA PRO D 420 9.14 -33.23 -21.26
C PRO D 420 9.79 -33.29 -19.87
N ASN D 421 11.11 -33.28 -19.80
CA ASN D 421 11.80 -33.20 -18.50
C ASN D 421 12.27 -31.81 -18.12
N ARG D 422 12.16 -30.88 -19.08
CA ARG D 422 12.60 -29.53 -18.89
C ARG D 422 11.43 -28.65 -18.48
N ALA D 423 11.47 -28.25 -17.21
CA ALA D 423 10.45 -27.38 -16.63
C ALA D 423 10.63 -25.95 -17.04
N ILE D 424 9.53 -25.22 -17.17
CA ILE D 424 9.55 -23.82 -17.59
C ILE D 424 8.48 -23.02 -16.85
N ARG D 425 8.50 -21.70 -17.04
CA ARG D 425 7.50 -20.81 -16.49
C ARG D 425 6.72 -20.19 -17.62
N ILE D 426 5.46 -19.83 -17.35
CA ILE D 426 4.63 -19.13 -18.32
C ILE D 426 4.03 -17.94 -17.59
N THR D 427 4.32 -16.75 -18.08
CA THR D 427 3.84 -15.51 -17.44
C THR D 427 2.41 -15.24 -17.88
N LYS D 428 1.80 -14.23 -17.29
CA LYS D 428 0.43 -13.87 -17.69
C LYS D 428 0.37 -13.33 -19.12
N ASN D 429 1.31 -12.47 -19.48
CA ASN D 429 1.37 -11.86 -20.82
C ASN D 429 1.48 -12.87 -21.97
N GLN D 430 2.13 -14.00 -21.69
CA GLN D 430 2.27 -15.07 -22.66
C GLN D 430 0.96 -15.80 -22.96
N VAL D 431 -0.07 -15.64 -22.09
CA VAL D 431 -1.33 -16.39 -22.22
C VAL D 431 -2.45 -15.58 -22.87
N SER D 432 -2.83 -14.48 -22.22
CA SER D 432 -3.98 -13.69 -22.66
C SER D 432 -4.08 -12.33 -21.99
N GLN D 433 -4.48 -11.33 -22.77
CA GLN D 433 -4.84 -10.01 -22.28
C GLN D 433 -6.21 -9.94 -21.61
N LEU D 434 -7.03 -10.97 -21.79
CA LEU D 434 -8.38 -11.03 -21.17
C LEU D 434 -8.41 -11.67 -19.77
N LEU D 435 -7.24 -11.93 -19.19
CA LEU D 435 -7.17 -12.47 -17.82
C LEU D 435 -7.31 -11.33 -16.82
N PRO D 436 -7.47 -11.66 -15.53
CA PRO D 436 -7.64 -10.61 -14.53
C PRO D 436 -6.40 -9.74 -14.35
N GLU D 437 -6.62 -8.46 -14.02
CA GLU D 437 -5.55 -7.52 -13.79
C GLU D 437 -4.96 -7.73 -12.40
N LYS D 438 -5.84 -7.79 -11.41
CA LYS D 438 -5.51 -8.11 -10.01
C LYS D 438 -5.94 -9.53 -9.69
N PHE D 439 -5.45 -10.06 -8.58
CA PHE D 439 -5.84 -11.41 -8.11
C PHE D 439 -6.39 -11.43 -6.68
N ALA D 440 -6.80 -10.28 -6.18
CA ALA D 440 -7.49 -10.17 -4.91
C ALA D 440 -8.30 -8.90 -4.85
N GLU D 441 -9.37 -8.94 -4.07
CA GLU D 441 -10.23 -7.78 -3.84
C GLU D 441 -11.03 -8.01 -2.58
N GLN D 442 -11.76 -6.98 -2.17
CA GLN D 442 -12.58 -7.06 -0.97
C GLN D 442 -14.01 -6.71 -1.28
N LEU D 443 -14.93 -7.42 -0.65
CA LEU D 443 -16.35 -7.12 -0.75
C LEU D 443 -16.86 -6.78 0.62
N ILE D 444 -17.65 -5.72 0.69
CA ILE D 444 -18.22 -5.27 1.95
C ILE D 444 -19.72 -5.34 1.82
N ARG D 445 -20.34 -6.23 2.60
CA ARG D 445 -21.78 -6.37 2.65
C ARG D 445 -22.26 -5.75 3.94
N VAL D 446 -23.32 -4.96 3.86
CA VAL D 446 -23.92 -4.35 5.04
C VAL D 446 -25.32 -4.90 5.18
N TYR D 447 -25.68 -5.29 6.40
CA TYR D 447 -27.03 -5.75 6.71
C TYR D 447 -27.56 -4.93 7.86
N CYS D 448 -28.88 -4.98 8.08
CA CYS D 448 -29.51 -4.26 9.18
C CYS D 448 -30.32 -5.24 10.01
N LYS D 449 -30.14 -5.20 11.33
CA LYS D 449 -30.87 -6.12 12.23
C LYS D 449 -32.35 -5.78 12.40
N LYS D 450 -32.72 -4.51 12.18
CA LYS D 450 -34.13 -4.13 12.20
C LYS D 450 -34.75 -4.39 10.82
N VAL D 451 -35.84 -5.16 10.84
CA VAL D 451 -36.43 -5.77 9.65
C VAL D 451 -37.49 -4.87 8.97
N ASP D 452 -38.22 -4.07 9.74
CA ASP D 452 -39.36 -3.25 9.26
C ASP D 452 -39.08 -2.29 8.08
N ARG D 453 -40.15 -1.92 7.36
CA ARG D 453 -40.06 -1.08 6.15
C ARG D 453 -39.35 0.27 6.42
N LYS D 454 -39.63 0.89 7.56
CA LYS D 454 -39.09 2.22 7.92
C LYS D 454 -37.59 2.18 8.21
N SER D 455 -37.15 1.18 8.97
CA SER D 455 -35.73 1.04 9.35
C SER D 455 -34.83 0.65 8.18
N LEU D 456 -35.37 -0.19 7.29
CA LEU D 456 -34.66 -0.59 6.09
C LEU D 456 -34.41 0.59 5.15
N TYR D 457 -35.40 1.47 4.99
CA TYR D 457 -35.20 2.71 4.21
C TYR D 457 -34.05 3.54 4.80
N ALA D 458 -34.07 3.68 6.13
CA ALA D 458 -33.06 4.48 6.82
C ALA D 458 -31.68 3.87 6.62
N ALA D 459 -31.60 2.56 6.85
CA ALA D 459 -30.36 1.81 6.70
C ALA D 459 -29.72 2.02 5.34
N ARG D 460 -30.54 1.96 4.29
CA ARG D 460 -30.09 2.22 2.91
C ARG D 460 -29.46 3.60 2.73
N GLN D 461 -30.03 4.59 3.39
CA GLN D 461 -29.51 5.96 3.29
C GLN D 461 -28.17 6.06 4.01
N TYR D 462 -28.09 5.55 5.23
CA TYR D 462 -26.82 5.49 5.95
C TYR D 462 -25.74 4.80 5.14
N PHE D 463 -26.09 3.66 4.55
CA PHE D 463 -25.14 2.85 3.78
C PHE D 463 -24.63 3.59 2.54
N VAL D 464 -25.53 4.08 1.70
CA VAL D 464 -25.11 4.70 0.44
C VAL D 464 -24.32 5.98 0.69
N GLN D 465 -24.60 6.63 1.81
CA GLN D 465 -23.81 7.79 2.25
C GLN D 465 -22.43 7.34 2.65
N TRP D 466 -22.37 6.39 3.59
CA TRP D 466 -21.11 5.82 4.06
C TRP D 466 -20.19 5.41 2.93
N CYS D 467 -20.77 4.90 1.84
CA CYS D 467 -20.04 4.57 0.62
C CYS D 467 -19.44 5.81 -0.03
N ALA D 468 -20.23 6.87 -0.15
CA ALA D 468 -19.73 8.14 -0.70
C ALA D 468 -18.66 8.74 0.22
N ASP D 469 -18.90 8.70 1.53
CA ASP D 469 -17.99 9.24 2.54
C ASP D 469 -16.59 8.62 2.45
N ARG D 470 -16.52 7.31 2.19
CA ARG D 470 -15.23 6.59 2.18
C ARG D 470 -14.65 6.33 0.78
N ASN D 471 -15.21 7.01 -0.20
CA ASN D 471 -14.84 6.85 -1.61
C ASN D 471 -14.86 5.38 -2.08
N PHE D 472 -15.89 4.66 -1.66
CA PHE D 472 -16.17 3.29 -2.13
C PHE D 472 -16.96 3.32 -3.44
N THR D 473 -17.12 2.15 -4.05
CA THR D 473 -17.85 2.02 -5.31
C THR D 473 -19.33 2.23 -5.08
N LYS D 474 -20.01 2.73 -6.11
CA LYS D 474 -21.45 2.94 -6.05
C LYS D 474 -22.15 1.62 -5.96
N PRO D 475 -23.03 1.42 -4.95
CA PRO D 475 -23.82 0.20 -4.94
C PRO D 475 -24.59 0.04 -6.27
N GLN D 476 -24.65 -1.19 -6.78
CA GLN D 476 -25.29 -1.48 -8.07
C GLN D 476 -26.70 -0.91 -8.17
N ASP D 477 -27.47 -1.15 -7.11
CA ASP D 477 -28.84 -0.64 -6.98
C ASP D 477 -28.94 0.76 -6.34
N GLY D 478 -27.85 1.51 -6.32
CA GLY D 478 -27.72 2.70 -5.48
C GLY D 478 -28.65 3.84 -5.87
N ASP D 479 -28.84 4.03 -7.18
CA ASP D 479 -29.73 5.08 -7.67
C ASP D 479 -31.18 4.81 -7.32
N VAL D 480 -31.54 3.55 -7.13
CA VAL D 480 -32.89 3.16 -6.75
C VAL D 480 -33.13 3.30 -5.24
N ILE D 481 -32.26 2.67 -4.44
CA ILE D 481 -32.46 2.62 -2.97
C ILE D 481 -32.24 3.95 -2.24
N ALA D 482 -31.40 4.82 -2.81
CA ALA D 482 -31.09 6.11 -2.22
C ALA D 482 -30.88 7.14 -3.33
N PRO D 483 -31.98 7.51 -4.02
CA PRO D 483 -31.89 8.39 -5.20
C PRO D 483 -31.53 9.82 -4.84
N LEU D 484 -31.77 10.23 -3.59
CA LEU D 484 -31.44 11.56 -3.12
C LEU D 484 -29.96 11.69 -2.72
N ILE D 485 -29.27 10.56 -2.49
CA ILE D 485 -27.86 10.57 -2.06
C ILE D 485 -26.84 10.39 -3.19
N THR D 486 -27.16 9.61 -4.22
CA THR D 486 -26.19 9.32 -5.31
C THR D 486 -25.74 10.53 -6.17
N PRO D 487 -26.62 11.53 -6.42
CA PRO D 487 -26.05 12.68 -7.15
C PRO D 487 -25.02 13.52 -6.36
N GLN D 488 -25.13 13.53 -5.03
CA GLN D 488 -24.14 14.20 -4.13
C GLN D 488 -22.68 13.93 -4.50
N LYS D 489 -22.34 12.71 -4.88
CA LYS D 489 -20.96 12.34 -5.23
C LYS D 489 -20.63 12.63 -6.69
N LYS D 490 -19.68 13.55 -6.92
CA LYS D 490 -19.21 13.94 -8.27
C LYS D 490 -18.66 12.73 -9.04
N GLU D 491 -17.88 11.90 -8.33
CA GLU D 491 -17.20 10.74 -8.93
C GLU D 491 -18.16 9.67 -9.53
N TRP D 492 -19.41 9.59 -9.06
CA TRP D 492 -20.39 8.62 -9.58
C TRP D 492 -21.17 9.08 -10.83
N ASN D 493 -20.99 10.32 -11.29
CA ASN D 493 -21.65 10.81 -12.53
C ASN D 493 -20.73 10.76 -13.75
N THR E 8 -28.67 40.00 18.09
CA THR E 8 -30.02 39.35 18.31
C THR E 8 -31.04 39.80 17.21
N MET E 9 -32.27 39.30 17.30
CA MET E 9 -33.34 39.53 16.32
C MET E 9 -34.28 40.61 16.80
N LYS E 10 -34.86 41.35 15.86
CA LYS E 10 -35.92 42.30 16.17
C LYS E 10 -37.28 41.71 15.89
N VAL E 11 -38.20 41.85 16.83
CA VAL E 11 -39.55 41.34 16.66
C VAL E 11 -40.48 42.51 16.41
N ILE E 12 -41.44 42.32 15.50
CA ILE E 12 -42.37 43.36 15.10
C ILE E 12 -43.76 42.74 14.90
N ASN E 13 -44.81 43.44 15.38
CA ASN E 13 -46.16 42.86 15.44
C ASN E 13 -47.09 43.38 14.34
N ASP E 14 -47.19 42.55 13.30
CA ASP E 14 -48.13 42.71 12.21
C ASP E 14 -49.45 42.05 12.58
N PRO E 15 -50.59 42.73 12.36
CA PRO E 15 -51.86 42.13 12.72
C PRO E 15 -52.29 40.95 11.87
N ILE E 16 -51.70 40.77 10.69
CA ILE E 16 -52.01 39.63 9.85
C ILE E 16 -51.21 38.44 10.27
N HIS E 17 -49.90 38.58 10.33
CA HIS E 17 -48.99 37.44 10.48
C HIS E 17 -48.52 37.17 11.88
N GLY E 18 -48.73 38.11 12.79
CA GLY E 18 -48.33 37.91 14.18
C GLY E 18 -47.00 38.57 14.43
N HIS E 19 -46.19 37.99 15.32
CA HIS E 19 -44.88 38.53 15.64
C HIS E 19 -43.85 38.01 14.65
N ILE E 20 -43.45 38.88 13.72
CA ILE E 20 -42.43 38.58 12.74
C ILE E 20 -41.04 38.82 13.35
N GLU E 21 -40.09 37.92 13.10
CA GLU E 21 -38.69 38.15 13.43
C GLU E 21 -37.97 38.76 12.24
N LEU E 22 -37.17 39.79 12.50
CA LEU E 22 -36.41 40.49 11.46
C LEU E 22 -34.91 40.37 11.73
N HIS E 23 -34.24 39.73 10.78
CA HIS E 23 -32.79 39.65 10.77
C HIS E 23 -32.15 41.04 10.69
N PRO E 24 -30.99 41.25 11.37
CA PRO E 24 -30.38 42.58 11.43
C PRO E 24 -30.16 43.27 10.11
N LEU E 25 -29.78 42.50 9.10
CA LEU E 25 -29.65 42.97 7.72
C LEU E 25 -30.95 43.53 7.17
N LEU E 26 -32.05 42.85 7.45
CA LEU E 26 -33.37 43.32 7.01
C LEU E 26 -33.74 44.61 7.72
N VAL E 27 -33.48 44.68 9.03
CA VAL E 27 -33.75 45.88 9.81
C VAL E 27 -33.00 47.06 9.24
N ARG E 28 -31.79 46.80 8.81
CA ARG E 28 -30.91 47.83 8.27
C ARG E 28 -31.43 48.35 6.93
N ILE E 29 -31.99 47.46 6.13
CA ILE E 29 -32.65 47.81 4.86
C ILE E 29 -33.96 48.55 5.11
N ILE E 30 -34.74 48.06 6.07
CA ILE E 30 -36.02 48.69 6.43
C ILE E 30 -35.87 50.13 6.88
N ASN E 31 -34.88 50.39 7.73
CA ASN E 31 -34.67 51.73 8.29
C ASN E 31 -33.88 52.66 7.35
N THR E 32 -34.46 52.91 6.19
CA THR E 32 -33.91 53.79 5.18
C THR E 32 -35.05 54.61 4.56
N PRO E 33 -34.75 55.82 4.06
CA PRO E 33 -35.78 56.62 3.42
C PRO E 33 -36.49 55.95 2.25
N GLN E 34 -35.79 55.08 1.54
CA GLN E 34 -36.31 54.46 0.32
C GLN E 34 -37.40 53.44 0.64
N PHE E 35 -37.23 52.78 1.78
CA PHE E 35 -38.18 51.79 2.28
C PHE E 35 -39.28 52.45 3.10
N GLN E 36 -38.92 53.32 4.05
CA GLN E 36 -39.93 53.95 4.93
C GLN E 36 -40.91 54.79 4.12
N ARG E 37 -40.48 55.24 2.94
CA ARG E 37 -41.35 55.84 1.93
C ARG E 37 -42.68 55.10 1.76
N LEU E 38 -42.63 53.77 1.81
CA LEU E 38 -43.81 52.96 1.62
C LEU E 38 -44.86 53.14 2.69
N ARG E 39 -44.52 53.75 3.83
CA ARG E 39 -45.52 54.12 4.83
C ARG E 39 -46.52 55.13 4.33
N TYR E 40 -46.17 55.86 3.27
CA TYR E 40 -46.98 56.95 2.77
C TYR E 40 -47.57 56.64 1.38
N ILE E 41 -47.75 55.37 1.07
CA ILE E 41 -48.43 54.95 -0.14
C ILE E 41 -49.48 53.89 0.18
N LYS E 42 -50.75 54.18 -0.10
CA LYS E 42 -51.82 53.25 0.24
C LYS E 42 -51.83 52.07 -0.69
N GLN E 43 -52.18 50.91 -0.13
CA GLN E 43 -52.15 49.66 -0.87
C GLN E 43 -53.16 49.71 -1.98
N LEU E 44 -54.38 50.12 -1.63
CA LEU E 44 -55.50 50.08 -2.56
C LEU E 44 -55.86 51.44 -3.13
N GLY E 45 -54.91 52.36 -3.14
CA GLY E 45 -55.12 53.69 -3.70
C GLY E 45 -56.44 54.32 -3.37
N GLY E 46 -57.22 54.56 -4.44
CA GLY E 46 -58.54 55.17 -4.32
C GLY E 46 -59.61 54.32 -3.64
N GLY E 47 -59.35 53.02 -3.47
CA GLY E 47 -60.20 52.14 -2.72
C GLY E 47 -60.55 52.60 -1.32
N TYR E 48 -59.61 53.30 -0.68
CA TYR E 48 -59.89 53.91 0.64
C TYR E 48 -61.13 54.79 0.62
N TYR E 49 -61.36 55.47 -0.51
CA TYR E 49 -62.51 56.37 -0.68
C TYR E 49 -63.84 55.62 -0.94
N VAL E 50 -63.79 54.28 -0.99
CA VAL E 50 -64.97 53.43 -1.00
C VAL E 50 -65.06 52.47 0.19
N PHE E 51 -63.94 51.85 0.54
CA PHE E 51 -63.84 50.99 1.73
C PHE E 51 -63.07 51.74 2.80
N PRO E 52 -63.78 52.36 3.76
CA PRO E 52 -63.06 53.20 4.71
C PRO E 52 -62.10 52.41 5.62
N GLY E 53 -62.19 51.07 5.62
CA GLY E 53 -61.19 50.30 6.34
C GLY E 53 -59.78 50.29 5.74
N ALA E 54 -59.70 50.51 4.42
CA ALA E 54 -58.51 50.28 3.60
C ALA E 54 -57.45 51.40 3.64
N SER E 55 -57.15 51.81 4.87
CA SER E 55 -56.12 52.78 5.23
C SER E 55 -54.71 52.22 5.10
N HIS E 56 -54.60 50.88 5.04
CA HIS E 56 -53.31 50.20 5.01
C HIS E 56 -52.43 50.59 3.84
N ASN E 57 -51.12 50.64 4.14
CA ASN E 57 -50.07 51.11 3.25
C ASN E 57 -49.12 49.98 2.83
N ARG E 58 -48.30 50.27 1.81
CA ARG E 58 -47.38 49.27 1.23
C ARG E 58 -46.33 48.78 2.21
N PHE E 59 -45.85 49.67 3.06
CA PHE E 59 -44.90 49.32 4.12
C PHE E 59 -45.20 47.96 4.75
N GLU E 60 -46.42 47.83 5.29
CA GLU E 60 -46.77 46.63 6.04
C GLU E 60 -47.02 45.41 5.14
N HIS E 61 -47.53 45.62 3.93
CA HIS E 61 -47.58 44.57 2.89
C HIS E 61 -46.16 44.06 2.63
N SER E 62 -45.23 45.01 2.43
CA SER E 62 -43.85 44.71 2.15
C SER E 62 -43.23 43.85 3.27
N LEU E 63 -43.45 44.20 4.54
CA LEU E 63 -42.99 43.36 5.65
C LEU E 63 -43.53 41.93 5.58
N GLY E 64 -44.82 41.82 5.30
CA GLY E 64 -45.48 40.53 5.25
C GLY E 64 -45.01 39.64 4.12
N VAL E 65 -44.74 40.24 2.97
CA VAL E 65 -44.25 39.45 1.84
C VAL E 65 -42.85 38.95 2.16
N GLY E 66 -42.05 39.80 2.79
CA GLY E 66 -40.75 39.41 3.30
C GLY E 66 -40.88 38.26 4.27
N TYR E 67 -41.83 38.37 5.19
CA TYR E 67 -42.05 37.31 6.17
C TYR E 67 -42.44 35.96 5.55
N LEU E 68 -43.41 36.00 4.64
CA LEU E 68 -43.91 34.77 4.01
C LEU E 68 -42.88 34.16 3.10
N ALA E 69 -42.10 34.99 2.43
CA ALA E 69 -41.01 34.48 1.63
C ALA E 69 -40.05 33.63 2.48
N GLY E 70 -39.73 34.14 3.67
CA GLY E 70 -38.94 33.39 4.65
C GLY E 70 -39.62 32.08 5.06
N CYS E 71 -40.92 32.13 5.33
CA CYS E 71 -41.65 30.96 5.77
C CYS E 71 -41.55 29.85 4.76
N LEU E 72 -41.78 30.17 3.50
CA LEU E 72 -41.86 29.16 2.47
C LEU E 72 -40.49 28.56 2.18
N VAL E 73 -39.48 29.40 2.02
CA VAL E 73 -38.14 28.90 1.75
C VAL E 73 -37.57 28.11 2.93
N HIS E 74 -37.83 28.55 4.15
CA HIS E 74 -37.38 27.86 5.35
C HIS E 74 -38.10 26.51 5.50
N ALA E 75 -39.37 26.47 5.14
CA ALA E 75 -40.16 25.23 5.19
C ALA E 75 -39.68 24.21 4.20
N LEU E 76 -39.40 24.63 2.98
CA LEU E 76 -38.89 23.73 1.96
C LEU E 76 -37.57 23.14 2.41
N GLY E 77 -36.75 23.97 3.06
CA GLY E 77 -35.46 23.55 3.59
C GLY E 77 -35.55 22.48 4.67
N GLU E 78 -36.44 22.64 5.63
CA GLU E 78 -36.58 21.65 6.71
C GLU E 78 -37.09 20.35 6.12
N LYS E 79 -38.13 20.41 5.29
CA LYS E 79 -38.74 19.19 4.71
C LYS E 79 -37.75 18.47 3.74
N GLN E 80 -36.88 19.20 3.04
CA GLN E 80 -35.97 18.60 2.02
C GLN E 80 -34.54 19.14 2.12
N PRO E 81 -33.73 18.55 3.02
CA PRO E 81 -32.34 18.99 3.18
C PRO E 81 -31.51 18.80 1.92
N GLU E 82 -31.84 17.78 1.12
CA GLU E 82 -31.20 17.53 -0.16
C GLU E 82 -31.08 18.76 -1.06
N LEU E 83 -31.96 19.74 -0.91
CA LEU E 83 -31.95 20.95 -1.73
C LEU E 83 -30.78 21.89 -1.43
N GLN E 84 -30.22 21.75 -0.23
CA GLN E 84 -29.08 22.56 0.23
C GLN E 84 -29.37 24.04 0.10
N ILE E 85 -30.44 24.42 0.80
CA ILE E 85 -30.86 25.79 0.87
C ILE E 85 -30.02 26.38 1.98
N SER E 86 -29.22 27.40 1.66
CA SER E 86 -28.34 28.03 2.65
C SER E 86 -29.00 29.18 3.37
N GLU E 87 -28.48 29.56 4.52
CA GLU E 87 -28.96 30.76 5.23
C GLU E 87 -28.72 32.02 4.41
N ARG E 88 -27.79 31.93 3.48
CA ARG E 88 -27.60 32.97 2.49
C ARG E 88 -28.77 33.04 1.52
N ASP E 89 -29.20 31.90 1.00
CA ASP E 89 -30.36 31.85 0.11
C ASP E 89 -31.61 32.40 0.79
N VAL E 90 -31.81 32.03 2.07
CA VAL E 90 -32.98 32.45 2.83
C VAL E 90 -33.02 33.96 2.97
N LEU E 91 -31.89 34.53 3.37
CA LEU E 91 -31.80 35.98 3.49
C LEU E 91 -32.10 36.70 2.20
N CYS E 92 -31.59 36.19 1.10
CA CYS E 92 -31.81 36.81 -0.20
C CYS E 92 -33.28 36.79 -0.62
N VAL E 93 -33.93 35.68 -0.36
CA VAL E 93 -35.36 35.51 -0.66
C VAL E 93 -36.17 36.50 0.19
N GLN E 94 -35.83 36.60 1.48
CA GLN E 94 -36.47 37.58 2.38
C GLN E 94 -36.28 39.01 1.92
N ILE E 95 -35.06 39.36 1.52
CA ILE E 95 -34.77 40.70 1.05
C ILE E 95 -35.59 41.02 -0.19
N ALA E 96 -35.71 40.06 -1.09
CA ALA E 96 -36.51 40.26 -2.30
C ALA E 96 -37.96 40.51 -1.94
N GLY E 97 -38.51 39.63 -1.11
CA GLY E 97 -39.88 39.77 -0.65
C GLY E 97 -40.12 41.12 0.00
N LEU E 98 -39.18 41.53 0.84
CA LEU E 98 -39.27 42.78 1.57
C LEU E 98 -39.27 43.99 0.62
N CYS E 99 -38.43 43.93 -0.40
CA CYS E 99 -38.22 45.04 -1.34
C CYS E 99 -39.01 44.94 -2.64
N HIS E 100 -39.95 44.00 -2.73
CA HIS E 100 -40.52 43.62 -4.03
C HIS E 100 -41.41 44.71 -4.61
N ASP E 101 -42.06 45.48 -3.73
CA ASP E 101 -42.94 46.56 -4.16
C ASP E 101 -42.36 47.95 -3.89
N LEU E 102 -41.07 48.01 -3.60
CA LEU E 102 -40.36 49.30 -3.41
C LEU E 102 -40.63 50.43 -4.41
N GLY E 103 -40.96 50.06 -5.65
CA GLY E 103 -41.18 51.01 -6.72
C GLY E 103 -42.61 51.42 -7.04
N HIS E 104 -43.55 51.16 -6.15
CA HIS E 104 -44.91 51.63 -6.37
C HIS E 104 -44.98 53.13 -6.25
N GLY E 105 -45.84 53.73 -7.06
CA GLY E 105 -46.01 55.18 -7.03
C GLY E 105 -47.13 55.62 -6.10
N PRO E 106 -47.43 56.93 -6.11
CA PRO E 106 -48.58 57.44 -5.39
C PRO E 106 -49.84 56.69 -5.80
N PHE E 107 -50.62 56.28 -4.79
CA PHE E 107 -51.83 55.46 -4.97
C PHE E 107 -51.57 54.16 -5.74
N SER E 108 -50.44 53.54 -5.45
CA SER E 108 -50.08 52.20 -5.93
C SER E 108 -50.33 51.97 -7.43
N HIS E 109 -51.39 51.24 -7.79
CA HIS E 109 -51.57 50.76 -9.16
C HIS E 109 -52.18 51.83 -10.05
N MET E 110 -52.80 52.83 -9.45
CA MET E 110 -53.22 54.01 -10.18
C MET E 110 -52.05 54.63 -10.95
N PHE E 111 -50.89 54.68 -10.31
CA PHE E 111 -49.69 55.28 -10.91
C PHE E 111 -49.18 54.55 -12.13
N ASP E 112 -48.84 53.28 -11.98
CA ASP E 112 -48.28 52.51 -13.10
C ASP E 112 -49.34 52.03 -14.09
N GLY E 113 -50.61 52.00 -13.65
CA GLY E 113 -51.71 51.47 -14.45
C GLY E 113 -52.54 52.49 -15.19
N ARG E 114 -52.71 53.69 -14.63
CA ARG E 114 -53.48 54.77 -15.27
C ARG E 114 -52.63 55.97 -15.64
N PHE E 115 -51.93 56.55 -14.67
CA PHE E 115 -51.22 57.82 -14.84
C PHE E 115 -50.04 57.80 -15.81
N ILE E 116 -49.06 56.97 -15.55
CA ILE E 116 -47.86 56.94 -16.39
C ILE E 116 -48.20 56.58 -17.84
N PRO E 117 -49.07 55.59 -18.07
CA PRO E 117 -49.47 55.34 -19.45
C PRO E 117 -50.13 56.53 -20.17
N LEU E 118 -50.81 57.42 -19.46
CA LEU E 118 -51.37 58.63 -20.06
C LEU E 118 -50.37 59.75 -20.15
N ALA E 119 -49.63 59.98 -19.07
CA ALA E 119 -48.65 61.08 -19.01
C ALA E 119 -47.47 60.88 -19.93
N ARG E 120 -47.03 59.64 -20.10
CA ARG E 120 -45.83 59.33 -20.90
C ARG E 120 -46.02 58.05 -21.70
N PRO E 121 -46.84 58.12 -22.77
CA PRO E 121 -47.19 56.94 -23.59
C PRO E 121 -46.01 56.27 -24.27
N GLU E 122 -44.95 57.03 -24.52
CA GLU E 122 -43.71 56.49 -25.11
C GLU E 122 -43.03 55.41 -24.26
N VAL E 123 -43.13 55.48 -22.93
CA VAL E 123 -42.38 54.60 -22.03
C VAL E 123 -43.15 53.31 -21.76
N LYS E 124 -42.43 52.21 -21.56
CA LYS E 124 -42.98 50.97 -21.02
C LYS E 124 -42.36 50.83 -19.62
N TRP E 125 -43.11 51.25 -18.59
CA TRP E 125 -42.66 51.26 -17.18
C TRP E 125 -43.66 50.56 -16.26
N THR E 126 -43.14 49.84 -15.26
CA THR E 126 -43.95 49.08 -14.30
C THR E 126 -43.46 49.30 -12.86
N HIS E 127 -44.31 48.94 -11.87
CA HIS E 127 -43.95 49.08 -10.44
C HIS E 127 -42.68 48.28 -10.15
N GLU E 128 -42.53 47.13 -10.82
CA GLU E 128 -41.44 46.20 -10.60
C GLU E 128 -40.12 46.77 -11.07
N GLN E 129 -40.10 47.34 -12.28
CA GLN E 129 -38.89 47.97 -12.81
C GLN E 129 -38.42 49.05 -11.85
N GLY E 130 -39.38 49.80 -11.32
CA GLY E 130 -39.11 50.80 -10.30
C GLY E 130 -38.51 50.20 -9.05
N SER E 131 -39.00 49.05 -8.63
CA SER E 131 -38.46 48.37 -7.45
C SER E 131 -36.99 48.01 -7.60
N VAL E 132 -36.62 47.48 -8.75
CA VAL E 132 -35.23 47.16 -9.03
C VAL E 132 -34.37 48.40 -8.92
N MET E 133 -34.79 49.47 -9.58
CA MET E 133 -34.04 50.73 -9.55
C MET E 133 -33.96 51.32 -8.15
N MET E 134 -35.08 51.31 -7.45
CA MET E 134 -35.15 51.86 -6.11
C MET E 134 -34.37 50.97 -5.13
N PHE E 135 -34.29 49.67 -5.41
CA PHE E 135 -33.47 48.77 -4.59
C PHE E 135 -31.99 49.10 -4.71
N GLU E 136 -31.51 49.25 -5.96
CA GLU E 136 -30.17 49.72 -6.26
C GLU E 136 -29.87 51.02 -5.51
N HIS E 137 -30.76 52.01 -5.63
CA HIS E 137 -30.59 53.30 -4.94
C HIS E 137 -30.51 53.14 -3.42
N LEU E 138 -31.33 52.27 -2.86
CA LEU E 138 -31.34 52.01 -1.43
C LEU E 138 -30.00 51.47 -0.96
N ILE E 139 -29.49 50.48 -1.67
CA ILE E 139 -28.24 49.82 -1.35
C ILE E 139 -27.07 50.80 -1.36
N ASN E 140 -26.99 51.59 -2.43
CA ASN E 140 -25.86 52.48 -2.65
C ASN E 140 -25.90 53.66 -1.71
N SER E 141 -27.04 54.31 -1.59
CA SER E 141 -27.15 55.49 -0.74
C SER E 141 -27.07 55.17 0.77
N ASN E 142 -27.18 53.92 1.21
CA ASN E 142 -27.14 53.59 2.65
C ASN E 142 -26.01 52.63 3.08
N GLY E 143 -25.07 52.33 2.18
CA GLY E 143 -23.92 51.49 2.51
C GLY E 143 -24.28 50.10 3.02
N ILE E 144 -25.19 49.46 2.29
CA ILE E 144 -25.71 48.17 2.68
C ILE E 144 -24.73 47.06 2.29
N LYS E 145 -24.03 47.25 1.17
CA LYS E 145 -23.10 46.24 0.64
C LYS E 145 -22.11 45.66 1.68
N PRO E 146 -21.46 46.52 2.49
CA PRO E 146 -20.66 46.04 3.63
C PRO E 146 -21.41 45.15 4.60
N VAL E 147 -22.65 45.51 4.89
CA VAL E 147 -23.48 44.78 5.85
C VAL E 147 -23.90 43.43 5.26
N MET E 148 -24.19 43.39 3.97
CA MET E 148 -24.51 42.12 3.31
C MET E 148 -23.34 41.13 3.46
N GLU E 149 -22.12 41.61 3.18
CA GLU E 149 -20.90 40.81 3.33
C GLU E 149 -20.73 40.32 4.75
N GLN E 150 -20.93 41.22 5.71
CA GLN E 150 -20.84 40.88 7.13
C GLN E 150 -21.68 39.67 7.51
N TYR E 151 -22.85 39.54 6.89
CA TYR E 151 -23.75 38.40 7.16
C TYR E 151 -23.68 37.31 6.08
N GLY E 152 -22.54 37.18 5.41
CA GLY E 152 -22.28 36.06 4.52
C GLY E 152 -22.83 36.14 3.11
N LEU E 153 -23.32 37.29 2.69
CA LEU E 153 -23.80 37.43 1.32
C LEU E 153 -22.66 37.87 0.41
N ILE E 154 -22.86 37.67 -0.89
CA ILE E 154 -21.91 38.06 -1.91
C ILE E 154 -22.59 39.05 -2.86
N PRO E 155 -22.46 40.36 -2.61
CA PRO E 155 -23.19 41.39 -3.36
C PRO E 155 -23.20 41.23 -4.88
N GLU E 156 -22.07 40.88 -5.50
CA GLU E 156 -22.06 40.67 -6.95
C GLU E 156 -23.18 39.71 -7.39
N GLU E 157 -23.13 38.49 -6.87
CA GLU E 157 -24.09 37.44 -7.22
C GLU E 157 -25.49 37.69 -6.66
N ASP E 158 -25.56 38.08 -5.39
CA ASP E 158 -26.84 38.13 -4.68
C ASP E 158 -27.73 39.33 -5.01
N ILE E 159 -27.15 40.51 -5.22
CA ILE E 159 -27.95 41.67 -5.65
C ILE E 159 -28.60 41.41 -7.00
N CYS E 160 -27.93 40.64 -7.86
CA CYS E 160 -28.54 40.21 -9.10
C CYS E 160 -29.71 39.27 -8.82
N PHE E 161 -29.48 38.28 -7.95
CA PHE E 161 -30.49 37.31 -7.55
C PHE E 161 -31.75 37.97 -6.98
N ILE E 162 -31.55 38.97 -6.13
CA ILE E 162 -32.64 39.72 -5.53
C ILE E 162 -33.44 40.46 -6.61
N LYS E 163 -32.75 41.18 -7.48
CA LYS E 163 -33.41 41.91 -8.57
C LYS E 163 -34.14 40.94 -9.49
N GLU E 164 -33.54 39.79 -9.77
CA GLU E 164 -34.14 38.79 -10.62
C GLU E 164 -35.43 38.19 -10.03
N GLN E 165 -35.46 38.03 -8.72
CA GLN E 165 -36.67 37.59 -8.03
C GLN E 165 -37.83 38.54 -8.24
N ILE E 166 -37.52 39.84 -8.33
CA ILE E 166 -38.53 40.87 -8.44
C ILE E 166 -39.10 41.03 -9.86
N VAL E 167 -38.23 41.26 -10.85
CA VAL E 167 -38.66 41.59 -12.23
C VAL E 167 -38.54 40.47 -13.24
N GLY E 168 -37.94 39.35 -12.86
CA GLY E 168 -37.65 38.29 -13.81
C GLY E 168 -36.24 38.47 -14.36
N PRO E 169 -35.94 37.85 -15.50
CA PRO E 169 -34.54 37.87 -15.94
C PRO E 169 -34.10 39.22 -16.45
N LEU E 170 -32.92 39.66 -16.01
CA LEU E 170 -32.36 40.93 -16.46
C LEU E 170 -31.81 40.81 -17.92
N LEU E 178 -32.37 27.27 -22.48
CA LEU E 178 -31.19 27.96 -21.98
C LEU E 178 -31.66 28.71 -20.75
N TRP E 179 -30.97 28.45 -19.63
CA TRP E 179 -31.31 29.00 -18.30
C TRP E 179 -31.08 30.52 -18.26
N PRO E 180 -32.16 31.30 -18.19
CA PRO E 180 -32.03 32.74 -18.28
C PRO E 180 -31.48 33.50 -17.06
N TYR E 181 -31.28 32.86 -15.91
CA TYR E 181 -30.88 33.60 -14.71
C TYR E 181 -29.38 33.51 -14.44
N LYS E 182 -28.80 34.67 -14.09
CA LYS E 182 -27.40 34.77 -13.71
C LYS E 182 -27.20 34.69 -12.19
N GLY E 183 -28.24 34.91 -11.41
CA GLY E 183 -28.12 35.01 -9.95
C GLY E 183 -28.00 33.69 -9.21
N ARG E 184 -28.65 32.65 -9.74
CA ARG E 184 -28.57 31.31 -9.16
C ARG E 184 -28.67 30.24 -10.26
N PRO E 185 -28.06 29.07 -10.03
CA PRO E 185 -28.15 27.97 -10.99
C PRO E 185 -29.51 27.30 -11.10
N GLU E 186 -29.64 26.41 -12.09
CA GLU E 186 -30.90 25.67 -12.35
C GLU E 186 -31.34 24.77 -11.20
N ASN E 187 -30.38 24.28 -10.40
CA ASN E 187 -30.68 23.43 -9.25
C ASN E 187 -31.31 24.19 -8.08
N LYS E 188 -31.44 25.51 -8.22
CA LYS E 188 -32.18 26.33 -7.27
C LYS E 188 -33.21 27.21 -7.95
N SER E 189 -33.80 26.73 -9.04
CA SER E 189 -34.84 27.51 -9.75
C SER E 189 -36.08 27.75 -8.90
N PHE E 190 -36.34 26.82 -7.97
CA PHE E 190 -37.48 26.95 -7.08
C PHE E 190 -37.48 28.23 -6.27
N LEU E 191 -36.30 28.77 -5.97
CA LEU E 191 -36.22 30.03 -5.27
C LEU E 191 -36.85 31.22 -6.04
N TYR E 192 -36.84 31.16 -7.36
CA TYR E 192 -37.50 32.19 -8.17
C TYR E 192 -39.03 32.15 -8.19
N GLU E 193 -39.59 31.03 -7.73
CA GLU E 193 -41.03 30.86 -7.64
C GLU E 193 -41.68 31.32 -6.30
N ILE E 194 -40.90 31.92 -5.39
CA ILE E 194 -41.45 32.29 -4.07
C ILE E 194 -42.09 33.69 -4.04
N VAL E 195 -41.33 34.70 -4.41
CA VAL E 195 -41.77 36.09 -4.26
C VAL E 195 -42.66 36.53 -5.43
N SER E 196 -42.27 36.18 -6.65
CA SER E 196 -43.04 36.55 -7.85
C SER E 196 -42.88 35.44 -8.89
N ASN E 197 -43.91 34.61 -8.97
CA ASN E 197 -43.88 33.37 -9.73
C ASN E 197 -44.29 33.66 -11.17
N LYS E 198 -43.32 33.64 -12.08
CA LYS E 198 -43.57 33.93 -13.49
C LYS E 198 -44.23 32.76 -14.21
N ARG E 199 -44.09 31.55 -13.68
CA ARG E 199 -44.56 30.34 -14.33
C ARG E 199 -46.09 30.26 -14.30
N ASN E 200 -46.65 30.42 -13.10
CA ASN E 200 -48.09 30.28 -12.87
C ASN E 200 -48.75 31.38 -12.01
N GLY E 201 -47.96 32.18 -11.30
CA GLY E 201 -48.51 33.27 -10.49
C GLY E 201 -48.77 32.94 -9.02
N ILE E 202 -48.56 31.69 -8.61
CA ILE E 202 -48.74 31.31 -7.21
C ILE E 202 -47.51 31.74 -6.43
N ASP E 203 -47.63 32.86 -5.73
CA ASP E 203 -46.51 33.47 -4.98
C ASP E 203 -46.98 34.07 -3.63
N VAL E 204 -46.02 34.45 -2.80
CA VAL E 204 -46.38 34.97 -1.48
C VAL E 204 -46.85 36.44 -1.51
N ASP E 205 -46.57 37.19 -2.59
CA ASP E 205 -47.16 38.54 -2.76
C ASP E 205 -48.67 38.38 -2.63
N LYS E 206 -49.22 37.43 -3.40
CA LYS E 206 -50.66 37.16 -3.39
C LYS E 206 -51.14 36.78 -2.01
N TRP E 207 -50.41 35.91 -1.35
CA TRP E 207 -50.88 35.33 -0.10
C TRP E 207 -51.02 36.41 0.96
N ASP E 208 -50.06 37.33 0.99
CA ASP E 208 -50.13 38.41 1.95
C ASP E 208 -51.29 39.33 1.64
N TYR E 209 -51.39 39.83 0.41
CA TYR E 209 -52.42 40.84 0.14
C TYR E 209 -53.85 40.30 0.21
N PHE E 210 -54.05 39.01 -0.05
CA PHE E 210 -55.36 38.41 0.19
C PHE E 210 -55.74 38.61 1.66
N ALA E 211 -54.87 38.10 2.53
CA ALA E 211 -55.09 38.16 3.96
C ALA E 211 -55.20 39.59 4.44
N ARG E 212 -54.31 40.45 3.97
CA ARG E 212 -54.22 41.81 4.46
C ARG E 212 -55.36 42.67 3.95
N ASP E 213 -55.63 42.61 2.66
CA ASP E 213 -56.67 43.45 2.06
C ASP E 213 -58.01 43.05 2.65
N CYS E 214 -58.28 41.75 2.75
CA CYS E 214 -59.49 41.28 3.41
C CYS E 214 -59.68 41.82 4.83
N HIS E 215 -58.61 41.80 5.60
CA HIS E 215 -58.65 42.25 6.99
C HIS E 215 -59.13 43.67 7.09
N HIS E 216 -58.58 44.53 6.22
CA HIS E 216 -58.87 45.95 6.22
C HIS E 216 -60.15 46.29 5.42
N LEU E 217 -60.44 45.54 4.35
CA LEU E 217 -61.61 45.83 3.52
C LEU E 217 -62.92 45.57 4.27
N GLY E 218 -62.90 44.48 5.02
CA GLY E 218 -64.11 43.93 5.62
C GLY E 218 -64.75 42.89 4.73
N ILE E 219 -63.92 42.07 4.12
CA ILE E 219 -64.33 40.90 3.38
C ILE E 219 -63.56 39.75 4.00
N GLN E 220 -64.14 38.56 4.07
CA GLN E 220 -63.40 37.39 4.58
C GLN E 220 -62.68 36.68 3.38
N ASN E 221 -61.51 36.17 3.70
CA ASN E 221 -60.58 35.55 2.76
C ASN E 221 -60.80 34.04 2.81
N ASN E 222 -60.96 33.43 1.64
CA ASN E 222 -61.25 32.01 1.58
C ASN E 222 -60.02 31.14 1.19
N PHE E 223 -58.79 31.66 1.35
CA PHE E 223 -57.57 30.94 0.93
C PHE E 223 -56.60 30.73 2.07
N ASP E 224 -56.16 29.50 2.27
CA ASP E 224 -55.31 29.12 3.40
C ASP E 224 -53.88 28.92 2.91
N TYR E 225 -53.05 29.94 3.06
CA TYR E 225 -51.65 29.88 2.59
C TYR E 225 -50.83 28.91 3.43
N LYS E 226 -51.11 28.87 4.73
CA LYS E 226 -50.39 28.00 5.64
C LYS E 226 -50.50 26.54 5.25
N ARG E 227 -51.71 26.16 4.83
CA ARG E 227 -51.98 24.82 4.38
C ARG E 227 -51.19 24.52 3.10
N PHE E 228 -51.15 25.46 2.17
CA PHE E 228 -50.44 25.25 0.93
C PHE E 228 -48.94 24.99 1.18
N ILE E 229 -48.38 25.70 2.14
CA ILE E 229 -46.99 25.51 2.54
C ILE E 229 -46.77 24.11 3.11
N LYS E 230 -47.68 23.62 3.94
CA LYS E 230 -47.53 22.27 4.47
C LYS E 230 -47.49 21.20 3.39
N PHE E 231 -48.15 21.42 2.25
CA PHE E 231 -48.17 20.45 1.18
C PHE E 231 -47.40 20.90 -0.05
N ALA E 232 -46.36 21.70 0.17
CA ALA E 232 -45.53 22.16 -0.91
C ALA E 232 -44.26 21.35 -0.87
N ARG E 233 -43.62 21.20 -2.01
CA ARG E 233 -42.48 20.33 -2.14
C ARG E 233 -41.77 20.58 -3.49
N VAL E 234 -40.45 20.43 -3.52
CA VAL E 234 -39.67 20.61 -4.73
C VAL E 234 -39.44 19.28 -5.41
N CYS E 235 -39.72 19.22 -6.71
CA CYS E 235 -39.52 18.03 -7.54
C CYS E 235 -38.86 18.42 -8.83
N GLU E 236 -38.31 17.43 -9.54
CA GLU E 236 -37.71 17.70 -10.84
C GLU E 236 -38.79 17.77 -11.89
N VAL E 237 -38.75 18.81 -12.72
CA VAL E 237 -39.66 18.98 -13.86
C VAL E 237 -38.86 19.55 -15.03
N ASP E 238 -38.72 18.77 -16.11
CA ASP E 238 -37.98 19.20 -17.30
C ASP E 238 -36.59 19.71 -16.94
N ASN E 239 -35.80 18.85 -16.30
CA ASN E 239 -34.37 19.11 -15.97
C ASN E 239 -34.13 20.34 -15.07
N GLU E 240 -35.10 20.62 -14.22
CA GLU E 240 -35.16 21.87 -13.43
C GLU E 240 -35.94 21.57 -12.15
N LEU E 241 -35.46 22.06 -11.01
CA LEU E 241 -36.13 21.82 -9.70
C LEU E 241 -37.17 22.88 -9.35
N ARG E 242 -38.46 22.53 -9.40
CA ARG E 242 -39.57 23.47 -9.16
C ARG E 242 -40.42 23.10 -7.97
N ILE E 243 -41.18 24.07 -7.48
CA ILE E 243 -42.14 23.85 -6.40
C ILE E 243 -43.35 23.16 -6.98
N CYS E 244 -43.83 22.15 -6.26
CA CYS E 244 -45.02 21.39 -6.63
C CYS E 244 -45.98 21.33 -5.45
N ALA E 245 -47.27 21.31 -5.76
CA ALA E 245 -48.30 21.16 -4.74
C ALA E 245 -48.79 19.73 -4.72
N ARG E 246 -49.44 19.32 -3.64
CA ARG E 246 -49.95 17.98 -3.62
C ARG E 246 -51.21 17.86 -4.50
N ASP E 247 -51.42 16.68 -5.10
CA ASP E 247 -52.58 16.38 -5.94
C ASP E 247 -53.92 16.88 -5.38
N LYS E 248 -54.14 16.66 -4.09
CA LYS E 248 -55.39 17.06 -3.46
C LYS E 248 -55.62 18.60 -3.41
N GLU E 249 -54.55 19.38 -3.37
CA GLU E 249 -54.69 20.83 -3.36
C GLU E 249 -55.17 21.48 -4.68
N VAL E 250 -55.29 20.72 -5.76
CA VAL E 250 -55.65 21.30 -7.06
C VAL E 250 -56.92 22.13 -6.95
N GLY E 251 -57.90 21.65 -6.19
CA GLY E 251 -59.14 22.39 -5.99
C GLY E 251 -58.91 23.73 -5.31
N ASN E 252 -58.13 23.71 -4.24
CA ASN E 252 -57.82 24.92 -3.49
C ASN E 252 -57.04 25.95 -4.31
N LEU E 253 -56.27 25.48 -5.27
CA LEU E 253 -55.55 26.37 -6.17
C LEU E 253 -56.47 27.04 -7.18
N TYR E 254 -57.45 26.32 -7.73
CA TYR E 254 -58.46 26.99 -8.57
C TYR E 254 -59.20 28.04 -7.75
N ASP E 255 -59.48 27.72 -6.48
CA ASP E 255 -60.18 28.64 -5.57
C ASP E 255 -59.33 29.84 -5.20
N MET E 256 -58.01 29.68 -5.22
CA MET E 256 -57.11 30.82 -5.00
C MET E 256 -57.33 31.89 -6.06
N PHE E 257 -57.38 31.47 -7.33
CA PHE E 257 -57.56 32.43 -8.41
C PHE E 257 -58.99 32.96 -8.47
N HIS E 258 -59.94 32.16 -8.01
CA HIS E 258 -61.33 32.60 -7.85
C HIS E 258 -61.39 33.73 -6.82
N THR E 259 -60.79 33.48 -5.65
CA THR E 259 -60.68 34.48 -4.59
C THR E 259 -60.10 35.78 -5.12
N ARG E 260 -59.04 35.68 -5.92
CA ARG E 260 -58.39 36.84 -6.52
C ARG E 260 -59.37 37.63 -7.37
N ASN E 261 -60.02 36.91 -8.29
CA ASN E 261 -60.96 37.51 -9.23
C ASN E 261 -62.11 38.13 -8.46
N SER E 262 -62.53 37.45 -7.42
CA SER E 262 -63.61 37.92 -6.57
C SER E 262 -63.25 39.22 -5.84
N LEU E 263 -62.03 39.31 -5.30
CA LEU E 263 -61.54 40.58 -4.70
C LEU E 263 -61.44 41.74 -5.70
N HIS E 264 -61.09 41.42 -6.93
CA HIS E 264 -61.08 42.42 -7.99
C HIS E 264 -62.48 42.91 -8.30
N ARG E 265 -63.44 42.00 -8.36
CA ARG E 265 -64.80 42.37 -8.69
C ARG E 265 -65.40 43.20 -7.60
N ARG E 266 -65.26 42.76 -6.36
CA ARG E 266 -65.88 43.47 -5.25
C ARG E 266 -65.19 44.78 -4.88
N ALA E 267 -63.86 44.76 -4.82
CA ALA E 267 -63.12 45.86 -4.23
C ALA E 267 -62.22 46.59 -5.21
N TYR E 268 -61.23 45.90 -5.77
CA TYR E 268 -60.15 46.60 -6.48
C TYR E 268 -60.67 47.32 -7.72
N GLN E 269 -61.58 46.67 -8.46
CA GLN E 269 -62.23 47.27 -9.62
C GLN E 269 -63.63 47.78 -9.32
N HIS E 270 -63.87 48.21 -8.09
CA HIS E 270 -65.16 48.78 -7.72
C HIS E 270 -65.43 50.01 -8.57
N LYS E 271 -66.64 50.10 -9.11
CA LYS E 271 -67.00 51.15 -10.09
C LYS E 271 -66.65 52.57 -9.62
N VAL E 272 -66.82 52.85 -8.34
CA VAL E 272 -66.54 54.18 -7.78
C VAL E 272 -65.07 54.31 -7.39
N GLY E 273 -64.48 53.22 -6.94
CA GLY E 273 -63.04 53.22 -6.66
C GLY E 273 -62.26 53.57 -7.91
N ASN E 274 -62.66 52.99 -9.03
CA ASN E 274 -62.06 53.27 -10.32
C ASN E 274 -62.31 54.68 -10.81
N ILE E 275 -63.50 55.22 -10.59
CA ILE E 275 -63.76 56.59 -11.03
C ILE E 275 -62.99 57.59 -10.18
N ILE E 276 -62.78 57.29 -8.91
CA ILE E 276 -61.95 58.14 -8.07
C ILE E 276 -60.49 58.05 -8.51
N ASP E 277 -60.04 56.86 -8.88
CA ASP E 277 -58.71 56.68 -9.44
C ASP E 277 -58.57 57.52 -10.72
N THR E 278 -59.55 57.45 -11.65
CA THR E 278 -59.45 58.24 -12.89
C THR E 278 -59.47 59.74 -12.59
N MET E 279 -60.25 60.17 -11.60
CA MET E 279 -60.30 61.58 -11.21
C MET E 279 -59.00 62.04 -10.59
N ILE E 280 -58.37 61.22 -9.76
CA ILE E 280 -57.08 61.59 -9.18
C ILE E 280 -56.01 61.60 -10.27
N THR E 281 -56.01 60.60 -11.14
CA THR E 281 -55.11 60.56 -12.29
C THR E 281 -55.25 61.84 -13.12
N ASP E 282 -56.49 62.21 -13.39
CA ASP E 282 -56.81 63.41 -14.17
C ASP E 282 -56.21 64.65 -13.52
N ALA E 283 -56.41 64.80 -12.22
CA ALA E 283 -55.84 65.91 -11.47
C ALA E 283 -54.31 65.91 -11.46
N PHE E 284 -53.69 64.73 -11.49
CA PHE E 284 -52.24 64.63 -11.58
C PHE E 284 -51.76 65.08 -12.93
N LEU E 285 -52.43 64.66 -13.99
CA LEU E 285 -52.10 65.11 -15.34
C LEU E 285 -52.15 66.64 -15.45
N LYS E 286 -53.17 67.25 -14.87
CA LYS E 286 -53.32 68.71 -14.90
C LYS E 286 -52.33 69.44 -14.01
N ALA E 287 -51.89 68.79 -12.95
CA ALA E 287 -50.87 69.37 -12.06
C ALA E 287 -49.44 69.09 -12.48
N ASP E 288 -49.25 68.22 -13.46
CA ASP E 288 -47.93 67.65 -13.77
C ASP E 288 -46.92 68.73 -14.05
N ASP E 289 -47.29 69.61 -14.99
CA ASP E 289 -46.44 70.66 -15.52
C ASP E 289 -45.94 71.63 -14.45
N TYR E 290 -46.72 71.90 -13.42
CA TYR E 290 -46.38 72.93 -12.46
C TYR E 290 -45.84 72.43 -11.11
N ILE E 291 -45.67 71.12 -10.94
CA ILE E 291 -45.08 70.58 -9.71
C ILE E 291 -43.65 70.13 -9.98
N GLU E 292 -42.76 70.63 -9.16
CA GLU E 292 -41.34 70.33 -9.20
C GLU E 292 -40.97 69.46 -8.01
N ILE E 293 -40.16 68.44 -8.23
CA ILE E 293 -39.64 67.58 -7.16
C ILE E 293 -38.11 67.51 -7.30
N THR E 294 -37.42 67.87 -6.23
CA THR E 294 -35.96 67.93 -6.20
C THR E 294 -35.38 66.53 -6.27
N GLY E 295 -34.50 66.32 -7.24
CA GLY E 295 -33.82 65.05 -7.45
C GLY E 295 -32.35 65.06 -7.11
N ALA E 296 -31.58 64.25 -7.84
CA ALA E 296 -30.16 64.11 -7.62
C ALA E 296 -29.43 65.29 -8.21
N GLY E 297 -28.49 65.84 -7.42
CA GLY E 297 -27.76 67.05 -7.78
C GLY E 297 -28.65 68.28 -7.89
N GLY E 298 -29.78 68.28 -7.19
CA GLY E 298 -30.71 69.39 -7.27
C GLY E 298 -31.60 69.49 -8.51
N LYS E 299 -31.44 68.62 -9.51
CA LYS E 299 -32.23 68.71 -10.74
C LYS E 299 -33.74 68.69 -10.48
N LYS E 300 -34.52 69.37 -11.27
CA LYS E 300 -35.99 69.43 -11.06
C LYS E 300 -36.66 68.35 -11.94
N TYR E 301 -37.50 67.53 -11.28
CA TYR E 301 -38.32 66.55 -11.95
C TYR E 301 -39.81 66.79 -11.73
N ARG E 302 -40.60 66.36 -12.70
CA ARG E 302 -42.06 66.44 -12.63
C ARG E 302 -42.58 65.12 -12.07
N ILE E 303 -43.87 65.06 -11.79
CA ILE E 303 -44.49 63.84 -11.28
C ILE E 303 -44.26 62.70 -12.25
N SER E 304 -44.55 62.94 -13.52
CA SER E 304 -44.36 61.91 -14.55
C SER E 304 -42.90 61.51 -14.81
N THR E 305 -41.94 62.40 -14.53
CA THR E 305 -40.53 62.13 -14.79
C THR E 305 -39.71 61.72 -13.57
N ALA E 306 -40.31 61.71 -12.38
CA ALA E 306 -39.60 61.31 -11.17
C ALA E 306 -39.18 59.85 -11.21
N ILE E 307 -39.90 59.05 -11.98
CA ILE E 307 -39.52 57.66 -12.19
C ILE E 307 -38.14 57.47 -12.82
N ASP E 308 -37.63 58.49 -13.49
CA ASP E 308 -36.30 58.44 -14.09
C ASP E 308 -35.18 58.60 -13.08
N ASP E 309 -35.41 59.32 -11.98
CA ASP E 309 -34.40 59.52 -10.94
C ASP E 309 -34.90 59.16 -9.53
N MET E 310 -34.30 58.13 -8.93
CA MET E 310 -34.77 57.57 -7.67
C MET E 310 -34.65 58.47 -6.47
N GLU E 311 -33.75 59.44 -6.50
CA GLU E 311 -33.68 60.37 -5.38
C GLU E 311 -34.89 61.27 -5.35
N ALA E 312 -35.43 61.58 -6.52
CA ALA E 312 -36.68 62.32 -6.63
C ALA E 312 -37.86 61.48 -6.26
N TYR E 313 -37.92 60.30 -6.86
CA TYR E 313 -39.01 59.32 -6.62
C TYR E 313 -39.19 58.93 -5.17
N THR E 314 -38.11 58.96 -4.38
CA THR E 314 -38.17 58.76 -2.94
C THR E 314 -39.12 59.74 -2.24
N LYS E 315 -39.21 60.95 -2.77
CA LYS E 315 -40.07 61.98 -2.20
C LYS E 315 -41.47 62.05 -2.84
N LEU E 316 -41.76 61.16 -3.80
CA LEU E 316 -43.05 61.12 -4.49
C LEU E 316 -43.98 60.05 -3.90
N THR E 317 -44.94 60.49 -3.09
CA THR E 317 -45.85 59.61 -2.36
C THR E 317 -47.29 60.12 -2.48
N ASP E 318 -48.22 59.52 -1.72
CA ASP E 318 -49.60 59.99 -1.66
C ASP E 318 -49.73 61.43 -1.24
N ASN E 319 -48.73 61.95 -0.51
CA ASN E 319 -48.62 63.37 -0.22
C ASN E 319 -49.02 64.31 -1.34
N ILE E 320 -48.63 63.92 -2.55
CA ILE E 320 -48.82 64.75 -3.73
C ILE E 320 -50.28 65.16 -3.93
N PHE E 321 -51.20 64.28 -3.53
CA PHE E 321 -52.64 64.56 -3.48
C PHE E 321 -52.93 65.76 -2.58
N LEU E 322 -52.48 65.69 -1.34
CA LEU E 322 -52.74 66.77 -0.39
C LEU E 322 -51.99 68.06 -0.71
N GLU E 323 -50.85 67.92 -1.40
CA GLU E 323 -50.06 69.08 -1.85
C GLU E 323 -50.90 69.87 -2.84
N ILE E 324 -51.46 69.18 -3.83
CA ILE E 324 -52.36 69.78 -4.80
C ILE E 324 -53.59 70.36 -4.13
N LEU E 325 -54.20 69.59 -3.23
CA LEU E 325 -55.44 70.03 -2.58
C LEU E 325 -55.27 71.29 -1.74
N TYR E 326 -54.20 71.32 -0.94
CA TYR E 326 -53.95 72.47 -0.08
C TYR E 326 -53.30 73.68 -0.78
N SER E 327 -52.87 73.55 -2.03
CA SER E 327 -52.15 74.63 -2.70
C SER E 327 -53.01 75.84 -3.00
N THR E 328 -52.32 76.97 -3.15
CA THR E 328 -52.93 78.24 -3.54
C THR E 328 -52.41 78.77 -4.89
N ASP E 329 -51.42 78.12 -5.49
CA ASP E 329 -50.92 78.50 -6.82
C ASP E 329 -52.08 78.48 -7.83
N PRO E 330 -52.33 79.60 -8.54
CA PRO E 330 -53.39 79.55 -9.56
C PRO E 330 -53.11 78.66 -10.76
N LYS E 331 -51.86 78.27 -10.98
CA LYS E 331 -51.53 77.31 -12.04
C LYS E 331 -52.14 75.93 -11.78
N LEU E 332 -52.26 75.58 -10.50
CA LEU E 332 -52.85 74.31 -10.06
C LEU E 332 -54.36 74.36 -9.81
N LYS E 333 -55.04 75.43 -10.22
CA LYS E 333 -56.48 75.57 -9.92
C LYS E 333 -57.29 74.47 -10.61
N ASP E 334 -56.97 74.12 -11.85
CA ASP E 334 -57.69 73.04 -12.55
C ASP E 334 -57.60 71.69 -11.82
N ALA E 335 -56.40 71.35 -11.37
CA ALA E 335 -56.15 70.11 -10.62
C ALA E 335 -56.83 70.13 -9.26
N ARG E 336 -56.62 71.19 -8.50
CA ARG E 336 -57.23 71.38 -7.19
C ARG E 336 -58.75 71.31 -7.23
N GLU E 337 -59.38 71.75 -8.31
CA GLU E 337 -60.85 71.69 -8.43
C GLU E 337 -61.35 70.27 -8.55
N ILE E 338 -60.62 69.41 -9.26
CA ILE E 338 -60.99 68.00 -9.38
C ILE E 338 -60.94 67.32 -8.00
N LEU E 339 -59.85 67.53 -7.27
CA LEU E 339 -59.71 66.93 -5.95
C LEU E 339 -60.72 67.49 -4.95
N LYS E 340 -61.09 68.76 -5.09
CA LYS E 340 -62.14 69.33 -4.24
C LYS E 340 -63.49 68.69 -4.57
N GLN E 341 -63.73 68.37 -5.84
CA GLN E 341 -64.95 67.65 -6.24
C GLN E 341 -65.05 66.24 -5.65
N ILE E 342 -63.91 65.61 -5.35
CA ILE E 342 -63.90 64.31 -4.66
C ILE E 342 -64.30 64.47 -3.19
N GLU E 343 -63.79 65.52 -2.54
CA GLU E 343 -64.13 65.78 -1.14
C GLU E 343 -65.65 65.92 -0.98
N TYR E 344 -66.25 66.75 -1.84
CA TYR E 344 -67.69 67.04 -1.82
C TYR E 344 -68.54 65.88 -2.35
N ARG E 345 -67.89 64.94 -3.03
CA ARG E 345 -68.52 63.73 -3.56
C ARG E 345 -69.35 64.00 -4.81
N ASN E 346 -68.91 64.97 -5.63
CA ASN E 346 -69.47 65.21 -6.96
C ASN E 346 -68.59 64.46 -7.92
N LEU E 347 -68.78 63.15 -7.92
CA LEU E 347 -68.01 62.27 -8.77
C LEU E 347 -68.74 62.15 -10.08
N PHE E 348 -68.00 61.76 -11.11
CA PHE E 348 -68.61 61.44 -12.39
C PHE E 348 -69.61 60.30 -12.18
N LYS E 349 -70.77 60.35 -12.81
CA LYS E 349 -71.82 59.37 -12.54
C LYS E 349 -71.66 58.10 -13.36
N TYR E 350 -71.82 56.97 -12.69
CA TYR E 350 -71.74 55.66 -13.32
C TYR E 350 -73.02 55.44 -14.12
N VAL E 351 -72.88 55.08 -15.38
CA VAL E 351 -74.01 54.83 -16.25
C VAL E 351 -74.36 53.34 -16.29
N GLY E 352 -73.35 52.51 -16.48
CA GLY E 352 -73.54 51.06 -16.50
C GLY E 352 -72.30 50.28 -16.95
N GLU E 353 -72.43 48.96 -16.92
CA GLU E 353 -71.35 48.05 -17.25
C GLU E 353 -71.81 47.16 -18.38
N THR E 354 -70.88 46.73 -19.23
CA THR E 354 -71.17 45.75 -20.27
C THR E 354 -69.92 44.97 -20.67
N GLN E 355 -70.16 43.88 -21.38
CA GLN E 355 -69.09 42.98 -21.84
C GLN E 355 -69.20 42.73 -23.33
N PRO E 356 -68.06 42.47 -24.01
CA PRO E 356 -68.14 41.96 -25.37
C PRO E 356 -68.71 40.54 -25.43
N THR E 357 -69.14 40.12 -26.62
CA THR E 357 -69.58 38.73 -26.86
C THR E 357 -68.76 38.06 -27.93
N GLY E 358 -68.97 36.75 -28.08
CA GLY E 358 -68.30 35.95 -29.08
C GLY E 358 -66.92 35.88 -28.48
N GLN E 359 -65.92 36.17 -29.30
CA GLN E 359 -64.56 36.30 -28.87
C GLN E 359 -64.07 37.62 -29.51
N ILE E 360 -64.71 38.75 -29.17
CA ILE E 360 -64.31 40.08 -29.66
C ILE E 360 -63.49 40.77 -28.56
N LYS E 361 -62.16 40.74 -28.65
CA LYS E 361 -61.31 41.47 -27.66
C LYS E 361 -61.21 42.94 -28.11
N ILE E 362 -61.33 43.87 -27.18
CA ILE E 362 -61.08 45.28 -27.46
C ILE E 362 -59.61 45.61 -27.25
N LYS E 363 -58.90 45.96 -28.32
CA LYS E 363 -57.46 46.24 -28.24
C LYS E 363 -57.20 47.57 -27.49
N ARG E 364 -56.06 47.66 -26.81
CA ARG E 364 -55.72 48.84 -25.99
C ARG E 364 -55.61 50.14 -26.80
N GLU E 365 -55.04 50.04 -27.99
CA GLU E 365 -55.04 51.10 -29.03
C GLU E 365 -56.40 51.82 -29.22
N ASP E 366 -57.51 51.07 -29.13
CA ASP E 366 -58.87 51.62 -29.35
C ASP E 366 -59.53 52.33 -28.15
N TYR E 367 -58.94 52.24 -26.96
CA TYR E 367 -59.54 52.81 -25.73
C TYR E 367 -59.82 54.31 -25.88
N GLU E 368 -58.88 55.06 -26.45
CA GLU E 368 -59.03 56.52 -26.67
C GLU E 368 -60.31 56.85 -27.46
N SER E 369 -60.66 55.99 -28.42
CA SER E 369 -61.78 56.22 -29.35
C SER E 369 -63.20 55.93 -28.84
N LEU E 370 -63.32 55.22 -27.72
CA LEU E 370 -64.62 54.72 -27.27
C LEU E 370 -65.62 55.76 -26.79
N PRO E 371 -65.17 56.83 -26.10
CA PRO E 371 -66.12 57.91 -25.80
C PRO E 371 -66.79 58.53 -27.03
N LYS E 372 -66.03 58.68 -28.12
CA LYS E 372 -66.56 59.13 -29.42
C LYS E 372 -67.68 58.21 -29.87
N GLU E 373 -67.47 56.90 -29.78
CA GLU E 373 -68.46 55.92 -30.23
C GLU E 373 -69.79 55.97 -29.47
N VAL E 374 -69.73 56.26 -28.17
CA VAL E 374 -70.93 56.30 -27.32
C VAL E 374 -71.79 57.52 -27.68
N ALA E 375 -71.16 58.69 -27.79
CA ALA E 375 -71.83 59.92 -28.24
C ALA E 375 -72.37 59.79 -29.68
N SER E 376 -71.64 59.06 -30.52
CA SER E 376 -72.06 58.80 -31.90
C SER E 376 -73.27 57.90 -32.09
N ALA E 377 -73.67 57.16 -31.06
CA ALA E 377 -74.86 56.34 -31.15
C ALA E 377 -76.10 57.22 -31.30
N LYS E 378 -77.05 56.73 -32.10
CA LYS E 378 -78.26 57.47 -32.43
C LYS E 378 -79.41 56.66 -31.86
N PRO E 379 -79.76 56.88 -30.57
CA PRO E 379 -80.87 56.12 -29.95
C PRO E 379 -82.23 56.63 -30.42
N LYS E 380 -83.13 55.72 -30.82
CA LYS E 380 -84.42 56.12 -31.38
C LYS E 380 -85.40 56.58 -30.27
N VAL E 381 -85.00 57.62 -29.53
CA VAL E 381 -85.73 58.13 -28.35
C VAL E 381 -85.48 59.62 -28.21
N LEU E 382 -86.54 60.38 -27.87
CA LEU E 382 -86.44 61.83 -27.71
C LEU E 382 -85.60 62.22 -26.51
N LEU E 383 -84.50 62.90 -26.77
CA LEU E 383 -83.59 63.37 -25.72
C LEU E 383 -83.78 64.82 -25.44
N ASP E 384 -83.68 65.22 -24.18
CA ASP E 384 -83.69 66.64 -23.78
C ASP E 384 -82.39 67.34 -24.16
N VAL E 385 -81.28 66.63 -24.03
CA VAL E 385 -79.91 67.15 -24.19
C VAL E 385 -79.09 66.27 -25.14
N LYS E 386 -78.29 66.87 -26.01
CA LYS E 386 -77.26 66.14 -26.78
C LYS E 386 -75.96 66.19 -25.99
N LEU E 387 -75.22 65.09 -25.97
CA LEU E 387 -73.94 64.98 -25.23
C LEU E 387 -72.77 64.73 -26.17
N LYS E 388 -71.69 65.49 -25.99
CA LYS E 388 -70.45 65.36 -26.80
C LYS E 388 -69.58 64.24 -26.21
N ALA E 389 -68.58 63.81 -26.97
CA ALA E 389 -67.71 62.68 -26.57
C ALA E 389 -66.84 62.95 -25.33
N GLU E 390 -66.42 64.19 -25.15
CA GLU E 390 -65.68 64.61 -23.95
C GLU E 390 -66.48 64.47 -22.64
N ASP E 391 -67.80 64.37 -22.73
CA ASP E 391 -68.66 64.14 -21.57
C ASP E 391 -68.62 62.70 -21.02
N PHE E 392 -68.26 61.74 -21.88
CA PHE E 392 -68.17 60.33 -21.50
C PHE E 392 -66.76 59.88 -21.10
N ILE E 393 -66.70 58.96 -20.13
CA ILE E 393 -65.51 58.18 -19.82
C ILE E 393 -65.84 56.72 -20.01
N VAL E 394 -64.95 55.99 -20.69
CA VAL E 394 -65.14 54.55 -20.85
C VAL E 394 -63.90 53.87 -20.33
N ASP E 395 -64.09 53.07 -19.29
CA ASP E 395 -63.01 52.41 -18.56
C ASP E 395 -63.10 50.94 -18.98
N VAL E 396 -62.04 50.41 -19.56
CA VAL E 396 -62.03 49.01 -19.94
C VAL E 396 -61.11 48.26 -19.01
N ILE E 397 -61.57 47.11 -18.53
CA ILE E 397 -60.91 46.36 -17.47
C ILE E 397 -60.76 44.92 -17.87
N ASN E 398 -59.53 44.41 -17.85
CA ASN E 398 -59.26 43.01 -18.20
C ASN E 398 -59.19 42.16 -16.93
N MET E 399 -60.18 41.30 -16.75
CA MET E 399 -60.19 40.37 -15.64
C MET E 399 -59.69 39.05 -16.16
N ASP E 400 -58.66 38.51 -15.51
CA ASP E 400 -58.12 37.19 -15.89
C ASP E 400 -57.67 36.39 -14.67
N TYR E 401 -57.12 35.22 -14.89
CA TYR E 401 -56.51 34.41 -13.85
C TYR E 401 -54.99 34.60 -13.85
N GLY E 402 -54.54 35.81 -14.18
CA GLY E 402 -53.12 36.16 -14.11
C GLY E 402 -52.28 35.85 -15.31
N MET E 403 -52.80 35.10 -16.28
CA MET E 403 -52.01 34.70 -17.45
C MET E 403 -52.82 34.86 -18.70
N GLN E 404 -53.27 36.09 -18.89
CA GLN E 404 -54.17 36.44 -19.97
C GLN E 404 -55.21 35.33 -20.16
N GLU E 405 -55.26 34.70 -21.33
CA GLU E 405 -56.31 33.73 -21.63
C GLU E 405 -56.06 32.33 -21.13
N LYS E 406 -54.90 32.09 -20.53
CA LYS E 406 -54.49 30.75 -20.07
C LYS E 406 -54.96 30.41 -18.67
N ASN E 407 -55.13 29.11 -18.47
CA ASN E 407 -55.45 28.50 -17.17
C ASN E 407 -54.14 28.30 -16.45
N PRO E 408 -53.88 29.04 -15.36
CA PRO E 408 -52.59 28.89 -14.68
C PRO E 408 -52.38 27.53 -14.02
N ILE E 409 -53.44 26.80 -13.75
CA ILE E 409 -53.31 25.47 -13.15
C ILE E 409 -52.71 24.47 -14.15
N ASP E 410 -52.88 24.72 -15.44
CA ASP E 410 -52.17 23.95 -16.46
C ASP E 410 -50.66 24.18 -16.42
N HIS E 411 -50.21 25.25 -15.77
CA HIS E 411 -48.79 25.48 -15.51
C HIS E 411 -48.35 25.25 -14.05
N VAL E 412 -49.00 24.33 -13.35
CA VAL E 412 -48.61 23.91 -12.00
C VAL E 412 -48.29 22.43 -12.05
N SER E 413 -47.22 22.07 -11.33
CA SER E 413 -46.83 20.67 -11.19
C SER E 413 -47.34 20.15 -9.86
N PHE E 414 -47.82 18.91 -9.84
CA PHE E 414 -48.36 18.28 -8.64
C PHE E 414 -47.59 17.03 -8.25
N TYR E 415 -47.81 16.50 -7.05
CA TYR E 415 -47.23 15.23 -6.63
C TYR E 415 -48.21 14.38 -5.84
N CYS E 416 -47.97 13.06 -5.78
CA CYS E 416 -48.88 12.15 -5.04
C CYS E 416 -48.25 11.61 -3.80
N LYS E 417 -49.09 11.23 -2.85
CA LYS E 417 -48.62 10.67 -1.57
C LYS E 417 -47.76 9.43 -1.84
N THR E 418 -48.21 8.61 -2.79
CA THR E 418 -47.57 7.37 -3.17
C THR E 418 -46.21 7.50 -3.88
N ALA E 419 -45.91 8.66 -4.46
CA ALA E 419 -44.64 8.90 -5.18
C ALA E 419 -44.29 10.39 -5.14
N PRO E 420 -43.77 10.83 -3.98
CA PRO E 420 -43.65 12.26 -3.72
C PRO E 420 -42.55 12.99 -4.46
N ASN E 421 -41.66 12.28 -5.18
CA ASN E 421 -40.67 12.96 -6.02
C ASN E 421 -41.04 13.03 -7.49
N ARG E 422 -42.12 12.35 -7.84
CA ARG E 422 -42.59 12.28 -9.21
C ARG E 422 -43.65 13.34 -9.44
N ALA E 423 -43.27 14.36 -10.22
CA ALA E 423 -44.18 15.44 -10.59
C ALA E 423 -45.14 15.02 -11.67
N ILE E 424 -46.34 15.57 -11.64
CA ILE E 424 -47.39 15.27 -12.62
C ILE E 424 -48.19 16.52 -12.97
N ARG E 425 -49.05 16.41 -13.95
CA ARG E 425 -49.94 17.50 -14.39
C ARG E 425 -51.38 17.06 -14.11
N ILE E 426 -52.25 18.02 -13.86
CA ILE E 426 -53.66 17.75 -13.64
C ILE E 426 -54.42 18.73 -14.54
N THR E 427 -55.21 18.19 -15.46
CA THR E 427 -55.95 19.02 -16.41
C THR E 427 -57.23 19.52 -15.74
N LYS E 428 -57.96 20.38 -16.45
CA LYS E 428 -59.21 20.89 -15.89
C LYS E 428 -60.28 19.80 -15.78
N ASN E 429 -60.39 18.96 -16.82
CA ASN E 429 -61.37 17.86 -16.84
C ASN E 429 -61.24 16.85 -15.71
N GLN E 430 -60.00 16.66 -15.25
CA GLN E 430 -59.72 15.76 -14.14
C GLN E 430 -60.24 16.28 -12.79
N VAL E 431 -60.55 17.58 -12.70
CA VAL E 431 -60.96 18.21 -11.42
C VAL E 431 -62.46 18.38 -11.27
N SER E 432 -63.06 19.16 -12.17
CA SER E 432 -64.49 19.51 -12.05
C SER E 432 -65.06 20.14 -13.30
N GLN E 433 -66.32 19.81 -13.58
CA GLN E 433 -67.12 20.44 -14.61
C GLN E 433 -67.68 21.80 -14.18
N LEU E 434 -67.63 22.13 -12.89
CA LEU E 434 -68.10 23.43 -12.39
C LEU E 434 -67.05 24.55 -12.39
N LEU E 435 -65.90 24.30 -13.01
CA LEU E 435 -64.86 25.32 -13.12
C LEU E 435 -65.16 26.24 -14.28
N PRO E 436 -64.44 27.38 -14.37
CA PRO E 436 -64.72 28.33 -15.46
C PRO E 436 -64.39 27.76 -16.84
N GLU E 437 -65.15 28.21 -17.84
CA GLU E 437 -64.96 27.79 -19.21
C GLU E 437 -63.79 28.58 -19.82
N LYS E 438 -63.82 29.89 -19.64
CA LYS E 438 -62.74 30.81 -20.03
C LYS E 438 -61.98 31.26 -18.80
N PHE E 439 -60.80 31.84 -19.01
CA PHE E 439 -59.98 32.41 -17.91
C PHE E 439 -59.62 33.87 -18.10
N ALA E 440 -60.34 34.56 -18.98
CA ALA E 440 -60.21 35.99 -19.15
C ALA E 440 -61.46 36.58 -19.77
N GLU E 441 -61.71 37.84 -19.45
CA GLU E 441 -62.84 38.58 -20.01
C GLU E 441 -62.57 40.05 -19.87
N GLN E 442 -63.45 40.86 -20.46
CA GLN E 442 -63.34 42.31 -20.38
C GLN E 442 -64.59 42.90 -19.82
N LEU E 443 -64.43 43.94 -19.00
CA LEU E 443 -65.55 44.70 -18.48
C LEU E 443 -65.42 46.11 -18.96
N ILE E 444 -66.53 46.66 -19.43
CA ILE E 444 -66.55 48.03 -19.95
C ILE E 444 -67.53 48.82 -19.09
N ARG E 445 -67.00 49.77 -18.36
CA ARG E 445 -67.80 50.68 -17.53
C ARG E 445 -67.85 52.01 -18.24
N VAL E 446 -69.03 52.60 -18.31
CA VAL E 446 -69.23 53.91 -18.90
C VAL E 446 -69.70 54.86 -17.80
N TYR E 447 -69.09 56.04 -17.73
CA TYR E 447 -69.52 57.06 -16.80
C TYR E 447 -69.81 58.33 -17.59
N CYS E 448 -70.48 59.29 -16.97
CA CYS E 448 -70.81 60.57 -17.59
C CYS E 448 -70.33 61.70 -16.70
N LYS E 449 -69.62 62.67 -17.26
CA LYS E 449 -69.09 63.80 -16.48
C LYS E 449 -70.17 64.81 -16.06
N LYS E 450 -71.28 64.88 -16.80
CA LYS E 450 -72.39 65.72 -16.38
C LYS E 450 -73.30 64.96 -15.41
N VAL E 451 -73.51 65.58 -14.25
CA VAL E 451 -74.11 64.96 -13.08
C VAL E 451 -75.64 65.04 -13.04
N ASP E 452 -76.21 66.13 -13.56
CA ASP E 452 -77.67 66.46 -13.47
C ASP E 452 -78.65 65.40 -13.99
N ARG E 453 -79.89 65.47 -13.51
CA ARG E 453 -80.96 64.48 -13.82
C ARG E 453 -81.18 64.30 -15.34
N LYS E 454 -81.17 65.42 -16.09
CA LYS E 454 -81.45 65.41 -17.54
C LYS E 454 -80.33 64.74 -18.34
N SER E 455 -79.08 65.05 -18.02
CA SER E 455 -77.91 64.51 -18.74
C SER E 455 -77.67 63.02 -18.46
N LEU E 456 -77.95 62.61 -17.23
CA LEU E 456 -77.83 61.22 -16.84
C LEU E 456 -78.83 60.34 -17.59
N TYR E 457 -80.08 60.82 -17.76
CA TYR E 457 -81.07 60.10 -18.57
C TYR E 457 -80.55 59.92 -20.00
N ALA E 458 -80.02 60.99 -20.57
CA ALA E 458 -79.50 60.96 -21.93
C ALA E 458 -78.36 59.98 -22.06
N ALA E 459 -77.41 60.09 -21.14
CA ALA E 459 -76.23 59.22 -21.10
C ALA E 459 -76.62 57.74 -21.13
N ARG E 460 -77.61 57.38 -20.31
CA ARG E 460 -78.14 56.01 -20.28
C ARG E 460 -78.66 55.53 -21.62
N GLN E 461 -79.32 56.42 -22.36
CA GLN E 461 -79.86 56.06 -23.68
C GLN E 461 -78.73 55.85 -24.67
N TYR E 462 -77.77 56.79 -24.72
CA TYR E 462 -76.59 56.62 -25.55
C TYR E 462 -75.88 55.29 -25.27
N PHE E 463 -75.69 55.00 -23.98
CA PHE E 463 -74.98 53.80 -23.55
C PHE E 463 -75.70 52.51 -23.96
N VAL E 464 -76.97 52.38 -23.62
CA VAL E 464 -77.69 51.12 -23.88
C VAL E 464 -77.84 50.90 -25.38
N GLN E 465 -77.88 51.98 -26.15
CA GLN E 465 -77.88 51.90 -27.62
C GLN E 465 -76.53 51.40 -28.08
N TRP E 466 -75.47 52.09 -27.69
CA TRP E 466 -74.10 51.72 -28.03
C TRP E 466 -73.81 50.24 -27.77
N CYS E 467 -74.39 49.71 -26.70
CA CYS E 467 -74.31 48.27 -26.38
C CYS E 467 -75.01 47.42 -27.45
N ALA E 468 -76.21 47.82 -27.85
CA ALA E 468 -76.92 47.12 -28.92
C ALA E 468 -76.18 47.24 -30.27
N ASP E 469 -75.67 48.44 -30.55
CA ASP E 469 -74.93 48.72 -31.78
C ASP E 469 -73.71 47.82 -31.95
N ARG E 470 -73.00 47.53 -30.86
CA ARG E 470 -71.75 46.74 -30.94
C ARG E 470 -71.91 45.27 -30.54
N ASN E 471 -73.16 44.81 -30.46
CA ASN E 471 -73.51 43.46 -30.04
C ASN E 471 -72.85 43.05 -28.71
N PHE E 472 -72.85 43.98 -27.75
CA PHE E 472 -72.42 43.73 -26.38
C PHE E 472 -73.57 43.15 -25.55
N THR E 473 -73.26 42.73 -24.34
CA THR E 473 -74.25 42.14 -23.42
C THR E 473 -75.18 43.21 -22.93
N LYS E 474 -76.41 42.80 -22.62
CA LYS E 474 -77.41 43.70 -22.09
C LYS E 474 -77.00 44.16 -20.71
N PRO E 475 -76.95 45.49 -20.47
CA PRO E 475 -76.74 45.94 -19.10
C PRO E 475 -77.74 45.32 -18.13
N GLN E 476 -77.27 44.93 -16.95
CA GLN E 476 -78.11 44.23 -15.95
C GLN E 476 -79.40 44.99 -15.67
N ASP E 477 -79.25 46.29 -15.45
CA ASP E 477 -80.36 47.23 -15.22
C ASP E 477 -80.98 47.82 -16.50
N GLY E 478 -80.73 47.21 -17.65
CA GLY E 478 -80.98 47.83 -18.95
C GLY E 478 -82.44 48.11 -19.25
N ASP E 479 -83.30 47.16 -18.87
CA ASP E 479 -84.74 47.32 -19.07
C ASP E 479 -85.33 48.45 -18.26
N VAL E 480 -84.68 48.80 -17.15
CA VAL E 480 -85.13 49.89 -16.29
C VAL E 480 -84.64 51.25 -16.80
N ILE E 481 -83.33 51.37 -17.02
CA ILE E 481 -82.72 52.67 -17.40
C ILE E 481 -83.04 53.14 -18.80
N ALA E 482 -83.30 52.21 -19.72
CA ALA E 482 -83.60 52.53 -21.11
C ALA E 482 -84.64 51.54 -21.64
N PRO E 483 -85.89 51.63 -21.16
CA PRO E 483 -86.92 50.66 -21.49
C PRO E 483 -87.40 50.75 -22.94
N LEU E 484 -87.20 51.91 -23.57
CA LEU E 484 -87.56 52.12 -24.97
C LEU E 484 -86.50 51.57 -25.94
N ILE E 485 -85.28 51.32 -25.46
CA ILE E 485 -84.17 50.84 -26.32
C ILE E 485 -83.97 49.32 -26.29
N THR E 486 -84.19 48.67 -25.16
CA THR E 486 -83.92 47.22 -25.03
C THR E 486 -84.78 46.28 -25.91
N PRO E 487 -86.07 46.60 -26.19
CA PRO E 487 -86.76 45.70 -27.12
C PRO E 487 -86.23 45.73 -28.58
N GLN E 488 -85.65 46.86 -29.01
CA GLN E 488 -84.99 46.98 -30.33
C GLN E 488 -84.12 45.78 -30.73
N LYS E 489 -83.34 45.24 -29.79
CA LYS E 489 -82.41 44.14 -30.06
C LYS E 489 -83.12 42.77 -29.90
N LYS E 490 -83.19 42.02 -31.00
CA LYS E 490 -83.80 40.67 -31.04
C LYS E 490 -83.06 39.72 -30.09
N GLU E 491 -81.72 39.81 -30.10
CA GLU E 491 -80.87 38.94 -29.31
C GLU E 491 -81.07 39.02 -27.77
N TRP E 492 -81.58 40.14 -27.25
CA TRP E 492 -81.84 40.29 -25.80
C TRP E 492 -83.17 39.71 -25.28
N ASN E 493 -84.06 39.28 -26.19
CA ASN E 493 -85.37 38.74 -25.78
C ASN E 493 -85.41 37.20 -25.82
N THR F 8 -84.07 57.05 0.29
CA THR F 8 -83.17 55.87 0.57
C THR F 8 -82.05 56.20 1.63
N MET F 9 -81.31 55.20 2.01
CA MET F 9 -80.15 55.25 2.94
C MET F 9 -78.90 54.85 2.17
N LYS F 10 -77.74 55.34 2.60
CA LYS F 10 -76.46 54.91 2.08
C LYS F 10 -75.83 53.88 3.00
N VAL F 11 -75.33 52.80 2.43
CA VAL F 11 -74.66 51.76 3.18
C VAL F 11 -73.16 51.85 2.93
N ILE F 12 -72.38 51.65 3.98
CA ILE F 12 -70.92 51.75 3.94
C ILE F 12 -70.30 50.66 4.79
N ASN F 13 -69.25 50.01 4.29
CA ASN F 13 -68.68 48.81 4.93
C ASN F 13 -67.39 49.07 5.71
N ASP F 14 -67.59 49.21 7.01
CA ASP F 14 -66.53 49.30 8.01
C ASP F 14 -66.15 47.89 8.44
N PRO F 15 -64.84 47.58 8.51
CA PRO F 15 -64.44 46.24 8.91
C PRO F 15 -64.68 45.90 10.36
N ILE F 16 -64.90 46.89 11.22
CA ILE F 16 -65.21 46.61 12.61
C ILE F 16 -66.68 46.34 12.78
N HIS F 17 -67.53 47.25 12.31
CA HIS F 17 -68.95 47.22 12.62
C HIS F 17 -69.84 46.60 11.59
N GLY F 18 -69.32 46.38 10.39
CA GLY F 18 -70.10 45.76 9.33
C GLY F 18 -70.66 46.81 8.42
N HIS F 19 -71.84 46.55 7.85
CA HIS F 19 -72.49 47.49 6.95
C HIS F 19 -73.31 48.51 7.75
N ILE F 20 -72.77 49.71 7.87
CA ILE F 20 -73.42 50.80 8.54
C ILE F 20 -74.40 51.48 7.58
N GLU F 21 -75.60 51.83 8.08
CA GLU F 21 -76.51 52.67 7.31
C GLU F 21 -76.31 54.13 7.70
N LEU F 22 -76.25 55.01 6.69
CA LEU F 22 -76.07 56.44 6.90
C LEU F 22 -77.24 57.23 6.38
N HIS F 23 -77.91 57.92 7.31
CA HIS F 23 -79.01 58.81 6.98
C HIS F 23 -78.51 59.97 6.07
N PRO F 24 -79.35 60.44 5.12
CA PRO F 24 -78.92 61.43 4.13
C PRO F 24 -78.27 62.68 4.71
N LEU F 25 -78.80 63.15 5.83
CA LEU F 25 -78.21 64.26 6.58
C LEU F 25 -76.78 63.99 7.03
N LEU F 26 -76.52 62.77 7.49
CA LEU F 26 -75.16 62.39 7.90
C LEU F 26 -74.24 62.34 6.69
N VAL F 27 -74.72 61.77 5.59
CA VAL F 27 -73.95 61.71 4.34
C VAL F 27 -73.53 63.11 3.91
N ARG F 28 -74.46 64.03 4.07
CA ARG F 28 -74.25 65.41 3.67
C ARG F 28 -73.19 66.10 4.54
N ILE F 29 -73.18 65.76 5.82
CA ILE F 29 -72.15 66.22 6.76
C ILE F 29 -70.81 65.57 6.48
N ILE F 30 -70.82 64.27 6.23
CA ILE F 30 -69.61 63.51 5.92
C ILE F 30 -68.88 64.04 4.70
N ASN F 31 -69.61 64.32 3.63
CA ASN F 31 -69.04 64.77 2.37
C ASN F 31 -68.72 66.28 2.34
N THR F 32 -67.84 66.68 3.25
CA THR F 32 -67.39 68.05 3.38
C THR F 32 -65.90 68.06 3.66
N PRO F 33 -65.18 69.13 3.28
CA PRO F 33 -63.74 69.21 3.59
C PRO F 33 -63.39 69.08 5.06
N GLN F 34 -64.27 69.55 5.92
CA GLN F 34 -64.00 69.62 7.36
C GLN F 34 -63.99 68.22 7.99
N PHE F 35 -64.85 67.36 7.45
CA PHE F 35 -64.96 65.96 7.87
C PHE F 35 -63.96 65.07 7.15
N GLN F 36 -63.89 65.18 5.81
CA GLN F 36 -62.99 64.32 5.03
C GLN F 36 -61.53 64.54 5.42
N ARG F 37 -61.23 65.71 5.94
CA ARG F 37 -59.97 66.02 6.62
C ARG F 37 -59.47 64.88 7.51
N LEU F 38 -60.39 64.26 8.23
CA LEU F 38 -60.05 63.19 9.16
C LEU F 38 -59.47 61.96 8.49
N ARG F 39 -59.61 61.82 7.17
CA ARG F 39 -58.91 60.75 6.44
C ARG F 39 -57.40 60.87 6.51
N TYR F 40 -56.90 62.06 6.81
CA TYR F 40 -55.48 62.34 6.78
C TYR F 40 -54.91 62.61 8.18
N ILE F 41 -55.55 62.06 9.21
CA ILE F 41 -55.04 62.12 10.56
C ILE F 41 -55.07 60.72 11.19
N LYS F 42 -53.91 60.19 11.57
CA LYS F 42 -53.85 58.84 12.13
C LYS F 42 -54.39 58.80 13.53
N GLN F 43 -55.05 57.70 13.86
CA GLN F 43 -55.71 57.55 15.14
C GLN F 43 -54.68 57.54 16.24
N LEU F 44 -53.64 56.74 16.04
CA LEU F 44 -52.63 56.51 17.08
C LEU F 44 -51.34 57.24 16.82
N GLY F 45 -51.40 58.32 16.05
CA GLY F 45 -50.24 59.17 15.77
C GLY F 45 -48.96 58.40 15.48
N GLY F 46 -47.99 58.61 16.36
CA GLY F 46 -46.68 57.97 16.28
C GLY F 46 -46.66 56.47 16.52
N GLY F 47 -47.74 55.94 17.08
CA GLY F 47 -47.92 54.50 17.25
C GLY F 47 -47.74 53.68 15.99
N TYR F 48 -48.09 54.25 14.84
CA TYR F 48 -47.85 53.58 13.54
C TYR F 48 -46.38 53.20 13.38
N TYR F 49 -45.48 54.03 13.92
CA TYR F 49 -44.03 53.78 13.83
C TYR F 49 -43.53 52.71 14.83
N VAL F 50 -44.43 52.14 15.61
CA VAL F 50 -44.16 50.97 16.44
C VAL F 50 -45.04 49.76 16.09
N PHE F 51 -46.34 50.00 15.89
CA PHE F 51 -47.28 48.96 15.45
C PHE F 51 -47.59 49.20 13.98
N PRO F 52 -46.93 48.48 13.07
CA PRO F 52 -47.13 48.80 11.66
C PRO F 52 -48.55 48.53 11.16
N GLY F 53 -49.38 47.84 11.95
CA GLY F 53 -50.79 47.71 11.58
C GLY F 53 -51.63 48.97 11.69
N ALA F 54 -51.19 49.90 12.57
CA ALA F 54 -51.97 51.06 13.01
C ALA F 54 -51.97 52.27 12.05
N SER F 55 -52.23 51.95 10.78
CA SER F 55 -52.41 52.89 9.68
C SER F 55 -53.74 53.63 9.72
N HIS F 56 -54.68 53.10 10.51
CA HIS F 56 -56.04 53.64 10.59
C HIS F 56 -56.11 55.08 11.05
N ASN F 57 -57.07 55.79 10.44
CA ASN F 57 -57.28 57.23 10.59
C ASN F 57 -58.58 57.56 11.32
N ARG F 58 -58.71 58.82 11.73
CA ARG F 58 -59.87 59.30 12.51
C ARG F 58 -61.18 59.18 11.78
N PHE F 59 -61.16 59.43 10.48
CA PHE F 59 -62.33 59.28 9.62
C PHE F 59 -63.18 58.06 10.00
N GLU F 60 -62.54 56.88 9.97
CA GLU F 60 -63.28 55.64 10.19
C GLU F 60 -63.68 55.42 11.64
N HIS F 61 -62.87 55.88 12.59
CA HIS F 61 -63.27 55.94 14.01
C HIS F 61 -64.54 56.79 14.14
N SER F 62 -64.50 57.97 13.50
CA SER F 62 -65.61 58.90 13.53
C SER F 62 -66.90 58.25 13.00
N LEU F 63 -66.83 57.54 11.88
CA LEU F 63 -68.01 56.80 11.38
C LEU F 63 -68.55 55.79 12.41
N GLY F 64 -67.64 55.06 13.02
CA GLY F 64 -68.02 54.02 13.97
C GLY F 64 -68.65 54.57 15.23
N VAL F 65 -68.16 55.70 15.72
CA VAL F 65 -68.72 56.30 16.92
C VAL F 65 -70.12 56.80 16.60
N GLY F 66 -70.28 57.38 15.41
CA GLY F 66 -71.58 57.76 14.90
C GLY F 66 -72.51 56.56 14.84
N TYR F 67 -72.01 55.46 14.33
CA TYR F 67 -72.80 54.23 14.22
C TYR F 67 -73.26 53.69 15.59
N LEU F 68 -72.32 53.59 16.53
CA LEU F 68 -72.63 53.04 17.84
C LEU F 68 -73.51 53.95 18.65
N ALA F 69 -73.34 55.26 18.48
CA ALA F 69 -74.24 56.20 19.11
C ALA F 69 -75.68 55.92 18.69
N GLY F 70 -75.89 55.70 17.40
CA GLY F 70 -77.19 55.29 16.87
C GLY F 70 -77.68 54.00 17.49
N CYS F 71 -76.81 53.01 17.59
CA CYS F 71 -77.20 51.70 18.11
C CYS F 71 -77.74 51.82 19.50
N LEU F 72 -77.03 52.56 20.36
CA LEU F 72 -77.37 52.61 21.77
C LEU F 72 -78.66 53.40 21.98
N VAL F 73 -78.77 54.57 21.34
CA VAL F 73 -79.97 55.38 21.51
C VAL F 73 -81.20 54.70 20.90
N HIS F 74 -81.03 54.03 19.78
CA HIS F 74 -82.13 53.32 19.12
C HIS F 74 -82.55 52.11 19.96
N ALA F 75 -81.59 51.45 20.60
CA ALA F 75 -81.88 50.31 21.48
C ALA F 75 -82.63 50.72 22.72
N LEU F 76 -82.22 51.80 23.35
CA LEU F 76 -82.93 52.31 24.53
C LEU F 76 -84.36 52.64 24.17
N GLY F 77 -84.56 53.21 22.98
CA GLY F 77 -85.87 53.56 22.47
C GLY F 77 -86.80 52.37 22.27
N GLU F 78 -86.31 51.30 21.66
CA GLU F 78 -87.15 50.11 21.45
C GLU F 78 -87.51 49.49 22.77
N LYS F 79 -86.53 49.30 23.66
CA LYS F 79 -86.75 48.66 24.97
C LYS F 79 -87.69 49.52 25.86
N GLN F 80 -87.63 50.86 25.77
CA GLN F 80 -88.40 51.76 26.65
C GLN F 80 -89.08 52.91 25.88
N PRO F 81 -90.26 52.65 25.30
CA PRO F 81 -90.97 53.71 24.58
C PRO F 81 -91.37 54.88 25.45
N GLU F 82 -91.62 54.62 26.73
CA GLU F 82 -91.92 55.67 27.71
C GLU F 82 -90.96 56.85 27.71
N LEU F 83 -89.73 56.65 27.26
CA LEU F 83 -88.73 57.70 27.21
C LEU F 83 -88.99 58.76 26.13
N GLN F 84 -89.79 58.39 25.13
CA GLN F 84 -90.16 59.25 24.01
C GLN F 84 -88.94 59.83 23.35
N ILE F 85 -88.11 58.90 22.86
CA ILE F 85 -86.92 59.23 22.12
C ILE F 85 -87.41 59.43 20.71
N SER F 86 -87.22 60.63 20.16
CA SER F 86 -87.69 60.96 18.81
C SER F 86 -86.64 60.65 17.76
N GLU F 87 -87.07 60.52 16.50
CA GLU F 87 -86.12 60.36 15.38
C GLU F 87 -85.23 61.59 15.23
N ARG F 88 -85.70 62.70 15.77
CA ARG F 88 -84.89 63.89 15.88
C ARG F 88 -83.75 63.71 16.90
N ASP F 89 -84.08 63.17 18.07
CA ASP F 89 -83.07 62.89 19.09
C ASP F 89 -82.01 61.93 18.56
N VAL F 90 -82.44 60.89 17.85
CA VAL F 90 -81.54 59.87 17.31
C VAL F 90 -80.55 60.48 16.33
N LEU F 91 -81.06 61.27 15.40
CA LEU F 91 -80.20 61.96 14.45
C LEU F 91 -79.18 62.84 15.11
N CYS F 92 -79.59 63.57 16.13
CA CYS F 92 -78.67 64.47 16.83
C CYS F 92 -77.55 63.73 17.54
N VAL F 93 -77.91 62.61 18.17
CA VAL F 93 -76.93 61.76 18.85
C VAL F 93 -75.93 61.19 17.83
N GLN F 94 -76.44 60.71 16.68
CA GLN F 94 -75.59 60.25 15.59
C GLN F 94 -74.65 61.32 15.07
N ILE F 95 -75.17 62.53 14.86
CA ILE F 95 -74.35 63.63 14.37
C ILE F 95 -73.24 63.96 15.36
N ALA F 96 -73.56 63.93 16.65
CA ALA F 96 -72.56 64.20 17.67
C ALA F 96 -71.46 63.15 17.61
N GLY F 97 -71.87 61.88 17.63
CA GLY F 97 -70.93 60.79 17.52
C GLY F 97 -70.04 60.89 16.30
N LEU F 98 -70.66 61.22 15.19
CA LEU F 98 -69.95 61.35 13.93
C LEU F 98 -68.90 62.46 13.95
N CYS F 99 -69.28 63.59 14.56
CA CYS F 99 -68.44 64.79 14.58
C CYS F 99 -67.62 64.98 15.86
N HIS F 100 -67.55 63.96 16.70
CA HIS F 100 -67.06 64.15 18.08
C HIS F 100 -65.57 64.43 18.14
N ASP F 101 -64.83 63.85 17.17
CA ASP F 101 -63.38 64.04 17.11
C ASP F 101 -62.94 64.94 15.94
N LEU F 102 -63.89 65.65 15.34
CA LEU F 102 -63.59 66.62 14.26
C LEU F 102 -62.39 67.56 14.45
N GLY F 103 -62.09 67.89 15.71
CA GLY F 103 -61.03 68.82 16.04
C GLY F 103 -59.67 68.27 16.42
N HIS F 104 -59.41 67.01 16.13
CA HIS F 104 -58.07 66.46 16.38
C HIS F 104 -57.08 67.06 15.42
N GLY F 105 -55.87 67.25 15.92
CA GLY F 105 -54.80 67.81 15.10
C GLY F 105 -53.96 66.76 14.41
N PRO F 106 -52.88 67.19 13.74
CA PRO F 106 -51.91 66.26 13.20
C PRO F 106 -51.42 65.31 14.28
N PHE F 107 -51.41 64.02 13.94
CA PHE F 107 -51.04 62.93 14.85
C PHE F 107 -51.89 62.91 16.14
N SER F 108 -53.17 63.20 15.98
CA SER F 108 -54.17 63.08 17.04
C SER F 108 -53.77 63.68 18.39
N HIS F 109 -53.41 62.82 19.37
CA HIS F 109 -53.24 63.27 20.74
C HIS F 109 -51.88 63.92 20.97
N MET F 110 -50.94 63.64 20.09
CA MET F 110 -49.67 64.36 20.08
C MET F 110 -49.90 65.87 20.01
N PHE F 111 -50.87 66.29 19.19
CA PHE F 111 -51.15 67.71 18.99
C PHE F 111 -51.68 68.42 20.23
N ASP F 112 -52.80 67.94 20.76
CA ASP F 112 -53.40 68.57 21.93
C ASP F 112 -52.71 68.22 23.25
N GLY F 113 -51.95 67.12 23.24
CA GLY F 113 -51.32 66.60 24.45
C GLY F 113 -49.86 66.96 24.65
N ARG F 114 -49.10 67.12 23.56
CA ARG F 114 -47.69 67.50 23.63
C ARG F 114 -47.40 68.85 23.00
N PHE F 115 -47.77 69.03 21.74
CA PHE F 115 -47.39 70.20 20.95
C PHE F 115 -47.99 71.53 21.41
N ILE F 116 -49.30 71.63 21.44
CA ILE F 116 -49.94 72.89 21.80
C ILE F 116 -49.57 73.33 23.22
N PRO F 117 -49.54 72.41 24.19
CA PRO F 117 -49.04 72.83 25.51
C PRO F 117 -47.63 73.39 25.54
N LEU F 118 -46.75 72.96 24.64
CA LEU F 118 -45.39 73.52 24.56
C LEU F 118 -45.35 74.77 23.71
N ALA F 119 -46.00 74.74 22.56
CA ALA F 119 -45.99 75.87 21.64
C ALA F 119 -46.72 77.10 22.16
N ARG F 120 -47.80 76.89 22.90
CA ARG F 120 -48.65 77.98 23.40
C ARG F 120 -49.14 77.70 24.82
N PRO F 121 -48.23 77.81 25.81
CA PRO F 121 -48.54 77.49 27.22
C PRO F 121 -49.64 78.33 27.82
N GLU F 122 -49.84 79.54 27.32
CA GLU F 122 -50.90 80.44 27.77
C GLU F 122 -52.32 79.87 27.58
N VAL F 123 -52.55 79.07 26.53
CA VAL F 123 -53.89 78.63 26.16
C VAL F 123 -54.27 77.34 26.90
N LYS F 124 -55.56 77.17 27.19
CA LYS F 124 -56.12 75.89 27.62
C LYS F 124 -57.01 75.42 26.46
N TRP F 125 -56.46 74.54 25.61
CA TRP F 125 -57.13 74.02 24.39
C TRP F 125 -57.12 72.50 24.34
N THR F 126 -58.22 71.92 23.84
CA THR F 126 -58.40 70.46 23.74
C THR F 126 -58.96 70.05 22.37
N HIS F 127 -58.86 68.75 22.04
CA HIS F 127 -59.39 68.22 20.76
C HIS F 127 -60.88 68.50 20.67
N GLU F 128 -61.57 68.44 21.82
CA GLU F 128 -63.01 68.59 21.90
C GLU F 128 -63.44 70.01 21.59
N GLN F 129 -62.78 70.99 22.19
CA GLN F 129 -63.08 72.40 21.92
C GLN F 129 -62.93 72.68 20.45
N GLY F 130 -61.90 72.09 19.84
CA GLY F 130 -61.70 72.15 18.40
C GLY F 130 -62.83 71.55 17.63
N SER F 131 -63.36 70.43 18.09
CA SER F 131 -64.49 69.78 17.44
C SER F 131 -65.73 70.66 17.37
N VAL F 132 -66.04 71.32 18.49
CA VAL F 132 -67.16 72.25 18.53
C VAL F 132 -66.97 73.35 17.51
N MET F 133 -65.79 73.97 17.50
CA MET F 133 -65.51 75.04 16.56
C MET F 133 -65.53 74.57 15.11
N MET F 134 -64.93 73.43 14.86
CA MET F 134 -64.88 72.86 13.53
C MET F 134 -66.26 72.40 13.09
N PHE F 135 -67.11 71.98 14.03
CA PHE F 135 -68.48 71.62 13.70
C PHE F 135 -69.28 72.83 13.23
N GLU F 136 -69.19 73.92 13.98
CA GLU F 136 -69.77 75.22 13.60
C GLU F 136 -69.30 75.61 12.19
N HIS F 137 -67.99 75.56 11.95
CA HIS F 137 -67.44 75.89 10.62
C HIS F 137 -67.99 74.99 9.52
N LEU F 138 -68.14 73.70 9.81
CA LEU F 138 -68.67 72.74 8.84
C LEU F 138 -70.09 73.09 8.44
N ILE F 139 -70.91 73.36 9.44
CA ILE F 139 -72.33 73.69 9.25
C ILE F 139 -72.48 74.94 8.38
N ASN F 140 -71.75 76.00 8.74
CA ASN F 140 -71.90 77.30 8.10
C ASN F 140 -71.34 77.30 6.70
N SER F 141 -70.13 76.77 6.53
CA SER F 141 -69.51 76.76 5.21
C SER F 141 -70.16 75.79 4.20
N ASN F 142 -71.01 74.87 4.62
CA ASN F 142 -71.65 73.91 3.69
C ASN F 142 -73.18 73.93 3.63
N GLY F 143 -73.80 74.93 4.24
CA GLY F 143 -75.27 75.08 4.19
C GLY F 143 -76.05 73.89 4.69
N ILE F 144 -75.64 73.41 5.85
CA ILE F 144 -76.24 72.23 6.45
C ILE F 144 -77.54 72.59 7.14
N LYS F 145 -77.62 73.79 7.71
CA LYS F 145 -78.79 74.23 8.47
C LYS F 145 -80.14 74.02 7.74
N PRO F 146 -80.25 74.39 6.45
CA PRO F 146 -81.42 74.02 5.64
C PRO F 146 -81.74 72.54 5.60
N VAL F 147 -80.70 71.72 5.49
CA VAL F 147 -80.86 70.27 5.39
C VAL F 147 -81.31 69.70 6.74
N MET F 148 -80.80 70.24 7.83
CA MET F 148 -81.25 69.81 9.17
C MET F 148 -82.76 70.02 9.32
N GLU F 149 -83.22 71.22 8.94
CA GLU F 149 -84.64 71.56 8.97
C GLU F 149 -85.46 70.62 8.12
N GLN F 150 -84.98 70.37 6.90
CA GLN F 150 -85.63 69.44 5.96
C GLN F 150 -85.93 68.10 6.61
N TYR F 151 -85.05 67.60 7.47
CA TYR F 151 -85.25 66.32 8.15
C TYR F 151 -85.73 66.47 9.60
N GLY F 152 -86.45 67.56 9.89
CA GLY F 152 -87.13 67.71 11.17
C GLY F 152 -86.33 68.19 12.35
N LEU F 153 -85.11 68.66 12.13
CA LEU F 153 -84.32 69.20 13.23
C LEU F 153 -84.60 70.68 13.40
N ILE F 154 -84.24 71.19 14.57
CA ILE F 154 -84.37 72.61 14.89
C ILE F 154 -82.97 73.17 15.23
N PRO F 155 -82.26 73.71 14.22
CA PRO F 155 -80.87 74.14 14.40
C PRO F 155 -80.55 74.95 15.66
N GLU F 156 -81.41 75.89 16.05
CA GLU F 156 -81.18 76.62 17.30
C GLU F 156 -80.92 75.70 18.47
N GLU F 157 -81.90 74.87 18.76
CA GLU F 157 -81.82 73.91 19.91
C GLU F 157 -80.83 72.80 19.68
N ASP F 158 -80.86 72.20 18.50
CA ASP F 158 -80.12 70.95 18.25
C ASP F 158 -78.62 71.12 18.03
N ILE F 159 -78.19 72.18 17.36
CA ILE F 159 -76.74 72.45 17.22
C ILE F 159 -76.11 72.68 18.58
N CYS F 160 -76.86 73.25 19.52
CA CYS F 160 -76.39 73.37 20.89
C CYS F 160 -76.26 71.98 21.52
N PHE F 161 -77.30 71.17 21.37
CA PHE F 161 -77.34 69.80 21.88
C PHE F 161 -76.17 68.96 21.38
N ILE F 162 -75.88 69.08 20.09
CA ILE F 162 -74.76 68.36 19.48
C ILE F 162 -73.42 68.80 20.09
N LYS F 163 -73.21 70.11 20.17
CA LYS F 163 -71.98 70.65 20.76
C LYS F 163 -71.86 70.24 22.22
N GLU F 164 -72.97 70.25 22.93
CA GLU F 164 -72.99 69.86 24.35
C GLU F 164 -72.64 68.39 24.56
N GLN F 165 -73.07 67.54 23.65
CA GLN F 165 -72.70 66.11 23.68
C GLN F 165 -71.19 65.92 23.58
N ILE F 166 -70.53 66.79 22.84
CA ILE F 166 -69.10 66.68 22.57
C ILE F 166 -68.22 67.20 23.73
N VAL F 167 -68.44 68.46 24.15
CA VAL F 167 -67.54 69.11 25.13
C VAL F 167 -68.11 69.24 26.53
N GLY F 168 -69.37 68.89 26.73
CA GLY F 168 -70.03 69.13 28.00
C GLY F 168 -70.75 70.46 27.95
N PRO F 169 -71.07 71.03 29.12
CA PRO F 169 -71.90 72.23 29.08
C PRO F 169 -71.16 73.45 28.58
N LEU F 170 -71.80 74.18 27.67
CA LEU F 170 -71.23 75.43 27.14
C LEU F 170 -71.37 76.57 28.20
N LEU F 178 -78.15 73.29 39.72
CA LEU F 178 -79.18 73.15 38.71
C LEU F 178 -78.71 72.54 37.37
N TRP F 179 -79.66 72.25 36.50
CA TRP F 179 -79.42 71.54 35.22
C TRP F 179 -78.60 72.40 34.25
N PRO F 180 -77.34 72.00 34.00
CA PRO F 180 -76.45 72.83 33.21
C PRO F 180 -76.66 72.85 31.69
N TYR F 181 -77.52 72.02 31.13
CA TYR F 181 -77.64 71.93 29.65
C TYR F 181 -78.81 72.75 29.11
N LYS F 182 -78.55 73.47 28.03
CA LYS F 182 -79.55 74.25 27.30
C LYS F 182 -80.15 73.45 26.13
N GLY F 183 -79.47 72.41 25.66
CA GLY F 183 -79.88 71.69 24.45
C GLY F 183 -81.03 70.71 24.61
N ARG F 184 -81.13 70.11 25.78
CA ARG F 184 -82.23 69.19 26.11
C ARG F 184 -82.57 69.27 27.60
N PRO F 185 -83.84 69.00 27.94
CA PRO F 185 -84.26 68.98 29.35
C PRO F 185 -83.73 67.81 30.17
N GLU F 186 -83.96 67.87 31.49
CA GLU F 186 -83.51 66.83 32.44
C GLU F 186 -84.11 65.44 32.18
N ASN F 187 -85.31 65.39 31.60
CA ASN F 187 -85.98 64.13 31.26
C ASN F 187 -85.36 63.42 30.07
N LYS F 188 -84.34 64.02 29.46
CA LYS F 188 -83.54 63.37 28.45
C LYS F 188 -82.04 63.48 28.74
N SER F 189 -81.66 63.47 30.03
CA SER F 189 -80.24 63.56 30.39
C SER F 189 -79.44 62.35 29.91
N PHE F 190 -80.10 61.21 29.81
CA PHE F 190 -79.46 59.99 29.34
C PHE F 190 -78.82 60.13 27.97
N LEU F 191 -79.37 60.99 27.12
CA LEU F 191 -78.77 61.24 25.81
C LEU F 191 -77.34 61.82 25.89
N TYR F 192 -77.04 62.57 26.95
CA TYR F 192 -75.68 63.09 27.15
C TYR F 192 -74.64 62.06 27.57
N GLU F 193 -75.10 60.89 28.01
CA GLU F 193 -74.22 59.79 28.41
C GLU F 193 -73.82 58.82 27.27
N ILE F 194 -74.20 59.09 26.02
CA ILE F 194 -73.91 58.16 24.92
C ILE F 194 -72.55 58.38 24.26
N VAL F 195 -72.32 59.58 23.75
CA VAL F 195 -71.11 59.86 22.96
C VAL F 195 -69.89 60.16 23.84
N SER F 196 -70.09 60.95 24.89
CA SER F 196 -69.00 61.30 25.80
C SER F 196 -69.57 61.47 27.22
N ASN F 197 -69.40 60.44 28.02
CA ASN F 197 -70.05 60.30 29.31
C ASN F 197 -69.17 60.97 30.36
N LYS F 198 -69.62 62.14 30.83
CA LYS F 198 -68.87 62.91 31.83
C LYS F 198 -69.01 62.32 33.24
N ARG F 199 -70.05 61.57 33.47
CA ARG F 199 -70.38 61.03 34.79
C ARG F 199 -69.39 59.96 35.22
N ASN F 200 -69.20 58.96 34.34
CA ASN F 200 -68.34 57.81 34.61
C ASN F 200 -67.37 57.41 33.49
N GLY F 201 -67.57 57.90 32.28
CA GLY F 201 -66.66 57.59 31.16
C GLY F 201 -67.08 56.43 30.28
N ILE F 202 -68.16 55.74 30.62
CA ILE F 202 -68.65 54.63 29.80
C ILE F 202 -69.43 55.21 28.62
N ASP F 203 -68.77 55.27 27.46
CA ASP F 203 -69.34 55.87 26.24
C ASP F 203 -68.97 55.08 24.97
N VAL F 204 -69.60 55.42 23.86
CA VAL F 204 -69.36 54.68 22.63
C VAL F 204 -68.05 55.08 21.93
N ASP F 205 -67.45 56.24 22.25
CA ASP F 205 -66.12 56.60 21.76
C ASP F 205 -65.19 55.45 22.15
N LYS F 206 -65.23 55.08 23.43
CA LYS F 206 -64.40 53.98 23.94
C LYS F 206 -64.67 52.69 23.22
N TRP F 207 -65.94 52.38 23.01
CA TRP F 207 -66.31 51.07 22.50
C TRP F 207 -65.76 50.87 21.10
N ASP F 208 -65.84 51.93 20.30
CA ASP F 208 -65.33 51.86 18.95
C ASP F 208 -63.81 51.70 18.96
N TYR F 209 -63.10 52.58 19.65
CA TYR F 209 -61.64 52.54 19.55
C TYR F 209 -61.02 51.29 20.18
N PHE F 210 -61.66 50.69 21.17
CA PHE F 210 -61.19 49.41 21.67
C PHE F 210 -61.18 48.41 20.51
N ALA F 211 -62.34 48.23 19.91
CA ALA F 211 -62.53 47.29 18.83
C ALA F 211 -61.61 47.62 17.64
N ARG F 212 -61.55 48.90 17.29
CA ARG F 212 -60.84 49.31 16.11
C ARG F 212 -59.34 49.26 16.29
N ASP F 213 -58.86 49.81 17.41
CA ASP F 213 -57.41 49.88 17.65
C ASP F 213 -56.89 48.47 17.77
N CYS F 214 -57.58 47.61 18.52
CA CYS F 214 -57.21 46.19 18.60
C CYS F 214 -57.09 45.51 17.23
N HIS F 215 -58.05 45.76 16.37
CA HIS F 215 -58.07 45.13 15.04
C HIS F 215 -56.81 45.45 14.27
N HIS F 216 -56.42 46.72 14.32
CA HIS F 216 -55.27 47.22 13.57
C HIS F 216 -53.94 47.00 14.34
N LEU F 217 -53.96 47.07 15.66
CA LEU F 217 -52.73 46.92 16.45
C LEU F 217 -52.17 45.51 16.37
N GLY F 218 -53.10 44.55 16.42
CA GLY F 218 -52.74 43.16 16.59
C GLY F 218 -52.76 42.76 18.05
N ILE F 219 -53.73 43.28 18.78
CA ILE F 219 -54.03 42.86 20.14
C ILE F 219 -55.50 42.46 20.10
N GLN F 220 -55.90 41.47 20.89
CA GLN F 220 -57.31 41.11 20.97
C GLN F 220 -57.99 41.92 22.12
N ASN F 221 -59.25 42.27 21.86
CA ASN F 221 -60.08 43.12 22.69
C ASN F 221 -60.93 42.21 23.57
N ASN F 222 -60.94 42.50 24.88
CA ASN F 222 -61.66 41.66 25.81
C ASN F 222 -63.01 42.25 26.27
N PHE F 223 -63.58 43.22 25.54
CA PHE F 223 -64.81 43.93 25.97
C PHE F 223 -65.93 43.81 24.95
N ASP F 224 -67.11 43.40 25.41
CA ASP F 224 -68.25 43.14 24.55
C ASP F 224 -69.26 44.27 24.67
N TYR F 225 -69.20 45.23 23.74
CA TYR F 225 -70.11 46.39 23.80
C TYR F 225 -71.55 46.00 23.49
N LYS F 226 -71.70 45.04 22.58
CA LYS F 226 -73.03 44.58 22.18
C LYS F 226 -73.82 44.04 23.36
N ARG F 227 -73.12 43.30 24.21
CA ARG F 227 -73.70 42.74 25.41
C ARG F 227 -74.13 43.84 26.37
N PHE F 228 -73.29 44.85 26.54
CA PHE F 228 -73.61 45.94 27.44
C PHE F 228 -74.90 46.66 27.02
N ILE F 229 -75.07 46.82 25.70
CA ILE F 229 -76.27 47.42 25.14
C ILE F 229 -77.50 46.55 25.44
N LYS F 230 -77.39 45.24 25.31
CA LYS F 230 -78.53 44.39 25.65
C LYS F 230 -79.01 44.52 27.09
N PHE F 231 -78.10 44.85 28.01
CA PHE F 231 -78.47 44.99 29.41
C PHE F 231 -78.40 46.44 29.90
N ALA F 232 -78.65 47.38 29.00
CA ALA F 232 -78.64 48.78 29.36
C ALA F 232 -80.07 49.22 29.46
N ARG F 233 -80.31 50.24 30.27
CA ARG F 233 -81.66 50.66 30.59
C ARG F 233 -81.62 52.03 31.29
N VAL F 234 -82.65 52.85 31.08
CA VAL F 234 -82.75 54.16 31.71
C VAL F 234 -83.60 54.07 32.96
N CYS F 235 -83.11 54.59 34.08
CA CYS F 235 -83.83 54.63 35.35
C CYS F 235 -83.69 55.99 35.97
N GLU F 236 -84.54 56.29 36.94
CA GLU F 236 -84.44 57.56 37.66
C GLU F 236 -83.36 57.46 38.70
N VAL F 237 -82.47 58.46 38.73
CA VAL F 237 -81.43 58.57 39.77
C VAL F 237 -81.31 60.05 40.14
N ASP F 238 -81.62 60.38 41.41
CA ASP F 238 -81.54 61.76 41.91
C ASP F 238 -82.28 62.73 40.97
N ASN F 239 -83.58 62.47 40.77
CA ASN F 239 -84.49 63.34 40.03
C ASN F 239 -84.09 63.60 38.56
N GLU F 240 -83.42 62.61 37.97
CA GLU F 240 -82.78 62.73 36.65
C GLU F 240 -82.76 61.34 36.00
N LEU F 241 -83.09 61.27 34.69
CA LEU F 241 -83.11 59.95 34.02
C LEU F 241 -81.76 59.56 33.38
N ARG F 242 -81.09 58.56 33.94
CA ARG F 242 -79.75 58.13 33.48
C ARG F 242 -79.72 56.70 32.99
N ILE F 243 -78.66 56.37 32.25
CA ILE F 243 -78.41 55.01 31.79
C ILE F 243 -77.88 54.19 32.95
N CYS F 244 -78.41 52.98 33.08
CA CYS F 244 -78.00 52.02 34.10
C CYS F 244 -77.68 50.69 33.47
N ALA F 245 -76.74 49.97 34.05
CA ALA F 245 -76.38 48.63 33.62
C ALA F 245 -76.98 47.63 34.55
N ARG F 246 -77.08 46.39 34.13
CA ARG F 246 -77.62 45.38 35.00
C ARG F 246 -76.57 44.98 36.07
N ASP F 247 -77.06 44.61 37.26
CA ASP F 247 -76.22 44.18 38.39
C ASP F 247 -75.09 43.21 38.00
N LYS F 248 -75.41 42.22 37.18
CA LYS F 248 -74.42 41.22 36.79
C LYS F 248 -73.27 41.77 35.92
N GLU F 249 -73.52 42.85 35.17
CA GLU F 249 -72.45 43.44 34.37
C GLU F 249 -71.34 44.16 35.13
N VAL F 250 -71.48 44.36 36.44
CA VAL F 250 -70.49 45.13 37.21
C VAL F 250 -69.07 44.61 36.96
N GLY F 251 -68.91 43.29 36.91
CA GLY F 251 -67.61 42.72 36.63
C GLY F 251 -67.04 43.13 35.28
N ASN F 252 -67.87 43.02 34.26
CA ASN F 252 -67.48 43.37 32.89
C ASN F 252 -67.14 44.86 32.75
N LEU F 253 -67.75 45.70 33.57
CA LEU F 253 -67.43 47.11 33.59
C LEU F 253 -66.08 47.40 34.22
N TYR F 254 -65.72 46.72 35.30
CA TYR F 254 -64.36 46.87 35.82
C TYR F 254 -63.35 46.41 34.77
N ASP F 255 -63.69 45.34 34.05
CA ASP F 255 -62.82 44.80 33.00
C ASP F 255 -62.73 45.74 31.79
N MET F 256 -63.75 46.54 31.56
CA MET F 256 -63.69 47.56 30.51
C MET F 256 -62.56 48.54 30.79
N PHE F 257 -62.47 49.03 32.01
CA PHE F 257 -61.44 49.99 32.36
C PHE F 257 -60.07 49.35 32.46
N HIS F 258 -60.04 48.06 32.81
CA HIS F 258 -58.81 47.27 32.78
C HIS F 258 -58.28 47.19 31.35
N THR F 259 -59.17 46.79 30.43
CA THR F 259 -58.85 46.74 29.01
C THR F 259 -58.26 48.06 28.52
N ARG F 260 -58.88 49.17 28.94
CA ARG F 260 -58.41 50.50 28.57
C ARG F 260 -57.00 50.74 29.03
N ASN F 261 -56.77 50.49 30.32
CA ASN F 261 -55.48 50.70 30.94
C ASN F 261 -54.44 49.81 30.29
N SER F 262 -54.86 48.60 29.97
CA SER F 262 -54.00 47.64 29.33
C SER F 262 -53.57 48.08 27.92
N LEU F 263 -54.51 48.63 27.14
CA LEU F 263 -54.18 49.20 25.82
C LEU F 263 -53.25 50.40 25.89
N HIS F 264 -53.39 51.20 26.95
CA HIS F 264 -52.47 52.30 27.18
C HIS F 264 -51.08 51.80 27.50
N ARG F 265 -50.98 50.76 28.34
CA ARG F 265 -49.69 50.25 28.73
C ARG F 265 -48.98 49.63 27.55
N ARG F 266 -49.68 48.78 26.82
CA ARG F 266 -49.06 48.07 25.71
C ARG F 266 -48.78 48.93 24.49
N ALA F 267 -49.76 49.76 24.10
CA ALA F 267 -49.71 50.44 22.82
C ALA F 267 -49.61 51.95 22.92
N TYR F 268 -50.63 52.59 23.49
CA TYR F 268 -50.73 54.04 23.34
C TYR F 268 -49.58 54.78 24.02
N GLN F 269 -49.19 54.30 25.21
CA GLN F 269 -48.04 54.85 25.94
C GLN F 269 -46.78 54.00 25.78
N HIS F 270 -46.65 53.32 24.64
CA HIS F 270 -45.44 52.56 24.36
C HIS F 270 -44.23 53.47 24.37
N LYS F 271 -43.17 53.03 25.05
CA LYS F 271 -41.98 53.86 25.29
C LYS F 271 -41.42 54.52 24.01
N VAL F 272 -41.43 53.79 22.91
CA VAL F 272 -40.91 54.28 21.63
C VAL F 272 -41.95 55.07 20.86
N GLY F 273 -43.21 54.68 20.99
CA GLY F 273 -44.30 55.44 20.39
C GLY F 273 -44.30 56.87 20.93
N ASN F 274 -44.13 56.98 22.25
CA ASN F 274 -44.05 58.26 22.92
C ASN F 274 -42.80 59.07 22.54
N ILE F 275 -41.66 58.41 22.38
CA ILE F 275 -40.46 59.15 22.00
C ILE F 275 -40.55 59.64 20.56
N ILE F 276 -41.21 58.89 19.70
CA ILE F 276 -41.44 59.34 18.34
C ILE F 276 -42.41 60.52 18.33
N ASP F 277 -43.43 60.47 19.19
CA ASP F 277 -44.33 61.59 19.36
C ASP F 277 -43.54 62.83 19.82
N THR F 278 -42.68 62.69 20.84
CA THR F 278 -41.90 63.86 21.33
C THR F 278 -40.96 64.38 20.22
N MET F 279 -40.38 63.49 19.43
CA MET F 279 -39.51 63.91 18.33
C MET F 279 -40.25 64.64 17.22
N ILE F 280 -41.45 64.17 16.89
CA ILE F 280 -42.27 64.86 15.90
C ILE F 280 -42.73 66.21 16.44
N THR F 281 -43.17 66.25 17.70
CA THR F 281 -43.54 67.49 18.38
C THR F 281 -42.37 68.48 18.32
N ASP F 282 -41.18 68.00 18.63
CA ASP F 282 -39.96 68.81 18.62
C ASP F 282 -39.73 69.42 17.24
N ALA F 283 -39.83 68.61 16.20
CA ALA F 283 -39.70 69.07 14.83
C ALA F 283 -40.78 70.09 14.44
N PHE F 284 -41.98 69.94 14.98
CA PHE F 284 -43.05 70.90 14.73
C PHE F 284 -42.73 72.24 15.39
N LEU F 285 -42.26 72.20 16.63
CA LEU F 285 -41.85 73.42 17.33
C LEU F 285 -40.76 74.17 16.53
N LYS F 286 -39.80 73.45 15.98
CA LYS F 286 -38.73 74.06 15.19
C LYS F 286 -39.18 74.55 13.83
N ALA F 287 -40.21 73.93 13.28
CA ALA F 287 -40.78 74.34 12.00
C ALA F 287 -41.85 75.40 12.12
N ASP F 288 -42.30 75.68 13.34
CA ASP F 288 -43.52 76.48 13.57
C ASP F 288 -43.44 77.83 12.88
N ASP F 289 -42.35 78.54 13.19
CA ASP F 289 -42.12 79.90 12.76
C ASP F 289 -42.11 80.08 11.25
N TYR F 290 -41.66 79.09 10.50
CA TYR F 290 -41.47 79.25 9.06
C TYR F 290 -42.53 78.57 8.18
N ILE F 291 -43.57 77.97 8.78
CA ILE F 291 -44.66 77.40 7.99
C ILE F 291 -45.89 78.27 8.11
N GLU F 292 -46.40 78.66 6.95
CA GLU F 292 -47.59 79.50 6.81
C GLU F 292 -48.72 78.64 6.29
N ILE F 293 -49.92 78.82 6.86
CA ILE F 293 -51.12 78.14 6.40
C ILE F 293 -52.21 79.20 6.15
N THR F 294 -52.73 79.21 4.92
CA THR F 294 -53.73 80.19 4.50
C THR F 294 -55.03 79.93 5.22
N GLY F 295 -55.56 80.97 5.85
CA GLY F 295 -56.81 80.89 6.60
C GLY F 295 -57.94 81.67 5.94
N ALA F 296 -58.83 82.21 6.78
CA ALA F 296 -59.98 82.94 6.32
C ALA F 296 -59.58 84.34 5.91
N GLY F 297 -60.08 84.77 4.76
CA GLY F 297 -59.71 86.03 4.14
C GLY F 297 -58.25 86.11 3.74
N GLY F 298 -57.61 84.98 3.48
CA GLY F 298 -56.20 84.94 3.15
C GLY F 298 -55.19 85.15 4.28
N LYS F 299 -55.63 85.41 5.51
CA LYS F 299 -54.70 85.68 6.63
C LYS F 299 -53.73 84.49 6.84
N LYS F 300 -52.50 84.77 7.25
CA LYS F 300 -51.51 83.71 7.45
C LYS F 300 -51.50 83.22 8.89
N TYR F 301 -51.61 81.91 9.07
CA TYR F 301 -51.51 81.26 10.37
C TYR F 301 -50.34 80.28 10.43
N ARG F 302 -49.81 80.12 11.63
CA ARG F 302 -48.74 79.15 11.90
C ARG F 302 -49.39 77.84 12.36
N ILE F 303 -48.58 76.81 12.52
CA ILE F 303 -49.06 75.51 12.98
C ILE F 303 -49.74 75.67 14.32
N SER F 304 -49.06 76.32 15.25
CA SER F 304 -49.59 76.55 16.60
C SER F 304 -50.83 77.46 16.66
N THR F 305 -50.99 78.36 15.69
CA THR F 305 -52.10 79.31 15.68
C THR F 305 -53.27 78.95 14.76
N ALA F 306 -53.14 77.87 13.99
CA ALA F 306 -54.23 77.44 13.11
C ALA F 306 -55.46 77.02 13.89
N ILE F 307 -55.28 76.60 15.14
CA ILE F 307 -56.40 76.30 16.01
C ILE F 307 -57.36 77.48 16.25
N ASP F 308 -56.87 78.69 16.04
CA ASP F 308 -57.70 79.88 16.19
C ASP F 308 -58.65 80.11 15.02
N ASP F 309 -58.28 79.67 13.82
CA ASP F 309 -59.14 79.84 12.64
C ASP F 309 -59.37 78.51 11.88
N MET F 310 -60.63 78.07 11.85
CA MET F 310 -60.98 76.75 11.33
C MET F 310 -60.78 76.57 9.84
N GLU F 311 -60.76 77.64 9.07
CA GLU F 311 -60.50 77.49 7.65
C GLU F 311 -59.05 77.12 7.42
N ALA F 312 -58.17 77.59 8.28
CA ALA F 312 -56.76 77.20 8.26
C ALA F 312 -56.58 75.80 8.77
N TYR F 313 -57.17 75.53 9.92
CA TYR F 313 -57.09 74.21 10.59
C TYR F 313 -57.61 73.05 9.74
N THR F 314 -58.54 73.32 8.84
CA THR F 314 -59.01 72.36 7.86
C THR F 314 -57.87 71.80 6.98
N LYS F 315 -56.87 72.62 6.72
CA LYS F 315 -55.74 72.22 5.91
C LYS F 315 -54.53 71.71 6.73
N LEU F 316 -54.67 71.65 8.06
CA LEU F 316 -53.61 71.15 8.95
C LEU F 316 -53.82 69.70 9.34
N THR F 317 -53.07 68.80 8.71
CA THR F 317 -53.20 67.35 8.90
C THR F 317 -51.83 66.70 9.07
N ASP F 318 -51.77 65.37 9.07
CA ASP F 318 -50.50 64.64 9.12
C ASP F 318 -49.57 65.00 7.98
N ASN F 319 -50.12 65.46 6.86
CA ASN F 319 -49.35 66.04 5.76
C ASN F 319 -48.16 66.88 6.19
N ILE F 320 -48.38 67.67 7.23
CA ILE F 320 -47.39 68.62 7.68
C ILE F 320 -46.03 67.97 7.99
N PHE F 321 -46.06 66.72 8.44
CA PHE F 321 -44.87 65.89 8.61
C PHE F 321 -44.11 65.74 7.30
N LEU F 322 -44.80 65.27 6.27
CA LEU F 322 -44.14 65.05 4.98
C LEU F 322 -43.75 66.35 4.27
N GLU F 323 -44.47 67.42 4.58
CA GLU F 323 -44.15 68.75 4.03
C GLU F 323 -42.79 69.17 4.55
N ILE F 324 -42.60 69.06 5.86
CA ILE F 324 -41.31 69.33 6.50
C ILE F 324 -40.23 68.40 5.98
N LEU F 325 -40.52 67.10 5.90
CA LEU F 325 -39.52 66.11 5.47
C LEU F 325 -39.03 66.34 4.05
N TYR F 326 -39.96 66.58 3.14
CA TYR F 326 -39.61 66.79 1.73
C TYR F 326 -39.09 68.19 1.39
N SER F 327 -39.17 69.15 2.33
CA SER F 327 -38.80 70.53 2.01
C SER F 327 -37.32 70.72 1.77
N THR F 328 -37.02 71.79 1.04
CA THR F 328 -35.65 72.24 0.76
C THR F 328 -35.32 73.62 1.36
N ASP F 329 -36.31 74.31 1.94
CA ASP F 329 -36.07 75.59 2.61
C ASP F 329 -35.01 75.42 3.70
N PRO F 330 -33.93 76.22 3.66
CA PRO F 330 -32.94 76.10 4.74
C PRO F 330 -33.41 76.56 6.11
N LYS F 331 -34.49 77.32 6.18
CA LYS F 331 -35.08 77.71 7.48
C LYS F 331 -35.63 76.50 8.23
N LEU F 332 -36.10 75.49 7.49
CA LEU F 332 -36.64 74.26 8.05
C LEU F 332 -35.60 73.13 8.23
N LYS F 333 -34.30 73.43 8.10
CA LYS F 333 -33.27 72.38 8.18
C LYS F 333 -33.26 71.73 9.56
N ASP F 334 -33.40 72.50 10.64
CA ASP F 334 -33.42 71.93 11.98
C ASP F 334 -34.56 70.92 12.19
N ALA F 335 -35.76 71.28 11.71
CA ALA F 335 -36.93 70.41 11.80
C ALA F 335 -36.78 69.17 10.93
N ARG F 336 -36.43 69.38 9.67
CA ARG F 336 -36.21 68.29 8.72
C ARG F 336 -35.17 67.28 9.19
N GLU F 337 -34.16 67.72 9.93
CA GLU F 337 -33.13 66.79 10.43
C GLU F 337 -33.68 65.86 11.50
N ILE F 338 -34.59 66.34 12.35
CA ILE F 338 -35.23 65.48 13.34
C ILE F 338 -36.05 64.40 12.67
N LEU F 339 -36.87 64.79 11.71
CA LEU F 339 -37.70 63.82 10.99
C LEU F 339 -36.87 62.84 10.17
N LYS F 340 -35.75 63.29 9.63
CA LYS F 340 -34.83 62.38 8.93
C LYS F 340 -34.22 61.38 9.91
N GLN F 341 -33.93 61.80 11.14
CA GLN F 341 -33.45 60.90 12.19
C GLN F 341 -34.46 59.82 12.58
N ILE F 342 -35.75 60.07 12.40
CA ILE F 342 -36.79 59.07 12.62
C ILE F 342 -36.78 58.02 11.50
N GLU F 343 -36.59 58.47 10.26
CA GLU F 343 -36.51 57.56 9.12
C GLU F 343 -35.40 56.54 9.31
N TYR F 344 -34.23 57.05 9.66
CA TYR F 344 -33.01 56.25 9.87
C TYR F 344 -33.03 55.46 11.17
N ARG F 345 -33.94 55.81 12.07
CA ARG F 345 -34.18 55.12 13.33
C ARG F 345 -33.10 55.45 14.37
N ASN F 346 -32.58 56.67 14.34
CA ASN F 346 -31.70 57.21 15.39
C ASN F 346 -32.58 57.97 16.32
N LEU F 347 -33.31 57.22 17.12
CA LEU F 347 -34.24 57.80 18.07
C LEU F 347 -33.49 58.06 19.36
N PHE F 348 -34.03 58.97 20.16
CA PHE F 348 -33.51 59.19 21.50
C PHE F 348 -33.62 57.88 22.28
N LYS F 349 -32.61 57.54 23.05
CA LYS F 349 -32.56 56.23 23.69
C LYS F 349 -33.31 56.19 25.00
N TYR F 350 -34.09 55.12 25.19
CA TYR F 350 -34.84 54.90 26.42
C TYR F 350 -33.88 54.44 27.50
N VAL F 351 -33.92 55.10 28.65
CA VAL F 351 -33.04 54.75 29.76
C VAL F 351 -33.75 53.82 30.74
N GLY F 352 -34.98 54.18 31.11
CA GLY F 352 -35.78 53.35 32.02
C GLY F 352 -37.06 54.03 32.48
N GLU F 353 -37.84 53.29 33.26
CA GLU F 353 -39.12 53.74 33.77
C GLU F 353 -39.10 53.65 35.28
N THR F 354 -39.83 54.54 35.93
CA THR F 354 -39.99 54.48 37.39
C THR F 354 -41.29 55.14 37.83
N GLN F 355 -41.67 54.86 39.07
CA GLN F 355 -42.89 55.37 39.67
C GLN F 355 -42.62 56.06 41.00
N PRO F 356 -43.42 57.07 41.37
CA PRO F 356 -43.38 57.55 42.75
C PRO F 356 -43.89 56.52 43.76
N THR F 357 -43.57 56.73 45.03
CA THR F 357 -44.11 55.91 46.13
C THR F 357 -44.87 56.73 47.14
N GLY F 358 -45.52 56.03 48.07
CA GLY F 358 -46.31 56.64 49.13
C GLY F 358 -47.49 57.12 48.33
N GLN F 359 -47.83 58.38 48.53
CA GLN F 359 -48.83 59.06 47.76
C GLN F 359 -48.17 60.41 47.36
N ILE F 360 -47.06 60.36 46.63
CA ILE F 360 -46.36 61.57 46.15
C ILE F 360 -46.74 61.81 44.68
N LYS F 361 -47.69 62.70 44.41
CA LYS F 361 -48.05 63.05 43.02
C LYS F 361 -47.05 64.09 42.50
N ILE F 362 -46.58 63.94 41.27
CA ILE F 362 -45.76 64.96 40.61
C ILE F 362 -46.68 65.94 39.88
N LYS F 363 -46.68 67.20 40.32
CA LYS F 363 -47.57 68.24 39.72
C LYS F 363 -47.09 68.61 38.31
N ARG F 364 -48.02 68.99 37.43
CA ARG F 364 -47.72 69.31 36.02
C ARG F 364 -46.74 70.49 35.86
N GLU F 365 -46.94 71.51 36.69
CA GLU F 365 -45.99 72.64 36.87
C GLU F 365 -44.50 72.23 36.96
N ASP F 366 -44.21 71.10 37.61
CA ASP F 366 -42.82 70.63 37.82
C ASP F 366 -42.17 69.84 36.67
N TYR F 367 -42.95 69.48 35.64
CA TYR F 367 -42.45 68.67 34.52
C TYR F 367 -41.23 69.30 33.85
N GLU F 368 -41.28 70.62 33.61
CA GLU F 368 -40.16 71.37 33.00
C GLU F 368 -38.84 71.17 33.75
N SER F 369 -38.91 71.07 35.07
CA SER F 369 -37.72 71.00 35.94
C SER F 369 -37.02 69.64 36.08
N LEU F 370 -37.67 68.56 35.65
CA LEU F 370 -37.17 67.21 35.93
C LEU F 370 -35.89 66.79 35.20
N PRO F 371 -35.69 67.21 33.94
CA PRO F 371 -34.39 66.96 33.32
C PRO F 371 -33.20 67.55 34.09
N LYS F 372 -33.37 68.75 34.64
CA LYS F 372 -32.38 69.39 35.53
C LYS F 372 -32.06 68.48 36.70
N GLU F 373 -33.09 67.92 37.34
CA GLU F 373 -32.90 67.06 38.50
C GLU F 373 -32.10 65.79 38.22
N VAL F 374 -32.28 65.20 37.04
CA VAL F 374 -31.59 63.95 36.67
C VAL F 374 -30.10 64.21 36.47
N ALA F 375 -29.76 65.25 35.71
CA ALA F 375 -28.38 65.68 35.53
C ALA F 375 -27.71 66.11 36.85
N SER F 376 -28.50 66.72 37.73
CA SER F 376 -28.04 67.14 39.06
C SER F 376 -27.71 66.02 40.04
N ALA F 377 -28.16 64.79 39.77
CA ALA F 377 -27.83 63.67 40.64
C ALA F 377 -26.33 63.39 40.58
N LYS F 378 -25.77 63.01 41.71
CA LYS F 378 -24.33 62.79 41.86
C LYS F 378 -24.17 61.30 42.18
N PRO F 379 -24.10 60.44 41.14
CA PRO F 379 -23.91 59.00 41.38
C PRO F 379 -22.48 58.66 41.80
N LYS F 380 -22.32 57.87 42.85
CA LYS F 380 -20.99 57.68 43.46
C LYS F 380 -20.10 56.73 42.64
N VAL F 381 -19.90 57.03 41.36
CA VAL F 381 -19.01 56.31 40.44
C VAL F 381 -18.38 57.23 39.42
N LEU F 382 -17.13 57.06 39.10
CA LEU F 382 -16.45 57.89 38.06
C LEU F 382 -17.00 57.58 36.67
N LEU F 383 -17.60 58.57 36.05
CA LEU F 383 -18.17 58.50 34.72
C LEU F 383 -17.24 59.15 33.71
N ASP F 384 -17.23 58.56 32.50
CA ASP F 384 -16.39 59.00 31.40
C ASP F 384 -16.89 60.29 30.77
N VAL F 385 -18.24 60.46 30.74
CA VAL F 385 -18.86 61.70 30.26
C VAL F 385 -19.80 62.31 31.32
N LYS F 386 -19.76 63.64 31.45
CA LYS F 386 -20.77 64.40 32.23
C LYS F 386 -21.86 64.81 31.26
N LEU F 387 -23.13 64.73 31.69
CA LEU F 387 -24.30 65.07 30.83
C LEU F 387 -25.08 66.25 31.40
N LYS F 388 -25.39 67.22 30.54
CA LYS F 388 -26.17 68.42 30.93
C LYS F 388 -27.68 68.09 30.89
N ALA F 389 -28.50 68.96 31.46
CA ALA F 389 -29.95 68.73 31.57
C ALA F 389 -30.70 68.69 30.23
N GLU F 390 -30.24 69.48 29.27
CA GLU F 390 -30.79 69.46 27.91
C GLU F 390 -30.63 68.11 27.18
N ASP F 391 -29.71 67.26 27.64
CA ASP F 391 -29.52 65.91 27.10
C ASP F 391 -30.62 64.92 27.50
N PHE F 392 -31.29 65.17 28.62
CA PHE F 392 -32.37 64.31 29.11
C PHE F 392 -33.77 64.76 28.70
N ILE F 393 -34.64 63.78 28.46
CA ILE F 393 -36.09 63.98 28.33
C ILE F 393 -36.75 63.15 29.43
N VAL F 394 -37.69 63.76 30.14
CA VAL F 394 -38.45 63.05 31.15
C VAL F 394 -39.91 63.21 30.83
N ASP F 395 -40.56 62.09 30.54
CA ASP F 395 -41.95 62.02 30.10
C ASP F 395 -42.72 61.49 31.30
N VAL F 396 -43.68 62.26 31.79
CA VAL F 396 -44.51 61.81 32.90
C VAL F 396 -45.88 61.49 32.36
N ILE F 397 -46.42 60.35 32.78
CA ILE F 397 -47.64 59.78 32.20
C ILE F 397 -48.59 59.40 33.33
N ASN F 398 -49.81 59.92 33.29
CA ASN F 398 -50.82 59.60 34.29
C ASN F 398 -51.73 58.49 33.80
N MET F 399 -51.60 57.31 34.41
CA MET F 399 -52.46 56.19 34.10
C MET F 399 -53.56 56.17 35.14
N ASP F 400 -54.82 56.20 34.70
CA ASP F 400 -55.97 56.17 35.60
C ASP F 400 -57.11 55.40 34.97
N TYR F 401 -58.23 55.34 35.69
CA TYR F 401 -59.46 54.76 35.15
C TYR F 401 -60.39 55.86 34.66
N GLY F 402 -59.82 56.93 34.12
CA GLY F 402 -60.58 58.00 33.49
C GLY F 402 -61.08 59.11 34.40
N MET F 403 -60.97 58.95 35.73
CA MET F 403 -61.49 59.95 36.65
C MET F 403 -60.48 60.19 37.74
N GLN F 404 -59.30 60.59 37.30
CA GLN F 404 -58.17 60.78 38.18
C GLN F 404 -58.13 59.67 39.23
N GLU F 405 -58.21 60.01 40.52
CA GLU F 405 -58.04 59.02 41.59
C GLU F 405 -59.28 58.23 41.94
N LYS F 406 -60.41 58.55 41.31
CA LYS F 406 -61.70 57.90 41.61
C LYS F 406 -61.94 56.61 40.83
N ASN F 407 -62.73 55.75 41.46
CA ASN F 407 -63.22 54.50 40.88
C ASN F 407 -64.48 54.87 40.09
N PRO F 408 -64.45 54.79 38.76
CA PRO F 408 -65.63 55.19 37.99
C PRO F 408 -66.84 54.29 38.19
N ILE F 409 -66.66 53.07 38.68
CA ILE F 409 -67.79 52.18 38.93
C ILE F 409 -68.61 52.66 40.12
N ASP F 410 -68.00 53.42 41.03
CA ASP F 410 -68.74 54.10 42.09
C ASP F 410 -69.66 55.19 41.53
N HIS F 411 -69.44 55.63 40.30
CA HIS F 411 -70.35 56.54 39.59
C HIS F 411 -71.19 55.88 38.48
N VAL F 412 -71.52 54.60 38.64
CA VAL F 412 -72.42 53.88 37.72
C VAL F 412 -73.61 53.41 38.54
N SER F 413 -74.79 53.54 37.94
CA SER F 413 -76.03 53.07 38.52
C SER F 413 -76.37 51.71 37.92
N PHE F 414 -76.86 50.79 38.75
CA PHE F 414 -77.20 49.44 38.34
C PHE F 414 -78.68 49.13 38.56
N TYR F 415 -79.19 48.04 37.98
CA TYR F 415 -80.55 47.58 38.24
C TYR F 415 -80.63 46.07 38.37
N CYS F 416 -81.69 45.56 39.00
CA CYS F 416 -81.85 44.09 39.17
C CYS F 416 -82.97 43.55 38.34
N LYS F 417 -82.90 42.26 38.04
CA LYS F 417 -83.93 41.59 37.25
C LYS F 417 -85.28 41.73 37.93
N THR F 418 -85.26 41.56 39.24
CA THR F 418 -86.45 41.60 40.11
C THR F 418 -87.12 42.96 40.25
N ALA F 419 -86.40 44.06 39.97
CA ALA F 419 -86.93 45.44 40.08
C ALA F 419 -86.21 46.37 39.11
N PRO F 420 -86.58 46.28 37.83
CA PRO F 420 -85.79 46.91 36.78
C PRO F 420 -85.87 48.43 36.67
N ASN F 421 -86.77 49.07 37.42
CA ASN F 421 -86.82 50.53 37.44
C ASN F 421 -86.13 51.15 38.64
N ARG F 422 -85.73 50.30 39.58
CA ARG F 422 -85.07 50.74 40.79
C ARG F 422 -83.57 50.66 40.63
N ALA F 423 -82.97 51.84 40.55
CA ALA F 423 -81.52 51.98 40.42
C ALA F 423 -80.83 51.78 41.74
N ILE F 424 -79.63 51.22 41.71
CA ILE F 424 -78.83 50.94 42.92
C ILE F 424 -77.36 51.21 42.66
N ARG F 425 -76.56 51.15 43.73
CA ARG F 425 -75.11 51.29 43.64
C ARG F 425 -74.48 49.96 44.05
N ILE F 426 -73.30 49.69 43.51
CA ILE F 426 -72.54 48.51 43.87
C ILE F 426 -71.14 48.99 44.19
N THR F 427 -70.69 48.74 45.43
CA THR F 427 -69.36 49.19 45.85
C THR F 427 -68.32 48.21 45.37
N LYS F 428 -67.05 48.52 45.61
CA LYS F 428 -65.98 47.61 45.20
C LYS F 428 -65.98 46.32 46.01
N ASN F 429 -66.18 46.45 47.33
CA ASN F 429 -66.21 45.28 48.24
C ASN F 429 -67.28 44.26 47.93
N GLN F 430 -68.39 44.73 47.37
CA GLN F 430 -69.49 43.85 46.96
C GLN F 430 -69.14 42.99 45.75
N VAL F 431 -68.08 43.32 45.01
CA VAL F 431 -67.73 42.61 43.75
C VAL F 431 -66.60 41.60 43.93
N SER F 432 -65.42 42.09 44.32
CA SER F 432 -64.23 41.24 44.39
C SER F 432 -63.08 41.87 45.16
N GLN F 433 -62.35 41.04 45.88
CA GLN F 433 -61.11 41.43 46.54
C GLN F 433 -59.91 41.47 45.57
N LEU F 434 -60.06 40.90 44.37
CA LEU F 434 -59.00 40.91 43.36
C LEU F 434 -58.99 42.13 42.43
N LEU F 435 -59.81 43.14 42.74
CA LEU F 435 -59.82 44.38 41.96
C LEU F 435 -58.70 45.28 42.40
N PRO F 436 -58.44 46.38 41.66
CA PRO F 436 -57.35 47.27 42.03
C PRO F 436 -57.56 48.00 43.33
N GLU F 437 -56.47 48.28 44.03
CA GLU F 437 -56.51 49.00 45.32
C GLU F 437 -56.66 50.49 45.03
N LYS F 438 -55.79 50.99 44.14
CA LYS F 438 -55.82 52.37 43.64
C LYS F 438 -56.40 52.41 42.23
N PHE F 439 -56.78 53.59 41.77
CA PHE F 439 -57.28 53.79 40.40
C PHE F 439 -56.51 54.86 39.61
N ALA F 440 -55.33 55.24 40.10
CA ALA F 440 -54.45 56.11 39.35
C ALA F 440 -53.01 55.93 39.82
N GLU F 441 -52.08 56.19 38.91
CA GLU F 441 -50.67 56.18 39.21
C GLU F 441 -49.94 57.01 38.18
N GLN F 442 -48.64 57.19 38.38
CA GLN F 442 -47.80 57.91 37.44
C GLN F 442 -46.67 57.04 36.98
N LEU F 443 -46.32 57.18 35.71
CA LEU F 443 -45.14 56.54 35.15
C LEU F 443 -44.20 57.62 34.68
N ILE F 444 -42.92 57.45 35.01
CA ILE F 444 -41.89 58.40 34.63
C ILE F 444 -40.90 57.66 33.76
N ARG F 445 -40.83 58.04 32.50
CA ARG F 445 -39.88 57.49 31.54
C ARG F 445 -38.80 58.52 31.32
N VAL F 446 -37.56 58.08 31.35
CA VAL F 446 -36.42 58.95 31.09
C VAL F 446 -35.73 58.46 29.82
N TYR F 447 -35.43 59.39 28.93
CA TYR F 447 -34.67 59.07 27.71
C TYR F 447 -33.45 59.97 27.67
N CYS F 448 -32.50 59.63 26.81
CA CYS F 448 -31.28 60.43 26.63
C CYS F 448 -31.12 60.77 25.17
N LYS F 449 -30.87 62.05 24.87
CA LYS F 449 -30.71 62.50 23.47
C LYS F 449 -29.38 62.06 22.83
N LYS F 450 -28.36 61.82 23.65
CA LYS F 450 -27.09 61.31 23.14
C LYS F 450 -27.16 59.78 23.03
N VAL F 451 -26.87 59.29 21.83
CA VAL F 451 -27.16 57.91 21.42
C VAL F 451 -26.01 56.92 21.74
N ASP F 452 -24.78 57.39 21.67
CA ASP F 452 -23.54 56.57 21.80
C ASP F 452 -23.42 55.70 23.07
N ARG F 453 -22.59 54.66 22.98
CA ARG F 453 -22.41 53.66 24.07
C ARG F 453 -22.00 54.31 25.41
N LYS F 454 -21.10 55.30 25.34
CA LYS F 454 -20.53 55.95 26.55
C LYS F 454 -21.58 56.82 27.27
N SER F 455 -22.35 57.59 26.51
CA SER F 455 -23.37 58.50 27.09
C SER F 455 -24.57 57.74 27.67
N LEU F 456 -24.94 56.65 27.02
CA LEU F 456 -26.02 55.81 27.50
C LEU F 456 -25.68 55.17 28.85
N TYR F 457 -24.44 54.69 29.01
CA TYR F 457 -23.99 54.17 30.32
C TYR F 457 -24.13 55.25 31.40
N ALA F 458 -23.68 56.45 31.08
CA ALA F 458 -23.72 57.57 32.03
C ALA F 458 -25.16 57.89 32.40
N ALA F 459 -26.00 58.02 31.37
CA ALA F 459 -27.41 58.34 31.55
C ALA F 459 -28.10 57.37 32.51
N ARG F 460 -27.81 56.08 32.35
CA ARG F 460 -28.34 55.04 33.25
C ARG F 460 -27.95 55.25 34.70
N GLN F 461 -26.72 55.69 34.93
CA GLN F 461 -26.23 55.93 36.30
C GLN F 461 -26.94 57.15 36.90
N TYR F 462 -27.00 58.24 36.14
CA TYR F 462 -27.76 59.41 36.58
C TYR F 462 -29.21 59.05 36.94
N PHE F 463 -29.84 58.29 36.07
CA PHE F 463 -31.24 57.90 36.24
C PHE F 463 -31.47 57.04 37.49
N VAL F 464 -30.71 55.95 37.64
CA VAL F 464 -30.94 55.02 38.75
C VAL F 464 -30.62 55.69 40.08
N GLN F 465 -29.69 56.65 40.06
CA GLN F 465 -29.38 57.46 41.23
C GLN F 465 -30.56 58.36 41.54
N TRP F 466 -30.97 59.15 40.56
CA TRP F 466 -32.13 60.05 40.69
C TRP F 466 -33.36 59.36 41.27
N CYS F 467 -33.55 58.10 40.90
CA CYS F 467 -34.60 57.26 41.47
C CYS F 467 -34.40 57.02 42.97
N ALA F 468 -33.18 56.66 43.35
CA ALA F 468 -32.85 56.48 44.78
C ALA F 468 -32.97 57.80 45.54
N ASP F 469 -32.50 58.89 44.95
CA ASP F 469 -32.54 60.23 45.55
C ASP F 469 -33.96 60.67 45.89
N ARG F 470 -34.93 60.35 45.04
CA ARG F 470 -36.31 60.81 45.24
C ARG F 470 -37.27 59.76 45.82
N ASN F 471 -36.67 58.67 46.34
CA ASN F 471 -37.42 57.54 46.88
C ASN F 471 -38.48 56.98 45.92
N PHE F 472 -38.10 56.89 44.64
CA PHE F 472 -38.91 56.23 43.61
C PHE F 472 -38.67 54.72 43.61
N THR F 473 -39.46 54.00 42.82
CA THR F 473 -39.36 52.55 42.71
C THR F 473 -38.11 52.18 41.95
N LYS F 474 -37.58 51.00 42.27
CA LYS F 474 -36.40 50.48 41.60
C LYS F 474 -36.74 50.16 40.16
N PRO F 475 -35.98 50.71 39.20
CA PRO F 475 -36.19 50.27 37.82
C PRO F 475 -36.11 48.75 37.70
N GLN F 476 -36.99 48.17 36.89
CA GLN F 476 -37.07 46.69 36.74
C GLN F 476 -35.72 46.08 36.38
N ASP F 477 -35.05 46.70 35.43
CA ASP F 477 -33.71 46.31 34.99
C ASP F 477 -32.55 46.96 35.78
N GLY F 478 -32.85 47.48 36.97
CA GLY F 478 -31.93 48.39 37.68
C GLY F 478 -30.64 47.76 38.13
N ASP F 479 -30.72 46.52 38.59
CA ASP F 479 -29.53 45.78 39.04
C ASP F 479 -28.57 45.49 37.91
N VAL F 480 -29.08 45.42 36.68
CA VAL F 480 -28.27 45.17 35.50
C VAL F 480 -27.63 46.47 34.98
N ILE F 481 -28.43 47.50 34.74
CA ILE F 481 -27.94 48.76 34.13
C ILE F 481 -27.04 49.61 35.03
N ALA F 482 -27.24 49.50 36.34
CA ALA F 482 -26.47 50.29 37.31
C ALA F 482 -26.23 49.44 38.56
N PRO F 483 -25.39 48.40 38.45
CA PRO F 483 -25.19 47.44 39.54
C PRO F 483 -24.43 48.04 40.73
N LEU F 484 -23.67 49.11 40.49
CA LEU F 484 -22.95 49.81 41.53
C LEU F 484 -23.83 50.76 42.35
N ILE F 485 -24.99 51.15 41.80
CA ILE F 485 -25.89 52.12 42.46
C ILE F 485 -27.03 51.49 43.27
N THR F 486 -27.57 50.35 42.83
CA THR F 486 -28.73 49.72 43.50
C THR F 486 -28.51 49.22 44.95
N PRO F 487 -27.31 48.73 45.30
CA PRO F 487 -27.17 48.37 46.73
C PRO F 487 -27.15 49.59 47.70
N GLN F 488 -26.73 50.77 47.22
CA GLN F 488 -26.76 52.03 48.00
C GLN F 488 -28.08 52.25 48.76
N LYS F 489 -29.22 51.95 48.13
CA LYS F 489 -30.53 52.21 48.72
C LYS F 489 -30.99 51.01 49.61
N LYS F 490 -31.16 51.31 50.91
CA LYS F 490 -31.61 50.32 51.91
C LYS F 490 -32.98 49.76 51.56
N GLU F 491 -33.88 50.64 51.11
CA GLU F 491 -35.28 50.26 50.79
C GLU F 491 -35.42 49.22 49.66
N TRP F 492 -34.44 49.11 48.76
CA TRP F 492 -34.50 48.15 47.63
C TRP F 492 -33.91 46.77 48.00
N THR G 8 -44.10 8.83 7.49
CA THR G 8 -44.47 10.21 7.04
C THR G 8 -45.08 11.05 8.21
N MET G 9 -45.33 12.34 7.91
CA MET G 9 -46.02 13.21 8.93
C MET G 9 -47.50 13.31 8.58
N LYS G 10 -48.33 13.31 9.61
CA LYS G 10 -49.77 13.50 9.44
C LYS G 10 -50.15 14.91 9.78
N VAL G 11 -50.94 15.55 8.93
CA VAL G 11 -51.41 16.90 9.19
C VAL G 11 -52.88 16.85 9.59
N ILE G 12 -53.24 17.67 10.57
CA ILE G 12 -54.62 17.72 11.09
C ILE G 12 -55.00 19.17 11.37
N ASN G 13 -56.23 19.55 11.00
CA ASN G 13 -56.65 20.97 11.01
C ASN G 13 -57.56 21.31 12.21
N ASP G 14 -56.91 21.87 13.21
CA ASP G 14 -57.54 22.44 14.40
C ASP G 14 -57.90 23.90 14.11
N PRO G 15 -59.12 24.32 14.45
CA PRO G 15 -59.49 25.71 14.18
C PRO G 15 -58.79 26.75 15.04
N ILE G 16 -58.20 26.36 16.15
CA ILE G 16 -57.45 27.29 16.96
C ILE G 16 -56.06 27.45 16.44
N HIS G 17 -55.33 26.35 16.27
CA HIS G 17 -53.90 26.40 15.99
C HIS G 17 -53.50 26.27 14.55
N GLY G 18 -54.42 25.87 13.69
CA GLY G 18 -54.13 25.74 12.27
C GLY G 18 -53.81 24.31 11.93
N HIS G 19 -52.94 24.10 10.95
CA HIS G 19 -52.55 22.75 10.55
C HIS G 19 -51.40 22.25 11.43
N ILE G 20 -51.73 21.37 12.35
CA ILE G 20 -50.78 20.75 13.23
C ILE G 20 -50.13 19.56 12.51
N GLU G 21 -48.80 19.40 12.66
CA GLU G 21 -48.11 18.19 12.20
C GLU G 21 -48.02 17.21 13.35
N LEU G 22 -48.32 15.93 13.06
CA LEU G 22 -48.27 14.87 14.07
C LEU G 22 -47.26 13.81 13.68
N HIS G 23 -46.24 13.68 14.53
CA HIS G 23 -45.23 12.66 14.39
C HIS G 23 -45.87 11.24 14.49
N PRO G 24 -45.34 10.26 13.73
CA PRO G 24 -45.97 8.93 13.65
C PRO G 24 -46.23 8.26 14.99
N LEU G 25 -45.32 8.44 15.93
CA LEU G 25 -45.48 7.98 17.31
C LEU G 25 -46.69 8.57 17.99
N LEU G 26 -46.92 9.86 17.78
CA LEU G 26 -48.09 10.53 18.35
C LEU G 26 -49.37 10.01 17.71
N VAL G 27 -49.36 9.83 16.39
CA VAL G 27 -50.50 9.28 15.66
C VAL G 27 -50.88 7.92 16.23
N ARG G 28 -49.85 7.14 16.54
CA ARG G 28 -50.03 5.80 17.05
C ARG G 28 -50.66 5.80 18.44
N ILE G 29 -50.28 6.78 19.26
CA ILE G 29 -50.86 7.00 20.58
C ILE G 29 -52.29 7.54 20.46
N ILE G 30 -52.50 8.47 19.56
CA ILE G 30 -53.83 9.07 19.32
C ILE G 30 -54.86 8.04 18.91
N ASN G 31 -54.50 7.14 17.99
CA ASN G 31 -55.43 6.16 17.47
C ASN G 31 -55.56 4.91 18.37
N THR G 32 -56.03 5.15 19.59
CA THR G 32 -56.25 4.12 20.58
C THR G 32 -57.56 4.43 21.31
N PRO G 33 -58.25 3.39 21.85
CA PRO G 33 -59.46 3.64 22.60
C PRO G 33 -59.30 4.57 23.80
N GLN G 34 -58.13 4.55 24.41
CA GLN G 34 -57.88 5.31 25.64
C GLN G 34 -57.84 6.81 25.38
N PHE G 35 -57.32 7.16 24.21
CA PHE G 35 -57.23 8.53 23.75
C PHE G 35 -58.50 8.99 23.06
N GLN G 36 -59.01 8.20 22.11
CA GLN G 36 -60.22 8.58 21.35
C GLN G 36 -61.41 8.76 22.27
N ARG G 37 -61.39 8.08 23.41
CA ARG G 37 -62.31 8.33 24.52
C ARG G 37 -62.58 9.81 24.77
N LEU G 38 -61.54 10.62 24.68
CA LEU G 38 -61.66 12.05 24.94
C LEU G 38 -62.56 12.77 23.96
N ARG G 39 -62.90 12.17 22.82
CA ARG G 39 -63.93 12.74 21.93
C ARG G 39 -65.29 12.82 22.57
N TYR G 40 -65.53 12.05 23.61
CA TYR G 40 -66.83 11.93 24.24
C TYR G 40 -66.85 12.52 25.65
N ILE G 41 -65.97 13.47 25.92
CA ILE G 41 -65.97 14.19 27.18
C ILE G 41 -65.89 15.70 26.90
N LYS G 42 -66.89 16.46 27.31
CA LYS G 42 -66.90 17.90 27.03
C LYS G 42 -65.93 18.63 27.91
N GLN G 43 -65.31 19.67 27.35
CA GLN G 43 -64.28 20.43 28.04
C GLN G 43 -64.86 21.13 29.24
N LEU G 44 -66.00 21.79 29.00
CA LEU G 44 -66.59 22.64 30.04
C LEU G 44 -67.82 22.01 30.69
N GLY G 45 -67.91 20.68 30.63
CA GLY G 45 -69.00 19.94 31.25
C GLY G 45 -70.36 20.56 31.08
N GLY G 46 -70.96 20.95 32.22
CA GLY G 46 -72.29 21.56 32.24
C GLY G 46 -72.38 22.95 31.65
N GLY G 47 -71.23 23.60 31.42
CA GLY G 47 -71.18 24.87 30.73
C GLY G 47 -71.86 24.89 29.37
N TYR G 48 -71.86 23.76 28.67
CA TYR G 48 -72.61 23.65 27.40
C TYR G 48 -74.07 24.03 27.57
N TYR G 49 -74.64 23.71 28.73
CA TYR G 49 -76.05 24.02 29.04
C TYR G 49 -76.30 25.49 29.40
N VAL G 50 -75.24 26.30 29.40
CA VAL G 50 -75.33 27.77 29.51
C VAL G 50 -74.76 28.50 28.29
N PHE G 51 -73.60 28.06 27.82
CA PHE G 51 -72.99 28.60 26.59
C PHE G 51 -73.16 27.58 25.48
N PRO G 52 -74.17 27.77 24.62
CA PRO G 52 -74.45 26.73 23.64
C PRO G 52 -73.31 26.54 22.61
N GLY G 53 -72.35 27.47 22.56
CA GLY G 53 -71.17 27.22 21.73
C GLY G 53 -70.21 26.14 22.21
N ALA G 54 -70.22 25.87 23.53
CA ALA G 54 -69.20 25.07 24.23
C ALA G 54 -69.39 23.54 24.13
N SER G 55 -69.62 23.12 22.88
CA SER G 55 -69.72 21.71 22.48
C SER G 55 -68.39 20.99 22.44
N HIS G 56 -67.29 21.77 22.44
CA HIS G 56 -65.94 21.22 22.34
C HIS G 56 -65.56 20.24 23.42
N ASN G 57 -64.79 19.23 22.99
CA ASN G 57 -64.40 18.09 23.80
C ASN G 57 -62.90 18.06 24.09
N ARG G 58 -62.50 17.22 25.04
CA ARG G 58 -61.10 17.13 25.50
C ARG G 58 -60.14 16.70 24.42
N PHE G 59 -60.58 15.79 23.55
CA PHE G 59 -59.80 15.35 22.41
C PHE G 59 -59.02 16.50 21.76
N GLU G 60 -59.74 17.52 21.33
CA GLU G 60 -59.11 18.60 20.57
C GLU G 60 -58.26 19.54 21.44
N HIS G 61 -58.65 19.74 22.70
CA HIS G 61 -57.78 20.41 23.69
C HIS G 61 -56.46 19.64 23.82
N SER G 62 -56.58 18.31 23.95
CA SER G 62 -55.44 17.44 24.11
C SER G 62 -54.49 17.58 22.91
N LEU G 63 -55.00 17.57 21.68
CA LEU G 63 -54.15 17.81 20.50
C LEU G 63 -53.41 19.14 20.57
N GLY G 64 -54.13 20.18 20.95
CA GLY G 64 -53.57 21.52 21.01
C GLY G 64 -52.49 21.69 22.06
N VAL G 65 -52.66 21.05 23.21
CA VAL G 65 -51.66 21.13 24.26
C VAL G 65 -50.40 20.39 23.80
N GLY G 66 -50.61 19.26 23.13
CA GLY G 66 -49.51 18.55 22.51
C GLY G 66 -48.79 19.42 21.50
N TYR G 67 -49.56 20.12 20.67
CA TYR G 67 -48.99 21.01 19.67
C TYR G 67 -48.15 22.15 20.28
N LEU G 68 -48.72 22.83 21.27
CA LEU G 68 -48.05 23.97 21.88
C LEU G 68 -46.85 23.56 22.68
N ALA G 69 -46.92 22.40 23.31
CA ALA G 69 -45.77 21.86 24.00
C ALA G 69 -44.59 21.70 23.04
N GLY G 70 -44.86 21.18 21.85
CA GLY G 70 -43.87 21.11 20.78
C GLY G 70 -43.33 22.47 20.38
N CYS G 71 -44.23 23.45 20.22
CA CYS G 71 -43.83 24.78 19.79
C CYS G 71 -42.84 25.38 20.74
N LEU G 72 -43.13 25.28 22.03
CA LEU G 72 -42.32 25.97 23.04
C LEU G 72 -40.96 25.30 23.18
N VAL G 73 -40.94 23.98 23.29
CA VAL G 73 -39.68 23.26 23.44
C VAL G 73 -38.81 23.38 22.18
N HIS G 74 -39.42 23.35 21.00
CA HIS G 74 -38.70 23.48 19.74
C HIS G 74 -38.14 24.91 19.60
N ALA G 75 -38.89 25.90 20.05
CA ALA G 75 -38.45 27.29 20.01
C ALA G 75 -37.27 27.55 20.93
N LEU G 76 -37.33 27.03 22.14
CA LEU G 76 -36.22 27.17 23.07
C LEU G 76 -34.97 26.55 22.49
N GLY G 77 -35.13 25.42 21.81
CA GLY G 77 -34.04 24.72 21.16
C GLY G 77 -33.35 25.50 20.05
N GLU G 78 -34.13 26.12 19.17
CA GLU G 78 -33.55 26.91 18.08
C GLU G 78 -32.82 28.10 18.64
N LYS G 79 -33.46 28.84 19.56
CA LYS G 79 -32.87 30.05 20.13
C LYS G 79 -31.60 29.73 20.98
N GLN G 80 -31.55 28.57 21.65
CA GLN G 80 -30.43 28.22 22.56
C GLN G 80 -29.94 26.77 22.36
N PRO G 81 -29.05 26.55 21.38
CA PRO G 81 -28.52 25.21 21.14
C PRO G 81 -27.73 24.66 22.32
N GLU G 82 -27.10 25.54 23.08
CA GLU G 82 -26.37 25.16 24.30
C GLU G 82 -27.15 24.26 25.25
N LEU G 83 -28.48 24.33 25.22
CA LEU G 83 -29.33 23.51 26.09
C LEU G 83 -29.34 22.02 25.74
N GLN G 84 -28.97 21.71 24.50
CA GLN G 84 -28.89 20.34 23.99
C GLN G 84 -30.21 19.62 24.19
N ILE G 85 -31.23 20.22 23.59
CA ILE G 85 -32.57 19.67 23.61
C ILE G 85 -32.56 18.69 22.46
N SER G 86 -32.81 17.41 22.74
CA SER G 86 -32.80 16.36 21.71
C SER G 86 -34.16 16.17 21.09
N GLU G 87 -34.21 15.56 19.91
CA GLU G 87 -35.50 15.20 19.29
C GLU G 87 -36.23 14.17 20.13
N ARG G 88 -35.50 13.47 20.97
CA ARG G 88 -36.10 12.62 21.98
C ARG G 88 -36.82 13.44 23.05
N ASP G 89 -36.18 14.49 23.56
CA ASP G 89 -36.81 15.37 24.54
C ASP G 89 -38.09 16.00 23.97
N VAL G 90 -38.03 16.44 22.73
CA VAL G 90 -39.17 17.09 22.07
C VAL G 90 -40.36 16.15 21.98
N LEU G 91 -40.11 14.94 21.51
CA LEU G 91 -41.16 13.94 21.44
C LEU G 91 -41.79 13.64 22.78
N CYS G 92 -40.98 13.55 23.81
CA CYS G 92 -41.50 13.27 25.15
C CYS G 92 -42.38 14.38 25.68
N VAL G 93 -41.97 15.62 25.45
CA VAL G 93 -42.75 16.79 25.85
C VAL G 93 -44.09 16.82 25.10
N GLN G 94 -44.05 16.54 23.79
CA GLN G 94 -45.27 16.43 22.99
C GLN G 94 -46.21 15.34 23.49
N ILE G 95 -45.66 14.18 23.79
CA ILE G 95 -46.46 13.07 24.29
C ILE G 95 -47.13 13.43 25.61
N ALA G 96 -46.39 14.12 26.49
CA ALA G 96 -46.96 14.54 27.76
C ALA G 96 -48.11 15.50 27.53
N GLY G 97 -47.86 16.53 26.72
CA GLY G 97 -48.89 17.49 26.38
C GLY G 97 -50.13 16.82 25.80
N LEU G 98 -49.91 15.88 24.89
CA LEU G 98 -50.98 15.17 24.23
C LEU G 98 -51.82 14.36 25.21
N CYS G 99 -51.14 13.71 26.16
CA CYS G 99 -51.79 12.79 27.11
C CYS G 99 -52.09 13.40 28.47
N HIS G 100 -51.99 14.72 28.60
CA HIS G 100 -51.96 15.34 29.94
C HIS G 100 -53.30 15.29 30.63
N ASP G 101 -54.38 15.33 29.82
CA ASP G 101 -55.74 15.28 30.37
C ASP G 101 -56.45 13.94 30.11
N LEU G 102 -55.68 12.93 29.70
CA LEU G 102 -56.23 11.57 29.50
C LEU G 102 -57.18 11.00 30.55
N GLY G 103 -57.01 11.44 31.80
CA GLY G 103 -57.79 10.95 32.93
C GLY G 103 -58.99 11.73 33.39
N HIS G 104 -59.47 12.67 32.57
CA HIS G 104 -60.69 13.39 32.93
C HIS G 104 -61.87 12.47 32.85
N GLY G 105 -62.82 12.70 33.77
CA GLY G 105 -64.03 11.90 33.81
C GLY G 105 -65.16 12.49 33.00
N PRO G 106 -66.35 11.88 33.09
CA PRO G 106 -67.55 12.47 32.51
C PRO G 106 -67.74 13.89 33.00
N PHE G 107 -68.02 14.78 32.04
CA PHE G 107 -68.16 16.23 32.29
C PHE G 107 -66.93 16.84 32.98
N SER G 108 -65.75 16.39 32.57
CA SER G 108 -64.48 16.97 32.97
C SER G 108 -64.33 17.23 34.48
N HIS G 109 -64.42 18.50 34.89
CA HIS G 109 -64.07 18.89 36.26
C HIS G 109 -65.20 18.62 37.24
N MET G 110 -66.41 18.47 36.73
CA MET G 110 -67.52 18.00 37.53
C MET G 110 -67.16 16.67 38.22
N PHE G 111 -66.50 15.78 37.49
CA PHE G 111 -66.15 14.46 38.00
C PHE G 111 -65.16 14.48 39.16
N ASP G 112 -63.99 15.06 38.93
CA ASP G 112 -62.95 15.10 39.97
C ASP G 112 -63.19 16.18 41.03
N GLY G 113 -64.02 17.16 40.69
CA GLY G 113 -64.27 18.32 41.55
C GLY G 113 -65.53 18.27 42.40
N ARG G 114 -66.59 17.62 41.91
CA ARG G 114 -67.84 17.47 42.64
C ARG G 114 -68.18 16.04 42.98
N PHE G 115 -68.23 15.17 41.97
CA PHE G 115 -68.74 13.80 42.12
C PHE G 115 -67.90 12.88 42.99
N ILE G 116 -66.64 12.68 42.63
CA ILE G 116 -65.78 11.75 43.36
C ILE G 116 -65.61 12.18 44.82
N PRO G 117 -65.41 13.49 45.09
CA PRO G 117 -65.38 13.90 46.48
C PRO G 117 -66.63 13.57 47.30
N LEU G 118 -67.80 13.55 46.67
CA LEU G 118 -69.04 13.18 47.37
C LEU G 118 -69.23 11.68 47.40
N ALA G 119 -69.02 11.01 46.28
CA ALA G 119 -69.22 9.57 46.17
C ALA G 119 -68.24 8.75 47.00
N ARG G 120 -66.99 9.21 47.08
CA ARG G 120 -65.93 8.47 47.77
C ARG G 120 -65.02 9.43 48.54
N PRO G 121 -65.52 9.95 49.68
CA PRO G 121 -64.78 10.94 50.49
C PRO G 121 -63.46 10.47 51.03
N GLU G 122 -63.32 9.16 51.22
CA GLU G 122 -62.06 8.55 51.68
C GLU G 122 -60.86 8.79 50.74
N VAL G 123 -61.10 8.87 49.43
CA VAL G 123 -60.02 8.91 48.42
C VAL G 123 -59.59 10.35 48.17
N LYS G 124 -58.31 10.56 47.87
CA LYS G 124 -57.78 11.81 47.33
C LYS G 124 -57.38 11.48 45.88
N TRP G 125 -58.28 11.81 44.94
CA TRP G 125 -58.09 11.50 43.49
C TRP G 125 -58.27 12.74 42.63
N THR G 126 -57.46 12.85 41.57
CA THR G 126 -57.46 13.99 40.65
C THR G 126 -57.44 13.53 39.18
N HIS G 127 -57.80 14.45 38.26
CA HIS G 127 -57.79 14.15 36.81
C HIS G 127 -56.39 13.72 36.38
N GLU G 128 -55.37 14.32 37.00
CA GLU G 128 -53.98 14.09 36.64
C GLU G 128 -53.52 12.71 37.04
N GLN G 129 -53.83 12.28 38.25
CA GLN G 129 -53.49 10.93 38.70
C GLN G 129 -54.10 9.91 37.75
N GLY G 130 -55.33 10.17 37.32
CA GLY G 130 -56.01 9.37 36.33
C GLY G 130 -55.27 9.34 35.00
N SER G 131 -54.73 10.48 34.59
CA SER G 131 -53.97 10.56 33.34
C SER G 131 -52.74 9.66 33.33
N VAL G 132 -52.01 9.68 34.44
CA VAL G 132 -50.83 8.83 34.58
C VAL G 132 -51.25 7.36 34.45
N MET G 133 -52.27 6.97 35.17
CA MET G 133 -52.75 5.59 35.12
C MET G 133 -53.27 5.20 33.75
N MET G 134 -54.05 6.09 33.15
CA MET G 134 -54.62 5.84 31.84
C MET G 134 -53.51 5.86 30.77
N PHE G 135 -52.45 6.63 30.98
CA PHE G 135 -51.31 6.62 30.06
C PHE G 135 -50.60 5.27 30.07
N GLU G 136 -50.31 4.77 31.27
CA GLU G 136 -49.77 3.43 31.48
C GLU G 136 -50.63 2.38 30.76
N HIS G 137 -51.94 2.42 30.99
CA HIS G 137 -52.87 1.48 30.35
C HIS G 137 -52.83 1.58 28.83
N LEU G 138 -52.74 2.80 28.30
CA LEU G 138 -52.67 3.03 26.86
C LEU G 138 -51.44 2.38 26.25
N ILE G 139 -50.30 2.62 26.89
CA ILE G 139 -49.01 2.10 26.43
C ILE G 139 -49.02 0.57 26.38
N ASN G 140 -49.47 -0.04 27.47
CA ASN G 140 -49.40 -1.49 27.63
C ASN G 140 -50.40 -2.19 26.74
N SER G 141 -51.64 -1.74 26.74
CA SER G 141 -52.68 -2.38 25.94
C SER G 141 -52.52 -2.17 24.42
N ASN G 142 -51.68 -1.26 23.96
CA ASN G 142 -51.52 -1.01 22.51
C ASN G 142 -50.10 -1.22 21.93
N GLY G 143 -49.19 -1.78 22.73
CA GLY G 143 -47.85 -2.10 22.27
C GLY G 143 -47.07 -0.91 21.75
N ILE G 144 -47.09 0.15 22.53
CA ILE G 144 -46.47 1.40 22.14
C ILE G 144 -44.97 1.36 22.42
N LYS G 145 -44.57 0.64 23.48
CA LYS G 145 -43.18 0.57 23.91
C LYS G 145 -42.17 0.23 22.77
N PRO G 146 -42.47 -0.78 21.93
CA PRO G 146 -41.68 -1.03 20.73
C PRO G 146 -41.55 0.16 19.78
N VAL G 147 -42.66 0.88 19.61
CA VAL G 147 -42.71 2.03 18.70
C VAL G 147 -41.91 3.20 19.28
N MET G 148 -41.95 3.39 20.58
CA MET G 148 -41.14 4.42 21.23
C MET G 148 -39.66 4.19 20.94
N GLU G 149 -39.22 2.95 21.14
CA GLU G 149 -37.83 2.54 20.85
C GLU G 149 -37.48 2.80 19.41
N GLN G 150 -38.35 2.40 18.50
CA GLN G 150 -38.17 2.62 17.06
C GLN G 150 -37.83 4.07 16.73
N TYR G 151 -38.42 5.01 17.44
CA TYR G 151 -38.17 6.45 17.23
C TYR G 151 -37.21 7.06 18.26
N GLY G 152 -36.31 6.24 18.81
CA GLY G 152 -35.22 6.74 19.64
C GLY G 152 -35.51 7.02 21.10
N LEU G 153 -36.66 6.61 21.60
CA LEU G 153 -36.96 6.81 23.01
C LEU G 153 -36.48 5.64 23.83
N ILE G 154 -36.34 5.86 25.13
CA ILE G 154 -35.96 4.84 26.08
C ILE G 154 -37.10 4.69 27.12
N PRO G 155 -38.03 3.76 26.90
CA PRO G 155 -39.21 3.62 27.74
C PRO G 155 -38.99 3.66 29.25
N GLU G 156 -37.95 3.00 29.76
CA GLU G 156 -37.65 3.06 31.20
C GLU G 156 -37.61 4.51 31.70
N GLU G 157 -36.68 5.29 31.13
CA GLU G 157 -36.47 6.69 31.53
C GLU G 157 -37.60 7.61 31.10
N ASP G 158 -38.04 7.47 29.86
CA ASP G 158 -38.96 8.44 29.25
C ASP G 158 -40.41 8.34 29.69
N ILE G 159 -40.92 7.13 29.89
CA ILE G 159 -42.29 6.98 30.42
C ILE G 159 -42.39 7.58 31.82
N CYS G 160 -41.31 7.54 32.59
CA CYS G 160 -41.26 8.23 33.87
C CYS G 160 -41.32 9.75 33.65
N PHE G 161 -40.49 10.23 32.74
CA PHE G 161 -40.42 11.65 32.39
C PHE G 161 -41.78 12.20 31.94
N ILE G 162 -42.49 11.44 31.12
CA ILE G 162 -43.82 11.82 30.65
C ILE G 162 -44.80 11.90 31.81
N LYS G 163 -44.84 10.88 32.64
CA LYS G 163 -45.71 10.87 33.82
C LYS G 163 -45.38 12.02 34.76
N GLU G 164 -44.09 12.29 34.93
CA GLU G 164 -43.64 13.37 35.79
C GLU G 164 -44.06 14.75 35.29
N GLN G 165 -44.07 14.93 33.97
CA GLN G 165 -44.56 16.17 33.36
C GLN G 165 -46.02 16.43 33.71
N ILE G 166 -46.80 15.35 33.84
CA ILE G 166 -48.23 15.44 34.06
C ILE G 166 -48.60 15.72 35.53
N VAL G 167 -48.13 14.87 36.45
CA VAL G 167 -48.54 14.93 37.87
C VAL G 167 -47.53 15.51 38.82
N GLY G 168 -46.33 15.80 38.35
CA GLY G 168 -45.25 16.22 39.24
C GLY G 168 -44.44 15.02 39.67
N PRO G 169 -43.67 15.14 40.76
CA PRO G 169 -42.77 14.04 41.08
C PRO G 169 -43.48 12.82 41.61
N LEU G 170 -43.12 11.65 41.08
CA LEU G 170 -43.73 10.40 41.51
C LEU G 170 -43.26 9.95 42.94
N GLU G 171 -42.29 10.64 43.58
CA GLU G 171 -41.60 10.11 44.78
C GLU G 171 -41.14 11.34 45.58
N LEU G 178 -33.11 18.68 47.54
CA LEU G 178 -32.57 17.81 46.45
C LEU G 178 -33.56 17.71 45.27
N TRP G 179 -33.00 17.33 44.12
CA TRP G 179 -33.73 17.24 42.85
C TRP G 179 -34.74 16.10 42.86
N PRO G 180 -36.05 16.42 42.88
CA PRO G 180 -37.06 15.37 43.02
C PRO G 180 -37.37 14.50 41.80
N TYR G 181 -36.84 14.80 40.61
CA TYR G 181 -37.25 14.07 39.41
C TYR G 181 -36.26 12.98 39.01
N LYS G 182 -36.79 11.81 38.67
CA LYS G 182 -36.01 10.67 38.17
C LYS G 182 -35.95 10.63 36.65
N GLY G 183 -36.85 11.32 35.96
CA GLY G 183 -36.96 11.23 34.50
C GLY G 183 -35.94 12.01 33.71
N ARG G 184 -35.50 13.14 34.25
CA ARG G 184 -34.47 13.98 33.62
C ARG G 184 -33.62 14.68 34.67
N PRO G 185 -32.37 15.00 34.35
CA PRO G 185 -31.49 15.72 35.27
C PRO G 185 -31.84 17.20 35.47
N GLU G 186 -31.17 17.83 36.43
CA GLU G 186 -31.37 19.26 36.77
C GLU G 186 -31.08 20.23 35.61
N ASN G 187 -30.15 19.83 34.72
CA ASN G 187 -29.79 20.67 33.56
C ASN G 187 -30.87 20.69 32.48
N LYS G 188 -31.95 19.94 32.69
CA LYS G 188 -33.12 20.02 31.84
C LYS G 188 -34.41 20.21 32.64
N SER G 189 -34.33 20.94 33.75
CA SER G 189 -35.54 21.20 34.57
C SER G 189 -36.56 22.04 33.82
N PHE G 190 -36.10 22.86 32.89
CA PHE G 190 -37.00 23.69 32.10
C PHE G 190 -38.05 22.89 31.35
N LEU G 191 -37.73 21.66 30.97
CA LEU G 191 -38.72 20.80 30.31
C LEU G 191 -39.96 20.49 31.17
N TYR G 192 -39.79 20.48 32.49
CA TYR G 192 -40.93 20.28 33.39
C TYR G 192 -41.88 21.48 33.52
N GLU G 193 -41.43 22.64 33.07
CA GLU G 193 -42.24 23.85 33.09
C GLU G 193 -43.10 24.10 31.83
N ILE G 194 -43.14 23.16 30.89
CA ILE G 194 -43.89 23.37 29.63
C ILE G 194 -45.36 22.96 29.72
N VAL G 195 -45.61 21.71 30.06
CA VAL G 195 -46.98 21.17 30.01
C VAL G 195 -47.79 21.51 31.26
N SER G 196 -47.16 21.39 32.43
CA SER G 196 -47.83 21.69 33.70
C SER G 196 -46.80 22.26 34.68
N ASN G 197 -46.80 23.57 34.81
CA ASN G 197 -45.75 24.32 35.51
C ASN G 197 -46.13 24.39 36.99
N LYS G 198 -45.41 23.63 37.81
CA LYS G 198 -45.67 23.58 39.24
C LYS G 198 -45.13 24.81 39.96
N ARG G 199 -44.16 25.50 39.37
CA ARG G 199 -43.48 26.63 40.00
C ARG G 199 -44.41 27.83 40.10
N ASN G 200 -44.99 28.21 38.96
CA ASN G 200 -45.83 29.42 38.85
C ASN G 200 -47.17 29.24 38.10
N GLY G 201 -47.34 28.15 37.37
CA GLY G 201 -48.59 27.90 36.65
C GLY G 201 -48.64 28.35 35.20
N ILE G 202 -47.60 29.02 34.73
CA ILE G 202 -47.53 29.47 33.33
C ILE G 202 -47.14 28.26 32.46
N ASP G 203 -48.14 27.65 31.83
CA ASP G 203 -47.96 26.44 31.01
C ASP G 203 -48.84 26.45 29.74
N VAL G 204 -48.59 25.51 28.85
CA VAL G 204 -49.32 25.50 27.58
C VAL G 204 -50.73 24.91 27.71
N ASP G 205 -51.04 24.18 28.79
CA ASP G 205 -52.43 23.74 29.06
C ASP G 205 -53.28 25.01 29.07
N LYS G 206 -52.85 26.01 29.85
CA LYS G 206 -53.57 27.29 29.94
C LYS G 206 -53.70 27.95 28.59
N TRP G 207 -52.61 27.97 27.83
CA TRP G 207 -52.59 28.75 26.61
C TRP G 207 -53.60 28.21 25.61
N ASP G 208 -53.69 26.89 25.54
CA ASP G 208 -54.63 26.28 24.63
C ASP G 208 -56.06 26.57 25.07
N TYR G 209 -56.40 26.27 26.32
CA TYR G 209 -57.80 26.39 26.72
C TYR G 209 -58.31 27.84 26.77
N PHE G 210 -57.42 28.80 26.99
CA PHE G 210 -57.84 30.20 26.85
C PHE G 210 -58.35 30.42 25.43
N ALA G 211 -57.50 30.13 24.47
CA ALA G 211 -57.80 30.32 23.05
C ALA G 211 -59.02 29.51 22.64
N ARG G 212 -59.06 28.25 23.07
CA ARG G 212 -60.08 27.33 22.63
C ARG G 212 -61.41 27.62 23.28
N ASP G 213 -61.43 27.80 24.59
CA ASP G 213 -62.69 28.02 25.31
C ASP G 213 -63.29 29.34 24.82
N CYS G 214 -62.48 30.37 24.69
CA CYS G 214 -62.96 31.64 24.12
C CYS G 214 -63.61 31.49 22.75
N HIS G 215 -62.97 30.72 21.88
CA HIS G 215 -63.47 30.53 20.52
C HIS G 215 -64.87 29.96 20.52
N HIS G 216 -65.08 28.98 21.38
CA HIS G 216 -66.37 28.27 21.47
C HIS G 216 -67.36 29.00 22.39
N LEU G 217 -66.88 29.65 23.45
CA LEU G 217 -67.78 30.33 24.39
C LEU G 217 -68.49 31.52 23.76
N GLY G 218 -67.71 32.25 22.95
CA GLY G 218 -68.12 33.54 22.44
C GLY G 218 -67.65 34.67 23.31
N ILE G 219 -66.45 34.53 23.84
CA ILE G 219 -65.76 35.57 24.58
C ILE G 219 -64.44 35.74 23.85
N GLN G 220 -63.90 36.97 23.80
CA GLN G 220 -62.58 37.17 23.19
C GLN G 220 -61.48 37.03 24.29
N ASN G 221 -60.35 36.49 23.83
CA ASN G 221 -59.21 36.13 24.67
C ASN G 221 -58.20 37.28 24.56
N ASN G 222 -57.73 37.74 25.69
CA ASN G 222 -56.81 38.88 25.74
C ASN G 222 -55.32 38.52 25.91
N PHE G 223 -54.96 37.25 25.69
CA PHE G 223 -53.57 36.75 25.97
C PHE G 223 -52.88 36.20 24.75
N ASP G 224 -51.68 36.66 24.47
CA ASP G 224 -50.94 36.29 23.26
C ASP G 224 -49.82 35.31 23.61
N TYR G 225 -50.10 34.02 23.43
CA TYR G 225 -49.10 32.98 23.80
C TYR G 225 -47.92 33.00 22.84
N LYS G 226 -48.18 33.29 21.58
CA LYS G 226 -47.12 33.33 20.57
C LYS G 226 -46.05 34.34 20.92
N ARG G 227 -46.48 35.48 21.41
CA ARG G 227 -45.59 36.54 21.84
C ARG G 227 -44.74 36.09 23.01
N PHE G 228 -45.37 35.42 23.98
CA PHE G 228 -44.64 34.96 25.14
C PHE G 228 -43.50 34.01 24.76
N ILE G 229 -43.77 33.15 23.78
CA ILE G 229 -42.77 32.22 23.26
C ILE G 229 -41.62 32.97 22.60
N LYS G 230 -41.90 34.02 21.83
CA LYS G 230 -40.82 34.79 21.23
C LYS G 230 -39.87 35.41 22.25
N PHE G 231 -40.36 35.73 23.45
CA PHE G 231 -39.53 36.33 24.47
C PHE G 231 -39.27 35.41 25.65
N ALA G 232 -39.24 34.11 25.38
CA ALA G 232 -38.97 33.13 26.41
C ALA G 232 -37.55 32.69 26.23
N ARG G 233 -36.94 32.25 27.32
CA ARG G 233 -35.53 31.93 27.32
C ARG G 233 -35.17 31.19 28.60
N VAL G 234 -34.21 30.28 28.51
CA VAL G 234 -33.76 29.49 29.68
C VAL G 234 -32.53 30.16 30.28
N CYS G 235 -32.55 30.37 31.60
CA CYS G 235 -31.42 30.94 32.35
C CYS G 235 -31.19 30.14 33.59
N GLU G 236 -30.02 30.32 34.21
CA GLU G 236 -29.73 29.65 35.47
C GLU G 236 -30.40 30.41 36.61
N VAL G 237 -31.10 29.68 37.47
CA VAL G 237 -31.72 30.23 38.68
C VAL G 237 -31.55 29.23 39.81
N ASP G 238 -30.77 29.58 40.85
CA ASP G 238 -30.53 28.70 42.00
C ASP G 238 -30.07 27.32 41.54
N ASN G 239 -28.96 27.28 40.80
CA ASN G 239 -28.27 26.03 40.40
C ASN G 239 -29.14 25.09 39.54
N GLU G 240 -30.04 25.68 38.77
CA GLU G 240 -31.09 24.95 38.03
C GLU G 240 -31.47 25.77 36.81
N LEU G 241 -31.63 25.12 35.65
CA LEU G 241 -31.98 25.84 34.40
C LEU G 241 -33.49 25.97 34.18
N ARG G 242 -34.05 27.18 34.32
CA ARG G 242 -35.50 27.42 34.22
C ARG G 242 -35.86 28.36 33.08
N ILE G 243 -37.13 28.34 32.70
CA ILE G 243 -37.66 29.25 31.69
C ILE G 243 -37.85 30.62 32.34
N CYS G 244 -37.45 31.65 31.61
CA CYS G 244 -37.59 33.03 32.03
C CYS G 244 -38.25 33.84 30.94
N ALA G 245 -39.02 34.84 31.34
CA ALA G 245 -39.66 35.75 30.39
C ALA G 245 -38.88 37.05 30.37
N ARG G 246 -39.07 37.85 29.35
CA ARG G 246 -38.39 39.11 29.30
C ARG G 246 -39.04 40.11 30.28
N ASP G 247 -38.22 41.00 30.85
CA ASP G 247 -38.67 42.06 31.79
C ASP G 247 -39.97 42.77 31.36
N LYS G 248 -40.05 43.12 30.09
CA LYS G 248 -41.21 43.85 29.57
C LYS G 248 -42.53 43.03 29.60
N GLU G 249 -42.44 41.71 29.52
CA GLU G 249 -43.64 40.87 29.58
C GLU G 249 -44.35 40.79 30.94
N VAL G 250 -43.74 41.33 32.01
CA VAL G 250 -44.32 41.18 33.34
C VAL G 250 -45.79 41.62 33.37
N GLY G 251 -46.09 42.71 32.68
CA GLY G 251 -47.47 43.18 32.61
C GLY G 251 -48.41 42.17 31.98
N ASN G 252 -47.99 41.63 30.83
CA ASN G 252 -48.78 40.63 30.11
C ASN G 252 -49.01 39.36 30.91
N LEU G 253 -48.06 39.03 31.79
CA LEU G 253 -48.20 37.88 32.66
C LEU G 253 -49.23 38.12 33.77
N TYR G 254 -49.26 39.31 34.37
CA TYR G 254 -50.32 39.61 35.32
C TYR G 254 -51.68 39.53 34.60
N ASP G 255 -51.72 40.00 33.36
CA ASP G 255 -52.96 39.98 32.56
C ASP G 255 -53.36 38.55 32.17
N MET G 256 -52.40 37.64 32.06
CA MET G 256 -52.71 36.25 31.82
C MET G 256 -53.57 35.68 32.95
N PHE G 257 -53.17 35.94 34.20
CA PHE G 257 -53.91 35.42 35.33
C PHE G 257 -55.22 36.16 35.54
N HIS G 258 -55.27 37.42 35.14
CA HIS G 258 -56.51 38.19 35.11
C HIS G 258 -57.50 37.55 34.14
N THR G 259 -57.04 37.30 32.92
CA THR G 259 -57.83 36.61 31.91
C THR G 259 -58.40 35.29 32.45
N ARG G 260 -57.56 34.53 33.14
CA ARG G 260 -57.97 33.26 33.74
C ARG G 260 -59.12 33.46 34.71
N ASN G 261 -58.90 34.39 35.64
CA ASN G 261 -59.87 34.67 36.69
C ASN G 261 -61.18 35.18 36.06
N SER G 262 -61.02 35.98 35.02
CA SER G 262 -62.15 36.51 34.30
C SER G 262 -62.98 35.43 33.59
N LEU G 263 -62.31 34.45 32.97
CA LEU G 263 -63.00 33.29 32.37
C LEU G 263 -63.73 32.43 33.41
N HIS G 264 -63.15 32.32 34.60
CA HIS G 264 -63.81 31.62 35.68
C HIS G 264 -65.06 32.35 36.13
N ARG G 265 -64.97 33.67 36.24
CA ARG G 265 -66.09 34.45 36.72
C ARG G 265 -67.22 34.41 35.72
N ARG G 266 -66.91 34.64 34.45
CA ARG G 266 -67.94 34.69 33.43
C ARG G 266 -68.53 33.33 33.05
N ALA G 267 -67.67 32.34 32.86
CA ALA G 267 -68.07 31.09 32.26
C ALA G 267 -67.97 29.89 33.19
N TYR G 268 -66.75 29.56 33.63
CA TYR G 268 -66.55 28.26 34.27
C TYR G 268 -67.32 28.13 35.57
N GLN G 269 -67.34 29.22 36.36
CA GLN G 269 -68.13 29.27 37.61
C GLN G 269 -69.44 30.01 37.46
N HIS G 270 -70.02 29.98 36.27
CA HIS G 270 -71.33 30.59 36.04
C HIS G 270 -72.36 29.96 36.96
N LYS G 271 -73.16 30.80 37.60
CA LYS G 271 -74.10 30.36 38.64
C LYS G 271 -75.00 29.18 38.20
N VAL G 272 -75.45 29.20 36.95
CA VAL G 272 -76.32 28.15 36.42
C VAL G 272 -75.51 26.97 35.89
N GLY G 273 -74.34 27.24 35.34
CA GLY G 273 -73.44 26.16 34.94
C GLY G 273 -73.11 25.27 36.11
N ASN G 274 -72.81 25.90 37.25
CA ASN G 274 -72.51 25.21 38.48
C ASN G 274 -73.72 24.43 39.05
N ILE G 275 -74.92 25.02 38.95
CA ILE G 275 -76.08 24.32 39.46
C ILE G 275 -76.44 23.12 38.58
N ILE G 276 -76.19 23.22 37.28
CA ILE G 276 -76.39 22.09 36.40
C ILE G 276 -75.36 21.01 36.69
N ASP G 277 -74.12 21.41 36.97
CA ASP G 277 -73.10 20.47 37.39
C ASP G 277 -73.54 19.75 38.68
N THR G 278 -74.03 20.50 39.70
CA THR G 278 -74.45 19.85 40.96
C THR G 278 -75.65 18.92 40.71
N MET G 279 -76.56 19.29 39.82
CA MET G 279 -77.70 18.43 39.48
C MET G 279 -77.29 17.16 38.75
N ILE G 280 -76.33 17.26 37.85
CA ILE G 280 -75.84 16.07 37.16
C ILE G 280 -75.07 15.19 38.14
N THR G 281 -74.22 15.79 38.97
CA THR G 281 -73.52 15.07 40.04
C THR G 281 -74.52 14.32 40.93
N ASP G 282 -75.58 15.02 41.32
CA ASP G 282 -76.62 14.44 42.16
C ASP G 282 -77.25 13.21 41.50
N ALA G 283 -77.59 13.33 40.22
CA ALA G 283 -78.13 12.21 39.46
C ALA G 283 -77.15 11.05 39.33
N PHE G 284 -75.86 11.34 39.26
CA PHE G 284 -74.84 10.30 39.21
C PHE G 284 -74.77 9.57 40.54
N LEU G 285 -74.79 10.32 41.64
CA LEU G 285 -74.81 9.71 42.97
C LEU G 285 -75.99 8.77 43.14
N LYS G 286 -77.16 9.16 42.67
CA LYS G 286 -78.36 8.33 42.76
C LYS G 286 -78.36 7.14 41.82
N ALA G 287 -77.65 7.27 40.71
CA ALA G 287 -77.52 6.16 39.75
C ALA G 287 -76.35 5.25 40.05
N ASP G 288 -75.49 5.62 40.99
CA ASP G 288 -74.18 4.96 41.17
C ASP G 288 -74.33 3.48 41.40
N ASP G 289 -75.16 3.16 42.39
CA ASP G 289 -75.40 1.80 42.87
C ASP G 289 -75.89 0.84 41.80
N TYR G 290 -76.67 1.30 40.85
CA TYR G 290 -77.32 0.41 39.89
C TYR G 290 -76.69 0.39 38.50
N ILE G 291 -75.60 1.12 38.28
CA ILE G 291 -74.89 1.07 36.99
C ILE G 291 -73.61 0.27 37.14
N GLU G 292 -73.49 -0.73 36.25
CA GLU G 292 -72.35 -1.61 36.19
C GLU G 292 -71.55 -1.29 34.94
N ILE G 293 -70.23 -1.26 35.07
CA ILE G 293 -69.32 -1.07 33.94
C ILE G 293 -68.28 -2.19 33.95
N THR G 294 -68.22 -2.93 32.84
CA THR G 294 -67.31 -4.08 32.70
C THR G 294 -65.88 -3.60 32.67
N GLY G 295 -65.06 -4.17 33.54
CA GLY G 295 -63.64 -3.82 33.64
C GLY G 295 -62.73 -4.94 33.16
N ALA G 296 -61.55 -5.02 33.78
CA ALA G 296 -60.54 -6.00 33.41
C ALA G 296 -60.90 -7.34 34.01
N GLY G 297 -60.79 -8.38 33.18
CA GLY G 297 -61.20 -9.72 33.53
C GLY G 297 -62.69 -9.87 33.79
N GLY G 298 -63.49 -9.00 33.19
CA GLY G 298 -64.94 -9.01 33.42
C GLY G 298 -65.46 -8.48 34.76
N LYS G 299 -64.59 -8.05 35.69
CA LYS G 299 -65.04 -7.55 37.01
C LYS G 299 -66.01 -6.38 36.85
N LYS G 300 -66.98 -6.26 37.75
CA LYS G 300 -68.00 -5.20 37.63
C LYS G 300 -67.59 -4.00 38.48
N TYR G 301 -67.58 -2.82 37.86
CA TYR G 301 -67.27 -1.57 38.56
C TYR G 301 -68.46 -0.59 38.45
N ARG G 302 -68.57 0.26 39.46
CA ARG G 302 -69.57 1.31 39.52
C ARG G 302 -68.96 2.58 38.93
N ILE G 303 -69.78 3.63 38.77
CA ILE G 303 -69.29 4.89 38.25
C ILE G 303 -68.19 5.43 39.14
N SER G 304 -68.44 5.46 40.45
CA SER G 304 -67.46 5.94 41.42
C SER G 304 -66.19 5.09 41.54
N THR G 305 -66.27 3.80 41.21
CA THR G 305 -65.13 2.88 41.35
C THR G 305 -64.39 2.57 40.05
N ALA G 306 -64.88 3.07 38.91
CA ALA G 306 -64.22 2.84 37.63
C ALA G 306 -62.85 3.48 37.57
N ILE G 307 -62.64 4.52 38.37
CA ILE G 307 -61.32 5.13 38.50
C ILE G 307 -60.23 4.18 39.00
N ASP G 308 -60.61 3.11 39.66
CA ASP G 308 -59.66 2.13 40.13
C ASP G 308 -59.13 1.20 39.04
N ASP G 309 -59.93 0.95 38.00
CA ASP G 309 -59.51 0.09 36.88
C ASP G 309 -59.69 0.76 35.51
N MET G 310 -58.58 1.00 34.81
CA MET G 310 -58.56 1.77 33.58
C MET G 310 -59.29 1.13 32.40
N GLU G 311 -59.45 -0.18 32.40
CA GLU G 311 -60.19 -0.80 31.32
C GLU G 311 -61.66 -0.45 31.42
N ALA G 312 -62.14 -0.30 32.65
CA ALA G 312 -63.51 0.16 32.90
C ALA G 312 -63.65 1.63 32.60
N TYR G 313 -62.74 2.41 33.14
CA TYR G 313 -62.73 3.88 32.97
C TYR G 313 -62.67 4.34 31.52
N THR G 314 -62.07 3.53 30.65
CA THR G 314 -62.05 3.77 29.21
C THR G 314 -63.48 3.88 28.63
N LYS G 315 -64.42 3.14 29.21
CA LYS G 315 -65.79 3.15 28.75
C LYS G 315 -66.70 4.14 29.51
N LEU G 316 -66.13 4.90 30.46
CA LEU G 316 -66.88 5.88 31.25
C LEU G 316 -66.70 7.30 30.71
N THR G 317 -67.72 7.79 30.00
CA THR G 317 -67.69 9.09 29.33
C THR G 317 -68.98 9.87 29.59
N ASP G 318 -69.18 10.99 28.90
CA ASP G 318 -70.43 11.76 28.98
C ASP G 318 -71.65 10.93 28.63
N ASN G 319 -71.46 9.89 27.82
CA ASN G 319 -72.50 8.88 27.57
C ASN G 319 -73.36 8.53 28.75
N ILE G 320 -72.72 8.41 29.90
CA ILE G 320 -73.39 7.96 31.12
C ILE G 320 -74.62 8.81 31.46
N PHE G 321 -74.57 10.10 31.11
CA PHE G 321 -75.71 11.01 31.21
C PHE G 321 -76.87 10.49 30.38
N LEU G 322 -76.64 10.26 29.09
CA LEU G 322 -77.71 9.81 28.21
C LEU G 322 -78.17 8.39 28.50
N GLU G 323 -77.29 7.57 29.07
CA GLU G 323 -77.63 6.21 29.48
C GLU G 323 -78.68 6.28 30.56
N ILE G 324 -78.44 7.09 31.58
CA ILE G 324 -79.40 7.35 32.65
C ILE G 324 -80.68 7.95 32.10
N LEU G 325 -80.57 8.96 31.25
CA LEU G 325 -81.75 9.65 30.73
C LEU G 325 -82.64 8.76 29.92
N TYR G 326 -82.07 7.96 29.02
CA TYR G 326 -82.84 7.06 28.18
C TYR G 326 -83.29 5.76 28.84
N SER G 327 -82.81 5.46 30.05
CA SER G 327 -83.11 4.17 30.68
C SER G 327 -84.56 4.02 31.08
N THR G 328 -84.97 2.76 31.20
CA THR G 328 -86.29 2.34 31.69
C THR G 328 -86.22 1.54 32.99
N ASP G 329 -85.02 1.20 33.48
CA ASP G 329 -84.87 0.52 34.77
C ASP G 329 -85.54 1.35 35.88
N PRO G 330 -86.47 0.75 36.64
CA PRO G 330 -87.06 1.51 37.74
C PRO G 330 -86.13 1.85 38.89
N LYS G 331 -85.00 1.16 39.00
CA LYS G 331 -83.99 1.49 40.01
C LYS G 331 -83.36 2.86 39.76
N LEU G 332 -83.27 3.25 38.48
CA LEU G 332 -82.73 4.54 38.06
C LEU G 332 -83.76 5.66 37.95
N LYS G 333 -84.98 5.47 38.44
CA LYS G 333 -86.04 6.48 38.28
C LYS G 333 -85.68 7.78 38.99
N ASP G 334 -85.09 7.71 40.20
CA ASP G 334 -84.68 8.91 40.92
C ASP G 334 -83.65 9.75 40.15
N ALA G 335 -82.65 9.08 39.59
CA ALA G 335 -81.61 9.74 38.79
C ALA G 335 -82.17 10.32 37.50
N ARG G 336 -82.91 9.49 36.75
CA ARG G 336 -83.54 9.91 35.51
C ARG G 336 -84.47 11.13 35.68
N GLU G 337 -85.12 11.25 36.83
CA GLU G 337 -86.01 12.40 37.07
C GLU G 337 -85.23 13.70 37.21
N ILE G 338 -84.05 13.66 37.83
CA ILE G 338 -83.21 14.86 37.93
C ILE G 338 -82.77 15.33 36.55
N LEU G 339 -82.28 14.40 35.73
CA LEU G 339 -81.84 14.74 34.38
C LEU G 339 -82.98 15.20 33.50
N LYS G 340 -84.17 14.66 33.69
CA LYS G 340 -85.36 15.14 32.97
C LYS G 340 -85.70 16.57 33.39
N GLN G 341 -85.52 16.89 34.67
CA GLN G 341 -85.72 18.25 35.16
C GLN G 341 -84.76 19.28 34.56
N ILE G 342 -83.58 18.83 34.14
CA ILE G 342 -82.64 19.71 33.41
C ILE G 342 -83.12 19.99 31.99
N GLU G 343 -83.65 18.97 31.33
CA GLU G 343 -84.20 19.13 29.97
C GLU G 343 -85.28 20.19 29.96
N TYR G 344 -86.22 20.06 30.90
CA TYR G 344 -87.38 20.97 31.04
C TYR G 344 -87.00 22.33 31.61
N ARG G 345 -85.81 22.42 32.19
CA ARG G 345 -85.24 23.65 32.74
C ARG G 345 -85.87 24.03 34.08
N ASN G 346 -86.26 23.03 34.88
CA ASN G 346 -86.69 23.22 36.28
C ASN G 346 -85.47 23.00 37.12
N LEU G 347 -84.60 23.98 37.09
CA LEU G 347 -83.36 23.93 37.83
C LEU G 347 -83.62 24.50 39.21
N PHE G 348 -82.76 24.13 40.15
CA PHE G 348 -82.77 24.74 41.47
C PHE G 348 -82.56 26.24 41.32
N LYS G 349 -83.28 27.05 42.07
CA LYS G 349 -83.24 28.50 41.86
C LYS G 349 -82.08 29.16 42.61
N TYR G 350 -81.40 30.06 41.91
CA TYR G 350 -80.31 30.83 42.49
C TYR G 350 -80.89 31.90 43.39
N VAL G 351 -80.40 31.98 44.62
CA VAL G 351 -80.87 32.96 45.58
C VAL G 351 -79.98 34.19 45.58
N GLY G 352 -78.67 33.96 45.65
CA GLY G 352 -77.69 35.07 45.62
C GLY G 352 -76.27 34.62 45.92
N GLU G 353 -75.36 35.58 45.85
CA GLU G 353 -73.93 35.34 46.05
C GLU G 353 -73.47 36.23 47.19
N THR G 354 -72.47 35.77 47.92
CA THR G 354 -71.84 36.58 48.95
C THR G 354 -70.39 36.14 49.21
N GLN G 355 -69.66 37.00 49.89
CA GLN G 355 -68.25 36.77 50.21
C GLN G 355 -68.00 36.95 51.71
N PRO G 356 -67.00 36.22 52.27
CA PRO G 356 -66.54 36.56 53.61
C PRO G 356 -65.83 37.91 53.67
N THR G 357 -65.68 38.46 54.88
CA THR G 357 -64.91 39.70 55.09
C THR G 357 -63.76 39.47 56.05
N GLY G 358 -62.90 40.48 56.14
CA GLY G 358 -61.74 40.44 57.00
C GLY G 358 -60.86 39.46 56.26
N GLN G 359 -60.36 38.49 57.01
CA GLN G 359 -59.63 37.38 56.45
C GLN G 359 -60.25 36.15 57.13
N ILE G 360 -61.55 35.90 56.90
CA ILE G 360 -62.25 34.72 57.42
C ILE G 360 -62.35 33.67 56.30
N LYS G 361 -61.47 32.67 56.27
CA LYS G 361 -61.55 31.59 55.24
C LYS G 361 -62.54 30.55 55.73
N ILE G 362 -63.41 30.07 54.85
CA ILE G 362 -64.31 28.95 55.15
C ILE G 362 -63.62 27.63 54.81
N LYS G 363 -63.33 26.82 55.84
CA LYS G 363 -62.61 25.54 55.64
C LYS G 363 -63.51 24.52 54.92
N ARG G 364 -62.89 23.63 54.12
CA ARG G 364 -63.63 22.63 53.31
C ARG G 364 -64.48 21.67 54.15
N GLU G 365 -63.92 21.24 55.27
CA GLU G 365 -64.63 20.49 56.35
C GLU G 365 -66.03 21.05 56.71
N ASP G 366 -66.20 22.37 56.70
CA ASP G 366 -67.46 23.03 57.08
C ASP G 366 -68.54 23.13 55.97
N TYR G 367 -68.20 22.80 54.72
CA TYR G 367 -69.13 22.94 53.59
C TYR G 367 -70.44 22.19 53.83
N GLU G 368 -70.35 20.94 54.34
CA GLU G 368 -71.53 20.12 54.66
C GLU G 368 -72.53 20.83 55.57
N SER G 369 -72.02 21.60 56.52
CA SER G 369 -72.84 22.25 57.55
C SER G 369 -73.58 23.55 57.17
N LEU G 370 -73.22 24.15 56.04
CA LEU G 370 -73.72 25.48 55.69
C LEU G 370 -75.20 25.58 55.35
N PRO G 371 -75.79 24.57 54.67
CA PRO G 371 -77.24 24.58 54.50
C PRO G 371 -78.04 24.64 55.81
N LYS G 372 -77.56 23.92 56.83
CA LYS G 372 -78.12 23.98 58.19
C LYS G 372 -78.11 25.41 58.71
N GLU G 373 -77.00 26.10 58.54
CA GLU G 373 -76.87 27.48 59.04
C GLU G 373 -77.84 28.47 58.40
N VAL G 374 -78.13 28.29 57.11
CA VAL G 374 -79.02 29.20 56.37
C VAL G 374 -80.46 29.05 56.86
N ALA G 375 -80.92 27.80 56.96
CA ALA G 375 -82.25 27.49 57.51
C ALA G 375 -82.39 27.91 58.98
N SER G 376 -81.29 27.82 59.73
CA SER G 376 -81.24 28.24 61.13
C SER G 376 -81.32 29.73 61.38
N ALA G 377 -81.12 30.56 60.37
CA ALA G 377 -81.27 32.01 60.52
C ALA G 377 -82.71 32.36 60.83
N LYS G 378 -82.88 33.37 61.69
CA LYS G 378 -84.19 33.78 62.15
C LYS G 378 -84.39 35.21 61.66
N PRO G 379 -84.88 35.38 60.40
CA PRO G 379 -85.08 36.73 59.86
C PRO G 379 -86.30 37.42 60.46
N LYS G 380 -86.17 38.67 60.88
CA LYS G 380 -87.24 39.45 61.47
C LYS G 380 -88.30 39.88 60.44
N VAL G 381 -88.90 38.90 59.78
CA VAL G 381 -89.93 39.12 58.74
C VAL G 381 -90.90 37.97 58.70
N LEU G 382 -92.20 38.24 58.61
CA LEU G 382 -93.24 37.19 58.56
C LEU G 382 -93.17 36.40 57.27
N LEU G 383 -92.89 35.12 57.39
CA LEU G 383 -92.77 34.21 56.23
C LEU G 383 -94.01 33.36 56.14
N ASP G 384 -94.45 33.06 54.92
CA ASP G 384 -95.55 32.14 54.65
C ASP G 384 -95.16 30.69 54.89
N VAL G 385 -93.90 30.37 54.56
CA VAL G 385 -93.38 28.98 54.60
C VAL G 385 -92.06 28.95 55.38
N LYS G 386 -91.89 27.90 56.22
CA LYS G 386 -90.60 27.59 56.85
C LYS G 386 -89.87 26.61 55.93
N LEU G 387 -88.55 26.78 55.78
CA LEU G 387 -87.72 25.91 54.92
C LEU G 387 -86.66 25.16 55.73
N LYS G 388 -86.56 23.85 55.49
CA LYS G 388 -85.60 22.97 56.18
C LYS G 388 -84.23 23.05 55.47
N ALA G 389 -83.19 22.54 56.12
CA ALA G 389 -81.81 22.64 55.60
C ALA G 389 -81.55 21.87 54.30
N GLU G 390 -82.23 20.75 54.13
CA GLU G 390 -82.15 19.96 52.89
C GLU G 390 -82.70 20.71 51.65
N ASP G 391 -83.48 21.76 51.86
CA ASP G 391 -83.98 22.61 50.77
C ASP G 391 -82.90 23.53 50.16
N PHE G 392 -81.87 23.86 50.94
CA PHE G 392 -80.78 24.74 50.50
C PHE G 392 -79.55 23.99 49.96
N ILE G 393 -78.91 24.57 48.94
CA ILE G 393 -77.58 24.18 48.48
C ILE G 393 -76.67 25.37 48.62
N VAL G 394 -75.49 25.17 49.17
CA VAL G 394 -74.51 26.23 49.31
C VAL G 394 -73.23 25.78 48.67
N ASP G 395 -72.84 26.48 47.61
CA ASP G 395 -71.70 26.14 46.77
C ASP G 395 -70.62 27.15 47.12
N VAL G 396 -69.48 26.67 47.60
CA VAL G 396 -68.38 27.57 47.93
C VAL G 396 -67.30 27.41 46.88
N ILE G 397 -66.77 28.53 46.40
CA ILE G 397 -65.88 28.57 45.25
C ILE G 397 -64.66 29.39 45.59
N ASN G 398 -63.48 28.78 45.43
CA ASN G 398 -62.21 29.47 45.68
C ASN G 398 -61.63 30.03 44.40
N MET G 399 -61.65 31.33 44.26
CA MET G 399 -61.04 32.01 43.12
C MET G 399 -59.66 32.46 43.54
N ASP G 400 -58.64 32.06 42.79
CA ASP G 400 -57.26 32.49 43.05
C ASP G 400 -56.48 32.71 41.77
N TYR G 401 -55.22 33.03 41.89
CA TYR G 401 -54.30 33.13 40.75
C TYR G 401 -53.47 31.85 40.63
N GLY G 402 -54.07 30.71 40.98
CA GLY G 402 -53.44 29.42 40.78
C GLY G 402 -52.53 28.93 41.89
N MET G 403 -52.22 29.77 42.87
CA MET G 403 -51.29 29.39 43.95
C MET G 403 -51.84 29.87 45.27
N GLN G 404 -53.04 29.42 45.54
CA GLN G 404 -53.79 29.83 46.71
C GLN G 404 -53.59 31.33 46.95
N GLU G 405 -53.02 31.72 48.11
CA GLU G 405 -52.94 33.13 48.46
C GLU G 405 -51.75 33.87 47.87
N LYS G 406 -50.88 33.16 47.15
CA LYS G 406 -49.64 33.73 46.61
C LYS G 406 -49.82 34.36 45.24
N ASN G 407 -48.96 35.35 44.98
CA ASN G 407 -48.83 36.02 43.69
C ASN G 407 -47.89 35.18 42.85
N PRO G 408 -48.38 34.54 41.79
CA PRO G 408 -47.51 33.68 41.00
C PRO G 408 -46.40 34.41 40.26
N ILE G 409 -46.54 35.71 40.04
CA ILE G 409 -45.50 36.49 39.38
C ILE G 409 -44.26 36.64 40.27
N ASP G 410 -44.45 36.56 41.58
CA ASP G 410 -43.31 36.48 42.51
C ASP G 410 -42.52 35.18 42.35
N HIS G 411 -43.11 34.17 41.71
CA HIS G 411 -42.41 32.94 41.33
C HIS G 411 -42.08 32.81 39.83
N VAL G 412 -41.84 33.94 39.16
CA VAL G 412 -41.39 33.96 37.76
C VAL G 412 -40.04 34.66 37.72
N SER G 413 -39.14 34.11 36.92
CA SER G 413 -37.83 34.69 36.70
C SER G 413 -37.86 35.47 35.39
N PHE G 414 -37.20 36.63 35.37
CA PHE G 414 -37.19 37.51 34.19
C PHE G 414 -35.76 37.74 33.69
N TYR G 415 -35.61 38.30 32.49
CA TYR G 415 -34.29 38.69 31.97
C TYR G 415 -34.34 40.03 31.25
N CYS G 416 -33.19 40.70 31.11
CA CYS G 416 -33.15 42.01 30.42
C CYS G 416 -32.44 41.93 29.10
N LYS G 417 -32.75 42.87 28.22
CA LYS G 417 -32.13 42.92 26.90
C LYS G 417 -30.62 43.03 27.03
N THR G 418 -30.20 43.87 27.99
CA THR G 418 -28.80 44.16 28.25
C THR G 418 -27.98 43.01 28.85
N ALA G 419 -28.62 42.01 29.45
CA ALA G 419 -27.94 40.86 30.08
C ALA G 419 -28.86 39.64 30.06
N PRO G 420 -28.96 39.00 28.90
CA PRO G 420 -29.99 37.99 28.69
C PRO G 420 -29.76 36.64 29.37
N ASN G 421 -28.60 36.41 29.97
CA ASN G 421 -28.39 35.19 30.76
C ASN G 421 -28.54 35.37 32.25
N ARG G 422 -28.70 36.63 32.67
CA ARG G 422 -28.84 36.97 34.07
C ARG G 422 -30.31 37.10 34.42
N ALA G 423 -30.78 36.12 35.19
CA ALA G 423 -32.15 36.07 35.67
C ALA G 423 -32.37 37.03 36.82
N ILE G 424 -33.57 37.59 36.92
CA ILE G 424 -33.93 38.53 37.97
C ILE G 424 -35.35 38.33 38.43
N ARG G 425 -35.74 39.03 39.50
CA ARG G 425 -37.11 39.01 40.01
C ARG G 425 -37.70 40.39 39.84
N ILE G 426 -39.02 40.46 39.69
CA ILE G 426 -39.74 41.72 39.60
C ILE G 426 -40.89 41.62 40.59
N THR G 427 -40.91 42.53 41.56
CA THR G 427 -41.95 42.52 42.60
C THR G 427 -43.20 43.19 42.07
N LYS G 428 -44.27 43.16 42.85
CA LYS G 428 -45.51 43.81 42.44
C LYS G 428 -45.36 45.34 42.38
N ASN G 429 -44.71 45.90 43.39
CA ASN G 429 -44.49 47.36 43.48
C ASN G 429 -43.72 47.97 42.31
N GLN G 430 -42.82 47.17 41.74
CA GLN G 430 -42.04 47.58 40.58
C GLN G 430 -42.88 47.70 39.31
N VAL G 431 -44.08 47.12 39.27
CA VAL G 431 -44.92 47.09 38.05
C VAL G 431 -46.03 48.14 38.05
N SER G 432 -46.94 48.06 39.02
CA SER G 432 -48.12 48.93 39.03
C SER G 432 -48.86 48.89 40.35
N GLN G 433 -49.38 50.06 40.74
CA GLN G 433 -50.27 50.21 41.87
C GLN G 433 -51.71 49.80 41.55
N LEU G 434 -52.04 49.61 40.29
CA LEU G 434 -53.39 49.18 39.88
C LEU G 434 -53.58 47.65 39.82
N LEU G 435 -52.61 46.88 40.31
CA LEU G 435 -52.72 45.43 40.35
C LEU G 435 -53.52 45.01 41.58
N PRO G 436 -53.91 43.74 41.67
CA PRO G 436 -54.71 43.29 42.82
C PRO G 436 -53.97 43.33 44.14
N GLU G 437 -54.70 43.59 45.22
CA GLU G 437 -54.12 43.65 46.56
C GLU G 437 -53.94 42.22 47.08
N LYS G 438 -55.01 41.43 46.98
CA LYS G 438 -55.00 40.00 47.30
C LYS G 438 -54.97 39.16 46.02
N PHE G 439 -54.65 37.89 46.14
CA PHE G 439 -54.66 36.95 45.03
C PHE G 439 -55.52 35.71 45.24
N ALA G 440 -56.45 35.79 46.16
CA ALA G 440 -57.42 34.73 46.42
C ALA G 440 -58.60 35.26 47.18
N GLU G 441 -59.75 34.64 46.95
CA GLU G 441 -60.98 35.00 47.65
C GLU G 441 -61.95 33.83 47.54
N GLN G 442 -63.08 33.95 48.22
CA GLN G 442 -64.11 32.92 48.21
C GLN G 442 -65.43 33.51 47.79
N LEU G 443 -66.19 32.75 47.02
CA LEU G 443 -67.54 33.12 46.64
C LEU G 443 -68.48 32.07 47.15
N ILE G 444 -69.57 32.52 47.75
CA ILE G 444 -70.58 31.63 48.31
C ILE G 444 -71.87 31.87 47.58
N ARG G 445 -72.33 30.88 46.83
CA ARG G 445 -73.59 30.93 46.13
C ARG G 445 -74.57 30.06 46.87
N VAL G 446 -75.78 30.58 47.08
CA VAL G 446 -76.84 29.83 47.72
C VAL G 446 -77.96 29.62 46.71
N TYR G 447 -78.45 28.40 46.64
CA TYR G 447 -79.60 28.08 45.79
C TYR G 447 -80.68 27.43 46.66
N CYS G 448 -81.90 27.35 46.13
CA CYS G 448 -83.01 26.72 46.84
C CYS G 448 -83.63 25.67 45.95
N LYS G 449 -83.84 24.46 46.49
CA LYS G 449 -84.43 23.36 45.73
C LYS G 449 -85.93 23.52 45.46
N LYS G 450 -86.63 24.28 46.29
CA LYS G 450 -88.03 24.57 46.05
C LYS G 450 -88.16 25.78 45.12
N VAL G 451 -88.88 25.58 44.03
CA VAL G 451 -88.91 26.48 42.87
C VAL G 451 -89.98 27.58 42.97
N ASP G 452 -91.11 27.29 43.59
CA ASP G 452 -92.31 28.17 43.66
C ASP G 452 -92.10 29.60 44.19
N ARG G 453 -93.00 30.52 43.83
CA ARG G 453 -92.92 31.95 44.18
C ARG G 453 -92.78 32.18 45.70
N LYS G 454 -93.54 31.42 46.50
CA LYS G 454 -93.58 31.59 47.96
C LYS G 454 -92.28 31.14 48.63
N SER G 455 -91.73 30.00 48.21
CA SER G 455 -90.50 29.45 48.81
C SER G 455 -89.25 30.26 48.44
N LEU G 456 -89.24 30.79 47.21
CA LEU G 456 -88.15 31.64 46.76
C LEU G 456 -88.06 32.93 47.56
N TYR G 457 -89.22 33.55 47.85
CA TYR G 457 -89.25 34.74 48.72
C TYR G 457 -88.65 34.41 50.09
N ALA G 458 -89.05 33.29 50.65
CA ALA G 458 -88.58 32.86 51.96
C ALA G 458 -87.08 32.63 51.95
N ALA G 459 -86.63 31.88 50.95
CA ALA G 459 -85.21 31.57 50.78
C ALA G 459 -84.35 32.83 50.77
N ARG G 460 -84.80 33.85 50.03
CA ARG G 460 -84.10 35.13 49.98
C ARG G 460 -83.95 35.79 51.34
N GLN G 461 -84.98 35.68 52.18
CA GLN G 461 -84.95 36.27 53.51
C GLN G 461 -83.96 35.51 54.40
N TYR G 462 -84.04 34.18 54.40
CA TYR G 462 -83.08 33.36 55.12
C TYR G 462 -81.64 33.69 54.72
N PHE G 463 -81.41 33.80 53.40
CA PHE G 463 -80.08 34.06 52.86
C PHE G 463 -79.53 35.42 53.29
N VAL G 464 -80.29 36.48 53.06
CA VAL G 464 -79.79 37.84 53.33
C VAL G 464 -79.57 38.04 54.83
N GLN G 465 -80.35 37.32 55.65
CA GLN G 465 -80.17 37.32 57.09
C GLN G 465 -78.87 36.61 57.42
N TRP G 466 -78.74 35.37 56.96
CA TRP G 466 -77.54 34.56 57.16
C TRP G 466 -76.25 35.32 56.82
N CYS G 467 -76.32 36.15 55.79
CA CYS G 467 -75.22 37.05 55.41
C CYS G 467 -74.93 38.08 56.51
N ALA G 468 -75.98 38.72 57.02
CA ALA G 468 -75.82 39.67 58.13
C ALA G 468 -75.31 38.97 59.40
N ASP G 469 -75.86 37.79 59.69
CA ASP G 469 -75.48 36.99 60.85
C ASP G 469 -74.00 36.65 60.89
N ARG G 470 -73.41 36.35 59.73
CA ARG G 470 -72.00 35.93 59.67
C ARG G 470 -71.02 37.02 59.23
N ASN G 471 -71.50 38.26 59.24
CA ASN G 471 -70.74 39.43 58.80
C ASN G 471 -70.12 39.27 57.39
N PHE G 472 -70.92 38.70 56.48
CA PHE G 472 -70.56 38.61 55.06
C PHE G 472 -70.94 39.88 54.32
N THR G 473 -70.53 39.98 53.06
CA THR G 473 -70.81 41.15 52.22
C THR G 473 -72.29 41.18 51.86
N LYS G 474 -72.79 42.38 51.64
CA LYS G 474 -74.18 42.57 51.24
C LYS G 474 -74.38 42.01 49.85
N PRO G 475 -75.36 41.12 49.66
CA PRO G 475 -75.69 40.73 48.29
C PRO G 475 -75.95 41.93 47.40
N GLN G 476 -75.46 41.88 46.16
CA GLN G 476 -75.58 43.01 45.22
C GLN G 476 -77.00 43.49 45.06
N ASP G 477 -77.91 42.53 44.89
CA ASP G 477 -79.36 42.77 44.80
C ASP G 477 -80.10 42.79 46.15
N GLY G 478 -79.37 42.96 47.25
CA GLY G 478 -79.89 42.68 48.60
C GLY G 478 -81.01 43.60 49.04
N ASP G 479 -80.89 44.88 48.70
CA ASP G 479 -81.92 45.86 49.04
C ASP G 479 -83.24 45.60 48.33
N VAL G 480 -83.18 44.94 47.18
CA VAL G 480 -84.38 44.60 46.41
C VAL G 480 -85.03 43.31 46.93
N ILE G 481 -84.26 42.24 47.03
CA ILE G 481 -84.80 40.92 47.40
C ILE G 481 -85.25 40.78 48.85
N ALA G 482 -84.64 41.55 49.74
CA ALA G 482 -84.95 41.50 51.17
C ALA G 482 -84.82 42.91 51.76
N PRO G 483 -85.75 43.80 51.40
CA PRO G 483 -85.65 45.21 51.78
C PRO G 483 -85.90 45.45 53.28
N LEU G 484 -86.60 44.51 53.93
CA LEU G 484 -86.86 44.57 55.36
C LEU G 484 -85.67 44.12 56.21
N ILE G 485 -84.73 43.37 55.61
CA ILE G 485 -83.57 42.81 56.33
C ILE G 485 -82.29 43.66 56.23
N THR G 486 -82.04 44.30 55.10
CA THR G 486 -80.79 45.05 54.88
C THR G 486 -80.54 46.27 55.80
N PRO G 487 -81.60 47.01 56.22
CA PRO G 487 -81.29 48.09 57.18
C PRO G 487 -80.84 47.59 58.58
N GLN G 488 -81.27 46.39 59.00
CA GLN G 488 -80.82 45.75 60.26
C GLN G 488 -79.31 45.85 60.51
N LYS G 489 -78.49 45.64 59.48
CA LYS G 489 -77.03 45.65 59.63
C LYS G 489 -76.46 47.07 59.50
N LYS G 490 -75.83 47.55 60.59
CA LYS G 490 -75.19 48.88 60.66
C LYS G 490 -74.10 49.03 59.60
N GLU G 491 -73.30 47.98 59.44
CA GLU G 491 -72.16 47.98 58.51
C GLU G 491 -72.53 48.19 57.03
N TRP G 492 -73.74 47.87 56.61
CA TRP G 492 -74.19 48.03 55.19
C TRP G 492 -74.79 49.43 54.94
N THR H 8 -90.48 39.14 30.35
CA THR H 8 -89.34 39.73 29.58
C THR H 8 -88.60 38.63 28.70
N MET H 9 -87.49 38.98 28.06
CA MET H 9 -86.78 38.19 27.09
C MET H 9 -85.59 37.49 27.70
N LYS H 10 -85.26 36.31 27.16
CA LYS H 10 -84.05 35.61 27.54
C LYS H 10 -82.95 35.84 26.53
N VAL H 11 -81.77 36.16 27.01
CA VAL H 11 -80.61 36.34 26.14
C VAL H 11 -79.69 35.14 26.24
N ILE H 12 -79.15 34.72 25.12
CA ILE H 12 -78.28 33.54 25.05
C ILE H 12 -77.13 33.81 24.08
N ASN H 13 -75.92 33.40 24.45
CA ASN H 13 -74.70 33.79 23.72
C ASN H 13 -74.14 32.67 22.84
N ASP H 14 -74.50 32.78 21.56
CA ASP H 14 -73.95 31.98 20.47
C ASP H 14 -72.66 32.61 19.97
N PRO H 15 -71.60 31.82 19.77
CA PRO H 15 -70.35 32.40 19.28
C PRO H 15 -70.38 32.88 17.85
N ILE H 16 -71.35 32.44 17.05
CA ILE H 16 -71.46 32.92 15.68
C ILE H 16 -72.21 34.21 15.64
N HIS H 17 -73.40 34.24 16.21
CA HIS H 17 -74.32 35.37 16.03
C HIS H 17 -74.32 36.40 17.12
N GLY H 18 -73.73 36.09 18.26
CA GLY H 18 -73.66 37.04 19.36
C GLY H 18 -74.76 36.73 20.35
N HIS H 19 -75.28 37.78 21.00
CA HIS H 19 -76.33 37.62 22.00
C HIS H 19 -77.69 37.61 21.32
N ILE H 20 -78.27 36.43 21.20
CA ILE H 20 -79.59 36.24 20.64
C ILE H 20 -80.64 36.52 21.72
N GLU H 21 -81.73 37.23 21.35
CA GLU H 21 -82.89 37.34 22.24
C GLU H 21 -83.90 36.26 21.91
N LEU H 22 -84.43 35.61 22.93
CA LEU H 22 -85.42 34.55 22.77
C LEU H 22 -86.74 34.91 23.44
N HIS H 23 -87.76 35.01 22.62
CA HIS H 23 -89.13 35.20 23.07
C HIS H 23 -89.59 34.06 23.98
N PRO H 24 -90.40 34.35 25.03
CA PRO H 24 -90.79 33.33 26.00
C PRO H 24 -91.39 32.05 25.42
N LEU H 25 -92.18 32.21 24.36
CA LEU H 25 -92.73 31.09 23.60
C LEU H 25 -91.64 30.20 23.01
N LEU H 26 -90.58 30.81 22.48
CA LEU H 26 -89.47 30.06 21.93
C LEU H 26 -88.72 29.32 23.02
N VAL H 27 -88.49 29.99 24.15
CA VAL H 27 -87.84 29.37 25.31
C VAL H 27 -88.60 28.14 25.75
N ARG H 28 -89.91 28.25 25.73
CA ARG H 28 -90.80 27.18 26.15
C ARG H 28 -90.72 25.98 25.21
N ILE H 29 -90.57 26.25 23.91
CA ILE H 29 -90.36 25.21 22.90
C ILE H 29 -88.96 24.60 23.03
N ILE H 30 -87.96 25.45 23.24
CA ILE H 30 -86.59 25.00 23.40
C ILE H 30 -86.41 24.04 24.57
N ASN H 31 -87.00 24.37 25.70
CA ASN H 31 -86.86 23.57 26.93
C ASN H 31 -87.80 22.36 26.97
N THR H 32 -87.63 21.47 26.00
CA THR H 32 -88.40 20.24 25.88
C THR H 32 -87.46 19.12 25.45
N PRO H 33 -87.77 17.86 25.80
CA PRO H 33 -86.94 16.75 25.37
C PRO H 33 -86.76 16.62 23.86
N GLN H 34 -87.76 17.03 23.10
CA GLN H 34 -87.76 16.86 21.64
C GLN H 34 -86.75 17.78 20.97
N PHE H 35 -86.59 18.97 21.56
CA PHE H 35 -85.63 19.97 21.10
C PHE H 35 -84.26 19.75 21.69
N GLN H 36 -84.17 19.57 23.00
CA GLN H 36 -82.86 19.40 23.67
C GLN H 36 -82.13 18.18 23.15
N ARG H 37 -82.88 17.21 22.64
CA ARG H 37 -82.35 16.09 21.87
C ARG H 37 -81.25 16.48 20.89
N LEU H 38 -81.43 17.61 20.23
CA LEU H 38 -80.48 18.09 19.25
C LEU H 38 -79.11 18.41 19.82
N ARG H 39 -78.98 18.55 21.14
CA ARG H 39 -77.66 18.68 21.77
C ARG H 39 -76.79 17.46 21.57
N TYR H 40 -77.40 16.31 21.26
CA TYR H 40 -76.70 15.05 21.18
C TYR H 40 -76.65 14.51 19.74
N ILE H 41 -76.73 15.40 18.76
CA ILE H 41 -76.57 15.02 17.36
C ILE H 41 -75.58 15.99 16.69
N LYS H 42 -74.46 15.47 16.19
CA LYS H 42 -73.44 16.33 15.60
C LYS H 42 -73.88 16.83 14.25
N GLN H 43 -73.50 18.06 13.94
CA GLN H 43 -73.92 18.73 12.72
C GLN H 43 -73.35 18.01 11.53
N LEU H 44 -72.04 17.73 11.61
CA LEU H 44 -71.32 17.16 10.48
C LEU H 44 -71.01 15.68 10.65
N GLY H 45 -71.81 15.00 11.45
CA GLY H 45 -71.70 13.55 11.67
C GLY H 45 -70.28 13.06 11.81
N GLY H 46 -69.89 12.21 10.85
CA GLY H 46 -68.55 11.62 10.79
C GLY H 46 -67.42 12.58 10.50
N GLY H 47 -67.74 13.77 10.03
CA GLY H 47 -66.77 14.85 9.82
C GLY H 47 -65.94 15.19 11.04
N TYR H 48 -66.51 15.03 12.24
CA TYR H 48 -65.72 15.21 13.48
C TYR H 48 -64.48 14.33 13.49
N TYR H 49 -64.58 13.14 12.90
CA TYR H 49 -63.46 12.18 12.85
C TYR H 49 -62.41 12.55 11.78
N VAL H 50 -62.61 13.64 11.05
CA VAL H 50 -61.61 14.23 10.16
C VAL H 50 -61.23 15.66 10.54
N PHE H 51 -62.22 16.49 10.88
CA PHE H 51 -61.99 17.85 11.35
C PHE H 51 -62.26 17.88 12.85
N PRO H 52 -61.21 17.80 13.66
CA PRO H 52 -61.44 17.68 15.09
C PRO H 52 -62.11 18.91 15.72
N GLY H 53 -62.18 20.02 14.99
CA GLY H 53 -62.95 21.16 15.47
C GLY H 53 -64.47 20.98 15.49
N ALA H 54 -64.97 20.09 14.61
CA ALA H 54 -66.40 19.96 14.28
C ALA H 54 -67.24 19.14 15.28
N SER H 55 -67.05 19.49 16.55
CA SER H 55 -67.78 18.96 17.71
C SER H 55 -69.20 19.51 17.80
N HIS H 56 -69.47 20.61 17.08
CA HIS H 56 -70.76 21.29 17.14
C HIS H 56 -71.94 20.43 16.75
N ASN H 57 -73.05 20.68 17.46
CA ASN H 57 -74.29 19.92 17.40
C ASN H 57 -75.44 20.73 16.79
N ARG H 58 -76.53 20.03 16.42
CA ARG H 58 -77.68 20.64 15.77
C ARG H 58 -78.39 21.69 16.62
N PHE H 59 -78.45 21.44 17.92
CA PHE H 59 -79.00 22.39 18.87
C PHE H 59 -78.65 23.84 18.52
N GLU H 60 -77.36 24.11 18.46
CA GLU H 60 -76.89 25.48 18.27
C GLU H 60 -77.10 26.01 16.85
N HIS H 61 -77.01 25.13 15.85
CA HIS H 61 -77.44 25.46 14.48
C HIS H 61 -78.92 25.88 14.49
N SER H 62 -79.73 25.08 15.17
CA SER H 62 -81.16 25.31 15.27
C SER H 62 -81.45 26.69 15.90
N LEU H 63 -80.77 27.05 16.98
CA LEU H 63 -80.91 28.40 17.56
C LEU H 63 -80.57 29.51 16.55
N GLY H 64 -79.49 29.33 15.83
CA GLY H 64 -79.03 30.31 14.87
C GLY H 64 -79.95 30.49 13.69
N VAL H 65 -80.54 29.42 13.20
CA VAL H 65 -81.47 29.51 12.09
C VAL H 65 -82.73 30.25 12.56
N GLY H 66 -83.15 29.94 13.78
CA GLY H 66 -84.23 30.67 14.41
C GLY H 66 -83.91 32.14 14.51
N TYR H 67 -82.69 32.46 14.94
CA TYR H 67 -82.26 33.84 15.06
C TYR H 67 -82.26 34.60 13.73
N LEU H 68 -81.67 33.99 12.70
CA LEU H 68 -81.57 34.65 11.40
C LEU H 68 -82.90 34.78 10.72
N ALA H 69 -83.77 33.79 10.93
CA ALA H 69 -85.12 33.90 10.42
C ALA H 69 -85.80 35.16 10.97
N GLY H 70 -85.64 35.39 12.27
CA GLY H 70 -86.12 36.62 12.91
C GLY H 70 -85.50 37.87 12.29
N CYS H 71 -84.19 37.84 12.07
CA CYS H 71 -83.49 39.00 11.53
C CYS H 71 -84.05 39.41 10.20
N LEU H 72 -84.24 38.44 9.32
CA LEU H 72 -84.63 38.73 7.95
C LEU H 72 -86.07 39.23 7.89
N VAL H 73 -86.98 38.53 8.58
CA VAL H 73 -88.39 38.94 8.57
C VAL H 73 -88.59 40.28 9.26
N HIS H 74 -87.86 40.53 10.35
CA HIS H 74 -87.95 41.80 11.07
C HIS H 74 -87.38 42.94 10.23
N ALA H 75 -86.32 42.66 9.47
CA ALA H 75 -85.72 43.65 8.59
C ALA H 75 -86.64 44.04 7.44
N LEU H 76 -87.26 43.05 6.82
CA LEU H 76 -88.19 43.32 5.73
C LEU H 76 -89.34 44.18 6.24
N GLY H 77 -89.78 43.91 7.47
CA GLY H 77 -90.85 44.65 8.12
C GLY H 77 -90.53 46.11 8.36
N GLU H 78 -89.35 46.41 8.88
CA GLU H 78 -88.97 47.80 9.14
C GLU H 78 -88.86 48.55 7.83
N LYS H 79 -88.16 47.97 6.85
CA LYS H 79 -87.93 48.64 5.55
C LYS H 79 -89.28 48.82 4.77
N GLN H 80 -90.23 47.90 4.91
CA GLN H 80 -91.50 47.93 4.12
C GLN H 80 -92.74 47.66 4.98
N PRO H 81 -93.27 48.70 5.65
CA PRO H 81 -94.46 48.51 6.48
C PRO H 81 -95.68 48.09 5.68
N GLU H 82 -95.75 48.49 4.42
CA GLU H 82 -96.82 48.08 3.51
C GLU H 82 -97.10 46.58 3.48
N LEU H 83 -96.11 45.77 3.81
CA LEU H 83 -96.24 44.31 3.82
C LEU H 83 -97.13 43.78 4.95
N GLN H 84 -97.28 44.58 6.00
CA GLN H 84 -98.10 44.24 7.16
C GLN H 84 -97.69 42.92 7.76
N ILE H 85 -96.42 42.88 8.13
CA ILE H 85 -95.83 41.72 8.77
C ILE H 85 -96.19 41.90 10.23
N SER H 86 -96.92 40.96 10.80
CA SER H 86 -97.34 41.03 12.22
C SER H 86 -96.34 40.40 13.14
N GLU H 87 -96.39 40.74 14.43
CA GLU H 87 -95.56 40.07 15.44
C GLU H 87 -95.91 38.60 15.55
N ARG H 88 -97.11 38.26 15.12
CA ARG H 88 -97.51 36.87 14.97
C ARG H 88 -96.74 36.18 13.85
N ASP H 89 -96.64 36.83 12.70
CA ASP H 89 -95.87 36.30 11.57
C ASP H 89 -94.41 36.08 11.95
N VAL H 90 -93.84 37.04 12.67
CA VAL H 90 -92.42 37.00 13.08
C VAL H 90 -92.18 35.80 13.98
N LEU H 91 -93.02 35.63 14.98
CA LEU H 91 -92.91 34.49 15.87
C LEU H 91 -92.99 33.17 15.15
N CYS H 92 -93.90 33.06 14.20
CA CYS H 92 -94.06 31.82 13.45
C CYS H 92 -92.85 31.48 12.61
N VAL H 93 -92.27 32.50 11.97
CA VAL H 93 -91.06 32.34 11.17
C VAL H 93 -89.90 31.90 12.06
N GLN H 94 -89.76 32.53 13.23
CA GLN H 94 -88.75 32.13 14.22
C GLN H 94 -88.92 30.69 14.69
N ILE H 95 -90.15 30.30 14.99
CA ILE H 95 -90.44 28.94 15.45
C ILE H 95 -90.07 27.94 14.37
N ALA H 96 -90.38 28.26 13.12
CA ALA H 96 -90.02 27.37 12.01
C ALA H 96 -88.50 27.21 11.92
N GLY H 97 -87.82 28.33 11.90
CA GLY H 97 -86.36 28.34 11.87
C GLY H 97 -85.76 27.53 13.00
N LEU H 98 -86.30 27.73 14.18
CA LEU H 98 -85.84 27.05 15.37
C LEU H 98 -86.03 25.54 15.30
N CYS H 99 -87.17 25.12 14.77
CA CYS H 99 -87.56 23.71 14.71
C CYS H 99 -87.28 23.02 13.37
N HIS H 100 -86.54 23.66 12.48
CA HIS H 100 -86.50 23.23 11.07
C HIS H 100 -85.76 21.92 10.89
N ASP H 101 -84.76 21.69 11.77
CA ASP H 101 -83.97 20.46 11.70
C ASP H 101 -84.26 19.48 12.84
N LEU H 102 -85.36 19.73 13.55
CA LEU H 102 -85.81 18.82 14.64
C LEU H 102 -85.78 17.31 14.38
N GLY H 103 -85.94 16.91 13.12
CA GLY H 103 -86.01 15.53 12.71
C GLY H 103 -84.74 14.86 12.19
N HIS H 104 -83.58 15.47 12.41
CA HIS H 104 -82.34 14.82 12.02
C HIS H 104 -82.07 13.63 12.90
N GLY H 105 -81.48 12.60 12.30
CA GLY H 105 -81.15 11.38 13.03
C GLY H 105 -79.76 11.40 13.60
N PRO H 106 -79.33 10.26 14.18
CA PRO H 106 -77.95 10.11 14.58
C PRO H 106 -77.00 10.40 13.44
N PHE H 107 -75.98 11.20 13.72
CA PHE H 107 -75.00 11.68 12.75
C PHE H 107 -75.64 12.39 11.54
N SER H 108 -76.67 13.18 11.83
CA SER H 108 -77.31 14.07 10.87
C SER H 108 -77.62 13.44 9.50
N HIS H 109 -76.82 13.76 8.47
CA HIS H 109 -77.18 13.40 7.10
C HIS H 109 -76.82 11.98 6.77
N MET H 110 -75.93 11.39 7.55
CA MET H 110 -75.66 9.97 7.48
C MET H 110 -76.95 9.16 7.61
N PHE H 111 -77.83 9.59 8.53
CA PHE H 111 -79.07 8.87 8.80
C PHE H 111 -80.05 8.88 7.64
N ASP H 112 -80.45 10.07 7.20
CA ASP H 112 -81.43 10.17 6.12
C ASP H 112 -80.82 9.93 4.73
N GLY H 113 -79.51 10.07 4.63
CA GLY H 113 -78.80 9.98 3.35
C GLY H 113 -78.16 8.64 3.03
N ARG H 114 -77.70 7.91 4.05
CA ARG H 114 -77.08 6.60 3.86
C ARG H 114 -77.87 5.48 4.52
N PHE H 115 -78.14 5.58 5.81
CA PHE H 115 -78.71 4.49 6.61
C PHE H 115 -80.14 4.11 6.26
N ILE H 116 -81.07 5.04 6.35
CA ILE H 116 -82.47 4.73 6.09
C ILE H 116 -82.70 4.22 4.66
N PRO H 117 -82.06 4.83 3.67
CA PRO H 117 -82.18 4.26 2.32
C PRO H 117 -81.69 2.82 2.17
N LEU H 118 -80.71 2.39 2.97
CA LEU H 118 -80.26 1.00 2.94
C LEU H 118 -81.09 0.11 3.83
N ALA H 119 -81.40 0.56 5.04
CA ALA H 119 -82.17 -0.22 5.99
C ALA H 119 -83.62 -0.43 5.58
N ARG H 120 -84.22 0.56 4.94
CA ARG H 120 -85.63 0.51 4.58
C ARG H 120 -85.87 1.13 3.20
N PRO H 121 -85.47 0.41 2.13
CA PRO H 121 -85.56 0.92 0.76
C PRO H 121 -86.96 1.25 0.28
N GLU H 122 -87.95 0.58 0.86
CA GLU H 122 -89.36 0.85 0.55
C GLU H 122 -89.82 2.29 0.84
N VAL H 123 -89.27 2.92 1.88
CA VAL H 123 -89.74 4.22 2.37
C VAL H 123 -89.07 5.36 1.62
N LYS H 124 -89.79 6.47 1.44
CA LYS H 124 -89.22 7.75 1.00
C LYS H 124 -89.34 8.67 2.23
N TRP H 125 -88.23 8.79 2.99
CA TRP H 125 -88.18 9.59 4.24
C TRP H 125 -87.01 10.57 4.24
N THR H 126 -87.24 11.76 4.81
CA THR H 126 -86.24 12.83 4.86
C THR H 126 -86.17 13.45 6.27
N HIS H 127 -85.09 14.21 6.55
CA HIS H 127 -84.92 14.89 7.85
C HIS H 127 -86.08 15.84 8.08
N GLU H 128 -86.56 16.46 6.99
CA GLU H 128 -87.62 17.47 7.06
C GLU H 128 -88.94 16.87 7.44
N GLN H 129 -89.32 15.76 6.82
CA GLN H 129 -90.57 15.07 7.17
C GLN H 129 -90.55 14.70 8.64
N GLY H 130 -89.39 14.27 9.12
CA GLY H 130 -89.18 14.00 10.54
C GLY H 130 -89.39 15.21 11.39
N SER H 131 -88.91 16.36 10.94
CA SER H 131 -89.07 17.62 11.67
C SER H 131 -90.54 17.99 11.88
N VAL H 132 -91.33 17.86 10.83
CA VAL H 132 -92.77 18.11 10.92
C VAL H 132 -93.40 17.20 11.96
N MET H 133 -93.11 15.92 11.87
CA MET H 133 -93.65 14.94 12.83
C MET H 133 -93.18 15.20 14.24
N MET H 134 -91.91 15.46 14.40
CA MET H 134 -91.33 15.72 15.70
C MET H 134 -91.82 17.05 16.25
N PHE H 135 -92.13 18.02 15.38
CA PHE H 135 -92.72 19.29 15.82
C PHE H 135 -94.10 19.08 16.41
N GLU H 136 -94.94 18.35 15.69
CA GLU H 136 -96.26 17.92 16.17
C GLU H 136 -96.14 17.25 17.54
N HIS H 137 -95.24 16.27 17.67
CA HIS H 137 -95.02 15.56 18.93
C HIS H 137 -94.59 16.51 20.05
N LEU H 138 -93.73 17.46 19.73
CA LEU H 138 -93.26 18.45 20.72
C LEU H 138 -94.41 19.28 21.27
N ILE H 139 -95.23 19.78 20.36
CA ILE H 139 -96.37 20.63 20.69
C ILE H 139 -97.35 19.90 21.61
N ASN H 140 -97.70 18.69 21.22
CA ASN H 140 -98.73 17.91 21.92
C ASN H 140 -98.26 17.42 23.25
N SER H 141 -97.07 16.83 23.29
CA SER H 141 -96.55 16.28 24.54
C SER H 141 -96.14 17.35 25.57
N ASN H 142 -96.02 18.63 25.20
CA ASN H 142 -95.62 19.67 26.16
C ASN H 142 -96.62 20.82 26.38
N GLY H 143 -97.84 20.69 25.84
CA GLY H 143 -98.89 21.68 26.05
C GLY H 143 -98.53 23.08 25.59
N ILE H 144 -98.02 23.15 24.37
CA ILE H 144 -97.55 24.40 23.81
C ILE H 144 -98.71 25.20 23.26
N LYS H 145 -99.72 24.51 22.74
CA LYS H 145 -100.88 25.17 22.11
C LYS H 145 -101.52 26.29 22.96
N PRO H 146 -101.75 26.07 24.27
CA PRO H 146 -102.16 27.14 25.17
C PRO H 146 -101.23 28.34 25.20
N VAL H 147 -99.93 28.07 25.19
CA VAL H 147 -98.91 29.12 25.25
C VAL H 147 -98.87 29.91 23.95
N MET H 148 -99.05 29.24 22.82
CA MET H 148 -99.13 29.92 21.52
C MET H 148 -100.27 30.95 21.53
N GLU H 149 -101.44 30.51 21.99
CA GLU H 149 -102.62 31.38 22.11
C GLU H 149 -102.34 32.56 23.01
N GLN H 150 -101.73 32.29 24.17
CA GLN H 150 -101.36 33.33 25.12
C GLN H 150 -100.58 34.46 24.49
N TYR H 151 -99.71 34.15 23.53
CA TYR H 151 -98.91 35.17 22.82
C TYR H 151 -99.46 35.51 21.43
N GLY H 152 -100.77 35.38 21.24
CA GLY H 152 -101.42 35.88 20.04
C GLY H 152 -101.38 35.02 18.80
N LEU H 153 -100.96 33.77 18.92
CA LEU H 153 -100.97 32.87 17.76
C LEU H 153 -102.29 32.14 17.68
N ILE H 154 -102.57 31.60 16.51
CA ILE H 154 -103.77 30.81 16.24
C ILE H 154 -103.34 29.40 15.79
N PRO H 155 -103.23 28.46 16.73
CA PRO H 155 -102.69 27.12 16.43
C PRO H 155 -103.24 26.44 15.17
N GLU H 156 -104.50 26.52 14.89
CA GLU H 156 -105.12 25.93 13.71
C GLU H 156 -104.30 26.40 12.44
N GLU H 157 -104.25 27.72 12.20
CA GLU H 157 -103.63 28.29 11.07
C GLU H 157 -102.10 28.25 11.14
N ASP H 158 -101.55 28.59 12.29
CA ASP H 158 -100.12 28.80 12.43
C ASP H 158 -99.26 27.54 12.50
N ILE H 159 -99.74 26.49 13.16
CA ILE H 159 -99.03 25.22 13.18
C ILE H 159 -98.90 24.65 11.76
N CYS H 160 -99.90 24.90 10.91
CA CYS H 160 -99.80 24.54 9.51
C CYS H 160 -98.71 25.38 8.82
N PHE H 161 -98.74 26.68 9.05
CA PHE H 161 -97.76 27.63 8.50
C PHE H 161 -96.33 27.26 8.86
N ILE H 162 -96.11 26.88 10.11
CA ILE H 162 -94.79 26.47 10.58
C ILE H 162 -94.34 25.20 9.87
N LYS H 163 -95.21 24.19 9.81
CA LYS H 163 -94.88 22.95 9.12
C LYS H 163 -94.62 23.19 7.64
N GLU H 164 -95.41 24.07 7.04
CA GLU H 164 -95.24 24.41 5.62
C GLU H 164 -93.90 25.10 5.32
N GLN H 165 -93.45 25.93 6.26
CA GLN H 165 -92.13 26.56 6.13
C GLN H 165 -91.01 25.52 6.07
N ILE H 166 -91.19 24.42 6.79
CA ILE H 166 -90.17 23.39 6.91
C ILE H 166 -90.10 22.45 5.71
N VAL H 167 -91.24 21.82 5.35
CA VAL H 167 -91.26 20.76 4.31
C VAL H 167 -91.84 21.17 2.98
N GLY H 168 -92.39 22.38 2.90
CA GLY H 168 -93.12 22.79 1.69
C GLY H 168 -94.60 22.47 1.87
N PRO H 169 -95.35 22.42 0.76
CA PRO H 169 -96.78 22.28 0.92
C PRO H 169 -97.20 20.88 1.39
N LEU H 170 -98.08 20.84 2.38
CA LEU H 170 -98.54 19.58 2.94
C LEU H 170 -99.51 18.79 1.97
N GLU H 171 -99.91 19.35 0.81
CA GLU H 171 -100.50 18.54 -0.27
C GLU H 171 -99.90 18.85 -1.64
N LEU H 178 -102.15 27.12 -9.17
CA LEU H 178 -102.88 27.59 -7.93
C LEU H 178 -101.96 27.71 -6.73
N TRP H 179 -102.32 28.56 -5.77
CA TRP H 179 -101.53 28.79 -4.54
C TRP H 179 -101.57 27.57 -3.63
N PRO H 180 -100.44 26.86 -3.49
CA PRO H 180 -100.46 25.59 -2.75
C PRO H 180 -100.49 25.66 -1.23
N TYR H 181 -100.36 26.84 -0.61
CA TYR H 181 -100.24 26.90 0.84
C TYR H 181 -101.57 27.26 1.53
N LYS H 182 -101.87 26.53 2.60
CA LYS H 182 -103.03 26.76 3.45
C LYS H 182 -102.72 27.66 4.65
N GLY H 183 -101.44 27.79 5.02
CA GLY H 183 -101.06 28.50 6.25
C GLY H 183 -101.05 30.01 6.15
N ARG H 184 -100.76 30.55 4.97
CA ARG H 184 -100.80 31.99 4.73
C ARG H 184 -101.19 32.28 3.28
N PRO H 185 -101.81 33.45 3.04
CA PRO H 185 -102.19 33.85 1.68
C PRO H 185 -101.02 34.24 0.78
N GLU H 186 -101.32 34.45 -0.51
CA GLU H 186 -100.34 34.82 -1.53
C GLU H 186 -99.61 36.13 -1.26
N ASN H 187 -100.28 37.06 -0.58
CA ASN H 187 -99.70 38.37 -0.24
C ASN H 187 -98.64 38.29 0.86
N LYS H 188 -98.42 37.10 1.39
CA LYS H 188 -97.31 36.84 2.30
C LYS H 188 -96.48 35.64 1.88
N SER H 189 -96.35 35.41 0.58
CA SER H 189 -95.53 34.29 0.08
C SER H 189 -94.07 34.43 0.43
N PHE H 190 -93.61 35.67 0.58
CA PHE H 190 -92.23 35.93 0.93
C PHE H 190 -91.80 35.28 2.24
N LEU H 191 -92.73 35.11 3.16
CA LEU H 191 -92.42 34.42 4.42
C LEU H 191 -91.97 32.96 4.22
N TYR H 192 -92.44 32.31 3.17
CA TYR H 192 -92.00 30.94 2.87
C TYR H 192 -90.57 30.83 2.30
N GLU H 193 -90.01 31.95 1.86
CA GLU H 193 -88.66 32.01 1.34
C GLU H 193 -87.56 32.28 2.39
N ILE H 194 -87.88 32.33 3.68
CA ILE H 194 -86.89 32.66 4.71
C ILE H 194 -86.14 31.43 5.24
N VAL H 195 -86.86 30.47 5.76
CA VAL H 195 -86.24 29.33 6.46
C VAL H 195 -85.77 28.24 5.48
N SER H 196 -86.59 27.93 4.48
CA SER H 196 -86.24 26.92 3.49
C SER H 196 -86.86 27.30 2.14
N ASN H 197 -86.03 27.87 1.29
CA ASN H 197 -86.47 28.53 0.06
C ASN H 197 -86.52 27.47 -1.05
N LYS H 198 -87.74 27.09 -1.42
CA LYS H 198 -87.95 26.07 -2.46
C LYS H 198 -87.73 26.63 -3.86
N ARG H 199 -87.83 27.94 -4.03
CA ARG H 199 -87.72 28.58 -5.34
C ARG H 199 -86.30 28.52 -5.88
N ASN H 200 -85.35 28.96 -5.06
CA ASN H 200 -83.94 29.07 -5.46
C ASN H 200 -82.91 28.54 -4.45
N GLY H 201 -83.31 28.30 -3.20
CA GLY H 201 -82.40 27.77 -2.19
C GLY H 201 -81.70 28.78 -1.32
N ILE H 202 -81.89 30.08 -1.59
CA ILE H 202 -81.27 31.13 -0.77
C ILE H 202 -82.11 31.29 0.49
N ASP H 203 -81.64 30.70 1.59
CA ASP H 203 -82.34 30.68 2.88
C ASP H 203 -81.39 30.85 4.07
N VAL H 204 -81.94 31.07 5.24
CA VAL H 204 -81.11 31.31 6.42
C VAL H 204 -80.53 30.02 7.01
N ASP H 205 -81.05 28.84 6.68
CA ASP H 205 -80.42 27.55 7.05
C ASP H 205 -78.99 27.61 6.54
N LYS H 206 -78.84 27.93 5.25
CA LYS H 206 -77.52 28.04 4.61
C LYS H 206 -76.64 29.05 5.32
N TRP H 207 -77.21 30.21 5.63
CA TRP H 207 -76.41 31.30 6.12
C TRP H 207 -75.79 30.95 7.45
N ASP H 208 -76.57 30.30 8.31
CA ASP H 208 -76.07 29.90 9.61
C ASP H 208 -74.97 28.84 9.44
N TYR H 209 -75.25 27.76 8.72
CA TYR H 209 -74.28 26.67 8.69
C TYR H 209 -72.97 27.03 7.96
N PHE H 210 -73.02 27.96 7.02
CA PHE H 210 -71.77 28.45 6.43
C PHE H 210 -70.90 29.03 7.54
N ALA H 211 -71.47 30.01 8.24
CA ALA H 211 -70.77 30.70 9.30
C ALA H 211 -70.33 29.74 10.40
N ARG H 212 -71.24 28.86 10.80
CA ARG H 212 -71.00 27.98 11.92
C ARG H 212 -70.02 26.88 11.60
N ASP H 213 -70.22 26.20 10.47
CA ASP H 213 -69.37 25.07 10.10
C ASP H 213 -67.96 25.60 9.90
N CYS H 214 -67.82 26.71 9.19
CA CYS H 214 -66.50 27.35 9.02
C CYS H 214 -65.79 27.64 10.34
N HIS H 215 -66.52 28.17 11.30
CA HIS H 215 -65.96 28.52 12.59
C HIS H 215 -65.33 27.32 13.27
N HIS H 216 -66.04 26.20 13.22
CA HIS H 216 -65.62 24.97 13.88
C HIS H 216 -64.66 24.15 13.00
N LEU H 217 -64.85 24.18 11.67
CA LEU H 217 -64.00 23.38 10.77
C LEU H 217 -62.57 23.86 10.76
N GLY H 218 -62.42 25.19 10.79
CA GLY H 218 -61.16 25.84 10.56
C GLY H 218 -60.96 26.21 9.10
N ILE H 219 -62.04 26.63 8.47
CA ILE H 219 -62.02 27.17 7.12
C ILE H 219 -62.68 28.54 7.25
N GLN H 220 -62.24 29.51 6.44
CA GLN H 220 -62.90 30.83 6.45
C GLN H 220 -64.05 30.84 5.40
N ASN H 221 -65.09 31.57 5.77
CA ASN H 221 -66.35 31.67 5.05
C ASN H 221 -66.29 32.95 4.23
N ASN H 222 -66.61 32.81 2.94
CA ASN H 222 -66.52 33.97 2.04
C ASN H 222 -67.87 34.66 1.74
N PHE H 223 -68.91 34.42 2.55
CA PHE H 223 -70.27 34.92 2.25
C PHE H 223 -70.83 35.81 3.36
N ASP H 224 -71.30 37.00 3.00
CA ASP H 224 -71.76 37.98 3.96
C ASP H 224 -73.28 38.04 3.98
N TYR H 225 -73.90 37.33 4.92
CA TYR H 225 -75.37 37.28 5.00
C TYR H 225 -75.95 38.61 5.43
N LYS H 226 -75.25 39.30 6.32
CA LYS H 226 -75.72 40.59 6.81
C LYS H 226 -75.91 41.60 5.70
N ARG H 227 -74.96 41.59 4.76
CA ARG H 227 -75.02 42.44 3.59
C ARG H 227 -76.22 42.11 2.73
N PHE H 228 -76.46 40.82 2.51
CA PHE H 228 -77.59 40.41 1.68
C PHE H 228 -78.93 40.91 2.25
N ILE H 229 -79.05 40.87 3.58
CA ILE H 229 -80.22 41.38 4.28
C ILE H 229 -80.38 42.88 4.07
N LYS H 230 -79.31 43.65 4.13
CA LYS H 230 -79.40 45.09 3.87
C LYS H 230 -79.93 45.42 2.49
N PHE H 231 -79.68 44.57 1.50
CA PHE H 231 -80.15 44.81 0.14
C PHE H 231 -81.25 43.85 -0.29
N ALA H 232 -82.04 43.40 0.66
CA ALA H 232 -83.15 42.52 0.37
C ALA H 232 -84.39 43.33 0.43
N ARG H 233 -85.41 42.90 -0.32
CA ARG H 233 -86.62 43.68 -0.48
C ARG H 233 -87.69 42.82 -1.13
N VAL H 234 -88.96 43.07 -0.76
CA VAL H 234 -90.08 42.32 -1.33
C VAL H 234 -90.68 43.10 -2.49
N CYS H 235 -90.87 42.44 -3.63
CA CYS H 235 -91.48 43.04 -4.82
C CYS H 235 -92.51 42.09 -5.38
N GLU H 236 -93.37 42.59 -6.26
CA GLU H 236 -94.35 41.75 -6.92
C GLU H 236 -93.68 41.02 -8.07
N VAL H 237 -93.88 39.71 -8.15
CA VAL H 237 -93.41 38.88 -9.27
C VAL H 237 -94.50 37.87 -9.59
N ASP H 238 -95.09 37.97 -10.79
CA ASP H 238 -96.15 37.05 -11.24
C ASP H 238 -97.25 36.93 -10.20
N ASN H 239 -97.87 38.07 -9.88
CA ASN H 239 -99.07 38.11 -9.00
C ASN H 239 -98.84 37.58 -7.57
N GLU H 240 -97.61 37.71 -7.10
CA GLU H 240 -97.14 37.07 -5.86
C GLU H 240 -96.01 37.95 -5.29
N LEU H 241 -96.02 38.17 -3.97
CA LEU H 241 -94.97 39.00 -3.33
C LEU H 241 -93.75 38.19 -2.86
N ARG H 242 -92.61 38.34 -3.55
CA ARG H 242 -91.40 37.56 -3.26
C ARG H 242 -90.23 38.43 -2.82
N ILE H 243 -89.24 37.80 -2.19
CA ILE H 243 -88.01 38.48 -1.80
C ILE H 243 -87.14 38.64 -3.05
N CYS H 244 -86.56 39.83 -3.18
CA CYS H 244 -85.66 40.17 -4.28
C CYS H 244 -84.38 40.76 -3.74
N ALA H 245 -83.28 40.50 -4.43
CA ALA H 245 -81.99 41.06 -4.09
C ALA H 245 -81.67 42.21 -5.00
N ARG H 246 -80.75 43.07 -4.62
CA ARG H 246 -80.40 44.16 -5.48
C ARG H 246 -79.53 43.66 -6.66
N ASP H 247 -79.67 44.32 -7.82
CA ASP H 247 -78.91 44.00 -9.04
C ASP H 247 -77.42 43.75 -8.80
N LYS H 248 -76.78 44.60 -8.00
CA LYS H 248 -75.36 44.48 -7.74
C LYS H 248 -74.96 43.20 -6.95
N GLU H 249 -75.86 42.67 -6.14
CA GLU H 249 -75.58 41.43 -5.41
C GLU H 249 -75.49 40.14 -6.25
N VAL H 250 -75.84 40.19 -7.54
CA VAL H 250 -75.88 38.98 -8.36
C VAL H 250 -74.56 38.22 -8.27
N GLY H 251 -73.44 38.93 -8.28
CA GLY H 251 -72.14 38.31 -8.16
C GLY H 251 -71.96 37.55 -6.85
N ASN H 252 -72.31 38.22 -5.76
CA ASN H 252 -72.22 37.62 -4.43
C ASN H 252 -73.11 36.40 -4.26
N LEU H 253 -74.22 36.35 -4.99
CA LEU H 253 -75.09 35.20 -4.98
C LEU H 253 -74.51 34.01 -5.71
N TYR H 254 -73.86 34.22 -6.85
CA TYR H 254 -73.15 33.11 -7.50
C TYR H 254 -72.05 32.60 -6.56
N ASP H 255 -71.39 33.51 -5.86
CA ASP H 255 -70.32 33.16 -4.92
C ASP H 255 -70.86 32.43 -3.68
N MET H 256 -72.12 32.68 -3.33
CA MET H 256 -72.75 31.92 -2.24
C MET H 256 -72.80 30.45 -2.58
N PHE H 257 -73.24 30.12 -3.80
CA PHE H 257 -73.34 28.72 -4.19
C PHE H 257 -71.96 28.11 -4.44
N HIS H 258 -71.00 28.93 -4.85
CA HIS H 258 -69.60 28.50 -4.96
C HIS H 258 -69.07 28.10 -3.58
N THR H 259 -69.26 28.97 -2.61
CA THR H 259 -68.88 28.72 -1.22
C THR H 259 -69.48 27.40 -0.73
N ARG H 260 -70.75 27.17 -1.04
CA ARG H 260 -71.44 25.93 -0.67
C ARG H 260 -70.74 24.73 -1.25
N ASN H 261 -70.52 24.78 -2.56
CA ASN H 261 -69.90 23.68 -3.29
C ASN H 261 -68.49 23.45 -2.76
N SER H 262 -67.82 24.53 -2.45
CA SER H 262 -66.47 24.48 -1.92
C SER H 262 -66.43 23.80 -0.53
N LEU H 263 -67.38 24.12 0.34
CA LEU H 263 -67.51 23.43 1.64
C LEU H 263 -67.82 21.95 1.53
N HIS H 264 -68.60 21.59 0.52
CA HIS H 264 -68.87 20.19 0.23
C HIS H 264 -67.62 19.47 -0.22
N ARG H 265 -66.84 20.11 -1.10
CA ARG H 265 -65.64 19.48 -1.62
C ARG H 265 -64.61 19.29 -0.54
N ARG H 266 -64.36 20.34 0.24
CA ARG H 266 -63.34 20.26 1.27
C ARG H 266 -63.72 19.43 2.48
N ALA H 267 -64.94 19.62 2.98
CA ALA H 267 -65.32 19.08 4.28
C ALA H 267 -66.41 18.04 4.22
N TYR H 268 -67.60 18.42 3.75
CA TYR H 268 -68.77 17.56 3.95
C TYR H 268 -68.64 16.24 3.20
N GLN H 269 -68.11 16.31 1.96
CA GLN H 269 -67.84 15.11 1.15
C GLN H 269 -66.38 14.70 1.17
N HIS H 270 -65.69 14.98 2.26
CA HIS H 270 -64.31 14.56 2.43
C HIS H 270 -64.23 13.05 2.35
N LYS H 271 -63.26 12.55 1.55
CA LYS H 271 -63.15 11.12 1.24
C LYS H 271 -63.20 10.21 2.48
N VAL H 272 -62.56 10.64 3.57
CA VAL H 272 -62.49 9.86 4.79
C VAL H 272 -63.70 10.11 5.68
N GLY H 273 -64.23 11.33 5.65
CA GLY H 273 -65.46 11.63 6.37
C GLY H 273 -66.59 10.74 5.86
N ASN H 274 -66.67 10.60 4.55
CA ASN H 274 -67.65 9.74 3.91
C ASN H 274 -67.44 8.24 4.21
N ILE H 275 -66.18 7.81 4.25
CA ILE H 275 -65.95 6.40 4.55
C ILE H 275 -66.25 6.08 6.01
N ILE H 276 -66.03 7.02 6.89
CA ILE H 276 -66.41 6.84 8.28
C ILE H 276 -67.93 6.82 8.42
N ASP H 277 -68.62 7.67 7.65
CA ASP H 277 -70.07 7.63 7.61
C ASP H 277 -70.54 6.26 7.11
N THR H 278 -69.97 5.72 6.02
CA THR H 278 -70.40 4.41 5.51
C THR H 278 -70.09 3.31 6.54
N MET H 279 -68.97 3.40 7.25
CA MET H 279 -68.64 2.41 8.28
C MET H 279 -69.57 2.47 9.47
N ILE H 280 -69.96 3.66 9.89
CA ILE H 280 -70.93 3.80 10.98
C ILE H 280 -72.30 3.30 10.52
N THR H 281 -72.71 3.67 9.32
CA THR H 281 -73.95 3.17 8.72
C THR H 281 -73.96 1.65 8.69
N ASP H 282 -72.85 1.06 8.27
CA ASP H 282 -72.68 -0.38 8.19
C ASP H 282 -72.88 -1.03 9.56
N ALA H 283 -72.24 -0.47 10.58
CA ALA H 283 -72.39 -0.94 11.95
C ALA H 283 -73.81 -0.80 12.47
N PHE H 284 -74.53 0.23 12.04
CA PHE H 284 -75.93 0.41 12.42
C PHE H 284 -76.79 -0.65 11.78
N LEU H 285 -76.56 -0.93 10.50
CA LEU H 285 -77.29 -2.00 9.81
C LEU H 285 -77.12 -3.34 10.52
N LYS H 286 -75.89 -3.64 10.96
CA LYS H 286 -75.61 -4.89 11.66
C LYS H 286 -76.15 -4.94 13.06
N ALA H 287 -76.28 -3.78 13.69
CA ALA H 287 -76.85 -3.69 15.04
C ALA H 287 -78.35 -3.52 15.06
N ASP H 288 -78.96 -3.31 13.90
CA ASP H 288 -80.37 -2.88 13.82
C ASP H 288 -81.29 -3.85 14.53
N ASP H 289 -81.16 -5.11 14.16
CA ASP H 289 -82.00 -6.21 14.61
C ASP H 289 -81.99 -6.40 16.11
N TYR H 290 -80.88 -6.13 16.78
CA TYR H 290 -80.76 -6.44 18.21
C TYR H 290 -80.86 -5.24 19.15
N ILE H 291 -81.11 -4.05 18.63
CA ILE H 291 -81.32 -2.87 19.49
C ILE H 291 -82.77 -2.50 19.52
N GLU H 292 -83.30 -2.41 20.74
CA GLU H 292 -84.69 -2.07 21.02
C GLU H 292 -84.73 -0.68 21.61
N ILE H 293 -85.68 0.14 21.17
CA ILE H 293 -85.91 1.48 21.71
C ILE H 293 -87.38 1.61 22.08
N THR H 294 -87.64 1.93 23.35
CA THR H 294 -88.99 2.05 23.88
C THR H 294 -89.70 3.24 23.27
N GLY H 295 -90.88 3.00 22.71
CA GLY H 295 -91.69 4.03 22.08
C GLY H 295 -92.96 4.33 22.86
N ALA H 296 -93.99 4.71 22.12
CA ALA H 296 -95.27 5.10 22.70
C ALA H 296 -96.04 3.84 23.07
N GLY H 297 -96.62 3.88 24.29
CA GLY H 297 -97.31 2.74 24.86
C GLY H 297 -96.40 1.56 25.15
N GLY H 298 -95.10 1.81 25.34
CA GLY H 298 -94.13 0.76 25.56
C GLY H 298 -93.71 -0.11 24.37
N LYS H 299 -94.27 0.13 23.16
CA LYS H 299 -93.96 -0.71 22.00
C LYS H 299 -92.45 -0.64 21.68
N LYS H 300 -91.88 -1.76 21.20
CA LYS H 300 -90.45 -1.80 20.89
C LYS H 300 -90.19 -1.44 19.43
N TYR H 301 -89.29 -0.49 19.23
CA TYR H 301 -88.87 -0.06 17.88
C TYR H 301 -87.36 -0.30 17.70
N ARG H 302 -86.98 -0.53 16.44
CA ARG H 302 -85.59 -0.70 16.05
C ARG H 302 -85.05 0.66 15.61
N ILE H 303 -83.75 0.72 15.34
CA ILE H 303 -83.13 1.97 14.89
C ILE H 303 -83.80 2.43 13.61
N SER H 304 -83.93 1.53 12.65
CA SER H 304 -84.56 1.85 11.37
C SER H 304 -86.06 2.22 11.46
N THR H 305 -86.77 1.70 12.47
CA THR H 305 -88.21 1.92 12.61
C THR H 305 -88.61 2.99 13.62
N ALA H 306 -87.64 3.57 14.34
CA ALA H 306 -87.94 4.62 15.30
C ALA H 306 -88.46 5.88 14.61
N ILE H 307 -88.14 6.06 13.33
CA ILE H 307 -88.71 7.16 12.56
C ILE H 307 -90.25 7.13 12.45
N ASP H 308 -90.83 5.96 12.64
CA ASP H 308 -92.28 5.84 12.61
C ASP H 308 -92.98 6.36 13.87
N ASP H 309 -92.30 6.31 15.02
CA ASP H 309 -92.88 6.80 16.28
C ASP H 309 -91.95 7.78 17.01
N MET H 310 -92.41 9.04 17.14
CA MET H 310 -91.60 10.12 17.64
C MET H 310 -91.21 10.01 19.10
N GLU H 311 -91.95 9.26 19.90
CA GLU H 311 -91.55 9.09 21.29
C GLU H 311 -90.31 8.23 21.38
N ALA H 312 -90.18 7.29 20.44
CA ALA H 312 -88.97 6.46 20.34
C ALA H 312 -87.82 7.27 19.77
N TYR H 313 -88.10 7.95 18.65
CA TYR H 313 -87.10 8.77 17.95
C TYR H 313 -86.46 9.87 18.80
N THR H 314 -87.21 10.36 19.79
CA THR H 314 -86.69 11.30 20.78
C THR H 314 -85.45 10.76 21.52
N LYS H 315 -85.42 9.45 21.72
CA LYS H 315 -84.30 8.82 22.42
C LYS H 315 -83.22 8.28 21.48
N LEU H 316 -83.37 8.48 20.16
CA LEU H 316 -82.39 8.03 19.16
C LEU H 316 -81.45 9.15 18.72
N THR H 317 -80.24 9.13 19.25
CA THR H 317 -79.23 10.19 19.02
C THR H 317 -77.87 9.55 18.70
N ASP H 318 -76.82 10.37 18.65
CA ASP H 318 -75.45 9.87 18.47
C ASP H 318 -75.04 8.88 19.53
N ASN H 319 -75.65 8.94 20.71
CA ASN H 319 -75.52 7.92 21.74
C ASN H 319 -75.44 6.50 21.24
N ILE H 320 -76.26 6.20 20.24
CA ILE H 320 -76.38 4.86 19.72
C ILE H 320 -75.05 4.26 19.27
N PHE H 321 -74.15 5.12 18.80
CA PHE H 321 -72.76 4.77 18.48
C PHE H 321 -72.07 4.21 19.72
N LEU H 322 -72.06 4.97 20.80
CA LEU H 322 -71.38 4.55 22.01
C LEU H 322 -72.05 3.38 22.71
N GLU H 323 -73.36 3.24 22.50
CA GLU H 323 -74.13 2.12 23.06
C GLU H 323 -73.60 0.84 22.42
N ILE H 324 -73.50 0.83 21.10
CA ILE H 324 -72.94 -0.29 20.36
C ILE H 324 -71.48 -0.54 20.76
N LEU H 325 -70.68 0.51 20.83
CA LEU H 325 -69.26 0.37 21.13
C LEU H 325 -69.00 -0.21 22.51
N TYR H 326 -69.71 0.30 23.51
CA TYR H 326 -69.54 -0.18 24.89
C TYR H 326 -70.25 -1.49 25.21
N SER H 327 -71.09 -2.01 24.32
CA SER H 327 -71.88 -3.21 24.63
C SER H 327 -71.05 -4.46 24.76
N THR H 328 -71.61 -5.43 25.49
CA THR H 328 -71.02 -6.76 25.68
C THR H 328 -71.89 -7.89 25.09
N ASP H 329 -73.11 -7.59 24.63
CA ASP H 329 -73.97 -8.59 23.99
C ASP H 329 -73.24 -9.21 22.79
N PRO H 330 -73.10 -10.54 22.74
CA PRO H 330 -72.48 -11.14 21.56
C PRO H 330 -73.27 -11.02 20.26
N LYS H 331 -74.55 -10.69 20.33
CA LYS H 331 -75.34 -10.42 19.12
C LYS H 331 -74.84 -9.19 18.37
N LEU H 332 -74.33 -8.21 19.13
CA LEU H 332 -73.78 -6.97 18.57
C LEU H 332 -72.28 -7.03 18.26
N LYS H 333 -71.66 -8.20 18.28
CA LYS H 333 -70.20 -8.30 18.07
C LYS H 333 -69.80 -7.83 16.68
N ASP H 334 -70.57 -8.17 15.65
CA ASP H 334 -70.26 -7.71 14.28
C ASP H 334 -70.25 -6.18 14.15
N ALA H 335 -71.26 -5.54 14.74
CA ALA H 335 -71.37 -4.08 14.73
C ALA H 335 -70.26 -3.43 15.55
N ARG H 336 -70.08 -3.89 16.78
CA ARG H 336 -69.04 -3.40 17.68
C ARG H 336 -67.64 -3.50 17.09
N GLU H 337 -67.38 -4.52 16.27
CA GLU H 337 -66.05 -4.67 15.65
C GLU H 337 -65.79 -3.59 14.61
N ILE H 338 -66.81 -3.18 13.87
CA ILE H 338 -66.65 -2.08 12.91
C ILE H 338 -66.31 -0.79 13.62
N LEU H 339 -67.05 -0.46 14.67
CA LEU H 339 -66.80 0.76 15.43
C LEU H 339 -65.46 0.72 16.14
N LYS H 340 -65.02 -0.45 16.59
CA LYS H 340 -63.69 -0.57 17.18
C LYS H 340 -62.62 -0.33 16.12
N GLN H 341 -62.86 -0.78 14.88
CA GLN H 341 -61.92 -0.51 13.77
C GLN H 341 -61.79 0.99 13.45
N ILE H 342 -62.82 1.78 13.73
CA ILE H 342 -62.73 3.23 13.57
C ILE H 342 -61.84 3.86 14.65
N GLU H 343 -61.97 3.37 15.88
CA GLU H 343 -61.14 3.86 16.98
C GLU H 343 -59.67 3.68 16.66
N TYR H 344 -59.32 2.47 16.25
CA TYR H 344 -57.92 2.08 15.92
C TYR H 344 -57.45 2.66 14.59
N ARG H 345 -58.38 3.16 13.79
CA ARG H 345 -58.10 3.83 12.52
C ARG H 345 -57.74 2.86 11.41
N ASN H 346 -58.33 1.66 11.44
CA ASN H 346 -58.26 0.69 10.34
C ASN H 346 -59.49 0.90 9.51
N LEU H 347 -59.47 1.98 8.75
CA LEU H 347 -60.59 2.35 7.92
C LEU H 347 -60.43 1.68 6.58
N PHE H 348 -61.53 1.54 5.86
CA PHE H 348 -61.48 1.09 4.50
C PHE H 348 -60.61 2.06 3.68
N LYS H 349 -59.75 1.53 2.81
CA LYS H 349 -58.78 2.38 2.12
C LYS H 349 -59.32 3.04 0.89
N TYR H 350 -59.01 4.31 0.74
CA TYR H 350 -59.41 5.09 -0.43
C TYR H 350 -58.52 4.70 -1.59
N VAL H 351 -59.12 4.35 -2.72
CA VAL H 351 -58.37 3.96 -3.91
C VAL H 351 -58.20 5.15 -4.85
N GLY H 352 -59.29 5.86 -5.12
CA GLY H 352 -59.24 7.05 -5.98
C GLY H 352 -60.61 7.60 -6.33
N GLU H 353 -60.60 8.71 -7.06
CA GLU H 353 -61.80 9.44 -7.45
C GLU H 353 -61.82 9.52 -8.96
N THR H 354 -63.02 9.54 -9.54
CA THR H 354 -63.18 9.76 -10.98
C THR H 354 -64.55 10.36 -11.29
N GLN H 355 -64.67 10.87 -12.50
CA GLN H 355 -65.89 11.50 -12.98
C GLN H 355 -66.34 10.88 -14.31
N PRO H 356 -67.66 10.86 -14.59
CA PRO H 356 -68.09 10.56 -15.95
C PRO H 356 -67.71 11.64 -16.95
N THR H 357 -67.75 11.31 -18.25
CA THR H 357 -67.52 12.31 -19.32
C THR H 357 -68.71 12.43 -20.25
N GLY H 358 -68.63 13.44 -21.12
CA GLY H 358 -69.69 13.72 -22.08
C GLY H 358 -70.75 14.28 -21.17
N GLN H 359 -71.95 13.75 -21.30
CA GLN H 359 -73.04 14.05 -20.42
C GLN H 359 -73.63 12.67 -20.06
N ILE H 360 -72.85 11.80 -19.43
CA ILE H 360 -73.29 10.47 -18.98
C ILE H 360 -73.63 10.53 -17.49
N LYS H 361 -74.91 10.66 -17.11
CA LYS H 361 -75.31 10.62 -15.70
C LYS H 361 -75.41 9.15 -15.25
N ILE H 362 -74.90 8.85 -14.07
CA ILE H 362 -75.10 7.53 -13.44
C ILE H 362 -76.38 7.55 -12.61
N LYS H 363 -77.38 6.75 -13.03
CA LYS H 363 -78.67 6.70 -12.34
C LYS H 363 -78.55 6.05 -10.95
N ARG H 364 -79.39 6.46 -10.01
CA ARG H 364 -79.34 5.96 -8.62
C ARG H 364 -79.60 4.45 -8.50
N GLU H 365 -80.56 3.97 -9.29
CA GLU H 365 -80.81 2.54 -9.54
C GLU H 365 -79.54 1.67 -9.74
N ASP H 366 -78.54 2.21 -10.44
CA ASP H 366 -77.30 1.48 -10.76
C ASP H 366 -76.20 1.45 -9.68
N TYR H 367 -76.36 2.22 -8.61
CA TYR H 367 -75.34 2.32 -7.54
C TYR H 367 -74.99 0.95 -6.94
N GLU H 368 -76.01 0.13 -6.68
CA GLU H 368 -75.81 -1.23 -6.12
C GLU H 368 -74.86 -2.07 -6.97
N SER H 369 -74.94 -1.90 -8.30
CA SER H 369 -74.18 -2.72 -9.26
C SER H 369 -72.71 -2.36 -9.50
N LEU H 370 -72.27 -1.20 -9.04
CA LEU H 370 -70.94 -0.68 -9.40
C LEU H 370 -69.74 -1.42 -8.80
N PRO H 371 -69.85 -1.90 -7.55
CA PRO H 371 -68.77 -2.76 -7.02
C PRO H 371 -68.51 -4.01 -7.87
N LYS H 372 -69.57 -4.63 -8.37
CA LYS H 372 -69.50 -5.76 -9.32
C LYS H 372 -68.68 -5.37 -10.53
N GLU H 373 -68.96 -4.20 -11.11
CA GLU H 373 -68.26 -3.73 -12.31
C GLU H 373 -66.76 -3.54 -12.13
N VAL H 374 -66.35 -3.07 -10.95
CA VAL H 374 -64.92 -2.81 -10.66
C VAL H 374 -64.14 -4.12 -10.57
N ALA H 375 -64.68 -5.08 -9.82
CA ALA H 375 -64.11 -6.43 -9.72
C ALA H 375 -64.10 -7.16 -11.08
N SER H 376 -65.12 -6.90 -11.89
CA SER H 376 -65.24 -7.47 -13.23
C SER H 376 -64.24 -6.96 -14.26
N ALA H 377 -63.57 -5.84 -13.99
CA ALA H 377 -62.55 -5.33 -14.89
C ALA H 377 -61.38 -6.29 -14.96
N LYS H 378 -60.81 -6.42 -16.15
CA LYS H 378 -59.74 -7.35 -16.41
C LYS H 378 -58.52 -6.52 -16.79
N PRO H 379 -57.74 -6.06 -15.77
CA PRO H 379 -56.55 -5.24 -16.07
C PRO H 379 -55.41 -6.05 -16.61
N LYS H 380 -54.76 -5.62 -17.70
CA LYS H 380 -53.65 -6.31 -18.31
C LYS H 380 -52.36 -6.14 -17.45
N VAL H 381 -52.41 -6.65 -16.23
CA VAL H 381 -51.30 -6.61 -15.27
C VAL H 381 -51.36 -7.81 -14.35
N LEU H 382 -50.21 -8.43 -14.08
CA LEU H 382 -50.15 -9.62 -13.19
C LEU H 382 -50.44 -9.24 -11.75
N LEU H 383 -51.53 -9.77 -11.21
CA LEU H 383 -51.95 -9.47 -9.83
C LEU H 383 -51.58 -10.61 -8.91
N ASP H 384 -51.17 -10.29 -7.70
CA ASP H 384 -50.89 -11.28 -6.64
C ASP H 384 -52.21 -11.85 -6.08
N VAL H 385 -53.24 -10.98 -5.98
CA VAL H 385 -54.50 -11.29 -5.35
C VAL H 385 -55.68 -10.94 -6.27
N LYS H 386 -56.69 -11.81 -6.34
CA LYS H 386 -57.97 -11.49 -6.99
C LYS H 386 -58.91 -10.94 -5.92
N LEU H 387 -59.69 -9.92 -6.27
CA LEU H 387 -60.66 -9.30 -5.35
C LEU H 387 -62.09 -9.45 -5.84
N LYS H 388 -62.99 -9.88 -4.95
CA LYS H 388 -64.42 -10.04 -5.26
C LYS H 388 -65.14 -8.69 -5.10
N ALA H 389 -66.38 -8.62 -5.58
CA ALA H 389 -67.15 -7.36 -5.59
C ALA H 389 -67.52 -6.82 -4.21
N GLU H 390 -67.75 -7.70 -3.26
CA GLU H 390 -68.00 -7.33 -1.86
C GLU H 390 -66.82 -6.62 -1.18
N ASP H 391 -65.62 -6.76 -1.74
CA ASP H 391 -64.41 -6.06 -1.23
C ASP H 391 -64.39 -4.56 -1.58
N PHE H 392 -65.10 -4.16 -2.64
CA PHE H 392 -65.17 -2.76 -3.07
C PHE H 392 -66.39 -2.00 -2.52
N ILE H 393 -66.19 -0.72 -2.25
CA ILE H 393 -67.25 0.25 -2.02
C ILE H 393 -67.13 1.33 -3.07
N VAL H 394 -68.24 1.69 -3.69
CA VAL H 394 -68.26 2.77 -4.67
C VAL H 394 -69.31 3.77 -4.23
N ASP H 395 -68.85 4.97 -3.91
CA ASP H 395 -69.66 6.03 -3.35
C ASP H 395 -69.84 7.04 -4.48
N VAL H 396 -71.09 7.29 -4.88
CA VAL H 396 -71.34 8.25 -5.95
C VAL H 396 -71.95 9.48 -5.30
N ILE H 397 -71.45 10.65 -5.70
CA ILE H 397 -71.76 11.91 -5.03
C ILE H 397 -72.17 12.94 -6.07
N ASN H 398 -73.38 13.49 -5.89
CA ASN H 398 -73.87 14.52 -6.80
C ASN H 398 -73.59 15.90 -6.25
N MET H 399 -72.69 16.62 -6.91
CA MET H 399 -72.38 17.99 -6.55
C MET H 399 -73.20 18.87 -7.49
N ASP H 400 -74.01 19.76 -6.92
CA ASP H 400 -74.81 20.69 -7.70
C ASP H 400 -74.90 22.05 -6.99
N TYR H 401 -75.65 22.97 -7.61
CA TYR H 401 -75.95 24.26 -7.00
C TYR H 401 -77.34 24.23 -6.36
N GLY H 402 -77.72 23.08 -5.83
CA GLY H 402 -78.96 22.95 -5.07
C GLY H 402 -80.21 22.65 -5.85
N MET H 403 -80.16 22.71 -7.18
CA MET H 403 -81.36 22.53 -8.02
C MET H 403 -80.99 21.65 -9.19
N GLN H 404 -80.50 20.46 -8.85
CA GLN H 404 -80.02 19.52 -9.82
C GLN H 404 -79.23 20.26 -10.92
N GLU H 405 -79.66 20.17 -12.18
CA GLU H 405 -78.90 20.71 -13.30
C GLU H 405 -79.16 22.19 -13.56
N LYS H 406 -80.04 22.82 -12.80
CA LYS H 406 -80.40 24.23 -13.01
C LYS H 406 -79.52 25.21 -12.27
N ASN H 407 -79.43 26.40 -12.86
CA ASN H 407 -78.75 27.57 -12.30
C ASN H 407 -79.75 28.24 -11.39
N PRO H 408 -79.53 28.23 -10.07
CA PRO H 408 -80.51 28.83 -9.18
C PRO H 408 -80.63 30.35 -9.29
N ILE H 409 -79.63 31.00 -9.84
CA ILE H 409 -79.69 32.46 -10.03
C ILE H 409 -80.70 32.83 -11.12
N ASP H 410 -80.97 31.91 -12.05
CA ASP H 410 -82.07 32.09 -13.00
C ASP H 410 -83.44 32.07 -12.31
N HIS H 411 -83.51 31.57 -11.10
CA HIS H 411 -84.72 31.64 -10.27
C HIS H 411 -84.65 32.65 -9.11
N VAL H 412 -83.90 33.75 -9.28
CA VAL H 412 -83.85 34.85 -8.32
C VAL H 412 -84.34 36.10 -9.04
N SER H 413 -85.13 36.89 -8.33
CA SER H 413 -85.61 38.18 -8.81
C SER H 413 -84.73 39.28 -8.23
N PHE H 414 -84.42 40.27 -9.05
CA PHE H 414 -83.57 41.39 -8.66
C PHE H 414 -84.29 42.74 -8.75
N TYR H 415 -83.72 43.79 -8.19
CA TYR H 415 -84.26 45.15 -8.34
C TYR H 415 -83.15 46.18 -8.52
N CYS H 416 -83.47 47.34 -9.06
CA CYS H 416 -82.49 48.41 -9.29
C CYS H 416 -82.70 49.59 -8.41
N LYS H 417 -81.63 50.35 -8.18
CA LYS H 417 -81.69 51.54 -7.34
C LYS H 417 -82.73 52.51 -7.87
N THR H 418 -82.73 52.65 -9.19
CA THR H 418 -83.61 53.57 -9.92
C THR H 418 -85.09 53.21 -9.91
N ALA H 419 -85.45 51.94 -9.65
CA ALA H 419 -86.84 51.45 -9.65
C ALA H 419 -86.98 50.27 -8.70
N PRO H 420 -87.03 50.56 -7.39
CA PRO H 420 -86.91 49.52 -6.39
C PRO H 420 -88.13 48.62 -6.19
N ASN H 421 -89.27 48.94 -6.83
CA ASN H 421 -90.41 48.01 -6.79
C ASN H 421 -90.56 47.13 -8.01
N ARG H 422 -89.74 47.41 -9.01
CA ARG H 422 -89.79 46.71 -10.28
C ARG H 422 -88.77 45.59 -10.30
N ALA H 423 -89.28 44.37 -10.20
CA ALA H 423 -88.45 43.16 -10.23
C ALA H 423 -87.98 42.83 -11.62
N ILE H 424 -86.79 42.25 -11.72
CA ILE H 424 -86.18 41.86 -12.99
C ILE H 424 -85.42 40.56 -12.87
N ARG H 425 -84.97 40.03 -13.99
CA ARG H 425 -84.15 38.80 -14.02
C ARG H 425 -82.78 39.19 -14.56
N ILE H 426 -81.75 38.44 -14.16
CA ILE H 426 -80.41 38.65 -14.64
C ILE H 426 -79.89 37.28 -15.07
N THR H 427 -79.53 37.16 -16.34
CA THR H 427 -79.06 35.88 -16.89
C THR H 427 -77.60 35.70 -16.56
N LYS H 428 -77.05 34.54 -16.90
CA LYS H 428 -75.64 34.29 -16.65
C LYS H 428 -74.73 35.16 -17.50
N ASN H 429 -75.07 35.30 -18.79
CA ASN H 429 -74.29 36.11 -19.74
C ASN H 429 -74.14 37.58 -19.35
N GLN H 430 -75.16 38.10 -18.68
CA GLN H 430 -75.14 39.47 -18.19
C GLN H 430 -74.14 39.70 -17.06
N VAL H 431 -73.66 38.64 -16.40
CA VAL H 431 -72.79 38.76 -15.21
C VAL H 431 -71.31 38.56 -15.53
N SER H 432 -70.96 37.37 -16.02
CA SER H 432 -69.56 37.01 -16.23
C SER H 432 -69.38 35.76 -17.09
N GLN H 433 -68.34 35.81 -17.92
CA GLN H 433 -67.90 34.65 -18.70
C GLN H 433 -67.07 33.64 -17.86
N LEU H 434 -66.63 34.05 -16.66
CA LEU H 434 -65.87 33.17 -15.78
C LEU H 434 -66.71 32.33 -14.81
N LEU H 435 -68.03 32.31 -14.99
CA LEU H 435 -68.91 31.50 -14.16
C LEU H 435 -68.92 30.07 -14.66
N PRO H 436 -69.50 29.14 -13.89
CA PRO H 436 -69.53 27.75 -14.34
C PRO H 436 -70.38 27.51 -15.58
N GLU H 437 -69.98 26.53 -16.38
CA GLU H 437 -70.69 26.18 -17.60
C GLU H 437 -71.89 25.32 -17.24
N LYS H 438 -71.64 24.28 -16.45
CA LYS H 438 -72.67 23.39 -15.89
C LYS H 438 -72.92 23.74 -14.42
N PHE H 439 -74.04 23.25 -13.88
CA PHE H 439 -74.34 23.43 -12.44
C PHE H 439 -74.57 22.13 -11.68
N ALA H 440 -74.17 21.01 -12.27
CA ALA H 440 -74.15 19.74 -11.58
C ALA H 440 -73.10 18.82 -12.20
N GLU H 441 -72.61 17.91 -11.38
CA GLU H 441 -71.63 16.90 -11.80
C GLU H 441 -71.63 15.77 -10.80
N GLN H 442 -70.92 14.71 -11.12
CA GLN H 442 -70.88 13.53 -10.27
C GLN H 442 -69.46 13.18 -9.95
N LEU H 443 -69.22 12.74 -8.71
CA LEU H 443 -67.93 12.25 -8.28
C LEU H 443 -68.10 10.82 -7.86
N ILE H 444 -67.17 9.97 -8.30
CA ILE H 444 -67.19 8.56 -7.96
C ILE H 444 -65.93 8.24 -7.20
N ARG H 445 -66.09 7.89 -5.93
CA ARG H 445 -64.98 7.49 -5.08
C ARG H 445 -65.06 5.99 -4.91
N VAL H 446 -63.93 5.32 -5.05
CA VAL H 446 -63.84 3.88 -4.86
C VAL H 446 -62.94 3.61 -3.66
N TYR H 447 -63.37 2.74 -2.77
CA TYR H 447 -62.58 2.31 -1.63
C TYR H 447 -62.47 0.81 -1.65
N CYS H 448 -61.53 0.26 -0.88
CA CYS H 448 -61.35 -1.18 -0.77
C CYS H 448 -61.41 -1.59 0.69
N LYS H 449 -62.20 -2.61 1.00
CA LYS H 449 -62.34 -3.09 2.39
C LYS H 449 -61.12 -3.84 2.92
N LYS H 450 -60.32 -4.43 2.03
CA LYS H 450 -59.09 -5.07 2.43
C LYS H 450 -57.96 -4.03 2.50
N VAL H 451 -57.32 -3.99 3.67
CA VAL H 451 -56.44 -2.89 4.08
C VAL H 451 -54.96 -3.11 3.66
N ASP H 452 -54.51 -4.36 3.63
CA ASP H 452 -53.11 -4.76 3.36
C ASP H 452 -52.46 -4.24 2.07
N ARG H 453 -51.11 -4.17 2.07
CA ARG H 453 -50.34 -3.59 0.96
C ARG H 453 -50.64 -4.28 -0.40
N LYS H 454 -50.80 -5.61 -0.39
CA LYS H 454 -51.02 -6.41 -1.61
C LYS H 454 -52.40 -6.16 -2.22
N SER H 455 -53.44 -6.11 -1.40
CA SER H 455 -54.82 -5.91 -1.87
C SER H 455 -55.07 -4.48 -2.38
N LEU H 456 -54.44 -3.52 -1.73
CA LEU H 456 -54.53 -2.13 -2.14
C LEU H 456 -53.92 -1.91 -3.54
N TYR H 457 -52.76 -2.54 -3.80
CA TYR H 457 -52.15 -2.50 -5.14
C TYR H 457 -53.15 -3.05 -6.19
N ALA H 458 -53.75 -4.19 -5.87
CA ALA H 458 -54.68 -4.84 -6.79
C ALA H 458 -55.89 -3.95 -7.04
N ALA H 459 -56.46 -3.44 -5.96
CA ALA H 459 -57.62 -2.55 -6.01
C ALA H 459 -57.39 -1.38 -6.95
N ARG H 460 -56.21 -0.76 -6.84
CA ARG H 460 -55.82 0.35 -7.72
C ARG H 460 -55.82 -0.03 -9.20
N GLN H 461 -55.39 -1.24 -9.51
CA GLN H 461 -55.36 -1.71 -10.89
C GLN H 461 -56.78 -1.93 -11.41
N TYR H 462 -57.60 -2.63 -10.63
CA TYR H 462 -59.01 -2.80 -10.97
C TYR H 462 -59.69 -1.45 -11.24
N PHE H 463 -59.46 -0.49 -10.33
CA PHE H 463 -60.08 0.82 -10.41
C PHE H 463 -59.66 1.59 -11.66
N VAL H 464 -58.36 1.73 -11.89
CA VAL H 464 -57.87 2.56 -13.02
C VAL H 464 -58.27 1.92 -14.35
N GLN H 465 -58.41 0.60 -14.37
CA GLN H 465 -58.91 -0.11 -15.54
C GLN H 465 -60.37 0.21 -15.73
N TRP H 466 -61.16 -0.01 -14.70
CA TRP H 466 -62.60 0.28 -14.72
C TRP H 466 -62.91 1.68 -15.23
N CYS H 467 -62.04 2.64 -14.88
CA CYS H 467 -62.12 4.01 -15.40
C CYS H 467 -61.91 4.06 -16.90
N ALA H 468 -60.89 3.38 -17.39
CA ALA H 468 -60.64 3.30 -18.83
C ALA H 468 -61.78 2.58 -19.56
N ASP H 469 -62.25 1.48 -18.96
CA ASP H 469 -63.35 0.67 -19.53
C ASP H 469 -64.62 1.48 -19.74
N ARG H 470 -64.94 2.39 -18.82
CA ARG H 470 -66.19 3.16 -18.90
C ARG H 470 -66.05 4.58 -19.44
N ASN H 471 -64.89 4.85 -20.04
CA ASN H 471 -64.54 6.17 -20.56
C ASN H 471 -64.74 7.30 -19.52
N PHE H 472 -64.33 7.03 -18.28
CA PHE H 472 -64.29 8.03 -17.22
C PHE H 472 -62.99 8.84 -17.28
N THR H 473 -62.89 9.88 -16.46
CA THR H 473 -61.70 10.72 -16.41
C THR H 473 -60.57 9.98 -15.77
N LYS H 474 -59.34 10.33 -16.17
CA LYS H 474 -58.15 9.74 -15.60
C LYS H 474 -58.02 10.16 -14.16
N PRO H 475 -57.88 9.19 -13.22
CA PRO H 475 -57.59 9.59 -11.86
C PRO H 475 -56.36 10.50 -11.79
N GLN H 476 -56.42 11.52 -10.94
CA GLN H 476 -55.34 12.53 -10.83
C GLN H 476 -53.98 11.89 -10.61
N ASP H 477 -53.96 10.93 -9.68
CA ASP H 477 -52.77 10.15 -9.35
C ASP H 477 -52.57 8.87 -10.22
N GLY H 478 -53.25 8.79 -11.36
CA GLY H 478 -53.41 7.55 -12.10
C GLY H 478 -52.13 6.97 -12.67
N ASP H 479 -51.27 7.85 -13.17
CA ASP H 479 -49.97 7.45 -13.72
C ASP H 479 -49.05 6.86 -12.66
N VAL H 480 -49.24 7.26 -11.42
CA VAL H 480 -48.44 6.76 -10.30
C VAL H 480 -48.96 5.42 -9.78
N ILE H 481 -50.26 5.36 -9.45
CA ILE H 481 -50.84 4.15 -8.83
C ILE H 481 -50.98 2.94 -9.75
N ALA H 482 -51.12 3.20 -11.06
CA ALA H 482 -51.29 2.16 -12.05
C ALA H 482 -50.58 2.56 -13.35
N PRO H 483 -49.24 2.57 -13.33
CA PRO H 483 -48.46 3.09 -14.46
C PRO H 483 -48.50 2.15 -15.68
N LEU H 484 -48.82 0.87 -15.45
CA LEU H 484 -48.93 -0.11 -16.52
C LEU H 484 -50.30 -0.03 -17.23
N ILE H 485 -51.30 0.58 -16.60
CA ILE H 485 -52.66 0.68 -17.17
C ILE H 485 -52.96 1.97 -17.92
N THR H 486 -52.42 3.11 -17.48
CA THR H 486 -52.75 4.42 -18.09
C THR H 486 -52.33 4.61 -19.57
N PRO H 487 -51.20 4.01 -20.02
CA PRO H 487 -50.95 4.16 -21.47
C PRO H 487 -51.94 3.41 -22.38
N GLN H 488 -52.54 2.33 -21.90
CA GLN H 488 -53.61 1.57 -22.62
C GLN H 488 -54.66 2.48 -23.30
N LYS H 489 -55.11 3.53 -22.61
CA LYS H 489 -56.15 4.41 -23.14
C LYS H 489 -55.56 5.53 -24.00
N LYS H 490 -55.93 5.54 -25.29
CA LYS H 490 -55.49 6.57 -26.26
C LYS H 490 -55.91 7.98 -25.82
N GLU H 491 -57.16 8.09 -25.34
CA GLU H 491 -57.75 9.35 -24.93
C GLU H 491 -57.02 10.08 -23.77
N TRP H 492 -56.27 9.36 -22.94
CA TRP H 492 -55.51 9.98 -21.82
C TRP H 492 -54.11 10.52 -22.19
N ASN H 493 -53.65 10.30 -23.42
CA ASN H 493 -52.34 10.83 -23.86
C ASN H 493 -52.34 12.19 -24.59
N MET I 9 36.67 -24.51 -19.69
CA MET I 9 37.15 -25.80 -20.24
C MET I 9 37.79 -26.66 -19.18
N LYS I 10 37.62 -27.96 -19.31
CA LYS I 10 38.23 -28.92 -18.37
C LYS I 10 39.47 -29.52 -18.99
N VAL I 11 40.55 -29.55 -18.23
CA VAL I 11 41.79 -30.17 -18.70
C VAL I 11 41.99 -31.50 -18.02
N ILE I 12 42.45 -32.49 -18.77
CA ILE I 12 42.62 -33.85 -18.27
C ILE I 12 43.91 -34.44 -18.83
N ASN I 13 44.68 -35.15 -18.00
CA ASN I 13 46.05 -35.57 -18.37
C ASN I 13 46.15 -37.06 -18.74
N ASP I 14 46.12 -37.28 -20.04
CA ASP I 14 46.38 -38.56 -20.67
C ASP I 14 47.89 -38.73 -20.87
N PRO I 15 48.45 -39.89 -20.53
CA PRO I 15 49.89 -40.08 -20.70
C PRO I 15 50.35 -40.18 -22.14
N ILE I 16 49.45 -40.44 -23.07
CA ILE I 16 49.82 -40.49 -24.48
C ILE I 16 49.82 -39.13 -25.07
N HIS I 17 48.71 -38.41 -24.94
CA HIS I 17 48.50 -37.16 -25.68
C HIS I 17 48.80 -35.90 -24.92
N GLY I 18 48.97 -35.99 -23.61
CA GLY I 18 49.29 -34.83 -22.80
C GLY I 18 48.02 -34.28 -22.17
N HIS I 19 47.98 -32.96 -22.00
CA HIS I 19 46.82 -32.31 -21.39
C HIS I 19 45.77 -32.01 -22.45
N ILE I 20 44.73 -32.82 -22.47
CA ILE I 20 43.61 -32.65 -23.37
C ILE I 20 42.64 -31.61 -22.80
N GLU I 21 42.12 -30.73 -23.66
CA GLU I 21 41.03 -29.84 -23.26
C GLU I 21 39.70 -30.48 -23.63
N LEU I 22 38.74 -30.43 -22.71
CA LEU I 22 37.40 -31.00 -22.92
C LEU I 22 36.33 -29.92 -22.82
N HIS I 23 35.64 -29.74 -23.93
CA HIS I 23 34.48 -28.86 -24.01
C HIS I 23 33.36 -29.31 -23.05
N PRO I 24 32.62 -28.36 -22.45
CA PRO I 24 31.61 -28.70 -21.43
C PRO I 24 30.61 -29.77 -21.85
N LEU I 25 30.19 -29.72 -23.11
CA LEU I 25 29.32 -30.72 -23.71
C LEU I 25 29.93 -32.11 -23.68
N LEU I 26 31.23 -32.20 -23.96
CA LEU I 26 31.92 -33.49 -23.91
C LEU I 26 32.02 -34.00 -22.49
N VAL I 27 32.32 -33.11 -21.55
CA VAL I 27 32.38 -33.46 -20.13
C VAL I 27 31.06 -34.05 -19.68
N ARG I 28 29.99 -33.45 -20.16
CA ARG I 28 28.65 -33.84 -19.81
C ARG I 28 28.30 -35.23 -20.34
N ILE I 29 28.79 -35.54 -21.54
CA ILE I 29 28.67 -36.86 -22.15
C ILE I 29 29.53 -37.88 -21.43
N ILE I 30 30.77 -37.50 -21.12
CA ILE I 30 31.71 -38.37 -20.40
C ILE I 30 31.18 -38.82 -19.05
N ASN I 31 30.63 -37.89 -18.28
CA ASN I 31 30.14 -38.17 -16.93
C ASN I 31 28.74 -38.80 -16.91
N THR I 32 28.63 -39.97 -17.52
CA THR I 32 27.41 -40.75 -17.59
C THR I 32 27.74 -42.22 -17.40
N PRO I 33 26.80 -43.03 -16.88
CA PRO I 33 27.07 -44.46 -16.73
C PRO I 33 27.43 -45.19 -18.01
N GLN I 34 26.90 -44.72 -19.14
CA GLN I 34 27.08 -45.40 -20.42
C GLN I 34 28.51 -45.27 -20.93
N PHE I 35 29.11 -44.12 -20.62
CA PHE I 35 30.49 -43.81 -20.99
C PHE I 35 31.47 -44.33 -19.93
N GLN I 36 31.22 -44.05 -18.66
CA GLN I 36 32.13 -44.46 -17.58
C GLN I 36 32.26 -45.98 -17.52
N ARG I 37 31.24 -46.68 -18.00
CA ARG I 37 31.30 -48.12 -18.26
C ARG I 37 32.61 -48.57 -18.91
N LEU I 38 33.11 -47.78 -19.83
CA LEU I 38 34.33 -48.12 -20.54
C LEU I 38 35.57 -48.18 -19.66
N ARG I 39 35.51 -47.64 -18.44
CA ARG I 39 36.59 -47.84 -17.48
C ARG I 39 36.80 -49.29 -17.09
N TYR I 40 35.78 -50.12 -17.30
CA TYR I 40 35.78 -51.50 -16.84
C TYR I 40 35.82 -52.49 -18.01
N ILE I 41 36.35 -52.06 -19.14
CA ILE I 41 36.56 -52.94 -20.29
C ILE I 41 37.99 -52.76 -20.81
N LYS I 42 38.79 -53.82 -20.79
CA LYS I 42 40.19 -53.73 -21.21
C LYS I 42 40.28 -53.62 -22.71
N GLN I 43 41.26 -52.84 -23.17
CA GLN I 43 41.44 -52.56 -24.59
C GLN I 43 41.78 -53.83 -25.31
N LEU I 44 42.77 -54.56 -24.75
CA LEU I 44 43.31 -55.74 -25.42
C LEU I 44 42.84 -57.04 -24.80
N GLY I 45 41.68 -57.01 -24.16
CA GLY I 45 41.05 -58.20 -23.58
C GLY I 45 42.02 -59.13 -22.86
N GLY I 46 42.12 -60.34 -23.41
CA GLY I 46 43.00 -61.39 -22.88
C GLY I 46 44.49 -61.12 -23.01
N GLY I 47 44.86 -60.17 -23.85
CA GLY I 47 46.24 -59.71 -23.98
C GLY I 47 46.90 -59.30 -22.68
N TYR I 48 46.13 -58.79 -21.72
CA TYR I 48 46.67 -58.49 -20.39
C TYR I 48 47.32 -59.71 -19.75
N TYR I 49 46.77 -60.89 -20.03
CA TYR I 49 47.28 -62.15 -19.49
C TYR I 49 48.55 -62.67 -20.21
N VAL I 50 49.02 -61.91 -21.21
CA VAL I 50 50.33 -62.14 -21.85
C VAL I 50 51.27 -60.93 -21.72
N PHE I 51 50.75 -59.73 -21.95
CA PHE I 51 51.51 -58.49 -21.75
C PHE I 51 51.04 -57.83 -20.48
N PRO I 52 51.76 -58.01 -19.37
CA PRO I 52 51.24 -57.50 -18.11
C PRO I 52 51.16 -55.97 -18.05
N GLY I 53 51.76 -55.28 -19.02
CA GLY I 53 51.55 -53.82 -19.09
C GLY I 53 50.16 -53.37 -19.54
N ALA I 54 49.46 -54.24 -20.28
CA ALA I 54 48.23 -53.92 -21.02
C ALA I 54 46.94 -53.92 -20.18
N SER I 55 47.04 -53.23 -19.05
CA SER I 55 45.95 -52.96 -18.10
C SER I 55 44.97 -51.92 -18.60
N HIS I 56 45.38 -51.15 -19.62
CA HIS I 56 44.60 -50.04 -20.15
C HIS I 56 43.23 -50.44 -20.68
N ASN I 57 42.27 -49.54 -20.44
CA ASN I 57 40.86 -49.72 -20.72
C ASN I 57 40.35 -48.80 -21.83
N ARG I 58 39.15 -49.09 -22.34
CA ARG I 58 38.56 -48.35 -23.46
C ARG I 58 38.31 -46.88 -23.16
N PHE I 59 37.91 -46.59 -21.93
CA PHE I 59 37.72 -45.22 -21.47
C PHE I 59 38.78 -44.26 -22.02
N GLU I 60 40.05 -44.57 -21.73
CA GLU I 60 41.13 -43.66 -22.08
C GLU I 60 41.45 -43.66 -23.58
N HIS I 61 41.28 -44.79 -24.25
CA HIS I 61 41.32 -44.84 -25.74
C HIS I 61 40.25 -43.89 -26.29
N SER I 62 39.04 -44.01 -25.74
CA SER I 62 37.91 -43.20 -26.17
C SER I 62 38.22 -41.70 -26.02
N LEU I 63 38.78 -41.28 -24.89
CA LEU I 63 39.20 -39.87 -24.73
C LEU I 63 40.20 -39.43 -25.81
N GLY I 64 41.18 -40.27 -26.07
CA GLY I 64 42.21 -39.97 -27.04
C GLY I 64 41.72 -39.87 -28.47
N VAL I 65 40.78 -40.73 -28.84
CA VAL I 65 40.23 -40.68 -30.18
C VAL I 65 39.42 -39.40 -30.34
N GLY I 66 38.68 -39.05 -29.29
CA GLY I 66 37.99 -37.77 -29.24
C GLY I 66 38.96 -36.61 -29.40
N TYR I 67 40.08 -36.69 -28.69
CA TYR I 67 41.10 -35.64 -28.77
C TYR I 67 41.70 -35.49 -30.17
N LEU I 68 42.09 -36.60 -30.78
CA LEU I 68 42.73 -36.56 -32.08
C LEU I 68 41.77 -36.18 -33.18
N ALA I 69 40.51 -36.58 -33.03
CA ALA I 69 39.49 -36.14 -33.96
C ALA I 69 39.42 -34.62 -33.99
N GLY I 70 39.44 -34.01 -32.81
CA GLY I 70 39.51 -32.54 -32.68
C GLY I 70 40.75 -31.96 -33.33
N CYS I 71 41.90 -32.59 -33.11
CA CYS I 71 43.15 -32.08 -33.66
C CYS I 71 43.10 -31.99 -35.15
N LEU I 72 42.63 -33.06 -35.78
CA LEU I 72 42.68 -33.16 -37.24
C LEU I 72 41.68 -32.19 -37.87
N VAL I 73 40.45 -32.17 -37.37
CA VAL I 73 39.44 -31.28 -37.94
C VAL I 73 39.78 -29.81 -37.69
N HIS I 74 40.34 -29.49 -36.52
CA HIS I 74 40.73 -28.12 -36.20
C HIS I 74 41.92 -27.70 -37.06
N ALA I 75 42.84 -28.63 -37.34
CA ALA I 75 43.99 -28.34 -38.19
C ALA I 75 43.60 -28.07 -39.62
N LEU I 76 42.70 -28.88 -40.17
CA LEU I 76 42.22 -28.67 -41.52
C LEU I 76 41.56 -27.31 -41.63
N GLY I 77 40.83 -26.92 -40.59
CA GLY I 77 40.16 -25.63 -40.52
C GLY I 77 41.10 -24.44 -40.54
N GLU I 78 42.16 -24.48 -39.76
CA GLU I 78 43.12 -23.36 -39.73
C GLU I 78 43.82 -23.26 -41.07
N LYS I 79 44.31 -24.38 -41.61
CA LYS I 79 45.04 -24.38 -42.87
C LYS I 79 44.12 -23.96 -44.07
N GLN I 80 42.83 -24.30 -44.03
CA GLN I 80 41.90 -24.05 -45.17
C GLN I 80 40.56 -23.47 -44.71
N PRO I 81 40.49 -22.13 -44.51
CA PRO I 81 39.23 -21.51 -44.09
C PRO I 81 38.13 -21.66 -45.12
N GLU I 82 38.48 -21.73 -46.39
CA GLU I 82 37.53 -21.99 -47.48
C GLU I 82 36.56 -23.15 -47.24
N LEU I 83 36.97 -24.12 -46.43
CA LEU I 83 36.13 -25.27 -46.12
C LEU I 83 34.92 -24.98 -45.24
N GLN I 84 35.00 -23.86 -44.51
CA GLN I 84 33.93 -23.39 -43.63
C GLN I 84 33.54 -24.48 -42.64
N ILE I 85 34.55 -24.90 -41.88
CA ILE I 85 34.37 -25.87 -40.84
C ILE I 85 33.90 -25.06 -39.66
N SER I 86 32.70 -25.36 -39.15
CA SER I 86 32.12 -24.62 -38.02
C SER I 86 32.50 -25.22 -36.69
N GLU I 87 32.38 -24.44 -35.61
CA GLU I 87 32.60 -24.96 -34.26
C GLU I 87 31.57 -26.05 -33.91
N ARG I 88 30.45 -26.01 -34.63
CA ARG I 88 29.48 -27.07 -34.56
C ARG I 88 30.01 -28.37 -35.17
N ASP I 89 30.62 -28.28 -36.36
CA ASP I 89 31.21 -29.44 -37.01
C ASP I 89 32.30 -30.07 -36.12
N VAL I 90 33.13 -29.22 -35.51
CA VAL I 90 34.24 -29.67 -34.66
C VAL I 90 33.73 -30.46 -33.47
N LEU I 91 32.73 -29.90 -32.80
CA LEU I 91 32.13 -30.59 -31.67
C LEU I 91 31.55 -31.93 -32.04
N CYS I 92 30.89 -32.00 -33.18
CA CYS I 92 30.28 -33.26 -33.61
C CYS I 92 31.32 -34.33 -33.90
N VAL I 93 32.41 -33.93 -34.54
CA VAL I 93 33.52 -34.85 -34.84
C VAL I 93 34.15 -35.35 -33.53
N GLN I 94 34.36 -34.44 -32.58
CA GLN I 94 34.85 -34.82 -31.25
C GLN I 94 33.93 -35.80 -30.53
N ILE I 95 32.63 -35.52 -30.57
CA ILE I 95 31.66 -36.39 -29.91
C ILE I 95 31.69 -37.78 -30.53
N ALA I 96 31.79 -37.85 -31.85
CA ALA I 96 31.88 -39.14 -32.52
C ALA I 96 33.11 -39.90 -32.07
N GLY I 97 34.25 -39.23 -32.14
CA GLY I 97 35.50 -39.82 -31.71
C GLY I 97 35.43 -40.33 -30.28
N LEU I 98 34.85 -39.52 -29.41
CA LEU I 98 34.70 -39.84 -28.01
C LEU I 98 33.84 -41.08 -27.78
N CYS I 99 32.74 -41.15 -28.53
CA CYS I 99 31.74 -42.22 -28.37
C CYS I 99 31.89 -43.40 -29.34
N HIS I 100 33.00 -43.47 -30.07
CA HIS I 100 33.08 -44.36 -31.24
C HIS I 100 33.12 -45.83 -30.85
N ASP I 101 33.71 -46.11 -29.68
CA ASP I 101 33.82 -47.48 -29.18
C ASP I 101 32.90 -47.76 -28.00
N LEU I 102 31.93 -46.88 -27.76
CA LEU I 102 30.92 -47.08 -26.69
C LEU I 102 30.28 -48.45 -26.55
N GLY I 103 30.17 -49.18 -27.67
CA GLY I 103 29.52 -50.48 -27.73
C GLY I 103 30.39 -51.72 -27.64
N HIS I 104 31.63 -51.59 -27.20
CA HIS I 104 32.47 -52.77 -27.01
C HIS I 104 31.96 -53.56 -25.82
N GLY I 105 32.08 -54.88 -25.93
CA GLY I 105 31.66 -55.77 -24.85
C GLY I 105 32.75 -56.10 -23.89
N PRO I 106 32.48 -57.02 -22.94
CA PRO I 106 33.51 -57.53 -22.07
C PRO I 106 34.68 -58.08 -22.89
N PHE I 107 35.89 -57.70 -22.48
CA PHE I 107 37.12 -58.05 -23.17
C PHE I 107 37.12 -57.64 -24.67
N SER I 108 36.58 -56.46 -24.93
CA SER I 108 36.61 -55.81 -26.23
C SER I 108 36.29 -56.72 -27.43
N HIS I 109 37.32 -57.13 -28.19
CA HIS I 109 37.08 -57.79 -29.48
C HIS I 109 36.77 -59.26 -29.31
N MET I 110 37.13 -59.82 -28.16
CA MET I 110 36.69 -61.16 -27.81
C MET I 110 35.17 -61.28 -27.90
N PHE I 111 34.46 -60.25 -27.45
CA PHE I 111 32.99 -60.26 -27.42
C PHE I 111 32.36 -60.27 -28.80
N ASP I 112 32.66 -59.28 -29.63
CA ASP I 112 32.07 -59.20 -30.97
C ASP I 112 32.72 -60.14 -31.98
N GLY I 113 33.93 -60.59 -31.68
CA GLY I 113 34.72 -61.41 -32.60
C GLY I 113 34.67 -62.90 -32.36
N ARG I 114 34.55 -63.33 -31.10
CA ARG I 114 34.49 -64.75 -30.75
C ARG I 114 33.16 -65.16 -30.14
N PHE I 115 32.76 -64.49 -29.07
CA PHE I 115 31.59 -64.89 -28.27
C PHE I 115 30.24 -64.78 -28.96
N ILE I 116 29.88 -63.59 -29.40
CA ILE I 116 28.57 -63.39 -30.01
C ILE I 116 28.39 -64.25 -31.27
N PRO I 117 29.41 -64.34 -32.14
CA PRO I 117 29.27 -65.26 -33.26
C PRO I 117 29.02 -66.72 -32.89
N LEU I 118 29.51 -67.18 -31.74
CA LEU I 118 29.24 -68.56 -31.28
C LEU I 118 27.93 -68.64 -30.53
N ALA I 119 27.68 -67.70 -29.64
CA ALA I 119 26.46 -67.71 -28.82
C ALA I 119 25.19 -67.47 -29.60
N ARG I 120 25.26 -66.63 -30.63
CA ARG I 120 24.09 -66.24 -31.42
C ARG I 120 24.44 -66.12 -32.89
N PRO I 121 24.64 -67.28 -33.57
CA PRO I 121 25.06 -67.32 -34.97
C PRO I 121 24.10 -66.66 -35.95
N GLU I 122 22.82 -66.61 -35.59
CA GLU I 122 21.80 -65.95 -36.41
C GLU I 122 22.03 -64.45 -36.63
N VAL I 123 22.64 -63.75 -35.66
CA VAL I 123 22.76 -62.29 -35.69
C VAL I 123 24.03 -61.86 -36.43
N LYS I 124 23.97 -60.71 -37.10
CA LYS I 124 25.16 -60.03 -37.61
C LYS I 124 25.28 -58.75 -36.76
N TRP I 125 26.12 -58.80 -35.73
CA TRP I 125 26.32 -57.70 -34.75
C TRP I 125 27.79 -57.33 -34.61
N THR I 126 28.07 -56.03 -34.45
CA THR I 126 29.43 -55.49 -34.34
C THR I 126 29.54 -54.48 -33.17
N HIS I 127 30.78 -54.19 -32.75
CA HIS I 127 31.03 -53.21 -31.67
C HIS I 127 30.44 -51.85 -32.06
N GLU I 128 30.51 -51.53 -33.36
CA GLU I 128 30.07 -50.24 -33.89
C GLU I 128 28.57 -50.08 -33.81
N GLN I 129 27.84 -51.10 -34.24
CA GLN I 129 26.37 -51.07 -34.15
C GLN I 129 25.95 -50.85 -32.72
N GLY I 130 26.65 -51.50 -31.80
CA GLY I 130 26.44 -51.29 -30.38
C GLY I 130 26.70 -49.87 -29.95
N SER I 131 27.75 -49.26 -30.49
CA SER I 131 28.07 -47.87 -30.17
C SER I 131 26.95 -46.90 -30.55
N VAL I 132 26.40 -47.07 -31.74
CA VAL I 132 25.27 -46.26 -32.17
C VAL I 132 24.11 -46.39 -31.21
N MET I 133 23.75 -47.63 -30.88
CA MET I 133 22.64 -47.89 -29.96
C MET I 133 22.92 -47.33 -28.56
N MET I 134 24.13 -47.57 -28.07
CA MET I 134 24.52 -47.10 -26.76
C MET I 134 24.64 -45.58 -26.74
N PHE I 135 24.99 -44.97 -27.87
CA PHE I 135 25.02 -43.50 -27.95
C PHE I 135 23.63 -42.90 -27.81
N GLU I 136 22.67 -43.46 -28.57
CA GLU I 136 21.25 -43.12 -28.44
C GLU I 136 20.80 -43.23 -26.99
N HIS I 137 21.08 -44.37 -26.35
CA HIS I 137 20.69 -44.59 -24.95
C HIS I 137 21.33 -43.55 -24.01
N LEU I 138 22.58 -43.20 -24.26
CA LEU I 138 23.29 -42.20 -23.45
C LEU I 138 22.62 -40.85 -23.53
N ILE I 139 22.30 -40.42 -24.75
CA ILE I 139 21.68 -39.13 -25.01
C ILE I 139 20.32 -39.02 -24.32
N ASN I 140 19.51 -40.05 -24.49
CA ASN I 140 18.12 -40.03 -24.01
C ASN I 140 18.07 -40.15 -22.51
N SER I 141 18.78 -41.10 -21.94
CA SER I 141 18.75 -41.31 -20.50
C SER I 141 19.44 -40.19 -19.68
N ASN I 142 20.22 -39.30 -20.30
CA ASN I 142 20.91 -38.23 -19.55
C ASN I 142 20.55 -36.79 -19.95
N GLY I 143 19.55 -36.60 -20.80
CA GLY I 143 19.09 -35.27 -21.19
C GLY I 143 20.17 -34.41 -21.84
N ILE I 144 20.85 -35.00 -22.80
CA ILE I 144 21.96 -34.35 -23.47
C ILE I 144 21.45 -33.41 -24.54
N LYS I 145 20.33 -33.78 -25.18
CA LYS I 145 19.76 -33.01 -26.29
C LYS I 145 19.60 -31.50 -26.00
N PRO I 146 19.07 -31.11 -24.82
CA PRO I 146 19.07 -29.71 -24.40
C PRO I 146 20.45 -29.05 -24.39
N VAL I 147 21.43 -29.79 -23.91
CA VAL I 147 22.80 -29.29 -23.78
C VAL I 147 23.44 -29.12 -25.16
N MET I 148 23.16 -30.04 -26.08
CA MET I 148 23.64 -29.91 -27.46
C MET I 148 23.15 -28.60 -28.07
N GLU I 149 21.85 -28.34 -27.93
CA GLU I 149 21.22 -27.10 -28.42
C GLU I 149 21.87 -25.89 -27.80
N GLN I 150 22.06 -25.92 -26.49
CA GLN I 150 22.71 -24.83 -25.75
C GLN I 150 24.04 -24.41 -26.38
N TYR I 151 24.80 -25.37 -26.89
CA TYR I 151 26.09 -25.09 -27.53
C TYR I 151 26.03 -25.09 -29.06
N GLY I 152 24.88 -24.77 -29.63
CA GLY I 152 24.74 -24.52 -31.06
C GLY I 152 24.58 -25.73 -31.96
N LEU I 153 24.34 -26.90 -31.40
CA LEU I 153 24.11 -28.09 -32.22
C LEU I 153 22.62 -28.22 -32.55
N ILE I 154 22.33 -28.99 -33.58
CA ILE I 154 20.98 -29.28 -34.02
C ILE I 154 20.75 -30.80 -33.96
N PRO I 155 20.21 -31.29 -32.83
CA PRO I 155 20.08 -32.74 -32.59
C PRO I 155 19.55 -33.57 -33.74
N GLU I 156 18.52 -33.10 -34.44
CA GLU I 156 17.99 -33.83 -35.60
C GLU I 156 19.11 -34.21 -36.58
N GLU I 157 19.78 -33.20 -37.10
CA GLU I 157 20.85 -33.36 -38.10
C GLU I 157 22.11 -33.98 -37.51
N ASP I 158 22.53 -33.47 -36.36
CA ASP I 158 23.85 -33.81 -35.81
C ASP I 158 23.96 -35.18 -35.16
N ILE I 159 22.93 -35.64 -34.46
CA ILE I 159 22.93 -37.00 -33.90
C ILE I 159 23.02 -38.03 -35.02
N CYS I 160 22.44 -37.74 -36.16
CA CYS I 160 22.60 -38.59 -37.33
C CYS I 160 24.05 -38.56 -37.81
N PHE I 161 24.61 -37.37 -37.93
CA PHE I 161 26.00 -37.17 -38.35
C PHE I 161 26.99 -37.92 -37.46
N ILE I 162 26.77 -37.86 -36.15
CA ILE I 162 27.61 -38.55 -35.19
C ILE I 162 27.52 -40.07 -35.38
N LYS I 163 26.30 -40.59 -35.47
CA LYS I 163 26.10 -42.02 -35.70
C LYS I 163 26.72 -42.47 -37.02
N GLU I 164 26.57 -41.63 -38.04
CA GLU I 164 27.13 -41.92 -39.36
C GLU I 164 28.65 -41.98 -39.36
N GLN I 165 29.28 -41.12 -38.57
CA GLN I 165 30.74 -41.16 -38.40
C GLN I 165 31.21 -42.49 -37.84
N ILE I 166 30.39 -43.09 -36.98
CA ILE I 166 30.75 -44.32 -36.29
C ILE I 166 30.57 -45.58 -37.14
N VAL I 167 29.36 -45.80 -37.67
CA VAL I 167 29.03 -47.05 -38.38
C VAL I 167 28.96 -46.96 -39.89
N GLY I 168 29.09 -45.75 -40.44
CA GLY I 168 28.89 -45.56 -41.88
C GLY I 168 27.45 -45.18 -42.14
N PRO I 169 27.00 -45.33 -43.39
CA PRO I 169 25.65 -44.84 -43.68
C PRO I 169 24.56 -45.70 -43.05
N LEU I 170 23.59 -45.06 -42.43
CA LEU I 170 22.39 -45.75 -41.95
C LEU I 170 21.45 -46.28 -43.07
N GLU I 171 21.71 -45.99 -44.35
CA GLU I 171 20.94 -46.46 -45.51
C GLU I 171 19.42 -46.37 -45.46
N LEU I 178 25.09 -42.35 -55.77
CA LEU I 178 24.68 -41.11 -55.09
C LEU I 178 25.19 -40.98 -53.66
N TRP I 179 25.12 -39.78 -53.11
CA TRP I 179 25.64 -39.44 -51.77
C TRP I 179 24.86 -40.12 -50.66
N PRO I 180 25.48 -41.12 -50.00
CA PRO I 180 24.73 -41.92 -49.02
C PRO I 180 24.44 -41.29 -47.65
N TYR I 181 25.00 -40.12 -47.33
CA TYR I 181 24.87 -39.58 -45.97
C TYR I 181 23.78 -38.52 -45.87
N LYS I 182 22.98 -38.62 -44.80
CA LYS I 182 21.94 -37.65 -44.46
C LYS I 182 22.44 -36.59 -43.48
N GLY I 183 23.53 -36.84 -42.77
CA GLY I 183 23.98 -35.96 -41.68
C GLY I 183 24.72 -34.70 -42.14
N ARG I 184 25.44 -34.80 -43.25
CA ARG I 184 26.14 -33.67 -43.83
C ARG I 184 26.18 -33.77 -45.35
N PRO I 185 26.25 -32.63 -46.05
CA PRO I 185 26.35 -32.63 -47.51
C PRO I 185 27.71 -33.09 -48.07
N GLU I 186 27.76 -33.26 -49.39
CA GLU I 186 28.98 -33.71 -50.09
C GLU I 186 30.19 -32.78 -49.93
N ASN I 187 29.92 -31.49 -49.75
CA ASN I 187 31.00 -30.49 -49.57
C ASN I 187 31.67 -30.57 -48.20
N LYS I 188 31.19 -31.47 -47.35
CA LYS I 188 31.85 -31.78 -46.10
C LYS I 188 32.07 -33.28 -45.91
N SER I 189 32.30 -34.00 -47.00
CA SER I 189 32.57 -35.45 -46.92
C SER I 189 33.84 -35.77 -46.16
N PHE I 190 34.80 -34.85 -46.18
CA PHE I 190 36.04 -35.04 -45.47
C PHE I 190 35.86 -35.28 -43.98
N LEU I 191 34.81 -34.73 -43.39
CA LEU I 191 34.53 -34.99 -41.98
C LEU I 191 34.26 -36.47 -41.66
N TYR I 192 33.74 -37.22 -42.62
CA TYR I 192 33.52 -38.66 -42.42
C TYR I 192 34.79 -39.51 -42.44
N GLU I 193 35.88 -38.94 -42.94
CA GLU I 193 37.17 -39.62 -42.99
C GLU I 193 38.06 -39.45 -41.73
N ILE I 194 37.56 -38.81 -40.67
CA ILE I 194 38.38 -38.55 -39.48
C ILE I 194 38.34 -39.69 -38.45
N VAL I 195 37.16 -40.04 -37.98
CA VAL I 195 37.02 -41.00 -36.89
C VAL I 195 37.09 -42.45 -37.36
N SER I 196 36.42 -42.75 -38.46
CA SER I 196 36.40 -44.12 -39.01
C SER I 196 36.29 -44.03 -40.53
N ASN I 197 37.44 -44.19 -41.18
CA ASN I 197 37.59 -43.91 -42.60
C ASN I 197 37.22 -45.16 -43.38
N LYS I 198 36.06 -45.13 -44.03
CA LYS I 198 35.58 -46.27 -44.81
C LYS I 198 36.29 -46.41 -46.15
N ARG I 199 36.87 -45.34 -46.65
CA ARG I 199 37.49 -45.31 -47.97
C ARG I 199 38.78 -46.14 -47.98
N ASN I 200 39.67 -45.84 -47.04
CA ASN I 200 41.00 -46.47 -46.95
C ASN I 200 41.45 -46.95 -45.57
N GLY I 201 40.77 -46.53 -44.50
CA GLY I 201 41.11 -46.98 -43.16
C GLY I 201 42.06 -46.08 -42.38
N ILE I 202 42.56 -45.01 -42.99
CA ILE I 202 43.45 -44.07 -42.31
C ILE I 202 42.58 -43.14 -41.46
N ASP I 203 42.50 -43.42 -40.16
CA ASP I 203 41.66 -42.68 -39.21
C ASP I 203 42.35 -42.49 -37.84
N VAL I 204 41.76 -41.66 -37.00
CA VAL I 204 42.38 -41.36 -35.71
C VAL I 204 42.17 -42.47 -34.67
N ASP I 205 41.20 -43.38 -34.86
CA ASP I 205 41.06 -44.56 -34.01
C ASP I 205 42.42 -45.27 -34.03
N LYS I 206 42.93 -45.53 -35.24
CA LYS I 206 44.23 -46.18 -35.42
C LYS I 206 45.33 -45.43 -34.73
N TRP I 207 45.35 -44.11 -34.90
CA TRP I 207 46.49 -43.33 -34.45
C TRP I 207 46.61 -43.40 -32.96
N ASP I 208 45.47 -43.33 -32.27
CA ASP I 208 45.47 -43.40 -30.82
C ASP I 208 45.94 -44.78 -30.37
N TYR I 209 45.31 -45.84 -30.85
CA TYR I 209 45.63 -47.16 -30.30
C TYR I 209 47.06 -47.64 -30.64
N PHE I 210 47.62 -47.19 -31.75
CA PHE I 210 49.04 -47.47 -32.00
C PHE I 210 49.87 -46.92 -30.84
N ALA I 211 49.73 -45.62 -30.61
CA ALA I 211 50.47 -44.92 -29.59
C ALA I 211 50.18 -45.51 -28.21
N ARG I 212 48.91 -45.76 -27.92
CA ARG I 212 48.49 -46.19 -26.61
C ARG I 212 48.88 -47.62 -26.32
N ASP I 213 48.59 -48.52 -27.26
CA ASP I 213 48.85 -49.95 -27.05
C ASP I 213 50.35 -50.13 -26.91
N CYS I 214 51.12 -49.49 -27.78
CA CYS I 214 52.59 -49.53 -27.66
C CYS I 214 53.11 -49.09 -26.28
N HIS I 215 52.56 -48.01 -25.78
CA HIS I 215 52.99 -47.46 -24.50
C HIS I 215 52.85 -48.49 -23.39
N HIS I 216 51.70 -49.17 -23.39
CA HIS I 216 51.36 -50.14 -22.35
C HIS I 216 51.94 -51.54 -22.66
N LEU I 217 52.02 -51.92 -23.93
CA LEU I 217 52.54 -53.26 -24.29
C LEU I 217 54.01 -53.42 -23.96
N GLY I 218 54.75 -52.34 -24.23
CA GLY I 218 56.20 -52.37 -24.18
C GLY I 218 56.79 -52.66 -25.54
N ILE I 219 56.18 -52.11 -26.57
CA ILE I 219 56.68 -52.12 -27.93
C ILE I 219 56.77 -50.67 -28.34
N GLN I 220 57.73 -50.30 -29.16
CA GLN I 220 57.80 -48.91 -29.67
C GLN I 220 57.01 -48.83 -31.01
N ASN I 221 56.39 -47.67 -31.18
CA ASN I 221 55.49 -47.34 -32.28
C ASN I 221 56.31 -46.58 -33.33
N ASN I 222 56.21 -47.02 -34.57
CA ASN I 222 56.99 -46.44 -35.65
C ASN I 222 56.20 -45.45 -36.54
N PHE I 223 55.06 -44.93 -36.07
CA PHE I 223 54.17 -44.08 -36.91
C PHE I 223 53.93 -42.73 -36.29
N ASP I 224 54.15 -41.65 -37.07
CA ASP I 224 54.07 -40.29 -36.58
C ASP I 224 52.76 -39.65 -37.06
N TYR I 225 51.73 -39.66 -36.21
CA TYR I 225 50.42 -39.11 -36.60
C TYR I 225 50.47 -37.59 -36.72
N LYS I 226 51.25 -36.97 -35.85
CA LYS I 226 51.37 -35.51 -35.85
C LYS I 226 51.88 -34.99 -37.17
N ARG I 227 52.85 -35.70 -37.73
CA ARG I 227 53.43 -35.37 -39.03
C ARG I 227 52.38 -35.50 -40.12
N PHE I 228 51.60 -36.56 -40.08
CA PHE I 228 50.57 -36.76 -41.11
C PHE I 228 49.57 -35.61 -41.14
N ILE I 229 49.22 -35.13 -39.94
CA ILE I 229 48.32 -33.99 -39.81
C ILE I 229 48.94 -32.72 -40.41
N LYS I 230 50.22 -32.48 -40.19
CA LYS I 230 50.86 -31.31 -40.79
C LYS I 230 50.82 -31.31 -42.31
N PHE I 231 50.80 -32.48 -42.94
CA PHE I 231 50.77 -32.57 -44.39
C PHE I 231 49.45 -33.12 -44.91
N ALA I 232 48.38 -32.84 -44.19
CA ALA I 232 47.06 -33.26 -44.62
C ALA I 232 46.37 -32.05 -45.17
N ARG I 233 45.43 -32.28 -46.08
CA ARG I 233 44.80 -31.21 -46.81
C ARG I 233 43.57 -31.75 -47.54
N VAL I 234 42.54 -30.92 -47.68
CA VAL I 234 41.31 -31.30 -48.39
C VAL I 234 41.39 -30.83 -49.82
N CYS I 235 41.11 -31.73 -50.77
CA CYS I 235 41.08 -31.42 -52.21
C CYS I 235 39.85 -32.02 -52.82
N GLU I 236 39.50 -31.57 -54.03
CA GLU I 236 38.37 -32.13 -54.74
C GLU I 236 38.82 -33.44 -55.41
N VAL I 237 38.03 -34.49 -55.24
CA VAL I 237 38.25 -35.78 -55.89
C VAL I 237 36.90 -36.34 -56.31
N ASP I 238 36.65 -36.49 -57.61
CA ASP I 238 35.38 -37.03 -58.13
C ASP I 238 34.18 -36.31 -57.52
N ASN I 239 34.13 -35.00 -57.72
CA ASN I 239 33.01 -34.13 -57.33
C ASN I 239 32.67 -34.14 -55.82
N GLU I 240 33.71 -34.34 -55.01
CA GLU I 240 33.58 -34.59 -53.57
C GLU I 240 34.85 -34.10 -52.87
N LEU I 241 34.73 -33.43 -51.73
CA LEU I 241 35.90 -32.90 -51.00
C LEU I 241 36.48 -33.90 -49.98
N ARG I 242 37.64 -34.48 -50.26
CA ARG I 242 38.26 -35.52 -49.42
C ARG I 242 39.61 -35.08 -48.85
N ILE I 243 40.04 -35.77 -47.81
CA ILE I 243 41.36 -35.54 -47.22
C ILE I 243 42.40 -36.20 -48.11
N CYS I 244 43.49 -35.47 -48.33
CA CYS I 244 44.62 -35.93 -49.12
C CYS I 244 45.90 -35.74 -48.34
N ALA I 245 46.84 -36.65 -48.56
CA ALA I 245 48.17 -36.56 -47.95
C ALA I 245 49.15 -36.04 -48.97
N ARG I 246 50.28 -35.55 -48.53
CA ARG I 246 51.26 -35.08 -49.47
C ARG I 246 51.97 -36.26 -50.15
N ASP I 247 52.38 -36.06 -51.41
CA ASP I 247 53.09 -37.08 -52.21
C ASP I 247 54.21 -37.80 -51.45
N LYS I 248 55.01 -37.05 -50.72
CA LYS I 248 56.13 -37.62 -49.97
C LYS I 248 55.72 -38.58 -48.82
N GLU I 249 54.55 -38.38 -48.25
CA GLU I 249 54.08 -39.27 -47.19
C GLU I 249 53.68 -40.69 -47.62
N VAL I 250 53.63 -40.97 -48.92
CA VAL I 250 53.17 -42.29 -49.38
C VAL I 250 53.92 -43.41 -48.69
N GLY I 251 55.22 -43.25 -48.50
CA GLY I 251 56.02 -44.26 -47.82
C GLY I 251 55.59 -44.48 -46.39
N ASN I 252 55.39 -43.39 -45.66
CA ASN I 252 54.96 -43.44 -44.26
C ASN I 252 53.58 -44.07 -44.10
N LEU I 253 52.73 -43.93 -45.12
CA LEU I 253 51.42 -44.55 -45.11
C LEU I 253 51.49 -46.07 -45.31
N TYR I 254 52.36 -46.56 -46.20
CA TYR I 254 52.56 -48.00 -46.30
C TYR I 254 53.08 -48.53 -44.96
N ASP I 255 53.97 -47.76 -44.31
CA ASP I 255 54.54 -48.16 -43.03
C ASP I 255 53.51 -48.11 -41.90
N MET I 256 52.48 -47.27 -42.04
CA MET I 256 51.38 -47.27 -41.07
C MET I 256 50.69 -48.64 -41.05
N PHE I 257 50.38 -49.18 -42.21
CA PHE I 257 49.70 -50.47 -42.27
C PHE I 257 50.63 -51.62 -41.91
N HIS I 258 51.92 -51.44 -42.17
CA HIS I 258 52.94 -52.40 -41.73
C HIS I 258 52.96 -52.46 -40.19
N THR I 259 53.05 -51.28 -39.57
CA THR I 259 52.99 -51.15 -38.12
C THR I 259 51.76 -51.86 -37.55
N ARG I 260 50.62 -51.67 -38.19
CA ARG I 260 49.37 -52.30 -37.77
C ARG I 260 49.50 -53.81 -37.79
N ASN I 261 49.94 -54.33 -38.92
CA ASN I 261 50.08 -55.77 -39.13
C ASN I 261 51.08 -56.33 -38.13
N SER I 262 52.13 -55.57 -37.90
CA SER I 262 53.16 -55.95 -36.97
C SER I 262 52.63 -56.04 -35.51
N LEU I 263 51.82 -55.07 -35.10
CA LEU I 263 51.16 -55.13 -33.78
C LEU I 263 50.20 -56.30 -33.62
N HIS I 264 49.53 -56.67 -34.72
CA HIS I 264 48.69 -57.85 -34.70
C HIS I 264 49.49 -59.12 -34.54
N ARG I 265 50.63 -59.20 -35.25
CA ARG I 265 51.44 -60.39 -35.20
C ARG I 265 52.05 -60.56 -33.84
N ARG I 266 52.63 -59.49 -33.30
CA ARG I 266 53.29 -59.59 -32.01
C ARG I 266 52.36 -59.70 -30.82
N ALA I 267 51.32 -58.87 -30.80
CA ALA I 267 50.50 -58.72 -29.60
C ALA I 267 49.08 -59.18 -29.75
N TYR I 268 48.32 -58.55 -30.64
CA TYR I 268 46.87 -58.75 -30.63
C TYR I 268 46.49 -60.20 -30.94
N GLN I 269 47.18 -60.80 -31.92
CA GLN I 269 46.99 -62.20 -32.27
C GLN I 269 48.05 -63.14 -31.69
N HIS I 270 48.59 -62.76 -30.52
CA HIS I 270 49.55 -63.62 -29.84
C HIS I 270 48.92 -64.97 -29.52
N LYS I 271 49.64 -66.03 -29.81
CA LYS I 271 49.11 -67.41 -29.71
C LYS I 271 48.44 -67.72 -28.36
N VAL I 272 49.00 -67.20 -27.27
CA VAL I 272 48.47 -67.44 -25.93
C VAL I 272 47.39 -66.43 -25.58
N GLY I 273 47.52 -65.21 -26.07
CA GLY I 273 46.48 -64.20 -25.90
C GLY I 273 45.18 -64.69 -26.48
N ASN I 274 45.27 -65.28 -27.68
CA ASN I 274 44.13 -65.85 -28.37
C ASN I 274 43.55 -67.07 -27.67
N ILE I 275 44.40 -67.93 -27.12
CA ILE I 275 43.89 -69.10 -26.42
C ILE I 275 43.20 -68.70 -25.11
N ILE I 276 43.69 -67.66 -24.47
CA ILE I 276 43.02 -67.16 -23.28
C ILE I 276 41.67 -66.54 -23.64
N ASP I 277 41.64 -65.83 -24.77
CA ASP I 277 40.37 -65.31 -25.29
C ASP I 277 39.39 -66.46 -25.56
N THR I 278 39.84 -67.53 -26.25
CA THR I 278 38.93 -68.67 -26.54
C THR I 278 38.47 -69.34 -25.23
N MET I 279 39.35 -69.45 -24.24
CA MET I 279 38.97 -70.03 -22.96
C MET I 279 37.98 -69.18 -22.19
N ILE I 280 38.14 -67.86 -22.22
CA ILE I 280 37.19 -66.98 -21.57
C ILE I 280 35.85 -67.01 -22.31
N THR I 281 35.89 -66.98 -23.64
CA THR I 281 34.69 -67.12 -24.47
C THR I 281 33.95 -68.41 -24.12
N ASP I 282 34.71 -69.50 -24.02
CA ASP I 282 34.16 -70.81 -23.69
C ASP I 282 33.44 -70.78 -22.34
N ALA I 283 34.08 -70.20 -21.34
CA ALA I 283 33.47 -70.04 -20.02
C ALA I 283 32.23 -69.16 -20.04
N PHE I 284 32.20 -68.17 -20.91
CA PHE I 284 31.01 -67.32 -21.07
C PHE I 284 29.87 -68.11 -21.67
N LEU I 285 30.16 -68.89 -22.70
CA LEU I 285 29.14 -69.75 -23.32
C LEU I 285 28.53 -70.71 -22.29
N LYS I 286 29.36 -71.29 -21.43
CA LYS I 286 28.87 -72.20 -20.39
C LYS I 286 28.14 -71.52 -19.27
N ALA I 287 28.47 -70.27 -19.01
CA ALA I 287 27.77 -69.48 -17.99
C ALA I 287 26.55 -68.76 -18.49
N ASP I 288 26.34 -68.74 -19.81
CA ASP I 288 25.35 -67.85 -20.44
C ASP I 288 23.98 -68.04 -19.86
N ASP I 289 23.54 -69.31 -19.87
CA ASP I 289 22.20 -69.72 -19.47
C ASP I 289 21.85 -69.34 -18.04
N TYR I 290 22.81 -69.31 -17.13
CA TYR I 290 22.50 -69.12 -15.71
C TYR I 290 22.83 -67.73 -15.17
N ILE I 291 23.28 -66.80 -16.01
CA ILE I 291 23.52 -65.43 -15.56
C ILE I 291 22.45 -64.51 -16.09
N GLU I 292 21.84 -63.78 -15.16
CA GLU I 292 20.78 -62.83 -15.44
C GLU I 292 21.31 -61.42 -15.25
N ILE I 293 20.97 -60.52 -16.15
CA ILE I 293 21.31 -59.10 -16.04
C ILE I 293 20.05 -58.28 -16.21
N THR I 294 19.76 -57.44 -15.21
CA THR I 294 18.54 -56.61 -15.18
C THR I 294 18.63 -55.54 -16.26
N GLY I 295 17.59 -55.49 -17.09
CA GLY I 295 17.50 -54.51 -18.18
C GLY I 295 16.42 -53.47 -17.95
N ALA I 296 15.83 -53.00 -19.04
CA ALA I 296 14.83 -51.96 -19.00
C ALA I 296 13.49 -52.56 -18.59
N GLY I 297 12.83 -51.87 -17.67
CA GLY I 297 11.59 -52.35 -17.06
C GLY I 297 11.75 -53.60 -16.24
N GLY I 298 12.95 -53.85 -15.72
CA GLY I 298 13.23 -55.05 -14.97
C GLY I 298 13.39 -56.37 -15.74
N LYS I 299 13.22 -56.37 -17.06
CA LYS I 299 13.29 -57.63 -17.85
C LYS I 299 14.67 -58.30 -17.66
N LYS I 300 14.70 -59.64 -17.68
CA LYS I 300 15.97 -60.35 -17.47
C LYS I 300 16.63 -60.68 -18.80
N TYR I 301 17.89 -60.31 -18.93
CA TYR I 301 18.69 -60.61 -20.14
C TYR I 301 19.91 -61.48 -19.76
N ARG I 302 20.34 -62.27 -20.74
CA ARG I 302 21.52 -63.12 -20.61
C ARG I 302 22.71 -62.35 -21.17
N ILE I 303 23.90 -62.90 -21.01
CA ILE I 303 25.12 -62.27 -21.52
C ILE I 303 24.99 -62.07 -23.02
N SER I 304 24.61 -63.12 -23.73
CA SER I 304 24.45 -63.06 -25.18
C SER I 304 23.32 -62.14 -25.67
N THR I 305 22.29 -61.92 -24.85
CA THR I 305 21.14 -61.12 -25.24
C THR I 305 21.13 -59.68 -24.70
N ALA I 306 22.12 -59.32 -23.88
CA ALA I 306 22.18 -57.96 -23.34
C ALA I 306 22.45 -56.95 -24.44
N ILE I 307 23.04 -57.37 -25.54
CA ILE I 307 23.21 -56.50 -26.71
C ILE I 307 21.90 -55.96 -27.29
N ASP I 308 20.79 -56.64 -27.01
CA ASP I 308 19.50 -56.19 -27.48
C ASP I 308 18.92 -55.02 -26.68
N ASP I 309 19.28 -54.91 -25.40
CA ASP I 309 18.80 -53.80 -24.55
C ASP I 309 19.94 -53.06 -23.83
N MET I 310 20.12 -51.79 -24.16
CA MET I 310 21.26 -51.01 -23.70
C MET I 310 21.29 -50.73 -22.21
N GLU I 311 20.14 -50.77 -21.53
CA GLU I 311 20.16 -50.58 -20.10
C GLU I 311 20.81 -51.77 -19.41
N ALA I 312 20.63 -52.95 -19.99
CA ALA I 312 21.29 -54.16 -19.51
C ALA I 312 22.76 -54.15 -19.86
N TYR I 313 23.05 -53.87 -21.12
CA TYR I 313 24.42 -53.81 -21.66
C TYR I 313 25.34 -52.83 -20.93
N THR I 314 24.77 -51.77 -20.37
CA THR I 314 25.47 -50.82 -19.53
C THR I 314 26.15 -51.51 -18.33
N LYS I 315 25.52 -52.56 -17.82
CA LYS I 315 26.03 -53.28 -16.66
C LYS I 315 26.88 -54.52 -17.05
N LEU I 316 27.08 -54.76 -18.34
CA LEU I 316 27.88 -55.88 -18.84
C LEU I 316 29.31 -55.46 -19.19
N THR I 317 30.26 -55.78 -18.31
CA THR I 317 31.65 -55.38 -18.43
C THR I 317 32.58 -56.56 -18.13
N ASP I 318 33.89 -56.31 -18.03
CA ASP I 318 34.86 -57.33 -17.65
C ASP I 318 34.55 -57.97 -16.31
N ASN I 319 33.84 -57.23 -15.43
CA ASN I 319 33.29 -57.78 -14.20
C ASN I 319 32.78 -59.20 -14.30
N ILE I 320 32.10 -59.49 -15.40
CA ILE I 320 31.43 -60.76 -15.60
C ILE I 320 32.38 -61.96 -15.43
N PHE I 321 33.65 -61.76 -15.78
CA PHE I 321 34.73 -62.72 -15.54
C PHE I 321 34.85 -63.02 -14.04
N LEU I 322 35.03 -61.99 -13.24
CA LEU I 322 35.20 -62.18 -11.80
C LEU I 322 33.93 -62.64 -11.09
N GLU I 323 32.77 -62.32 -11.68
CA GLU I 323 31.48 -62.77 -11.15
C GLU I 323 31.42 -64.29 -11.25
N ILE I 324 31.74 -64.82 -12.44
CA ILE I 324 31.84 -66.25 -12.66
C ILE I 324 32.89 -66.89 -11.77
N LEU I 325 34.07 -66.29 -11.70
CA LEU I 325 35.18 -66.87 -10.93
C LEU I 325 34.87 -66.96 -9.44
N TYR I 326 34.32 -65.90 -8.87
CA TYR I 326 34.01 -65.87 -7.45
C TYR I 326 32.70 -66.59 -7.05
N SER I 327 31.89 -67.01 -8.02
CA SER I 327 30.57 -67.60 -7.71
C SER I 327 30.67 -68.94 -7.02
N THR I 328 29.59 -69.26 -6.30
CA THR I 328 29.41 -70.56 -5.64
C THR I 328 28.22 -71.37 -6.18
N ASP I 329 27.42 -70.78 -7.07
CA ASP I 329 26.31 -71.51 -7.71
C ASP I 329 26.84 -72.77 -8.43
N PRO I 330 26.30 -73.96 -8.10
CA PRO I 330 26.75 -75.15 -8.82
C PRO I 330 26.38 -75.20 -10.31
N LYS I 331 25.42 -74.38 -10.75
CA LYS I 331 25.10 -74.29 -12.18
C LYS I 331 26.26 -73.72 -12.99
N LEU I 332 27.03 -72.83 -12.37
CA LEU I 332 28.20 -72.20 -12.98
C LEU I 332 29.52 -72.96 -12.76
N LYS I 333 29.49 -74.19 -12.26
CA LYS I 333 30.72 -74.92 -11.95
C LYS I 333 31.55 -75.18 -13.21
N ASP I 334 30.93 -75.54 -14.32
CA ASP I 334 31.64 -75.76 -15.58
C ASP I 334 32.40 -74.52 -16.06
N ALA I 335 31.75 -73.36 -16.00
CA ALA I 335 32.35 -72.09 -16.39
C ALA I 335 33.47 -71.68 -15.44
N ARG I 336 33.17 -71.71 -14.14
CA ARG I 336 34.15 -71.38 -13.10
C ARG I 336 35.41 -72.24 -13.16
N GLU I 337 35.29 -73.49 -13.59
CA GLU I 337 36.46 -74.38 -13.69
C GLU I 337 37.40 -73.95 -14.81
N ILE I 338 36.86 -73.46 -15.93
CA ILE I 338 37.69 -72.95 -17.01
C ILE I 338 38.48 -71.73 -16.55
N LEU I 339 37.81 -70.79 -15.91
CA LEU I 339 38.49 -69.59 -15.42
C LEU I 339 39.49 -69.88 -14.33
N LYS I 340 39.22 -70.89 -13.49
CA LYS I 340 40.19 -71.32 -12.49
C LYS I 340 41.42 -71.92 -13.16
N GLN I 341 41.23 -72.65 -14.27
CA GLN I 341 42.35 -73.18 -15.05
C GLN I 341 43.25 -72.09 -15.66
N ILE I 342 42.71 -70.91 -15.92
CA ILE I 342 43.50 -69.77 -16.38
C ILE I 342 44.37 -69.21 -15.24
N GLU I 343 43.79 -69.13 -14.04
CA GLU I 343 44.54 -68.65 -12.87
C GLU I 343 45.79 -69.50 -12.64
N TYR I 344 45.58 -70.83 -12.64
CA TYR I 344 46.64 -71.82 -12.41
C TYR I 344 47.59 -71.98 -13.60
N ARG I 345 47.17 -71.48 -14.75
CA ARG I 345 47.95 -71.47 -15.98
C ARG I 345 47.99 -72.84 -16.65
N ASN I 346 46.91 -73.61 -16.52
CA ASN I 346 46.71 -74.86 -17.28
C ASN I 346 45.91 -74.48 -18.49
N LEU I 347 46.59 -73.86 -19.43
CA LEU I 347 45.96 -73.41 -20.65
C LEU I 347 46.05 -74.51 -21.65
N PHE I 348 45.17 -74.46 -22.63
CA PHE I 348 45.23 -75.39 -23.75
C PHE I 348 46.59 -75.22 -24.45
N LYS I 349 47.22 -76.31 -24.83
CA LYS I 349 48.60 -76.23 -25.34
C LYS I 349 48.64 -75.92 -26.82
N TYR I 350 49.53 -75.01 -27.19
CA TYR I 350 49.73 -74.62 -28.58
C TYR I 350 50.52 -75.72 -29.27
N VAL I 351 50.02 -76.17 -30.40
CA VAL I 351 50.67 -77.23 -31.17
C VAL I 351 51.53 -76.66 -32.27
N GLY I 352 50.98 -75.71 -33.03
CA GLY I 352 51.73 -75.03 -34.10
C GLY I 352 50.86 -74.15 -34.98
N GLU I 353 51.52 -73.49 -35.92
CA GLU I 353 50.88 -72.55 -36.83
C GLU I 353 51.14 -73.00 -38.25
N THR I 354 50.21 -72.72 -39.15
CA THR I 354 50.41 -72.98 -40.58
C THR I 354 49.55 -72.07 -41.44
N GLN I 355 49.88 -72.03 -42.72
CA GLN I 355 49.19 -71.18 -43.69
C GLN I 355 48.72 -72.00 -44.90
N PRO I 356 47.61 -71.58 -45.54
CA PRO I 356 47.30 -72.17 -46.84
C PRO I 356 48.30 -71.77 -47.93
N THR I 357 48.29 -72.50 -49.04
CA THR I 357 49.10 -72.17 -50.22
C THR I 357 48.23 -71.95 -51.45
N GLY I 358 48.87 -71.47 -52.52
CA GLY I 358 48.21 -71.24 -53.78
C GLY I 358 47.40 -70.02 -53.45
N GLN I 359 46.11 -70.08 -53.79
CA GLN I 359 45.15 -69.08 -53.42
C GLN I 359 43.96 -69.87 -52.85
N ILE I 360 44.17 -70.64 -51.78
CA ILE I 360 43.10 -71.41 -51.12
C ILE I 360 42.61 -70.64 -49.89
N LYS I 361 41.53 -69.88 -49.97
CA LYS I 361 40.97 -69.18 -48.79
C LYS I 361 40.10 -70.14 -48.01
N ILE I 362 40.22 -70.16 -46.69
CA ILE I 362 39.34 -70.95 -45.82
C ILE I 362 38.12 -70.11 -45.44
N LYS I 363 36.93 -70.49 -45.89
CA LYS I 363 35.69 -69.75 -45.63
C LYS I 363 35.29 -69.87 -44.15
N ARG I 364 34.63 -68.85 -43.61
CA ARG I 364 34.23 -68.81 -42.17
C ARG I 364 33.28 -69.94 -41.77
N GLU I 365 32.33 -70.22 -42.64
CA GLU I 365 31.45 -71.42 -42.57
C GLU I 365 32.18 -72.73 -42.20
N ASP I 366 33.40 -72.93 -42.70
CA ASP I 366 34.17 -74.17 -42.48
C ASP I 366 34.96 -74.26 -41.16
N TYR I 367 35.05 -73.16 -40.39
CA TYR I 367 35.83 -73.13 -39.15
C TYR I 367 35.39 -74.22 -38.17
N GLU I 368 34.07 -74.40 -38.00
CA GLU I 368 33.50 -75.43 -37.11
C GLU I 368 34.04 -76.83 -37.41
N SER I 369 34.26 -77.13 -38.69
CA SER I 369 34.65 -78.47 -39.16
C SER I 369 36.12 -78.87 -39.03
N LEU I 370 37.01 -77.89 -38.78
CA LEU I 370 38.46 -78.13 -38.84
C LEU I 370 39.04 -79.02 -37.75
N PRO I 371 38.53 -78.94 -36.50
CA PRO I 371 38.95 -79.91 -35.49
C PRO I 371 38.72 -81.37 -35.88
N LYS I 372 37.58 -81.65 -36.53
CA LYS I 372 37.26 -82.96 -37.10
C LYS I 372 38.34 -83.40 -38.06
N GLU I 373 38.75 -82.51 -38.96
CA GLU I 373 39.77 -82.83 -39.96
C GLU I 373 41.13 -83.20 -39.38
N VAL I 374 41.53 -82.56 -38.28
CA VAL I 374 42.84 -82.79 -37.66
C VAL I 374 42.87 -84.18 -37.01
N ALA I 375 41.83 -84.51 -36.25
CA ALA I 375 41.68 -85.84 -35.64
C ALA I 375 41.55 -86.95 -36.71
N SER I 376 40.91 -86.61 -37.83
CA SER I 376 40.75 -87.53 -38.96
C SER I 376 42.03 -87.86 -39.73
N ALA I 377 43.09 -87.09 -39.55
CA ALA I 377 44.37 -87.40 -40.20
C ALA I 377 44.93 -88.70 -39.65
N LYS I 378 45.56 -89.47 -40.54
CA LYS I 378 46.07 -90.79 -40.20
C LYS I 378 47.59 -90.71 -40.36
N PRO I 379 48.32 -90.26 -39.32
CA PRO I 379 49.79 -90.14 -39.43
C PRO I 379 50.47 -91.50 -39.36
N LYS I 380 51.41 -91.78 -40.28
CA LYS I 380 52.04 -93.11 -40.34
C LYS I 380 53.11 -93.26 -39.23
N VAL I 381 52.67 -93.14 -37.97
CA VAL I 381 53.54 -93.13 -36.78
C VAL I 381 52.81 -93.73 -35.60
N LEU I 382 53.51 -94.55 -34.80
CA LEU I 382 52.92 -95.21 -33.64
C LEU I 382 52.59 -94.21 -32.54
N LEU I 383 51.30 -94.09 -32.23
CA LEU I 383 50.82 -93.17 -31.19
C LEU I 383 50.48 -93.95 -29.94
N ASP I 384 50.76 -93.37 -28.77
CA ASP I 384 50.32 -93.93 -27.49
C ASP I 384 48.81 -93.77 -27.26
N VAL I 385 48.28 -92.64 -27.71
CA VAL I 385 46.89 -92.20 -27.45
C VAL I 385 46.23 -91.78 -28.78
N LYS I 386 44.96 -92.15 -28.97
CA LYS I 386 44.12 -91.61 -30.05
C LYS I 386 43.38 -90.39 -29.48
N LEU I 387 43.25 -89.33 -30.29
CA LEU I 387 42.59 -88.08 -29.87
C LEU I 387 41.35 -87.80 -30.72
N LYS I 388 40.24 -87.48 -30.07
CA LYS I 388 38.97 -87.15 -30.73
C LYS I 388 38.96 -85.67 -31.14
N ALA I 389 38.01 -85.29 -31.99
CA ALA I 389 37.94 -83.93 -32.55
C ALA I 389 37.67 -82.82 -31.53
N GLU I 390 36.89 -83.13 -30.51
CA GLU I 390 36.64 -82.21 -29.38
C GLU I 390 37.89 -81.85 -28.58
N ASP I 391 38.97 -82.63 -28.69
CA ASP I 391 40.26 -82.34 -28.06
C ASP I 391 41.04 -81.21 -28.74
N PHE I 392 40.78 -80.97 -30.02
CA PHE I 392 41.45 -79.92 -30.80
C PHE I 392 40.67 -78.60 -30.86
N ILE I 393 41.41 -77.49 -30.87
CA ILE I 393 40.91 -76.17 -31.25
C ILE I 393 41.70 -75.68 -32.43
N VAL I 394 41.02 -75.16 -33.43
CA VAL I 394 41.69 -74.59 -34.60
C VAL I 394 41.19 -73.17 -34.77
N ASP I 395 42.10 -72.23 -34.64
CA ASP I 395 41.82 -70.80 -34.66
C ASP I 395 42.33 -70.29 -36.00
N VAL I 396 41.45 -69.72 -36.80
CA VAL I 396 41.86 -69.17 -38.09
C VAL I 396 41.81 -67.66 -38.01
N ILE I 397 42.85 -67.02 -38.52
CA ILE I 397 43.08 -65.59 -38.34
C ILE I 397 43.39 -64.94 -39.67
N ASN I 398 42.61 -63.92 -40.02
CA ASN I 398 42.81 -63.18 -41.27
C ASN I 398 43.64 -61.94 -41.04
N MET I 399 44.86 -61.94 -41.53
CA MET I 399 45.73 -60.76 -41.47
C MET I 399 45.61 -60.05 -42.79
N ASP I 400 45.26 -58.76 -42.75
CA ASP I 400 45.19 -57.94 -43.97
C ASP I 400 45.64 -56.51 -43.70
N TYR I 401 45.56 -55.67 -44.72
CA TYR I 401 45.82 -54.24 -44.59
C TYR I 401 44.49 -53.47 -44.45
N GLY I 402 43.51 -54.08 -43.82
CA GLY I 402 42.26 -53.43 -43.51
C GLY I 402 41.17 -53.44 -44.56
N MET I 403 41.49 -53.90 -45.77
CA MET I 403 40.53 -53.90 -46.88
C MET I 403 40.63 -55.22 -47.61
N GLN I 404 40.43 -56.27 -46.84
CA GLN I 404 40.58 -57.63 -47.33
C GLN I 404 41.78 -57.73 -48.26
N GLU I 405 41.58 -58.09 -49.53
CA GLU I 405 42.70 -58.33 -50.44
C GLU I 405 43.25 -57.10 -51.13
N LYS I 406 42.65 -55.94 -50.88
CA LYS I 406 43.05 -54.68 -51.52
C LYS I 406 44.15 -53.92 -50.81
N ASN I 407 44.91 -53.17 -51.61
CA ASN I 407 45.97 -52.28 -51.15
C ASN I 407 45.26 -50.96 -50.82
N PRO I 408 45.20 -50.57 -49.53
CA PRO I 408 44.50 -49.36 -49.19
C PRO I 408 45.14 -48.08 -49.70
N ILE I 409 46.41 -48.11 -50.03
CA ILE I 409 47.09 -46.94 -50.58
C ILE I 409 46.60 -46.61 -51.98
N ASP I 410 46.10 -47.62 -52.71
CA ASP I 410 45.41 -47.37 -53.98
C ASP I 410 44.11 -46.59 -53.80
N HIS I 411 43.58 -46.56 -52.58
CA HIS I 411 42.43 -45.71 -52.24
C HIS I 411 42.76 -44.46 -51.39
N VAL I 412 43.96 -43.91 -51.57
CA VAL I 412 44.37 -42.64 -50.94
C VAL I 412 44.67 -41.63 -52.04
N SER I 413 44.23 -40.41 -51.83
CA SER I 413 44.51 -39.30 -52.76
C SER I 413 45.69 -38.50 -52.21
N PHE I 414 46.57 -38.06 -53.11
CA PHE I 414 47.77 -37.32 -52.74
C PHE I 414 47.81 -35.93 -53.38
N TYR I 415 48.70 -35.06 -52.92
CA TYR I 415 48.91 -33.74 -53.56
C TYR I 415 50.38 -33.36 -53.62
N CYS I 416 50.75 -32.44 -54.51
CA CYS I 416 52.16 -32.02 -54.65
C CYS I 416 52.37 -30.61 -54.18
N LYS I 417 53.60 -30.31 -53.81
CA LYS I 417 53.95 -28.97 -53.33
C LYS I 417 53.63 -27.93 -54.40
N THR I 418 53.95 -28.28 -55.63
CA THR I 418 53.78 -27.43 -56.81
C THR I 418 52.33 -27.15 -57.22
N ALA I 419 51.38 -27.99 -56.80
CA ALA I 419 49.94 -27.85 -57.13
C ALA I 419 49.07 -28.45 -56.04
N PRO I 420 48.93 -27.71 -54.94
CA PRO I 420 48.36 -28.29 -53.73
C PRO I 420 46.85 -28.51 -53.72
N ASN I 421 46.13 -28.03 -54.74
CA ASN I 421 44.70 -28.34 -54.85
C ASN I 421 44.38 -29.46 -55.82
N ARG I 422 45.40 -29.92 -56.53
CA ARG I 422 45.25 -30.95 -57.53
C ARG I 422 45.61 -32.30 -56.93
N ALA I 423 44.57 -33.11 -56.71
CA ALA I 423 44.70 -34.45 -56.17
C ALA I 423 45.20 -35.42 -57.22
N ILE I 424 45.97 -36.41 -56.78
CA ILE I 424 46.54 -37.43 -57.67
C ILE I 424 46.54 -38.80 -57.00
N ARG I 425 46.88 -39.83 -57.77
CA ARG I 425 47.04 -41.17 -57.26
C ARG I 425 48.47 -41.59 -57.37
N ILE I 426 48.91 -42.49 -56.49
CA ILE I 426 50.26 -43.04 -56.55
C ILE I 426 50.10 -44.55 -56.44
N THR I 427 50.58 -45.26 -57.46
CA THR I 427 50.47 -46.73 -57.50
C THR I 427 51.57 -47.35 -56.66
N LYS I 428 51.54 -48.66 -56.51
CA LYS I 428 52.59 -49.35 -55.76
C LYS I 428 53.93 -49.28 -56.48
N ASN I 429 53.92 -49.50 -57.80
CA ASN I 429 55.16 -49.46 -58.61
C ASN I 429 55.91 -48.15 -58.57
N GLN I 430 55.18 -47.06 -58.41
CA GLN I 430 55.76 -45.73 -58.30
C GLN I 430 56.53 -45.52 -57.00
N VAL I 431 56.33 -46.37 -55.98
CA VAL I 431 56.94 -46.18 -54.65
C VAL I 431 58.17 -47.05 -54.42
N SER I 432 57.99 -48.37 -54.46
CA SER I 432 59.06 -49.31 -54.13
C SER I 432 58.76 -50.74 -54.55
N GLN I 433 59.82 -51.43 -54.97
CA GLN I 433 59.76 -52.86 -55.25
C GLN I 433 59.85 -53.72 -53.96
N LEU I 434 60.22 -53.11 -52.83
CA LEU I 434 60.29 -53.82 -51.56
C LEU I 434 58.98 -53.84 -50.75
N LEU I 435 57.88 -53.40 -51.34
CA LEU I 435 56.57 -53.44 -50.67
C LEU I 435 55.97 -54.81 -50.81
N PRO I 436 54.88 -55.08 -50.08
CA PRO I 436 54.27 -56.42 -50.13
C PRO I 436 53.67 -56.77 -51.47
N GLU I 437 53.69 -58.04 -51.83
CA GLU I 437 53.12 -58.54 -53.09
C GLU I 437 51.61 -58.68 -52.90
N LYS I 438 51.21 -59.34 -51.82
CA LYS I 438 49.82 -59.50 -51.41
C LYS I 438 49.50 -58.56 -50.24
N PHE I 439 48.21 -58.35 -49.99
CA PHE I 439 47.77 -57.56 -48.83
C PHE I 439 46.82 -58.28 -47.89
N ALA I 440 46.75 -59.60 -48.00
CA ALA I 440 46.00 -60.42 -47.06
C ALA I 440 46.51 -61.85 -47.05
N GLU I 441 46.33 -62.52 -45.92
CA GLU I 441 46.71 -63.92 -45.75
C GLU I 441 45.97 -64.50 -44.56
N GLN I 442 46.11 -65.79 -44.36
CA GLN I 442 45.46 -66.49 -43.26
C GLN I 442 46.47 -67.24 -42.43
N LEU I 443 46.26 -67.25 -41.12
CA LEU I 443 47.07 -68.03 -40.21
C LEU I 443 46.18 -69.00 -39.50
N ILE I 444 46.64 -70.25 -39.40
CA ILE I 444 45.89 -71.30 -38.75
C ILE I 444 46.70 -71.82 -37.58
N ARG I 445 46.20 -71.59 -36.38
CA ARG I 445 46.82 -72.07 -35.15
C ARG I 445 46.02 -73.24 -34.64
N VAL I 446 46.69 -74.30 -34.26
CA VAL I 446 46.06 -75.48 -33.70
C VAL I 446 46.52 -75.63 -32.26
N TYR I 447 45.58 -75.88 -31.36
CA TYR I 447 45.89 -76.14 -29.96
C TYR I 447 45.27 -77.47 -29.57
N CYS I 448 45.69 -78.03 -28.44
CA CYS I 448 45.14 -79.28 -27.93
C CYS I 448 44.67 -79.08 -26.51
N LYS I 449 43.46 -79.52 -26.19
CA LYS I 449 42.90 -79.38 -24.84
C LYS I 449 43.50 -80.31 -23.80
N LYS I 450 44.06 -81.44 -24.23
CA LYS I 450 44.76 -82.33 -23.32
C LYS I 450 46.22 -81.87 -23.17
N VAL I 451 46.61 -81.66 -21.92
CA VAL I 451 47.85 -80.97 -21.56
C VAL I 451 49.08 -81.88 -21.44
N ASP I 452 48.87 -83.13 -21.00
CA ASP I 452 49.96 -84.11 -20.70
C ASP I 452 50.98 -84.39 -21.81
N ARG I 453 52.17 -84.87 -21.42
CA ARG I 453 53.29 -85.11 -22.34
C ARG I 453 52.92 -86.07 -23.50
N LYS I 454 52.13 -87.11 -23.21
CA LYS I 454 51.76 -88.14 -24.20
C LYS I 454 50.78 -87.59 -25.26
N SER I 455 49.77 -86.84 -24.82
CA SER I 455 48.74 -86.29 -25.72
C SER I 455 49.28 -85.17 -26.61
N LEU I 456 50.20 -84.37 -26.07
CA LEU I 456 50.84 -83.31 -26.83
C LEU I 456 51.69 -83.88 -27.97
N TYR I 457 52.43 -84.96 -27.71
CA TYR I 457 53.18 -85.64 -28.78
C TYR I 457 52.23 -86.09 -29.90
N ALA I 458 51.12 -86.69 -29.52
CA ALA I 458 50.13 -87.19 -30.46
C ALA I 458 49.56 -86.06 -31.29
N ALA I 459 49.14 -85.01 -30.59
CA ALA I 459 48.56 -83.82 -31.22
C ALA I 459 49.47 -83.25 -32.31
N ARG I 460 50.76 -83.16 -32.00
CA ARG I 460 51.77 -82.70 -32.97
C ARG I 460 51.82 -83.55 -34.23
N GLN I 461 51.67 -84.87 -34.08
CA GLN I 461 51.69 -85.78 -35.22
C GLN I 461 50.44 -85.58 -36.08
N TYR I 462 49.26 -85.55 -35.44
CA TYR I 462 48.03 -85.26 -36.15
C TYR I 462 48.12 -83.93 -36.92
N PHE I 463 48.63 -82.91 -36.27
CA PHE I 463 48.74 -81.58 -36.86
C PHE I 463 49.67 -81.55 -38.07
N VAL I 464 50.90 -82.03 -37.92
CA VAL I 464 51.88 -81.94 -39.01
C VAL I 464 51.45 -82.80 -40.20
N GLN I 465 50.70 -83.86 -39.93
CA GLN I 465 50.11 -84.69 -40.98
C GLN I 465 49.04 -83.90 -41.69
N TRP I 466 48.08 -83.40 -40.92
CA TRP I 466 46.98 -82.59 -41.45
C TRP I 466 47.47 -81.46 -42.36
N CYS I 467 48.61 -80.88 -42.01
CA CYS I 467 49.26 -79.87 -42.85
C CYS I 467 49.72 -80.46 -44.19
N ALA I 468 50.36 -81.63 -44.15
CA ALA I 468 50.76 -82.30 -45.39
C ALA I 468 49.54 -82.72 -46.22
N ASP I 469 48.51 -83.24 -45.55
CA ASP I 469 47.28 -83.70 -46.19
C ASP I 469 46.59 -82.58 -46.97
N ARG I 470 46.60 -81.36 -46.46
CA ARG I 470 45.88 -80.25 -47.10
C ARG I 470 46.77 -79.30 -47.91
N ASN I 471 48.00 -79.74 -48.18
CA ASN I 471 49.02 -78.95 -48.88
C ASN I 471 49.23 -77.55 -48.28
N PHE I 472 49.26 -77.49 -46.94
CA PHE I 472 49.60 -76.28 -46.20
C PHE I 472 51.12 -76.15 -46.06
N THR I 473 51.56 -75.00 -45.55
CA THR I 473 52.99 -74.74 -45.36
C THR I 473 53.53 -75.58 -44.22
N LYS I 474 54.81 -75.91 -44.31
CA LYS I 474 55.48 -76.68 -43.27
C LYS I 474 55.56 -75.85 -42.00
N PRO I 475 55.08 -76.39 -40.87
CA PRO I 475 55.29 -75.68 -39.61
C PRO I 475 56.78 -75.39 -39.40
N GLN I 476 57.09 -74.19 -38.89
CA GLN I 476 58.48 -73.74 -38.70
C GLN I 476 59.30 -74.75 -37.91
N ASP I 477 58.72 -75.22 -36.82
CA ASP I 477 59.33 -76.25 -35.95
C ASP I 477 59.03 -77.70 -36.38
N GLY I 478 58.59 -77.91 -37.62
CA GLY I 478 57.98 -79.17 -38.03
C GLY I 478 58.91 -80.37 -38.01
N ASP I 479 60.17 -80.14 -38.43
CA ASP I 479 61.16 -81.20 -38.43
C ASP I 479 61.52 -81.68 -37.04
N VAL I 480 61.33 -80.81 -36.05
CA VAL I 480 61.62 -81.16 -34.65
C VAL I 480 60.44 -81.89 -34.01
N ILE I 481 59.24 -81.31 -34.09
CA ILE I 481 58.07 -81.88 -33.39
C ILE I 481 57.52 -83.17 -33.99
N ALA I 482 57.72 -83.37 -35.29
CA ALA I 482 57.24 -84.55 -35.99
C ALA I 482 58.25 -84.95 -37.07
N PRO I 483 59.41 -85.47 -36.64
CA PRO I 483 60.51 -85.76 -37.57
C PRO I 483 60.23 -86.96 -38.48
N LEU I 484 59.31 -87.84 -38.04
CA LEU I 484 58.90 -88.99 -38.83
C LEU I 484 57.88 -88.64 -39.93
N ILE I 485 57.21 -87.50 -39.80
CA ILE I 485 56.17 -87.08 -40.76
C ILE I 485 56.63 -86.13 -41.86
N THR I 486 57.56 -85.23 -41.57
CA THR I 486 58.01 -84.21 -42.55
C THR I 486 58.71 -84.75 -43.84
N PRO I 487 59.48 -85.86 -43.76
CA PRO I 487 60.00 -86.36 -45.04
C PRO I 487 58.93 -86.93 -46.00
N GLN I 488 57.81 -87.44 -45.47
CA GLN I 488 56.65 -87.93 -46.26
C GLN I 488 56.26 -87.00 -47.42
N LYS I 489 56.27 -85.68 -47.19
CA LYS I 489 55.86 -84.70 -48.22
C LYS I 489 57.04 -84.31 -49.11
N LYS I 490 56.94 -84.63 -50.41
CA LYS I 490 57.96 -84.30 -51.42
C LYS I 490 58.19 -82.78 -51.51
N GLU I 491 57.10 -82.03 -51.47
CA GLU I 491 57.11 -80.57 -51.60
C GLU I 491 57.90 -79.83 -50.50
N TRP I 492 58.10 -80.43 -49.30
CA TRP I 492 58.86 -79.79 -48.22
C TRP I 492 60.38 -80.05 -48.27
N ASN I 493 60.88 -80.86 -49.21
CA ASN I 493 62.34 -81.09 -49.33
C ASN I 493 62.99 -80.25 -50.43
N MET J 9 63.93 -71.02 -18.38
CA MET J 9 63.46 -69.73 -17.80
C MET J 9 62.30 -69.18 -18.62
N LYS J 10 61.40 -68.50 -17.95
CA LYS J 10 60.30 -67.82 -18.63
C LYS J 10 60.59 -66.35 -18.76
N VAL J 11 60.37 -65.80 -19.95
CA VAL J 11 60.57 -64.37 -20.17
C VAL J 11 59.21 -63.70 -20.27
N ILE J 12 59.10 -62.51 -19.69
CA ILE J 12 57.86 -61.75 -19.66
C ILE J 12 58.16 -60.27 -19.88
N ASN J 13 57.36 -59.59 -20.70
CA ASN J 13 57.65 -58.22 -21.15
C ASN J 13 56.83 -57.15 -20.43
N ASP J 14 57.46 -56.57 -19.42
CA ASP J 14 56.98 -55.41 -18.69
C ASP J 14 57.41 -54.14 -19.42
N PRO J 15 56.51 -53.18 -19.61
CA PRO J 15 56.90 -51.95 -20.31
C PRO J 15 57.84 -51.05 -19.54
N ILE J 16 57.96 -51.21 -18.23
CA ILE J 16 58.90 -50.41 -17.47
C ILE J 16 60.26 -51.01 -17.54
N HIS J 17 60.40 -52.29 -17.19
CA HIS J 17 61.71 -52.91 -16.98
C HIS J 17 62.25 -53.70 -18.15
N GLY J 18 61.42 -53.97 -19.15
CA GLY J 18 61.86 -54.71 -20.32
C GLY J 18 61.53 -56.17 -20.18
N HIS J 19 62.36 -57.04 -20.73
CA HIS J 19 62.13 -58.49 -20.67
C HIS J 19 62.72 -59.05 -19.37
N ILE J 20 61.84 -59.34 -18.43
CA ILE J 20 62.20 -59.93 -17.16
C ILE J 20 62.34 -61.46 -17.34
N GLU J 21 63.37 -62.06 -16.74
CA GLU J 21 63.45 -63.52 -16.65
C GLU J 21 62.85 -63.99 -15.33
N LEU J 22 62.03 -65.03 -15.40
CA LEU J 22 61.39 -65.60 -14.21
C LEU J 22 61.81 -67.05 -13.99
N HIS J 23 62.45 -67.27 -12.86
CA HIS J 23 62.83 -68.60 -12.41
C HIS J 23 61.59 -69.50 -12.21
N PRO J 24 61.70 -70.81 -12.52
CA PRO J 24 60.53 -71.70 -12.47
C PRO J 24 59.75 -71.67 -11.17
N LEU J 25 60.46 -71.56 -10.05
CA LEU J 25 59.86 -71.41 -8.73
C LEU J 25 59.00 -70.16 -8.63
N LEU J 26 59.47 -69.05 -9.20
CA LEU J 26 58.70 -67.81 -9.20
C LEU J 26 57.45 -67.96 -10.07
N VAL J 27 57.59 -68.58 -11.23
CA VAL J 27 56.46 -68.84 -12.14
C VAL J 27 55.40 -69.63 -11.41
N ARG J 28 55.84 -70.59 -10.62
CA ARG J 28 54.96 -71.47 -9.89
C ARG J 28 54.18 -70.73 -8.80
N ILE J 29 54.85 -69.77 -8.17
CA ILE J 29 54.23 -68.87 -7.18
C ILE J 29 53.27 -67.89 -7.86
N ILE J 30 53.70 -67.33 -8.98
CA ILE J 30 52.89 -66.39 -9.76
C ILE J 30 51.56 -66.99 -10.21
N ASN J 31 51.60 -68.21 -10.72
CA ASN J 31 50.42 -68.86 -11.26
C ASN J 31 49.56 -69.54 -10.18
N THR J 32 49.06 -68.72 -9.27
CA THR J 32 48.20 -69.15 -8.18
C THR J 32 47.10 -68.11 -7.99
N PRO J 33 45.93 -68.50 -7.48
CA PRO J 33 44.86 -67.54 -7.23
C PRO J 33 45.24 -66.40 -6.30
N GLN J 34 46.14 -66.65 -5.36
CA GLN J 34 46.48 -65.67 -4.34
C GLN J 34 47.29 -64.51 -4.93
N PHE J 35 48.12 -64.86 -5.92
CA PHE J 35 48.94 -63.89 -6.65
C PHE J 35 48.17 -63.25 -7.80
N GLN J 36 47.52 -64.06 -8.63
CA GLN J 36 46.79 -63.53 -9.80
C GLN J 36 45.69 -62.56 -9.39
N ARG J 37 45.20 -62.74 -8.16
CA ARG J 37 44.33 -61.76 -7.50
C ARG J 37 44.76 -60.31 -7.71
N LEU J 38 46.06 -60.08 -7.66
CA LEU J 38 46.59 -58.73 -7.79
C LEU J 38 46.33 -58.10 -9.16
N ARG J 39 45.95 -58.89 -10.16
CA ARG J 39 45.50 -58.33 -11.45
C ARG J 39 44.26 -57.48 -11.32
N TYR J 40 43.49 -57.67 -10.24
CA TYR J 40 42.21 -57.02 -10.08
C TYR J 40 42.22 -56.01 -8.93
N ILE J 41 43.39 -55.46 -8.62
CA ILE J 41 43.52 -54.39 -7.63
C ILE J 41 44.37 -53.26 -8.22
N LYS J 42 43.80 -52.06 -8.36
CA LYS J 42 44.52 -50.95 -8.97
C LYS J 42 45.56 -50.40 -8.03
N GLN J 43 46.68 -49.97 -8.60
CA GLN J 43 47.82 -49.52 -7.83
C GLN J 43 47.44 -48.25 -7.07
N LEU J 44 46.83 -47.32 -7.81
CA LEU J 44 46.54 -45.99 -7.27
C LEU J 44 45.08 -45.80 -6.91
N GLY J 45 44.37 -46.90 -6.66
CA GLY J 45 42.98 -46.86 -6.24
C GLY J 45 42.13 -45.87 -7.03
N GLY J 46 41.60 -44.90 -6.30
CA GLY J 46 40.76 -43.84 -6.83
C GLY J 46 41.46 -42.85 -7.77
N GLY J 47 42.79 -42.84 -7.76
CA GLY J 47 43.57 -42.05 -8.69
C GLY J 47 43.24 -42.25 -10.16
N TYR J 48 42.81 -43.46 -10.53
CA TYR J 48 42.34 -43.71 -11.90
C TYR J 48 41.23 -42.75 -12.30
N TYR J 49 40.38 -42.37 -11.34
CA TYR J 49 39.27 -41.44 -11.58
C TYR J 49 39.70 -39.97 -11.69
N VAL J 50 41.00 -39.71 -11.56
CA VAL J 50 41.61 -38.39 -11.84
C VAL J 50 42.66 -38.44 -12.95
N PHE J 51 43.53 -39.46 -12.91
CA PHE J 51 44.53 -39.68 -13.97
C PHE J 51 44.08 -40.88 -14.80
N PRO J 52 43.45 -40.63 -15.95
CA PRO J 52 42.89 -41.76 -16.68
C PRO J 52 43.95 -42.73 -17.22
N GLY J 53 45.22 -42.36 -17.18
CA GLY J 53 46.27 -43.34 -17.51
C GLY J 53 46.48 -44.46 -16.49
N ALA J 54 46.12 -44.20 -15.24
CA ALA J 54 46.49 -45.01 -14.07
C ALA J 54 45.61 -46.27 -13.83
N SER J 55 45.42 -47.00 -14.94
CA SER J 55 44.72 -48.28 -15.00
C SER J 55 45.53 -49.43 -14.42
N HIS J 56 46.84 -49.21 -14.25
CA HIS J 56 47.76 -50.24 -13.79
C HIS J 56 47.42 -50.82 -12.41
N ASN J 57 47.68 -52.12 -12.30
CA ASN J 57 47.33 -52.95 -11.17
C ASN J 57 48.56 -53.46 -10.42
N ARG J 58 48.33 -54.00 -9.21
CA ARG J 58 49.41 -54.47 -8.34
C ARG J 58 50.22 -55.61 -8.92
N PHE J 59 49.55 -56.50 -9.63
CA PHE J 59 50.21 -57.61 -10.33
C PHE J 59 51.54 -57.19 -10.95
N GLU J 60 51.48 -56.18 -11.83
CA GLU J 60 52.67 -55.79 -12.58
C GLU J 60 53.69 -55.03 -11.74
N HIS J 61 53.24 -54.26 -10.76
CA HIS J 61 54.14 -53.68 -9.75
C HIS J 61 54.89 -54.81 -9.02
N SER J 62 54.14 -55.83 -8.61
CA SER J 62 54.66 -56.97 -7.90
C SER J 62 55.75 -57.67 -8.73
N LEU J 63 55.52 -57.91 -10.02
CA LEU J 63 56.57 -58.46 -10.90
C LEU J 63 57.83 -57.61 -10.92
N GLY J 64 57.64 -56.31 -11.04
CA GLY J 64 58.76 -55.38 -11.12
C GLY J 64 59.59 -55.29 -9.87
N VAL J 65 58.93 -55.35 -8.71
CA VAL J 65 59.66 -55.31 -7.45
C VAL J 65 60.46 -56.59 -7.30
N GLY J 66 59.87 -57.71 -7.70
CA GLY J 66 60.57 -58.97 -7.77
C GLY J 66 61.77 -58.88 -8.67
N TYR J 67 61.59 -58.27 -9.84
CA TYR J 67 62.69 -58.11 -10.79
C TYR J 67 63.83 -57.26 -10.24
N LEU J 68 63.50 -56.11 -9.67
CA LEU J 68 64.52 -55.19 -9.16
C LEU J 68 65.22 -55.74 -7.95
N ALA J 69 64.50 -56.46 -7.12
CA ALA J 69 65.11 -57.14 -6.00
C ALA J 69 66.21 -58.09 -6.48
N GLY J 70 65.93 -58.84 -7.54
CA GLY J 70 66.93 -59.68 -8.21
C GLY J 70 68.11 -58.88 -8.72
N CYS J 71 67.83 -57.76 -9.37
CA CYS J 71 68.89 -56.93 -9.95
C CYS J 71 69.86 -56.48 -8.91
N LEU J 72 69.36 -55.99 -7.79
CA LEU J 72 70.20 -55.39 -6.77
C LEU J 72 71.02 -56.46 -6.05
N VAL J 73 70.39 -57.55 -5.64
CA VAL J 73 71.11 -58.61 -4.95
C VAL J 73 72.13 -59.29 -5.86
N HIS J 74 71.78 -59.48 -7.13
CA HIS J 74 72.69 -60.10 -8.11
C HIS J 74 73.87 -59.17 -8.39
N ALA J 75 73.61 -57.86 -8.43
CA ALA J 75 74.67 -56.87 -8.65
C ALA J 75 75.65 -56.80 -7.51
N LEU J 76 75.14 -56.80 -6.28
CA LEU J 76 76.01 -56.80 -5.11
C LEU J 76 76.89 -58.02 -5.11
N GLY J 77 76.33 -59.16 -5.52
CA GLY J 77 77.05 -60.42 -5.63
C GLY J 77 78.20 -60.40 -6.62
N GLU J 78 77.97 -59.87 -7.81
CA GLU J 78 79.03 -59.82 -8.82
C GLU J 78 80.13 -58.89 -8.35
N LYS J 79 79.77 -57.69 -7.88
CA LYS J 79 80.77 -56.69 -7.44
C LYS J 79 81.55 -57.18 -6.19
N GLN J 80 80.94 -57.96 -5.30
CA GLN J 80 81.56 -58.38 -4.02
C GLN J 80 81.33 -59.87 -3.72
N PRO J 81 82.17 -60.76 -4.30
CA PRO J 81 82.02 -62.19 -4.02
C PRO J 81 82.26 -62.55 -2.57
N GLU J 82 83.09 -61.78 -1.88
CA GLU J 82 83.32 -61.95 -0.45
C GLU J 82 82.07 -62.07 0.41
N LEU J 83 80.95 -61.52 -0.06
CA LEU J 83 79.69 -61.57 0.67
C LEU J 83 79.04 -62.96 0.71
N GLN J 84 79.43 -63.80 -0.26
CA GLN J 84 78.94 -65.17 -0.38
C GLN J 84 77.41 -65.19 -0.44
N ILE J 85 76.91 -64.47 -1.44
CA ILE J 85 75.50 -64.41 -1.71
C ILE J 85 75.22 -65.65 -2.54
N SER J 86 74.36 -66.53 -2.04
CA SER J 86 74.04 -67.78 -2.74
C SER J 86 72.87 -67.62 -3.68
N GLU J 87 72.72 -68.53 -4.64
CA GLU J 87 71.55 -68.55 -5.53
C GLU J 87 70.28 -68.84 -4.74
N ARG J 88 70.44 -69.41 -3.56
CA ARG J 88 69.35 -69.53 -2.61
C ARG J 88 68.94 -68.17 -2.05
N ASP J 89 69.91 -67.36 -1.64
CA ASP J 89 69.63 -66.01 -1.15
C ASP J 89 68.92 -65.17 -2.21
N VAL J 90 69.39 -65.28 -3.45
CA VAL J 90 68.83 -64.50 -4.57
C VAL J 90 67.37 -64.85 -4.79
N LEU J 91 67.08 -66.15 -4.85
CA LEU J 91 65.71 -66.59 -5.01
C LEU J 91 64.80 -66.10 -3.91
N CYS J 92 65.28 -66.14 -2.67
CA CYS J 92 64.46 -65.70 -1.55
C CYS J 92 64.14 -64.22 -1.60
N VAL J 93 65.13 -63.42 -1.98
CA VAL J 93 64.96 -61.98 -2.13
C VAL J 93 63.96 -61.69 -3.25
N GLN J 94 64.08 -62.40 -4.38
CA GLN J 94 63.10 -62.28 -5.48
C GLN J 94 61.69 -62.65 -5.05
N ILE J 95 61.55 -63.75 -4.33
CA ILE J 95 60.23 -64.19 -3.86
C ILE J 95 59.63 -63.14 -2.95
N ALA J 96 60.43 -62.55 -2.08
CA ALA J 96 59.92 -61.51 -1.19
C ALA J 96 59.43 -60.32 -1.99
N GLY J 97 60.28 -59.85 -2.90
CA GLY J 97 59.92 -58.74 -3.77
C GLY J 97 58.64 -59.01 -4.53
N LEU J 98 58.54 -60.21 -5.06
CA LEU J 98 57.39 -60.61 -5.84
C LEU J 98 56.10 -60.63 -5.02
N CYS J 99 56.20 -61.11 -3.79
CA CYS J 99 55.05 -61.28 -2.90
C CYS J 99 54.84 -60.14 -1.88
N HIS J 100 55.55 -59.04 -2.04
CA HIS J 100 55.66 -58.05 -0.95
C HIS J 100 54.35 -57.30 -0.73
N ASP J 101 53.58 -57.13 -1.80
CA ASP J 101 52.29 -56.42 -1.72
C ASP J 101 51.09 -57.37 -1.86
N LEU J 102 51.33 -58.66 -1.75
CA LEU J 102 50.23 -59.67 -1.77
C LEU J 102 48.97 -59.39 -0.98
N GLY J 103 49.11 -58.65 0.12
CA GLY J 103 48.02 -58.35 1.04
C GLY J 103 47.29 -57.02 0.88
N HIS J 104 47.46 -56.34 -0.24
CA HIS J 104 46.70 -55.11 -0.47
C HIS J 104 45.25 -55.44 -0.69
N GLY J 105 44.39 -54.54 -0.21
CA GLY J 105 42.95 -54.71 -0.38
C GLY J 105 42.41 -54.06 -1.62
N PRO J 106 41.08 -54.06 -1.77
CA PRO J 106 40.44 -53.30 -2.83
C PRO J 106 40.87 -51.85 -2.79
N PHE J 107 41.23 -51.33 -3.96
CA PHE J 107 41.76 -49.96 -4.13
C PHE J 107 42.98 -49.68 -3.25
N SER J 108 43.86 -50.68 -3.14
CA SER J 108 45.15 -50.57 -2.50
C SER J 108 45.16 -49.86 -1.14
N HIS J 109 45.62 -48.60 -1.10
CA HIS J 109 45.88 -47.93 0.18
C HIS J 109 44.62 -47.37 0.79
N MET J 110 43.59 -47.19 -0.02
CA MET J 110 42.27 -46.85 0.48
C MET J 110 41.82 -47.86 1.54
N PHE J 111 42.08 -49.14 1.28
CA PHE J 111 41.65 -50.21 2.18
C PHE J 111 42.33 -50.18 3.55
N ASP J 112 43.65 -50.25 3.57
CA ASP J 112 44.38 -50.27 4.84
C ASP J 112 44.52 -48.88 5.49
N GLY J 113 44.33 -47.83 4.69
CA GLY J 113 44.53 -46.46 5.13
C GLY J 113 43.28 -45.70 5.52
N ARG J 114 42.15 -45.99 4.89
CA ARG J 114 40.87 -45.33 5.19
C ARG J 114 39.83 -46.28 5.74
N PHE J 115 39.53 -47.35 5.00
CA PHE J 115 38.41 -48.25 5.31
C PHE J 115 38.56 -49.05 6.60
N ILE J 116 39.60 -49.86 6.70
CA ILE J 116 39.76 -50.71 7.87
C ILE J 116 39.88 -49.91 9.17
N PRO J 117 40.63 -48.79 9.16
CA PRO J 117 40.63 -47.96 10.36
C PRO J 117 39.26 -47.42 10.80
N LEU J 118 38.35 -47.20 9.85
CA LEU J 118 36.99 -46.77 10.19
C LEU J 118 36.08 -47.95 10.53
N ALA J 119 36.14 -49.00 9.73
CA ALA J 119 35.29 -50.17 9.92
C ALA J 119 35.61 -50.96 11.17
N ARG J 120 36.89 -51.03 11.54
CA ARG J 120 37.33 -51.83 12.67
C ARG J 120 38.45 -51.13 13.43
N PRO J 121 38.09 -50.07 14.19
CA PRO J 121 39.06 -49.25 14.92
C PRO J 121 39.88 -50.00 15.96
N GLU J 122 39.33 -51.08 16.49
CA GLU J 122 40.03 -51.94 17.46
C GLU J 122 41.33 -52.57 16.93
N VAL J 123 41.39 -52.88 15.63
CA VAL J 123 42.49 -53.64 15.04
C VAL J 123 43.62 -52.71 14.62
N LYS J 124 44.87 -53.20 14.71
CA LYS J 124 46.03 -52.56 14.08
C LYS J 124 46.45 -53.50 12.94
N TRP J 125 46.01 -53.19 11.71
CA TRP J 125 46.25 -54.02 10.51
C TRP J 125 46.84 -53.19 9.37
N THR J 126 47.77 -53.81 8.62
CA THR J 126 48.46 -53.15 7.49
C THR J 126 48.50 -54.07 6.25
N HIS J 127 48.80 -53.49 5.08
CA HIS J 127 48.90 -54.26 3.83
C HIS J 127 49.98 -55.34 3.97
N GLU J 128 51.04 -55.02 4.71
CA GLU J 128 52.18 -55.90 4.88
C GLU J 128 51.85 -57.11 5.71
N GLN J 129 51.17 -56.91 6.84
CA GLN J 129 50.73 -58.04 7.68
C GLN J 129 49.89 -58.98 6.86
N GLY J 130 49.03 -58.41 6.02
CA GLY J 130 48.23 -59.19 5.08
C GLY J 130 49.07 -59.98 4.11
N SER J 131 50.14 -59.37 3.62
CA SER J 131 51.06 -60.06 2.69
C SER J 131 51.69 -61.30 3.31
N VAL J 132 52.15 -61.19 4.54
CA VAL J 132 52.71 -62.33 5.25
C VAL J 132 51.69 -63.46 5.35
N MET J 133 50.48 -63.11 5.80
CA MET J 133 49.42 -64.11 5.92
C MET J 133 49.02 -64.71 4.59
N MET J 134 48.88 -63.87 3.59
CA MET J 134 48.50 -64.32 2.26
C MET J 134 49.64 -65.12 1.62
N PHE J 135 50.88 -64.83 1.97
CA PHE J 135 52.02 -65.62 1.48
C PHE J 135 51.98 -67.03 2.04
N GLU J 136 51.79 -67.15 3.36
CA GLU J 136 51.57 -68.42 4.04
C GLU J 136 50.45 -69.21 3.36
N HIS J 137 49.29 -68.57 3.14
CA HIS J 137 48.15 -69.22 2.48
C HIS J 137 48.50 -69.69 1.07
N LEU J 138 49.26 -68.89 0.34
CA LEU J 138 49.66 -69.24 -1.02
C LEU J 138 50.52 -70.50 -1.03
N ILE J 139 51.50 -70.54 -0.14
CA ILE J 139 52.43 -71.65 -0.04
C ILE J 139 51.70 -72.96 0.28
N ASN J 140 50.83 -72.90 1.28
CA ASN J 140 50.16 -74.09 1.81
C ASN J 140 49.11 -74.60 0.84
N SER J 141 48.27 -73.71 0.34
CA SER J 141 47.21 -74.13 -0.56
C SER J 141 47.70 -74.56 -1.96
N ASN J 142 48.95 -74.30 -2.34
CA ASN J 142 49.45 -74.68 -3.67
C ASN J 142 50.66 -75.63 -3.70
N GLY J 143 51.04 -76.17 -2.54
CA GLY J 143 52.13 -77.15 -2.47
C GLY J 143 53.45 -76.65 -2.99
N ILE J 144 53.82 -75.46 -2.54
CA ILE J 144 55.02 -74.79 -3.00
C ILE J 144 56.23 -75.33 -2.27
N LYS J 145 56.05 -75.72 -1.00
CA LYS J 145 57.15 -76.20 -0.16
C LYS J 145 58.03 -77.29 -0.81
N PRO J 146 57.43 -78.32 -1.43
CA PRO J 146 58.19 -79.28 -2.24
C PRO J 146 59.02 -78.65 -3.35
N VAL J 147 58.46 -77.66 -4.02
CA VAL J 147 59.12 -77.00 -5.15
C VAL J 147 60.28 -76.14 -4.65
N MET J 148 60.11 -75.48 -3.50
CA MET J 148 61.21 -74.72 -2.90
C MET J 148 62.41 -75.63 -2.64
N GLU J 149 62.16 -76.79 -2.02
CA GLU J 149 63.20 -77.79 -1.74
C GLU J 149 63.87 -78.24 -3.02
N GLN J 150 63.08 -78.54 -4.04
CA GLN J 150 63.58 -78.95 -5.35
C GLN J 150 64.64 -78.00 -5.89
N TYR J 151 64.47 -76.69 -5.65
CA TYR J 151 65.43 -75.68 -6.12
C TYR J 151 66.37 -75.19 -5.01
N GLY J 152 66.65 -76.03 -4.02
CA GLY J 152 67.68 -75.76 -3.04
C GLY J 152 67.32 -74.86 -1.87
N LEU J 153 66.05 -74.56 -1.68
CA LEU J 153 65.65 -73.75 -0.54
C LEU J 153 65.36 -74.64 0.66
N ILE J 154 65.36 -74.04 1.84
CA ILE J 154 65.05 -74.71 3.09
C ILE J 154 63.83 -74.03 3.73
N PRO J 155 62.62 -74.53 3.46
CA PRO J 155 61.38 -73.87 3.90
C PRO J 155 61.34 -73.38 5.34
N GLU J 156 61.84 -74.17 6.29
CA GLU J 156 61.88 -73.71 7.69
C GLU J 156 62.53 -72.32 7.81
N GLU J 157 63.79 -72.24 7.39
CA GLU J 157 64.57 -70.99 7.48
C GLU J 157 64.10 -69.93 6.50
N ASP J 158 63.87 -70.32 5.26
CA ASP J 158 63.64 -69.35 4.18
C ASP J 158 62.26 -68.71 4.15
N ILE J 159 61.21 -69.45 4.47
CA ILE J 159 59.88 -68.85 4.57
C ILE J 159 59.83 -67.79 5.67
N CYS J 160 60.61 -67.98 6.71
CA CYS J 160 60.75 -66.95 7.75
C CYS J 160 61.47 -65.73 7.16
N PHE J 161 62.58 -65.98 6.46
CA PHE J 161 63.38 -64.93 5.81
C PHE J 161 62.55 -64.09 4.85
N ILE J 162 61.71 -64.74 4.05
CA ILE J 162 60.84 -64.05 3.12
C ILE J 162 59.83 -63.18 3.85
N LYS J 163 59.16 -63.73 4.85
CA LYS J 163 58.21 -62.96 5.65
C LYS J 163 58.88 -61.80 6.35
N GLU J 164 60.09 -62.02 6.86
CA GLU J 164 60.85 -60.98 7.54
C GLU J 164 61.24 -59.83 6.61
N GLN J 165 61.55 -60.14 5.36
CA GLN J 165 61.82 -59.12 4.36
C GLN J 165 60.63 -58.19 4.15
N ILE J 166 59.43 -58.74 4.27
CA ILE J 166 58.20 -58.01 4.00
C ILE J 166 57.77 -57.11 5.17
N VAL J 167 57.60 -57.68 6.36
CA VAL J 167 57.03 -56.95 7.53
C VAL J 167 58.01 -56.52 8.58
N GLY J 168 59.27 -56.94 8.46
CA GLY J 168 60.26 -56.70 9.51
C GLY J 168 60.29 -57.89 10.45
N PRO J 169 60.82 -57.72 11.66
CA PRO J 169 60.98 -58.90 12.51
C PRO J 169 59.65 -59.41 13.06
N LEU J 170 59.43 -60.72 12.96
CA LEU J 170 58.25 -61.35 13.52
C LEU J 170 58.21 -61.38 15.08
N GLU J 171 59.28 -60.98 15.77
CA GLU J 171 59.29 -60.93 17.26
C GLU J 171 58.69 -59.59 17.70
N LEU J 178 70.10 -56.94 20.68
CA LEU J 178 70.54 -58.05 19.86
C LEU J 178 69.92 -58.08 18.45
N TRP J 179 70.46 -58.97 17.61
CA TRP J 179 70.01 -59.20 16.24
C TRP J 179 68.58 -59.77 16.18
N PRO J 180 67.61 -58.98 15.73
CA PRO J 180 66.21 -59.40 15.79
C PRO J 180 65.74 -60.43 14.75
N TYR J 181 66.54 -60.80 13.76
CA TYR J 181 66.06 -61.67 12.70
C TYR J 181 66.46 -63.14 12.90
N LYS J 182 65.51 -64.04 12.70
CA LYS J 182 65.72 -65.47 12.75
C LYS J 182 66.03 -66.07 11.37
N GLY J 183 65.69 -65.38 10.29
CA GLY J 183 65.79 -65.93 8.94
C GLY J 183 67.19 -65.95 8.35
N ARG J 184 68.00 -64.97 8.71
CA ARG J 184 69.40 -64.90 8.26
C ARG J 184 70.28 -64.26 9.33
N PRO J 185 71.57 -64.62 9.37
CA PRO J 185 72.51 -64.03 10.32
C PRO J 185 72.89 -62.58 10.03
N GLU J 186 73.60 -61.97 10.97
CA GLU J 186 74.04 -60.56 10.88
C GLU J 186 74.96 -60.27 9.68
N ASN J 187 75.72 -61.29 9.25
CA ASN J 187 76.63 -61.14 8.10
C ASN J 187 75.89 -61.08 6.76
N LYS J 188 74.57 -61.22 6.79
CA LYS J 188 73.75 -60.99 5.62
C LYS J 188 72.59 -60.02 5.89
N SER J 189 72.82 -59.04 6.78
CA SER J 189 71.77 -58.05 7.09
C SER J 189 71.41 -57.19 5.88
N PHE J 190 72.36 -57.01 4.97
CA PHE J 190 72.12 -56.24 3.77
C PHE J 190 70.96 -56.75 2.93
N LEU J 191 70.71 -58.06 2.97
CA LEU J 191 69.57 -58.63 2.26
C LEU J 191 68.21 -58.08 2.73
N TYR J 192 68.12 -57.70 4.01
CA TYR J 192 66.87 -57.10 4.51
C TYR J 192 66.62 -55.66 4.06
N GLU J 193 67.63 -55.01 3.51
CA GLU J 193 67.52 -53.65 3.00
C GLU J 193 67.11 -53.54 1.50
N ILE J 194 66.79 -54.66 0.83
CA ILE J 194 66.47 -54.61 -0.60
C ILE J 194 64.99 -54.34 -0.89
N VAL J 195 64.12 -55.18 -0.36
CA VAL J 195 62.69 -55.12 -0.70
C VAL J 195 61.94 -54.05 0.10
N SER J 196 62.22 -53.98 1.40
CA SER J 196 61.55 -53.01 2.28
C SER J 196 62.53 -52.60 3.38
N ASN J 197 63.14 -51.42 3.19
CA ASN J 197 64.26 -50.97 3.99
C ASN J 197 63.73 -50.25 5.21
N LYS J 198 63.83 -50.89 6.37
CA LYS J 198 63.35 -50.33 7.63
C LYS J 198 64.28 -49.26 8.17
N ARG J 199 65.55 -49.26 7.77
CA ARG J 199 66.56 -48.36 8.30
C ARG J 199 66.32 -46.93 7.82
N ASN J 200 66.19 -46.77 6.50
CA ASN J 200 66.06 -45.47 5.85
C ASN J 200 64.96 -45.35 4.77
N GLY J 201 64.41 -46.46 4.29
CA GLY J 201 63.34 -46.42 3.30
C GLY J 201 63.78 -46.52 1.85
N ILE J 202 65.08 -46.55 1.58
CA ILE J 202 65.58 -46.69 0.21
C ILE J 202 65.50 -48.16 -0.18
N ASP J 203 64.46 -48.50 -0.94
CA ASP J 203 64.18 -49.89 -1.36
C ASP J 203 63.66 -49.98 -2.79
N VAL J 204 63.59 -51.19 -3.32
CA VAL J 204 63.18 -51.37 -4.70
C VAL J 204 61.66 -51.26 -4.90
N ASP J 205 60.85 -51.37 -3.85
CA ASP J 205 59.40 -51.07 -3.92
C ASP J 205 59.28 -49.67 -4.49
N LYS J 206 59.99 -48.72 -3.88
CA LYS J 206 59.97 -47.31 -4.32
C LYS J 206 60.40 -47.19 -5.76
N TRP J 207 61.49 -47.87 -6.11
CA TRP J 207 62.09 -47.65 -7.41
C TRP J 207 61.14 -48.06 -8.52
N ASP J 208 60.45 -49.17 -8.30
CA ASP J 208 59.51 -49.64 -9.30
C ASP J 208 58.33 -48.67 -9.41
N TYR J 209 57.68 -48.34 -8.30
CA TYR J 209 56.47 -47.54 -8.40
C TYR J 209 56.73 -46.11 -8.89
N PHE J 210 57.90 -45.55 -8.63
CA PHE J 210 58.24 -44.26 -9.23
C PHE J 210 58.15 -44.38 -10.74
N ALA J 211 58.92 -45.32 -11.28
CA ALA J 211 59.00 -45.55 -12.71
C ALA J 211 57.63 -45.90 -13.29
N ARG J 212 56.93 -46.80 -12.61
CA ARG J 212 55.68 -47.33 -13.13
C ARG J 212 54.56 -46.32 -13.04
N ASP J 213 54.41 -45.68 -11.87
CA ASP J 213 53.30 -44.74 -11.68
C ASP J 213 53.50 -43.58 -12.64
N CYS J 214 54.72 -43.07 -12.75
CA CYS J 214 55.02 -42.01 -13.73
C CYS J 214 54.63 -42.37 -15.16
N HIS J 215 54.96 -43.58 -15.57
CA HIS J 215 54.68 -44.05 -16.92
C HIS J 215 53.20 -43.96 -17.23
N HIS J 216 52.38 -44.40 -16.28
CA HIS J 216 50.94 -44.46 -16.44
C HIS J 216 50.27 -43.11 -16.09
N LEU J 217 50.80 -42.37 -15.13
CA LEU J 217 50.19 -41.10 -14.72
C LEU J 217 50.27 -40.04 -15.80
N GLY J 218 51.42 -40.02 -16.46
CA GLY J 218 51.78 -38.94 -17.37
C GLY J 218 52.57 -37.86 -16.69
N ILE J 219 53.44 -38.28 -15.80
CA ILE J 219 54.41 -37.40 -15.13
C ILE J 219 55.76 -38.04 -15.43
N GLN J 220 56.81 -37.24 -15.60
CA GLN J 220 58.15 -37.81 -15.79
C GLN J 220 58.84 -37.97 -14.38
N ASN J 221 59.62 -39.04 -14.30
CA ASN J 221 60.29 -39.49 -13.09
C ASN J 221 61.72 -38.96 -13.13
N ASN J 222 62.13 -38.34 -12.03
CA ASN J 222 63.46 -37.73 -11.99
C ASN J 222 64.50 -38.56 -11.21
N PHE J 223 64.27 -39.85 -11.00
CA PHE J 223 65.18 -40.72 -10.20
C PHE J 223 65.70 -41.90 -10.98
N ASP J 224 67.03 -42.08 -10.97
CA ASP J 224 67.70 -43.10 -11.76
C ASP J 224 68.12 -44.25 -10.85
N TYR J 225 67.29 -45.30 -10.80
CA TYR J 225 67.59 -46.45 -9.91
C TYR J 225 68.78 -47.25 -10.41
N LYS J 226 68.91 -47.34 -11.73
CA LYS J 226 70.01 -48.08 -12.33
C LYS J 226 71.36 -47.53 -11.91
N ARG J 227 71.45 -46.21 -11.86
CA ARG J 227 72.65 -45.53 -11.43
C ARG J 227 72.94 -45.83 -9.98
N PHE J 228 71.93 -45.81 -9.13
CA PHE J 228 72.12 -46.08 -7.71
C PHE J 228 72.71 -47.49 -7.49
N ILE J 229 72.24 -48.44 -8.27
CA ILE J 229 72.75 -49.81 -8.23
C ILE J 229 74.22 -49.86 -8.64
N LYS J 230 74.62 -49.14 -9.67
CA LYS J 230 76.02 -49.12 -10.06
C LYS J 230 76.95 -48.61 -8.96
N PHE J 231 76.46 -47.73 -8.09
CA PHE J 231 77.28 -47.17 -7.02
C PHE J 231 76.83 -47.66 -5.64
N ALA J 232 76.29 -48.86 -5.59
CA ALA J 232 75.88 -49.44 -4.33
C ALA J 232 76.92 -50.46 -3.93
N ARG J 233 77.05 -50.69 -2.64
CA ARG J 233 78.12 -51.52 -2.12
C ARG J 233 77.85 -51.86 -0.66
N VAL J 234 78.27 -53.04 -0.21
CA VAL J 234 78.10 -53.46 1.17
C VAL J 234 79.36 -53.17 1.95
N CYS J 235 79.21 -52.52 3.11
CA CYS J 235 80.32 -52.22 4.03
C CYS J 235 79.94 -52.57 5.43
N GLU J 236 80.93 -52.66 6.32
CA GLU J 236 80.65 -52.89 7.73
C GLU J 236 80.24 -51.59 8.38
N VAL J 237 79.13 -51.62 9.12
CA VAL J 237 78.67 -50.47 9.92
C VAL J 237 78.15 -51.00 11.25
N ASP J 238 78.82 -50.64 12.35
CA ASP J 238 78.40 -51.07 13.71
C ASP J 238 78.20 -52.59 13.77
N ASN J 239 79.27 -53.32 13.46
CA ASN J 239 79.35 -54.79 13.57
C ASN J 239 78.29 -55.56 12.74
N GLU J 240 77.92 -54.96 11.61
CA GLU J 240 76.79 -55.42 10.78
C GLU J 240 77.07 -55.01 9.33
N LEU J 241 76.81 -55.90 8.37
CA LEU J 241 77.07 -55.60 6.95
C LEU J 241 75.87 -54.97 6.23
N ARG J 242 75.95 -53.67 5.90
CA ARG J 242 74.83 -52.93 5.29
C ARG J 242 75.16 -52.39 3.92
N ILE J 243 74.12 -52.04 3.17
CA ILE J 243 74.28 -51.41 1.86
C ILE J 243 74.64 -49.95 2.09
N CYS J 244 75.60 -49.48 1.29
CA CYS J 244 76.06 -48.11 1.32
C CYS J 244 76.06 -47.54 -0.09
N ALA J 245 75.80 -46.24 -0.20
CA ALA J 245 75.85 -45.54 -1.47
C ALA J 245 77.13 -44.76 -1.56
N ARG J 246 77.54 -44.36 -2.76
CA ARG J 246 78.74 -43.59 -2.87
C ARG J 246 78.50 -42.15 -2.39
N ASP J 247 79.54 -41.52 -1.84
CA ASP J 247 79.50 -40.12 -1.35
C ASP J 247 78.82 -39.15 -2.32
N LYS J 248 79.14 -39.26 -3.61
CA LYS J 248 78.58 -38.37 -4.61
C LYS J 248 77.05 -38.51 -4.81
N GLU J 249 76.51 -39.70 -4.57
CA GLU J 249 75.07 -39.89 -4.71
C GLU J 249 74.20 -39.22 -3.63
N VAL J 250 74.77 -38.64 -2.60
CA VAL J 250 73.98 -38.06 -1.50
C VAL J 250 72.93 -37.10 -2.04
N GLY J 251 73.30 -36.29 -3.02
CA GLY J 251 72.35 -35.37 -3.64
C GLY J 251 71.17 -36.07 -4.28
N ASN J 252 71.47 -37.09 -5.07
CA ASN J 252 70.44 -37.88 -5.76
C ASN J 252 69.51 -38.59 -4.80
N LEU J 253 70.01 -38.94 -3.62
CA LEU J 253 69.17 -39.55 -2.59
C LEU J 253 68.22 -38.56 -1.95
N TYR J 254 68.66 -37.33 -1.68
CA TYR J 254 67.71 -36.31 -1.21
C TYR J 254 66.63 -36.09 -2.28
N ASP J 255 67.04 -36.12 -3.55
CA ASP J 255 66.11 -35.92 -4.68
C ASP J 255 65.16 -37.09 -4.84
N MET J 256 65.58 -38.28 -4.42
CA MET J 256 64.67 -39.44 -4.42
C MET J 256 63.46 -39.17 -3.52
N PHE J 257 63.71 -38.67 -2.31
CA PHE J 257 62.62 -38.41 -1.40
C PHE J 257 61.82 -37.18 -1.79
N HIS J 258 62.46 -36.24 -2.47
CA HIS J 258 61.77 -35.10 -3.08
C HIS J 258 60.78 -35.58 -4.13
N THR J 259 61.28 -36.41 -5.05
CA THR J 259 60.46 -37.04 -6.08
C THR J 259 59.25 -37.72 -5.47
N ARG J 260 59.47 -38.46 -4.39
CA ARG J 260 58.39 -39.15 -3.67
C ARG J 260 57.33 -38.18 -3.19
N ASN J 261 57.79 -37.16 -2.49
CA ASN J 261 56.91 -36.14 -1.91
C ASN J 261 56.16 -35.43 -3.02
N SER J 262 56.86 -35.18 -4.11
CA SER J 262 56.27 -34.53 -5.26
C SER J 262 55.17 -35.37 -5.92
N LEU J 263 55.39 -36.68 -6.05
CA LEU J 263 54.35 -37.61 -6.56
C LEU J 263 53.13 -37.69 -5.64
N HIS J 264 53.36 -37.58 -4.35
CA HIS J 264 52.25 -37.53 -3.40
C HIS J 264 51.45 -36.25 -3.56
N ARG J 265 52.14 -35.12 -3.73
CA ARG J 265 51.46 -33.85 -3.86
C ARG J 265 50.66 -33.79 -5.14
N ARG J 266 51.27 -34.19 -6.25
CA ARG J 266 50.59 -34.10 -7.53
C ARG J 266 49.51 -35.14 -7.74
N ALA J 267 49.81 -36.39 -7.40
CA ALA J 267 48.96 -37.52 -7.80
C ALA J 267 48.32 -38.23 -6.63
N TYR J 268 49.12 -38.83 -5.76
CA TYR J 268 48.56 -39.79 -4.79
C TYR J 268 47.61 -39.12 -3.81
N GLN J 269 47.97 -37.92 -3.34
CA GLN J 269 47.11 -37.11 -2.47
C GLN J 269 46.37 -36.02 -3.21
N HIS J 270 46.08 -36.24 -4.48
CA HIS J 270 45.30 -35.28 -5.26
C HIS J 270 43.93 -35.10 -4.60
N LYS J 271 43.53 -33.83 -4.46
CA LYS J 271 42.32 -33.45 -3.72
C LYS J 271 41.06 -34.25 -4.13
N VAL J 272 40.91 -34.53 -5.41
CA VAL J 272 39.76 -35.25 -5.94
C VAL J 272 39.98 -36.76 -5.87
N GLY J 273 41.22 -37.20 -6.05
CA GLY J 273 41.54 -38.61 -5.88
C GLY J 273 41.19 -39.07 -4.48
N ASN J 274 41.55 -38.23 -3.49
CA ASN J 274 41.25 -38.49 -2.10
C ASN J 274 39.75 -38.43 -1.79
N ILE J 275 39.02 -37.52 -2.40
CA ILE J 275 37.58 -37.45 -2.14
C ILE J 275 36.87 -38.65 -2.76
N ILE J 276 37.35 -39.14 -3.88
CA ILE J 276 36.79 -40.34 -4.47
C ILE J 276 37.11 -41.55 -3.60
N ASP J 277 38.32 -41.59 -3.05
CA ASP J 277 38.67 -42.63 -2.09
C ASP J 277 37.74 -42.57 -0.87
N THR J 278 37.50 -41.38 -0.30
CA THR J 278 36.60 -41.29 0.88
C THR J 278 35.18 -41.69 0.51
N MET J 279 34.72 -41.34 -0.70
CA MET J 279 33.37 -41.73 -1.14
C MET J 279 33.25 -43.25 -1.36
N ILE J 280 34.28 -43.87 -1.91
CA ILE J 280 34.25 -45.32 -2.07
C ILE J 280 34.32 -46.01 -0.71
N THR J 281 35.19 -45.52 0.18
CA THR J 281 35.28 -46.01 1.55
C THR J 281 33.91 -45.93 2.24
N ASP J 282 33.26 -44.78 2.08
CA ASP J 282 31.94 -44.53 2.66
C ASP J 282 30.93 -45.56 2.16
N ALA J 283 30.90 -45.80 0.87
CA ALA J 283 30.03 -46.79 0.27
C ALA J 283 30.34 -48.22 0.74
N PHE J 284 31.60 -48.51 1.02
CA PHE J 284 31.98 -49.81 1.56
C PHE J 284 31.48 -49.97 2.97
N LEU J 285 31.63 -48.93 3.80
CA LEU J 285 31.09 -48.95 5.16
C LEU J 285 29.58 -49.22 5.16
N LYS J 286 28.85 -48.58 4.25
CA LYS J 286 27.40 -48.77 4.16
C LYS J 286 27.00 -50.12 3.60
N ALA J 287 27.85 -50.70 2.76
CA ALA J 287 27.59 -52.02 2.19
C ALA J 287 28.11 -53.16 3.06
N ASP J 288 28.87 -52.85 4.10
CA ASP J 288 29.65 -53.87 4.84
C ASP J 288 28.77 -54.98 5.35
N ASP J 289 27.73 -54.56 6.08
CA ASP J 289 26.80 -55.45 6.77
C ASP J 289 26.10 -56.45 5.86
N TYR J 290 25.81 -56.08 4.62
CA TYR J 290 24.99 -56.91 3.74
C TYR J 290 25.76 -57.67 2.66
N ILE J 291 27.09 -57.58 2.65
CA ILE J 291 27.89 -58.36 1.70
C ILE J 291 28.59 -59.49 2.41
N GLU J 292 28.37 -60.69 1.90
CA GLU J 292 28.94 -61.92 2.42
C GLU J 292 29.99 -62.43 1.45
N ILE J 293 31.12 -62.89 1.97
CA ILE J 293 32.19 -63.48 1.17
C ILE J 293 32.55 -64.84 1.77
N THR J 294 32.44 -65.89 0.96
CA THR J 294 32.71 -67.25 1.38
C THR J 294 34.18 -67.45 1.69
N GLY J 295 34.46 -67.95 2.88
CA GLY J 295 35.82 -68.19 3.35
C GLY J 295 36.15 -69.67 3.48
N ALA J 296 37.01 -69.97 4.45
CA ALA J 296 37.48 -71.33 4.68
C ALA J 296 36.42 -72.11 5.42
N GLY J 297 36.18 -73.33 4.94
CA GLY J 297 35.11 -74.18 5.47
C GLY J 297 33.72 -73.62 5.25
N GLY J 298 33.55 -72.80 4.22
CA GLY J 298 32.28 -72.17 3.96
C GLY J 298 31.85 -71.00 4.86
N LYS J 299 32.60 -70.65 5.89
CA LYS J 299 32.20 -69.59 6.84
C LYS J 299 31.98 -68.26 6.11
N LYS J 300 31.02 -67.46 6.58
CA LYS J 300 30.72 -66.17 5.95
C LYS J 300 31.52 -65.03 6.58
N TYR J 301 32.20 -64.26 5.73
CA TYR J 301 32.91 -63.06 6.16
C TYR J 301 32.39 -61.82 5.48
N ARG J 302 32.53 -60.69 6.17
CA ARG J 302 32.16 -59.37 5.65
C ARG J 302 33.40 -58.75 5.02
N ILE J 303 33.22 -57.61 4.35
CA ILE J 303 34.33 -56.91 3.73
C ILE J 303 35.38 -56.59 4.78
N SER J 304 34.95 -56.00 5.88
CA SER J 304 35.86 -55.64 6.97
C SER J 304 36.52 -56.82 7.68
N THR J 305 35.89 -57.99 7.67
CA THR J 305 36.41 -59.17 8.37
C THR J 305 37.12 -60.19 7.49
N ALA J 306 37.14 -59.97 6.17
CA ALA J 306 37.82 -60.89 5.27
C ALA J 306 39.32 -60.92 5.49
N ILE J 307 39.86 -59.84 6.04
CA ILE J 307 41.27 -59.81 6.43
C ILE J 307 41.67 -60.87 7.46
N ASP J 308 40.70 -61.38 8.21
CA ASP J 308 40.96 -62.43 9.17
C ASP J 308 41.16 -63.81 8.55
N ASP J 309 40.53 -64.07 7.41
CA ASP J 309 40.68 -65.36 6.72
C ASP J 309 41.07 -65.21 5.23
N MET J 310 42.26 -65.72 4.89
CA MET J 310 42.84 -65.50 3.58
C MET J 310 42.13 -66.17 2.42
N GLU J 311 41.37 -67.22 2.69
CA GLU J 311 40.61 -67.84 1.62
C GLU J 311 39.48 -66.92 1.16
N ALA J 312 38.95 -66.15 2.09
CA ALA J 312 37.94 -65.13 1.80
C ALA J 312 38.57 -63.95 1.11
N TYR J 313 39.64 -63.45 1.71
CA TYR J 313 40.38 -62.28 1.20
C TYR J 313 40.90 -62.44 -0.23
N THR J 314 41.17 -63.68 -0.64
CA THR J 314 41.54 -64.00 -2.00
C THR J 314 40.47 -63.55 -3.02
N LYS J 315 39.21 -63.59 -2.61
CA LYS J 315 38.10 -63.19 -3.47
C LYS J 315 37.67 -61.71 -3.29
N LEU J 316 38.37 -60.97 -2.43
CA LEU J 316 38.08 -59.55 -2.18
C LEU J 316 39.00 -58.62 -2.97
N THR J 317 38.48 -58.07 -4.05
CA THR J 317 39.26 -57.22 -4.99
C THR J 317 38.46 -55.96 -5.34
N ASP J 318 38.94 -55.18 -6.31
CA ASP J 318 38.21 -54.01 -6.82
C ASP J 318 36.84 -54.35 -7.35
N ASN J 319 36.64 -55.60 -7.76
CA ASN J 319 35.31 -56.13 -8.09
C ASN J 319 34.19 -55.66 -7.19
N ILE J 320 34.49 -55.59 -5.90
CA ILE J 320 33.50 -55.26 -4.88
C ILE J 320 32.79 -53.92 -5.17
N PHE J 321 33.49 -52.99 -5.78
CA PHE J 321 32.93 -51.74 -6.29
C PHE J 321 31.82 -52.01 -7.29
N LEU J 322 32.12 -52.78 -8.32
CA LEU J 322 31.13 -53.05 -9.37
C LEU J 322 30.00 -53.96 -8.89
N GLU J 323 30.28 -54.79 -7.88
CA GLU J 323 29.27 -55.66 -7.27
C GLU J 323 28.21 -54.79 -6.63
N ILE J 324 28.66 -53.82 -5.82
CA ILE J 324 27.76 -52.84 -5.21
C ILE J 324 27.04 -52.02 -6.26
N LEU J 325 27.75 -51.52 -7.26
CA LEU J 325 27.15 -50.66 -8.29
C LEU J 325 26.07 -51.37 -9.09
N TYR J 326 26.34 -52.59 -9.53
CA TYR J 326 25.38 -53.35 -10.32
C TYR J 326 24.26 -54.02 -9.53
N SER J 327 24.33 -54.03 -8.19
CA SER J 327 23.35 -54.76 -7.38
C SER J 327 21.96 -54.15 -7.44
N THR J 328 20.97 -55.00 -7.15
CA THR J 328 19.57 -54.61 -7.03
C THR J 328 18.99 -54.82 -5.61
N ASP J 329 19.75 -55.42 -4.70
CA ASP J 329 19.33 -55.58 -3.30
C ASP J 329 18.99 -54.21 -2.70
N PRO J 330 17.78 -54.02 -2.15
CA PRO J 330 17.48 -52.75 -1.52
C PRO J 330 18.26 -52.44 -0.25
N LYS J 331 18.87 -53.45 0.37
CA LYS J 331 19.74 -53.22 1.53
C LYS J 331 20.99 -52.43 1.17
N LEU J 332 21.46 -52.60 -0.06
CA LEU J 332 22.64 -51.89 -0.60
C LEU J 332 22.30 -50.58 -1.31
N LYS J 333 21.08 -50.06 -1.19
CA LYS J 333 20.69 -48.84 -1.92
C LYS J 333 21.52 -47.64 -1.48
N ASP J 334 21.77 -47.50 -0.18
CA ASP J 334 22.60 -46.38 0.32
C ASP J 334 24.01 -46.38 -0.27
N ALA J 335 24.64 -47.55 -0.30
CA ALA J 335 25.98 -47.71 -0.87
C ALA J 335 25.98 -47.47 -2.37
N ARG J 336 25.09 -48.13 -3.08
CA ARG J 336 24.95 -47.99 -4.53
C ARG J 336 24.71 -46.56 -4.97
N GLU J 337 24.01 -45.75 -4.16
CA GLU J 337 23.77 -44.35 -4.50
C GLU J 337 25.04 -43.52 -4.46
N ILE J 338 25.93 -43.80 -3.52
CA ILE J 338 27.22 -43.09 -3.46
C ILE J 338 28.04 -43.39 -4.71
N LEU J 339 28.15 -44.66 -5.07
CA LEU J 339 28.91 -45.04 -6.25
C LEU J 339 28.30 -44.53 -7.53
N LYS J 340 26.97 -44.44 -7.60
CA LYS J 340 26.31 -43.84 -8.75
C LYS J 340 26.62 -42.35 -8.84
N GLN J 341 26.73 -41.67 -7.69
CA GLN J 341 27.13 -40.26 -7.66
C GLN J 341 28.55 -40.03 -8.18
N ILE J 342 29.43 -41.02 -8.08
CA ILE J 342 30.77 -40.94 -8.67
C ILE J 342 30.71 -41.03 -10.19
N GLU J 343 29.86 -41.93 -10.70
CA GLU J 343 29.69 -42.08 -12.15
C GLU J 343 29.27 -40.76 -12.78
N TYR J 344 28.24 -40.15 -12.19
CA TYR J 344 27.67 -38.88 -12.67
C TYR J 344 28.56 -37.67 -12.38
N ARG J 345 29.53 -37.86 -11.48
CA ARG J 345 30.52 -36.84 -11.13
C ARG J 345 29.93 -35.77 -10.22
N ASN J 346 29.00 -36.16 -9.34
CA ASN J 346 28.50 -35.31 -8.24
C ASN J 346 29.31 -35.69 -7.04
N LEU J 347 30.55 -35.22 -7.05
CA LEU J 347 31.47 -35.50 -5.97
C LEU J 347 31.29 -34.42 -4.94
N PHE J 348 31.70 -34.73 -3.72
CA PHE J 348 31.71 -33.75 -2.66
C PHE J 348 32.68 -32.63 -3.08
N LYS J 349 32.30 -31.37 -2.83
CA LYS J 349 33.07 -30.25 -3.36
C LYS J 349 34.23 -29.87 -2.46
N TYR J 350 35.38 -29.63 -3.09
CA TYR J 350 36.58 -29.21 -2.39
C TYR J 350 36.43 -27.76 -2.00
N VAL J 351 36.65 -27.45 -0.74
CA VAL J 351 36.54 -26.08 -0.24
C VAL J 351 37.91 -25.40 -0.23
N GLY J 352 38.90 -26.08 0.33
CA GLY J 352 40.27 -25.55 0.39
C GLY J 352 41.22 -26.39 1.23
N GLU J 353 42.48 -25.97 1.25
CA GLU J 353 43.53 -26.67 1.96
C GLU J 353 44.16 -25.70 2.95
N THR J 354 44.65 -26.22 4.05
CA THR J 354 45.40 -25.42 5.03
C THR J 354 46.36 -26.28 5.84
N GLN J 355 47.27 -25.60 6.52
CA GLN J 355 48.30 -26.25 7.33
C GLN J 355 48.33 -25.67 8.74
N PRO J 356 48.70 -26.48 9.74
CA PRO J 356 49.00 -25.89 11.06
C PRO J 356 50.27 -25.03 11.03
N THR J 357 50.44 -24.21 12.07
CA THR J 357 51.65 -23.40 12.24
C THR J 357 52.37 -23.72 13.54
N GLY J 358 53.57 -23.16 13.67
CA GLY J 358 54.39 -23.31 14.84
C GLY J 358 54.83 -24.74 14.69
N GLN J 359 54.67 -25.51 15.76
CA GLN J 359 54.91 -26.93 15.75
C GLN J 359 53.65 -27.54 16.42
N ILE J 360 52.47 -27.32 15.85
CA ILE J 360 51.20 -27.87 16.36
C ILE J 360 50.85 -29.10 15.50
N LYS J 361 51.14 -30.33 15.97
CA LYS J 361 50.69 -31.54 15.26
C LYS J 361 49.24 -31.83 15.65
N ILE J 362 48.41 -32.19 14.68
CA ILE J 362 47.05 -32.66 14.94
C ILE J 362 47.06 -34.17 15.16
N LYS J 363 46.73 -34.62 16.37
CA LYS J 363 46.75 -36.04 16.73
C LYS J 363 45.62 -36.80 16.02
N ARG J 364 45.84 -38.08 15.71
CA ARG J 364 44.86 -38.91 14.96
C ARG J 364 43.52 -39.07 15.68
N GLU J 365 43.58 -39.26 16.99
CA GLU J 365 42.42 -39.20 17.91
C GLU J 365 41.44 -38.03 17.65
N ASP J 366 41.95 -36.86 17.28
CA ASP J 366 41.13 -35.65 17.04
C ASP J 366 40.46 -35.53 15.66
N TYR J 367 40.81 -36.40 14.71
CA TYR J 367 40.27 -36.33 13.33
C TYR J 367 38.74 -36.38 13.32
N GLU J 368 38.14 -37.28 14.11
CA GLU J 368 36.67 -37.41 14.21
C GLU J 368 35.98 -36.08 14.55
N SER J 369 36.63 -35.27 15.40
CA SER J 369 36.04 -34.02 15.91
C SER J 369 36.09 -32.78 15.00
N LEU J 370 36.89 -32.82 13.94
CA LEU J 370 37.17 -31.62 13.13
C LEU J 370 36.00 -31.08 12.31
N PRO J 371 35.15 -31.95 11.75
CA PRO J 371 33.95 -31.43 11.08
C PRO J 371 33.04 -30.60 12.01
N LYS J 372 32.91 -31.03 13.27
CA LYS J 372 32.19 -30.27 14.31
C LYS J 372 32.79 -28.88 14.46
N GLU J 373 34.11 -28.78 14.51
CA GLU J 373 34.79 -27.49 14.68
C GLU J 373 34.56 -26.51 13.55
N VAL J 374 34.46 -26.99 12.32
CA VAL J 374 34.29 -26.14 11.14
C VAL J 374 32.88 -25.53 11.13
N ALA J 375 31.87 -26.37 11.36
CA ALA J 375 30.48 -25.90 11.51
C ALA J 375 30.29 -24.97 12.70
N SER J 376 31.04 -25.21 13.77
CA SER J 376 31.02 -24.38 14.98
C SER J 376 31.61 -22.98 14.82
N ALA J 377 32.38 -22.74 13.77
CA ALA J 377 32.92 -21.39 13.54
C ALA J 377 31.79 -20.42 13.24
N LYS J 378 31.95 -19.19 13.71
CA LYS J 378 30.92 -18.16 13.58
C LYS J 378 31.53 -17.06 12.72
N PRO J 379 31.44 -17.18 11.38
CA PRO J 379 32.02 -16.15 10.50
C PRO J 379 31.14 -14.89 10.47
N LYS J 380 31.77 -13.72 10.62
CA LYS J 380 30.93 -12.49 10.79
C LYS J 380 30.41 -11.98 9.44
N VAL J 381 29.66 -12.84 8.72
CA VAL J 381 29.28 -12.66 7.31
C VAL J 381 27.93 -13.29 7.05
N LEU J 382 27.12 -12.62 6.22
CA LEU J 382 25.75 -13.07 5.89
C LEU J 382 25.76 -14.33 5.09
N LEU J 383 25.21 -15.40 5.67
CA LEU J 383 25.11 -16.71 4.99
C LEU J 383 23.71 -16.93 4.53
N ASP J 384 23.54 -17.56 3.36
CA ASP J 384 22.21 -18.01 2.89
C ASP J 384 21.71 -19.22 3.67
N VAL J 385 22.61 -20.10 4.01
CA VAL J 385 22.34 -21.44 4.60
C VAL J 385 23.21 -21.65 5.84
N LYS J 386 22.67 -22.28 6.88
CA LYS J 386 23.49 -22.79 8.03
C LYS J 386 23.81 -24.26 7.70
N LEU J 387 25.05 -24.68 7.98
CA LEU J 387 25.53 -26.04 7.68
C LEU J 387 25.89 -26.79 8.96
N LYS J 388 25.39 -28.03 9.08
CA LYS J 388 25.68 -28.91 10.23
C LYS J 388 27.03 -29.62 10.02
N ALA J 389 27.56 -30.22 11.07
CA ALA J 389 28.89 -30.86 11.03
C ALA J 389 28.98 -32.08 10.10
N GLU J 390 27.89 -32.84 9.99
CA GLU J 390 27.81 -33.96 9.05
C GLU J 390 27.94 -33.57 7.57
N ASP J 391 27.74 -32.28 7.26
CA ASP J 391 27.92 -31.75 5.89
C ASP J 391 29.40 -31.60 5.49
N PHE J 392 30.29 -31.47 6.47
CA PHE J 392 31.74 -31.32 6.22
C PHE J 392 32.51 -32.63 6.30
N ILE J 393 33.53 -32.74 5.44
CA ILE J 393 34.58 -33.76 5.56
C ILE J 393 35.90 -33.05 5.72
N VAL J 394 36.71 -33.50 6.66
CA VAL J 394 38.04 -32.94 6.87
C VAL J 394 39.03 -34.08 6.80
N ASP J 395 39.90 -34.02 5.81
CA ASP J 395 40.87 -35.06 5.49
C ASP J 395 42.21 -34.50 5.94
N VAL J 396 42.87 -35.20 6.86
CA VAL J 396 44.18 -34.76 7.32
C VAL J 396 45.22 -35.71 6.76
N ILE J 397 46.30 -35.15 6.23
CA ILE J 397 47.30 -35.89 5.46
C ILE J 397 48.69 -35.57 5.98
N ASN J 398 49.42 -36.61 6.35
CA ASN J 398 50.80 -36.44 6.84
C ASN J 398 51.80 -36.65 5.71
N MET J 399 52.44 -35.59 5.28
CA MET J 399 53.48 -35.68 4.26
C MET J 399 54.81 -35.69 5.00
N ASP J 400 55.63 -36.70 4.73
CA ASP J 400 56.97 -36.80 5.32
C ASP J 400 57.97 -37.39 4.34
N TYR J 401 59.20 -37.58 4.78
CA TYR J 401 60.23 -38.26 4.02
C TYR J 401 60.34 -39.72 4.46
N GLY J 402 59.22 -40.32 4.85
CA GLY J 402 59.18 -41.74 5.19
C GLY J 402 59.51 -42.11 6.62
N MET J 403 60.01 -41.16 7.42
CA MET J 403 60.44 -41.49 8.79
C MET J 403 59.96 -40.40 9.72
N GLN J 404 58.66 -40.20 9.70
CA GLN J 404 58.01 -39.14 10.43
C GLN J 404 58.86 -37.87 10.37
N GLU J 405 59.33 -37.35 11.50
CA GLU J 405 60.03 -36.06 11.51
C GLU J 405 61.51 -36.14 11.19
N LYS J 406 62.04 -37.33 10.99
CA LYS J 406 63.47 -37.56 10.74
C LYS J 406 63.87 -37.44 9.28
N ASN J 407 65.13 -37.05 9.10
CA ASN J 407 65.79 -36.98 7.80
C ASN J 407 66.33 -38.37 7.52
N PRO J 408 65.80 -39.08 6.52
CA PRO J 408 66.27 -40.43 6.28
C PRO J 408 67.71 -40.52 5.78
N ILE J 409 68.25 -39.45 5.23
CA ILE J 409 69.65 -39.43 4.79
C ILE J 409 70.61 -39.49 5.96
N ASP J 410 70.19 -39.01 7.13
CA ASP J 410 70.95 -39.21 8.37
C ASP J 410 71.04 -40.69 8.76
N HIS J 411 70.17 -41.53 8.22
CA HIS J 411 70.24 -42.98 8.39
C HIS J 411 70.74 -43.75 7.14
N VAL J 412 71.60 -43.13 6.32
CA VAL J 412 72.25 -43.78 5.19
C VAL J 412 73.75 -43.74 5.41
N SER J 413 74.40 -44.85 5.08
CA SER J 413 75.85 -44.96 5.15
C SER J 413 76.42 -44.75 3.75
N PHE J 414 77.54 -44.03 3.67
CA PHE J 414 78.18 -43.72 2.40
C PHE J 414 79.60 -44.26 2.32
N TYR J 415 80.20 -44.28 1.12
CA TYR J 415 81.62 -44.64 0.96
C TYR J 415 82.34 -43.77 -0.04
N CYS J 416 83.66 -43.71 0.02
CA CYS J 416 84.46 -42.88 -0.90
C CYS J 416 85.23 -43.69 -1.88
N LYS J 417 85.55 -43.09 -3.02
CA LYS J 417 86.33 -43.76 -4.07
C LYS J 417 87.67 -44.22 -3.50
N THR J 418 88.27 -43.35 -2.68
CA THR J 418 89.58 -43.55 -2.08
C THR J 418 89.64 -44.65 -1.01
N ALA J 419 88.51 -45.02 -0.41
CA ALA J 419 88.43 -46.06 0.65
C ALA J 419 87.06 -46.72 0.65
N PRO J 420 86.85 -47.63 -0.31
CA PRO J 420 85.52 -48.14 -0.58
C PRO J 420 84.95 -49.12 0.44
N ASN J 421 85.74 -49.57 1.40
CA ASN J 421 85.20 -50.41 2.48
C ASN J 421 84.90 -49.67 3.77
N ARG J 422 85.30 -48.40 3.81
CA ARG J 422 85.13 -47.55 4.96
C ARG J 422 83.87 -46.73 4.82
N ALA J 423 82.87 -47.10 5.61
CA ALA J 423 81.58 -46.41 5.64
C ALA J 423 81.66 -45.11 6.41
N ILE J 424 80.88 -44.13 5.99
CA ILE J 424 80.85 -42.82 6.64
C ILE J 424 79.43 -42.27 6.66
N ARG J 425 79.25 -41.14 7.37
CA ARG J 425 77.98 -40.44 7.43
C ARG J 425 78.13 -39.09 6.78
N ILE J 426 77.06 -38.58 6.20
CA ILE J 426 77.06 -37.26 5.58
C ILE J 426 75.85 -36.52 6.15
N THR J 427 76.08 -35.41 6.82
CA THR J 427 75.02 -34.62 7.43
C THR J 427 74.35 -33.75 6.40
N LYS J 428 73.28 -33.06 6.79
CA LYS J 428 72.60 -32.15 5.86
C LYS J 428 73.47 -30.95 5.49
N ASN J 429 74.14 -30.37 6.50
CA ASN J 429 75.00 -29.19 6.30
C ASN J 429 76.15 -29.41 5.33
N GLN J 430 76.64 -30.64 5.28
CA GLN J 430 77.72 -31.01 4.36
C GLN J 430 77.27 -31.02 2.89
N VAL J 431 75.97 -31.05 2.62
CA VAL J 431 75.44 -31.18 1.24
C VAL J 431 74.99 -29.86 0.63
N SER J 432 74.00 -29.22 1.26
CA SER J 432 73.39 -28.02 0.68
C SER J 432 72.51 -27.27 1.67
N GLN J 433 72.57 -25.94 1.56
CA GLN J 433 71.66 -25.05 2.28
C GLN J 433 70.27 -24.94 1.64
N LEU J 434 70.12 -25.42 0.40
CA LEU J 434 68.82 -25.41 -0.27
C LEU J 434 67.94 -26.64 -0.04
N LEU J 435 68.32 -27.50 0.91
CA LEU J 435 67.52 -28.66 1.26
C LEU J 435 66.43 -28.25 2.22
N PRO J 436 65.46 -29.14 2.48
CA PRO J 436 64.36 -28.79 3.39
C PRO J 436 64.80 -28.58 4.82
N GLU J 437 64.10 -27.69 5.53
CA GLU J 437 64.38 -27.39 6.93
C GLU J 437 63.77 -28.47 7.79
N LYS J 438 62.50 -28.78 7.55
CA LYS J 438 61.75 -29.86 8.21
C LYS J 438 61.62 -31.03 7.24
N PHE J 439 61.25 -32.20 7.76
CA PHE J 439 60.99 -33.39 6.95
C PHE J 439 59.61 -34.01 7.14
N ALA J 440 58.69 -33.24 7.69
CA ALA J 440 57.31 -33.65 7.83
C ALA J 440 56.41 -32.44 8.01
N GLU J 441 55.17 -32.58 7.58
CA GLU J 441 54.15 -31.56 7.73
C GLU J 441 52.78 -32.18 7.59
N GLN J 442 51.75 -31.40 7.84
CA GLN J 442 50.38 -31.86 7.72
C GLN J 442 49.61 -30.98 6.76
N LEU J 443 48.73 -31.60 5.99
CA LEU J 443 47.81 -30.90 5.12
C LEU J 443 46.41 -31.22 5.54
N ILE J 444 45.58 -30.19 5.62
CA ILE J 444 44.19 -30.33 6.00
C ILE J 444 43.34 -29.86 4.84
N ARG J 445 42.61 -30.78 4.24
CA ARG J 445 41.67 -30.50 3.16
C ARG J 445 40.28 -30.57 3.73
N VAL J 446 39.45 -29.58 3.40
CA VAL J 446 38.07 -29.54 3.82
C VAL J 446 37.20 -29.64 2.56
N TYR J 447 36.19 -30.50 2.61
CA TYR J 447 35.22 -30.62 1.53
C TYR J 447 33.84 -30.43 2.12
N CYS J 448 32.85 -30.20 1.25
CA CYS J 448 31.45 -30.05 1.67
C CYS J 448 30.58 -31.01 0.90
N LYS J 449 29.72 -31.76 1.61
CA LYS J 449 28.83 -32.73 0.97
C LYS J 449 27.68 -32.11 0.17
N LYS J 450 27.28 -30.89 0.51
CA LYS J 450 26.27 -30.18 -0.25
C LYS J 450 26.94 -29.45 -1.42
N VAL J 451 26.43 -29.74 -2.62
CA VAL J 451 27.07 -29.38 -3.89
C VAL J 451 26.68 -28.00 -4.43
N ASP J 452 25.44 -27.57 -4.17
CA ASP J 452 24.84 -26.32 -4.73
C ASP J 452 25.62 -25.01 -4.50
N ARG J 453 25.37 -24.01 -5.35
CA ARG J 453 26.09 -22.72 -5.33
C ARG J 453 26.03 -22.02 -3.95
N LYS J 454 24.85 -22.07 -3.31
CA LYS J 454 24.61 -21.36 -2.03
C LYS J 454 25.37 -22.02 -0.86
N SER J 455 25.36 -23.36 -0.80
CA SER J 455 26.03 -24.10 0.29
C SER J 455 27.55 -24.05 0.20
N LEU J 456 28.06 -24.06 -1.04
CA LEU J 456 29.49 -23.95 -1.28
C LEU J 456 30.04 -22.60 -0.83
N TYR J 457 29.30 -21.52 -1.09
CA TYR J 457 29.69 -20.19 -0.59
C TYR J 457 29.78 -20.20 0.94
N ALA J 458 28.77 -20.79 1.58
CA ALA J 458 28.72 -20.87 3.02
C ALA J 458 29.88 -21.65 3.58
N ALA J 459 30.09 -22.83 3.00
CA ALA J 459 31.19 -23.73 3.39
C ALA J 459 32.54 -23.01 3.39
N ARG J 460 32.79 -22.23 2.33
CA ARG J 460 34.01 -21.43 2.23
C ARG J 460 34.20 -20.46 3.36
N GLN J 461 33.10 -19.83 3.80
CA GLN J 461 33.16 -18.87 4.89
C GLN J 461 33.46 -19.59 6.22
N TYR J 462 32.74 -20.67 6.49
CA TYR J 462 33.03 -21.48 7.67
C TYR J 462 34.51 -21.92 7.70
N PHE J 463 35.00 -22.39 6.56
CA PHE J 463 36.37 -22.89 6.45
C PHE J 463 37.42 -21.80 6.70
N VAL J 464 37.33 -20.69 5.99
CA VAL J 464 38.36 -19.64 6.10
C VAL J 464 38.34 -19.01 7.49
N GLN J 465 37.18 -19.02 8.14
CA GLN J 465 37.06 -18.57 9.52
C GLN J 465 37.77 -19.56 10.43
N TRP J 466 37.37 -20.83 10.32
CA TRP J 466 37.98 -21.91 11.12
C TRP J 466 39.50 -21.90 11.06
N CYS J 467 40.04 -21.54 9.89
CA CYS J 467 41.48 -21.37 9.71
C CYS J 467 42.02 -20.20 10.56
N ALA J 468 41.34 -19.07 10.52
CA ALA J 468 41.71 -17.94 11.37
C ALA J 468 41.58 -18.27 12.86
N ASP J 469 40.50 -18.93 13.21
CA ASP J 469 40.21 -19.33 14.60
C ASP J 469 41.32 -20.19 15.20
N ARG J 470 41.89 -21.10 14.41
CA ARG J 470 42.89 -22.05 14.92
C ARG J 470 44.35 -21.68 14.58
N ASN J 471 44.54 -20.43 14.15
CA ASN J 471 45.85 -19.93 13.73
C ASN J 471 46.55 -20.82 12.69
N PHE J 472 45.76 -21.30 11.73
CA PHE J 472 46.29 -22.04 10.57
C PHE J 472 46.72 -21.06 9.48
N THR J 473 47.36 -21.61 8.44
CA THR J 473 47.84 -20.81 7.31
C THR J 473 46.67 -20.33 6.48
N LYS J 474 46.85 -19.19 5.83
CA LYS J 474 45.84 -18.62 4.95
C LYS J 474 45.67 -19.52 3.74
N PRO J 475 44.43 -19.95 3.44
CA PRO J 475 44.23 -20.64 2.18
C PRO J 475 44.76 -19.86 1.00
N GLN J 476 45.38 -20.54 0.05
CA GLN J 476 46.02 -19.87 -1.12
C GLN J 476 45.06 -18.94 -1.84
N ASP J 477 43.85 -19.46 -2.09
CA ASP J 477 42.76 -18.72 -2.71
C ASP J 477 41.87 -17.92 -1.74
N GLY J 478 42.36 -17.67 -0.52
CA GLY J 478 41.53 -17.21 0.59
C GLY J 478 40.91 -15.85 0.40
N ASP J 479 41.68 -14.93 -0.17
CA ASP J 479 41.21 -13.56 -0.44
C ASP J 479 40.09 -13.54 -1.46
N VAL J 480 40.05 -14.54 -2.33
CA VAL J 480 39.02 -14.63 -3.36
C VAL J 480 37.74 -15.28 -2.81
N ILE J 481 37.87 -16.46 -2.19
CA ILE J 481 36.69 -17.23 -1.75
C ILE J 481 35.97 -16.64 -0.52
N ALA J 482 36.69 -15.91 0.31
CA ALA J 482 36.14 -15.31 1.52
C ALA J 482 36.80 -13.96 1.77
N PRO J 483 36.49 -12.96 0.91
CA PRO J 483 37.17 -11.67 0.97
C PRO J 483 36.78 -10.84 2.20
N LEU J 484 35.63 -11.13 2.78
CA LEU J 484 35.16 -10.45 3.99
C LEU J 484 35.80 -11.00 5.26
N ILE J 485 36.36 -12.22 5.21
CA ILE J 485 36.96 -12.88 6.39
C ILE J 485 38.47 -12.70 6.53
N THR J 486 39.21 -12.67 5.42
CA THR J 486 40.68 -12.59 5.47
C THR J 486 41.30 -11.32 6.10
N PRO J 487 40.67 -10.13 5.95
CA PRO J 487 41.27 -8.99 6.67
C PRO J 487 41.15 -9.08 8.21
N GLN J 488 40.13 -9.77 8.74
CA GLN J 488 39.98 -10.02 10.19
C GLN J 488 41.28 -10.42 10.92
N LYS J 489 42.08 -11.28 10.29
CA LYS J 489 43.32 -11.79 10.92
C LYS J 489 44.50 -10.85 10.64
N LYS J 490 45.07 -10.27 11.71
CA LYS J 490 46.25 -9.38 11.64
C LYS J 490 47.45 -10.10 11.02
N GLU J 491 47.66 -11.35 11.42
CA GLU J 491 48.79 -12.17 10.97
C GLU J 491 48.86 -12.42 9.46
N TRP J 492 47.72 -12.36 8.74
CA TRP J 492 47.70 -12.59 7.27
C TRP J 492 47.95 -11.30 6.46
N MET K 9 54.53 -22.37 -45.54
CA MET K 9 55.28 -22.61 -44.29
C MET K 9 56.30 -23.71 -44.48
N LYS K 10 57.42 -23.60 -43.77
CA LYS K 10 58.41 -24.67 -43.72
C LYS K 10 58.25 -25.46 -42.44
N VAL K 11 58.25 -26.77 -42.55
CA VAL K 11 58.20 -27.65 -41.41
C VAL K 11 59.56 -28.26 -41.17
N ILE K 12 59.95 -28.36 -39.91
CA ILE K 12 61.26 -28.87 -39.51
C ILE K 12 61.12 -29.74 -38.28
N ASN K 13 61.81 -30.89 -38.25
CA ASN K 13 61.60 -31.91 -37.20
C ASN K 13 62.71 -31.92 -36.14
N ASP K 14 62.37 -31.26 -35.03
CA ASP K 14 63.15 -31.26 -33.80
C ASP K 14 62.74 -32.46 -32.95
N PRO K 15 63.70 -33.21 -32.40
CA PRO K 15 63.33 -34.37 -31.61
C PRO K 15 62.70 -34.05 -30.27
N ILE K 16 62.84 -32.82 -29.78
CA ILE K 16 62.18 -32.44 -28.53
C ILE K 16 60.77 -32.03 -28.77
N HIS K 17 60.56 -31.08 -29.68
CA HIS K 17 59.26 -30.45 -29.84
C HIS K 17 58.37 -31.00 -30.94
N GLY K 18 58.93 -31.82 -31.81
CA GLY K 18 58.15 -32.40 -32.89
C GLY K 18 58.34 -31.59 -34.16
N HIS K 19 57.30 -31.53 -34.99
CA HIS K 19 57.35 -30.79 -36.24
C HIS K 19 57.00 -29.33 -36.01
N ILE K 20 58.00 -28.49 -36.01
CA ILE K 20 57.85 -27.05 -35.85
C ILE K 20 57.49 -26.43 -37.20
N GLU K 21 56.55 -25.48 -37.22
CA GLU K 21 56.30 -24.67 -38.42
C GLU K 21 57.12 -23.39 -38.34
N LEU K 22 57.75 -23.02 -39.45
CA LEU K 22 58.57 -21.82 -39.54
C LEU K 22 58.02 -20.86 -40.59
N HIS K 23 57.62 -19.69 -40.12
CA HIS K 23 57.19 -18.60 -40.98
C HIS K 23 58.32 -18.15 -41.93
N PRO K 24 57.98 -17.76 -43.18
CA PRO K 24 59.01 -17.42 -44.17
C PRO K 24 60.06 -16.42 -43.72
N LEU K 25 59.63 -15.42 -42.96
CA LEU K 25 60.52 -14.44 -42.35
C LEU K 25 61.53 -15.07 -41.42
N LEU K 26 61.09 -16.05 -40.62
CA LEU K 26 61.99 -16.77 -39.72
C LEU K 26 62.99 -17.60 -40.50
N VAL K 27 62.52 -18.28 -41.55
CA VAL K 27 63.38 -19.07 -42.43
C VAL K 27 64.48 -18.21 -43.01
N ARG K 28 64.11 -17.00 -43.38
CA ARG K 28 65.00 -16.05 -44.00
C ARG K 28 66.09 -15.58 -43.01
N ILE K 29 65.70 -15.42 -41.75
CA ILE K 29 66.63 -15.10 -40.67
C ILE K 29 67.52 -16.29 -40.33
N ILE K 30 66.93 -17.47 -40.28
CA ILE K 30 67.68 -18.70 -39.99
C ILE K 30 68.78 -18.98 -41.01
N ASN K 31 68.48 -18.82 -42.29
CA ASN K 31 69.43 -19.10 -43.37
C ASN K 31 70.41 -17.96 -43.64
N THR K 32 71.19 -17.64 -42.62
CA THR K 32 72.21 -16.60 -42.67
C THR K 32 73.45 -17.11 -41.92
N PRO K 33 74.64 -16.62 -42.28
CA PRO K 33 75.85 -17.02 -41.57
C PRO K 33 75.84 -16.74 -40.08
N GLN K 34 75.14 -15.69 -39.67
CA GLN K 34 75.15 -15.23 -38.27
C GLN K 34 74.39 -16.21 -37.38
N PHE K 35 73.33 -16.79 -37.95
CA PHE K 35 72.50 -17.78 -37.28
C PHE K 35 73.07 -19.18 -37.43
N GLN K 36 73.41 -19.59 -38.64
CA GLN K 36 73.93 -20.96 -38.89
C GLN K 36 75.22 -21.22 -38.11
N ARG K 37 75.94 -20.14 -37.79
CA ARG K 37 77.04 -20.15 -36.84
C ARG K 37 76.77 -21.00 -35.59
N LEU K 38 75.54 -20.90 -35.09
CA LEU K 38 75.17 -21.61 -33.88
C LEU K 38 75.20 -23.14 -34.03
N ARG K 39 75.25 -23.67 -35.25
CA ARG K 39 75.47 -25.09 -35.45
C ARG K 39 76.82 -25.58 -34.93
N TYR K 40 77.77 -24.65 -34.76
CA TYR K 40 79.12 -24.98 -34.39
C TYR K 40 79.49 -24.50 -32.99
N ILE K 41 78.49 -24.36 -32.13
CA ILE K 41 78.70 -24.02 -30.73
C ILE K 41 77.90 -24.98 -29.85
N LYS K 42 78.57 -25.76 -29.00
CA LYS K 42 77.89 -26.76 -28.18
C LYS K 42 77.14 -26.08 -27.05
N GLN K 43 75.99 -26.63 -26.71
CA GLN K 43 75.12 -26.04 -25.70
C GLN K 43 75.80 -26.07 -24.35
N LEU K 44 76.36 -27.24 -24.03
CA LEU K 44 76.92 -27.48 -22.71
C LEU K 44 78.43 -27.45 -22.69
N GLY K 45 79.04 -26.78 -23.66
CA GLY K 45 80.49 -26.62 -23.73
C GLY K 45 81.27 -27.88 -23.42
N GLY K 46 82.05 -27.79 -22.35
CA GLY K 46 82.88 -28.88 -21.85
C GLY K 46 82.14 -30.09 -21.30
N GLY K 47 80.85 -29.93 -21.02
CA GLY K 47 79.98 -31.02 -20.60
C GLY K 47 79.96 -32.22 -21.52
N TYR K 48 80.15 -31.99 -22.82
CA TYR K 48 80.28 -33.09 -23.79
C TYR K 48 81.39 -34.06 -23.39
N TYR K 49 82.46 -33.53 -22.79
CA TYR K 49 83.60 -34.34 -22.36
C TYR K 49 83.36 -35.11 -21.04
N VAL K 50 82.16 -34.97 -20.48
CA VAL K 50 81.68 -35.79 -19.35
C VAL K 50 80.42 -36.58 -19.69
N PHE K 51 79.45 -35.94 -20.34
CA PHE K 51 78.23 -36.60 -20.80
C PHE K 51 78.32 -36.78 -22.31
N PRO K 52 78.71 -37.96 -22.78
CA PRO K 52 78.95 -38.10 -24.21
C PRO K 52 77.68 -37.95 -25.06
N GLY K 53 76.50 -37.93 -24.43
CA GLY K 53 75.29 -37.61 -25.17
C GLY K 53 75.15 -36.15 -25.63
N ALA K 54 75.81 -35.24 -24.91
CA ALA K 54 75.62 -33.79 -25.00
C ALA K 54 76.36 -33.10 -26.17
N SER K 55 76.20 -33.72 -27.33
CA SER K 55 76.69 -33.22 -28.63
C SER K 55 75.90 -32.04 -29.17
N HIS K 56 74.70 -31.85 -28.63
CA HIS K 56 73.77 -30.81 -29.11
C HIS K 56 74.32 -29.40 -29.03
N ASN K 57 73.94 -28.63 -30.06
CA ASN K 57 74.43 -27.28 -30.32
C ASN K 57 73.34 -26.22 -30.15
N ARG K 58 73.75 -24.95 -30.09
CA ARG K 58 72.85 -23.82 -29.85
C ARG K 58 71.79 -23.66 -30.93
N PHE K 59 72.17 -23.91 -32.17
CA PHE K 59 71.25 -23.87 -33.30
C PHE K 59 69.88 -24.44 -32.94
N GLU K 60 69.86 -25.69 -32.49
CA GLU K 60 68.60 -26.38 -32.26
C GLU K 60 67.89 -25.91 -30.98
N HIS K 61 68.63 -25.51 -29.96
CA HIS K 61 68.06 -24.80 -28.80
C HIS K 61 67.35 -23.53 -29.28
N SER K 62 68.05 -22.76 -30.12
CA SER K 62 67.54 -21.52 -30.66
C SER K 62 66.21 -21.75 -31.41
N LEU K 63 66.13 -22.78 -32.26
CA LEU K 63 64.86 -23.10 -32.92
C LEU K 63 63.73 -23.38 -31.93
N GLY K 64 64.05 -24.16 -30.90
CA GLY K 64 63.07 -24.55 -29.90
C GLY K 64 62.56 -23.41 -29.06
N VAL K 65 63.44 -22.47 -28.72
CA VAL K 65 63.01 -21.31 -27.95
C VAL K 65 62.11 -20.44 -28.80
N GLY K 66 62.45 -20.31 -30.07
CA GLY K 66 61.60 -19.66 -31.04
C GLY K 66 60.24 -20.32 -31.12
N TYR K 67 60.24 -21.65 -31.16
CA TYR K 67 59.00 -22.41 -31.23
C TYR K 67 58.11 -22.20 -29.99
N LEU K 68 58.70 -22.32 -28.81
CA LEU K 68 57.94 -22.22 -27.57
C LEU K 68 57.46 -20.80 -27.33
N ALA K 69 58.26 -19.83 -27.73
CA ALA K 69 57.82 -18.45 -27.67
C ALA K 69 56.53 -18.26 -28.44
N GLY K 70 56.47 -18.82 -29.65
CA GLY K 70 55.25 -18.84 -30.46
C GLY K 70 54.10 -19.53 -29.75
N CYS K 71 54.36 -20.68 -29.15
CA CYS K 71 53.31 -21.46 -28.48
C CYS K 71 52.66 -20.65 -27.41
N LEU K 72 53.45 -19.99 -26.57
CA LEU K 72 52.94 -19.32 -25.40
C LEU K 72 52.17 -18.07 -25.80
N VAL K 73 52.73 -17.26 -26.68
CA VAL K 73 52.05 -16.03 -27.12
C VAL K 73 50.78 -16.34 -27.91
N HIS K 74 50.82 -17.38 -28.74
CA HIS K 74 49.65 -17.79 -29.53
C HIS K 74 48.56 -18.35 -28.60
N ALA K 75 48.95 -19.06 -27.56
CA ALA K 75 48.01 -19.60 -26.59
C ALA K 75 47.32 -18.53 -25.79
N LEU K 76 48.08 -17.54 -25.32
CA LEU K 76 47.49 -16.43 -24.59
C LEU K 76 46.48 -15.70 -25.45
N GLY K 77 46.80 -15.57 -26.74
CA GLY K 77 45.92 -14.93 -27.71
C GLY K 77 44.59 -15.63 -27.91
N GLU K 78 44.62 -16.96 -28.07
CA GLU K 78 43.38 -17.71 -28.27
C GLU K 78 42.53 -17.63 -27.02
N LYS K 79 43.12 -17.87 -25.86
CA LYS K 79 42.38 -17.86 -24.58
C LYS K 79 41.83 -16.45 -24.24
N GLN K 80 42.53 -15.37 -24.62
CA GLN K 80 42.14 -13.99 -24.25
C GLN K 80 42.24 -13.01 -25.44
N PRO K 81 41.20 -12.96 -26.29
CA PRO K 81 41.22 -12.04 -27.43
C PRO K 81 41.29 -10.58 -27.02
N GLU K 82 40.72 -10.25 -25.85
CA GLU K 82 40.80 -8.90 -25.29
C GLU K 82 42.18 -8.28 -25.27
N LEU K 83 43.22 -9.10 -25.24
CA LEU K 83 44.61 -8.62 -25.22
C LEU K 83 45.08 -8.00 -26.54
N GLN K 84 44.39 -8.36 -27.63
CA GLN K 84 44.68 -7.85 -28.97
C GLN K 84 46.12 -8.09 -29.34
N ILE K 85 46.48 -9.37 -29.31
CA ILE K 85 47.80 -9.82 -29.67
C ILE K 85 47.72 -9.95 -31.18
N SER K 86 48.55 -9.21 -31.90
CA SER K 86 48.55 -9.22 -33.38
C SER K 86 49.49 -10.28 -33.92
N GLU K 87 49.29 -10.67 -35.19
CA GLU K 87 50.23 -11.57 -35.86
C GLU K 87 51.60 -10.94 -36.01
N ARG K 88 51.63 -9.62 -35.94
CA ARG K 88 52.87 -8.89 -35.85
C ARG K 88 53.58 -9.12 -34.51
N ASP K 89 52.84 -9.03 -33.42
CA ASP K 89 53.39 -9.32 -32.08
C ASP K 89 53.95 -10.73 -32.00
N VAL K 90 53.21 -11.69 -32.56
CA VAL K 90 53.60 -13.11 -32.53
C VAL K 90 54.92 -13.32 -33.25
N LEU K 91 55.02 -12.76 -34.45
CA LEU K 91 56.25 -12.86 -35.21
C LEU K 91 57.44 -12.28 -34.48
N CYS K 92 57.25 -11.13 -33.85
CA CYS K 92 58.33 -10.49 -33.12
C CYS K 92 58.82 -11.31 -31.94
N VAL K 93 57.87 -11.91 -31.21
CA VAL K 93 58.18 -12.76 -30.08
C VAL K 93 58.96 -14.00 -30.55
N GLN K 94 58.51 -14.60 -31.65
CA GLN K 94 59.22 -15.73 -32.28
C GLN K 94 60.63 -15.36 -32.71
N ILE K 95 60.79 -14.21 -33.35
CA ILE K 95 62.11 -13.77 -33.79
C ILE K 95 63.04 -13.58 -32.60
N ALA K 96 62.53 -13.01 -31.52
CA ALA K 96 63.33 -12.83 -30.31
C ALA K 96 63.79 -14.17 -29.77
N GLY K 97 62.83 -15.08 -29.59
CA GLY K 97 63.13 -16.42 -29.13
C GLY K 97 64.17 -17.10 -29.99
N LEU K 98 64.00 -16.98 -31.29
CA LEU K 98 64.89 -17.59 -32.25
C LEU K 98 66.32 -17.04 -32.15
N CYS K 99 66.42 -15.73 -31.97
CA CYS K 99 67.72 -15.03 -31.96
C CYS K 99 68.28 -14.75 -30.56
N HIS K 100 67.70 -15.34 -29.53
CA HIS K 100 67.96 -14.89 -28.15
C HIS K 100 69.37 -15.24 -27.68
N ASP K 101 69.90 -16.36 -28.20
CA ASP K 101 71.26 -16.79 -27.84
C ASP K 101 72.27 -16.61 -28.98
N LEU K 102 71.90 -15.84 -29.98
CA LEU K 102 72.82 -15.51 -31.10
C LEU K 102 74.26 -15.13 -30.76
N GLY K 103 74.45 -14.53 -29.58
CA GLY K 103 75.75 -14.03 -29.14
C GLY K 103 76.58 -14.91 -28.23
N HIS K 104 76.25 -16.19 -28.13
CA HIS K 104 77.11 -17.10 -27.34
C HIS K 104 78.42 -17.31 -28.04
N GLY K 105 79.46 -17.46 -27.23
CA GLY K 105 80.79 -17.69 -27.77
C GLY K 105 81.14 -19.16 -27.89
N PRO K 106 82.39 -19.45 -28.26
CA PRO K 106 82.88 -20.82 -28.23
C PRO K 106 82.65 -21.46 -26.88
N PHE K 107 82.12 -22.67 -26.89
CA PHE K 107 81.74 -23.42 -25.68
C PHE K 107 80.78 -22.65 -24.77
N SER K 108 79.84 -21.95 -25.39
CA SER K 108 78.73 -21.28 -24.72
C SER K 108 79.11 -20.48 -23.47
N HIS K 109 78.83 -21.00 -22.28
CA HIS K 109 78.94 -20.21 -21.05
C HIS K 109 80.37 -20.13 -20.55
N MET K 110 81.22 -21.04 -20.99
CA MET K 110 82.64 -20.95 -20.76
C MET K 110 83.18 -19.60 -21.24
N PHE K 111 82.71 -19.14 -22.39
CA PHE K 111 83.18 -17.89 -22.98
C PHE K 111 82.82 -16.65 -22.18
N ASP K 112 81.54 -16.43 -21.94
CA ASP K 112 81.10 -15.23 -21.20
C ASP K 112 81.29 -15.35 -19.68
N GLY K 113 81.43 -16.58 -19.20
CA GLY K 113 81.51 -16.87 -17.77
C GLY K 113 82.91 -17.06 -17.20
N ARG K 114 83.82 -17.62 -17.99
CA ARG K 114 85.21 -17.85 -17.57
C ARG K 114 86.22 -17.03 -18.35
N PHE K 115 86.21 -17.17 -19.68
CA PHE K 115 87.24 -16.59 -20.55
C PHE K 115 87.28 -15.07 -20.62
N ILE K 116 86.20 -14.45 -21.03
CA ILE K 116 86.19 -13.01 -21.20
C ILE K 116 86.46 -12.28 -19.87
N PRO K 117 85.87 -12.73 -18.76
CA PRO K 117 86.24 -12.12 -17.49
C PRO K 117 87.72 -12.19 -17.12
N LEU K 118 88.43 -13.23 -17.57
CA LEU K 118 89.88 -13.32 -17.34
C LEU K 118 90.68 -12.58 -18.38
N ALA K 119 90.31 -12.73 -19.65
CA ALA K 119 91.03 -12.10 -20.76
C ALA K 119 90.89 -10.59 -20.79
N ARG K 120 89.73 -10.08 -20.40
CA ARG K 120 89.44 -8.65 -20.47
C ARG K 120 88.62 -8.20 -19.27
N PRO K 121 89.27 -8.11 -18.08
CA PRO K 121 88.59 -7.77 -16.83
C PRO K 121 87.93 -6.40 -16.81
N GLU K 122 88.44 -5.48 -17.62
CA GLU K 122 87.85 -4.14 -17.75
C GLU K 122 86.41 -4.12 -18.25
N VAL K 123 86.03 -5.08 -19.10
CA VAL K 123 84.72 -5.06 -19.78
C VAL K 123 83.66 -5.74 -18.93
N LYS K 124 82.41 -5.26 -19.04
CA LYS K 124 81.24 -5.97 -18.52
C LYS K 124 80.46 -6.41 -19.78
N TRP K 125 80.65 -7.67 -20.18
CA TRP K 125 80.05 -8.27 -21.40
C TRP K 125 79.34 -9.57 -21.11
N THR K 126 78.21 -9.80 -21.77
CA THR K 126 77.37 -10.99 -21.59
C THR K 126 76.95 -11.60 -22.94
N HIS K 127 76.48 -12.86 -22.92
CA HIS K 127 76.01 -13.53 -24.14
C HIS K 127 74.87 -12.74 -24.77
N GLU K 128 74.04 -12.13 -23.93
CA GLU K 128 72.86 -11.39 -24.35
C GLU K 128 73.21 -10.12 -25.09
N GLN K 129 74.15 -9.35 -24.55
CA GLN K 129 74.60 -8.12 -25.22
C GLN K 129 75.13 -8.47 -26.60
N GLY K 130 75.85 -9.58 -26.68
CA GLY K 130 76.32 -10.11 -27.94
C GLY K 130 75.19 -10.45 -28.90
N SER K 131 74.12 -11.03 -28.38
CA SER K 131 72.96 -11.37 -29.19
C SER K 131 72.32 -10.15 -29.85
N VAL K 132 72.15 -9.08 -29.09
CA VAL K 132 71.61 -7.84 -29.63
C VAL K 132 72.49 -7.33 -30.76
N MET K 133 73.80 -7.27 -30.52
CA MET K 133 74.73 -6.81 -31.54
C MET K 133 74.75 -7.70 -32.78
N MET K 134 74.77 -9.00 -32.54
CA MET K 134 74.79 -9.97 -33.62
C MET K 134 73.45 -9.98 -34.37
N PHE K 135 72.36 -9.66 -33.67
CA PHE K 135 71.06 -9.54 -34.34
C PHE K 135 71.04 -8.36 -35.32
N GLU K 136 71.50 -7.21 -34.85
CA GLU K 136 71.70 -6.01 -35.68
C GLU K 136 72.54 -6.35 -36.91
N HIS K 137 73.69 -7.00 -36.70
CA HIS K 137 74.57 -7.40 -37.82
C HIS K 137 73.87 -8.32 -38.80
N LEU K 138 73.08 -9.26 -38.29
CA LEU K 138 72.34 -10.21 -39.13
C LEU K 138 71.35 -9.49 -40.04
N ILE K 139 70.59 -8.58 -39.45
CA ILE K 139 69.56 -7.81 -40.15
C ILE K 139 70.18 -6.99 -41.29
N ASN K 140 71.25 -6.27 -40.97
CA ASN K 140 71.85 -5.33 -41.89
C ASN K 140 72.60 -6.04 -43.00
N SER K 141 73.42 -7.02 -42.64
CA SER K 141 74.21 -7.72 -43.65
C SER K 141 73.37 -8.66 -44.57
N ASN K 142 72.12 -8.94 -44.24
CA ASN K 142 71.28 -9.84 -45.09
C ASN K 142 69.99 -9.22 -45.65
N GLY K 143 69.81 -7.92 -45.51
CA GLY K 143 68.66 -7.21 -46.07
C GLY K 143 67.32 -7.75 -45.60
N ILE K 144 67.21 -7.91 -44.30
CA ILE K 144 66.03 -8.48 -43.68
C ILE K 144 64.95 -7.42 -43.54
N LYS K 145 65.35 -6.17 -43.32
CA LYS K 145 64.41 -5.06 -43.10
C LYS K 145 63.27 -4.96 -44.15
N PRO K 146 63.59 -5.07 -45.46
CA PRO K 146 62.56 -5.18 -46.49
C PRO K 146 61.59 -6.33 -46.28
N VAL K 147 62.11 -7.48 -45.87
CA VAL K 147 61.30 -8.69 -45.69
C VAL K 147 60.40 -8.53 -44.46
N MET K 148 60.90 -7.90 -43.40
CA MET K 148 60.07 -7.61 -42.23
C MET K 148 58.84 -6.79 -42.62
N GLU K 149 59.07 -5.72 -43.39
CA GLU K 149 58.00 -4.86 -43.90
C GLU K 149 57.01 -5.64 -44.72
N GLN K 150 57.52 -6.47 -45.63
CA GLN K 150 56.69 -7.31 -46.49
C GLN K 150 55.68 -8.12 -45.70
N TYR K 151 56.05 -8.59 -44.51
CA TYR K 151 55.15 -9.37 -43.65
C TYR K 151 54.54 -8.54 -42.50
N GLY K 152 54.38 -7.24 -42.71
CA GLY K 152 53.63 -6.40 -41.79
C GLY K 152 54.34 -5.89 -40.56
N LEU K 153 55.65 -6.05 -40.47
CA LEU K 153 56.39 -5.50 -39.33
C LEU K 153 56.82 -4.08 -39.62
N ILE K 154 57.14 -3.36 -38.54
CA ILE K 154 57.63 -1.99 -38.63
C ILE K 154 59.03 -1.95 -37.99
N PRO K 155 60.09 -2.08 -38.81
CA PRO K 155 61.47 -2.17 -38.30
C PRO K 155 61.87 -1.18 -37.22
N GLU K 156 61.49 0.09 -37.35
CA GLU K 156 61.80 1.07 -36.30
C GLU K 156 61.37 0.57 -34.92
N GLU K 157 60.08 0.32 -34.76
CA GLU K 157 59.50 -0.12 -33.48
C GLU K 157 59.89 -1.54 -33.11
N ASP K 158 59.79 -2.46 -34.08
CA ASP K 158 59.90 -3.89 -33.79
C ASP K 158 61.31 -4.41 -33.55
N ILE K 159 62.31 -3.89 -34.27
CA ILE K 159 63.69 -4.29 -34.00
C ILE K 159 64.11 -3.87 -32.59
N CYS K 160 63.56 -2.76 -32.10
CA CYS K 160 63.76 -2.37 -30.72
C CYS K 160 63.10 -3.39 -29.77
N PHE K 161 61.85 -3.72 -30.07
CA PHE K 161 61.08 -4.69 -29.29
C PHE K 161 61.77 -6.05 -29.19
N ILE K 162 62.32 -6.51 -30.30
CA ILE K 162 63.06 -7.78 -30.34
C ILE K 162 64.31 -7.70 -29.45
N LYS K 163 65.10 -6.65 -29.62
CA LYS K 163 66.29 -6.46 -28.80
C LYS K 163 65.94 -6.35 -27.32
N GLU K 164 64.85 -5.66 -27.02
CA GLU K 164 64.40 -5.48 -25.65
C GLU K 164 63.97 -6.79 -24.99
N GLN K 165 63.36 -7.68 -25.78
CA GLN K 165 63.01 -9.03 -25.29
C GLN K 165 64.23 -9.80 -24.85
N ILE K 166 65.36 -9.58 -25.53
CA ILE K 166 66.57 -10.33 -25.28
C ILE K 166 67.37 -9.82 -24.07
N VAL K 167 67.71 -8.54 -24.04
CA VAL K 167 68.60 -7.97 -23.00
C VAL K 167 67.92 -7.14 -21.93
N GLY K 168 66.63 -6.89 -22.07
CA GLY K 168 65.94 -5.96 -21.18
C GLY K 168 65.96 -4.58 -21.76
N PRO K 169 65.74 -3.55 -20.92
CA PRO K 169 65.63 -2.21 -21.50
C PRO K 169 66.96 -1.66 -21.99
N LEU K 170 66.96 -1.11 -23.20
CA LEU K 170 68.20 -0.57 -23.79
C LEU K 170 68.59 0.80 -23.12
N LEU K 178 58.74 4.68 -13.88
CA LEU K 178 58.11 4.80 -15.24
C LEU K 178 58.39 3.59 -16.13
N TRP K 179 57.59 3.42 -17.17
CA TRP K 179 57.67 2.28 -18.10
C TRP K 179 58.96 2.33 -18.92
N PRO K 180 59.91 1.42 -18.66
CA PRO K 180 61.21 1.50 -19.31
C PRO K 180 61.32 1.07 -20.78
N TYR K 181 60.27 0.50 -21.38
CA TYR K 181 60.39 -0.04 -22.73
C TYR K 181 59.86 0.93 -23.80
N LYS K 182 60.63 1.06 -24.88
CA LYS K 182 60.25 1.86 -26.04
C LYS K 182 59.59 1.01 -27.13
N GLY K 183 59.75 -0.31 -27.10
CA GLY K 183 59.30 -1.19 -28.18
C GLY K 183 57.81 -1.51 -28.18
N ARG K 184 57.22 -1.58 -26.99
CA ARG K 184 55.79 -1.81 -26.84
C ARG K 184 55.25 -1.10 -25.60
N PRO K 185 53.97 -0.72 -25.61
CA PRO K 185 53.33 -0.07 -24.46
C PRO K 185 53.10 -0.99 -23.25
N GLU K 186 52.69 -0.38 -22.14
CA GLU K 186 52.42 -1.10 -20.89
C GLU K 186 51.31 -2.15 -20.98
N ASN K 187 50.35 -1.94 -21.88
CA ASN K 187 49.24 -2.87 -22.09
C ASN K 187 49.65 -4.15 -22.82
N LYS K 188 50.92 -4.23 -23.21
CA LYS K 188 51.50 -5.46 -23.73
C LYS K 188 52.80 -5.85 -23.01
N SER K 189 52.90 -5.54 -21.72
CA SER K 189 54.10 -5.91 -20.95
C SER K 189 54.31 -7.40 -20.85
N PHE K 190 53.21 -8.16 -20.90
CA PHE K 190 53.28 -9.61 -20.84
C PHE K 190 54.14 -10.22 -21.92
N LEU K 191 54.23 -9.56 -23.08
CA LEU K 191 55.11 -10.05 -24.14
C LEU K 191 56.60 -10.08 -23.75
N TYR K 192 57.02 -9.20 -22.85
CA TYR K 192 58.40 -9.21 -22.36
C TYR K 192 58.73 -10.35 -21.40
N GLU K 193 57.71 -11.01 -20.86
CA GLU K 193 57.88 -12.14 -19.96
C GLU K 193 57.97 -13.53 -20.65
N ILE K 194 58.00 -13.60 -21.99
CA ILE K 194 58.00 -14.88 -22.68
C ILE K 194 59.40 -15.46 -22.91
N VAL K 195 60.26 -14.71 -23.56
CA VAL K 195 61.58 -15.21 -23.97
C VAL K 195 62.61 -15.13 -22.86
N SER K 196 62.63 -14.03 -22.13
CA SER K 196 63.56 -13.83 -21.03
C SER K 196 62.90 -12.96 -19.95
N ASN K 197 62.42 -13.63 -18.91
CA ASN K 197 61.56 -13.04 -17.90
C ASN K 197 62.45 -12.41 -16.82
N LYS K 198 62.51 -11.08 -16.81
CA LYS K 198 63.32 -10.35 -15.85
C LYS K 198 62.68 -10.31 -14.47
N ARG K 199 61.37 -10.48 -14.38
CA ARG K 199 60.63 -10.35 -13.14
C ARG K 199 60.93 -11.51 -12.19
N ASN K 200 60.78 -12.73 -12.70
CA ASN K 200 60.93 -13.95 -11.91
C ASN K 200 61.78 -15.08 -12.54
N GLY K 201 62.05 -15.00 -13.84
CA GLY K 201 62.89 -16.01 -14.51
C GLY K 201 62.14 -17.14 -15.18
N ILE K 202 60.81 -17.20 -15.05
CA ILE K 202 60.01 -18.23 -15.69
C ILE K 202 59.82 -17.84 -17.16
N ASP K 203 60.62 -18.45 -18.03
CA ASP K 203 60.64 -18.15 -19.46
C ASP K 203 60.81 -19.42 -20.33
N VAL K 204 60.62 -19.28 -21.63
CA VAL K 204 60.69 -20.44 -22.51
C VAL K 204 62.13 -20.86 -22.83
N ASP K 205 63.14 -19.99 -22.61
CA ASP K 205 64.55 -20.41 -22.72
C ASP K 205 64.73 -21.61 -21.80
N LYS K 206 64.30 -21.46 -20.54
CA LYS K 206 64.38 -22.53 -19.55
C LYS K 206 63.67 -23.78 -20.01
N TRP K 207 62.46 -23.61 -20.54
CA TRP K 207 61.62 -24.76 -20.82
C TRP K 207 62.24 -25.62 -21.88
N ASP K 208 62.83 -24.98 -22.89
CA ASP K 208 63.47 -25.72 -23.95
C ASP K 208 64.69 -26.46 -23.43
N TYR K 209 65.60 -25.74 -22.77
CA TYR K 209 66.87 -26.39 -22.39
C TYR K 209 66.69 -27.49 -21.32
N PHE K 210 65.67 -27.39 -20.48
CA PHE K 210 65.36 -28.50 -19.57
C PHE K 210 65.11 -29.75 -20.40
N ALA K 211 64.13 -29.65 -21.28
CA ALA K 211 63.71 -30.75 -22.13
C ALA K 211 64.86 -31.25 -23.00
N ARG K 212 65.59 -30.31 -23.60
CA ARG K 212 66.63 -30.66 -24.56
C ARG K 212 67.84 -31.23 -23.89
N ASP K 213 68.32 -30.57 -22.84
CA ASP K 213 69.56 -31.01 -22.18
C ASP K 213 69.30 -32.38 -21.57
N CYS K 214 68.16 -32.56 -20.92
CA CYS K 214 67.79 -33.88 -20.40
C CYS K 214 67.82 -34.99 -21.45
N HIS K 215 67.26 -34.70 -22.62
CA HIS K 215 67.17 -35.69 -23.69
C HIS K 215 68.55 -36.19 -24.08
N HIS K 216 69.48 -35.24 -24.20
CA HIS K 216 70.84 -35.54 -24.64
C HIS K 216 71.74 -35.99 -23.47
N LEU K 217 71.53 -35.45 -22.27
CA LEU K 217 72.38 -35.81 -21.12
C LEU K 217 72.20 -37.26 -20.70
N GLY K 218 70.94 -37.69 -20.74
CA GLY K 218 70.52 -38.96 -20.16
C GLY K 218 70.06 -38.80 -18.73
N ILE K 219 69.36 -37.71 -18.48
CA ILE K 219 68.68 -37.47 -17.23
C ILE K 219 67.22 -37.22 -17.61
N GLN K 220 66.26 -37.63 -16.77
CA GLN K 220 64.86 -37.32 -17.06
C GLN K 220 64.48 -35.96 -16.41
N ASN K 221 63.59 -35.27 -17.11
CA ASN K 221 63.15 -33.91 -16.80
C ASN K 221 61.83 -34.02 -16.05
N ASN K 222 61.76 -33.33 -14.92
CA ASN K 222 60.56 -33.41 -14.09
C ASN K 222 59.60 -32.21 -14.22
N PHE K 223 59.71 -31.42 -15.30
CA PHE K 223 58.91 -30.17 -15.46
C PHE K 223 58.07 -30.19 -16.72
N ASP K 224 56.77 -29.92 -16.59
CA ASP K 224 55.83 -29.99 -17.69
C ASP K 224 55.47 -28.59 -18.18
N TYR K 225 56.14 -28.13 -19.23
CA TYR K 225 55.90 -26.76 -19.74
C TYR K 225 54.54 -26.64 -20.40
N LYS K 226 54.11 -27.71 -21.06
CA LYS K 226 52.82 -27.72 -21.74
C LYS K 226 51.67 -27.46 -20.79
N ARG K 227 51.76 -28.06 -19.62
CA ARG K 227 50.79 -27.87 -18.56
C ARG K 227 50.77 -26.44 -18.08
N PHE K 228 51.94 -25.85 -17.89
CA PHE K 228 52.02 -24.47 -17.43
C PHE K 228 51.34 -23.51 -18.40
N ILE K 229 51.50 -23.77 -19.70
CA ILE K 229 50.84 -22.99 -20.74
C ILE K 229 49.33 -23.13 -20.66
N LYS K 230 48.82 -24.32 -20.43
CA LYS K 230 47.36 -24.48 -20.30
C LYS K 230 46.76 -23.66 -19.15
N PHE K 231 47.53 -23.42 -18.09
CA PHE K 231 47.03 -22.67 -16.95
C PHE K 231 47.70 -21.31 -16.82
N ALA K 232 48.10 -20.73 -17.94
CA ALA K 232 48.70 -19.41 -17.94
C ALA K 232 47.65 -18.45 -18.40
N ARG K 233 47.77 -17.20 -17.98
CA ARG K 233 46.75 -16.20 -18.22
C ARG K 233 47.29 -14.82 -17.88
N VAL K 234 46.83 -13.80 -18.61
CA VAL K 234 47.25 -12.42 -18.37
C VAL K 234 46.25 -11.73 -17.48
N CYS K 235 46.72 -11.07 -16.42
CA CYS K 235 45.88 -10.29 -15.49
C CYS K 235 46.52 -8.97 -15.23
N GLU K 236 45.76 -8.03 -14.68
CA GLU K 236 46.31 -6.74 -14.29
C GLU K 236 47.01 -6.88 -12.95
N VAL K 237 48.23 -6.37 -12.86
CA VAL K 237 49.01 -6.31 -11.61
C VAL K 237 49.73 -4.97 -11.57
N ASP K 238 49.37 -4.11 -10.61
CA ASP K 238 49.99 -2.78 -10.45
C ASP K 238 50.01 -2.02 -11.76
N ASN K 239 48.82 -1.80 -12.32
CA ASN K 239 48.64 -0.95 -13.54
C ASN K 239 49.37 -1.44 -14.79
N GLU K 240 49.56 -2.74 -14.87
CA GLU K 240 50.42 -3.39 -15.87
C GLU K 240 49.87 -4.79 -16.13
N LEU K 241 49.79 -5.20 -17.40
CA LEU K 241 49.25 -6.54 -17.75
C LEU K 241 50.34 -7.62 -17.80
N ARG K 242 50.36 -8.54 -16.82
CA ARG K 242 51.39 -9.58 -16.70
C ARG K 242 50.84 -10.99 -16.80
N ILE K 243 51.73 -11.95 -17.07
CA ILE K 243 51.37 -13.35 -17.11
C ILE K 243 51.24 -13.84 -15.67
N CYS K 244 50.18 -14.62 -15.43
CA CYS K 244 49.91 -15.22 -14.13
C CYS K 244 49.67 -16.70 -14.30
N ALA K 245 50.06 -17.47 -13.29
CA ALA K 245 49.82 -18.91 -13.27
C ALA K 245 48.66 -19.20 -12.36
N ARG K 246 48.06 -20.37 -12.50
CA ARG K 246 46.97 -20.70 -11.62
C ARG K 246 47.49 -21.06 -10.22
N ASP K 247 46.68 -20.76 -9.20
CA ASP K 247 47.00 -21.05 -7.79
C ASP K 247 47.58 -22.45 -7.55
N LYS K 248 46.99 -23.45 -8.17
CA LYS K 248 47.43 -24.83 -7.98
C LYS K 248 48.84 -25.13 -8.55
N GLU K 249 49.27 -24.39 -9.56
CA GLU K 249 50.62 -24.58 -10.10
C GLU K 249 51.79 -24.13 -9.21
N VAL K 250 51.51 -23.46 -8.10
CA VAL K 250 52.60 -22.91 -7.26
C VAL K 250 53.62 -23.99 -6.91
N GLY K 251 53.14 -25.19 -6.60
CA GLY K 251 54.04 -26.30 -6.29
C GLY K 251 54.96 -26.65 -7.45
N ASN K 252 54.36 -26.78 -8.62
CA ASN K 252 55.12 -27.12 -9.84
C ASN K 252 56.14 -26.06 -10.21
N LEU K 253 55.87 -24.80 -9.85
CA LEU K 253 56.82 -23.73 -10.08
C LEU K 253 58.01 -23.80 -9.13
N TYR K 254 57.80 -24.13 -7.86
CA TYR K 254 58.95 -24.35 -6.97
C TYR K 254 59.78 -25.52 -7.51
N ASP K 255 59.11 -26.55 -8.03
CA ASP K 255 59.78 -27.73 -8.59
C ASP K 255 60.53 -27.41 -9.89
N MET K 256 60.07 -26.39 -10.63
CA MET K 256 60.80 -25.93 -11.81
C MET K 256 62.20 -25.45 -11.42
N PHE K 257 62.28 -24.64 -10.37
CA PHE K 257 63.58 -24.11 -9.95
C PHE K 257 64.43 -25.18 -9.26
N HIS K 258 63.77 -26.15 -8.64
CA HIS K 258 64.45 -27.33 -8.09
C HIS K 258 65.11 -28.12 -9.23
N THR K 259 64.33 -28.42 -10.25
CA THR K 259 64.82 -29.10 -11.45
C THR K 259 66.05 -28.38 -12.02
N ARG K 260 65.97 -27.05 -12.09
CA ARG K 260 67.08 -26.23 -12.59
C ARG K 260 68.34 -26.45 -11.76
N ASN K 261 68.18 -26.29 -10.45
CA ASN K 261 69.28 -26.42 -9.51
C ASN K 261 69.85 -27.83 -9.57
N SER K 262 68.97 -28.79 -9.73
CA SER K 262 69.35 -30.19 -9.82
C SER K 262 70.18 -30.48 -11.10
N LEU K 263 69.78 -29.90 -12.24
CA LEU K 263 70.57 -30.00 -13.47
C LEU K 263 71.94 -29.34 -13.39
N HIS K 264 72.01 -28.26 -12.63
CA HIS K 264 73.29 -27.61 -12.38
C HIS K 264 74.19 -28.49 -11.53
N ARG K 265 73.62 -29.11 -10.50
CA ARG K 265 74.41 -29.93 -9.61
C ARG K 265 74.93 -31.16 -10.33
N ARG K 266 74.05 -31.85 -11.04
CA ARG K 266 74.44 -33.07 -11.71
C ARG K 266 75.32 -32.87 -12.94
N ALA K 267 74.95 -31.93 -13.79
CA ALA K 267 75.55 -31.81 -15.12
C ALA K 267 76.34 -30.53 -15.33
N TYR K 268 75.67 -29.39 -15.26
CA TYR K 268 76.30 -28.16 -15.75
C TYR K 268 77.52 -27.77 -14.93
N GLN K 269 77.42 -27.93 -13.60
CA GLN K 269 78.55 -27.68 -12.69
C GLN K 269 79.24 -28.96 -12.24
N HIS K 270 79.23 -29.98 -13.10
CA HIS K 270 79.94 -31.21 -12.81
C HIS K 270 81.42 -30.93 -12.63
N LYS K 271 81.99 -31.49 -11.56
CA LYS K 271 83.37 -31.19 -11.16
C LYS K 271 84.39 -31.29 -12.31
N VAL K 272 84.23 -32.28 -13.17
CA VAL K 272 85.14 -32.51 -14.29
C VAL K 272 84.76 -31.67 -15.50
N GLY K 273 83.47 -31.46 -15.69
CA GLY K 273 83.01 -30.56 -16.76
C GLY K 273 83.58 -29.17 -16.57
N ASN K 274 83.56 -28.71 -15.31
CA ASN K 274 84.13 -27.42 -14.96
C ASN K 274 85.65 -27.36 -15.10
N ILE K 275 86.34 -28.44 -14.74
CA ILE K 275 87.79 -28.43 -14.89
C ILE K 275 88.21 -28.46 -16.35
N ILE K 276 87.42 -29.13 -17.19
CA ILE K 276 87.68 -29.10 -18.61
C ILE K 276 87.40 -27.72 -19.19
N ASP K 277 86.36 -27.07 -18.70
CA ASP K 277 86.09 -25.68 -19.08
C ASP K 277 87.28 -24.79 -18.68
N THR K 278 87.78 -24.91 -17.43
CA THR K 278 88.91 -24.07 -17.01
C THR K 278 90.17 -24.38 -17.85
N MET K 279 90.38 -25.64 -18.20
CA MET K 279 91.52 -26.00 -19.04
C MET K 279 91.42 -25.47 -20.45
N ILE K 280 90.22 -25.49 -21.02
CA ILE K 280 90.02 -24.91 -22.36
C ILE K 280 90.17 -23.40 -22.30
N THR K 281 89.59 -22.77 -21.29
CA THR K 281 89.75 -21.33 -21.06
C THR K 281 91.23 -20.98 -20.97
N ASP K 282 91.97 -21.76 -20.19
CA ASP K 282 93.41 -21.55 -20.00
C ASP K 282 94.15 -21.60 -21.33
N ALA K 283 93.85 -22.61 -22.14
CA ALA K 283 94.45 -22.73 -23.47
C ALA K 283 94.08 -21.58 -24.40
N PHE K 284 92.88 -21.04 -24.25
CA PHE K 284 92.46 -19.87 -25.04
C PHE K 284 93.24 -18.64 -24.62
N LEU K 285 93.41 -18.45 -23.31
CA LEU K 285 94.21 -17.33 -22.81
C LEU K 285 95.64 -17.39 -23.37
N LYS K 286 96.23 -18.58 -23.40
CA LYS K 286 97.59 -18.75 -23.92
C LYS K 286 97.69 -18.62 -25.42
N ALA K 287 96.62 -18.93 -26.13
CA ALA K 287 96.56 -18.79 -27.58
C ALA K 287 96.11 -17.42 -28.05
N ASP K 288 95.64 -16.58 -27.13
CA ASP K 288 94.92 -15.35 -27.49
C ASP K 288 95.75 -14.46 -28.39
N ASP K 289 96.96 -14.18 -27.91
CA ASP K 289 97.91 -13.28 -28.57
C ASP K 289 98.27 -13.64 -29.99
N TYR K 290 98.32 -14.92 -30.31
CA TYR K 290 98.82 -15.36 -31.62
C TYR K 290 97.74 -15.81 -32.61
N ILE K 291 96.46 -15.71 -32.25
CA ILE K 291 95.38 -16.03 -33.19
C ILE K 291 94.72 -14.75 -33.67
N GLU K 292 94.68 -14.63 -35.00
CA GLU K 292 94.09 -13.51 -35.70
C GLU K 292 92.80 -13.96 -36.35
N ILE K 293 91.76 -13.12 -36.25
CA ILE K 293 90.48 -13.39 -36.92
C ILE K 293 90.09 -12.15 -37.72
N THR K 294 89.89 -12.35 -39.03
CA THR K 294 89.56 -11.26 -39.96
C THR K 294 88.18 -10.73 -39.67
N GLY K 295 88.09 -9.42 -39.47
CA GLY K 295 86.84 -8.73 -39.18
C GLY K 295 86.36 -7.86 -40.33
N ALA K 296 85.69 -6.77 -39.97
CA ALA K 296 85.11 -5.85 -40.95
C ALA K 296 86.21 -4.95 -41.50
N GLY K 297 86.20 -4.80 -42.82
CA GLY K 297 87.23 -4.09 -43.55
C GLY K 297 88.61 -4.71 -43.45
N GLY K 298 88.67 -6.01 -43.22
CA GLY K 298 89.94 -6.72 -43.05
C GLY K 298 90.69 -6.53 -41.73
N LYS K 299 90.18 -5.71 -40.79
CA LYS K 299 90.88 -5.46 -39.52
C LYS K 299 91.13 -6.77 -38.76
N LYS K 300 92.25 -6.87 -38.04
CA LYS K 300 92.58 -8.11 -37.32
C LYS K 300 92.09 -8.05 -35.88
N TYR K 301 91.36 -9.07 -35.46
CA TYR K 301 90.90 -9.21 -34.08
C TYR K 301 91.42 -10.48 -33.44
N ARG K 302 91.58 -10.44 -32.12
CA ARG K 302 91.99 -11.58 -31.32
C ARG K 302 90.73 -12.29 -30.82
N ILE K 303 90.89 -13.44 -30.18
CA ILE K 303 89.77 -14.19 -29.62
C ILE K 303 89.02 -13.32 -28.64
N SER K 304 89.76 -12.71 -27.71
CA SER K 304 89.15 -11.84 -26.70
C SER K 304 88.51 -10.56 -27.24
N THR K 305 88.97 -10.07 -28.39
CA THR K 305 88.47 -8.81 -28.97
C THR K 305 87.47 -8.98 -30.11
N ALA K 306 87.20 -10.22 -30.53
CA ALA K 306 86.23 -10.46 -31.59
C ALA K 306 84.83 -10.07 -31.18
N ILE K 307 84.55 -10.06 -29.89
CA ILE K 307 83.27 -9.57 -29.38
C ILE K 307 82.97 -8.10 -29.73
N ASP K 308 84.00 -7.33 -30.03
CA ASP K 308 83.82 -5.94 -30.43
C ASP K 308 83.33 -5.77 -31.85
N ASP K 309 83.65 -6.70 -32.75
CA ASP K 309 83.21 -6.64 -34.14
C ASP K 309 82.52 -7.94 -34.62
N MET K 310 81.24 -7.83 -34.96
CA MET K 310 80.40 -8.98 -35.26
C MET K 310 80.77 -9.73 -36.53
N GLU K 311 81.44 -9.08 -37.47
CA GLU K 311 81.85 -9.81 -38.66
C GLU K 311 82.96 -10.80 -38.32
N ALA K 312 83.78 -10.43 -37.33
CA ALA K 312 84.82 -11.32 -36.82
C ALA K 312 84.21 -12.43 -35.98
N TYR K 313 83.37 -12.02 -35.04
CA TYR K 313 82.68 -12.94 -34.12
C TYR K 313 81.84 -14.01 -34.79
N THR K 314 81.34 -13.73 -35.99
CA THR K 314 80.65 -14.70 -36.83
C THR K 314 81.52 -15.93 -37.13
N LYS K 315 82.82 -15.72 -37.24
CA LYS K 315 83.77 -16.80 -37.53
C LYS K 315 84.40 -17.42 -36.28
N LEU K 316 84.01 -16.96 -35.09
CA LEU K 316 84.53 -17.48 -33.82
C LEU K 316 83.59 -18.50 -33.17
N THR K 317 83.93 -19.78 -33.32
CA THR K 317 83.09 -20.89 -32.85
C THR K 317 83.93 -21.93 -32.10
N ASP K 318 83.35 -23.08 -31.78
CA ASP K 318 84.09 -24.19 -31.16
C ASP K 318 85.26 -24.64 -31.99
N ASN K 319 85.21 -24.42 -33.30
CA ASN K 319 86.36 -24.61 -34.20
C ASN K 319 87.70 -24.21 -33.61
N ILE K 320 87.70 -23.10 -32.90
CA ILE K 320 88.92 -22.51 -32.37
C ILE K 320 89.72 -23.50 -31.51
N PHE K 321 89.02 -24.41 -30.84
CA PHE K 321 89.62 -25.54 -30.11
C PHE K 321 90.43 -26.40 -31.04
N LEU K 322 89.82 -26.89 -32.10
CA LEU K 322 90.52 -27.77 -33.05
C LEU K 322 91.60 -27.06 -33.86
N GLU K 323 91.43 -25.74 -34.04
CA GLU K 323 92.43 -24.93 -34.73
C GLU K 323 93.71 -24.94 -33.91
N ILE K 324 93.59 -24.67 -32.61
CA ILE K 324 94.71 -24.74 -31.67
C ILE K 324 95.29 -26.14 -31.62
N LEU K 325 94.44 -27.15 -31.49
CA LEU K 325 94.90 -28.53 -31.36
C LEU K 325 95.68 -29.01 -32.57
N TYR K 326 95.17 -28.75 -33.77
CA TYR K 326 95.82 -29.19 -34.99
C TYR K 326 96.99 -28.31 -35.46
N SER K 327 97.22 -27.15 -34.83
CA SER K 327 98.25 -26.23 -35.30
C SER K 327 99.66 -26.74 -35.11
N THR K 328 100.57 -26.20 -35.93
CA THR K 328 102.00 -26.45 -35.86
C THR K 328 102.82 -25.20 -35.52
N ASP K 329 102.20 -24.03 -35.44
CA ASP K 329 102.88 -22.80 -35.03
C ASP K 329 103.53 -22.99 -33.65
N PRO K 330 104.85 -22.76 -33.53
CA PRO K 330 105.45 -22.90 -32.19
C PRO K 330 105.01 -21.85 -31.17
N LYS K 331 104.43 -20.74 -31.61
CA LYS K 331 103.88 -19.74 -30.68
C LYS K 331 102.69 -20.30 -29.89
N LEU K 332 101.94 -21.22 -30.50
CA LEU K 332 100.79 -21.88 -29.88
C LEU K 332 101.13 -23.18 -29.15
N LYS K 333 102.40 -23.48 -28.92
CA LYS K 333 102.78 -24.76 -28.29
C LYS K 333 102.23 -24.87 -26.86
N ASP K 334 102.29 -23.79 -26.09
CA ASP K 334 101.74 -23.80 -24.72
C ASP K 334 100.24 -24.13 -24.67
N ALA K 335 99.48 -23.50 -25.57
CA ALA K 335 98.04 -23.74 -25.67
C ALA K 335 97.73 -25.15 -26.15
N ARG K 336 98.36 -25.55 -27.25
CA ARG K 336 98.21 -26.88 -27.82
C ARG K 336 98.53 -28.01 -26.83
N GLU K 337 99.47 -27.78 -25.92
CA GLU K 337 99.83 -28.81 -24.93
C GLU K 337 98.71 -29.03 -23.91
N ILE K 338 98.01 -27.96 -23.53
CA ILE K 338 96.86 -28.11 -22.62
C ILE K 338 95.76 -28.93 -23.28
N LEU K 339 95.42 -28.60 -24.51
CA LEU K 339 94.38 -29.34 -25.23
C LEU K 339 94.78 -30.77 -25.50
N LYS K 340 96.05 -31.03 -25.74
CA LYS K 340 96.53 -32.41 -25.90
C LYS K 340 96.38 -33.17 -24.59
N GLN K 341 96.62 -32.51 -23.45
CA GLN K 341 96.41 -33.12 -22.13
C GLN K 341 94.94 -33.49 -21.86
N ILE K 342 94.00 -32.80 -22.48
CA ILE K 342 92.58 -33.16 -22.39
C ILE K 342 92.28 -34.44 -23.19
N GLU K 343 92.88 -34.55 -24.37
CA GLU K 343 92.71 -35.75 -25.21
C GLU K 343 93.14 -36.99 -24.44
N TYR K 344 94.34 -36.92 -23.87
CA TYR K 344 94.95 -38.03 -23.10
C TYR K 344 94.30 -38.25 -21.74
N ARG K 345 93.54 -37.27 -21.28
CA ARG K 345 92.80 -37.31 -20.03
C ARG K 345 93.70 -37.13 -18.80
N ASN K 346 94.75 -36.31 -18.96
CA ASN K 346 95.57 -35.83 -17.82
C ASN K 346 95.00 -34.51 -17.42
N LEU K 347 93.87 -34.59 -16.76
CA LEU K 347 93.17 -33.41 -16.29
C LEU K 347 93.70 -33.07 -14.92
N PHE K 348 93.52 -31.82 -14.54
CA PHE K 348 93.82 -31.40 -13.18
C PHE K 348 92.96 -32.22 -12.21
N LYS K 349 93.54 -32.67 -11.11
CA LYS K 349 92.82 -33.59 -10.22
C LYS K 349 91.95 -32.88 -9.22
N TYR K 350 90.74 -33.40 -9.06
CA TYR K 350 89.76 -32.85 -8.11
C TYR K 350 90.18 -33.28 -6.72
N VAL K 351 90.27 -32.32 -5.81
CA VAL K 351 90.66 -32.59 -4.43
C VAL K 351 89.43 -32.76 -3.54
N GLY K 352 88.48 -31.84 -3.66
CA GLY K 352 87.24 -31.90 -2.89
C GLY K 352 86.39 -30.64 -3.01
N GLU K 353 85.23 -30.69 -2.36
CA GLU K 353 84.25 -29.62 -2.40
C GLU K 353 83.98 -29.20 -0.97
N THR K 354 83.67 -27.92 -0.77
CA THR K 354 83.24 -27.42 0.53
C THR K 354 82.37 -26.18 0.39
N GLN K 355 81.70 -25.84 1.48
CA GLN K 355 80.79 -24.69 1.53
C GLN K 355 81.14 -23.77 2.70
N PRO K 356 80.86 -22.47 2.57
CA PRO K 356 80.92 -21.61 3.76
C PRO K 356 79.81 -21.94 4.77
N THR K 357 79.97 -21.45 6.01
CA THR K 357 78.94 -21.58 7.05
C THR K 357 78.47 -20.22 7.54
N GLY K 358 77.40 -20.26 8.33
CA GLY K 358 76.81 -19.08 8.90
C GLY K 358 76.17 -18.44 7.69
N GLN K 359 76.44 -17.16 7.52
CA GLN K 359 76.06 -16.43 6.34
C GLN K 359 77.32 -15.68 5.90
N ILE K 360 78.40 -16.40 5.58
CA ILE K 360 79.67 -15.82 5.11
C ILE K 360 79.72 -15.95 3.57
N LYS K 361 79.39 -14.89 2.83
CA LYS K 361 79.49 -14.93 1.36
C LYS K 361 80.93 -14.63 0.95
N ILE K 362 81.47 -15.37 -0.01
CA ILE K 362 82.78 -15.09 -0.58
C ILE K 362 82.62 -14.13 -1.76
N LYS K 363 83.16 -12.91 -1.63
CA LYS K 363 83.02 -11.89 -2.69
C LYS K 363 83.86 -12.26 -3.93
N ARG K 364 83.42 -11.85 -5.11
CA ARG K 364 84.10 -12.18 -6.38
C ARG K 364 85.53 -11.64 -6.47
N GLU K 365 85.72 -10.42 -5.99
CA GLU K 365 87.04 -9.81 -5.74
C GLU K 365 88.09 -10.74 -5.11
N ASP K 366 87.68 -11.60 -4.17
CA ASP K 366 88.58 -12.50 -3.44
C ASP K 366 88.96 -13.83 -4.15
N TYR K 367 88.31 -14.15 -5.25
CA TYR K 367 88.53 -15.43 -5.97
C TYR K 367 90.01 -15.61 -6.35
N GLU K 368 90.64 -14.55 -6.88
CA GLU K 368 92.06 -14.59 -7.29
C GLU K 368 92.97 -15.04 -6.14
N SER K 369 92.64 -14.62 -4.91
CA SER K 369 93.48 -14.87 -3.73
C SER K 369 93.40 -16.26 -3.07
N LEU K 370 92.40 -17.06 -3.43
CA LEU K 370 92.12 -18.31 -2.71
C LEU K 370 93.15 -19.43 -2.89
N PRO K 371 93.73 -19.58 -4.09
CA PRO K 371 94.85 -20.53 -4.21
C PRO K 371 96.02 -20.27 -3.25
N LYS K 372 96.36 -18.99 -3.06
CA LYS K 372 97.36 -18.55 -2.07
C LYS K 372 97.00 -19.04 -0.69
N GLU K 373 95.74 -18.89 -0.30
CA GLU K 373 95.28 -19.30 1.03
C GLU K 373 95.40 -20.81 1.30
N VAL K 374 95.17 -21.62 0.27
CA VAL K 374 95.22 -23.09 0.42
C VAL K 374 96.66 -23.56 0.63
N ALA K 375 97.57 -23.05 -0.18
CA ALA K 375 99.02 -23.32 -0.03
C ALA K 375 99.57 -22.79 1.31
N SER K 376 99.02 -21.66 1.75
CA SER K 376 99.39 -21.04 3.03
C SER K 376 98.97 -21.80 4.28
N ALA K 377 98.04 -22.75 4.16
CA ALA K 377 97.64 -23.56 5.31
C ALA K 377 98.78 -24.42 5.78
N LYS K 378 98.88 -24.60 7.09
CA LYS K 378 99.98 -25.33 7.69
C LYS K 378 99.37 -26.55 8.37
N PRO K 379 99.18 -27.66 7.61
CA PRO K 379 98.58 -28.87 8.19
C PRO K 379 99.55 -29.62 9.08
N LYS K 380 99.13 -30.02 10.27
CA LYS K 380 100.06 -30.67 11.23
C LYS K 380 100.29 -32.15 10.82
N VAL K 381 100.86 -32.34 9.63
CA VAL K 381 101.11 -33.67 9.04
C VAL K 381 102.35 -33.63 8.17
N LEU K 382 103.19 -34.66 8.25
CA LEU K 382 104.43 -34.74 7.45
C LEU K 382 104.13 -34.95 5.98
N LEU K 383 104.48 -33.98 5.15
CA LEU K 383 104.25 -34.02 3.71
C LEU K 383 105.50 -34.39 2.96
N ASP K 384 105.35 -35.14 1.90
CA ASP K 384 106.48 -35.55 1.03
C ASP K 384 106.93 -34.37 0.13
N VAL K 385 105.94 -33.58 -0.31
CA VAL K 385 106.11 -32.46 -1.22
C VAL K 385 105.44 -31.20 -0.66
N LYS K 386 106.08 -30.03 -0.80
CA LYS K 386 105.46 -28.73 -0.52
C LYS K 386 104.88 -28.23 -1.86
N LEU K 387 103.68 -27.63 -1.81
CA LEU K 387 102.98 -27.13 -3.00
C LEU K 387 102.80 -25.62 -2.96
N LYS K 388 103.15 -24.95 -4.07
CA LYS K 388 103.00 -23.50 -4.20
C LYS K 388 101.56 -23.16 -4.64
N ALA K 389 101.18 -21.89 -4.55
CA ALA K 389 99.81 -21.45 -4.84
C ALA K 389 99.37 -21.62 -6.30
N GLU K 390 100.30 -21.47 -7.23
CA GLU K 390 100.05 -21.73 -8.65
C GLU K 390 99.66 -23.18 -8.98
N ASP K 391 99.95 -24.11 -8.08
CA ASP K 391 99.55 -25.52 -8.22
C ASP K 391 98.06 -25.78 -7.96
N PHE K 392 97.42 -24.90 -7.19
CA PHE K 392 95.99 -25.01 -6.88
C PHE K 392 95.07 -24.20 -7.80
N ILE K 393 93.90 -24.75 -8.07
CA ILE K 393 92.77 -24.03 -8.67
C ILE K 393 91.63 -24.08 -7.71
N VAL K 394 90.97 -22.95 -7.48
CA VAL K 394 89.81 -22.90 -6.60
C VAL K 394 88.68 -22.27 -7.39
N ASP K 395 87.64 -23.04 -7.63
CA ASP K 395 86.51 -22.68 -8.47
C ASP K 395 85.36 -22.42 -7.51
N VAL K 396 84.82 -21.19 -7.52
CA VAL K 396 83.71 -20.88 -6.64
C VAL K 396 82.46 -20.76 -7.49
N ILE K 397 81.38 -21.37 -7.03
CA ILE K 397 80.17 -21.54 -7.83
C ILE K 397 78.97 -21.10 -7.01
N ASN K 398 78.19 -20.16 -7.56
CA ASN K 398 76.99 -19.66 -6.90
C ASN K 398 75.77 -20.39 -7.41
N MET K 399 75.18 -21.21 -6.55
CA MET K 399 73.94 -21.89 -6.87
C MET K 399 72.81 -21.09 -6.27
N ASP K 400 71.85 -20.69 -7.10
CA ASP K 400 70.68 -19.94 -6.63
C ASP K 400 69.43 -20.35 -7.38
N TYR K 401 68.31 -19.70 -7.06
CA TYR K 401 67.07 -19.87 -7.80
C TYR K 401 66.88 -18.74 -8.81
N GLY K 402 67.99 -18.26 -9.38
CA GLY K 402 67.95 -17.29 -10.46
C GLY K 402 67.89 -15.83 -10.08
N MET K 403 67.68 -15.54 -8.80
CA MET K 403 67.53 -14.16 -8.32
C MET K 403 68.33 -14.00 -7.04
N GLN K 404 69.62 -14.29 -7.16
CA GLN K 404 70.53 -14.26 -6.06
C GLN K 404 69.85 -14.84 -4.80
N GLU K 405 69.70 -14.06 -3.72
CA GLU K 405 69.18 -14.60 -2.47
C GLU K 405 67.67 -14.64 -2.37
N LYS K 406 66.97 -14.15 -3.39
CA LYS K 406 65.50 -14.06 -3.38
C LYS K 406 64.80 -15.32 -3.88
N ASN K 407 63.59 -15.51 -3.35
CA ASN K 407 62.68 -16.58 -3.75
C ASN K 407 61.91 -16.03 -4.95
N PRO K 408 62.12 -16.59 -6.15
CA PRO K 408 61.44 -16.06 -7.32
C PRO K 408 59.93 -16.26 -7.32
N ILE K 409 59.42 -17.20 -6.54
CA ILE K 409 57.98 -17.42 -6.44
C ILE K 409 57.29 -16.26 -5.73
N ASP K 410 58.01 -15.55 -4.88
CA ASP K 410 57.51 -14.30 -4.29
C ASP K 410 57.33 -13.21 -5.35
N HIS K 411 57.95 -13.36 -6.51
CA HIS K 411 57.72 -12.47 -7.67
C HIS K 411 56.88 -13.09 -8.81
N VAL K 412 55.96 -13.99 -8.47
CA VAL K 412 55.00 -14.56 -9.43
C VAL K 412 53.60 -14.18 -8.98
N SER K 413 52.76 -13.83 -9.94
CA SER K 413 51.36 -13.53 -9.69
C SER K 413 50.52 -14.76 -10.04
N PHE K 414 49.51 -15.05 -9.23
CA PHE K 414 48.65 -16.20 -9.42
C PHE K 414 47.18 -15.82 -9.61
N TYR K 415 46.34 -16.75 -10.03
CA TYR K 415 44.88 -16.52 -10.12
C TYR K 415 44.08 -17.72 -9.67
N CYS K 416 42.82 -17.53 -9.29
CA CYS K 416 41.95 -18.64 -8.85
C CYS K 416 40.87 -18.95 -9.84
N LYS K 417 40.37 -20.17 -9.78
CA LYS K 417 39.31 -20.63 -10.66
C LYS K 417 38.09 -19.74 -10.50
N THR K 418 37.80 -19.40 -9.24
CA THR K 418 36.64 -18.60 -8.86
C THR K 418 36.68 -17.12 -9.28
N ALA K 419 37.87 -16.59 -9.57
CA ALA K 419 38.06 -15.17 -9.97
C ALA K 419 39.30 -15.03 -10.85
N PRO K 420 39.16 -15.41 -12.12
CA PRO K 420 40.31 -15.57 -12.99
C PRO K 420 40.97 -14.29 -13.47
N ASN K 421 40.37 -13.13 -13.24
CA ASN K 421 41.03 -11.86 -13.57
C ASN K 421 41.69 -11.17 -12.41
N ARG K 422 41.48 -11.72 -11.22
CA ARG K 422 42.01 -11.16 -9.99
C ARG K 422 43.31 -11.88 -9.62
N ALA K 423 44.41 -11.15 -9.80
CA ALA K 423 45.74 -11.63 -9.48
C ALA K 423 46.00 -11.61 -7.99
N ILE K 424 46.79 -12.56 -7.51
CA ILE K 424 47.13 -12.69 -6.08
C ILE K 424 48.57 -13.11 -5.91
N ARG K 425 49.04 -13.10 -4.66
CA ARG K 425 50.37 -13.57 -4.31
C ARG K 425 50.25 -14.78 -3.43
N ILE K 426 51.22 -15.67 -3.48
CA ILE K 426 51.25 -16.85 -2.63
C ILE K 426 52.64 -16.89 -1.99
N THR K 427 52.70 -16.83 -0.68
CA THR K 427 53.95 -16.84 0.06
C THR K 427 54.48 -18.25 0.19
N LYS K 428 55.68 -18.39 0.74
CA LYS K 428 56.23 -19.73 0.94
C LYS K 428 55.46 -20.52 2.00
N ASN K 429 55.11 -19.87 3.09
CA ASN K 429 54.38 -20.50 4.21
C ASN K 429 53.02 -21.08 3.82
N GLN K 430 52.38 -20.44 2.82
CA GLN K 430 51.11 -20.91 2.30
C GLN K 430 51.21 -22.22 1.52
N VAL K 431 52.42 -22.61 1.10
CA VAL K 431 52.61 -23.80 0.24
C VAL K 431 53.07 -25.03 0.99
N SER K 432 54.25 -24.94 1.62
CA SER K 432 54.86 -26.10 2.29
C SER K 432 56.02 -25.74 3.19
N GLN K 433 56.12 -26.44 4.31
CA GLN K 433 57.26 -26.39 5.21
C GLN K 433 58.46 -27.21 4.71
N LEU K 434 58.26 -28.06 3.72
CA LEU K 434 59.35 -28.86 3.12
C LEU K 434 60.09 -28.18 1.96
N LEU K 435 59.83 -26.90 1.73
CA LEU K 435 60.56 -26.14 0.70
C LEU K 435 61.88 -25.66 1.26
N PRO K 436 62.75 -25.10 0.40
CA PRO K 436 64.06 -24.65 0.88
C PRO K 436 63.98 -23.46 1.84
N GLU K 437 64.91 -23.41 2.78
CA GLU K 437 64.98 -22.34 3.76
C GLU K 437 65.63 -21.11 3.11
N LYS K 438 66.78 -21.34 2.46
CA LYS K 438 67.50 -20.35 1.68
C LYS K 438 67.29 -20.59 0.19
N PHE K 439 67.62 -19.60 -0.63
CA PHE K 439 67.55 -19.71 -2.09
C PHE K 439 68.86 -19.43 -2.82
N ALA K 440 69.96 -19.43 -2.08
CA ALA K 440 71.29 -19.30 -2.67
C ALA K 440 72.34 -19.88 -1.73
N GLU K 441 73.42 -20.36 -2.33
CA GLU K 441 74.56 -20.88 -1.58
C GLU K 441 75.77 -20.89 -2.48
N GLN K 442 76.92 -21.23 -1.91
CA GLN K 442 78.16 -21.27 -2.65
C GLN K 442 78.82 -22.61 -2.51
N LEU K 443 79.43 -23.07 -3.60
CA LEU K 443 80.21 -24.29 -3.60
C LEU K 443 81.62 -23.95 -3.98
N ILE K 444 82.57 -24.50 -3.24
CA ILE K 444 83.98 -24.24 -3.48
C ILE K 444 84.64 -25.56 -3.80
N ARG K 445 85.10 -25.69 -5.04
CA ARG K 445 85.80 -26.87 -5.51
C ARG K 445 87.28 -26.52 -5.59
N VAL K 446 88.13 -27.40 -5.09
CA VAL K 446 89.57 -27.22 -5.16
C VAL K 446 90.14 -28.33 -6.02
N TYR K 447 91.01 -27.98 -6.95
CA TYR K 447 91.72 -28.96 -7.77
C TYR K 447 93.21 -28.73 -7.63
N CYS K 448 94.00 -29.70 -8.06
CA CYS K 448 95.46 -29.59 -8.00
C CYS K 448 96.03 -29.86 -9.40
N LYS K 449 96.92 -28.98 -9.88
CA LYS K 449 97.52 -29.14 -11.20
C LYS K 449 98.54 -30.27 -11.29
N LYS K 450 99.16 -30.63 -10.17
CA LYS K 450 100.07 -31.77 -10.14
C LYS K 450 99.27 -33.07 -9.94
N VAL K 451 99.47 -33.99 -10.86
CA VAL K 451 98.63 -35.18 -11.03
C VAL K 451 99.09 -36.40 -10.18
N ASP K 452 100.39 -36.53 -9.95
CA ASP K 452 101.02 -37.68 -9.25
C ASP K 452 100.48 -38.04 -7.86
N ARG K 453 100.68 -39.31 -7.46
CA ARG K 453 100.16 -39.85 -6.20
C ARG K 453 100.60 -39.03 -4.96
N LYS K 454 101.87 -38.58 -4.95
CA LYS K 454 102.46 -37.86 -3.80
C LYS K 454 101.87 -36.46 -3.65
N SER K 455 101.73 -35.74 -4.76
CA SER K 455 101.20 -34.35 -4.73
C SER K 455 99.71 -34.29 -4.41
N LEU K 456 98.96 -35.27 -4.88
CA LEU K 456 97.53 -35.38 -4.60
C LEU K 456 97.28 -35.60 -3.11
N TYR K 457 98.09 -36.45 -2.46
CA TYR K 457 98.01 -36.64 -1.01
C TYR K 457 98.23 -35.31 -0.28
N ALA K 458 99.26 -34.59 -0.70
CA ALA K 458 99.60 -33.31 -0.10
C ALA K 458 98.49 -32.31 -0.25
N ALA K 459 98.00 -32.20 -1.49
CA ALA K 459 96.90 -31.29 -1.83
C ALA K 459 95.70 -31.50 -0.93
N ARG K 460 95.33 -32.76 -0.71
CA ARG K 460 94.22 -33.11 0.19
C ARG K 460 94.41 -32.61 1.61
N GLN K 461 95.65 -32.67 2.11
CA GLN K 461 95.96 -32.20 3.45
C GLN K 461 95.84 -30.68 3.53
N TYR K 462 96.45 -29.98 2.57
CA TYR K 462 96.30 -28.52 2.49
C TYR K 462 94.82 -28.11 2.45
N PHE K 463 94.05 -28.80 1.62
CA PHE K 463 92.63 -28.49 1.44
C PHE K 463 91.81 -28.70 2.71
N VAL K 464 91.90 -29.87 3.32
CA VAL K 464 91.07 -30.18 4.49
C VAL K 464 91.45 -29.30 5.67
N GLN K 465 92.71 -28.87 5.71
CA GLN K 465 93.17 -27.92 6.72
C GLN K 465 92.54 -26.57 6.45
N TRP K 466 92.73 -26.07 5.23
CA TRP K 466 92.16 -24.79 4.81
C TRP K 466 90.68 -24.68 5.11
N CYS K 467 89.96 -25.79 4.99
CA CYS K 467 88.55 -25.87 5.38
C CYS K 467 88.36 -25.65 6.88
N ALA K 468 89.17 -26.32 7.69
CA ALA K 468 89.12 -26.12 9.15
C ALA K 468 89.52 -24.68 9.53
N ASP K 469 90.56 -24.16 8.87
CA ASP K 469 91.06 -22.81 9.12
C ASP K 469 90.00 -21.74 8.90
N ARG K 470 89.16 -21.91 7.88
CA ARG K 470 88.16 -20.89 7.53
C ARG K 470 86.74 -21.19 8.00
N ASN K 471 86.63 -22.17 8.90
CA ASN K 471 85.35 -22.64 9.44
C ASN K 471 84.33 -23.00 8.33
N PHE K 472 84.83 -23.67 7.29
CA PHE K 472 83.99 -24.23 6.24
C PHE K 472 83.46 -25.61 6.64
N THR K 473 82.55 -26.16 5.83
CA THR K 473 81.96 -27.47 6.10
C THR K 473 82.99 -28.55 5.87
N LYS K 474 82.84 -29.66 6.60
CA LYS K 474 83.72 -30.80 6.46
C LYS K 474 83.51 -31.42 5.10
N PRO K 475 84.60 -31.60 4.31
CA PRO K 475 84.43 -32.34 3.07
C PRO K 475 83.79 -33.71 3.33
N GLN K 476 82.89 -34.13 2.45
CA GLN K 476 82.12 -35.37 2.64
C GLN K 476 83.03 -36.57 2.87
N ASP K 477 84.08 -36.67 2.05
CA ASP K 477 85.11 -37.69 2.14
C ASP K 477 86.29 -37.35 3.08
N GLY K 478 86.10 -36.37 3.97
CA GLY K 478 87.20 -35.74 4.69
C GLY K 478 87.95 -36.65 5.64
N ASP K 479 87.22 -37.50 6.33
CA ASP K 479 87.79 -38.46 7.27
C ASP K 479 88.67 -39.49 6.58
N VAL K 480 88.37 -39.76 5.30
CA VAL K 480 89.15 -40.71 4.51
C VAL K 480 90.42 -40.06 3.93
N ILE K 481 90.25 -38.94 3.23
CA ILE K 481 91.39 -38.29 2.54
C ILE K 481 92.42 -37.63 3.44
N ALA K 482 91.99 -37.19 4.62
CA ALA K 482 92.87 -36.52 5.57
C ALA K 482 92.47 -36.90 6.99
N PRO K 483 92.72 -38.17 7.38
CA PRO K 483 92.24 -38.69 8.67
C PRO K 483 93.00 -38.10 9.86
N LEU K 484 94.21 -37.59 9.62
CA LEU K 484 95.02 -36.95 10.65
C LEU K 484 94.58 -35.50 10.92
N ILE K 485 93.86 -34.87 9.99
CA ILE K 485 93.44 -33.47 10.12
C ILE K 485 92.03 -33.26 10.67
N THR K 486 91.09 -34.14 10.35
CA THR K 486 89.68 -33.94 10.76
C THR K 486 89.40 -33.98 12.28
N PRO K 487 90.14 -34.77 13.09
CA PRO K 487 89.86 -34.66 14.52
C PRO K 487 90.28 -33.30 15.16
N GLN K 488 91.27 -32.61 14.58
CA GLN K 488 91.68 -31.27 15.02
C GLN K 488 90.50 -30.31 15.34
N LYS K 489 89.49 -30.31 14.47
CA LYS K 489 88.36 -29.38 14.56
C LYS K 489 87.26 -29.95 15.49
N LYS K 490 87.00 -29.24 16.60
CA LYS K 490 85.97 -29.62 17.59
C LYS K 490 84.58 -29.67 16.95
N GLU K 491 84.30 -28.67 16.09
CA GLU K 491 82.97 -28.54 15.47
C GLU K 491 82.57 -29.71 14.54
N TRP K 492 83.54 -30.47 14.01
CA TRP K 492 83.24 -31.61 13.13
C TRP K 492 82.98 -32.96 13.86
N ASN K 493 83.11 -33.00 15.19
CA ASN K 493 82.81 -34.23 15.96
C ASN K 493 81.39 -34.36 16.56
N MET L 9 86.26 -50.16 -12.16
CA MET L 9 85.56 -49.88 -13.44
C MET L 9 85.16 -48.42 -13.53
N LYS L 10 85.19 -47.88 -14.74
CA LYS L 10 84.70 -46.53 -14.99
C LYS L 10 83.30 -46.57 -15.56
N VAL L 11 82.41 -45.74 -15.02
CA VAL L 11 81.04 -45.69 -15.47
C VAL L 11 80.83 -44.41 -16.27
N ILE L 12 80.08 -44.52 -17.36
CA ILE L 12 79.82 -43.40 -18.27
C ILE L 12 78.38 -43.44 -18.74
N ASN L 13 77.72 -42.27 -18.78
CA ASN L 13 76.27 -42.20 -19.04
C ASN L 13 75.91 -41.77 -20.45
N ASP L 14 75.62 -42.78 -21.25
CA ASP L 14 75.07 -42.66 -22.60
C ASP L 14 73.55 -42.56 -22.51
N PRO L 15 72.93 -41.62 -23.23
CA PRO L 15 71.48 -41.52 -23.16
C PRO L 15 70.71 -42.64 -23.80
N ILE L 16 71.35 -43.43 -24.66
CA ILE L 16 70.68 -44.57 -25.27
C ILE L 16 70.75 -45.76 -24.36
N HIS L 17 71.94 -46.13 -23.92
CA HIS L 17 72.14 -47.41 -23.23
C HIS L 17 72.18 -47.33 -21.73
N GLY L 18 72.28 -46.14 -21.17
CA GLY L 18 72.29 -45.96 -19.72
C GLY L 18 73.70 -45.85 -19.23
N HIS L 19 73.96 -46.34 -18.01
CA HIS L 19 75.29 -46.30 -17.42
C HIS L 19 76.10 -47.50 -17.89
N ILE L 20 77.02 -47.26 -18.82
CA ILE L 20 77.91 -48.26 -19.33
C ILE L 20 79.11 -48.40 -18.38
N GLU L 21 79.54 -49.64 -18.13
CA GLU L 21 80.83 -49.88 -17.43
C GLU L 21 81.94 -50.06 -18.45
N LEU L 22 83.07 -49.41 -18.20
CA LEU L 22 84.24 -49.50 -19.08
C LEU L 22 85.43 -50.09 -18.35
N HIS L 23 85.87 -51.24 -18.85
CA HIS L 23 87.06 -51.91 -18.35
C HIS L 23 88.31 -51.01 -18.54
N PRO L 24 89.28 -51.05 -17.59
CA PRO L 24 90.43 -50.14 -17.64
C PRO L 24 91.19 -50.12 -18.94
N LEU L 25 91.33 -51.28 -19.56
CA LEU L 25 91.93 -51.41 -20.89
C LEU L 25 91.18 -50.63 -21.95
N LEU L 26 89.85 -50.66 -21.90
CA LEU L 26 89.03 -49.88 -22.83
C LEU L 26 89.20 -48.39 -22.59
N VAL L 27 89.21 -47.98 -21.33
CA VAL L 27 89.42 -46.57 -20.95
C VAL L 27 90.73 -46.07 -21.53
N ARG L 28 91.73 -46.93 -21.46
CA ARG L 28 93.06 -46.60 -21.91
C ARG L 28 93.11 -46.43 -23.44
N ILE L 29 92.35 -47.24 -24.15
CA ILE L 29 92.17 -47.13 -25.60
C ILE L 29 91.35 -45.89 -25.96
N ILE L 30 90.28 -45.66 -25.22
CA ILE L 30 89.41 -44.49 -25.44
C ILE L 30 90.16 -43.17 -25.31
N ASN L 31 90.98 -43.04 -24.27
CA ASN L 31 91.69 -41.80 -24.00
C ASN L 31 92.99 -41.65 -24.81
N THR L 32 92.81 -41.61 -26.12
CA THR L 32 93.88 -41.45 -27.08
C THR L 32 93.42 -40.52 -28.19
N PRO L 33 94.34 -39.79 -28.85
CA PRO L 33 93.95 -38.92 -29.95
C PRO L 33 93.23 -39.62 -31.09
N GLN L 34 93.55 -40.89 -31.32
CA GLN L 34 93.03 -41.64 -32.46
C GLN L 34 91.54 -41.95 -32.29
N PHE L 35 91.17 -42.19 -31.02
CA PHE L 35 89.79 -42.46 -30.64
C PHE L 35 89.00 -41.18 -30.39
N GLN L 36 89.56 -40.25 -29.60
CA GLN L 36 88.84 -39.01 -29.26
C GLN L 36 88.54 -38.19 -30.50
N ARG L 37 89.34 -38.37 -31.55
CA ARG L 37 89.05 -37.88 -32.90
C ARG L 37 87.59 -38.04 -33.30
N LEU L 38 86.99 -39.17 -32.94
CA LEU L 38 85.62 -39.46 -33.31
C LEU L 38 84.61 -38.51 -32.68
N ARG L 39 84.99 -37.74 -31.67
CA ARG L 39 84.14 -36.67 -31.16
C ARG L 39 83.84 -35.59 -32.16
N TYR L 40 84.68 -35.48 -33.20
CA TYR L 40 84.60 -34.41 -34.17
C TYR L 40 84.18 -34.92 -35.56
N ILE L 41 83.49 -36.04 -35.60
CA ILE L 41 82.92 -36.58 -36.84
C ILE L 41 81.44 -36.92 -36.64
N LYS L 42 80.54 -36.28 -37.36
CA LYS L 42 79.11 -36.50 -37.18
C LYS L 42 78.70 -37.82 -37.77
N GLN L 43 77.75 -38.47 -37.10
CA GLN L 43 77.31 -39.79 -37.48
C GLN L 43 76.66 -39.75 -38.84
N LEU L 44 75.75 -38.78 -39.00
CA LEU L 44 74.93 -38.70 -40.20
C LEU L 44 75.36 -37.60 -41.15
N GLY L 45 76.63 -37.21 -41.06
CA GLY L 45 77.20 -36.22 -41.97
C GLY L 45 76.29 -35.00 -42.21
N GLY L 46 75.92 -34.85 -43.48
CA GLY L 46 75.06 -33.78 -43.95
C GLY L 46 73.61 -33.84 -43.48
N GLY L 47 73.19 -34.98 -42.95
CA GLY L 47 71.89 -35.13 -42.33
C GLY L 47 71.56 -34.13 -41.24
N TYR L 48 72.59 -33.66 -40.53
CA TYR L 48 72.39 -32.59 -39.53
C TYR L 48 71.74 -31.36 -40.16
N TYR L 49 72.08 -31.08 -41.42
CA TYR L 49 71.53 -29.93 -42.15
C TYR L 49 70.08 -30.13 -42.65
N VAL L 50 69.51 -31.31 -42.36
CA VAL L 50 68.08 -31.59 -42.57
C VAL L 50 67.34 -31.94 -41.27
N PHE L 51 67.94 -32.78 -40.45
CA PHE L 51 67.40 -33.14 -39.14
C PHE L 51 68.23 -32.44 -38.07
N PRO L 52 67.74 -31.30 -37.57
CA PRO L 52 68.58 -30.52 -36.65
C PRO L 52 68.87 -31.24 -35.33
N GLY L 53 68.18 -32.33 -35.05
CA GLY L 53 68.56 -33.15 -33.88
C GLY L 53 69.87 -33.92 -33.99
N ALA L 54 70.27 -34.21 -35.24
CA ALA L 54 71.35 -35.17 -35.57
C ALA L 54 72.78 -34.62 -35.46
N SER L 55 73.01 -33.97 -34.31
CA SER L 55 74.31 -33.43 -33.89
C SER L 55 75.27 -34.51 -33.42
N HIS L 56 74.75 -35.71 -33.14
CA HIS L 56 75.53 -36.81 -32.59
C HIS L 56 76.69 -37.25 -33.47
N ASN L 57 77.77 -37.62 -32.78
CA ASN L 57 79.06 -37.97 -33.36
C ASN L 57 79.42 -39.44 -33.20
N ARG L 58 80.44 -39.89 -33.94
CA ARG L 58 80.86 -41.29 -33.95
C ARG L 58 81.35 -41.80 -32.60
N PHE L 59 82.03 -40.93 -31.87
CA PHE L 59 82.50 -41.24 -30.51
C PHE L 59 81.46 -42.05 -29.73
N GLU L 60 80.27 -41.49 -29.59
CA GLU L 60 79.25 -42.10 -28.74
C GLU L 60 78.62 -43.34 -29.36
N HIS L 61 78.49 -43.38 -30.68
CA HIS L 61 78.13 -44.62 -31.40
C HIS L 61 79.16 -45.71 -31.07
N SER L 62 80.44 -45.35 -31.18
CA SER L 62 81.53 -46.25 -30.93
C SER L 62 81.45 -46.83 -29.50
N LEU L 63 81.21 -45.99 -28.49
CA LEU L 63 81.00 -46.50 -27.12
C LEU L 63 79.86 -47.52 -27.03
N GLY L 64 78.75 -47.19 -27.67
CA GLY L 64 77.57 -48.03 -27.63
C GLY L 64 77.75 -49.37 -28.31
N VAL L 65 78.47 -49.39 -29.42
CA VAL L 65 78.72 -50.65 -30.11
C VAL L 65 79.63 -51.52 -29.26
N GLY L 66 80.62 -50.89 -28.62
CA GLY L 66 81.45 -51.57 -27.65
C GLY L 66 80.62 -52.14 -26.52
N TYR L 67 79.69 -51.35 -26.01
CA TYR L 67 78.81 -51.81 -24.93
C TYR L 67 77.95 -53.00 -25.32
N LEU L 68 77.30 -52.92 -26.47
CA LEU L 68 76.39 -53.98 -26.90
C LEU L 68 77.13 -55.23 -27.28
N ALA L 69 78.32 -55.07 -27.83
CA ALA L 69 79.17 -56.22 -28.11
C ALA L 69 79.43 -57.01 -26.82
N GLY L 70 79.75 -56.30 -25.74
CA GLY L 70 79.89 -56.89 -24.42
C GLY L 70 78.63 -57.59 -23.95
N CYS L 71 77.48 -56.93 -24.13
CA CYS L 71 76.21 -57.49 -23.68
C CYS L 71 75.94 -58.81 -24.30
N LEU L 72 76.13 -58.89 -25.61
CA LEU L 72 75.75 -60.09 -26.35
C LEU L 72 76.69 -61.24 -26.04
N VAL L 73 77.99 -60.99 -26.05
CA VAL L 73 78.96 -62.04 -25.76
C VAL L 73 78.86 -62.52 -24.32
N HIS L 74 78.63 -61.60 -23.38
CA HIS L 74 78.49 -61.94 -21.96
C HIS L 74 77.20 -62.74 -21.74
N ALA L 75 76.14 -62.39 -22.46
CA ALA L 75 74.87 -63.10 -22.36
C ALA L 75 74.95 -64.52 -22.88
N LEU L 76 75.61 -64.71 -24.02
CA LEU L 76 75.80 -66.05 -24.56
C LEU L 76 76.58 -66.89 -23.59
N GLY L 77 77.56 -66.29 -22.93
CA GLY L 77 78.38 -66.95 -21.93
C GLY L 77 77.61 -67.45 -20.72
N GLU L 78 76.75 -66.60 -20.15
CA GLU L 78 75.98 -66.99 -18.98
C GLU L 78 75.02 -68.11 -19.35
N LYS L 79 74.28 -67.95 -20.46
CA LYS L 79 73.29 -68.94 -20.89
C LYS L 79 73.97 -70.30 -21.29
N GLN L 80 75.18 -70.27 -21.84
CA GLN L 80 75.86 -71.49 -22.35
C GLN L 80 77.34 -71.58 -21.92
N PRO L 81 77.61 -72.06 -20.70
CA PRO L 81 79.00 -72.18 -20.24
C PRO L 81 79.83 -73.13 -21.08
N GLU L 82 79.19 -74.15 -21.66
CA GLU L 82 79.85 -75.07 -22.58
C GLU L 82 80.68 -74.43 -23.68
N LEU L 83 80.34 -73.20 -24.05
CA LEU L 83 81.09 -72.46 -25.08
C LEU L 83 82.48 -72.03 -24.68
N GLN L 84 82.71 -71.96 -23.38
CA GLN L 84 84.01 -71.57 -22.79
C GLN L 84 84.48 -70.24 -23.34
N ILE L 85 83.62 -69.24 -23.13
CA ILE L 85 83.89 -67.89 -23.53
C ILE L 85 84.72 -67.34 -22.39
N SER L 86 85.95 -66.91 -22.66
CA SER L 86 86.84 -66.38 -21.63
C SER L 86 86.69 -64.89 -21.46
N GLU L 87 87.14 -64.36 -20.32
CA GLU L 87 87.17 -62.91 -20.10
C GLU L 87 88.10 -62.23 -21.08
N ARG L 88 89.03 -62.99 -21.63
CA ARG L 88 89.85 -62.55 -22.71
C ARG L 88 89.06 -62.36 -24.01
N ASP L 89 88.23 -63.34 -24.34
CA ASP L 89 87.36 -63.25 -25.51
C ASP L 89 86.42 -62.03 -25.42
N VAL L 90 85.86 -61.82 -24.23
CA VAL L 90 84.90 -60.73 -24.00
C VAL L 90 85.58 -59.38 -24.23
N LEU L 91 86.75 -59.20 -23.65
CA LEU L 91 87.50 -57.97 -23.84
C LEU L 91 87.82 -57.70 -25.29
N CYS L 92 88.20 -58.73 -26.03
CA CYS L 92 88.53 -58.56 -27.44
C CYS L 92 87.33 -58.15 -28.28
N VAL L 93 86.18 -58.75 -28.00
CA VAL L 93 84.94 -58.42 -28.67
C VAL L 93 84.55 -56.97 -28.38
N GLN L 94 84.66 -56.56 -27.11
CA GLN L 94 84.42 -55.16 -26.71
C GLN L 94 85.35 -54.19 -27.41
N ILE L 95 86.64 -54.51 -27.47
CA ILE L 95 87.61 -53.65 -28.13
C ILE L 95 87.27 -53.49 -29.60
N ALA L 96 86.87 -54.58 -30.25
CA ALA L 96 86.50 -54.52 -31.65
C ALA L 96 85.31 -53.59 -31.83
N GLY L 97 84.27 -53.83 -31.04
CA GLY L 97 83.08 -52.99 -31.09
C GLY L 97 83.41 -51.53 -30.88
N LEU L 98 84.25 -51.26 -29.90
CA LEU L 98 84.64 -49.92 -29.56
C LEU L 98 85.39 -49.22 -30.70
N CYS L 99 86.28 -49.97 -31.36
CA CYS L 99 87.15 -49.43 -32.41
C CYS L 99 86.65 -49.68 -33.83
N HIS L 100 85.42 -50.13 -34.00
CA HIS L 100 84.98 -50.68 -35.29
C HIS L 100 84.84 -49.60 -36.37
N ASP L 101 84.50 -48.38 -35.94
CA ASP L 101 84.33 -47.26 -36.86
C ASP L 101 85.45 -46.22 -36.76
N LEU L 102 86.54 -46.59 -36.08
CA LEU L 102 87.72 -45.71 -35.98
C LEU L 102 88.22 -44.99 -37.23
N GLY L 103 87.99 -45.60 -38.39
CA GLY L 103 88.45 -45.09 -39.68
C GLY L 103 87.48 -44.28 -40.52
N HIS L 104 86.38 -43.81 -39.94
CA HIS L 104 85.47 -42.94 -40.69
C HIS L 104 86.12 -41.60 -40.93
N GLY L 105 85.81 -41.02 -42.08
CA GLY L 105 86.35 -39.72 -42.44
C GLY L 105 85.45 -38.57 -42.04
N PRO L 106 85.81 -37.34 -42.43
CA PRO L 106 84.92 -36.20 -42.27
C PRO L 106 83.56 -36.49 -42.88
N PHE L 107 82.52 -36.18 -42.11
CA PHE L 107 81.11 -36.44 -42.45
C PHE L 107 80.85 -37.92 -42.80
N SER L 108 81.49 -38.80 -42.02
CA SER L 108 81.24 -40.24 -42.06
C SER L 108 81.18 -40.86 -43.46
N HIS L 109 79.99 -41.18 -43.95
CA HIS L 109 79.84 -41.98 -45.17
C HIS L 109 80.00 -41.15 -46.43
N MET L 110 79.84 -39.85 -46.30
CA MET L 110 80.18 -38.92 -47.37
C MET L 110 81.61 -39.14 -47.84
N PHE L 111 82.52 -39.35 -46.90
CA PHE L 111 83.95 -39.50 -47.20
C PHE L 111 84.27 -40.76 -47.99
N ASP L 112 83.92 -41.92 -47.46
CA ASP L 112 84.23 -43.19 -48.13
C ASP L 112 83.25 -43.51 -49.28
N GLY L 113 82.09 -42.87 -49.27
CA GLY L 113 81.03 -43.15 -50.24
C GLY L 113 80.93 -42.21 -51.42
N ARG L 114 81.28 -40.94 -51.23
CA ARG L 114 81.24 -39.93 -52.31
C ARG L 114 82.61 -39.38 -52.64
N PHE L 115 83.31 -38.84 -51.65
CA PHE L 115 84.56 -38.10 -51.86
C PHE L 115 85.73 -38.92 -52.38
N ILE L 116 86.14 -39.93 -51.64
CA ILE L 116 87.31 -40.73 -52.04
C ILE L 116 87.11 -41.40 -53.40
N PRO L 117 85.92 -41.96 -53.67
CA PRO L 117 85.69 -42.48 -55.02
C PRO L 117 85.84 -41.47 -56.15
N LEU L 118 85.55 -40.19 -55.91
CA LEU L 118 85.75 -39.15 -56.91
C LEU L 118 87.17 -38.62 -56.92
N ALA L 119 87.72 -38.36 -55.75
CA ALA L 119 89.07 -37.82 -55.63
C ALA L 119 90.17 -38.78 -56.07
N ARG L 120 89.98 -40.07 -55.80
CA ARG L 120 90.99 -41.08 -56.09
C ARG L 120 90.35 -42.37 -56.60
N PRO L 121 89.88 -42.35 -57.87
CA PRO L 121 89.16 -43.49 -58.47
C PRO L 121 89.95 -44.78 -58.55
N GLU L 122 91.28 -44.66 -58.62
CA GLU L 122 92.17 -45.82 -58.65
C GLU L 122 92.06 -46.72 -57.41
N VAL L 123 91.78 -46.15 -56.24
CA VAL L 123 91.83 -46.89 -54.96
C VAL L 123 90.50 -47.58 -54.67
N LYS L 124 90.55 -48.73 -54.01
CA LYS L 124 89.37 -49.36 -53.41
C LYS L 124 89.60 -49.26 -51.89
N TRP L 125 88.98 -48.23 -51.27
CA TRP L 125 89.14 -47.93 -49.83
C TRP L 125 87.79 -47.80 -49.13
N THR L 126 87.71 -48.27 -47.89
CA THR L 126 86.48 -48.26 -47.07
C THR L 126 86.75 -47.76 -45.65
N HIS L 127 85.69 -47.38 -44.93
CA HIS L 127 85.80 -46.91 -43.53
C HIS L 127 86.45 -48.01 -42.67
N GLU L 128 86.15 -49.26 -42.99
CA GLU L 128 86.60 -50.41 -42.22
C GLU L 128 88.09 -50.63 -42.37
N GLN L 129 88.59 -50.59 -43.60
CA GLN L 129 90.03 -50.73 -43.84
C GLN L 129 90.78 -49.66 -43.07
N GLY L 130 90.22 -48.45 -43.05
CA GLY L 130 90.75 -47.36 -42.26
C GLY L 130 90.78 -47.67 -40.78
N SER L 131 89.72 -48.29 -40.29
CA SER L 131 89.63 -48.67 -38.87
C SER L 131 90.76 -49.61 -38.45
N VAL L 132 91.03 -50.63 -39.28
CA VAL L 132 92.11 -51.55 -39.01
C VAL L 132 93.44 -50.81 -38.93
N MET L 133 93.70 -49.96 -39.91
CA MET L 133 94.94 -49.19 -39.93
C MET L 133 95.05 -48.23 -38.76
N MET L 134 93.95 -47.54 -38.48
CA MET L 134 93.91 -46.57 -37.38
C MET L 134 93.99 -47.30 -36.04
N PHE L 135 93.49 -48.53 -35.96
CA PHE L 135 93.62 -49.33 -34.74
C PHE L 135 95.07 -49.67 -34.45
N GLU L 136 95.76 -50.18 -35.48
CA GLU L 136 97.21 -50.44 -35.43
C GLU L 136 97.95 -49.19 -34.96
N HIS L 137 97.68 -48.03 -35.58
CA HIS L 137 98.33 -46.77 -35.20
C HIS L 137 98.05 -46.40 -33.74
N LEU L 138 96.82 -46.62 -33.29
CA LEU L 138 96.44 -46.32 -31.91
C LEU L 138 97.24 -47.14 -30.92
N ILE L 139 97.32 -48.44 -31.18
CA ILE L 139 98.03 -49.39 -30.32
C ILE L 139 99.51 -49.02 -30.19
N ASN L 140 100.15 -48.76 -31.33
CA ASN L 140 101.58 -48.54 -31.40
C ASN L 140 101.96 -47.20 -30.81
N SER L 141 101.26 -46.15 -31.22
CA SER L 141 101.59 -44.82 -30.75
C SER L 141 101.23 -44.56 -29.25
N ASN L 142 100.44 -45.43 -28.61
CA ASN L 142 100.08 -45.22 -27.19
C ASN L 142 100.50 -46.33 -26.21
N GLY L 143 101.32 -47.27 -26.66
CA GLY L 143 101.85 -48.33 -25.79
C GLY L 143 100.78 -49.17 -25.13
N ILE L 144 99.83 -49.61 -25.92
CA ILE L 144 98.70 -50.37 -25.43
C ILE L 144 99.08 -51.83 -25.24
N LYS L 145 99.99 -52.33 -26.08
CA LYS L 145 100.40 -53.73 -26.05
C LYS L 145 100.78 -54.26 -24.64
N PRO L 146 101.60 -53.51 -23.88
CA PRO L 146 101.85 -53.84 -22.47
C PRO L 146 100.60 -53.96 -21.62
N VAL L 147 99.66 -53.05 -21.83
CA VAL L 147 98.41 -53.01 -21.05
C VAL L 147 97.52 -54.19 -21.41
N MET L 148 97.49 -54.56 -22.68
CA MET L 148 96.74 -55.76 -23.10
C MET L 148 97.24 -57.00 -22.35
N GLU L 149 98.56 -57.17 -22.33
CA GLU L 149 99.21 -58.28 -21.61
C GLU L 149 98.85 -58.26 -20.14
N GLN L 150 98.94 -57.08 -19.53
CA GLN L 150 98.60 -56.89 -18.12
C GLN L 150 97.22 -57.45 -17.77
N TYR L 151 96.26 -57.32 -18.68
CA TYR L 151 94.91 -57.85 -18.47
C TYR L 151 94.64 -59.18 -19.19
N GLY L 152 95.68 -59.97 -19.39
CA GLY L 152 95.53 -61.34 -19.88
C GLY L 152 95.36 -61.56 -21.36
N LEU L 153 95.57 -60.53 -22.17
CA LEU L 153 95.48 -60.70 -23.62
C LEU L 153 96.82 -61.11 -24.19
N ILE L 154 96.79 -61.66 -25.39
CA ILE L 154 97.97 -62.08 -26.12
C ILE L 154 98.02 -61.29 -27.45
N PRO L 155 98.72 -60.15 -27.48
CA PRO L 155 98.72 -59.26 -28.64
C PRO L 155 98.90 -59.90 -30.01
N GLU L 156 99.79 -60.87 -30.14
CA GLU L 156 99.98 -61.58 -31.42
C GLU L 156 98.63 -62.10 -31.95
N GLU L 157 97.98 -62.96 -31.17
CA GLU L 157 96.72 -63.59 -31.56
C GLU L 157 95.55 -62.62 -31.54
N ASP L 158 95.44 -61.82 -30.49
CA ASP L 158 94.25 -61.01 -30.25
C ASP L 158 94.11 -59.76 -31.11
N ILE L 159 95.21 -59.07 -31.40
CA ILE L 159 95.15 -57.93 -32.32
C ILE L 159 94.71 -58.36 -33.71
N CYS L 160 95.06 -59.57 -34.10
CA CYS L 160 94.55 -60.14 -35.35
C CYS L 160 93.04 -60.37 -35.23
N PHE L 161 92.62 -60.99 -34.13
CA PHE L 161 91.20 -61.26 -33.86
C PHE L 161 90.34 -60.00 -33.89
N ILE L 162 90.85 -58.94 -33.27
CA ILE L 162 90.15 -57.66 -33.26
C ILE L 162 90.01 -57.09 -34.67
N LYS L 163 91.11 -57.06 -35.42
CA LYS L 163 91.08 -56.57 -36.80
C LYS L 163 90.14 -57.41 -37.66
N GLU L 164 90.16 -58.72 -37.45
CA GLU L 164 89.31 -59.63 -38.20
C GLU L 164 87.82 -59.41 -37.92
N GLN L 165 87.48 -59.08 -36.68
CA GLN L 165 86.10 -58.72 -36.33
C GLN L 165 85.60 -57.52 -37.11
N ILE L 166 86.51 -56.59 -37.41
CA ILE L 166 86.15 -55.34 -38.05
C ILE L 166 85.99 -55.48 -39.58
N VAL L 167 87.02 -55.99 -40.27
CA VAL L 167 87.05 -56.01 -41.75
C VAL L 167 86.79 -57.37 -42.38
N GLY L 168 86.70 -58.42 -41.58
CA GLY L 168 86.61 -59.77 -42.11
C GLY L 168 88.00 -60.37 -42.21
N PRO L 169 88.15 -61.43 -43.02
CA PRO L 169 89.48 -62.04 -43.08
C PRO L 169 90.50 -61.19 -43.80
N LEU L 178 87.46 -73.90 -46.46
CA LEU L 178 88.30 -73.96 -45.21
C LEU L 178 88.19 -72.68 -44.37
N TRP L 179 88.52 -72.81 -43.09
CA TRP L 179 88.31 -71.74 -42.09
C TRP L 179 89.23 -70.55 -42.33
N PRO L 180 88.67 -69.40 -42.75
CA PRO L 180 89.51 -68.27 -43.15
C PRO L 180 90.16 -67.44 -42.03
N TYR L 181 89.82 -67.67 -40.76
CA TYR L 181 90.31 -66.78 -39.69
C TYR L 181 91.52 -67.36 -38.96
N LYS L 182 92.52 -66.50 -38.72
CA LYS L 182 93.71 -66.83 -37.96
C LYS L 182 93.58 -66.44 -36.48
N GLY L 183 92.64 -65.56 -36.14
CA GLY L 183 92.55 -65.00 -34.78
C GLY L 183 91.89 -65.91 -33.76
N ARG L 184 90.92 -66.72 -34.21
CA ARG L 184 90.27 -67.69 -33.34
C ARG L 184 89.86 -68.94 -34.12
N PRO L 185 89.78 -70.09 -33.45
CA PRO L 185 89.35 -71.33 -34.10
C PRO L 185 87.86 -71.40 -34.47
N GLU L 186 87.50 -72.44 -35.22
CA GLU L 186 86.12 -72.66 -35.68
C GLU L 186 85.10 -72.83 -34.53
N ASN L 187 85.56 -73.35 -33.39
CA ASN L 187 84.67 -73.55 -32.22
C ASN L 187 84.32 -72.24 -31.52
N LYS L 188 84.86 -71.12 -32.01
CA LYS L 188 84.44 -69.81 -31.56
C LYS L 188 84.09 -68.88 -32.72
N SER L 189 83.53 -69.43 -33.80
CA SER L 189 83.12 -68.61 -34.96
C SER L 189 82.02 -67.63 -34.61
N PHE L 190 81.20 -67.98 -33.63
CA PHE L 190 80.13 -67.10 -33.20
C PHE L 190 80.60 -65.72 -32.76
N LEU L 191 81.81 -65.64 -32.23
CA LEU L 191 82.37 -64.34 -31.86
C LEU L 191 82.51 -63.37 -33.05
N TYR L 192 82.73 -63.89 -34.26
CA TYR L 192 82.81 -63.05 -35.44
C TYR L 192 81.46 -62.47 -35.92
N GLU L 193 80.37 -63.03 -35.42
CA GLU L 193 79.03 -62.56 -35.75
C GLU L 193 78.46 -61.45 -34.84
N ILE L 194 79.25 -60.92 -33.91
CA ILE L 194 78.75 -59.91 -32.96
C ILE L 194 78.88 -58.47 -33.48
N VAL L 195 80.07 -58.05 -33.81
CA VAL L 195 80.33 -56.65 -34.16
C VAL L 195 79.98 -56.32 -35.61
N SER L 196 80.36 -57.21 -36.52
CA SER L 196 80.08 -57.01 -37.95
C SER L 196 79.87 -58.39 -38.59
N ASN L 197 78.60 -58.71 -38.80
CA ASN L 197 78.17 -60.05 -39.18
C ASN L 197 78.19 -60.15 -40.69
N LYS L 198 79.18 -60.88 -41.22
CA LYS L 198 79.34 -61.04 -42.66
C LYS L 198 78.34 -62.04 -43.24
N ARG L 199 77.81 -62.92 -42.41
CA ARG L 199 76.91 -63.99 -42.86
C ARG L 199 75.57 -63.41 -43.32
N ASN L 200 74.95 -62.63 -42.44
CA ASN L 200 73.60 -62.09 -42.65
C ASN L 200 73.41 -60.60 -42.34
N GLY L 201 74.35 -59.98 -41.63
CA GLY L 201 74.25 -58.56 -41.32
C GLY L 201 73.63 -58.20 -39.98
N ILE L 202 73.12 -59.19 -39.24
CA ILE L 202 72.53 -58.93 -37.93
C ILE L 202 73.68 -58.79 -36.92
N ASP L 203 73.99 -57.53 -36.59
CA ASP L 203 75.10 -57.20 -35.69
C ASP L 203 74.76 -56.03 -34.75
N VAL L 204 75.62 -55.79 -33.77
CA VAL L 204 75.35 -54.76 -32.78
C VAL L 204 75.65 -53.34 -33.30
N ASP L 205 76.43 -53.19 -34.38
CA ASP L 205 76.60 -51.88 -35.05
C ASP L 205 75.20 -51.37 -35.38
N LYS L 206 74.41 -52.22 -36.04
CA LYS L 206 73.03 -51.88 -36.41
C LYS L 206 72.21 -51.52 -35.22
N TRP L 207 72.32 -52.33 -34.17
CA TRP L 207 71.40 -52.18 -33.03
C TRP L 207 71.61 -50.83 -32.37
N ASP L 208 72.86 -50.42 -32.24
CA ASP L 208 73.15 -49.15 -31.63
C ASP L 208 72.64 -48.01 -32.51
N TYR L 209 73.02 -47.98 -33.78
CA TYR L 209 72.66 -46.82 -34.60
C TYR L 209 71.16 -46.69 -34.85
N PHE L 210 70.41 -47.80 -34.86
CA PHE L 210 68.96 -47.69 -34.92
C PHE L 210 68.48 -46.86 -33.73
N ALA L 211 68.82 -47.31 -32.54
CA ALA L 211 68.41 -46.68 -31.31
C ALA L 211 68.91 -45.25 -31.23
N ARG L 212 70.17 -45.05 -31.58
CA ARG L 212 70.82 -43.75 -31.43
C ARG L 212 70.33 -42.76 -32.45
N ASP L 213 70.29 -43.16 -33.72
CA ASP L 213 69.92 -42.23 -34.80
C ASP L 213 68.47 -41.83 -34.57
N CYS L 214 67.60 -42.80 -34.26
CA CYS L 214 66.21 -42.47 -33.93
C CYS L 214 66.06 -41.44 -32.81
N HIS L 215 66.83 -41.61 -31.76
CA HIS L 215 66.75 -40.73 -30.60
C HIS L 215 67.03 -39.29 -31.00
N HIS L 216 68.05 -39.10 -31.83
CA HIS L 216 68.49 -37.78 -32.26
C HIS L 216 67.68 -37.28 -33.48
N LEU L 217 67.28 -38.17 -34.38
CA LEU L 217 66.53 -37.76 -35.58
C LEU L 217 65.16 -37.20 -35.25
N GLY L 218 64.51 -37.85 -34.29
CA GLY L 218 63.12 -37.62 -33.98
C GLY L 218 62.21 -38.57 -34.75
N ILE L 219 62.66 -39.80 -34.85
CA ILE L 219 61.84 -40.91 -35.35
C ILE L 219 61.86 -41.95 -34.26
N GLN L 220 60.79 -42.71 -34.07
CA GLN L 220 60.82 -43.81 -33.09
C GLN L 220 61.28 -45.12 -33.81
N ASN L 221 62.00 -45.92 -33.04
CA ASN L 221 62.66 -47.14 -33.48
C ASN L 221 61.74 -48.31 -33.13
N ASN L 222 61.49 -49.17 -34.10
CA ASN L 222 60.59 -50.29 -33.92
C ASN L 222 61.29 -51.64 -33.72
N PHE L 223 62.58 -51.65 -33.32
CA PHE L 223 63.36 -52.90 -33.16
C PHE L 223 63.89 -53.07 -31.76
N ASP L 224 63.64 -54.23 -31.15
CA ASP L 224 63.99 -54.50 -29.77
C ASP L 224 65.22 -55.39 -29.71
N TYR L 225 66.41 -54.80 -29.55
CA TYR L 225 67.66 -55.57 -29.53
C TYR L 225 67.77 -56.41 -28.27
N LYS L 226 67.28 -55.87 -27.16
CA LYS L 226 67.34 -56.58 -25.89
C LYS L 226 66.62 -57.92 -25.93
N ARG L 227 65.47 -57.91 -26.60
CA ARG L 227 64.68 -59.10 -26.79
C ARG L 227 65.42 -60.12 -27.63
N PHE L 228 66.06 -59.67 -28.71
CA PHE L 228 66.80 -60.57 -29.57
C PHE L 228 67.91 -61.30 -28.81
N ILE L 229 68.58 -60.57 -27.91
CA ILE L 229 69.61 -61.14 -27.06
C ILE L 229 69.03 -62.20 -26.13
N LYS L 230 67.87 -61.96 -25.54
CA LYS L 230 67.26 -62.98 -24.69
C LYS L 230 66.97 -64.28 -25.40
N PHE L 231 66.71 -64.24 -26.70
CA PHE L 231 66.41 -65.44 -27.47
C PHE L 231 67.50 -65.79 -28.45
N ALA L 232 68.73 -65.45 -28.11
CA ALA L 232 69.87 -65.78 -28.95
C ALA L 232 70.56 -66.95 -28.29
N ARG L 233 71.24 -67.75 -29.11
CA ARG L 233 71.82 -68.98 -28.66
C ARG L 233 72.78 -69.52 -29.72
N VAL L 234 73.85 -70.20 -29.28
CA VAL L 234 74.84 -70.76 -30.21
C VAL L 234 74.52 -72.22 -30.45
N CYS L 235 74.46 -72.63 -31.72
CA CYS L 235 74.23 -74.03 -32.12
C CYS L 235 75.20 -74.43 -33.18
N GLU L 236 75.33 -75.72 -33.42
CA GLU L 236 76.21 -76.21 -34.48
C GLU L 236 75.48 -76.07 -35.81
N VAL L 237 76.14 -75.51 -36.81
CA VAL L 237 75.64 -75.42 -38.18
C VAL L 237 76.80 -75.68 -39.14
N ASP L 238 76.75 -76.77 -39.91
CA ASP L 238 77.80 -77.14 -40.87
C ASP L 238 79.18 -77.10 -40.23
N ASN L 239 79.34 -77.92 -39.19
CA ASN L 239 80.66 -78.14 -38.51
C ASN L 239 81.28 -76.87 -37.91
N GLU L 240 80.42 -75.96 -37.49
CA GLU L 240 80.81 -74.60 -37.08
C GLU L 240 79.78 -74.08 -36.07
N LEU L 241 80.23 -73.45 -34.99
CA LEU L 241 79.32 -72.93 -33.95
C LEU L 241 78.86 -71.48 -34.21
N ARG L 242 77.60 -71.30 -34.58
CA ARG L 242 77.05 -69.98 -34.95
C ARG L 242 75.93 -69.53 -34.03
N ILE L 243 75.65 -68.23 -34.05
CA ILE L 243 74.54 -67.66 -33.30
C ILE L 243 73.25 -67.98 -34.07
N CYS L 244 72.24 -68.37 -33.31
CA CYS L 244 70.92 -68.68 -33.83
C CYS L 244 69.87 -67.93 -33.04
N ALA L 245 68.80 -67.55 -33.72
CA ALA L 245 67.66 -66.89 -33.09
C ALA L 245 66.55 -67.89 -32.89
N ARG L 246 65.60 -67.60 -32.02
CA ARG L 246 64.51 -68.51 -31.84
C ARG L 246 63.53 -68.42 -33.02
N ASP L 247 62.88 -69.54 -33.35
CA ASP L 247 61.89 -69.63 -34.43
C ASP L 247 60.89 -68.47 -34.46
N LYS L 248 60.36 -68.10 -33.29
CA LYS L 248 59.37 -67.04 -33.20
C LYS L 248 59.91 -65.63 -33.59
N GLU L 249 61.19 -65.39 -33.41
CA GLU L 249 61.78 -64.11 -33.78
C GLU L 249 61.89 -63.84 -35.29
N VAL L 250 61.62 -64.82 -36.15
CA VAL L 250 61.81 -64.63 -37.59
C VAL L 250 61.08 -63.38 -38.09
N GLY L 251 59.88 -63.14 -37.59
CA GLY L 251 59.14 -61.96 -37.95
C GLY L 251 59.86 -60.66 -37.59
N ASN L 252 60.33 -60.60 -36.35
CA ASN L 252 61.05 -59.43 -35.85
C ASN L 252 62.34 -59.16 -36.61
N LEU L 253 62.96 -60.22 -37.14
CA LEU L 253 64.15 -60.06 -37.95
C LEU L 253 63.86 -59.50 -39.33
N TYR L 254 62.77 -59.91 -39.97
CA TYR L 254 62.37 -59.26 -41.23
C TYR L 254 62.09 -57.77 -40.96
N ASP L 255 61.47 -57.48 -39.81
CA ASP L 255 61.14 -56.10 -39.43
C ASP L 255 62.39 -55.28 -39.09
N MET L 256 63.47 -55.95 -38.65
CA MET L 256 64.73 -55.26 -38.44
C MET L 256 65.25 -54.66 -39.74
N PHE L 257 65.23 -55.44 -40.82
CA PHE L 257 65.72 -54.95 -42.10
C PHE L 257 64.75 -53.96 -42.74
N HIS L 258 63.47 -54.09 -42.43
CA HIS L 258 62.47 -53.10 -42.82
C HIS L 258 62.77 -51.76 -42.17
N THR L 259 62.96 -51.79 -40.86
CA THR L 259 63.35 -50.61 -40.08
C THR L 259 64.58 -49.93 -40.69
N ARG L 260 65.56 -50.73 -41.06
CA ARG L 260 66.79 -50.22 -41.68
C ARG L 260 66.48 -49.48 -42.96
N ASN L 261 65.74 -50.14 -43.84
CA ASN L 261 65.40 -49.60 -45.14
C ASN L 261 64.56 -48.33 -44.96
N SER L 262 63.69 -48.37 -43.97
CA SER L 262 62.84 -47.24 -43.65
C SER L 262 63.65 -46.02 -43.17
N LEU L 263 64.65 -46.24 -42.31
CA LEU L 263 65.56 -45.16 -41.89
C LEU L 263 66.38 -44.58 -43.03
N HIS L 264 66.75 -45.42 -43.99
CA HIS L 264 67.44 -44.94 -45.17
C HIS L 264 66.53 -44.07 -46.03
N ARG L 265 65.27 -44.50 -46.18
CA ARG L 265 64.35 -43.75 -47.01
C ARG L 265 64.03 -42.41 -46.40
N ARG L 266 63.71 -42.40 -45.11
CA ARG L 266 63.33 -41.17 -44.46
C ARG L 266 64.48 -40.21 -44.20
N ALA L 267 65.60 -40.74 -43.70
CA ALA L 267 66.66 -39.89 -43.18
C ALA L 267 67.95 -39.97 -43.95
N TYR L 268 68.58 -41.15 -43.99
CA TYR L 268 69.97 -41.22 -44.46
C TYR L 268 70.09 -40.84 -45.93
N GLN L 269 69.14 -41.30 -46.74
CA GLN L 269 69.08 -40.94 -48.17
C GLN L 269 68.07 -39.84 -48.46
N HIS L 270 67.83 -38.96 -47.50
CA HIS L 270 66.94 -37.82 -47.70
C HIS L 270 67.48 -36.97 -48.84
N LYS L 271 66.57 -36.60 -49.76
CA LYS L 271 66.94 -35.91 -51.00
C LYS L 271 67.85 -34.69 -50.78
N VAL L 272 67.60 -33.92 -49.73
CA VAL L 272 68.38 -32.73 -49.43
C VAL L 272 69.63 -33.05 -48.63
N GLY L 273 69.53 -34.06 -47.76
CA GLY L 273 70.71 -34.54 -47.05
C GLY L 273 71.79 -34.97 -48.03
N ASN L 274 71.36 -35.71 -49.06
CA ASN L 274 72.26 -36.17 -50.10
C ASN L 274 72.82 -35.03 -50.96
N ILE L 275 72.00 -34.03 -51.26
CA ILE L 275 72.50 -32.92 -52.07
C ILE L 275 73.49 -32.07 -51.28
N ILE L 276 73.29 -31.96 -49.97
CA ILE L 276 74.25 -31.26 -49.14
C ILE L 276 75.55 -32.07 -49.04
N ASP L 277 75.43 -33.38 -48.96
CA ASP L 277 76.61 -34.25 -49.01
C ASP L 277 77.36 -34.03 -50.33
N THR L 278 76.66 -34.04 -51.48
CA THR L 278 77.35 -33.84 -52.78
C THR L 278 77.99 -32.44 -52.85
N MET L 279 77.33 -31.43 -52.29
CA MET L 279 77.89 -30.08 -52.27
C MET L 279 79.12 -29.97 -51.37
N ILE L 280 79.12 -30.63 -50.23
CA ILE L 280 80.29 -30.63 -49.37
C ILE L 280 81.42 -31.41 -50.02
N THR L 281 81.11 -32.56 -50.60
CA THR L 281 82.09 -33.35 -51.37
C THR L 281 82.72 -32.49 -52.47
N ASP L 282 81.87 -31.77 -53.19
CA ASP L 282 82.31 -30.90 -54.27
C ASP L 282 83.30 -29.84 -53.76
N ALA L 283 82.97 -29.20 -52.65
CA ALA L 283 83.85 -28.24 -52.03
C ALA L 283 85.16 -28.84 -51.55
N PHE L 284 85.13 -30.09 -51.11
CA PHE L 284 86.35 -30.80 -50.70
C PHE L 284 87.23 -31.06 -51.90
N LEU L 285 86.63 -31.51 -53.00
CA LEU L 285 87.39 -31.73 -54.24
C LEU L 285 88.10 -30.43 -54.69
N LYS L 286 87.41 -29.31 -54.61
CA LYS L 286 87.98 -28.02 -55.00
C LYS L 286 89.02 -27.49 -54.02
N ALA L 287 88.89 -27.86 -52.76
CA ALA L 287 89.88 -27.47 -51.74
C ALA L 287 91.05 -28.44 -51.61
N ASP L 288 90.98 -29.59 -52.28
CA ASP L 288 91.90 -30.70 -52.03
C ASP L 288 93.35 -30.27 -52.20
N ASP L 289 93.61 -29.69 -53.36
CA ASP L 289 94.93 -29.30 -53.82
C ASP L 289 95.64 -28.31 -52.88
N TYR L 290 94.89 -27.44 -52.21
CA TYR L 290 95.50 -26.36 -51.44
C TYR L 290 95.49 -26.56 -49.92
N ILE L 291 94.98 -27.70 -49.43
CA ILE L 291 95.02 -27.99 -48.00
C ILE L 291 96.06 -29.04 -47.71
N GLU L 292 96.96 -28.69 -46.78
CA GLU L 292 98.06 -29.54 -46.35
C GLU L 292 97.76 -30.01 -44.94
N ILE L 293 98.04 -31.30 -44.68
CA ILE L 293 97.89 -31.86 -43.34
C ILE L 293 99.20 -32.57 -42.98
N THR L 294 99.80 -32.18 -41.86
CA THR L 294 101.08 -32.72 -41.40
C THR L 294 100.90 -34.16 -40.97
N GLY L 295 101.72 -35.04 -41.53
CA GLY L 295 101.69 -36.47 -41.22
C GLY L 295 102.91 -36.94 -40.45
N ALA L 296 103.29 -38.18 -40.70
CA ALA L 296 104.40 -38.81 -40.00
C ALA L 296 105.71 -38.33 -40.60
N GLY L 297 106.65 -37.99 -39.72
CA GLY L 297 107.92 -37.39 -40.11
C GLY L 297 107.79 -36.04 -40.77
N GLY L 298 106.71 -35.31 -40.48
CA GLY L 298 106.45 -34.02 -41.10
C GLY L 298 105.98 -34.01 -42.55
N LYS L 299 105.85 -35.16 -43.22
CA LYS L 299 105.45 -35.20 -44.64
C LYS L 299 104.08 -34.52 -44.84
N LYS L 300 103.88 -33.88 -45.98
CA LYS L 300 102.61 -33.17 -46.24
C LYS L 300 101.63 -34.08 -46.99
N TYR L 301 100.42 -34.18 -46.46
CA TYR L 301 99.34 -34.92 -47.12
C TYR L 301 98.15 -34.03 -47.42
N ARG L 302 97.42 -34.40 -48.48
CA ARG L 302 96.20 -33.71 -48.88
C ARG L 302 95.02 -34.43 -48.23
N ILE L 303 93.83 -33.86 -48.38
CA ILE L 303 92.63 -34.45 -47.81
C ILE L 303 92.44 -35.86 -48.38
N SER L 304 92.53 -35.99 -49.69
CA SER L 304 92.37 -37.27 -50.36
C SER L 304 93.48 -38.30 -50.05
N THR L 305 94.67 -37.84 -49.69
CA THR L 305 95.81 -38.73 -49.42
C THR L 305 96.10 -38.99 -47.95
N ALA L 306 95.37 -38.34 -47.05
CA ALA L 306 95.57 -38.55 -45.62
C ALA L 306 95.21 -39.96 -45.19
N ILE L 307 94.35 -40.61 -45.95
CA ILE L 307 94.04 -42.03 -45.71
C ILE L 307 95.24 -42.97 -45.81
N ASP L 308 96.30 -42.54 -46.49
CA ASP L 308 97.50 -43.33 -46.60
C ASP L 308 98.37 -43.32 -45.35
N ASP L 309 98.33 -42.22 -44.58
CA ASP L 309 99.11 -42.11 -43.34
C ASP L 309 98.25 -41.70 -42.12
N MET L 310 98.17 -42.60 -41.15
CA MET L 310 97.26 -42.45 -40.01
C MET L 310 97.59 -41.31 -39.07
N GLU L 311 98.84 -40.85 -39.04
CA GLU L 311 99.15 -39.71 -38.20
C GLU L 311 98.54 -38.45 -38.76
N ALA L 312 98.43 -38.38 -40.08
CA ALA L 312 97.76 -37.28 -40.76
C ALA L 312 96.26 -37.40 -40.60
N TYR L 313 95.75 -38.58 -40.89
CA TYR L 313 94.30 -38.88 -40.81
C TYR L 313 93.68 -38.63 -39.43
N THR L 314 94.49 -38.75 -38.38
CA THR L 314 94.09 -38.41 -37.02
C THR L 314 93.62 -36.95 -36.90
N LYS L 315 94.22 -36.07 -37.69
CA LYS L 315 93.87 -34.65 -37.67
C LYS L 315 92.82 -34.26 -38.73
N LEU L 316 92.31 -35.23 -39.50
CA LEU L 316 91.29 -34.97 -40.52
C LEU L 316 89.88 -35.30 -40.03
N THR L 317 89.12 -34.26 -39.69
CA THR L 317 87.78 -34.40 -39.10
C THR L 317 86.80 -33.45 -39.78
N ASP L 318 85.59 -33.34 -39.25
CA ASP L 318 84.60 -32.36 -39.74
C ASP L 318 85.09 -30.95 -39.69
N ASN L 319 86.04 -30.65 -38.80
CA ASN L 319 86.77 -29.38 -38.80
C ASN L 319 87.06 -28.81 -40.17
N ILE L 320 87.46 -29.69 -41.07
CA ILE L 320 87.90 -29.29 -42.39
C ILE L 320 86.87 -28.44 -43.13
N PHE L 321 85.59 -28.69 -42.86
CA PHE L 321 84.48 -27.87 -43.34
C PHE L 321 84.62 -26.44 -42.86
N LEU L 322 84.74 -26.24 -41.56
CA LEU L 322 84.84 -24.90 -41.00
C LEU L 322 86.16 -24.21 -41.32
N GLU L 323 87.21 -25.00 -41.56
CA GLU L 323 88.51 -24.47 -41.96
C GLU L 323 88.37 -23.80 -43.31
N ILE L 324 87.76 -24.51 -44.26
CA ILE L 324 87.45 -23.97 -45.59
C ILE L 324 86.52 -22.75 -45.48
N LEU L 325 85.46 -22.87 -44.70
CA LEU L 325 84.47 -21.79 -44.59
C LEU L 325 85.05 -20.51 -44.02
N TYR L 326 85.83 -20.62 -42.95
CA TYR L 326 86.43 -19.45 -42.32
C TYR L 326 87.68 -18.91 -43.01
N SER L 327 88.23 -19.61 -44.00
CA SER L 327 89.50 -19.20 -44.60
C SER L 327 89.37 -17.92 -45.43
N THR L 328 90.53 -17.27 -45.57
CA THR L 328 90.69 -16.09 -46.42
C THR L 328 91.66 -16.32 -47.60
N ASP L 329 92.32 -17.48 -47.66
CA ASP L 329 93.18 -17.82 -48.80
C ASP L 329 92.37 -17.75 -50.12
N PRO L 330 92.84 -16.95 -51.09
CA PRO L 330 92.11 -16.90 -52.36
C PRO L 330 92.16 -18.19 -53.19
N LYS L 331 93.08 -19.10 -52.88
CA LYS L 331 93.11 -20.41 -53.55
C LYS L 331 91.88 -21.25 -53.21
N LEU L 332 91.35 -21.05 -52.00
CA LEU L 332 90.16 -21.76 -51.51
C LEU L 332 88.84 -21.02 -51.80
N LYS L 333 88.84 -19.98 -52.63
CA LYS L 333 87.62 -19.20 -52.87
C LYS L 333 86.52 -20.03 -53.51
N ASP L 334 86.87 -20.89 -54.47
CA ASP L 334 85.87 -21.76 -55.12
C ASP L 334 85.18 -22.70 -54.14
N ALA L 335 85.97 -23.31 -53.26
CA ALA L 335 85.44 -24.21 -52.22
C ALA L 335 84.59 -23.47 -51.20
N ARG L 336 85.13 -22.39 -50.67
CA ARG L 336 84.44 -21.54 -49.69
C ARG L 336 83.10 -21.01 -50.20
N GLU L 337 82.99 -20.75 -51.51
CA GLU L 337 81.72 -20.26 -52.08
C GLU L 337 80.64 -21.32 -52.05
N ILE L 338 81.00 -22.59 -52.28
CA ILE L 338 80.02 -23.68 -52.19
C ILE L 338 79.48 -23.81 -50.77
N LEU L 339 80.38 -23.81 -49.79
CA LEU L 339 79.97 -23.94 -48.39
C LEU L 339 79.17 -22.72 -47.93
N LYS L 340 79.49 -21.54 -48.44
CA LYS L 340 78.68 -20.36 -48.14
C LYS L 340 77.30 -20.48 -48.74
N GLN L 341 77.18 -21.08 -49.91
CA GLN L 341 75.86 -21.35 -50.53
C GLN L 341 74.99 -22.31 -49.71
N ILE L 342 75.61 -23.19 -48.93
CA ILE L 342 74.87 -24.05 -48.01
C ILE L 342 74.32 -23.26 -46.81
N GLU L 343 75.12 -22.35 -46.29
CA GLU L 343 74.68 -21.49 -45.18
C GLU L 343 73.43 -20.72 -45.56
N TYR L 344 73.48 -20.08 -46.73
CA TYR L 344 72.38 -19.26 -47.24
C TYR L 344 71.20 -20.09 -47.76
N ARG L 345 71.42 -21.39 -47.96
CA ARG L 345 70.42 -22.33 -48.41
C ARG L 345 70.09 -22.19 -49.90
N ASN L 346 71.08 -21.82 -50.70
CA ASN L 346 70.99 -21.88 -52.18
C ASN L 346 71.56 -23.21 -52.59
N LEU L 347 70.77 -24.24 -52.35
CA LEU L 347 71.17 -25.58 -52.67
C LEU L 347 70.73 -25.87 -54.08
N PHE L 348 71.38 -26.85 -54.69
CA PHE L 348 70.94 -27.35 -55.99
C PHE L 348 69.51 -27.87 -55.85
N LYS L 349 68.66 -27.58 -56.83
CA LYS L 349 67.24 -27.90 -56.69
C LYS L 349 66.91 -29.33 -57.09
N TYR L 350 66.10 -29.98 -56.28
CA TYR L 350 65.65 -31.34 -56.53
C TYR L 350 64.59 -31.29 -57.62
N VAL L 351 64.76 -32.12 -58.65
CA VAL L 351 63.83 -32.18 -59.76
C VAL L 351 62.82 -33.30 -59.56
N GLY L 352 63.32 -34.49 -59.22
CA GLY L 352 62.45 -35.64 -58.96
C GLY L 352 63.21 -36.95 -58.79
N GLU L 353 62.45 -38.00 -58.51
CA GLU L 353 63.01 -39.32 -58.25
C GLU L 353 62.37 -40.29 -59.24
N THR L 354 63.12 -41.32 -59.61
CA THR L 354 62.57 -42.39 -60.44
C THR L 354 63.34 -43.69 -60.24
N GLN L 355 62.74 -44.78 -60.71
CA GLN L 355 63.30 -46.12 -60.59
C GLN L 355 63.36 -46.83 -61.94
N PRO L 356 64.33 -47.73 -62.14
CA PRO L 356 64.25 -48.62 -63.29
C PRO L 356 63.10 -49.61 -63.20
N THR L 357 62.74 -50.22 -64.32
CA THR L 357 61.70 -51.26 -64.38
C THR L 357 62.26 -52.58 -64.91
N GLY L 358 61.44 -53.63 -64.76
CA GLY L 358 61.81 -54.98 -65.12
C GLY L 358 62.83 -55.30 -64.05
N GLN L 359 63.98 -55.78 -64.47
CA GLN L 359 65.12 -55.98 -63.61
C GLN L 359 66.30 -55.38 -64.39
N ILE L 360 66.25 -54.07 -64.69
CA ILE L 360 67.32 -53.38 -65.43
C ILE L 360 68.23 -52.64 -64.41
N LYS L 361 69.37 -53.21 -64.04
CA LYS L 361 70.28 -52.58 -63.08
C LYS L 361 71.15 -51.56 -63.79
N ILE L 362 71.34 -50.38 -63.20
CA ILE L 362 72.29 -49.39 -63.70
C ILE L 362 73.67 -49.63 -63.10
N LYS L 363 74.64 -49.99 -63.94
CA LYS L 363 76.00 -50.32 -63.48
C LYS L 363 76.72 -49.04 -62.99
N ARG L 364 77.63 -49.18 -62.02
CA ARG L 364 78.36 -48.04 -61.43
C ARG L 364 79.22 -47.27 -62.44
N GLU L 365 79.88 -48.01 -63.33
CA GLU L 365 80.55 -47.48 -64.52
C GLU L 365 79.78 -46.39 -65.30
N ASP L 366 78.46 -46.54 -65.41
CA ASP L 366 77.59 -45.61 -66.17
C ASP L 366 77.15 -44.32 -65.45
N TYR L 367 77.40 -44.22 -64.15
CA TYR L 367 76.97 -43.06 -63.35
C TYR L 367 77.47 -41.73 -63.93
N GLU L 368 78.75 -41.69 -64.33
CA GLU L 368 79.36 -40.48 -64.93
C GLU L 368 78.56 -39.97 -66.14
N SER L 369 78.01 -40.89 -66.93
CA SER L 369 77.33 -40.57 -68.19
C SER L 369 75.88 -40.05 -68.10
N LEU L 370 75.24 -40.19 -66.95
CA LEU L 370 73.80 -39.94 -66.83
C LEU L 370 73.36 -38.49 -66.96
N PRO L 371 74.15 -37.53 -66.44
CA PRO L 371 73.81 -36.11 -66.69
C PRO L 371 73.74 -35.76 -68.19
N LYS L 372 74.66 -36.31 -68.98
CA LYS L 372 74.65 -36.19 -70.45
C LYS L 372 73.32 -36.68 -71.02
N GLU L 373 72.87 -37.83 -70.56
CA GLU L 373 71.61 -38.41 -71.07
C GLU L 373 70.37 -37.57 -70.80
N VAL L 374 70.33 -36.89 -69.65
CA VAL L 374 69.17 -36.07 -69.27
C VAL L 374 69.09 -34.82 -70.16
N ALA L 375 70.22 -34.13 -70.32
CA ALA L 375 70.30 -32.98 -71.23
C ALA L 375 70.04 -33.37 -72.70
N SER L 376 70.46 -34.58 -73.07
CA SER L 376 70.22 -35.12 -74.41
C SER L 376 68.79 -35.46 -74.76
N ALA L 377 67.90 -35.56 -73.77
CA ALA L 377 66.49 -35.81 -74.04
C ALA L 377 65.88 -34.62 -74.78
N LYS L 378 64.98 -34.92 -75.71
CA LYS L 378 64.36 -33.91 -76.56
C LYS L 378 62.87 -33.92 -76.23
N PRO L 379 62.46 -33.16 -75.20
CA PRO L 379 61.03 -33.13 -74.81
C PRO L 379 60.20 -32.31 -75.79
N LYS L 380 59.06 -32.84 -76.25
CA LYS L 380 58.29 -32.17 -77.30
C LYS L 380 57.48 -30.99 -76.75
N VAL L 381 58.17 -30.03 -76.13
CA VAL L 381 57.56 -28.94 -75.32
C VAL L 381 58.44 -27.70 -75.41
N LEU L 382 57.80 -26.53 -75.51
CA LEU L 382 58.48 -25.25 -75.67
C LEU L 382 59.23 -24.87 -74.39
N LEU L 383 60.56 -24.79 -74.50
CA LEU L 383 61.42 -24.43 -73.37
C LEU L 383 61.86 -23.01 -73.49
N ASP L 384 61.99 -22.31 -72.37
CA ASP L 384 62.58 -20.95 -72.35
C ASP L 384 64.11 -21.00 -72.51
N VAL L 385 64.72 -22.01 -71.93
CA VAL L 385 66.18 -22.17 -71.78
C VAL L 385 66.60 -23.58 -72.19
N LYS L 386 67.73 -23.72 -72.88
CA LYS L 386 68.39 -25.03 -73.10
C LYS L 386 69.39 -25.23 -71.96
N LEU L 387 69.49 -26.45 -71.45
CA LEU L 387 70.40 -26.79 -70.32
C LEU L 387 71.45 -27.82 -70.74
N LYS L 388 72.72 -27.53 -70.41
CA LYS L 388 73.85 -28.43 -70.72
C LYS L 388 73.96 -29.52 -69.65
N ALA L 389 74.75 -30.56 -69.92
CA ALA L 389 74.87 -31.72 -69.02
C ALA L 389 75.53 -31.41 -67.67
N GLU L 390 76.45 -30.46 -67.65
CA GLU L 390 77.08 -29.99 -66.40
C GLU L 390 76.09 -29.33 -65.42
N ASP L 391 74.93 -28.90 -65.91
CA ASP L 391 73.86 -28.34 -65.07
C ASP L 391 73.11 -29.38 -64.23
N PHE L 392 73.11 -30.63 -64.68
CA PHE L 392 72.43 -31.74 -63.97
C PHE L 392 73.35 -32.54 -63.06
N ILE L 393 72.78 -33.00 -61.93
CA ILE L 393 73.38 -34.01 -61.06
C ILE L 393 72.42 -35.18 -61.01
N VAL L 394 72.94 -36.39 -61.17
CA VAL L 394 72.12 -37.59 -61.06
C VAL L 394 72.76 -38.50 -60.03
N ASP L 395 72.03 -38.73 -58.95
CA ASP L 395 72.49 -39.46 -57.79
C ASP L 395 71.78 -40.81 -57.86
N VAL L 396 72.54 -41.89 -57.93
CA VAL L 396 71.94 -43.22 -57.96
C VAL L 396 72.19 -43.88 -56.63
N ILE L 397 71.16 -44.51 -56.08
CA ILE L 397 71.16 -45.03 -54.73
C ILE L 397 70.65 -46.46 -54.72
N ASN L 398 71.45 -47.37 -54.18
CA ASN L 398 71.08 -48.79 -54.09
C ASN L 398 70.50 -49.09 -52.72
N MET L 399 69.20 -49.35 -52.68
CA MET L 399 68.53 -49.74 -51.45
C MET L 399 68.42 -51.25 -51.46
N ASP L 400 68.93 -51.90 -50.43
CA ASP L 400 68.83 -53.36 -50.29
C ASP L 400 68.63 -53.77 -48.84
N TYR L 401 68.58 -55.06 -48.60
CA TYR L 401 68.53 -55.62 -47.25
C TYR L 401 69.93 -56.08 -46.83
N GLY L 402 70.96 -55.35 -47.26
CA GLY L 402 72.32 -55.58 -46.82
C GLY L 402 73.12 -56.61 -47.57
N MET L 403 72.49 -57.38 -48.46
CA MET L 403 73.17 -58.46 -49.18
C MET L 403 72.76 -58.44 -50.62
N GLN L 404 73.00 -57.29 -51.24
CA GLN L 404 72.59 -57.03 -52.59
C GLN L 404 71.18 -57.61 -52.82
N GLU L 405 71.03 -58.54 -53.76
CA GLU L 405 69.72 -59.06 -54.15
C GLU L 405 69.19 -60.17 -53.27
N LYS L 406 69.98 -60.62 -52.29
CA LYS L 406 69.60 -61.75 -51.42
C LYS L 406 68.79 -61.35 -50.20
N ASN L 407 67.97 -62.30 -49.75
CA ASN L 407 67.18 -62.22 -48.54
C ASN L 407 68.09 -62.66 -47.41
N PRO L 408 68.48 -61.75 -46.50
CA PRO L 408 69.39 -62.14 -45.44
C PRO L 408 68.81 -63.13 -44.43
N ILE L 409 67.49 -63.23 -44.34
CA ILE L 409 66.86 -64.18 -43.44
C ILE L 409 67.08 -65.63 -43.91
N ASP L 410 67.28 -65.82 -45.22
CA ASP L 410 67.70 -67.11 -45.74
C ASP L 410 69.11 -67.51 -45.27
N HIS L 411 69.88 -66.55 -44.78
CA HIS L 411 71.18 -66.80 -44.14
C HIS L 411 71.18 -66.66 -42.60
N VAL L 412 70.06 -66.94 -41.95
CA VAL L 412 69.96 -66.98 -40.48
C VAL L 412 69.55 -68.38 -40.08
N SER L 413 70.16 -68.87 -39.01
CA SER L 413 69.82 -70.16 -38.43
C SER L 413 68.91 -69.94 -37.24
N PHE L 414 67.90 -70.80 -37.08
CA PHE L 414 66.90 -70.68 -36.02
C PHE L 414 66.90 -71.91 -35.10
N TYR L 415 66.23 -71.84 -33.95
CA TYR L 415 66.04 -73.00 -33.07
C TYR L 415 64.66 -73.04 -32.46
N CYS L 416 64.21 -74.20 -31.98
CA CYS L 416 62.86 -74.33 -31.38
C CYS L 416 62.94 -74.59 -29.91
N LYS L 417 61.87 -74.27 -29.20
CA LYS L 417 61.81 -74.46 -27.75
C LYS L 417 62.01 -75.92 -27.41
N THR L 418 61.39 -76.78 -28.22
CA THR L 418 61.39 -78.24 -28.05
C THR L 418 62.74 -78.91 -28.33
N ALA L 419 63.65 -78.26 -29.07
CA ALA L 419 64.97 -78.81 -29.39
C ALA L 419 65.99 -77.68 -29.60
N PRO L 420 66.45 -77.11 -28.49
CA PRO L 420 67.20 -75.86 -28.55
C PRO L 420 68.62 -75.94 -29.07
N ASN L 421 69.16 -77.12 -29.28
CA ASN L 421 70.49 -77.30 -29.87
C ASN L 421 70.46 -77.63 -31.34
N ARG L 422 69.25 -77.90 -31.87
CA ARG L 422 69.07 -78.27 -33.25
C ARG L 422 68.70 -77.05 -34.06
N ALA L 423 69.65 -76.61 -34.88
CA ALA L 423 69.48 -75.46 -35.76
C ALA L 423 68.65 -75.81 -36.98
N ILE L 424 67.88 -74.84 -37.47
CA ILE L 424 67.01 -75.03 -38.64
C ILE L 424 66.99 -73.79 -39.49
N ARG L 425 66.36 -73.87 -40.66
CA ARG L 425 66.18 -72.75 -41.57
C ARG L 425 64.70 -72.45 -41.67
N ILE L 426 64.36 -71.20 -41.95
CA ILE L 426 62.98 -70.80 -42.16
C ILE L 426 62.95 -69.99 -43.44
N THR L 427 62.19 -70.45 -44.42
CA THR L 427 62.10 -69.78 -45.72
C THR L 427 61.13 -68.62 -45.63
N LYS L 428 61.03 -67.84 -46.71
CA LYS L 428 60.10 -66.72 -46.73
C LYS L 428 58.65 -67.18 -46.71
N ASN L 429 58.33 -68.21 -47.49
CA ASN L 429 56.95 -68.76 -47.58
C ASN L 429 56.40 -69.28 -46.27
N GLN L 430 57.28 -69.77 -45.41
CA GLN L 430 56.91 -70.26 -44.09
C GLN L 430 56.48 -69.14 -43.14
N VAL L 431 56.80 -67.88 -43.45
CA VAL L 431 56.53 -66.75 -42.54
C VAL L 431 55.28 -65.94 -42.92
N SER L 432 55.29 -65.36 -44.12
CA SER L 432 54.21 -64.46 -44.54
C SER L 432 54.24 -64.16 -46.03
N GLN L 433 53.04 -64.05 -46.60
CA GLN L 433 52.84 -63.60 -47.97
C GLN L 433 52.93 -62.06 -48.09
N LEU L 434 52.89 -61.34 -46.97
CA LEU L 434 53.01 -59.88 -46.98
C LEU L 434 54.44 -59.34 -46.89
N LEU L 435 55.44 -60.20 -47.03
CA LEU L 435 56.84 -59.77 -47.04
C LEU L 435 57.22 -59.26 -48.41
N PRO L 436 58.39 -58.62 -48.55
CA PRO L 436 58.80 -58.11 -49.84
C PRO L 436 59.07 -59.20 -50.87
N GLU L 437 58.81 -58.88 -52.14
CA GLU L 437 59.03 -59.80 -53.25
C GLU L 437 60.50 -59.80 -53.62
N LYS L 438 61.05 -58.60 -53.79
CA LYS L 438 62.49 -58.36 -54.02
C LYS L 438 63.14 -57.85 -52.74
N PHE L 439 64.48 -57.90 -52.72
CA PHE L 439 65.26 -57.37 -51.60
C PHE L 439 66.32 -56.36 -52.03
N ALA L 440 66.17 -55.78 -53.21
CA ALA L 440 67.02 -54.69 -53.66
C ALA L 440 66.36 -53.91 -54.77
N GLU L 441 66.69 -52.63 -54.86
CA GLU L 441 66.20 -51.76 -55.91
C GLU L 441 67.12 -50.57 -56.04
N GLN L 442 66.88 -49.72 -57.02
CA GLN L 442 67.64 -48.51 -57.24
C GLN L 442 66.75 -47.31 -57.26
N LEU L 443 67.24 -46.21 -56.70
CA LEU L 443 66.56 -44.92 -56.76
C LEU L 443 67.45 -43.95 -57.49
N ILE L 444 66.86 -43.20 -58.42
CA ILE L 444 67.57 -42.22 -59.19
C ILE L 444 66.99 -40.86 -58.91
N ARG L 445 67.77 -40.01 -58.28
CA ARG L 445 67.38 -38.63 -57.99
C ARG L 445 68.10 -37.73 -58.96
N VAL L 446 67.38 -36.78 -59.54
CA VAL L 446 67.95 -35.80 -60.44
C VAL L 446 67.81 -34.43 -59.79
N TYR L 447 68.89 -33.66 -59.81
CA TYR L 447 68.85 -32.28 -59.33
C TYR L 447 69.36 -31.38 -60.44
N CYS L 448 69.13 -30.08 -60.30
CA CYS L 448 69.59 -29.09 -61.28
C CYS L 448 70.38 -28.01 -60.56
N LYS L 449 71.57 -27.69 -61.07
CA LYS L 449 72.42 -26.66 -60.45
C LYS L 449 71.92 -25.24 -60.64
N LYS L 450 71.15 -24.99 -61.69
CA LYS L 450 70.54 -23.67 -61.89
C LYS L 450 69.22 -23.59 -61.11
N VAL L 451 69.15 -22.57 -60.25
CA VAL L 451 68.13 -22.43 -59.22
C VAL L 451 66.84 -21.72 -59.69
N ASP L 452 66.97 -20.77 -60.61
CA ASP L 452 65.86 -19.89 -61.06
C ASP L 452 64.59 -20.57 -61.59
N ARG L 453 63.46 -19.84 -61.56
CA ARG L 453 62.14 -20.37 -61.95
C ARG L 453 62.12 -20.96 -63.38
N LYS L 454 62.80 -20.30 -64.32
CA LYS L 454 62.80 -20.71 -65.75
C LYS L 454 63.59 -22.00 -65.97
N SER L 455 64.76 -22.13 -65.34
CA SER L 455 65.62 -23.32 -65.51
C SER L 455 65.05 -24.56 -64.83
N LEU L 456 64.39 -24.36 -63.70
CA LEU L 456 63.74 -25.45 -62.98
C LEU L 456 62.61 -26.05 -63.79
N TYR L 457 61.80 -25.19 -64.45
CA TYR L 457 60.74 -25.69 -65.35
C TYR L 457 61.36 -26.56 -66.45
N ALA L 458 62.43 -26.07 -67.05
CA ALA L 458 63.10 -26.77 -68.12
C ALA L 458 63.63 -28.12 -67.66
N ALA L 459 64.34 -28.08 -66.54
CA ALA L 459 64.92 -29.28 -65.93
C ALA L 459 63.88 -30.37 -65.73
N ARG L 460 62.70 -29.99 -65.22
CA ARG L 460 61.58 -30.92 -65.04
C ARG L 460 61.14 -31.60 -66.32
N GLN L 461 61.14 -30.85 -67.42
CA GLN L 461 60.75 -31.40 -68.72
C GLN L 461 61.80 -32.38 -69.23
N TYR L 462 63.07 -31.99 -69.17
CA TYR L 462 64.16 -32.90 -69.52
C TYR L 462 64.07 -34.21 -68.72
N PHE L 463 63.86 -34.08 -67.42
CA PHE L 463 63.80 -35.22 -66.52
C PHE L 463 62.64 -36.17 -66.83
N VAL L 464 61.42 -35.64 -66.90
CA VAL L 464 60.24 -36.50 -67.09
C VAL L 464 60.28 -37.17 -68.46
N GLN L 465 60.91 -36.51 -69.43
CA GLN L 465 61.13 -37.09 -70.75
C GLN L 465 62.13 -38.23 -70.64
N TRP L 466 63.29 -37.92 -70.08
CA TRP L 466 64.35 -38.92 -69.88
C TRP L 466 63.84 -40.20 -69.20
N CYS L 467 62.90 -40.03 -68.28
CA CYS L 467 62.21 -41.16 -67.64
C CYS L 467 61.40 -41.97 -68.65
N ALA L 468 60.62 -41.29 -69.49
CA ALA L 468 59.87 -41.97 -70.55
C ALA L 468 60.81 -42.64 -71.57
N ASP L 469 61.88 -41.94 -71.94
CA ASP L 469 62.86 -42.44 -72.90
C ASP L 469 63.49 -43.75 -72.46
N ARG L 470 63.78 -43.89 -71.16
CA ARG L 470 64.47 -45.09 -70.66
C ARG L 470 63.56 -46.14 -70.01
N ASN L 471 62.26 -45.99 -70.22
CA ASN L 471 61.23 -46.84 -69.64
C ASN L 471 61.35 -46.97 -68.10
N PHE L 472 61.63 -45.85 -67.44
CA PHE L 472 61.62 -45.75 -65.98
C PHE L 472 60.20 -45.48 -65.46
N THR L 473 60.05 -45.54 -64.15
CA THR L 473 58.76 -45.31 -63.50
C THR L 473 58.38 -43.85 -63.59
N LYS L 474 57.09 -43.60 -63.60
CA LYS L 474 56.57 -42.23 -63.65
C LYS L 474 56.88 -41.53 -62.35
N PRO L 475 57.52 -40.35 -62.41
CA PRO L 475 57.67 -39.57 -61.19
C PRO L 475 56.34 -39.37 -60.49
N GLN L 476 56.32 -39.45 -59.17
CA GLN L 476 55.09 -39.35 -58.36
C GLN L 476 54.30 -38.09 -58.69
N ASP L 477 55.03 -36.97 -58.75
CA ASP L 477 54.49 -35.65 -59.09
C ASP L 477 54.47 -35.35 -60.61
N GLY L 478 54.61 -36.38 -61.44
CA GLY L 478 54.93 -36.21 -62.87
C GLY L 478 53.88 -35.49 -63.68
N ASP L 479 52.62 -35.80 -63.40
CA ASP L 479 51.49 -35.16 -64.08
C ASP L 479 51.39 -33.67 -63.80
N VAL L 480 51.91 -33.25 -62.64
CA VAL L 480 51.90 -31.85 -62.26
C VAL L 480 53.08 -31.08 -62.88
N ILE L 481 54.30 -31.59 -62.67
CA ILE L 481 55.51 -30.88 -63.11
C ILE L 481 55.73 -30.84 -64.63
N ALA L 482 55.22 -31.85 -65.33
CA ALA L 482 55.37 -31.95 -66.77
C ALA L 482 54.11 -32.56 -67.38
N PRO L 483 53.00 -31.80 -67.37
CA PRO L 483 51.69 -32.32 -67.80
C PRO L 483 51.60 -32.57 -69.30
N LEU L 484 52.46 -31.89 -70.08
CA LEU L 484 52.52 -32.09 -71.53
C LEU L 484 53.31 -33.33 -71.93
N ILE L 485 54.15 -33.85 -71.04
CA ILE L 485 55.02 -35.01 -71.34
C ILE L 485 54.45 -36.37 -70.90
N THR L 486 53.73 -36.42 -69.79
CA THR L 486 53.22 -37.70 -69.25
C THR L 486 52.20 -38.48 -70.12
N PRO L 487 51.32 -37.77 -70.87
CA PRO L 487 50.45 -38.60 -71.75
C PRO L 487 51.21 -39.30 -72.91
N GLN L 488 52.33 -38.75 -73.37
CA GLN L 488 53.20 -39.38 -74.39
C GLN L 488 53.43 -40.89 -74.19
N LYS L 489 53.66 -41.31 -72.95
CA LYS L 489 53.97 -42.72 -72.65
C LYS L 489 52.68 -43.53 -72.41
N LYS L 490 52.45 -44.53 -73.28
CA LYS L 490 51.29 -45.44 -73.19
C LYS L 490 51.25 -46.19 -71.85
N GLU L 491 52.42 -46.65 -71.42
CA GLU L 491 52.56 -47.46 -70.19
C GLU L 491 52.12 -46.73 -68.90
N TRP L 492 52.14 -45.39 -68.86
CA TRP L 492 51.76 -44.62 -67.67
C TRP L 492 50.24 -44.32 -67.57
N ASN L 493 49.41 -44.70 -68.57
CA ASN L 493 47.98 -44.48 -68.50
C ASN L 493 47.07 -45.58 -67.92
N ASP L 494 47.30 -46.87 -68.21
CA ASP L 494 46.48 -48.00 -67.65
C ASP L 494 45.83 -48.83 -68.75
N MET M 9 1.22 55.90 29.65
CA MET M 9 1.90 54.75 28.98
C MET M 9 2.40 53.75 30.00
N LYS M 10 2.36 52.48 29.64
CA LYS M 10 2.91 51.42 30.46
C LYS M 10 4.27 51.02 29.95
N VAL M 11 5.24 50.91 30.84
CA VAL M 11 6.57 50.46 30.47
C VAL M 11 6.77 49.04 30.97
N ILE M 12 7.42 48.22 30.14
CA ILE M 12 7.65 46.81 30.45
C ILE M 12 9.05 46.42 30.00
N ASN M 13 9.77 45.64 30.82
CA ASN M 13 11.19 45.35 30.59
C ASN M 13 11.45 43.95 30.02
N ASP M 14 11.62 43.95 28.70
CA ASP M 14 12.05 42.80 27.93
C ASP M 14 13.58 42.74 27.93
N PRO M 15 14.18 41.57 28.18
CA PRO M 15 15.64 41.51 28.19
C PRO M 15 16.30 41.66 26.84
N ILE M 16 15.56 41.49 25.75
CA ILE M 16 16.13 41.70 24.42
C ILE M 16 16.10 43.15 24.06
N HIS M 17 14.93 43.77 24.13
CA HIS M 17 14.72 45.10 23.57
C HIS M 17 14.83 46.25 24.54
N GLY M 18 14.82 45.95 25.83
CA GLY M 18 14.94 46.99 26.85
C GLY M 18 13.56 47.36 27.36
N HIS M 19 13.38 48.61 27.73
CA HIS M 19 12.10 49.10 28.25
C HIS M 19 11.18 49.50 27.11
N ILE M 20 10.21 48.66 26.81
CA ILE M 20 9.22 48.90 25.80
C ILE M 20 8.10 49.78 26.39
N GLU M 21 7.63 50.77 25.61
CA GLU M 21 6.41 51.52 25.98
C GLU M 21 5.20 50.87 25.32
N LEU M 22 4.13 50.71 26.08
CA LEU M 22 2.89 50.10 25.58
C LEU M 22 1.73 51.08 25.68
N HIS M 23 1.18 51.43 24.52
CA HIS M 23 0.00 52.26 24.42
C HIS M 23 -1.21 51.56 25.10
N PRO M 24 -2.10 52.36 25.73
CA PRO M 24 -3.21 51.78 26.50
C PRO M 24 -4.06 50.76 25.78
N LEU M 25 -4.31 50.99 24.50
CA LEU M 25 -5.00 50.05 23.63
C LEU M 25 -4.29 48.72 23.53
N LEU M 26 -2.97 48.74 23.43
CA LEU M 26 -2.17 47.51 23.39
C LEU M 26 -2.25 46.77 24.71
N VAL M 27 -2.15 47.51 25.82
CA VAL M 27 -2.25 46.93 27.15
C VAL M 27 -3.58 46.20 27.31
N ARG M 28 -4.62 46.82 26.77
CA ARG M 28 -5.96 46.29 26.86
C ARG M 28 -6.12 44.99 26.06
N ILE M 29 -5.45 44.92 24.92
CA ILE M 29 -5.39 43.72 24.10
C ILE M 29 -4.55 42.63 24.76
N ILE M 30 -3.40 43.04 25.31
CA ILE M 30 -2.50 42.11 26.01
C ILE M 30 -3.17 41.41 27.19
N ASN M 31 -3.90 42.17 28.00
CA ASN M 31 -4.54 41.64 29.20
C ASN M 31 -5.88 40.94 28.93
N THR M 32 -5.81 39.88 28.13
CA THR M 32 -6.95 39.07 27.77
C THR M 32 -6.53 37.60 27.77
N PRO M 33 -7.45 36.67 28.01
CA PRO M 33 -7.11 35.25 27.97
C PRO M 33 -6.52 34.76 26.66
N GLN M 34 -6.92 35.38 25.56
CA GLN M 34 -6.52 34.93 24.23
C GLN M 34 -5.04 35.21 23.96
N PHE M 35 -4.58 36.34 24.52
CA PHE M 35 -3.19 36.77 24.42
C PHE M 35 -2.33 36.15 25.52
N GLN M 36 -2.78 36.20 26.77
CA GLN M 36 -1.98 35.67 27.90
C GLN M 36 -1.75 34.17 27.74
N ARG M 37 -2.63 33.51 27.01
CA ARG M 37 -2.43 32.14 26.54
C ARG M 37 -1.01 31.87 26.04
N LEU M 38 -0.45 32.83 25.33
CA LEU M 38 0.88 32.68 24.76
C LEU M 38 1.99 32.55 25.81
N ARG M 39 1.72 32.87 27.06
CA ARG M 39 2.67 32.58 28.14
C ARG M 39 2.94 31.11 28.34
N TYR M 40 2.03 30.27 27.86
CA TYR M 40 2.08 28.84 28.10
C TYR M 40 2.35 28.04 26.81
N ILE M 41 3.00 28.69 25.84
CA ILE M 41 3.43 28.02 24.62
C ILE M 41 4.89 28.36 24.35
N LYS M 42 5.77 27.35 24.33
CA LYS M 42 7.19 27.60 24.14
C LYS M 42 7.50 27.95 22.71
N GLN M 43 8.47 28.84 22.52
CA GLN M 43 8.81 29.36 21.21
C GLN M 43 9.36 28.25 20.35
N LEU M 44 10.30 27.50 20.93
CA LEU M 44 11.02 26.48 20.17
C LEU M 44 10.56 25.07 20.51
N GLY M 45 9.33 24.93 20.98
CA GLY M 45 8.73 23.63 21.27
C GLY M 45 9.65 22.66 21.97
N GLY M 46 9.94 21.56 21.27
CA GLY M 46 10.81 20.50 21.75
C GLY M 46 12.28 20.86 21.88
N GLY M 47 12.69 21.96 21.27
CA GLY M 47 14.02 22.52 21.41
C GLY M 47 14.48 22.73 22.84
N TYR M 48 13.55 23.05 23.74
CA TYR M 48 13.88 23.14 25.18
C TYR M 48 14.53 21.88 25.70
N TYR M 49 14.11 20.72 25.16
CA TYR M 49 14.64 19.42 25.57
C TYR M 49 16.04 19.10 24.97
N VAL M 50 16.57 20.04 24.19
CA VAL M 50 17.97 20.00 23.71
C VAL M 50 18.79 21.21 24.16
N PHE M 51 18.21 22.40 24.07
CA PHE M 51 18.84 23.64 24.56
C PHE M 51 18.14 24.05 25.83
N PRO M 52 18.72 23.72 27.00
CA PRO M 52 17.99 23.98 28.23
C PRO M 52 17.78 25.48 28.52
N GLY M 53 18.45 26.36 27.78
CA GLY M 53 18.14 27.79 27.89
C GLY M 53 16.80 28.23 27.33
N ALA M 54 16.27 27.45 26.37
CA ALA M 54 15.14 27.83 25.51
C ALA M 54 13.75 27.62 26.12
N SER M 55 13.63 28.12 27.35
CA SER M 55 12.40 28.16 28.16
C SER M 55 11.41 29.21 27.67
N HIS M 56 11.90 30.16 26.87
CA HIS M 56 11.11 31.30 26.41
C HIS M 56 9.88 30.91 25.62
N ASN M 57 8.83 31.71 25.85
CA ASN M 57 7.48 31.50 25.33
C ASN M 57 7.07 32.57 24.31
N ARG M 58 5.98 32.29 23.59
CA ARG M 58 5.48 33.17 22.53
C ARG M 58 5.08 34.56 23.01
N PHE M 59 4.50 34.62 24.20
CA PHE M 59 4.13 35.88 24.83
C PHE M 59 5.18 36.97 24.59
N GLU M 60 6.41 36.69 25.01
CA GLU M 60 7.45 37.71 24.97
C GLU M 60 7.97 37.97 23.56
N HIS M 61 8.00 36.96 22.70
CA HIS M 61 8.23 37.16 21.26
C HIS M 61 7.19 38.11 20.69
N SER M 62 5.92 37.85 21.02
CA SER M 62 4.81 38.65 20.56
C SER M 62 4.97 40.12 20.98
N LEU M 63 5.33 40.38 22.24
CA LEU M 63 5.62 41.77 22.66
C LEU M 63 6.72 42.43 21.83
N GLY M 64 7.79 41.69 21.60
CA GLY M 64 8.93 42.22 20.86
C GLY M 64 8.63 42.52 19.40
N VAL M 65 7.82 41.67 18.76
CA VAL M 65 7.46 41.91 17.38
C VAL M 65 6.58 43.15 17.30
N GLY M 66 5.68 43.30 18.27
CA GLY M 66 4.88 44.50 18.42
C GLY M 66 5.77 45.72 18.59
N TYR M 67 6.78 45.60 19.43
CA TYR M 67 7.72 46.69 19.67
C TYR M 67 8.48 47.11 18.41
N LEU M 68 9.06 46.13 17.71
CA LEU M 68 9.86 46.42 16.54
C LEU M 68 9.03 46.92 15.39
N ALA M 69 7.81 46.43 15.27
CA ALA M 69 6.89 46.96 14.29
C ALA M 69 6.69 48.46 14.48
N GLY M 70 6.50 48.88 15.73
CA GLY M 70 6.44 50.29 16.09
C GLY M 70 7.70 51.04 15.72
N CYS M 71 8.85 50.46 16.03
CA CYS M 71 10.13 51.12 15.76
C CYS M 71 10.28 51.45 14.30
N LEU M 72 9.98 50.48 13.45
CA LEU M 72 10.23 50.62 12.02
C LEU M 72 9.27 51.61 11.40
N VAL M 73 7.97 51.47 11.70
CA VAL M 73 6.98 52.39 11.14
C VAL M 73 7.17 53.81 11.65
N HIS M 74 7.52 53.97 12.93
CA HIS M 74 7.76 55.29 13.51
C HIS M 74 9.02 55.93 12.90
N ALA M 75 10.03 55.11 12.63
CA ALA M 75 11.26 55.60 12.02
C ALA M 75 11.05 56.07 10.60
N LEU M 76 10.31 55.30 9.80
CA LEU M 76 10.01 55.69 8.44
C LEU M 76 9.27 57.01 8.44
N GLY M 77 8.36 57.18 9.41
CA GLY M 77 7.60 58.41 9.56
C GLY M 77 8.41 59.64 9.84
N GLU M 78 9.36 59.54 10.78
CA GLU M 78 10.20 60.70 11.11
C GLU M 78 11.07 61.06 9.92
N LYS M 79 11.72 60.07 9.31
CA LYS M 79 12.63 60.31 8.18
C LYS M 79 11.85 60.85 6.93
N GLN M 80 10.61 60.43 6.72
CA GLN M 80 9.83 60.80 5.51
C GLN M 80 8.38 61.22 5.83
N PRO M 81 8.19 62.49 6.21
CA PRO M 81 6.83 62.97 6.51
C PRO M 81 5.89 62.91 5.32
N GLU M 82 6.43 63.05 4.12
CA GLU M 82 5.66 62.92 2.88
C GLU M 82 4.77 61.68 2.80
N LEU M 83 5.14 60.62 3.51
CA LEU M 83 4.36 59.37 3.51
C LEU M 83 3.03 59.47 4.23
N GLN M 84 2.91 60.45 5.11
CA GLN M 84 1.68 60.72 5.89
C GLN M 84 1.25 59.47 6.64
N ILE M 85 2.17 59.01 7.48
CA ILE M 85 1.94 57.87 8.34
C ILE M 85 1.25 58.46 9.55
N SER M 86 0.03 58.03 9.82
CA SER M 86 -0.75 58.54 10.96
C SER M 86 -0.50 57.76 12.22
N GLU M 87 -0.82 58.34 13.38
CA GLU M 87 -0.74 57.60 14.66
C GLU M 87 -1.74 56.47 14.68
N ARG M 88 -2.74 56.54 13.84
CA ARG M 88 -3.64 55.43 13.59
C ARG M 88 -2.93 54.28 12.88
N ASP M 89 -2.19 54.59 11.83
CA ASP M 89 -1.40 53.58 11.11
C ASP M 89 -0.41 52.89 12.03
N VAL M 90 0.26 53.68 12.88
CA VAL M 90 1.28 53.15 13.80
C VAL M 90 0.66 52.16 14.77
N LEU M 91 -0.45 52.55 15.37
CA LEU M 91 -1.14 51.66 16.29
C LEU M 91 -1.56 50.36 15.64
N CYS M 92 -2.06 50.42 14.42
CA CYS M 92 -2.49 49.24 13.71
C CYS M 92 -1.35 48.28 13.41
N VAL M 93 -0.21 48.84 13.02
CA VAL M 93 0.99 48.05 12.74
C VAL M 93 1.48 47.38 14.04
N GLN M 94 1.48 48.12 15.14
CA GLN M 94 1.82 47.57 16.46
C GLN M 94 0.90 46.44 16.87
N ILE M 95 -0.40 46.63 16.69
CA ILE M 95 -1.39 45.62 17.05
C ILE M 95 -1.17 44.35 16.23
N ALA M 96 -0.87 44.51 14.95
CA ALA M 96 -0.61 43.36 14.10
C ALA M 96 0.61 42.60 14.61
N GLY M 97 1.70 43.33 14.81
CA GLY M 97 2.92 42.75 15.33
C GLY M 97 2.68 42.01 16.64
N LEU M 98 1.94 42.64 17.52
CA LEU M 98 1.64 42.08 18.81
C LEU M 98 0.83 40.78 18.72
N CYS M 99 -0.13 40.76 17.81
CA CYS M 99 -1.06 39.63 17.66
C CYS M 99 -0.69 38.63 16.55
N HIS M 100 0.51 38.75 15.99
CA HIS M 100 0.82 38.07 14.73
C HIS M 100 0.92 36.55 14.89
N ASP M 101 1.36 36.13 16.07
CA ASP M 101 1.51 34.69 16.37
C ASP M 101 0.45 34.17 17.34
N LEU M 102 -0.60 34.95 17.57
CA LEU M 102 -1.74 34.52 18.42
C LEU M 102 -2.28 33.11 18.25
N GLY M 103 -2.17 32.58 17.02
CA GLY M 103 -2.70 31.27 16.67
C GLY M 103 -1.77 30.07 16.71
N HIS M 104 -0.60 30.20 17.33
CA HIS M 104 0.28 29.05 17.48
C HIS M 104 -0.32 28.05 18.42
N GLY M 105 -0.07 26.78 18.14
CA GLY M 105 -0.57 25.70 18.98
C GLY M 105 0.41 25.28 20.06
N PRO M 106 0.07 24.21 20.79
CA PRO M 106 1.02 23.61 21.71
C PRO M 106 2.32 23.26 21.00
N PHE M 107 3.43 23.64 21.64
CA PHE M 107 4.78 23.49 21.08
C PHE M 107 4.96 24.14 19.71
N SER M 108 4.35 25.31 19.55
CA SER M 108 4.53 26.17 18.38
C SER M 108 4.44 25.46 17.02
N HIS M 109 5.58 25.23 16.37
CA HIS M 109 5.59 24.78 14.98
C HIS M 109 5.37 23.28 14.86
N MET M 110 5.61 22.56 15.95
CA MET M 110 5.23 21.16 16.03
C MET M 110 3.75 20.98 15.69
N PHE M 111 2.90 21.88 16.19
CA PHE M 111 1.46 21.78 16.00
C PHE M 111 1.02 21.95 14.54
N ASP M 112 1.35 23.08 13.94
CA ASP M 112 0.94 23.34 12.56
C ASP M 112 1.81 22.62 11.51
N GLY M 113 2.99 22.20 11.92
CA GLY M 113 3.97 21.59 11.01
C GLY M 113 4.01 20.08 11.01
N ARG M 114 3.75 19.44 12.15
CA ARG M 114 3.75 17.97 12.27
C ARG M 114 2.39 17.41 12.61
N PHE M 115 1.79 17.87 13.70
CA PHE M 115 0.56 17.28 14.25
C PHE M 115 -0.68 17.42 13.39
N ILE M 116 -1.08 18.64 13.08
CA ILE M 116 -2.31 18.87 12.32
C ILE M 116 -2.23 18.21 10.93
N PRO M 117 -1.10 18.32 10.23
CA PRO M 117 -1.02 17.60 8.97
C PRO M 117 -1.19 16.08 9.07
N LEU M 118 -0.83 15.46 10.19
CA LEU M 118 -1.05 14.02 10.39
C LEU M 118 -2.44 13.74 10.91
N ALA M 119 -2.89 14.50 11.89
CA ALA M 119 -4.20 14.29 12.51
C ALA M 119 -5.37 14.59 11.58
N ARG M 120 -5.22 15.59 10.72
CA ARG M 120 -6.31 16.03 9.83
C ARG M 120 -5.76 16.42 8.46
N PRO M 121 -5.38 15.40 7.65
CA PRO M 121 -4.76 15.62 6.34
C PRO M 121 -5.63 16.38 5.34
N GLU M 122 -6.95 16.29 5.50
CA GLU M 122 -7.90 17.01 4.67
C GLU M 122 -7.75 18.55 4.71
N VAL M 123 -7.35 19.10 5.86
CA VAL M 123 -7.35 20.55 6.08
C VAL M 123 -6.04 21.18 5.61
N LYS M 124 -6.09 22.41 5.12
CA LYS M 124 -4.90 23.25 4.91
C LYS M 124 -5.01 24.36 5.95
N TRP M 125 -4.30 24.19 7.07
CA TRP M 125 -4.32 25.12 8.23
C TRP M 125 -2.92 25.54 8.64
N THR M 126 -2.77 26.81 9.04
CA THR M 126 -1.48 27.40 9.44
C THR M 126 -1.61 28.21 10.75
N HIS M 127 -0.47 28.51 11.40
CA HIS M 127 -0.46 29.30 12.64
C HIS M 127 -1.09 30.67 12.38
N GLU M 128 -0.87 31.21 11.17
CA GLU M 128 -1.33 32.53 10.79
C GLU M 128 -2.82 32.60 10.65
N GLN M 129 -3.43 31.62 9.98
CA GLN M 129 -4.88 31.56 9.85
C GLN M 129 -5.52 31.52 11.22
N GLY M 130 -4.89 30.76 12.12
CA GLY M 130 -5.31 30.72 13.51
C GLY M 130 -5.23 32.07 14.19
N SER M 131 -4.17 32.82 13.91
CA SER M 131 -4.00 34.15 14.47
C SER M 131 -5.14 35.11 14.10
N VAL M 132 -5.52 35.10 12.83
CA VAL M 132 -6.62 35.92 12.36
C VAL M 132 -7.90 35.56 13.11
N MET M 133 -8.20 34.27 13.18
CA MET M 133 -9.39 33.81 13.88
C MET M 133 -9.35 34.13 15.37
N MET M 134 -8.22 33.89 15.99
CA MET M 134 -8.05 34.15 17.41
C MET M 134 -8.05 35.66 17.68
N PHE M 135 -7.60 36.46 16.72
CA PHE M 135 -7.67 37.92 16.86
C PHE M 135 -9.11 38.40 16.89
N GLU M 136 -9.91 37.93 15.92
CA GLU M 136 -11.36 38.17 15.88
C GLU M 136 -12.00 37.79 17.21
N HIS M 137 -11.72 36.58 17.71
CA HIS M 137 -12.27 36.12 18.99
C HIS M 137 -11.86 37.02 20.15
N LEU M 138 -10.62 37.47 20.16
CA LEU M 138 -10.10 38.36 21.21
C LEU M 138 -10.86 39.67 21.24
N ILE M 139 -11.04 40.27 20.07
CA ILE M 139 -11.72 41.55 19.91
C ILE M 139 -13.16 41.47 20.41
N ASN M 140 -13.88 40.44 19.97
CA ASN M 140 -15.31 40.30 20.24
C ASN M 140 -15.56 39.94 21.69
N SER M 141 -14.84 38.95 22.19
CA SER M 141 -15.06 38.50 23.56
C SER M 141 -14.57 39.51 24.64
N ASN M 142 -13.80 40.53 24.28
CA ASN M 142 -13.30 41.50 25.29
C ASN M 142 -13.70 42.96 25.06
N GLY M 143 -14.60 43.22 24.11
CA GLY M 143 -15.09 44.58 23.87
C GLY M 143 -14.03 45.58 23.53
N ILE M 144 -13.17 45.20 22.60
CA ILE M 144 -12.04 46.01 22.21
C ILE M 144 -12.47 47.09 21.22
N LYS M 145 -13.46 46.77 20.39
CA LYS M 145 -13.93 47.68 19.34
C LYS M 145 -14.24 49.11 19.83
N PRO M 146 -14.96 49.27 20.96
CA PRO M 146 -15.13 50.58 21.59
C PRO M 146 -13.83 51.29 21.93
N VAL M 147 -12.86 50.53 22.42
CA VAL M 147 -11.56 51.09 22.84
C VAL M 147 -10.76 51.52 21.62
N MET M 148 -10.83 50.76 20.52
CA MET M 148 -10.16 51.14 19.28
C MET M 148 -10.67 52.51 18.81
N GLU M 149 -11.99 52.67 18.79
CA GLU M 149 -12.64 53.94 18.41
C GLU M 149 -12.18 55.07 19.32
N GLN M 150 -12.17 54.83 20.62
CA GLN M 150 -11.72 55.80 21.61
C GLN M 150 -10.36 56.39 21.26
N TYR M 151 -9.46 55.57 20.72
CA TYR M 151 -8.11 56.02 20.34
C TYR M 151 -7.96 56.27 18.83
N GLY M 152 -9.05 56.63 18.16
CA GLY M 152 -8.99 57.09 16.78
C GLY M 152 -8.94 56.06 15.68
N LEU M 153 -9.17 54.79 16.01
CA LEU M 153 -9.20 53.76 14.98
C LEU M 153 -10.60 53.59 14.42
N ILE M 154 -10.69 53.00 13.25
CA ILE M 154 -11.95 52.70 12.57
C ILE M 154 -12.06 51.19 12.36
N PRO M 155 -12.70 50.48 13.31
CA PRO M 155 -12.76 49.02 13.29
C PRO M 155 -13.09 48.36 11.95
N GLU M 156 -14.04 48.90 11.19
CA GLU M 156 -14.34 48.33 9.86
C GLU M 156 -13.07 48.18 9.02
N GLU M 157 -12.41 49.31 8.77
CA GLU M 157 -11.21 49.35 7.93
C GLU M 157 -9.99 48.72 8.59
N ASP M 158 -9.76 49.05 9.86
CA ASP M 158 -8.52 48.70 10.53
C ASP M 158 -8.40 47.24 10.97
N ILE M 159 -9.48 46.63 11.43
CA ILE M 159 -9.44 45.20 11.77
C ILE M 159 -9.12 44.37 10.54
N CYS M 160 -9.57 44.81 9.37
CA CYS M 160 -9.18 44.17 8.11
C CYS M 160 -7.68 44.35 7.87
N PHE M 161 -7.20 45.58 8.03
CA PHE M 161 -5.79 45.93 7.85
C PHE M 161 -4.87 45.10 8.76
N ILE M 162 -5.27 44.93 10.01
CA ILE M 162 -4.51 44.13 10.97
C ILE M 162 -4.46 42.67 10.53
N LYS M 163 -5.60 42.10 10.19
CA LYS M 163 -5.66 40.72 9.72
C LYS M 163 -4.85 40.54 8.45
N GLU M 164 -4.91 41.51 7.55
CA GLU M 164 -4.15 41.46 6.31
C GLU M 164 -2.64 41.50 6.52
N GLN M 165 -2.20 42.25 7.52
CA GLN M 165 -0.78 42.27 7.89
C GLN M 165 -0.28 40.90 8.30
N ILE M 166 -1.16 40.12 8.93
CA ILE M 166 -0.80 38.82 9.47
C ILE M 166 -0.76 37.70 8.41
N VAL M 167 -1.86 37.51 7.68
CA VAL M 167 -2.00 36.36 6.74
C VAL M 167 -1.87 36.71 5.27
N GLY M 168 -1.77 37.98 4.94
CA GLY M 168 -1.80 38.40 3.54
C GLY M 168 -3.23 38.73 3.16
N PRO M 169 -3.51 38.76 1.84
CA PRO M 169 -4.84 39.21 1.44
C PRO M 169 -5.94 38.22 1.77
N TRP M 179 -4.44 45.71 -7.10
CA TRP M 179 -4.11 45.84 -5.66
C TRP M 179 -4.98 44.93 -4.80
N PRO M 180 -4.39 43.87 -4.22
CA PRO M 180 -5.20 42.90 -3.49
C PRO M 180 -5.71 43.28 -2.09
N TYR M 181 -5.29 44.40 -1.53
CA TYR M 181 -5.65 44.72 -0.12
C TYR M 181 -6.83 45.68 -0.02
N LYS M 182 -7.75 45.37 0.88
CA LYS M 182 -8.90 46.21 1.20
C LYS M 182 -8.63 47.13 2.39
N GLY M 183 -7.63 46.83 3.21
CA GLY M 183 -7.40 47.55 4.48
C GLY M 183 -6.71 48.89 4.33
N ARG M 184 -5.84 49.01 3.33
CA ARG M 184 -5.15 50.27 3.05
C ARG M 184 -4.89 50.41 1.54
N PRO M 185 -4.80 51.65 1.04
CA PRO M 185 -4.51 51.88 -0.38
C PRO M 185 -3.06 51.60 -0.78
N GLU M 186 -2.80 51.63 -2.09
CA GLU M 186 -1.47 51.38 -2.67
C GLU M 186 -0.37 52.33 -2.18
N ASN M 187 -0.76 53.57 -1.85
CA ASN M 187 0.20 54.58 -1.37
C ASN M 187 0.68 54.31 0.07
N LYS M 188 0.16 53.26 0.69
CA LYS M 188 0.67 52.78 1.96
C LYS M 188 0.98 51.29 1.94
N SER M 189 1.41 50.76 0.80
CA SER M 189 1.77 49.34 0.70
C SER M 189 2.95 48.96 1.59
N PHE M 190 3.83 49.92 1.84
CA PHE M 190 4.98 49.70 2.70
C PHE M 190 4.61 49.21 4.09
N LEU M 191 3.45 49.60 4.59
CA LEU M 191 2.99 49.12 5.89
C LEU M 191 2.80 47.58 5.94
N TYR M 192 2.47 46.97 4.81
CA TYR M 192 2.34 45.51 4.76
C TYR M 192 3.66 44.75 4.79
N GLU M 193 4.77 45.44 4.56
CA GLU M 193 6.09 44.85 4.59
C GLU M 193 6.79 44.87 5.99
N ILE M 194 6.11 45.30 7.04
CA ILE M 194 6.75 45.42 8.36
C ILE M 194 6.65 44.13 9.20
N VAL M 195 5.44 43.64 9.42
CA VAL M 195 5.23 42.52 10.32
C VAL M 195 5.47 41.16 9.66
N SER M 196 4.99 41.01 8.43
CA SER M 196 5.16 39.75 7.69
C SER M 196 5.26 40.08 6.20
N ASN M 197 6.50 40.08 5.71
CA ASN M 197 6.83 40.59 4.38
C ASN M 197 6.67 39.46 3.38
N LYS M 198 5.61 39.52 2.58
CA LYS M 198 5.32 38.51 1.57
C LYS M 198 6.22 38.63 0.35
N ARG M 199 6.78 39.81 0.11
CA ARG M 199 7.58 40.08 -1.08
C ARG M 199 8.92 39.34 -1.03
N ASN M 200 9.64 39.53 0.07
CA ASN M 200 10.99 38.99 0.24
C ASN M 200 11.29 38.30 1.59
N GLY M 201 10.43 38.50 2.59
CA GLY M 201 10.63 37.86 3.89
C GLY M 201 11.38 38.68 4.95
N ILE M 202 11.88 39.86 4.57
CA ILE M 202 12.59 40.72 5.52
C ILE M 202 11.52 41.46 6.36
N ASP M 203 11.30 40.96 7.58
CA ASP M 203 10.28 41.48 8.50
C ASP M 203 10.75 41.48 9.95
N VAL M 204 9.99 42.14 10.82
CA VAL M 204 10.40 42.27 12.21
C VAL M 204 10.13 40.98 13.03
N ASP M 205 9.27 40.06 12.56
CA ASP M 205 9.11 38.75 13.19
C ASP M 205 10.51 38.12 13.26
N LYS M 206 11.20 38.11 12.12
CA LYS M 206 12.56 37.56 12.03
C LYS M 206 13.49 38.25 12.98
N TRP M 207 13.44 39.58 13.01
CA TRP M 207 14.43 40.34 13.74
C TRP M 207 14.35 40.04 15.23
N ASP M 208 13.12 39.92 15.72
CA ASP M 208 12.94 39.62 17.13
C ASP M 208 13.45 38.21 17.44
N TYR M 209 12.97 37.21 16.71
CA TYR M 209 13.32 35.82 17.09
C TYR M 209 14.80 35.51 16.90
N PHE M 210 15.49 36.17 15.97
CA PHE M 210 16.94 36.00 15.89
C PHE M 210 17.55 36.40 17.23
N ALA M 211 17.28 37.63 17.63
CA ALA M 211 17.82 38.20 18.85
C ALA M 211 17.39 37.38 20.07
N ARG M 212 16.12 37.03 20.12
CA ARG M 212 15.55 36.36 21.28
C ARG M 212 16.01 34.93 21.40
N ASP M 213 15.92 34.18 20.29
CA ASP M 213 16.27 32.76 20.32
C ASP M 213 17.74 32.63 20.65
N CYS M 214 18.58 33.45 20.01
CA CYS M 214 20.01 33.47 20.35
C CYS M 214 20.29 33.70 21.83
N HIS M 215 19.60 34.67 22.41
CA HIS M 215 19.81 35.02 23.82
C HIS M 215 19.58 33.82 24.72
N HIS M 216 18.51 33.08 24.44
CA HIS M 216 18.11 31.94 25.25
C HIS M 216 18.84 30.64 24.82
N LEU M 217 19.14 30.48 23.54
CA LEU M 217 19.78 29.26 23.06
C LEU M 217 21.21 29.13 23.57
N GLY M 218 21.90 30.26 23.59
CA GLY M 218 23.33 30.31 23.84
C GLY M 218 24.11 30.28 22.56
N ILE M 219 23.60 30.97 21.55
CA ILE M 219 24.30 31.21 20.29
C ILE M 219 24.32 32.71 20.14
N GLN M 220 25.37 33.29 19.56
CA GLN M 220 25.39 34.73 19.29
C GLN M 220 24.79 35.00 17.87
N ASN M 221 24.11 36.14 17.79
CA ASN M 221 23.35 36.58 16.63
C ASN M 221 24.23 37.54 15.84
N ASN M 222 24.35 37.30 14.55
CA ASN M 222 25.22 38.10 13.71
C ASN M 222 24.47 39.13 12.85
N PHE M 223 23.23 39.49 13.19
CA PHE M 223 22.41 40.42 12.38
C PHE M 223 21.97 41.65 13.15
N ASP M 224 22.22 42.83 12.60
CA ASP M 224 21.95 44.10 13.29
C ASP M 224 20.69 44.73 12.71
N TYR M 225 19.55 44.53 13.38
CA TYR M 225 18.28 45.07 12.90
C TYR M 225 18.23 46.58 13.02
N LYS M 226 18.83 47.10 14.08
CA LYS M 226 18.84 48.54 14.31
C LYS M 226 19.49 49.31 13.16
N ARG M 227 20.57 48.74 12.66
CA ARG M 227 21.30 49.30 11.54
C ARG M 227 20.43 49.29 10.29
N PHE M 228 19.73 48.19 10.04
CA PHE M 228 18.88 48.10 8.87
C PHE M 228 17.80 49.19 8.87
N ILE M 229 17.24 49.45 10.05
CA ILE M 229 16.26 50.52 10.22
C ILE M 229 16.86 51.88 9.91
N LYS M 230 18.07 52.15 10.35
CA LYS M 230 18.70 53.44 10.03
C LYS M 230 18.86 53.68 8.53
N PHE M 231 19.02 52.62 7.74
CA PHE M 231 19.20 52.75 6.30
C PHE M 231 18.01 52.24 5.52
N ALA M 232 16.82 52.32 6.10
CA ALA M 232 15.62 51.90 5.43
C ALA M 232 14.91 53.15 4.97
N ARG M 233 14.13 53.02 3.91
CA ARG M 233 13.52 54.16 3.26
C ARG M 233 12.45 53.68 2.28
N VAL M 234 11.39 54.46 2.11
CA VAL M 234 10.31 54.13 1.18
C VAL M 234 10.54 54.83 -0.14
N CYS M 235 10.47 54.08 -1.25
CA CYS M 235 10.61 54.62 -2.60
C CYS M 235 9.52 54.07 -3.47
N GLU M 236 9.31 54.68 -4.63
CA GLU M 236 8.33 54.16 -5.59
C GLU M 236 8.97 53.02 -6.37
N VAL M 237 8.24 51.91 -6.47
CA VAL M 237 8.65 50.76 -7.29
C VAL M 237 7.40 50.20 -7.98
N ASP M 238 7.36 50.29 -9.31
CA ASP M 238 6.22 49.80 -10.10
C ASP M 238 4.89 50.34 -9.56
N ASN M 239 4.78 51.66 -9.55
CA ASN M 239 3.53 52.38 -9.18
C ASN M 239 3.00 52.08 -7.77
N GLU M 240 3.92 51.79 -6.86
CA GLU M 240 3.62 51.29 -5.52
C GLU M 240 4.75 51.72 -4.58
N LEU M 241 4.41 52.20 -3.38
CA LEU M 241 5.44 52.67 -2.42
C LEU M 241 5.94 51.56 -1.49
N ARG M 242 7.18 51.11 -1.67
CA ARG M 242 7.76 49.99 -0.90
C ARG M 242 8.97 50.40 -0.09
N ILE M 243 9.32 49.57 0.89
CA ILE M 243 10.52 49.77 1.70
C ILE M 243 11.72 49.33 0.87
N CYS M 244 12.77 50.13 0.94
CA CYS M 244 14.03 49.88 0.26
C CYS M 244 15.17 50.01 1.23
N ALA M 245 16.21 49.21 1.02
CA ALA M 245 17.42 49.26 1.82
C ALA M 245 18.49 49.99 1.06
N ARG M 246 19.52 50.48 1.73
CA ARG M 246 20.57 51.15 1.03
C ARG M 246 21.46 50.13 0.30
N ASP M 247 22.02 50.54 -0.84
CA ASP M 247 22.92 49.73 -1.67
C ASP M 247 23.98 48.95 -0.86
N LYS M 248 24.61 49.62 0.08
CA LYS M 248 25.66 48.99 0.89
C LYS M 248 25.16 47.84 1.81
N GLU M 249 23.91 47.88 2.22
CA GLU M 249 23.38 46.80 3.05
C GLU M 249 23.16 45.45 2.35
N VAL M 250 23.31 45.38 1.03
CA VAL M 250 23.02 44.12 0.31
C VAL M 250 23.75 42.94 0.92
N GLY M 251 25.01 43.15 1.31
CA GLY M 251 25.79 42.10 1.96
C GLY M 251 25.17 41.61 3.25
N ASN M 252 24.80 42.56 4.10
CA ASN M 252 24.17 42.26 5.39
C ASN M 252 22.84 41.54 5.25
N LEU M 253 22.14 41.80 4.16
CA LEU M 253 20.88 41.11 3.87
C LEU M 253 21.10 39.67 3.46
N TYR M 254 22.11 39.38 2.64
CA TYR M 254 22.43 37.97 2.35
C TYR M 254 22.81 37.26 3.65
N ASP M 255 23.53 37.96 4.53
CA ASP M 255 23.95 37.40 5.82
C ASP M 255 22.77 37.21 6.78
N MET M 256 21.72 38.00 6.63
CA MET M 256 20.50 37.79 7.41
C MET M 256 19.92 36.41 7.13
N PHE M 257 19.81 36.05 5.85
CA PHE M 257 19.24 34.76 5.50
C PHE M 257 20.20 33.62 5.80
N HIS M 258 21.50 33.89 5.77
CA HIS M 258 22.51 32.93 6.21
C HIS M 258 22.33 32.63 7.69
N THR M 259 22.24 33.69 8.50
CA THR M 259 21.98 33.59 9.92
C THR M 259 20.74 32.73 10.19
N ARG M 260 19.68 32.96 9.43
CA ARG M 260 18.45 32.20 9.56
C ARG M 260 18.68 30.73 9.34
N ASN M 261 19.32 30.42 8.20
CA ASN M 261 19.59 29.06 7.80
C ASN M 261 20.49 28.39 8.83
N SER M 262 21.44 29.16 9.33
CA SER M 262 22.36 28.68 10.33
C SER M 262 21.66 28.33 11.66
N LEU M 263 20.72 29.17 12.10
CA LEU M 263 19.90 28.87 13.28
C LEU M 263 19.02 27.63 13.11
N HIS M 264 18.54 27.42 11.89
CA HIS M 264 17.78 26.21 11.60
C HIS M 264 18.66 24.97 11.67
N ARG M 265 19.88 25.07 11.13
CA ARG M 265 20.77 23.93 11.12
C ARG M 265 21.20 23.57 12.52
N ARG M 266 21.62 24.57 13.29
CA ARG M 266 22.11 24.31 14.63
C ARG M 266 21.03 23.96 15.65
N ALA M 267 19.94 24.70 15.63
CA ALA M 267 18.95 24.63 16.71
C ALA M 267 17.60 24.11 16.28
N TYR M 268 16.93 24.83 15.39
CA TYR M 268 15.50 24.55 15.17
C TYR M 268 15.28 23.17 14.56
N GLN M 269 16.14 22.78 13.62
CA GLN M 269 16.11 21.44 13.01
C GLN M 269 17.14 20.50 13.60
N HIS M 270 17.51 20.70 14.86
CA HIS M 270 18.43 19.80 15.55
C HIS M 270 17.84 18.39 15.57
N LYS M 271 18.68 17.42 15.22
CA LYS M 271 18.24 16.03 15.03
C LYS M 271 17.41 15.47 16.20
N VAL M 272 17.78 15.82 17.43
CA VAL M 272 17.09 15.34 18.62
C VAL M 272 15.90 16.23 18.96
N GLY M 273 16.01 17.52 18.69
CA GLY M 273 14.88 18.42 18.87
C GLY M 273 13.70 17.97 18.01
N ASN M 274 14.01 17.60 16.77
CA ASN M 274 13.02 17.09 15.84
C ASN M 274 12.45 15.72 16.25
N ILE M 275 13.28 14.84 16.78
CA ILE M 275 12.77 13.54 17.21
C ILE M 275 11.89 13.68 18.44
N ILE M 276 12.19 14.62 19.31
CA ILE M 276 11.33 14.89 20.45
C ILE M 276 10.01 15.49 19.99
N ASP M 277 10.06 16.37 19.00
CA ASP M 277 8.85 16.89 18.38
C ASP M 277 8.01 15.74 17.79
N THR M 278 8.63 14.82 17.02
CA THR M 278 7.86 13.71 16.44
C THR M 278 7.28 12.80 17.54
N MET M 279 8.03 12.59 18.63
CA MET M 279 7.53 11.78 19.74
C MET M 279 6.37 12.44 20.48
N ILE M 280 6.43 13.75 20.67
CA ILE M 280 5.32 14.46 21.29
C ILE M 280 4.11 14.46 20.37
N THR M 281 4.33 14.72 19.08
CA THR M 281 3.27 14.64 18.07
C THR M 281 2.60 13.26 18.10
N ASP M 282 3.42 12.22 18.15
CA ASP M 282 2.95 10.84 18.19
C ASP M 282 2.05 10.61 19.41
N ALA M 283 2.49 11.07 20.57
CA ALA M 283 1.70 10.97 21.79
C ALA M 283 0.39 11.76 21.71
N PHE M 284 0.40 12.89 21.01
CA PHE M 284 -0.82 13.67 20.81
C PHE M 284 -1.79 12.92 19.93
N LEU M 285 -1.30 12.34 18.84
CA LEU M 285 -2.14 11.53 17.97
C LEU M 285 -2.82 10.39 18.74
N LYS M 286 -2.08 9.72 19.62
CA LYS M 286 -2.62 8.63 20.41
C LYS M 286 -3.56 9.08 21.52
N ALA M 287 -3.37 10.29 22.00
CA ALA M 287 -4.25 10.86 23.02
C ALA M 287 -5.46 11.59 22.44
N ASP M 288 -5.48 11.80 21.13
CA ASP M 288 -6.44 12.72 20.50
C ASP M 288 -7.87 12.36 20.83
N ASP M 289 -8.20 11.10 20.57
CA ASP M 289 -9.54 10.54 20.71
C ASP M 289 -10.13 10.69 22.11
N TYR M 290 -9.30 10.62 23.15
CA TYR M 290 -9.81 10.56 24.52
C TYR M 290 -9.68 11.87 25.31
N ILE M 291 -9.18 12.94 24.69
CA ILE M 291 -9.11 14.24 25.36
C ILE M 291 -10.18 15.16 24.81
N GLU M 292 -10.98 15.70 25.74
CA GLU M 292 -12.08 16.61 25.44
C GLU M 292 -11.69 18.00 25.93
N ILE M 293 -11.99 19.01 25.11
CA ILE M 293 -11.77 20.41 25.49
C ILE M 293 -13.08 21.17 25.26
N THR M 294 -13.58 21.81 26.33
CA THR M 294 -14.84 22.54 26.29
C THR M 294 -14.71 23.78 25.42
N GLY M 295 -15.59 23.92 24.46
CA GLY M 295 -15.61 25.06 23.55
C GLY M 295 -16.79 25.98 23.76
N ALA M 296 -17.24 26.59 22.67
CA ALA M 296 -18.32 27.57 22.71
C ALA M 296 -19.65 26.82 22.79
N GLY M 297 -20.51 27.31 23.68
CA GLY M 297 -21.77 26.69 23.99
C GLY M 297 -21.64 25.32 24.62
N GLY M 298 -20.52 25.06 25.29
CA GLY M 298 -20.26 23.76 25.88
C GLY M 298 -19.89 22.60 24.96
N LYS M 299 -19.84 22.81 23.64
CA LYS M 299 -19.54 21.72 22.68
C LYS M 299 -18.17 21.09 22.98
N LYS M 300 -18.03 19.78 22.76
CA LYS M 300 -16.76 19.10 23.07
C LYS M 300 -15.89 19.04 21.82
N TYR M 301 -14.65 19.49 21.96
CA TYR M 301 -13.66 19.43 20.86
C TYR M 301 -12.44 18.58 21.29
N ARG M 302 -11.82 17.97 20.28
CA ARG M 302 -10.61 17.19 20.46
C ARG M 302 -9.41 18.12 20.22
N ILE M 303 -8.20 17.61 20.47
CA ILE M 303 -6.99 18.39 20.26
C ILE M 303 -6.92 18.82 18.81
N SER M 304 -7.10 17.87 17.89
CA SER M 304 -7.07 18.17 16.47
C SER M 304 -8.18 19.09 15.96
N THR M 305 -9.32 19.12 16.64
CA THR M 305 -10.48 19.92 16.21
C THR M 305 -10.67 21.24 16.95
N ALA M 306 -9.85 21.50 17.97
CA ALA M 306 -9.95 22.76 18.71
C ALA M 306 -9.62 23.96 17.83
N ILE M 307 -8.84 23.75 16.78
CA ILE M 307 -8.58 24.82 15.80
C ILE M 307 -9.83 25.37 15.12
N ASP M 308 -10.90 24.59 15.11
CA ASP M 308 -12.16 25.04 14.53
C ASP M 308 -12.93 26.03 15.41
N ASP M 309 -12.78 25.95 16.72
CA ASP M 309 -13.44 26.88 17.64
C ASP M 309 -12.48 27.54 18.65
N MET M 310 -12.36 28.86 18.55
CA MET M 310 -11.37 29.62 19.30
C MET M 310 -11.58 29.66 20.79
N GLU M 311 -12.79 29.44 21.27
CA GLU M 311 -12.99 29.40 22.71
C GLU M 311 -12.36 28.15 23.30
N ALA M 312 -12.36 27.06 22.51
CA ALA M 312 -11.69 25.83 22.91
C ALA M 312 -10.18 25.99 22.79
N TYR M 313 -9.74 26.48 21.64
CA TYR M 313 -8.32 26.69 21.34
C TYR M 313 -7.58 27.60 22.33
N THR M 314 -8.31 28.52 22.95
CA THR M 314 -7.79 29.36 24.03
C THR M 314 -7.24 28.52 25.20
N LYS M 315 -7.86 27.37 25.45
CA LYS M 315 -7.45 26.50 26.53
C LYS M 315 -6.46 25.40 26.10
N LEU M 316 -6.07 25.39 24.83
CA LEU M 316 -5.11 24.40 24.29
C LEU M 316 -3.69 24.95 24.22
N THR M 317 -2.86 24.54 25.17
CA THR M 317 -1.48 25.04 25.32
C THR M 317 -0.51 23.88 25.57
N ASP M 318 0.74 24.19 25.88
CA ASP M 318 1.74 23.17 26.25
C ASP M 318 1.30 22.32 27.43
N ASN M 319 0.43 22.86 28.28
CA ASN M 319 -0.24 22.09 29.33
C ASN M 319 -0.64 20.68 28.95
N ILE M 320 -1.13 20.54 27.73
CA ILE M 320 -1.66 19.28 27.24
C ILE M 320 -0.65 18.13 27.36
N PHE M 321 0.63 18.45 27.24
CA PHE M 321 1.74 17.53 27.49
C PHE M 321 1.68 17.00 28.91
N LEU M 322 1.66 17.90 29.88
CA LEU M 322 1.65 17.49 31.29
C LEU M 322 0.34 16.84 31.72
N GLU M 323 -0.75 17.19 31.03
CA GLU M 323 -2.06 16.59 31.28
C GLU M 323 -1.98 15.10 30.95
N ILE M 324 -1.46 14.80 29.77
CA ILE M 324 -1.22 13.42 29.33
C ILE M 324 -0.25 12.71 30.27
N LEU M 325 0.86 13.36 30.59
CA LEU M 325 1.90 12.73 31.42
C LEU M 325 1.40 12.37 32.81
N TYR M 326 0.70 13.30 33.45
CA TYR M 326 0.20 13.07 34.81
C TYR M 326 -1.08 12.23 34.89
N SER M 327 -1.73 11.93 33.77
CA SER M 327 -3.02 11.23 33.79
C SER M 327 -2.90 9.79 34.27
N THR M 328 -4.04 9.29 34.76
CA THR M 328 -4.21 7.90 35.18
C THR M 328 -5.26 7.14 34.34
N ASP M 329 -5.97 7.82 33.44
CA ASP M 329 -6.91 7.16 32.54
C ASP M 329 -6.20 6.06 31.74
N PRO M 330 -6.70 4.81 31.78
CA PRO M 330 -6.07 3.77 30.96
C PRO M 330 -6.23 3.94 29.46
N LYS M 331 -7.16 4.76 29.00
CA LYS M 331 -7.30 5.07 27.57
C LYS M 331 -6.08 5.82 27.04
N LEU M 332 -5.46 6.64 27.90
CA LEU M 332 -4.28 7.43 27.57
C LEU M 332 -2.95 6.72 27.86
N LYS M 333 -2.96 5.41 28.16
CA LYS M 333 -1.72 4.71 28.53
C LYS M 333 -0.71 4.70 27.39
N ASP M 334 -1.16 4.50 26.15
CA ASP M 334 -0.24 4.53 24.99
C ASP M 334 0.48 5.87 24.83
N ALA M 335 -0.27 6.96 24.97
CA ALA M 335 0.28 8.31 24.87
C ALA M 335 1.22 8.62 26.03
N ARG M 336 0.75 8.37 27.25
CA ARG M 336 1.55 8.58 28.46
C ARG M 336 2.87 7.81 28.46
N GLU M 337 2.91 6.63 27.83
CA GLU M 337 4.16 5.85 27.78
C GLU M 337 5.20 6.52 26.89
N ILE M 338 4.77 7.14 25.79
CA ILE M 338 5.71 7.87 24.93
C ILE M 338 6.33 9.04 25.69
N LEU M 339 5.49 9.83 26.36
CA LEU M 339 5.99 10.98 27.10
C LEU M 339 6.87 10.56 28.28
N LYS M 340 6.57 9.42 28.90
CA LYS M 340 7.43 8.91 29.97
C LYS M 340 8.78 8.49 29.40
N GLN M 341 8.80 7.95 28.17
CA GLN M 341 10.06 7.60 27.51
C GLN M 341 10.93 8.82 27.20
N ILE M 342 10.34 10.00 27.04
CA ILE M 342 11.10 11.24 26.86
C ILE M 342 11.76 11.67 28.18
N GLU M 343 11.03 11.53 29.29
CA GLU M 343 11.58 11.86 30.61
C GLU M 343 12.84 11.05 30.89
N TYR M 344 12.73 9.73 30.68
CA TYR M 344 13.84 8.78 30.91
C TYR M 344 14.93 8.85 29.85
N ARG M 345 14.64 9.51 28.74
CA ARG M 345 15.58 9.75 27.64
C ARG M 345 15.81 8.50 26.79
N ASN M 346 14.78 7.66 26.64
CA ASN M 346 14.78 6.54 25.69
C ASN M 346 14.12 7.06 24.44
N LEU M 347 14.87 7.87 23.73
CA LEU M 347 14.37 8.47 22.51
C LEU M 347 14.67 7.54 21.37
N PHE M 348 13.93 7.70 20.28
CA PHE M 348 14.22 6.99 19.06
C PHE M 348 15.64 7.36 18.61
N LYS M 349 16.42 6.38 18.16
CA LYS M 349 17.83 6.63 17.88
C LYS M 349 18.05 7.19 16.49
N TYR M 350 18.92 8.20 16.41
CA TYR M 350 19.28 8.82 15.14
C TYR M 350 20.23 7.89 14.42
N VAL M 351 19.94 7.60 13.16
CA VAL M 351 20.78 6.71 12.36
C VAL M 351 21.75 7.53 11.50
N GLY M 352 21.24 8.54 10.82
CA GLY M 352 22.06 9.42 10.00
C GLY M 352 21.26 10.39 9.13
N GLU M 353 21.99 11.23 8.42
CA GLU M 353 21.41 12.27 7.58
C GLU M 353 21.92 12.08 6.17
N THR M 354 21.10 12.44 5.19
CA THR M 354 21.53 12.43 3.79
C THR M 354 20.73 13.43 2.96
N GLN M 355 21.24 13.69 1.76
CA GLN M 355 20.65 14.63 0.83
C GLN M 355 20.44 13.99 -0.55
N PRO M 356 19.42 14.43 -1.29
CA PRO M 356 19.37 14.06 -2.71
C PRO M 356 20.48 14.69 -3.53
N THR M 357 20.71 14.17 -4.73
CA THR M 357 21.67 14.76 -5.69
C THR M 357 21.00 15.12 -7.00
N GLY M 358 21.76 15.82 -7.85
CA GLY M 358 21.31 16.20 -9.17
C GLY M 358 20.33 17.29 -8.80
N GLN M 359 19.13 17.20 -9.36
CA GLN M 359 18.03 18.06 -9.03
C GLN M 359 16.84 17.12 -8.79
N ILE M 360 16.95 16.20 -7.82
CA ILE M 360 15.86 15.28 -7.46
C ILE M 360 15.15 15.82 -6.21
N LYS M 361 14.02 16.51 -6.36
CA LYS M 361 13.22 16.96 -5.20
C LYS M 361 12.34 15.78 -4.75
N ILE M 362 12.25 15.53 -3.45
CA ILE M 362 11.31 14.55 -2.90
C ILE M 362 9.98 15.24 -2.61
N LYS M 363 8.93 14.83 -3.33
CA LYS M 363 7.60 15.44 -3.19
C LYS M 363 6.96 15.06 -1.83
N ARG M 364 6.13 15.95 -1.28
CA ARG M 364 5.50 15.75 0.04
C ARG M 364 4.59 14.50 0.10
N GLU M 365 3.84 14.29 -0.97
CA GLU M 365 3.08 13.05 -1.24
C GLU M 365 3.84 11.74 -0.93
N ASP M 366 5.14 11.69 -1.21
CA ASP M 366 5.98 10.50 -1.02
C ASP M 366 6.53 10.25 0.40
N TYR M 367 6.38 11.22 1.31
CA TYR M 367 6.93 11.12 2.68
C TYR M 367 6.45 9.86 3.40
N GLU M 368 5.14 9.57 3.30
CA GLU M 368 4.54 8.37 3.92
C GLU M 368 5.26 7.08 3.53
N SER M 369 5.70 7.00 2.28
CA SER M 369 6.30 5.78 1.70
C SER M 369 7.77 5.48 2.04
N LEU M 370 8.49 6.45 2.58
CA LEU M 370 9.95 6.34 2.73
C LEU M 370 10.43 5.32 3.77
N PRO M 371 9.72 5.17 4.92
CA PRO M 371 10.09 4.09 5.83
C PRO M 371 10.06 2.69 5.19
N LYS M 372 9.04 2.45 4.35
CA LYS M 372 8.94 1.21 3.56
C LYS M 372 10.19 1.01 2.71
N GLU M 373 10.65 2.05 2.04
CA GLU M 373 11.83 1.96 1.18
C GLU M 373 13.12 1.60 1.90
N VAL M 374 13.29 2.08 3.13
CA VAL M 374 14.50 1.83 3.92
C VAL M 374 14.56 0.37 4.35
N ALA M 375 13.45 -0.14 4.89
CA ALA M 375 13.32 -1.56 5.24
C ALA M 375 13.46 -2.48 4.02
N SER M 376 12.96 -2.02 2.88
CA SER M 376 13.06 -2.75 1.61
C SER M 376 14.45 -2.88 1.01
N ALA M 377 15.41 -2.08 1.47
CA ALA M 377 16.78 -2.19 0.99
C ALA M 377 17.37 -3.52 1.43
N LYS M 378 18.19 -4.11 0.56
CA LYS M 378 18.78 -5.42 0.78
C LYS M 378 20.27 -5.22 0.87
N PRO M 379 20.80 -4.90 2.08
CA PRO M 379 22.26 -4.67 2.22
C PRO M 379 23.02 -5.98 2.22
N LYS M 380 24.10 -6.07 1.44
CA LYS M 380 24.82 -7.36 1.30
C LYS M 380 25.71 -7.67 2.52
N VAL M 381 25.09 -7.72 3.70
CA VAL M 381 25.78 -7.75 5.02
C VAL M 381 24.95 -8.54 6.01
N LEU M 382 25.63 -9.32 6.85
CA LEU M 382 24.99 -10.18 7.87
C LEU M 382 24.36 -9.35 8.95
N LEU M 383 23.02 -9.46 9.05
CA LEU M 383 22.26 -8.72 10.08
C LEU M 383 21.85 -9.65 11.18
N ASP M 384 21.88 -9.17 12.42
CA ASP M 384 21.37 -9.95 13.58
C ASP M 384 19.85 -10.00 13.60
N VAL M 385 19.22 -8.92 13.19
CA VAL M 385 17.77 -8.67 13.25
C VAL M 385 17.26 -8.16 11.90
N LYS M 386 16.08 -8.59 11.47
CA LYS M 386 15.37 -7.98 10.31
C LYS M 386 14.43 -6.91 10.89
N LEU M 387 14.34 -5.75 10.24
CA LEU M 387 13.54 -4.61 10.70
C LEU M 387 12.41 -4.29 9.71
N LYS M 388 11.18 -4.15 10.24
CA LYS M 388 10.00 -3.80 9.43
C LYS M 388 9.94 -2.28 9.24
N ALA M 389 9.10 -1.82 8.31
CA ALA M 389 9.01 -0.39 7.98
C ALA M 389 8.49 0.52 9.10
N GLU M 390 7.60 0.00 9.93
CA GLU M 390 7.10 0.70 11.12
C GLU M 390 8.20 1.02 12.17
N ASP M 391 9.33 0.32 12.10
CA ASP M 391 10.48 0.58 12.99
C ASP M 391 11.27 1.86 12.60
N PHE M 392 11.18 2.27 11.35
CA PHE M 392 11.87 3.48 10.86
C PHE M 392 11.00 4.73 10.87
N ILE M 393 11.65 5.87 11.15
CA ILE M 393 11.08 7.21 10.92
C ILE M 393 12.00 7.93 9.96
N VAL M 394 11.41 8.55 8.95
CA VAL M 394 12.18 9.34 7.99
C VAL M 394 11.60 10.73 7.95
N ASP M 395 12.40 11.70 8.36
CA ASP M 395 12.00 13.09 8.55
C ASP M 395 12.65 13.84 7.38
N VAL M 396 11.84 14.47 6.56
CA VAL M 396 12.38 15.24 5.44
C VAL M 396 12.20 16.72 5.76
N ILE M 397 13.26 17.49 5.52
CA ILE M 397 13.33 18.88 5.95
C ILE M 397 13.77 19.75 4.78
N ASN M 398 12.97 20.75 4.46
CA ASN M 398 13.30 21.70 3.39
C ASN M 398 13.97 22.94 3.95
N MET M 399 15.26 23.08 3.67
CA MET M 399 16.00 24.26 4.06
C MET M 399 16.03 25.19 2.86
N ASP M 400 15.58 26.43 3.04
CA ASP M 400 15.60 27.43 1.98
C ASP M 400 15.89 28.82 2.54
N TYR M 401 15.89 29.80 1.66
CA TYR M 401 16.01 31.20 2.06
C TYR M 401 14.63 31.87 2.10
N GLY M 402 13.61 31.10 2.49
CA GLY M 402 12.28 31.63 2.70
C GLY M 402 11.37 31.70 1.51
N MET M 403 11.88 31.48 0.30
CA MET M 403 11.08 31.60 -0.93
C MET M 403 11.39 30.43 -1.83
N GLN M 404 11.17 29.24 -1.29
CA GLN M 404 11.48 28.00 -1.95
C GLN M 404 12.82 28.14 -2.70
N GLU M 405 12.83 27.97 -4.02
CA GLU M 405 14.08 27.95 -4.78
C GLU M 405 14.63 29.31 -5.15
N LYS M 406 13.91 30.37 -4.83
CA LYS M 406 14.30 31.74 -5.21
C LYS M 406 15.22 32.43 -4.22
N ASN M 407 16.03 33.34 -4.76
CA ASN M 407 16.94 34.20 -4.01
C ASN M 407 16.09 35.41 -3.60
N PRO M 408 15.82 35.57 -2.29
CA PRO M 408 14.97 36.67 -1.88
C PRO M 408 15.57 38.06 -2.08
N ILE M 409 16.89 38.15 -2.22
CA ILE M 409 17.54 39.44 -2.48
C ILE M 409 17.22 39.95 -3.88
N ASP M 410 16.90 39.06 -4.80
CA ASP M 410 16.39 39.47 -6.12
C ASP M 410 15.00 40.12 -6.01
N HIS M 411 14.31 39.93 -4.89
CA HIS M 411 13.06 40.63 -4.60
C HIS M 411 13.18 41.75 -3.53
N VAL M 412 14.34 42.40 -3.45
CA VAL M 412 14.55 43.57 -2.58
C VAL M 412 14.92 44.74 -3.48
N SER M 413 14.37 45.90 -3.15
CA SER M 413 14.68 47.15 -3.82
C SER M 413 15.71 47.92 -3.00
N PHE M 414 16.67 48.53 -3.67
CA PHE M 414 17.76 49.26 -3.02
C PHE M 414 17.78 50.74 -3.43
N TYR M 415 18.52 51.59 -2.72
CA TYR M 415 18.71 52.98 -3.12
C TYR M 415 20.14 53.45 -2.89
N CYS M 416 20.56 54.52 -3.58
CA CYS M 416 21.94 55.03 -3.44
C CYS M 416 21.96 56.37 -2.75
N LYS M 417 23.09 56.69 -2.14
CA LYS M 417 23.26 57.96 -1.43
C LYS M 417 23.01 59.12 -2.38
N THR M 418 23.54 58.98 -3.59
CA THR M 418 23.46 59.99 -4.64
C THR M 418 22.07 60.24 -5.23
N ALA M 419 21.14 59.29 -5.08
CA ALA M 419 19.76 59.41 -5.60
C ALA M 419 18.78 58.60 -4.74
N PRO M 420 18.44 59.15 -3.58
CA PRO M 420 17.75 58.35 -2.56
C PRO M 420 16.29 58.04 -2.82
N ASN M 421 15.67 58.63 -3.85
CA ASN M 421 14.30 58.26 -4.20
C ASN M 421 14.21 57.30 -5.37
N ARG M 422 15.35 57.03 -5.99
CA ARG M 422 15.42 56.15 -7.14
C ARG M 422 15.80 54.75 -6.71
N ALA M 423 14.81 53.86 -6.77
CA ALA M 423 14.97 52.46 -6.41
C ALA M 423 15.67 51.69 -7.50
N ILE M 424 16.45 50.69 -7.11
CA ILE M 424 17.21 49.86 -8.04
C ILE M 424 17.22 48.41 -7.59
N ARG M 425 17.76 47.54 -8.43
CA ARG M 425 17.93 46.13 -8.11
C ARG M 425 19.41 45.83 -8.08
N ILE M 426 19.80 44.84 -7.29
CA ILE M 426 21.18 44.38 -7.22
C ILE M 426 21.15 42.87 -7.37
N THR M 427 21.79 42.36 -8.41
CA THR M 427 21.81 40.92 -8.69
C THR M 427 22.84 40.24 -7.82
N LYS M 428 22.89 38.92 -7.89
CA LYS M 428 23.87 38.18 -7.09
C LYS M 428 25.31 38.44 -7.59
N ASN M 429 25.49 38.45 -8.92
CA ASN M 429 26.82 38.67 -9.53
C ASN M 429 27.46 40.01 -9.17
N GLN M 430 26.61 41.01 -8.95
CA GLN M 430 27.08 42.34 -8.55
C GLN M 430 27.65 42.38 -7.13
N VAL M 431 27.38 41.36 -6.31
CA VAL M 431 27.78 41.37 -4.89
C VAL M 431 29.03 40.54 -4.61
N SER M 432 28.95 39.24 -4.88
CA SER M 432 30.04 38.30 -4.55
C SER M 432 29.91 36.95 -5.21
N GLN M 433 31.05 36.39 -5.58
CA GLN M 433 31.15 35.02 -6.07
C GLN M 433 31.14 33.99 -4.93
N LEU M 434 31.31 34.43 -3.69
CA LEU M 434 31.26 33.52 -2.53
C LEU M 434 29.88 33.30 -1.91
N LEU M 435 28.83 33.77 -2.58
CA LEU M 435 27.47 33.55 -2.12
C LEU M 435 26.98 32.18 -2.55
N PRO M 436 25.84 31.73 -2.03
CA PRO M 436 25.35 30.40 -2.39
C PRO M 436 24.95 30.26 -3.84
N GLU M 437 25.12 29.06 -4.39
CA GLU M 437 24.76 28.76 -5.78
C GLU M 437 23.25 28.51 -5.85
N LYS M 438 22.77 27.66 -4.96
CA LYS M 438 21.33 27.36 -4.80
C LYS M 438 20.80 28.07 -3.55
N PHE M 439 19.49 28.18 -3.46
CA PHE M 439 18.81 28.75 -2.27
C PHE M 439 17.78 27.83 -1.63
N ALA M 440 17.85 26.54 -1.95
CA ALA M 440 17.03 25.54 -1.30
C ALA M 440 17.67 24.17 -1.44
N GLU M 441 17.40 23.31 -0.46
CA GLU M 441 17.85 21.93 -0.47
C GLU M 441 17.00 21.12 0.49
N GLN M 442 17.21 19.81 0.51
CA GLN M 442 16.48 18.92 1.38
C GLN M 442 17.42 18.12 2.23
N LEU M 443 17.03 17.89 3.48
CA LEU M 443 17.75 17.04 4.39
C LEU M 443 16.85 15.91 4.78
N ILE M 444 17.40 14.68 4.75
CA ILE M 444 16.66 13.49 5.10
C ILE M 444 17.33 12.86 6.30
N ARG M 445 16.64 12.85 7.42
CA ARG M 445 17.11 12.22 8.64
C ARG M 445 16.36 10.93 8.83
N VAL M 446 17.07 9.87 9.16
CA VAL M 446 16.46 8.57 9.43
C VAL M 446 16.72 8.23 10.88
N TYR M 447 15.68 7.79 11.58
CA TYR M 447 15.81 7.32 12.95
C TYR M 447 15.24 5.91 13.04
N CYS M 448 15.55 5.21 14.12
CA CYS M 448 15.04 3.86 14.35
C CYS M 448 14.35 3.79 15.69
N LYS M 449 13.14 3.23 15.74
CA LYS M 449 12.38 3.12 16.99
C LYS M 449 12.91 2.08 17.96
N LYS M 450 13.62 1.07 17.46
CA LYS M 450 14.25 0.08 18.32
C LYS M 450 15.63 0.60 18.77
N VAL M 451 15.81 0.63 20.08
CA VAL M 451 16.91 1.32 20.75
C VAL M 451 18.18 0.47 20.92
N ASP M 452 18.02 -0.84 21.11
CA ASP M 452 19.13 -1.79 21.43
C ASP M 452 20.33 -1.81 20.46
N ARG M 453 21.48 -2.28 20.96
CA ARG M 453 22.75 -2.29 20.20
C ARG M 453 22.63 -3.06 18.85
N LYS M 454 21.91 -4.19 18.85
CA LYS M 454 21.77 -5.06 17.67
C LYS M 454 20.91 -4.41 16.57
N SER M 455 19.79 -3.80 16.96
CA SER M 455 18.87 -3.17 15.99
C SER M 455 19.43 -1.89 15.38
N LEU M 456 20.18 -1.14 16.18
CA LEU M 456 20.83 0.07 15.70
C LEU M 456 21.88 -0.23 14.63
N TYR M 457 22.67 -1.30 14.84
CA TYR M 457 23.63 -1.75 13.82
C TYR M 457 22.90 -2.07 12.50
N ALA M 458 21.80 -2.80 12.62
CA ALA M 458 21.02 -3.19 11.46
C ALA M 458 20.47 -1.99 10.73
N ALA M 459 19.86 -1.09 11.50
CA ALA M 459 19.27 0.14 10.97
C ALA M 459 20.29 0.93 10.14
N ARG M 460 21.51 1.05 10.66
CA ARG M 460 22.59 1.72 9.94
C ARG M 460 22.91 1.11 8.58
N GLN M 461 22.85 -0.23 8.51
CA GLN M 461 23.12 -0.93 7.26
C GLN M 461 22.00 -0.69 6.26
N TYR M 462 20.74 -0.84 6.70
CA TYR M 462 19.60 -0.51 5.86
C TYR M 462 19.69 0.92 5.30
N PHE M 463 20.02 1.86 6.19
CA PHE M 463 20.09 3.27 5.83
C PHE M 463 21.18 3.56 4.79
N VAL M 464 22.41 3.14 5.06
CA VAL M 464 23.54 3.47 4.18
C VAL M 464 23.37 2.79 2.82
N GLN M 465 22.69 1.65 2.81
CA GLN M 465 22.34 0.97 1.57
C GLN M 465 21.31 1.80 0.82
N TRP M 466 20.20 2.10 1.48
CA TRP M 466 19.13 2.91 0.91
C TRP M 466 19.64 4.20 0.27
N CYS M 467 20.66 4.80 0.88
CA CYS M 467 21.36 5.96 0.33
C CYS M 467 22.06 5.64 -1.00
N ALA M 468 22.79 4.52 -1.04
CA ALA M 468 23.43 4.09 -2.27
C ALA M 468 22.38 3.73 -3.34
N ASP M 469 21.32 3.04 -2.94
CA ASP M 469 20.24 2.63 -3.83
C ASP M 469 19.59 3.81 -4.55
N ARG M 470 19.41 4.93 -3.86
CA ARG M 470 18.70 6.09 -4.43
C ARG M 470 19.63 7.21 -4.93
N ASN M 471 20.92 6.90 -5.05
CA ASN M 471 21.94 7.85 -5.45
C ASN M 471 21.94 9.15 -4.60
N PHE M 472 21.76 8.98 -3.30
CA PHE M 472 21.88 10.07 -2.33
C PHE M 472 23.34 10.27 -1.92
N THR M 473 23.61 11.34 -1.17
CA THR M 473 24.96 11.66 -0.70
C THR M 473 25.38 10.68 0.37
N LYS M 474 26.68 10.45 0.45
CA LYS M 474 27.25 9.56 1.46
C LYS M 474 27.06 10.17 2.82
N PRO M 475 26.46 9.42 3.77
CA PRO M 475 26.45 9.90 5.13
C PRO M 475 27.83 10.28 5.63
N GLN M 476 27.93 11.40 6.37
CA GLN M 476 29.22 11.92 6.85
C GLN M 476 30.04 10.86 7.58
N ASP M 477 29.36 10.14 8.48
CA ASP M 477 29.92 9.05 9.26
C ASP M 477 29.84 7.66 8.58
N GLY M 478 29.61 7.64 7.26
CA GLY M 478 29.19 6.43 6.55
C GLY M 478 30.20 5.31 6.54
N ASP M 479 31.47 5.67 6.37
CA ASP M 479 32.55 4.69 6.36
C ASP M 479 32.73 4.01 7.71
N VAL M 480 32.33 4.68 8.78
CA VAL M 480 32.43 4.12 10.12
C VAL M 480 31.24 3.22 10.45
N ILE M 481 30.02 3.73 10.27
CA ILE M 481 28.81 2.98 10.68
C ILE M 481 28.46 1.78 9.80
N ALA M 482 28.88 1.82 8.53
CA ALA M 482 28.61 0.75 7.58
C ALA M 482 29.79 0.60 6.63
N PRO M 483 30.92 0.09 7.15
CA PRO M 483 32.16 0.02 6.37
C PRO M 483 32.12 -1.03 5.26
N LEU M 484 31.23 -2.01 5.39
CA LEU M 484 31.05 -3.06 4.39
C LEU M 484 30.17 -2.58 3.20
N ILE M 485 29.40 -1.51 3.39
CA ILE M 485 28.47 -1.01 2.36
C ILE M 485 29.02 0.15 1.51
N THR M 486 29.81 1.04 2.08
CA THR M 486 30.31 2.21 1.37
C THR M 486 31.23 1.96 0.15
N PRO M 487 32.08 0.90 0.16
CA PRO M 487 32.84 0.68 -1.07
C PRO M 487 31.98 0.22 -2.28
N GLN M 488 30.84 -0.45 -2.04
CA GLN M 488 29.87 -0.82 -3.10
C GLN M 488 29.60 0.27 -4.14
N LYS M 489 29.45 1.51 -3.70
CA LYS M 489 29.13 2.64 -4.61
C LYS M 489 30.39 3.26 -5.21
N LYS M 490 30.53 3.18 -6.54
CA LYS M 490 31.66 3.74 -7.29
C LYS M 490 31.76 5.26 -7.09
N GLU M 491 30.61 5.92 -7.11
CA GLU M 491 30.52 7.39 -6.98
C GLU M 491 31.07 7.96 -5.65
N TRP M 492 31.11 7.17 -4.57
CA TRP M 492 31.63 7.64 -3.27
C TRP M 492 33.16 7.49 -3.10
N ASN M 493 33.87 6.89 -4.05
CA ASN M 493 35.35 6.78 -3.98
C ASN M 493 36.05 7.84 -4.83
N MET N 9 31.83 11.59 27.94
CA MET N 9 31.14 12.73 28.62
C MET N 9 30.10 13.34 27.72
N LYS N 10 29.01 13.81 28.31
CA LYS N 10 27.96 14.50 27.58
C LYS N 10 28.09 16.00 27.73
N VAL N 11 28.00 16.72 26.63
CA VAL N 11 28.10 18.16 26.64
C VAL N 11 26.73 18.77 26.43
N ILE N 12 26.44 19.84 27.16
CA ILE N 12 25.14 20.51 27.13
C ILE N 12 25.34 22.02 27.18
N ASN N 13 24.59 22.78 26.38
CA ASN N 13 24.83 24.21 26.20
C ASN N 13 23.83 25.10 26.95
N ASP N 14 24.29 25.54 28.12
CA ASP N 14 23.62 26.53 28.95
C ASP N 14 24.03 27.93 28.48
N PRO N 15 23.08 28.85 28.32
CA PRO N 15 23.46 30.19 27.87
C PRO N 15 24.23 31.01 28.88
N ILE N 16 24.20 30.65 30.15
CA ILE N 16 24.98 31.37 31.15
C ILE N 16 26.38 30.87 31.19
N HIS N 17 26.56 29.57 31.36
CA HIS N 17 27.88 29.00 31.65
C HIS N 17 28.63 28.43 30.47
N GLY N 18 27.96 28.27 29.35
CA GLY N 18 28.60 27.77 28.14
C GLY N 18 28.36 26.30 28.00
N HIS N 19 29.33 25.57 27.43
CA HIS N 19 29.22 24.14 27.25
C HIS N 19 29.67 23.41 28.51
N ILE N 20 28.70 22.92 29.27
CA ILE N 20 28.96 22.15 30.47
C ILE N 20 29.22 20.70 30.10
N GLU N 21 30.21 20.06 30.74
CA GLU N 21 30.41 18.61 30.62
C GLU N 21 29.67 17.91 31.75
N LEU N 22 28.96 16.84 31.42
CA LEU N 22 28.21 16.05 32.40
C LEU N 22 28.71 14.62 32.47
N HIS N 23 29.21 14.26 33.63
CA HIS N 23 29.65 12.89 33.92
C HIS N 23 28.47 11.89 33.79
N PRO N 24 28.73 10.67 33.30
CA PRO N 24 27.65 9.71 33.04
C PRO N 24 26.69 9.48 34.20
N LEU N 25 27.23 9.44 35.41
CA LEU N 25 26.43 9.33 36.63
C LEU N 25 25.47 10.50 36.80
N LEU N 26 25.92 11.71 36.48
CA LEU N 26 25.05 12.89 36.54
C LEU N 26 23.96 12.82 35.49
N VAL N 27 24.32 12.40 34.29
CA VAL N 27 23.34 12.23 33.19
C VAL N 27 22.25 11.26 33.62
N ARG N 28 22.66 10.23 34.31
CA ARG N 28 21.76 9.18 34.75
C ARG N 28 20.79 9.69 35.81
N ILE N 29 21.27 10.58 36.69
CA ILE N 29 20.46 11.27 37.68
C ILE N 29 19.53 12.28 37.02
N ILE N 30 20.06 13.03 36.08
CA ILE N 30 19.29 14.05 35.35
C ILE N 30 18.10 13.46 34.61
N ASN N 31 18.30 12.34 33.92
CA ASN N 31 17.26 11.72 33.12
C ASN N 31 16.33 10.82 33.94
N THR N 32 15.64 11.46 34.88
CA THR N 32 14.67 10.80 35.74
C THR N 32 13.47 11.74 35.92
N PRO N 33 12.27 11.20 36.17
CA PRO N 33 11.11 12.05 36.40
C PRO N 33 11.26 13.05 37.54
N GLN N 34 12.03 12.68 38.56
CA GLN N 34 12.15 13.50 39.76
C GLN N 34 12.94 14.79 39.50
N PHE N 35 13.92 14.66 38.59
CA PHE N 35 14.75 15.77 38.17
C PHE N 35 14.11 16.56 37.02
N GLN N 36 13.65 15.86 35.99
CA GLN N 36 13.07 16.53 34.82
C GLN N 36 11.84 17.35 35.19
N ARG N 37 11.19 16.96 36.29
CA ARG N 37 10.16 17.75 36.94
C ARG N 37 10.49 19.24 37.03
N LEU N 38 11.76 19.55 37.30
CA LEU N 38 12.18 20.92 37.46
C LEU N 38 12.06 21.75 36.18
N ARG N 39 11.90 21.11 35.02
CA ARG N 39 11.59 21.84 33.80
C ARG N 39 10.28 22.59 33.85
N TYR N 40 9.38 22.19 34.75
CA TYR N 40 8.04 22.72 34.82
C TYR N 40 7.81 23.54 36.10
N ILE N 41 8.87 24.09 36.66
CA ILE N 41 8.78 25.00 37.80
C ILE N 41 9.60 26.25 37.53
N LYS N 42 8.96 27.42 37.50
CA LYS N 42 9.67 28.66 37.18
C LYS N 42 10.52 29.11 38.34
N GLN N 43 11.67 29.69 38.03
CA GLN N 43 12.64 30.08 39.03
C GLN N 43 12.06 31.17 39.89
N LEU N 44 11.48 32.18 39.23
CA LEU N 44 11.00 33.38 39.91
C LEU N 44 9.50 33.43 40.05
N GLY N 45 8.85 32.25 40.04
CA GLY N 45 7.42 32.14 40.22
C GLY N 45 6.60 33.20 39.52
N GLY N 46 5.90 34.01 40.33
CA GLY N 46 5.05 35.08 39.82
C GLY N 46 5.77 36.25 39.17
N GLY N 47 7.08 36.34 39.38
CA GLY N 47 7.91 37.33 38.72
C GLY N 47 7.82 37.34 37.20
N TYR N 48 7.54 36.19 36.59
CA TYR N 48 7.30 36.13 35.15
C TYR N 48 6.18 37.08 34.73
N TYR N 49 5.18 37.25 35.60
CA TYR N 49 4.04 38.14 35.33
C TYR N 49 4.36 39.64 35.52
N VAL N 50 5.60 39.95 35.88
CA VAL N 50 6.12 41.31 35.90
C VAL N 50 7.33 41.50 34.97
N PHE N 51 8.26 40.56 34.99
CA PHE N 51 9.41 40.57 34.08
C PHE N 51 9.19 39.50 33.02
N PRO N 52 8.71 39.89 31.84
CA PRO N 52 8.35 38.88 30.86
C PRO N 52 9.56 38.06 30.35
N GLY N 53 10.78 38.50 30.64
CA GLY N 53 11.94 37.66 30.33
C GLY N 53 12.10 36.40 31.17
N ALA N 54 11.55 36.42 32.39
CA ALA N 54 11.80 35.44 33.45
C ALA N 54 11.01 34.12 33.34
N SER N 55 11.05 33.58 32.13
CA SER N 55 10.48 32.28 31.74
C SER N 55 11.30 31.10 32.26
N HIS N 56 12.54 31.37 32.65
CA HIS N 56 13.48 30.33 33.08
C HIS N 56 13.01 29.52 34.28
N ASN N 57 13.35 28.23 34.22
CA ASN N 57 12.91 27.20 35.15
C ASN N 57 14.06 26.64 36.00
N ARG N 58 13.71 25.92 37.06
CA ARG N 58 14.69 25.38 38.01
C ARG N 58 15.66 24.40 37.41
N PHE N 59 15.18 23.59 36.47
CA PHE N 59 16.02 22.65 35.73
C PHE N 59 17.38 23.24 35.39
N GLU N 60 17.38 24.36 34.68
CA GLU N 60 18.61 24.94 34.18
C GLU N 60 19.44 25.61 35.27
N HIS N 61 18.80 26.20 36.27
CA HIS N 61 19.49 26.65 37.50
C HIS N 61 20.22 25.46 38.15
N SER N 62 19.50 24.35 38.28
CA SER N 62 20.02 23.14 38.88
C SER N 62 21.27 22.66 38.13
N LEU N 63 21.23 22.62 36.80
CA LEU N 63 22.44 22.26 36.02
C LEU N 63 23.62 23.18 36.31
N GLY N 64 23.35 24.47 36.36
CA GLY N 64 24.39 25.46 36.58
C GLY N 64 25.02 25.39 37.96
N VAL N 65 24.22 25.12 38.97
CA VAL N 65 24.74 25.00 40.32
C VAL N 65 25.63 23.76 40.40
N GLY N 66 25.18 22.68 39.75
CA GLY N 66 25.99 21.50 39.60
C GLY N 66 27.31 21.80 38.91
N TYR N 67 27.24 22.57 37.84
CA TYR N 67 28.43 22.96 37.09
C TYR N 67 29.43 23.77 37.93
N LEU N 68 28.93 24.80 38.61
CA LEU N 68 29.79 25.68 39.40
C LEU N 68 30.36 24.99 40.60
N ALA N 69 29.58 24.09 41.19
CA ALA N 69 30.08 23.28 42.28
C ALA N 69 31.32 22.50 41.84
N GLY N 70 31.26 21.90 40.65
CA GLY N 70 32.40 21.24 40.04
C GLY N 70 33.58 22.19 39.83
N CYS N 71 33.30 23.38 39.31
CA CYS N 71 34.36 24.34 39.03
C CYS N 71 35.15 24.67 40.26
N LEU N 72 34.45 24.95 41.36
CA LEU N 72 35.09 25.43 42.56
C LEU N 72 35.89 24.33 43.24
N VAL N 73 35.29 23.14 43.38
CA VAL N 73 35.99 22.04 44.01
C VAL N 73 37.19 21.56 43.17
N HIS N 74 37.04 21.55 41.84
CA HIS N 74 38.11 21.15 40.95
C HIS N 74 39.26 22.19 40.98
N ALA N 75 38.90 23.46 41.10
CA ALA N 75 39.89 24.53 41.19
C ALA N 75 40.69 24.47 42.46
N LEU N 76 40.02 24.25 43.59
CA LEU N 76 40.71 24.12 44.86
C LEU N 76 41.69 22.96 44.81
N GLY N 77 41.28 21.88 44.16
CA GLY N 77 42.11 20.70 43.98
C GLY N 77 43.38 20.92 43.19
N GLU N 78 43.28 21.62 42.06
CA GLU N 78 44.47 21.89 41.24
C GLU N 78 45.41 22.79 42.01
N LYS N 79 44.91 23.88 42.59
CA LYS N 79 45.74 24.85 43.31
C LYS N 79 46.39 24.21 44.59
N GLN N 80 45.70 23.28 45.26
CA GLN N 80 46.19 22.69 46.54
C GLN N 80 46.03 21.16 46.58
N PRO N 81 47.01 20.43 46.01
CA PRO N 81 46.94 18.96 46.03
C PRO N 81 46.99 18.39 47.43
N GLU N 82 47.65 19.08 48.35
CA GLU N 82 47.69 18.69 49.76
C GLU N 82 46.33 18.35 50.38
N LEU N 83 45.26 18.93 49.84
CA LEU N 83 43.91 18.69 50.35
C LEU N 83 43.37 17.29 50.06
N GLN N 84 43.95 16.63 49.07
CA GLN N 84 43.58 15.28 48.65
C GLN N 84 42.09 15.18 48.36
N ILE N 85 41.69 16.01 47.42
CA ILE N 85 40.33 16.03 46.94
C ILE N 85 40.28 14.94 45.91
N SER N 86 39.42 13.94 46.12
CA SER N 86 39.31 12.80 45.20
C SER N 86 38.27 13.04 44.12
N GLU N 87 38.35 12.30 43.03
CA GLU N 87 37.30 12.35 42.00
C GLU N 87 35.98 11.87 42.52
N ARG N 88 36.01 11.12 43.59
CA ARG N 88 34.82 10.78 44.33
C ARG N 88 34.21 12.00 45.03
N ASP N 89 35.05 12.78 45.70
CA ASP N 89 34.59 14.02 46.34
C ASP N 89 33.97 14.97 45.33
N VAL N 90 34.61 15.11 44.17
CA VAL N 90 34.16 16.02 43.12
C VAL N 90 32.77 15.62 42.62
N LEU N 91 32.60 14.35 42.33
CA LEU N 91 31.31 13.84 41.90
C LEU N 91 30.21 14.10 42.89
N CYS N 92 30.52 13.89 44.17
CA CYS N 92 29.52 14.09 45.21
C CYS N 92 29.09 15.55 45.34
N VAL N 93 30.06 16.44 45.24
CA VAL N 93 29.79 17.89 45.29
C VAL N 93 28.92 18.29 44.09
N GLN N 94 29.26 17.79 42.90
CA GLN N 94 28.44 18.01 41.70
C GLN N 94 27.02 17.50 41.85
N ILE N 95 26.87 16.29 42.38
CA ILE N 95 25.55 15.70 42.57
C ILE N 95 24.72 16.55 43.53
N ALA N 96 25.35 17.04 44.59
CA ALA N 96 24.65 17.90 45.54
C ALA N 96 24.18 19.17 44.86
N GLY N 97 25.10 19.83 44.18
CA GLY N 97 24.76 21.04 43.44
C GLY N 97 23.63 20.82 42.47
N LEU N 98 23.70 19.72 41.75
CA LEU N 98 22.71 19.37 40.75
C LEU N 98 21.32 19.16 41.36
N CYS N 99 21.30 18.49 42.51
CA CYS N 99 20.05 18.11 43.18
C CYS N 99 19.61 19.06 44.30
N HIS N 100 20.24 20.21 44.43
CA HIS N 100 20.11 21.02 45.65
C HIS N 100 18.72 21.64 45.79
N ASP N 101 18.09 21.94 44.64
CA ASP N 101 16.77 22.54 44.63
C ASP N 101 15.66 21.58 44.16
N LEU N 102 16.00 20.30 44.11
CA LEU N 102 15.01 19.24 43.76
C LEU N 102 13.62 19.32 44.39
N GLY N 103 13.55 19.87 45.60
CA GLY N 103 12.31 19.96 46.36
C GLY N 103 11.50 21.25 46.30
N HIS N 104 11.77 22.11 45.34
CA HIS N 104 10.96 23.32 45.18
C HIS N 104 9.58 22.94 44.69
N GLY N 105 8.59 23.69 45.16
CA GLY N 105 7.21 23.47 44.74
C GLY N 105 6.80 24.29 43.55
N PRO N 106 5.51 24.22 43.19
CA PRO N 106 4.96 25.10 42.18
C PRO N 106 5.26 26.56 42.50
N PHE N 107 5.73 27.29 41.50
CA PHE N 107 6.16 28.68 41.63
C PHE N 107 7.22 28.89 42.72
N SER N 108 8.15 27.95 42.81
CA SER N 108 9.34 28.03 43.66
C SER N 108 9.08 28.50 45.09
N HIS N 109 9.42 29.75 45.40
CA HIS N 109 9.44 30.23 46.78
C HIS N 109 8.06 30.62 47.28
N MET N 110 7.15 30.86 46.35
CA MET N 110 5.74 31.03 46.69
C MET N 110 5.24 29.83 47.50
N PHE N 111 5.64 28.63 47.10
CA PHE N 111 5.18 27.40 47.74
C PHE N 111 5.65 27.25 49.18
N ASP N 112 6.95 27.26 49.40
CA ASP N 112 7.49 27.08 50.75
C ASP N 112 7.41 28.35 51.61
N GLY N 113 7.27 29.49 50.96
CA GLY N 113 7.28 30.79 51.63
C GLY N 113 5.92 31.39 51.94
N ARG N 114 4.93 31.15 51.10
CA ARG N 114 3.57 31.67 51.31
C ARG N 114 2.54 30.58 51.54
N PHE N 115 2.44 29.63 50.61
CA PHE N 115 1.37 28.63 50.59
C PHE N 115 1.39 27.62 51.74
N ILE N 116 2.48 26.88 51.88
CA ILE N 116 2.55 25.84 52.91
C ILE N 116 2.40 26.44 54.32
N PRO N 117 3.05 27.57 54.60
CA PRO N 117 2.80 28.18 55.90
C PRO N 117 1.34 28.56 56.20
N LEU N 118 0.56 28.89 55.17
CA LEU N 118 -0.87 29.17 55.35
C LEU N 118 -1.71 27.91 55.35
N ALA N 119 -1.45 27.01 54.41
CA ALA N 119 -2.22 25.78 54.28
C ALA N 119 -2.02 24.81 55.43
N ARG N 120 -0.81 24.75 55.96
CA ARG N 120 -0.46 23.79 57.02
C ARG N 120 0.46 24.42 58.05
N PRO N 121 -0.10 25.31 58.90
CA PRO N 121 0.69 26.05 59.90
C PRO N 121 1.41 25.19 60.92
N GLU N 122 0.88 24.00 61.18
CA GLU N 122 1.51 23.04 62.10
C GLU N 122 2.92 22.59 61.69
N VAL N 123 3.19 22.52 60.38
CA VAL N 123 4.44 21.93 59.87
C VAL N 123 5.53 22.98 59.77
N LYS N 124 6.78 22.57 59.97
CA LYS N 124 7.96 23.38 59.66
C LYS N 124 8.62 22.66 58.48
N TRP N 125 8.35 23.14 57.25
CA TRP N 125 8.84 22.55 55.99
C TRP N 125 9.52 23.58 55.10
N THR N 126 10.59 23.17 54.41
CA THR N 126 11.38 24.03 53.52
C THR N 126 11.67 23.33 52.18
N HIS N 127 12.09 24.12 51.17
CA HIS N 127 12.44 23.57 49.85
C HIS N 127 13.57 22.55 49.99
N GLU N 128 14.49 22.81 50.93
CA GLU N 128 15.66 21.99 51.14
C GLU N 128 15.32 20.64 51.71
N GLN N 129 14.46 20.60 52.73
CA GLN N 129 14.01 19.33 53.31
C GLN N 129 13.37 18.48 52.24
N GLY N 130 12.59 19.12 51.37
CA GLY N 130 12.01 18.47 50.21
C GLY N 130 13.05 17.90 49.28
N SER N 131 14.13 18.64 49.05
CA SER N 131 15.21 18.18 48.19
C SER N 131 15.85 16.88 48.69
N VAL N 132 16.11 16.81 49.98
CA VAL N 132 16.67 15.62 50.58
C VAL N 132 15.73 14.44 50.37
N MET N 133 14.45 14.62 50.66
CA MET N 133 13.46 13.56 50.47
C MET N 133 13.31 13.15 49.02
N MET N 134 13.25 14.14 48.15
CA MET N 134 13.10 13.90 46.72
C MET N 134 14.38 13.27 46.15
N PHE N 135 15.53 13.58 46.73
CA PHE N 135 16.79 12.95 46.31
C PHE N 135 16.79 11.45 46.63
N GLU N 136 16.42 11.12 47.87
CA GLU N 136 16.21 9.74 48.32
C GLU N 136 15.26 9.01 47.35
N HIS N 137 14.12 9.60 47.06
CA HIS N 137 13.13 9.01 46.14
C HIS N 137 13.71 8.79 44.75
N LEU N 138 14.50 9.74 44.26
CA LEU N 138 15.13 9.64 42.94
C LEU N 138 16.07 8.45 42.88
N ILE N 139 16.92 8.33 43.89
CA ILE N 139 17.93 7.27 43.97
C ILE N 139 17.26 5.89 43.97
N ASN N 140 16.26 5.73 44.83
CA ASN N 140 15.62 4.43 45.05
C ASN N 140 14.76 4.03 43.88
N SER N 141 13.93 4.94 43.39
CA SER N 141 13.04 4.61 42.28
C SER N 141 13.76 4.44 40.92
N ASN N 142 15.03 4.83 40.79
CA ASN N 142 15.74 4.70 39.50
C ASN N 142 17.02 3.84 39.52
N GLY N 143 17.27 3.14 40.63
CA GLY N 143 18.41 2.22 40.73
C GLY N 143 19.75 2.88 40.50
N ILE N 144 19.95 3.99 41.16
CA ILE N 144 21.14 4.79 41.00
C ILE N 144 22.30 4.20 41.80
N LYS N 145 21.99 3.62 42.96
CA LYS N 145 22.99 3.08 43.88
C LYS N 145 24.04 2.15 43.21
N PRO N 146 23.61 1.21 42.35
CA PRO N 146 24.56 0.43 41.54
C PRO N 146 25.49 1.27 40.68
N VAL N 147 24.94 2.32 40.08
CA VAL N 147 25.69 3.19 39.18
C VAL N 147 26.70 4.03 39.96
N MET N 148 26.32 4.48 41.16
CA MET N 148 27.25 5.21 42.03
C MET N 148 28.49 4.35 42.33
N GLU N 149 28.24 3.09 42.72
CA GLU N 149 29.32 2.14 42.99
C GLU N 149 30.20 1.94 41.77
N GLN N 150 29.57 1.75 40.62
CA GLN N 150 30.29 1.59 39.36
C GLN N 150 31.33 2.67 39.12
N TYR N 151 31.01 3.91 39.52
CA TYR N 151 31.95 5.04 39.35
C TYR N 151 32.69 5.41 40.65
N GLY N 152 32.88 4.44 41.53
CA GLY N 152 33.75 4.62 42.70
C GLY N 152 33.16 5.28 43.91
N LEU N 153 31.86 5.48 43.95
CA LEU N 153 31.23 6.07 45.14
C LEU N 153 30.86 4.98 46.13
N ILE N 154 30.64 5.38 47.37
CA ILE N 154 30.20 4.51 48.44
C ILE N 154 28.86 5.01 48.97
N PRO N 155 27.74 4.50 48.45
CA PRO N 155 26.39 5.01 48.79
C PRO N 155 26.11 5.25 50.27
N GLU N 156 26.54 4.34 51.15
CA GLU N 156 26.35 4.56 52.59
C GLU N 156 26.87 5.94 53.02
N GLU N 157 28.15 6.17 52.82
CA GLU N 157 28.83 7.41 53.22
C GLU N 157 28.41 8.60 52.37
N ASP N 158 28.38 8.41 51.05
CA ASP N 158 28.23 9.53 50.12
C ASP N 158 26.81 10.10 49.98
N ILE N 159 25.79 9.25 50.03
CA ILE N 159 24.41 9.75 50.02
C ILE N 159 24.14 10.60 51.25
N CYS N 160 24.77 10.28 52.36
CA CYS N 160 24.70 11.14 53.55
C CYS N 160 25.39 12.48 53.27
N PHE N 161 26.59 12.41 52.71
CA PHE N 161 27.38 13.60 52.36
C PHE N 161 26.63 14.54 51.42
N ILE N 162 25.96 13.98 50.42
CA ILE N 162 25.17 14.76 49.48
C ILE N 162 24.00 15.44 50.18
N LYS N 163 23.24 14.69 50.98
CA LYS N 163 22.13 15.26 51.73
C LYS N 163 22.61 16.33 52.69
N GLU N 164 23.75 16.10 53.33
CA GLU N 164 24.32 17.06 54.27
C GLU N 164 24.73 18.38 53.60
N GLN N 165 25.22 18.29 52.37
CA GLN N 165 25.55 19.47 51.58
C GLN N 165 24.32 20.35 51.35
N ILE N 166 23.17 19.72 51.20
CA ILE N 166 21.93 20.40 50.87
C ILE N 166 21.25 21.08 52.08
N VAL N 167 20.98 20.31 53.14
CA VAL N 167 20.20 20.80 54.30
C VAL N 167 20.99 21.10 55.54
N GLY N 168 22.28 20.79 55.55
CA GLY N 168 23.09 20.91 56.76
C GLY N 168 23.10 19.59 57.50
N PRO N 169 23.45 19.59 58.79
CA PRO N 169 23.62 18.31 59.46
C PRO N 169 22.29 17.61 59.72
N LEU N 170 22.26 16.31 59.45
CA LEU N 170 21.06 15.46 59.65
C LEU N 170 21.10 15.06 61.13
N TRP N 179 32.28 18.05 65.81
CA TRP N 179 32.04 18.01 64.36
C TRP N 179 30.70 17.37 64.03
N PRO N 180 29.73 18.16 63.55
CA PRO N 180 28.38 17.65 63.35
C PRO N 180 28.13 16.74 62.13
N TYR N 181 29.09 16.58 61.22
CA TYR N 181 28.82 15.86 59.97
C TYR N 181 29.31 14.42 60.03
N LYS N 182 28.46 13.50 59.54
CA LYS N 182 28.78 12.09 59.42
C LYS N 182 29.32 11.73 58.02
N GLY N 183 29.08 12.57 57.01
CA GLY N 183 29.41 12.26 55.62
C GLY N 183 30.88 12.41 55.26
N ARG N 184 31.56 13.36 55.89
CA ARG N 184 32.99 13.58 55.66
C ARG N 184 33.68 14.09 56.93
N PRO N 185 34.97 13.81 57.10
CA PRO N 185 35.73 14.31 58.25
C PRO N 185 36.01 15.81 58.25
N GLU N 186 36.53 16.29 59.37
CA GLU N 186 36.87 17.72 59.56
C GLU N 186 37.90 18.26 58.57
N ASN N 187 38.80 17.39 58.11
CA ASN N 187 39.85 17.77 57.15
C ASN N 187 39.31 18.01 55.74
N LYS N 188 38.02 17.79 55.55
CA LYS N 188 37.33 18.15 54.32
C LYS N 188 36.07 18.99 54.57
N SER N 189 36.09 19.82 55.62
CA SER N 189 34.93 20.70 55.91
C SER N 189 34.67 21.70 54.81
N PHE N 190 35.72 22.09 54.10
CA PHE N 190 35.59 23.04 53.00
C PHE N 190 34.60 22.59 51.93
N LEU N 191 34.46 21.28 51.74
CA LEU N 191 33.46 20.77 50.79
C LEU N 191 32.02 21.16 51.13
N TYR N 192 31.72 21.32 52.42
CA TYR N 192 30.37 21.76 52.83
C TYR N 192 30.07 23.23 52.56
N GLU N 193 31.10 24.02 52.28
CA GLU N 193 30.95 25.43 51.96
C GLU N 193 30.74 25.76 50.45
N ILE N 194 30.59 24.76 49.60
CA ILE N 194 30.47 24.99 48.15
C ILE N 194 29.02 25.21 47.69
N VAL N 195 28.15 24.25 47.95
CA VAL N 195 26.80 24.28 47.41
C VAL N 195 25.84 25.16 48.25
N SER N 196 25.93 25.03 49.57
CA SER N 196 25.08 25.82 50.47
C SER N 196 25.88 26.09 51.76
N ASN N 197 26.41 27.32 51.83
CA ASN N 197 27.37 27.71 52.85
C ASN N 197 26.61 28.20 54.07
N LYS N 198 26.60 27.39 55.12
CA LYS N 198 25.89 27.74 56.37
C LYS N 198 26.66 28.77 57.19
N ARG N 199 27.96 28.88 56.99
CA ARG N 199 28.82 29.75 57.79
C ARG N 199 28.53 31.23 57.49
N ASN N 200 28.58 31.57 56.21
CA ASN N 200 28.43 32.96 55.74
C ASN N 200 27.49 33.19 54.55
N GLY N 201 27.11 32.12 53.84
CA GLY N 201 26.19 32.25 52.71
C GLY N 201 26.82 32.41 51.34
N ILE N 202 28.15 32.50 51.28
CA ILE N 202 28.84 32.62 49.99
C ILE N 202 28.94 31.21 49.38
N ASP N 203 28.04 30.94 48.43
CA ASP N 203 27.92 29.63 47.78
C ASP N 203 27.63 29.73 46.27
N VAL N 204 27.73 28.63 45.57
CA VAL N 204 27.53 28.65 44.12
C VAL N 204 26.05 28.70 43.72
N ASP N 205 25.11 28.37 44.62
CA ASP N 205 23.67 28.58 44.37
C ASP N 205 23.50 30.05 44.00
N LYS N 206 24.04 30.94 44.86
CA LYS N 206 23.97 32.39 44.63
C LYS N 206 24.59 32.77 43.31
N TRP N 207 25.77 32.22 43.02
CA TRP N 207 26.53 32.68 41.87
C TRP N 207 25.77 32.39 40.59
N ASP N 208 25.15 31.23 40.52
CA ASP N 208 24.39 30.87 39.34
C ASP N 208 23.17 31.78 39.21
N TYR N 209 22.35 31.89 40.24
CA TYR N 209 21.10 32.63 40.07
C TYR N 209 21.30 34.13 39.86
N PHE N 210 22.39 34.70 40.37
CA PHE N 210 22.70 36.09 40.03
C PHE N 210 22.83 36.21 38.53
N ALA N 211 23.74 35.42 37.97
CA ALA N 211 24.04 35.43 36.55
C ALA N 211 22.80 35.09 35.73
N ARG N 212 22.07 34.06 36.15
CA ARG N 212 20.96 33.55 35.39
C ARG N 212 19.76 34.47 35.45
N ASP N 213 19.39 34.91 36.66
CA ASP N 213 18.20 35.73 36.84
C ASP N 213 18.43 37.05 36.10
N CYS N 214 19.62 37.64 36.26
CA CYS N 214 19.95 38.86 35.51
C CYS N 214 19.79 38.72 33.99
N HIS N 215 20.27 37.60 33.47
CA HIS N 215 20.23 37.36 32.03
C HIS N 215 18.80 37.41 31.52
N HIS N 216 17.90 36.77 32.25
CA HIS N 216 16.50 36.65 31.87
C HIS N 216 15.68 37.88 32.33
N LEU N 217 16.02 38.48 33.46
CA LEU N 217 15.24 39.62 33.96
C LEU N 217 15.39 40.85 33.07
N GLY N 218 16.62 41.05 32.61
CA GLY N 218 17.00 42.27 31.93
C GLY N 218 17.60 43.28 32.89
N ILE N 219 18.38 42.78 33.84
CA ILE N 219 19.19 43.59 34.72
C ILE N 219 20.60 43.09 34.55
N GLN N 220 21.60 43.95 34.66
CA GLN N 220 23.00 43.49 34.59
C GLN N 220 23.49 43.16 36.04
N ASN N 221 24.34 42.13 36.07
CA ASN N 221 24.87 41.53 37.28
C ASN N 221 26.24 42.14 37.55
N ASN N 222 26.45 42.61 38.77
CA ASN N 222 27.70 43.28 39.13
C ASN N 222 28.70 42.39 39.90
N PHE N 223 28.54 41.06 39.87
CA PHE N 223 29.38 40.14 40.68
C PHE N 223 30.12 39.13 39.81
N ASP N 224 31.43 39.02 40.01
CA ASP N 224 32.28 38.17 39.17
C ASP N 224 32.67 36.92 39.95
N TYR N 225 31.94 35.83 39.72
CA TYR N 225 32.19 34.57 40.45
C TYR N 225 33.51 33.93 40.02
N LYS N 226 33.84 34.07 38.74
CA LYS N 226 35.07 33.49 38.21
C LYS N 226 36.30 34.03 38.92
N ARG N 227 36.27 35.34 39.17
CA ARG N 227 37.34 36.02 39.87
C ARG N 227 37.46 35.50 41.29
N PHE N 228 36.33 35.33 41.97
CA PHE N 228 36.35 34.85 43.34
C PHE N 228 37.02 33.47 43.45
N ILE N 229 36.74 32.61 42.47
CA ILE N 229 37.35 31.29 42.38
C ILE N 229 38.86 31.40 42.20
N LYS N 230 39.33 32.30 41.35
CA LYS N 230 40.77 32.46 41.18
C LYS N 230 41.50 32.84 42.47
N PHE N 231 40.83 33.54 43.37
CA PHE N 231 41.45 33.96 44.62
C PHE N 231 40.87 33.25 45.84
N ALA N 232 40.42 32.02 45.63
CA ALA N 232 39.89 31.22 46.71
C ALA N 232 40.95 30.22 47.09
N ARG N 233 40.93 29.80 48.34
CA ARG N 233 41.97 28.96 48.88
C ARG N 233 41.53 28.40 50.23
N VAL N 234 41.97 27.18 50.55
CA VAL N 234 41.64 26.53 51.81
C VAL N 234 42.75 26.76 52.81
N CYS N 235 42.39 27.21 54.02
CA CYS N 235 43.33 27.43 55.12
C CYS N 235 42.78 26.84 56.38
N GLU N 236 43.63 26.68 57.39
CA GLU N 236 43.17 26.19 58.68
C GLU N 236 42.57 27.36 59.45
N VAL N 237 41.38 27.13 60.01
CA VAL N 237 40.71 28.10 60.88
C VAL N 237 40.05 27.33 62.03
N ASP N 238 40.51 27.56 63.27
CA ASP N 238 39.96 26.88 64.46
C ASP N 238 39.89 25.36 64.25
N ASN N 239 41.04 24.76 64.00
CA ASN N 239 41.20 23.28 63.90
C ASN N 239 40.35 22.61 62.81
N GLU N 240 40.10 23.36 61.74
CA GLU N 240 39.16 22.98 60.69
C GLU N 240 39.60 23.64 59.37
N LEU N 241 39.56 22.90 58.26
CA LEU N 241 39.99 23.44 56.96
C LEU N 241 38.84 24.11 56.17
N ARG N 242 38.86 25.44 56.07
CA ARG N 242 37.78 26.21 55.44
C ARG N 242 38.26 26.98 54.20
N ILE N 243 37.30 27.39 53.37
CA ILE N 243 37.59 28.22 52.21
C ILE N 243 37.81 29.64 52.70
N CYS N 244 38.83 30.28 52.13
CA CYS N 244 39.18 31.66 52.44
C CYS N 244 39.33 32.44 51.15
N ALA N 245 38.98 33.72 51.19
CA ALA N 245 39.15 34.62 50.06
C ALA N 245 40.37 35.48 50.29
N ARG N 246 40.90 36.08 49.24
CA ARG N 246 42.03 36.93 49.42
C ARG N 246 41.61 38.27 50.05
N ASP N 247 42.51 38.87 50.84
CA ASP N 247 42.28 40.17 51.51
C ASP N 247 41.66 41.23 50.60
N LYS N 248 42.16 41.35 49.38
CA LYS N 248 41.66 42.37 48.45
C LYS N 248 40.19 42.15 48.01
N GLU N 249 39.71 40.92 48.00
CA GLU N 249 38.33 40.65 47.63
C GLU N 249 37.26 41.10 48.63
N VAL N 250 37.64 41.55 49.82
CA VAL N 250 36.65 41.90 50.85
C VAL N 250 35.62 42.88 50.31
N GLY N 251 36.05 43.84 49.52
CA GLY N 251 35.13 44.79 48.91
C GLY N 251 34.11 44.14 48.01
N ASN N 252 34.59 43.27 47.13
CA ASN N 252 33.73 42.54 46.20
C ASN N 252 32.73 41.64 46.89
N LEU N 253 33.09 41.13 48.07
CA LEU N 253 32.19 40.33 48.85
C LEU N 253 31.07 41.14 49.48
N TYR N 254 31.36 42.33 49.99
CA TYR N 254 30.29 43.20 50.47
C TYR N 254 29.35 43.53 49.30
N ASP N 255 29.93 43.74 48.11
CA ASP N 255 29.14 44.05 46.92
C ASP N 255 28.32 42.86 46.43
N MET N 256 28.77 41.65 46.73
CA MET N 256 27.97 40.46 46.42
C MET N 256 26.64 40.50 47.17
N PHE N 257 26.68 40.81 48.46
CA PHE N 257 25.45 40.85 49.24
C PHE N 257 24.61 42.07 48.91
N HIS N 258 25.26 43.15 48.49
CA HIS N 258 24.55 44.33 47.98
C HIS N 258 23.77 43.96 46.72
N THR N 259 24.45 43.34 45.78
CA THR N 259 23.83 42.83 44.55
C THR N 259 22.61 41.97 44.86
N ARG N 260 22.75 41.08 45.84
CA ARG N 260 21.65 40.21 46.27
C ARG N 260 20.45 41.02 46.73
N ASN N 261 20.72 41.95 47.65
CA ASN N 261 19.68 42.78 48.24
C ASN N 261 19.03 43.63 47.16
N SER N 262 19.85 44.10 46.23
CA SER N 262 19.39 44.89 45.12
C SER N 262 18.45 44.11 44.18
N LEU N 263 18.80 42.86 43.87
CA LEU N 263 17.91 41.96 43.09
C LEU N 263 16.59 41.66 43.79
N HIS N 264 16.62 41.57 45.11
CA HIS N 264 15.41 41.41 45.88
C HIS N 264 14.53 42.64 45.81
N ARG N 265 15.14 43.82 45.91
CA ARG N 265 14.39 45.05 45.88
C ARG N 265 13.77 45.27 44.53
N ARG N 266 14.55 45.12 43.48
CA ARG N 266 14.05 45.36 42.13
C ARG N 266 13.08 44.30 41.61
N ALA N 267 13.44 43.04 41.80
CA ALA N 267 12.75 41.94 41.11
C ALA N 267 12.01 41.01 42.04
N TYR N 268 12.73 40.32 42.92
CA TYR N 268 12.13 39.20 43.63
C TYR N 268 11.00 39.63 44.56
N GLN N 269 11.19 40.77 45.24
CA GLN N 269 10.16 41.36 46.10
C GLN N 269 9.44 42.53 45.43
N HIS N 270 9.33 42.50 44.10
CA HIS N 270 8.59 43.51 43.38
C HIS N 270 7.15 43.53 43.84
N LYS N 271 6.63 44.74 44.12
CA LYS N 271 5.31 44.92 44.73
C LYS N 271 4.19 44.14 44.02
N VAL N 272 4.24 44.08 42.70
CA VAL N 272 3.22 43.38 41.91
C VAL N 272 3.54 41.90 41.76
N GLY N 273 4.81 41.57 41.71
CA GLY N 273 5.23 40.16 41.70
C GLY N 273 4.73 39.47 42.96
N ASN N 274 4.88 40.15 44.10
CA ASN N 274 4.41 39.65 45.37
C ASN N 274 2.88 39.56 45.46
N ILE N 275 2.17 40.54 44.90
CA ILE N 275 0.72 40.47 44.95
C ILE N 275 0.18 39.36 44.04
N ILE N 276 0.87 39.10 42.94
CA ILE N 276 0.49 37.98 42.10
C ILE N 276 0.78 36.65 42.80
N ASP N 277 1.90 36.59 43.52
CA ASP N 277 2.20 35.43 44.34
C ASP N 277 1.10 35.22 45.38
N THR N 278 0.68 36.28 46.11
CA THR N 278 -0.38 36.12 47.12
C THR N 278 -1.70 35.69 46.47
N MET N 279 -2.00 36.22 45.28
CA MET N 279 -3.22 35.83 44.57
C MET N 279 -3.19 34.39 44.10
N ILE N 280 -2.04 33.92 43.63
CA ILE N 280 -1.92 32.52 43.23
C ILE N 280 -2.00 31.61 44.45
N THR N 281 -1.30 31.99 45.51
CA THR N 281 -1.38 31.27 46.79
C THR N 281 -2.82 31.16 47.26
N ASP N 282 -3.55 32.27 47.19
CA ASP N 282 -4.94 32.34 47.59
C ASP N 282 -5.79 31.36 46.78
N ALA N 283 -5.60 31.34 45.47
CA ALA N 283 -6.29 30.40 44.60
C ALA N 283 -5.94 28.95 44.88
N PHE N 284 -4.71 28.69 45.29
CA PHE N 284 -4.30 27.34 45.68
C PHE N 284 -4.99 26.91 46.94
N LEU N 285 -5.05 27.81 47.93
CA LEU N 285 -5.77 27.51 49.18
C LEU N 285 -7.23 27.16 48.90
N LYS N 286 -7.88 27.90 48.01
CA LYS N 286 -9.27 27.64 47.66
C LYS N 286 -9.49 26.40 46.83
N ALA N 287 -8.48 26.02 46.05
CA ALA N 287 -8.54 24.80 45.25
C ALA N 287 -8.06 23.56 45.98
N ASP N 288 -7.48 23.73 47.17
CA ASP N 288 -6.73 22.65 47.84
C ASP N 288 -7.57 21.42 48.04
N ASP N 289 -8.74 21.64 48.65
CA ASP N 289 -9.67 20.59 49.03
C ASP N 289 -10.15 19.73 47.88
N TYR N 290 -10.29 20.29 46.69
CA TYR N 290 -10.91 19.57 45.57
C TYR N 290 -9.93 19.04 44.51
N ILE N 291 -8.62 19.23 44.71
CA ILE N 291 -7.63 18.66 43.78
C ILE N 291 -6.95 17.47 44.41
N GLU N 292 -6.97 16.37 43.65
CA GLU N 292 -6.39 15.11 44.05
C GLU N 292 -5.15 14.86 43.18
N ILE N 293 -4.07 14.38 43.78
CA ILE N 293 -2.87 13.99 43.07
C ILE N 293 -2.48 12.58 43.50
N THR N 294 -2.35 11.68 42.53
CA THR N 294 -2.03 10.28 42.76
C THR N 294 -0.63 10.12 43.29
N GLY N 295 -0.50 9.45 44.43
CA GLY N 295 0.77 9.18 45.08
C GLY N 295 1.18 7.74 45.03
N ALA N 296 1.90 7.30 46.08
CA ALA N 296 2.43 5.95 46.16
C ALA N 296 1.33 5.01 46.57
N GLY N 297 1.27 3.87 45.87
CA GLY N 297 0.21 2.88 46.04
C GLY N 297 -1.16 3.40 45.66
N GLY N 298 -1.23 4.38 44.78
CA GLY N 298 -2.51 4.98 44.38
C GLY N 298 -3.15 5.96 45.37
N LYS N 299 -2.60 6.16 46.56
CA LYS N 299 -3.24 7.03 47.57
C LYS N 299 -3.46 8.44 47.05
N LYS N 300 -4.54 9.10 47.47
CA LYS N 300 -4.84 10.47 46.99
C LYS N 300 -4.27 11.51 47.95
N TYR N 301 -3.50 12.45 47.40
CA TYR N 301 -2.93 13.56 48.15
C TYR N 301 -3.44 14.90 47.59
N ARG N 302 -3.51 15.89 48.49
CA ARG N 302 -3.91 17.24 48.13
C ARG N 302 -2.65 18.04 47.82
N ILE N 303 -2.82 19.26 47.33
CA ILE N 303 -1.68 20.12 47.02
C ILE N 303 -0.83 20.32 48.26
N SER N 304 -1.48 20.69 49.37
CA SER N 304 -0.78 20.92 50.62
C SER N 304 -0.13 19.66 51.24
N THR N 305 -0.66 18.47 50.95
CA THR N 305 -0.16 17.23 51.52
C THR N 305 0.76 16.40 50.62
N ALA N 306 0.95 16.85 49.36
CA ALA N 306 1.84 16.13 48.46
C ALA N 306 3.29 16.16 48.92
N ILE N 307 3.65 17.16 49.72
CA ILE N 307 4.97 17.21 50.33
C ILE N 307 5.30 16.01 51.24
N ASP N 308 4.28 15.33 51.71
CA ASP N 308 4.48 14.14 52.54
C ASP N 308 4.88 12.91 51.75
N ASP N 309 4.45 12.80 50.49
CA ASP N 309 4.80 11.65 49.64
C ASP N 309 5.41 12.07 48.29
N MET N 310 6.67 11.70 48.08
CA MET N 310 7.44 12.17 46.92
C MET N 310 6.96 11.66 45.58
N GLU N 311 6.25 10.55 45.55
CA GLU N 311 5.73 10.08 44.27
C GLU N 311 4.61 10.98 43.80
N ALA N 312 3.87 11.56 44.74
CA ALA N 312 2.85 12.56 44.44
C ALA N 312 3.45 13.86 44.08
N TYR N 313 4.39 14.32 44.90
CA TYR N 313 5.10 15.60 44.70
C TYR N 313 5.83 15.71 43.38
N THR N 314 6.26 14.57 42.83
CA THR N 314 6.84 14.51 41.49
C THR N 314 5.89 15.05 40.42
N LYS N 315 4.59 14.88 40.61
CA LYS N 315 3.59 15.35 39.66
C LYS N 315 3.03 16.74 40.00
N LEU N 316 3.53 17.38 41.06
CA LEU N 316 3.07 18.71 41.48
C LEU N 316 4.02 19.82 41.01
N THR N 317 3.60 20.52 39.94
CA THR N 317 4.41 21.53 39.29
C THR N 317 3.57 22.79 39.00
N ASP N 318 4.12 23.74 38.26
CA ASP N 318 3.39 24.93 37.83
C ASP N 318 2.13 24.62 37.06
N ASN N 319 2.09 23.44 36.42
CA ASN N 319 0.88 22.90 35.81
C ASN N 319 -0.40 23.16 36.59
N ILE N 320 -0.30 23.03 37.89
CA ILE N 320 -1.46 23.12 38.78
C ILE N 320 -2.22 24.44 38.61
N PHE N 321 -1.50 25.51 38.26
CA PHE N 321 -2.09 26.80 37.90
C PHE N 321 -3.02 26.63 36.70
N LEU N 322 -2.51 26.08 35.62
CA LEU N 322 -3.32 25.93 34.41
C LEU N 322 -4.43 24.89 34.54
N GLU N 323 -4.23 23.92 35.43
CA GLU N 323 -5.24 22.91 35.72
C GLU N 323 -6.46 23.60 36.32
N ILE N 324 -6.21 24.44 37.33
CA ILE N 324 -7.25 25.25 37.95
C ILE N 324 -7.90 26.19 36.93
N LEU N 325 -7.08 26.89 36.16
CA LEU N 325 -7.58 27.88 35.21
C LEU N 325 -8.47 27.27 34.14
N TYR N 326 -8.04 26.15 33.56
CA TYR N 326 -8.81 25.49 32.51
C TYR N 326 -9.98 24.62 33.01
N SER N 327 -10.11 24.40 34.31
CA SER N 327 -11.14 23.48 34.82
C SER N 327 -12.55 24.03 34.65
N THR N 328 -13.49 23.09 34.64
CA THR N 328 -14.93 23.36 34.60
C THR N 328 -15.67 22.88 35.86
N ASP N 329 -15.01 22.16 36.76
CA ASP N 329 -15.62 21.74 38.03
C ASP N 329 -16.14 22.97 38.80
N PRO N 330 -17.44 22.99 39.17
CA PRO N 330 -17.92 24.12 39.96
C PRO N 330 -17.36 24.23 41.37
N LYS N 331 -16.75 23.16 41.90
CA LYS N 331 -16.09 23.23 43.20
C LYS N 331 -14.87 24.17 43.17
N LEU N 332 -14.22 24.24 42.01
CA LEU N 332 -13.04 25.09 41.79
C LEU N 332 -13.38 26.49 41.27
N LYS N 333 -14.64 26.90 41.27
CA LYS N 333 -15.02 28.20 40.70
C LYS N 333 -14.39 29.36 41.43
N ASP N 334 -14.34 29.31 42.75
CA ASP N 334 -13.68 30.38 43.56
C ASP N 334 -12.21 30.56 43.21
N ALA N 335 -11.49 29.44 43.09
CA ALA N 335 -10.06 29.46 42.72
C ALA N 335 -9.86 29.95 41.30
N ARG N 336 -10.60 29.37 40.36
CA ARG N 336 -10.53 29.75 38.95
C ARG N 336 -10.83 31.23 38.72
N GLU N 337 -11.69 31.83 39.53
CA GLU N 337 -12.01 33.26 39.38
C GLU N 337 -10.84 34.14 39.75
N ILE N 338 -10.06 33.76 40.77
CA ILE N 338 -8.86 34.52 41.13
C ILE N 338 -7.85 34.50 40.00
N LEU N 339 -7.57 33.31 39.46
CA LEU N 339 -6.62 33.19 38.37
C LEU N 339 -7.10 33.88 37.10
N LYS N 340 -8.41 33.90 36.86
CA LYS N 340 -8.95 34.65 35.72
C LYS N 340 -8.75 36.15 35.94
N GLN N 341 -8.87 36.62 37.17
CA GLN N 341 -8.59 38.02 37.50
C GLN N 341 -7.13 38.44 37.26
N ILE N 342 -6.20 37.49 37.33
CA ILE N 342 -4.80 37.75 37.00
C ILE N 342 -4.63 37.92 35.48
N GLU N 343 -5.30 37.08 34.70
CA GLU N 343 -5.25 37.17 33.25
C GLU N 343 -5.67 38.55 32.78
N TYR N 344 -6.83 39.00 33.29
CA TYR N 344 -7.43 40.29 32.93
C TYR N 344 -6.69 41.48 33.56
N ARG N 345 -5.85 41.20 34.55
CA ARG N 345 -5.02 42.19 35.24
C ARG N 345 -5.83 43.06 36.21
N ASN N 346 -6.85 42.47 36.84
CA ASN N 346 -7.57 43.08 37.96
C ASN N 346 -6.93 42.57 39.22
N LEU N 347 -5.75 43.09 39.48
CA LEU N 347 -4.97 42.69 40.64
C LEU N 347 -5.38 43.60 41.78
N PHE N 348 -5.13 43.11 42.99
CA PHE N 348 -5.31 43.93 44.18
C PHE N 348 -4.39 45.15 44.07
N LYS N 349 -4.89 46.32 44.45
CA LYS N 349 -4.13 47.55 44.23
C LYS N 349 -3.13 47.84 45.33
N TYR N 350 -1.93 48.24 44.93
CA TYR N 350 -0.86 48.60 45.85
C TYR N 350 -1.17 49.97 46.42
N VAL N 351 -1.14 50.08 47.74
CA VAL N 351 -1.41 51.34 48.41
C VAL N 351 -0.11 52.09 48.73
N GLY N 352 0.84 51.37 49.31
CA GLY N 352 2.16 51.96 49.63
C GLY N 352 3.04 51.04 50.47
N GLU N 353 4.25 51.51 50.72
CA GLU N 353 5.25 50.77 51.46
C GLU N 353 5.67 51.60 52.66
N THR N 354 6.04 50.95 53.75
CA THR N 354 6.60 51.62 54.92
C THR N 354 7.50 50.70 55.72
N GLN N 355 8.27 51.30 56.61
CA GLN N 355 9.22 50.59 57.47
C GLN N 355 9.02 50.94 58.93
N PRO N 356 9.32 50.02 59.86
CA PRO N 356 9.43 50.41 61.27
C PRO N 356 10.60 51.36 61.54
N THR N 357 10.58 52.02 62.69
CA THR N 357 11.70 52.86 63.15
C THR N 357 12.24 52.38 64.50
N GLY N 358 13.36 52.96 64.88
CA GLY N 358 13.99 52.69 66.15
C GLY N 358 14.54 51.30 65.89
N GLN N 359 14.25 50.40 66.82
CA GLN N 359 14.56 49.00 66.68
C GLN N 359 13.26 48.26 67.06
N ILE N 360 12.17 48.51 66.32
CA ILE N 360 10.88 47.83 66.52
C ILE N 360 10.75 46.72 65.47
N LYS N 361 11.05 45.47 65.81
CA LYS N 361 10.84 44.33 64.87
C LYS N 361 9.37 43.91 64.96
N ILE N 362 8.75 43.65 63.83
CA ILE N 362 7.40 43.07 63.80
C ILE N 362 7.49 41.56 63.82
N LYS N 363 7.01 40.91 64.90
CA LYS N 363 7.10 39.45 65.06
C LYS N 363 6.14 38.75 64.09
N ARG N 364 6.50 37.54 63.64
CA ARG N 364 5.71 36.78 62.65
C ARG N 364 4.29 36.44 63.15
N GLU N 365 4.18 36.08 64.44
CA GLU N 365 2.93 35.95 65.16
C GLU N 365 1.88 37.07 64.91
N ASP N 366 2.35 38.31 64.77
CA ASP N 366 1.48 39.49 64.58
C ASP N 366 0.99 39.77 63.14
N TYR N 367 1.54 39.06 62.15
CA TYR N 367 1.20 39.31 60.73
C TYR N 367 -0.30 39.19 60.47
N GLU N 368 -0.95 38.16 61.02
CA GLU N 368 -2.40 37.93 60.88
C GLU N 368 -3.22 39.15 61.30
N SER N 369 -2.76 39.84 62.34
CA SER N 369 -3.51 40.98 62.95
C SER N 369 -3.43 42.34 62.25
N LEU N 370 -2.49 42.51 61.33
CA LEU N 370 -2.17 43.82 60.76
C LEU N 370 -3.26 44.43 59.86
N PRO N 371 -3.97 43.63 59.06
CA PRO N 371 -5.11 44.18 58.32
C PRO N 371 -6.19 44.82 59.22
N LYS N 372 -6.45 44.19 60.37
CA LYS N 372 -7.35 44.74 61.40
C LYS N 372 -6.88 46.12 61.83
N GLU N 373 -5.58 46.27 62.10
CA GLU N 373 -5.02 47.54 62.56
C GLU N 373 -5.17 48.69 61.56
N VAL N 374 -5.06 48.39 60.27
CA VAL N 374 -5.15 49.41 59.22
C VAL N 374 -6.57 49.95 59.10
N ALA N 375 -7.54 49.05 59.06
CA ALA N 375 -8.96 49.40 59.07
C ALA N 375 -9.38 50.13 60.36
N SER N 376 -8.76 49.75 61.47
CA SER N 376 -9.00 50.39 62.77
C SER N 376 -8.48 51.82 62.92
N ALA N 377 -7.60 52.27 62.04
CA ALA N 377 -7.12 53.65 62.08
C ALA N 377 -8.26 54.61 61.77
N LYS N 378 -8.25 55.75 62.44
CA LYS N 378 -9.32 56.73 62.33
C LYS N 378 -8.69 57.99 61.74
N PRO N 379 -8.60 58.08 60.39
CA PRO N 379 -7.96 59.25 59.77
C PRO N 379 -8.89 60.46 59.81
N LYS N 380 -8.36 61.63 60.22
CA LYS N 380 -9.27 62.80 60.41
C LYS N 380 -9.57 63.46 59.07
N VAL N 381 -10.21 62.70 58.16
CA VAL N 381 -10.39 63.07 56.73
C VAL N 381 -11.71 62.46 56.24
N LEU N 382 -12.43 63.25 55.43
CA LEU N 382 -13.72 62.82 54.85
C LEU N 382 -13.57 61.71 53.87
N LEU N 383 -14.14 60.55 54.19
CA LEU N 383 -14.07 59.35 53.33
C LEU N 383 -15.38 59.15 52.65
N ASP N 384 -15.37 58.71 51.40
CA ASP N 384 -16.60 58.25 50.71
C ASP N 384 -17.10 56.91 51.22
N VAL N 385 -16.19 56.04 51.54
CA VAL N 385 -16.42 54.59 51.86
C VAL N 385 -15.69 54.22 53.15
N LYS N 386 -16.30 53.40 54.00
CA LYS N 386 -15.61 52.73 55.14
C LYS N 386 -15.14 51.37 54.63
N LEU N 387 -13.94 50.96 55.02
CA LEU N 387 -13.35 49.67 54.60
C LEU N 387 -13.10 48.74 55.79
N LYS N 388 -13.52 47.49 55.65
CA LYS N 388 -13.33 46.45 56.69
C LYS N 388 -11.93 45.84 56.56
N ALA N 389 -11.50 45.10 57.58
CA ALA N 389 -10.14 44.52 57.63
C ALA N 389 -9.85 43.47 56.55
N GLU N 390 -10.87 42.70 56.17
CA GLU N 390 -10.76 41.74 55.07
C GLU N 390 -10.45 42.36 53.70
N ASP N 391 -10.68 43.66 53.55
CA ASP N 391 -10.35 44.41 52.33
C ASP N 391 -8.84 44.69 52.17
N PHE N 392 -8.11 44.71 53.28
CA PHE N 392 -6.66 44.95 53.26
C PHE N 392 -5.80 43.68 53.25
N ILE N 393 -4.67 43.75 52.55
CA ILE N 393 -3.58 42.77 52.65
C ILE N 393 -2.34 43.52 53.11
N VAL N 394 -1.64 42.94 54.08
CA VAL N 394 -0.39 43.52 54.54
C VAL N 394 0.69 42.47 54.46
N ASP N 395 1.68 42.74 53.62
CA ASP N 395 2.75 41.81 53.29
C ASP N 395 3.98 42.34 54.00
N VAL N 396 4.56 41.55 54.89
CA VAL N 396 5.77 41.97 55.60
C VAL N 396 6.93 41.19 55.04
N ILE N 397 8.03 41.88 54.77
CA ILE N 397 9.17 41.33 54.06
C ILE N 397 10.45 41.64 54.81
N ASN N 398 11.21 40.59 55.14
CA ASN N 398 12.49 40.76 55.85
C ASN N 398 13.64 40.77 54.86
N MET N 399 14.25 41.94 54.69
CA MET N 399 15.43 42.06 53.85
C MET N 399 16.64 42.00 54.76
N ASP N 400 17.57 41.09 54.46
CA ASP N 400 18.82 40.97 55.23
C ASP N 400 19.98 40.61 54.30
N TYR N 401 21.15 40.43 54.90
CA TYR N 401 22.32 39.94 54.17
C TYR N 401 22.50 38.45 54.42
N GLY N 402 21.39 37.72 54.55
CA GLY N 402 21.43 36.28 54.67
C GLY N 402 21.58 35.71 56.06
N MET N 403 21.90 36.54 57.06
CA MET N 403 22.16 36.03 58.42
C MET N 403 21.49 36.92 59.41
N GLN N 404 20.18 37.04 59.24
CA GLN N 404 19.36 37.92 60.03
C GLN N 404 20.10 39.24 60.28
N GLU N 405 20.38 39.61 61.53
CA GLU N 405 20.95 40.92 61.84
C GLU N 405 22.47 40.98 61.72
N LYS N 406 23.12 39.87 61.40
CA LYS N 406 24.58 39.78 61.34
C LYS N 406 25.16 40.16 59.99
N ASN N 407 26.39 40.67 60.04
CA ASN N 407 27.21 41.00 58.88
C ASN N 407 27.91 39.70 58.48
N PRO N 408 27.57 39.12 57.33
CA PRO N 408 28.19 37.85 56.96
C PRO N 408 29.69 37.93 56.67
N ILE N 409 30.20 39.12 56.37
CA ILE N 409 31.63 39.29 56.14
C ILE N 409 32.44 39.11 57.42
N ASP N 410 31.82 39.36 58.56
CA ASP N 410 32.44 39.02 59.86
C ASP N 410 32.58 37.51 60.04
N HIS N 411 31.86 36.71 59.26
CA HIS N 411 32.04 35.26 59.23
C HIS N 411 32.75 34.72 57.96
N VAL N 412 33.66 35.51 57.38
CA VAL N 412 34.51 35.08 56.26
C VAL N 412 35.96 35.18 56.72
N SER N 413 36.74 34.17 56.33
CA SER N 413 38.17 34.15 56.60
C SER N 413 38.91 34.61 55.36
N PHE N 414 39.97 35.40 55.54
CA PHE N 414 40.76 35.95 54.45
C PHE N 414 42.22 35.52 54.51
N TYR N 415 42.98 35.74 53.44
CA TYR N 415 44.44 35.47 53.44
C TYR N 415 45.21 36.55 52.69
N CYS N 416 46.50 36.67 52.96
CA CYS N 416 47.35 37.70 52.30
C CYS N 416 48.33 37.08 51.36
N LYS N 417 48.77 37.87 50.38
CA LYS N 417 49.73 37.41 49.39
C LYS N 417 51.01 36.95 50.08
N THR N 418 51.43 37.72 51.07
CA THR N 418 52.64 37.50 51.84
C THR N 418 52.63 36.27 52.76
N ALA N 419 51.46 35.75 53.11
CA ALA N 419 51.32 34.57 54.00
C ALA N 419 50.03 33.82 53.68
N PRO N 420 50.04 33.05 52.58
CA PRO N 420 48.80 32.51 52.03
C PRO N 420 48.17 31.36 52.79
N ASN N 421 48.85 30.81 53.79
CA ASN N 421 48.25 29.76 54.64
C ASN N 421 47.71 30.28 55.95
N ARG N 422 47.98 31.55 56.24
CA ARG N 422 47.57 32.19 57.48
C ARG N 422 46.28 32.94 57.26
N ALA N 423 45.20 32.40 57.82
CA ALA N 423 43.88 32.98 57.75
C ALA N 423 43.73 34.15 58.70
N ILE N 424 42.93 35.13 58.33
CA ILE N 424 42.69 36.32 59.14
C ILE N 424 41.25 36.77 59.04
N ARG N 425 40.88 37.75 59.86
CA ARG N 425 39.54 38.35 59.81
C ARG N 425 39.69 39.80 59.39
N ILE N 426 38.68 40.35 58.74
CA ILE N 426 38.66 41.75 58.35
C ILE N 426 37.32 42.31 58.83
N THR N 427 37.38 43.33 59.69
CA THR N 427 36.18 43.93 60.25
C THR N 427 35.60 44.92 59.27
N LYS N 428 34.43 45.48 59.59
CA LYS N 428 33.81 46.47 58.72
C LYS N 428 34.62 47.78 58.67
N ASN N 429 35.08 48.22 59.83
CA ASN N 429 35.88 49.48 59.94
C ASN N 429 37.16 49.49 59.13
N GLN N 430 37.75 48.30 58.96
CA GLN N 430 38.96 48.14 58.17
C GLN N 430 38.74 48.34 56.66
N VAL N 431 37.47 48.27 56.21
CA VAL N 431 37.16 48.34 54.77
C VAL N 431 36.68 49.71 54.29
N SER N 432 35.57 50.18 54.86
CA SER N 432 34.94 51.42 54.40
C SER N 432 33.88 51.95 55.34
N GLN N 433 33.82 53.27 55.45
CA GLN N 433 32.77 53.98 56.16
C GLN N 433 31.47 54.11 55.33
N LEU N 434 31.55 53.83 54.03
CA LEU N 434 30.36 53.87 53.16
C LEU N 434 29.56 52.56 53.08
N LEU N 435 29.88 51.59 53.93
CA LEU N 435 29.13 50.34 53.99
C LEU N 435 27.88 50.52 54.81
N PRO N 436 26.97 49.54 54.78
CA PRO N 436 25.72 49.66 55.55
C PRO N 436 25.93 49.68 57.06
N GLU N 437 25.07 50.39 57.77
CA GLU N 437 25.13 50.49 59.22
C GLU N 437 24.49 49.24 59.83
N LYS N 438 23.29 48.91 59.34
CA LYS N 438 22.58 47.68 59.72
C LYS N 438 22.67 46.66 58.59
N PHE N 439 22.33 45.40 58.89
CA PHE N 439 22.30 44.34 57.88
C PHE N 439 20.96 43.61 57.79
N ALA N 440 19.92 44.20 58.35
CA ALA N 440 18.57 43.70 58.21
C ALA N 440 17.55 44.80 58.44
N GLU N 441 16.40 44.66 57.80
CA GLU N 441 15.29 45.60 57.95
C GLU N 441 14.02 44.92 57.52
N GLN N 442 12.91 45.61 57.71
CA GLN N 442 11.60 45.10 57.33
C GLN N 442 10.91 46.07 56.41
N LEU N 443 10.20 45.54 55.43
CA LEU N 443 9.37 46.33 54.53
C LEU N 443 7.95 45.88 54.68
N ILE N 444 7.05 46.84 54.80
CA ILE N 444 5.63 46.56 54.96
C ILE N 444 4.90 47.16 53.79
N ARG N 445 4.33 46.30 52.95
CA ARG N 445 3.54 46.71 51.81
C ARG N 445 2.08 46.48 52.15
N VAL N 446 1.24 47.46 51.85
CA VAL N 446 -0.19 47.36 52.06
C VAL N 446 -0.87 47.42 50.70
N TYR N 447 -1.82 46.51 50.48
CA TYR N 447 -2.62 46.52 49.27
C TYR N 447 -4.09 46.55 49.66
N CYS N 448 -4.96 46.86 48.72
CA CYS N 448 -6.40 46.90 48.95
C CYS N 448 -7.10 46.02 47.93
N LYS N 449 -7.99 45.15 48.39
CA LYS N 449 -8.72 44.24 47.50
C LYS N 449 -9.80 44.92 46.66
N LYS N 450 -10.32 46.05 47.12
CA LYS N 450 -11.28 46.83 46.33
C LYS N 450 -10.51 47.76 45.38
N VAL N 451 -10.85 47.63 44.10
CA VAL N 451 -10.07 48.21 42.99
C VAL N 451 -10.49 49.64 42.61
N ASP N 452 -11.78 49.98 42.78
CA ASP N 452 -12.38 51.26 42.33
C ASP N 452 -11.71 52.55 42.87
N ARG N 453 -11.91 53.67 42.15
CA ARG N 453 -11.28 54.96 42.46
C ARG N 453 -11.58 55.44 43.91
N LYS N 454 -12.82 55.24 44.37
CA LYS N 454 -13.28 55.72 45.69
C LYS N 454 -12.63 54.92 46.84
N SER N 455 -12.56 53.60 46.71
CA SER N 455 -11.99 52.72 47.75
C SER N 455 -10.47 52.86 47.88
N LEU N 456 -9.81 53.06 46.75
CA LEU N 456 -8.37 53.27 46.73
C LEU N 456 -7.99 54.58 47.46
N TYR N 457 -8.75 55.65 47.25
CA TYR N 457 -8.55 56.91 47.99
C TYR N 457 -8.65 56.65 49.50
N ALA N 458 -9.69 55.92 49.89
CA ALA N 458 -9.93 55.61 51.30
C ALA N 458 -8.79 54.82 51.88
N ALA N 459 -8.42 53.76 51.17
CA ALA N 459 -7.32 52.87 51.58
C ALA N 459 -6.04 53.65 51.87
N ARG N 460 -5.72 54.58 50.98
CA ARG N 460 -4.54 55.45 51.17
C ARG N 460 -4.58 56.26 52.45
N GLN N 461 -5.76 56.74 52.83
CA GLN N 461 -5.92 57.51 54.06
C GLN N 461 -5.75 56.62 55.28
N TYR N 462 -6.41 55.46 55.28
CA TYR N 462 -6.22 54.49 56.35
C TYR N 462 -4.74 54.12 56.53
N PHE N 463 -4.07 53.86 55.41
CA PHE N 463 -2.67 53.46 55.42
C PHE N 463 -1.75 54.54 55.98
N VAL N 464 -1.82 55.75 55.44
CA VAL N 464 -0.89 56.81 55.85
C VAL N 464 -1.13 57.20 57.30
N GLN N 465 -2.36 57.04 57.77
CA GLN N 465 -2.69 57.25 59.18
C GLN N 465 -2.05 56.17 60.01
N TRP N 466 -2.34 54.92 59.66
CA TRP N 466 -1.77 53.76 60.35
C TRP N 466 -0.26 53.85 60.52
N CYS N 467 0.41 54.40 59.51
CA CYS N 467 1.84 54.69 59.57
C CYS N 467 2.18 55.71 60.64
N ALA N 468 1.44 56.81 60.70
CA ALA N 468 1.62 57.81 61.75
C ALA N 468 1.31 57.24 63.13
N ASP N 469 0.22 56.46 63.22
CA ASP N 469 -0.22 55.83 64.48
C ASP N 469 0.85 54.94 65.09
N ARG N 470 1.59 54.20 64.26
CA ARG N 470 2.60 53.24 64.76
C ARG N 470 4.05 53.74 64.69
N ASN N 471 4.20 55.04 64.48
CA ASN N 471 5.51 55.69 64.33
C ASN N 471 6.41 55.00 63.27
N PHE N 472 5.80 54.64 62.15
CA PHE N 472 6.52 54.13 60.99
C PHE N 472 7.02 55.28 60.11
N THR N 473 7.82 54.94 59.11
CA THR N 473 8.40 55.93 58.18
C THR N 473 7.31 56.47 57.28
N LYS N 474 7.51 57.71 56.85
CA LYS N 474 6.58 58.36 55.95
C LYS N 474 6.63 57.67 54.60
N PRO N 475 5.48 57.23 54.07
CA PRO N 475 5.48 56.73 52.70
C PRO N 475 6.11 57.74 51.74
N GLN N 476 6.90 57.25 50.79
CA GLN N 476 7.63 58.13 49.85
C GLN N 476 6.71 59.11 49.15
N ASP N 477 5.60 58.59 48.66
CA ASP N 477 4.53 59.38 48.00
C ASP N 477 3.47 59.95 48.96
N GLY N 478 3.79 60.02 50.26
CA GLY N 478 2.78 60.24 51.30
C GLY N 478 2.11 61.60 51.25
N ASP N 479 2.89 62.63 50.94
CA ASP N 479 2.37 63.99 50.83
C ASP N 479 1.39 64.15 49.68
N VAL N 480 1.53 63.30 48.66
CA VAL N 480 0.65 63.33 47.50
C VAL N 480 -0.64 62.55 47.75
N ILE N 481 -0.52 61.28 48.18
CA ILE N 481 -1.69 60.40 48.35
C ILE N 481 -2.60 60.74 49.52
N ALA N 482 -2.03 61.36 50.56
CA ALA N 482 -2.79 61.72 51.76
C ALA N 482 -2.26 63.03 52.32
N PRO N 483 -2.50 64.15 51.60
CA PRO N 483 -1.93 65.44 51.94
C PRO N 483 -2.53 66.05 53.22
N LEU N 484 -3.75 65.61 53.58
CA LEU N 484 -4.37 66.05 54.83
C LEU N 484 -3.87 65.33 56.07
N ILE N 485 -3.23 64.19 55.90
CA ILE N 485 -2.76 63.35 57.04
C ILE N 485 -1.27 63.58 57.41
N THR N 486 -0.41 63.84 56.42
CA THR N 486 1.04 63.98 56.67
C THR N 486 1.48 65.16 57.58
N PRO N 487 0.80 66.32 57.53
CA PRO N 487 1.22 67.36 58.48
C PRO N 487 0.90 67.01 59.97
N GLN N 488 -0.13 66.21 60.23
CA GLN N 488 -0.47 65.72 61.58
C GLN N 488 0.74 65.25 62.41
N LYS N 489 1.67 64.53 61.79
CA LYS N 489 2.84 63.98 62.49
C LYS N 489 3.99 64.98 62.55
N LYS N 490 4.36 65.38 63.78
CA LYS N 490 5.48 66.33 64.02
C LYS N 490 6.80 65.76 63.49
N GLU N 491 7.02 64.47 63.72
CA GLU N 491 8.26 63.79 63.33
C GLU N 491 8.55 63.77 61.81
N TRP N 492 7.54 63.92 60.96
CA TRP N 492 7.74 63.96 59.48
C TRP N 492 8.08 65.34 58.90
N ASN N 493 8.06 66.41 59.71
CA ASN N 493 8.43 67.77 59.25
C ASN N 493 9.86 68.11 59.74
N THR O 8 22.10 65.59 4.45
CA THR O 8 21.66 64.36 5.17
C THR O 8 22.48 64.14 6.49
N MET O 9 22.17 63.06 7.21
CA MET O 9 22.77 62.74 8.54
C MET O 9 23.88 61.72 8.37
N LYS O 10 24.88 61.81 9.22
CA LYS O 10 25.96 60.83 9.24
C LYS O 10 25.74 59.83 10.36
N VAL O 11 25.87 58.55 10.06
CA VAL O 11 25.72 57.50 11.05
C VAL O 11 27.08 56.94 11.39
N ILE O 12 27.31 56.67 12.67
CA ILE O 12 28.59 56.18 13.18
C ILE O 12 28.34 55.12 14.25
N ASN O 13 29.12 54.03 14.21
CA ASN O 13 28.85 52.85 15.04
C ASN O 13 29.78 52.73 16.25
N ASP O 14 29.25 53.18 17.37
CA ASP O 14 29.85 53.03 18.69
C ASP O 14 29.43 51.68 19.28
N PRO O 15 30.37 50.92 19.84
CA PRO O 15 29.99 49.62 20.40
C PRO O 15 29.16 49.68 21.66
N ILE O 16 29.12 50.81 22.35
CA ILE O 16 28.28 50.95 23.52
C ILE O 16 26.88 51.30 23.12
N HIS O 17 26.71 52.37 22.35
CA HIS O 17 25.39 52.95 22.11
C HIS O 17 24.72 52.54 20.82
N GLY O 18 25.46 51.91 19.92
CA GLY O 18 24.89 51.46 18.66
C GLY O 18 25.18 52.48 17.57
N HIS O 19 24.27 52.60 16.61
CA HIS O 19 24.42 53.54 15.51
C HIS O 19 23.92 54.92 15.91
N ILE O 20 24.85 55.81 16.19
CA ILE O 20 24.55 57.19 16.51
C ILE O 20 24.34 58.00 15.23
N GLU O 21 23.33 58.87 15.19
CA GLU O 21 23.19 59.85 14.12
C GLU O 21 23.86 61.15 14.50
N LEU O 22 24.61 61.72 13.57
CA LEU O 22 25.32 62.99 13.78
C LEU O 22 24.85 64.06 12.81
N HIS O 23 24.28 65.10 13.37
CA HIS O 23 23.88 66.29 12.63
C HIS O 23 25.10 66.96 11.95
N PRO O 24 24.91 67.53 10.75
CA PRO O 24 26.02 68.09 9.97
C PRO O 24 26.91 69.07 10.73
N LEU O 25 26.30 69.90 11.55
CA LEU O 25 27.01 70.83 12.44
C LEU O 25 27.93 70.11 13.41
N LEU O 26 27.47 68.99 13.96
CA LEU O 26 28.30 68.20 14.86
C LEU O 26 29.47 67.57 14.12
N VAL O 27 29.19 67.04 12.93
CA VAL O 27 30.23 66.45 12.08
C VAL O 27 31.32 67.46 11.81
N ARG O 28 30.91 68.69 11.58
CA ARG O 28 31.80 69.77 11.24
C ARG O 28 32.69 70.14 12.43
N ILE O 29 32.13 70.08 13.63
CA ILE O 29 32.87 70.27 14.88
C ILE O 29 33.80 69.11 15.17
N ILE O 30 33.31 67.90 14.94
CA ILE O 30 34.10 66.67 15.16
C ILE O 30 35.36 66.64 14.29
N ASN O 31 35.21 66.98 13.01
CA ASN O 31 36.32 66.91 12.06
C ASN O 31 37.23 68.15 12.11
N THR O 32 37.85 68.35 13.28
CA THR O 32 38.77 69.43 13.54
C THR O 32 39.93 68.90 14.37
N PRO O 33 41.13 69.50 14.26
CA PRO O 33 42.25 69.06 15.08
C PRO O 33 42.01 69.10 16.58
N GLN O 34 41.18 70.04 17.03
CA GLN O 34 40.96 70.26 18.46
C GLN O 34 40.16 69.11 19.09
N PHE O 35 39.25 68.57 18.28
CA PHE O 35 38.41 67.44 18.66
C PHE O 35 39.10 66.11 18.41
N GLN O 36 39.64 65.92 17.20
CA GLN O 36 40.28 64.64 16.85
C GLN O 36 41.47 64.34 17.76
N ARG O 37 42.06 65.39 18.33
CA ARG O 37 43.02 65.29 19.42
C ARG O 37 42.64 64.24 20.48
N LEU O 38 41.37 64.18 20.80
CA LEU O 38 40.88 63.25 21.82
C LEU O 38 41.06 61.79 21.46
N ARG O 39 41.33 61.47 20.18
CA ARG O 39 41.70 60.10 19.80
C ARG O 39 42.99 59.63 20.44
N TYR O 40 43.83 60.56 20.88
CA TYR O 40 45.15 60.26 21.39
C TYR O 40 45.27 60.53 22.89
N ILE O 41 44.17 60.47 23.61
CA ILE O 41 44.16 60.60 25.06
C ILE O 41 43.33 59.46 25.67
N LYS O 42 43.94 58.61 26.48
CA LYS O 42 43.23 57.46 27.04
C LYS O 42 42.30 57.91 28.14
N GLN O 43 41.16 57.23 28.22
CA GLN O 43 40.12 57.59 29.17
C GLN O 43 40.60 57.40 30.58
N LEU O 44 41.20 56.23 30.81
CA LEU O 44 41.60 55.83 32.17
C LEU O 44 43.09 55.94 32.41
N GLY O 45 43.77 56.80 31.63
CA GLY O 45 45.19 57.05 31.78
C GLY O 45 46.01 55.82 32.04
N GLY O 46 46.64 55.80 33.24
CA GLY O 46 47.49 54.68 33.68
C GLY O 46 46.78 53.38 33.95
N GLY O 47 45.46 53.43 34.06
CA GLY O 47 44.62 52.23 34.20
C GLY O 47 44.83 51.20 33.12
N TYR O 48 45.17 51.63 31.90
CA TYR O 48 45.51 50.69 30.82
C TYR O 48 46.64 49.74 31.24
N TYR O 49 47.57 50.24 32.05
CA TYR O 49 48.71 49.44 32.53
C TYR O 49 48.35 48.47 33.67
N VAL O 50 47.08 48.45 34.07
CA VAL O 50 46.52 47.45 34.98
C VAL O 50 45.38 46.64 34.36
N PHE O 51 44.47 47.31 33.68
CA PHE O 51 43.37 46.65 32.94
C PHE O 51 43.69 46.72 31.46
N PRO O 52 44.23 45.64 30.89
CA PRO O 52 44.68 45.73 29.51
C PRO O 52 43.55 45.94 28.51
N GLY O 53 42.30 45.78 28.93
CA GLY O 53 41.18 46.14 28.05
C GLY O 53 40.99 47.63 27.80
N ALA O 54 41.46 48.47 28.74
CA ALA O 54 41.16 49.89 28.82
C ALA O 54 41.98 50.81 27.89
N SER O 55 42.04 50.37 26.64
CA SER O 55 42.67 51.09 25.52
C SER O 55 41.85 52.27 25.04
N HIS O 56 40.58 52.31 25.41
CA HIS O 56 39.64 53.35 24.94
C HIS O 56 40.06 54.76 25.30
N ASN O 57 39.76 55.66 24.36
CA ASN O 57 40.17 57.06 24.36
C ASN O 57 38.98 58.01 24.53
N ARG O 58 39.27 59.27 24.83
CA ARG O 58 38.25 60.29 25.10
C ARG O 58 37.33 60.56 23.91
N PHE O 59 37.90 60.53 22.72
CA PHE O 59 37.13 60.69 21.48
C PHE O 59 35.78 59.99 21.55
N GLU O 60 35.81 58.68 21.80
CA GLU O 60 34.59 57.89 21.75
C GLU O 60 33.68 58.11 22.95
N HIS O 61 34.24 58.39 24.12
CA HIS O 61 33.46 58.87 25.28
C HIS O 61 32.72 60.16 24.89
N SER O 62 33.46 61.08 24.28
CA SER O 62 32.93 62.36 23.86
C SER O 62 31.75 62.18 22.89
N LEU O 63 31.87 61.30 21.90
CA LEU O 63 30.72 60.99 21.02
C LEU O 63 29.50 60.49 21.79
N GLY O 64 29.74 59.58 22.72
CA GLY O 64 28.67 58.99 23.49
C GLY O 64 27.96 59.96 24.40
N VAL O 65 28.69 60.87 25.01
CA VAL O 65 28.08 61.87 25.87
C VAL O 65 27.22 62.81 25.02
N GLY O 66 27.74 63.16 23.85
CA GLY O 66 26.97 63.92 22.88
C GLY O 66 25.70 63.18 22.50
N TYR O 67 25.81 61.88 22.25
CA TYR O 67 24.66 61.06 21.89
C TYR O 67 23.60 61.02 22.99
N LEU O 68 24.02 60.74 24.22
CA LEU O 68 23.10 60.60 25.33
C LEU O 68 22.46 61.93 25.71
N ALA O 69 23.22 63.01 25.57
CA ALA O 69 22.67 64.32 25.78
C ALA O 69 21.48 64.56 24.85
N GLY O 70 21.65 64.19 23.58
CA GLY O 70 20.56 64.22 22.60
C GLY O 70 19.38 63.35 23.01
N CYS O 71 19.66 62.15 23.48
CA CYS O 71 18.60 61.21 23.85
C CYS O 71 17.72 61.79 24.92
N LEU O 72 18.34 62.35 25.95
CA LEU O 72 17.60 62.80 27.12
C LEU O 72 16.79 64.05 26.79
N VAL O 73 17.41 65.03 26.14
CA VAL O 73 16.70 66.25 25.79
C VAL O 73 15.57 66.00 24.77
N HIS O 74 15.81 65.10 23.82
CA HIS O 74 14.81 64.75 22.82
C HIS O 74 13.64 63.99 23.48
N ALA O 75 13.95 63.15 24.45
CA ALA O 75 12.93 62.40 25.18
C ALA O 75 12.04 63.29 26.02
N LEU O 76 12.65 64.24 26.72
CA LEU O 76 11.88 65.19 27.52
C LEU O 76 10.94 65.98 26.63
N GLY O 77 11.43 66.33 25.44
CA GLY O 77 10.64 67.05 24.45
C GLY O 77 9.42 66.32 23.95
N GLU O 78 9.57 65.04 23.62
CA GLU O 78 8.43 64.25 23.12
C GLU O 78 7.41 64.09 24.22
N LYS O 79 7.86 63.70 25.42
CA LYS O 79 6.95 63.46 26.56
C LYS O 79 6.24 64.78 27.01
N GLN O 80 6.90 65.94 26.90
CA GLN O 80 6.34 67.23 27.41
C GLN O 80 6.53 68.38 26.41
N PRO O 81 5.62 68.50 25.43
CA PRO O 81 5.72 69.58 24.45
C PRO O 81 5.61 70.96 25.06
N GLU O 82 4.86 71.08 26.17
CA GLU O 82 4.74 72.33 26.91
C GLU O 82 6.07 73.01 27.23
N LEU O 83 7.15 72.26 27.31
CA LEU O 83 8.47 72.82 27.61
C LEU O 83 9.07 73.67 26.49
N GLN O 84 8.58 73.44 25.27
CA GLN O 84 9.00 74.18 24.09
C GLN O 84 10.51 74.10 23.91
N ILE O 85 10.96 72.86 23.80
CA ILE O 85 12.35 72.55 23.57
C ILE O 85 12.50 72.66 22.08
N SER O 86 13.37 73.57 21.61
CA SER O 86 13.57 73.80 20.17
C SER O 86 14.67 72.92 19.61
N GLU O 87 14.69 72.71 18.31
CA GLU O 87 15.80 71.99 17.65
C GLU O 87 17.10 72.74 17.81
N ARG O 88 17.01 74.03 18.09
CA ARG O 88 18.17 74.81 18.48
C ARG O 88 18.70 74.39 19.86
N ASP O 89 17.79 74.25 20.83
CA ASP O 89 18.18 73.79 22.17
C ASP O 89 18.83 72.41 22.11
N VAL O 90 18.26 71.51 21.30
CA VAL O 90 18.75 70.13 21.18
C VAL O 90 20.18 70.13 20.64
N LEU O 91 20.40 70.88 19.57
CA LEU O 91 21.73 70.97 19.00
C LEU O 91 22.75 71.49 19.98
N CYS O 92 22.38 72.51 20.75
CA CYS O 92 23.29 73.08 21.72
C CYS O 92 23.67 72.12 22.82
N VAL O 93 22.69 71.36 23.30
CA VAL O 93 22.91 70.34 24.32
C VAL O 93 23.85 69.25 23.78
N GLN O 94 23.60 68.81 22.55
CA GLN O 94 24.48 67.84 21.87
C GLN O 94 25.91 68.35 21.72
N ILE O 95 26.06 69.60 21.30
CA ILE O 95 27.38 70.18 21.12
C ILE O 95 28.12 70.24 22.46
N ALA O 96 27.41 70.59 23.52
CA ALA O 96 28.03 70.62 24.84
C ALA O 96 28.51 69.24 25.24
N GLY O 97 27.62 68.27 25.14
CA GLY O 97 27.96 66.89 25.44
C GLY O 97 29.16 66.41 24.66
N LEU O 98 29.16 66.72 23.37
CA LEU O 98 30.23 66.33 22.49
C LEU O 98 31.58 66.95 22.87
N CYS O 99 31.55 68.21 23.25
CA CYS O 99 32.77 68.98 23.56
C CYS O 99 33.11 69.07 25.05
N HIS O 100 32.44 68.29 25.89
CA HIS O 100 32.47 68.54 27.34
C HIS O 100 33.83 68.21 27.95
N ASP O 101 34.52 67.22 27.37
CA ASP O 101 35.83 66.80 27.86
C ASP O 101 36.98 67.23 26.93
N LEU O 102 36.69 68.13 26.00
CA LEU O 102 37.72 68.69 25.09
C LEU O 102 39.06 69.10 25.69
N GLY O 103 39.04 69.52 26.96
CA GLY O 103 40.23 70.01 27.65
C GLY O 103 41.00 69.06 28.53
N HIS O 104 40.77 67.75 28.40
CA HIS O 104 41.57 66.79 29.16
C HIS O 104 42.98 66.78 28.64
N GLY O 105 43.92 66.56 29.55
CA GLY O 105 45.33 66.50 29.19
C GLY O 105 45.80 65.09 28.89
N PRO O 106 47.11 64.92 28.67
CA PRO O 106 47.69 63.60 28.58
C PRO O 106 47.34 62.75 29.78
N PHE O 107 46.92 61.52 29.51
CA PHE O 107 46.44 60.58 30.53
C PHE O 107 45.30 61.14 31.39
N SER O 108 44.40 61.87 30.75
CA SER O 108 43.16 62.35 31.35
C SER O 108 43.30 62.98 32.74
N HIS O 109 42.92 62.26 33.79
CA HIS O 109 42.79 62.86 35.13
C HIS O 109 44.12 62.94 35.83
N MET O 110 45.10 62.15 35.39
CA MET O 110 46.47 62.31 35.84
C MET O 110 46.95 63.75 35.65
N PHE O 111 46.59 64.34 34.51
CA PHE O 111 47.04 65.70 34.18
C PHE O 111 46.49 66.77 35.10
N ASP O 112 45.16 66.88 35.19
CA ASP O 112 44.54 67.91 36.02
C ASP O 112 44.54 67.57 37.51
N GLY O 113 44.70 66.29 37.83
CA GLY O 113 44.61 65.80 39.19
C GLY O 113 45.93 65.59 39.92
N ARG O 114 46.99 65.24 39.20
CA ARG O 114 48.32 65.03 39.79
C ARG O 114 49.35 66.01 39.29
N PHE O 115 49.53 66.08 37.97
CA PHE O 115 50.63 66.84 37.34
C PHE O 115 50.55 68.34 37.51
N ILE O 116 49.48 68.96 37.04
CA ILE O 116 49.37 70.42 37.10
C ILE O 116 49.41 70.93 38.54
N PRO O 117 48.71 70.28 39.47
CA PRO O 117 48.86 70.70 40.86
C PRO O 117 50.28 70.66 41.42
N LEU O 118 51.13 69.75 40.94
CA LEU O 118 52.53 69.70 41.37
C LEU O 118 53.40 70.66 40.56
N ALA O 119 53.22 70.68 39.25
CA ALA O 119 54.02 71.53 38.37
C ALA O 119 53.76 73.01 38.55
N ARG O 120 52.52 73.38 38.83
CA ARG O 120 52.12 74.79 38.93
C ARG O 120 51.11 74.99 40.06
N PRO O 121 51.58 74.92 41.32
CA PRO O 121 50.71 75.02 42.50
C PRO O 121 49.95 76.32 42.63
N GLU O 122 50.48 77.40 42.05
CA GLU O 122 49.83 78.70 42.03
C GLU O 122 48.45 78.71 41.34
N VAL O 123 48.27 77.88 40.31
CA VAL O 123 47.07 77.94 39.45
C VAL O 123 45.96 77.07 40.02
N LYS O 124 44.70 77.47 39.81
CA LYS O 124 43.53 76.62 40.04
C LYS O 124 42.98 76.34 38.63
N TRP O 125 43.33 75.16 38.07
CA TRP O 125 42.95 74.74 36.71
C TRP O 125 42.31 73.35 36.70
N THR O 126 41.31 73.16 35.85
CA THR O 126 40.56 71.91 35.72
C THR O 126 40.37 71.50 34.25
N HIS O 127 40.01 70.23 34.02
CA HIS O 127 39.77 69.72 32.64
C HIS O 127 38.66 70.54 31.98
N GLU O 128 37.67 70.96 32.78
CA GLU O 128 36.50 71.67 32.30
C GLU O 128 36.85 73.06 31.82
N GLN O 129 37.63 73.80 32.60
CA GLN O 129 38.08 75.13 32.20
C GLN O 129 38.82 75.05 30.88
N GLY O 130 39.62 74.01 30.73
CA GLY O 130 40.31 73.72 29.49
C GLY O 130 39.35 73.48 28.35
N SER O 131 38.27 72.75 28.61
CA SER O 131 37.26 72.48 27.58
C SER O 131 36.63 73.75 27.03
N VAL O 132 36.27 74.67 27.91
CA VAL O 132 35.72 75.95 27.50
C VAL O 132 36.69 76.69 26.60
N MET O 133 37.95 76.78 27.02
CA MET O 133 38.98 77.46 26.24
C MET O 133 39.23 76.78 24.91
N MET O 134 39.33 75.45 24.95
CA MET O 134 39.58 74.67 23.74
C MET O 134 38.36 74.72 22.82
N PHE O 135 37.16 74.85 23.37
CA PHE O 135 35.95 74.99 22.56
C PHE O 135 35.97 76.31 21.77
N GLU O 136 36.27 77.41 22.48
CA GLU O 136 36.48 78.72 21.88
C GLU O 136 37.50 78.64 20.75
N HIS O 137 38.66 78.03 21.01
CA HIS O 137 39.71 77.87 20.00
C HIS O 137 39.23 77.07 18.80
N LEU O 138 38.45 76.02 19.03
CA LEU O 138 37.91 75.18 17.96
C LEU O 138 37.00 75.98 17.04
N ILE O 139 36.10 76.74 17.65
CA ILE O 139 35.12 77.54 16.92
C ILE O 139 35.82 78.58 16.03
N ASN O 140 36.77 79.30 16.60
CA ASN O 140 37.42 80.41 15.93
C ASN O 140 38.36 79.93 14.84
N SER O 141 39.20 78.96 15.17
CA SER O 141 40.17 78.47 14.20
C SER O 141 39.54 77.65 13.03
N ASN O 142 38.27 77.23 13.12
CA ASN O 142 37.65 76.44 12.05
C ASN O 142 36.40 77.05 11.39
N GLY O 143 36.10 78.32 11.71
CA GLY O 143 34.97 79.02 11.08
C GLY O 143 33.64 78.35 11.28
N ILE O 144 33.37 77.98 12.51
CA ILE O 144 32.16 77.24 12.86
C ILE O 144 30.99 78.21 13.00
N LYS O 145 31.26 79.42 13.46
CA LYS O 145 30.21 80.43 13.70
C LYS O 145 29.23 80.63 12.52
N PRO O 146 29.73 80.75 11.27
CA PRO O 146 28.86 80.74 10.09
C PRO O 146 27.97 79.51 9.97
N VAL O 147 28.52 78.36 10.29
CA VAL O 147 27.80 77.08 10.17
C VAL O 147 26.73 76.99 11.26
N MET O 148 27.02 77.48 12.45
CA MET O 148 26.01 77.51 13.52
C MET O 148 24.79 78.31 13.07
N GLU O 149 25.04 79.50 12.52
CA GLU O 149 23.98 80.38 12.00
C GLU O 149 23.18 79.68 10.92
N GLN O 150 23.88 79.04 9.99
CA GLN O 150 23.25 78.28 8.90
C GLN O 150 22.20 77.30 9.40
N TYR O 151 22.45 76.68 10.56
CA TYR O 151 21.50 75.72 11.15
C TYR O 151 20.67 76.32 12.30
N GLY O 152 20.44 77.62 12.27
CA GLY O 152 19.50 78.26 13.18
C GLY O 152 20.00 78.60 14.57
N LEU O 153 21.29 78.51 14.82
CA LEU O 153 21.83 78.90 16.12
C LEU O 153 22.17 80.38 16.13
N ILE O 154 22.30 80.93 17.32
CA ILE O 154 22.67 82.31 17.54
C ILE O 154 23.97 82.35 18.37
N PRO O 155 25.13 82.40 17.71
CA PRO O 155 26.43 82.30 18.39
C PRO O 155 26.60 83.13 19.66
N GLU O 156 26.14 84.38 19.67
CA GLU O 156 26.23 85.20 20.89
C GLU O 156 25.66 84.46 22.10
N GLU O 157 24.38 84.11 22.02
CA GLU O 157 23.67 83.44 23.12
C GLU O 157 24.10 82.01 23.32
N ASP O 158 24.22 81.25 22.22
CA ASP O 158 24.40 79.81 22.30
C ASP O 158 25.81 79.34 22.67
N ILE O 159 26.84 80.02 22.19
CA ILE O 159 28.21 79.69 22.62
C ILE O 159 28.39 79.88 24.11
N CYS O 160 27.68 80.86 24.68
CA CYS O 160 27.67 81.03 26.12
C CYS O 160 26.96 79.84 26.78
N PHE O 161 25.80 79.48 26.26
CA PHE O 161 25.01 78.35 26.75
C PHE O 161 25.79 77.04 26.75
N ILE O 162 26.53 76.79 25.67
CA ILE O 162 27.35 75.60 25.55
C ILE O 162 28.46 75.60 26.62
N LYS O 163 29.18 76.71 26.74
CA LYS O 163 30.23 76.83 27.75
C LYS O 163 29.67 76.67 29.15
N GLU O 164 28.50 77.25 29.38
CA GLU O 164 27.85 77.17 30.69
C GLU O 164 27.44 75.73 31.05
N GLN O 165 27.02 74.96 30.07
CA GLN O 165 26.72 73.54 30.27
C GLN O 165 27.93 72.77 30.76
N ILE O 166 29.12 73.17 30.30
CA ILE O 166 30.34 72.47 30.61
C ILE O 166 30.92 72.80 31.99
N VAL O 167 31.15 74.10 32.27
CA VAL O 167 31.85 74.53 33.50
C VAL O 167 30.97 75.12 34.57
N GLY O 168 29.67 75.32 34.28
CA GLY O 168 28.80 76.02 35.20
C GLY O 168 28.77 77.49 34.85
N PRO O 169 28.34 78.33 35.82
CA PRO O 169 28.19 79.73 35.47
C PRO O 169 29.55 80.44 35.29
N LEU O 170 29.66 81.21 34.23
CA LEU O 170 30.88 81.92 33.91
C LEU O 170 31.16 83.14 34.88
N GLU O 171 30.25 83.50 35.80
CA GLU O 171 30.58 84.39 36.93
C GLU O 171 30.09 83.81 38.30
N SER O 172 31.04 83.47 39.21
CA SER O 172 30.76 82.93 40.59
C SER O 172 29.65 83.67 41.42
N PRO O 173 28.44 83.06 41.61
CA PRO O 173 27.34 83.67 42.42
C PRO O 173 27.75 84.01 43.86
N VAL O 174 27.24 85.13 44.40
CA VAL O 174 27.62 85.59 45.78
C VAL O 174 26.54 85.16 46.79
N GLU O 175 25.93 86.08 47.53
CA GLU O 175 24.92 85.74 48.55
C GLU O 175 23.45 85.83 48.04
N ASP O 176 23.24 85.98 46.72
CA ASP O 176 21.88 86.09 46.13
C ASP O 176 21.15 84.74 46.02
N SER O 177 21.67 83.82 45.18
CA SER O 177 20.96 82.63 44.63
C SER O 177 19.79 82.86 43.58
N LEU O 178 19.59 84.10 43.15
CA LEU O 178 19.03 84.43 41.84
C LEU O 178 19.81 83.85 40.63
N TRP O 179 19.21 83.90 39.46
CA TRP O 179 19.55 83.03 38.31
C TRP O 179 20.89 83.32 37.73
N PRO O 180 21.88 82.41 37.94
CA PRO O 180 23.26 82.70 37.53
C PRO O 180 23.58 82.57 36.04
N TYR O 181 22.69 82.07 35.20
CA TYR O 181 23.04 81.79 33.80
C TYR O 181 22.59 82.88 32.84
N LYS O 182 23.48 83.25 31.92
CA LYS O 182 23.19 84.19 30.84
C LYS O 182 22.75 83.50 29.56
N GLY O 183 23.03 82.22 29.39
CA GLY O 183 22.80 81.50 28.12
C GLY O 183 21.37 81.10 27.86
N ARG O 184 20.61 80.81 28.92
CA ARG O 184 19.20 80.47 28.82
C ARG O 184 18.44 80.94 30.06
N PRO O 185 17.14 81.23 29.90
CA PRO O 185 16.31 81.65 31.04
C PRO O 185 15.98 80.53 32.03
N GLU O 186 15.38 80.92 33.15
CA GLU O 186 14.99 79.98 34.22
C GLU O 186 14.00 78.90 33.79
N ASN O 187 13.16 79.22 32.81
CA ASN O 187 12.15 78.25 32.30
C ASN O 187 12.77 77.14 31.45
N LYS O 188 14.09 77.20 31.24
CA LYS O 188 14.83 76.11 30.63
C LYS O 188 16.04 75.69 31.45
N SER O 189 15.94 75.79 32.78
CA SER O 189 17.04 75.36 33.65
C SER O 189 17.34 73.87 33.54
N PHE O 190 16.32 73.09 33.21
CA PHE O 190 16.49 71.65 33.05
C PHE O 190 17.56 71.28 32.04
N LEU O 191 17.75 72.12 31.01
CA LEU O 191 18.81 71.87 30.04
C LEU O 191 20.23 71.86 30.65
N TYR O 192 20.45 72.60 31.72
CA TYR O 192 21.74 72.59 32.40
C TYR O 192 22.03 71.34 33.23
N GLU O 193 21.00 70.54 33.50
CA GLU O 193 21.13 69.31 34.23
C GLU O 193 21.43 68.04 33.37
N ILE O 194 21.66 68.19 32.06
CA ILE O 194 21.87 67.05 31.18
C ILE O 194 23.34 66.60 31.09
N VAL O 195 24.21 67.50 30.68
CA VAL O 195 25.60 67.13 30.40
C VAL O 195 26.46 67.09 31.67
N SER O 196 26.29 68.08 32.54
CA SER O 196 27.06 68.17 33.78
C SER O 196 26.18 68.82 34.86
N ASN O 197 25.61 67.97 35.71
CA ASN O 197 24.56 68.36 36.64
C ASN O 197 25.24 68.85 37.92
N LYS O 198 25.18 70.17 38.14
CA LYS O 198 25.79 70.80 39.31
C LYS O 198 24.96 70.58 40.57
N ARG O 199 23.68 70.32 40.43
CA ARG O 199 22.76 70.21 41.55
C ARG O 199 23.03 68.95 42.36
N ASN O 200 23.06 67.81 41.66
CA ASN O 200 23.20 66.49 42.29
C ASN O 200 24.21 65.52 41.63
N GLY O 201 24.66 65.82 40.42
CA GLY O 201 25.66 64.98 39.76
C GLY O 201 25.10 63.91 38.83
N ILE O 202 23.78 63.76 38.75
CA ILE O 202 23.17 62.79 37.85
C ILE O 202 23.15 63.39 36.45
N ASP O 203 24.11 62.96 35.62
CA ASP O 203 24.29 63.48 34.24
C ASP O 203 24.69 62.39 33.25
N VAL O 204 24.67 62.71 31.97
CA VAL O 204 24.97 61.71 30.95
C VAL O 204 26.47 61.44 30.80
N ASP O 205 27.35 62.32 31.28
CA ASP O 205 28.80 62.02 31.34
C ASP O 205 28.95 60.70 32.09
N LYS O 206 28.33 60.64 33.28
CA LYS O 206 28.37 59.41 34.10
C LYS O 206 27.85 58.22 33.37
N TRP O 207 26.70 58.40 32.70
CA TRP O 207 26.01 57.26 32.13
C TRP O 207 26.85 56.61 31.05
N ASP O 208 27.51 57.44 30.24
CA ASP O 208 28.35 56.92 29.20
C ASP O 208 29.55 56.19 29.78
N TYR O 209 30.30 56.85 30.67
CA TYR O 209 31.55 56.22 31.14
C TYR O 209 31.32 54.97 32.00
N PHE O 210 30.18 54.87 32.68
CA PHE O 210 29.86 53.61 33.37
C PHE O 210 29.82 52.50 32.33
N ALA O 211 28.98 52.68 31.34
CA ALA O 211 28.77 51.68 30.28
C ALA O 211 30.06 51.41 29.54
N ARG O 212 30.79 52.47 29.20
CA ARG O 212 31.97 52.34 28.36
C ARG O 212 33.14 51.76 29.12
N ASP O 213 33.41 52.28 30.31
CA ASP O 213 34.56 51.82 31.09
C ASP O 213 34.34 50.35 31.43
N CYS O 214 33.15 49.99 31.87
CA CYS O 214 32.81 48.59 32.13
C CYS O 214 33.08 47.67 30.94
N HIS O 215 32.67 48.11 29.77
CA HIS O 215 32.82 47.30 28.56
C HIS O 215 34.26 46.95 28.31
N HIS O 216 35.13 47.95 28.47
CA HIS O 216 36.56 47.81 28.20
C HIS O 216 37.32 47.24 29.42
N LEU O 217 36.90 47.57 30.64
CA LEU O 217 37.61 47.09 31.83
C LEU O 217 37.49 45.59 32.01
N GLY O 218 36.29 45.09 31.72
CA GLY O 218 35.91 43.72 32.02
C GLY O 218 35.24 43.62 33.37
N ILE O 219 34.40 44.60 33.68
CA ILE O 219 33.52 44.59 34.82
C ILE O 219 32.14 44.81 34.25
N GLN O 220 31.09 44.21 34.84
CA GLN O 220 29.73 44.47 34.38
C GLN O 220 29.14 45.70 35.17
N ASN O 221 28.33 46.44 34.44
CA ASN O 221 27.73 47.70 34.89
C ASN O 221 26.32 47.37 35.39
N ASN O 222 26.00 47.84 36.59
CA ASN O 222 24.72 47.55 37.18
C ASN O 222 23.71 48.70 37.13
N PHE O 223 23.90 49.68 36.23
CA PHE O 223 23.03 50.90 36.17
C PHE O 223 22.39 51.05 34.80
N ASP O 224 21.05 51.22 34.79
CA ASP O 224 20.28 51.26 33.57
C ASP O 224 19.88 52.70 33.25
N TYR O 225 20.65 53.37 32.39
CA TYR O 225 20.39 54.77 32.05
C TYR O 225 19.12 54.91 31.21
N LYS O 226 18.88 53.94 30.35
CA LYS O 226 17.71 53.96 29.49
C LYS O 226 16.41 54.01 30.28
N ARG O 227 16.39 53.23 31.37
CA ARG O 227 15.26 53.20 32.27
C ARG O 227 15.07 54.54 32.95
N PHE O 228 16.15 55.15 33.40
CA PHE O 228 16.05 56.45 34.06
C PHE O 228 15.42 57.50 33.15
N ILE O 229 15.79 57.46 31.88
CA ILE O 229 15.22 58.36 30.86
C ILE O 229 13.72 58.11 30.70
N LYS O 230 13.28 56.87 30.67
CA LYS O 230 11.84 56.59 30.57
C LYS O 230 11.03 57.18 31.71
N PHE O 231 11.62 57.29 32.89
CA PHE O 231 10.91 57.82 34.05
C PHE O 231 11.43 59.18 34.48
N ALA O 232 11.92 59.96 33.53
CA ALA O 232 12.40 61.29 33.80
C ALA O 232 11.34 62.24 33.32
N ARG O 233 11.29 63.41 33.94
CA ARG O 233 10.23 64.36 33.69
C ARG O 233 10.60 65.72 34.30
N VAL O 234 10.17 66.80 33.67
CA VAL O 234 10.44 68.15 34.16
C VAL O 234 9.26 68.65 34.97
N CYS O 235 9.53 69.15 36.18
CA CYS O 235 8.51 69.73 37.08
C CYS O 235 9.00 71.02 37.63
N GLU O 236 8.09 71.81 38.20
CA GLU O 236 8.48 73.06 38.84
C GLU O 236 9.01 72.76 40.23
N VAL O 237 10.17 73.33 40.57
CA VAL O 237 10.76 73.23 41.91
C VAL O 237 11.39 74.58 42.25
N ASP O 238 10.86 75.25 43.30
CA ASP O 238 11.37 76.56 43.72
C ASP O 238 11.48 77.53 42.55
N ASN O 239 10.35 77.77 41.89
CA ASN O 239 10.22 78.78 40.80
C ASN O 239 11.13 78.55 39.60
N GLU O 240 11.43 77.28 39.34
CA GLU O 240 12.45 76.87 38.36
C GLU O 240 12.08 75.48 37.83
N LEU O 241 12.20 75.25 36.53
CA LEU O 241 11.84 73.96 35.90
C LEU O 241 13.01 72.97 35.87
N ARG O 242 12.97 71.92 36.70
CA ARG O 242 14.06 70.94 36.82
C ARG O 242 13.64 69.53 36.42
N ILE O 243 14.63 68.69 36.16
CA ILE O 243 14.40 67.28 35.86
C ILE O 243 14.12 66.58 37.18
N CYS O 244 13.11 65.70 37.16
CA CYS O 244 12.72 64.90 38.29
C CYS O 244 12.63 63.45 37.88
N ALA O 245 12.96 62.55 38.81
CA ALA O 245 12.85 61.12 38.60
C ALA O 245 11.60 60.62 39.27
N ARG O 246 11.12 59.45 38.88
CA ARG O 246 9.96 58.92 39.54
C ARG O 246 10.30 58.39 40.94
N ASP O 247 9.35 58.48 41.86
CA ASP O 247 9.50 58.00 43.25
C ASP O 247 10.16 56.62 43.37
N LYS O 248 9.74 55.69 42.53
CA LYS O 248 10.27 54.32 42.57
C LYS O 248 11.76 54.21 42.18
N GLU O 249 12.27 55.13 41.37
CA GLU O 249 13.69 55.11 41.02
C GLU O 249 14.67 55.47 42.13
N VAL O 250 14.19 55.96 43.28
CA VAL O 250 15.11 56.43 44.33
C VAL O 250 16.15 55.37 44.67
N GLY O 251 15.74 54.10 44.73
CA GLY O 251 16.67 53.02 45.01
C GLY O 251 17.77 52.90 43.97
N ASN O 252 17.36 52.92 42.70
CA ASN O 252 18.30 52.83 41.58
C ASN O 252 19.27 53.99 41.52
N LEU O 253 18.86 55.16 42.00
CA LEU O 253 19.73 56.31 42.09
C LEU O 253 20.78 56.18 43.18
N TYR O 254 20.42 55.65 44.34
CA TYR O 254 21.45 55.36 45.35
C TYR O 254 22.45 54.35 44.79
N ASP O 255 21.94 53.37 44.03
CA ASP O 255 22.78 52.33 43.41
C ASP O 255 23.67 52.90 42.30
N MET O 256 23.24 53.98 41.66
CA MET O 256 24.08 54.65 40.68
C MET O 256 25.36 55.16 41.33
N PHE O 257 25.24 55.81 42.48
CA PHE O 257 26.41 56.35 43.15
C PHE O 257 27.24 55.24 43.80
N HIS O 258 26.59 54.15 44.19
CA HIS O 258 27.28 52.95 44.66
C HIS O 258 28.16 52.39 43.53
N THR O 259 27.56 52.19 42.37
CA THR O 259 28.26 51.74 41.19
C THR O 259 29.48 52.62 40.90
N ARG O 260 29.31 53.92 41.00
CA ARG O 260 30.42 54.88 40.80
C ARG O 260 31.55 54.63 41.77
N ASN O 261 31.20 54.56 43.05
CA ASN O 261 32.17 54.38 44.11
C ASN O 261 32.87 53.04 43.94
N SER O 262 32.09 52.05 43.52
CA SER O 262 32.61 50.72 43.28
C SER O 262 33.63 50.69 42.12
N LEU O 263 33.33 51.39 41.03
CA LEU O 263 34.29 51.54 39.91
C LEU O 263 35.57 52.26 40.30
N HIS O 264 35.45 53.24 41.20
CA HIS O 264 36.63 53.91 41.72
C HIS O 264 37.47 52.97 42.56
N ARG O 265 36.83 52.18 43.40
CA ARG O 265 37.56 51.27 44.28
C ARG O 265 38.26 50.21 43.48
N ARG O 266 37.56 49.59 42.56
CA ARG O 266 38.13 48.50 41.78
C ARG O 266 39.14 48.93 40.74
N ALA O 267 38.81 49.98 39.98
CA ALA O 267 39.57 50.33 38.79
C ALA O 267 40.27 51.68 38.88
N TYR O 268 39.52 52.74 39.00
CA TYR O 268 40.09 54.08 38.79
C TYR O 268 41.16 54.41 39.84
N GLN O 269 40.89 54.05 41.10
CA GLN O 269 41.85 54.22 42.19
C GLN O 269 42.59 52.94 42.55
N HIS O 270 42.77 52.06 41.57
CA HIS O 270 43.54 50.85 41.79
C HIS O 270 44.96 51.19 42.24
N LYS O 271 45.43 50.52 43.28
CA LYS O 271 46.71 50.84 43.93
C LYS O 271 47.88 50.97 42.95
N VAL O 272 47.92 50.10 41.93
CA VAL O 272 49.00 50.10 40.95
C VAL O 272 48.72 51.07 39.81
N GLY O 273 47.45 51.23 39.47
CA GLY O 273 47.06 52.24 38.48
C GLY O 273 47.50 53.62 38.94
N ASN O 274 47.27 53.90 40.22
CA ASN O 274 47.67 55.15 40.83
C ASN O 274 49.19 55.32 40.93
N ILE O 275 49.92 54.25 41.24
CA ILE O 275 51.37 54.37 41.32
C ILE O 275 51.99 54.57 39.92
N ILE O 276 51.38 53.99 38.90
CA ILE O 276 51.83 54.24 37.54
C ILE O 276 51.52 55.68 37.14
N ASP O 277 50.36 56.18 37.54
CA ASP O 277 50.04 57.58 37.32
C ASP O 277 51.08 58.48 38.02
N THR O 278 51.42 58.21 39.29
CA THR O 278 52.41 59.05 39.99
C THR O 278 53.79 58.94 39.31
N MET O 279 54.16 57.76 38.82
CA MET O 279 55.43 57.59 38.12
C MET O 279 55.46 58.33 36.78
N ILE O 280 54.36 58.32 36.05
CA ILE O 280 54.30 59.07 34.80
C ILE O 280 54.31 60.57 35.08
N THR O 281 53.55 61.00 36.07
CA THR O 281 53.56 62.40 36.53
C THR O 281 54.98 62.84 36.89
N ASP O 282 55.67 61.99 37.64
CA ASP O 282 57.05 62.25 38.07
C ASP O 282 57.96 62.45 36.86
N ALA O 283 57.86 61.56 35.88
CA ALA O 283 58.63 61.68 34.65
C ALA O 283 58.29 62.93 33.85
N PHE O 284 57.04 63.37 33.90
CA PHE O 284 56.64 64.61 33.23
C PHE O 284 57.25 65.80 33.93
N LEU O 285 57.23 65.82 35.26
CA LEU O 285 57.87 66.89 36.02
C LEU O 285 59.35 67.01 35.68
N LYS O 286 60.04 65.88 35.56
CA LYS O 286 61.47 65.87 35.22
C LYS O 286 61.75 66.23 33.78
N ALA O 287 60.81 65.95 32.89
CA ALA O 287 60.95 66.31 31.48
C ALA O 287 60.44 67.71 31.15
N ASP O 288 59.78 68.37 32.10
CA ASP O 288 59.02 69.60 31.82
C ASP O 288 59.91 70.66 31.19
N ASP O 289 61.01 70.93 31.87
CA ASP O 289 61.97 71.97 31.51
C ASP O 289 62.54 71.85 30.12
N TYR O 290 62.73 70.64 29.62
CA TYR O 290 63.44 70.44 28.35
C TYR O 290 62.55 70.10 27.16
N ILE O 291 61.22 70.07 27.34
CA ILE O 291 60.31 69.84 26.21
C ILE O 291 59.62 71.12 25.84
N GLU O 292 59.74 71.46 24.55
CA GLU O 292 59.15 72.64 23.96
C GLU O 292 58.01 72.22 23.07
N ILE O 293 56.91 72.97 23.13
CA ILE O 293 55.74 72.75 22.26
C ILE O 293 55.39 74.08 21.60
N THR O 294 55.38 74.08 20.26
CA THR O 294 55.11 75.28 19.47
C THR O 294 53.65 75.69 19.63
N GLY O 295 53.44 76.95 20.02
CA GLY O 295 52.11 77.49 20.21
C GLY O 295 51.73 78.52 19.16
N ALA O 296 50.92 79.50 19.58
CA ALA O 296 50.41 80.52 18.69
C ALA O 296 51.48 81.56 18.46
N GLY O 297 51.64 81.93 17.19
CA GLY O 297 52.69 82.83 16.74
C GLY O 297 54.09 82.29 16.94
N GLY O 298 54.23 80.96 16.96
CA GLY O 298 55.52 80.34 17.20
C GLY O 298 56.08 80.33 18.62
N LYS O 299 55.38 80.94 19.59
CA LYS O 299 55.89 81.01 20.98
C LYS O 299 56.15 79.61 21.55
N LYS O 300 57.15 79.46 22.39
CA LYS O 300 57.49 78.14 22.95
C LYS O 300 56.81 77.95 24.31
N TYR O 301 56.09 76.82 24.45
CA TYR O 301 55.47 76.45 25.71
C TYR O 301 56.00 75.11 26.24
N ARG O 302 55.97 74.97 27.55
CA ARG O 302 56.36 73.73 28.23
C ARG O 302 55.10 72.89 28.43
N ILE O 303 55.26 71.67 28.92
CA ILE O 303 54.14 70.78 29.17
C ILE O 303 53.20 71.44 30.17
N SER O 304 53.75 71.92 31.27
CA SER O 304 52.95 72.60 32.31
C SER O 304 52.29 73.91 31.87
N THR O 305 52.86 74.60 30.88
CA THR O 305 52.35 75.89 30.43
C THR O 305 51.53 75.86 29.15
N ALA O 306 51.42 74.69 28.52
CA ALA O 306 50.62 74.56 27.30
C ALA O 306 49.14 74.81 27.56
N ILE O 307 48.70 74.60 28.79
CA ILE O 307 47.33 74.95 29.18
C ILE O 307 46.97 76.43 29.00
N ASP O 308 47.97 77.29 28.96
CA ASP O 308 47.74 78.71 28.75
C ASP O 308 47.45 79.07 27.31
N ASP O 309 47.95 78.30 26.34
CA ASP O 309 47.69 78.56 24.92
C ASP O 309 47.18 77.31 24.18
N MET O 310 45.95 77.39 23.67
CA MET O 310 45.26 76.25 23.10
C MET O 310 45.84 75.74 21.80
N GLU O 311 46.58 76.54 21.07
CA GLU O 311 47.21 76.05 19.86
C GLU O 311 48.34 75.09 20.20
N ALA O 312 48.99 75.34 21.34
CA ALA O 312 50.02 74.44 21.84
C ALA O 312 49.38 73.19 22.43
N TYR O 313 48.39 73.40 23.28
CA TYR O 313 47.67 72.31 23.95
C TYR O 313 47.02 71.29 23.02
N THR O 314 46.66 71.74 21.81
CA THR O 314 46.16 70.86 20.75
C THR O 314 47.16 69.76 20.40
N LYS O 315 48.44 70.06 20.51
CA LYS O 315 49.49 69.09 20.20
C LYS O 315 50.00 68.31 21.43
N LEU O 316 49.41 68.56 22.61
CA LEU O 316 49.80 67.87 23.85
C LEU O 316 48.86 66.71 24.19
N THR O 317 49.31 65.50 23.92
CA THR O 317 48.51 64.28 24.08
C THR O 317 49.33 63.19 24.78
N ASP O 318 48.80 61.97 24.84
CA ASP O 318 49.55 60.82 25.39
C ASP O 318 50.85 60.57 24.67
N ASN O 319 50.96 61.00 23.42
CA ASN O 319 52.22 61.02 22.68
C ASN O 319 53.44 61.40 23.50
N ILE O 320 53.26 62.38 24.37
CA ILE O 320 54.34 62.94 25.14
C ILE O 320 55.10 61.88 25.96
N PHE O 321 54.38 60.85 26.40
CA PHE O 321 54.96 59.67 27.04
C PHE O 321 55.96 58.99 26.11
N LEU O 322 55.54 58.65 24.91
CA LEU O 322 56.42 57.96 23.96
C LEU O 322 57.54 58.84 23.43
N GLU O 323 57.31 60.15 23.41
CA GLU O 323 58.32 61.13 22.99
C GLU O 323 59.48 61.06 23.98
N ILE O 324 59.16 61.13 25.27
CA ILE O 324 60.14 60.98 26.34
C ILE O 324 60.81 59.62 26.28
N LEU O 325 60.04 58.55 26.13
CA LEU O 325 60.58 57.19 26.14
C LEU O 325 61.54 56.93 25.00
N TYR O 326 61.17 57.34 23.80
CA TYR O 326 62.02 57.13 22.63
C TYR O 326 63.18 58.12 22.47
N SER O 327 63.24 59.19 23.27
CA SER O 327 64.24 60.22 23.08
C SER O 327 65.65 59.75 23.42
N THR O 328 66.62 60.45 22.83
CA THR O 328 68.05 60.26 23.08
C THR O 328 68.72 61.49 23.70
N ASP O 329 68.01 62.62 23.84
CA ASP O 329 68.54 63.81 24.51
C ASP O 329 68.99 63.45 25.94
N PRO O 330 70.25 63.74 26.29
CA PRO O 330 70.67 63.45 27.66
C PRO O 330 70.02 64.31 28.74
N LYS O 331 69.40 65.44 28.36
CA LYS O 331 68.66 66.25 29.32
C LYS O 331 67.42 65.52 29.86
N LEU O 332 66.84 64.65 29.02
CA LEU O 332 65.67 63.85 29.37
C LEU O 332 66.00 62.47 29.96
N LYS O 333 67.25 62.22 30.33
CA LYS O 333 67.63 60.89 30.83
C LYS O 333 66.92 60.54 32.13
N ASP O 334 66.78 61.48 33.03
CA ASP O 334 66.07 61.24 34.31
C ASP O 334 64.62 60.82 34.10
N ALA O 335 63.92 61.52 33.19
CA ALA O 335 62.53 61.22 32.86
C ALA O 335 62.41 59.88 32.14
N ARG O 336 63.20 59.69 31.10
CA ARG O 336 63.23 58.44 30.34
C ARG O 336 63.50 57.21 31.19
N GLU O 337 64.29 57.35 32.25
CA GLU O 337 64.60 56.22 33.13
C GLU O 337 63.38 55.79 33.94
N ILE O 338 62.55 56.74 34.37
CA ILE O 338 61.33 56.40 35.08
C ILE O 338 60.38 55.62 34.19
N LEU O 339 60.17 56.11 32.97
CA LEU O 339 59.28 55.44 32.02
C LEU O 339 59.82 54.07 31.60
N LYS O 340 61.13 53.93 31.51
CA LYS O 340 61.73 52.62 31.23
C LYS O 340 61.49 51.66 32.40
N GLN O 341 61.52 52.16 33.63
CA GLN O 341 61.19 51.35 34.80
C GLN O 341 59.74 50.86 34.82
N ILE O 342 58.83 51.57 34.18
CA ILE O 342 57.45 51.09 34.02
C ILE O 342 57.36 49.94 33.01
N GLU O 343 58.11 50.05 31.92
CA GLU O 343 58.15 49.00 30.91
C GLU O 343 58.58 47.67 31.54
N TYR O 344 59.69 47.73 32.28
CA TYR O 344 60.29 46.55 32.95
C TYR O 344 59.49 46.10 34.17
N ARG O 345 58.60 46.94 34.65
CA ARG O 345 57.70 46.66 35.76
C ARG O 345 58.41 46.72 37.12
N ASN O 346 59.39 47.60 37.24
CA ASN O 346 60.03 47.93 38.53
C ASN O 346 59.32 49.14 39.05
N LEU O 347 58.12 48.90 39.54
CA LEU O 347 57.28 49.97 40.06
C LEU O 347 57.60 50.12 41.53
N PHE O 348 57.28 51.28 42.05
CA PHE O 348 57.37 51.51 43.49
C PHE O 348 56.46 50.51 44.20
N LYS O 349 56.90 49.95 45.30
CA LYS O 349 56.14 48.88 45.95
C LYS O 349 55.07 49.40 46.89
N TYR O 350 53.89 48.81 46.80
CA TYR O 350 52.77 49.14 47.65
C TYR O 350 53.01 48.55 49.02
N VAL O 351 52.89 49.38 50.06
CA VAL O 351 53.11 48.93 51.43
C VAL O 351 51.78 48.57 52.10
N GLY O 352 50.79 49.45 51.96
CA GLY O 352 49.47 49.22 52.52
C GLY O 352 48.54 50.42 52.46
N GLU O 353 47.31 50.23 52.91
CA GLU O 353 46.27 51.23 52.86
C GLU O 353 45.77 51.45 54.28
N THR O 354 45.34 52.65 54.58
CA THR O 354 44.70 52.96 55.86
C THR O 354 43.76 54.15 55.76
N GLN O 355 42.92 54.30 56.76
CA GLN O 355 41.93 55.38 56.83
C GLN O 355 42.03 56.14 58.14
N PRO O 356 41.68 57.45 58.14
CA PRO O 356 41.50 58.13 59.42
C PRO O 356 40.29 57.62 60.20
N THR O 357 40.24 57.94 61.50
CA THR O 357 39.08 57.60 62.34
C THR O 357 38.46 58.85 62.95
N GLY O 358 37.28 58.66 63.54
CA GLY O 358 36.51 59.71 64.14
C GLY O 358 36.04 60.45 62.92
N GLN O 359 36.23 61.76 62.92
CA GLN O 359 35.99 62.60 61.77
C GLN O 359 37.24 63.48 61.68
N ILE O 360 38.42 62.86 61.46
CA ILE O 360 39.69 63.59 61.29
C ILE O 360 40.00 63.69 59.79
N LYS O 361 39.71 64.81 59.15
CA LYS O 361 40.00 64.99 57.71
C LYS O 361 41.45 65.42 57.56
N ILE O 362 42.16 64.84 56.60
CA ILE O 362 43.52 65.28 56.25
C ILE O 362 43.44 66.38 55.20
N LYS O 363 43.86 67.59 55.54
CA LYS O 363 43.79 68.76 54.64
C LYS O 363 44.82 68.61 53.50
N ARG O 364 44.51 69.16 52.33
CA ARG O 364 45.37 69.04 51.13
C ARG O 364 46.78 69.67 51.32
N GLU O 365 46.80 70.82 51.99
CA GLU O 365 48.03 71.46 52.49
C GLU O 365 49.06 70.51 53.16
N ASP O 366 48.57 69.51 53.90
CA ASP O 366 49.43 68.55 54.63
C ASP O 366 49.99 67.37 53.82
N TYR O 367 49.52 67.16 52.59
CA TYR O 367 49.93 66.01 51.77
C TYR O 367 51.46 65.95 51.59
N GLU O 368 52.08 67.10 51.30
CA GLU O 368 53.55 67.19 51.12
C GLU O 368 54.31 66.63 52.33
N SER O 369 53.78 66.85 53.53
CA SER O 369 54.46 66.51 54.79
C SER O 369 54.39 65.05 55.25
N LEU O 370 53.50 64.25 54.65
CA LEU O 370 53.22 62.90 55.15
C LEU O 370 54.34 61.87 55.01
N PRO O 371 55.11 61.91 53.90
CA PRO O 371 56.29 61.05 53.82
C PRO O 371 57.29 61.25 54.98
N LYS O 372 57.50 62.50 55.38
CA LYS O 372 58.32 62.86 56.56
C LYS O 372 57.78 62.15 57.80
N GLU O 373 56.48 62.18 58.01
CA GLU O 373 55.87 61.57 59.18
C GLU O 373 56.06 60.05 59.28
N VAL O 374 56.04 59.37 58.13
CA VAL O 374 56.18 57.90 58.09
C VAL O 374 57.61 57.49 58.47
N ALA O 375 58.59 58.14 57.86
CA ALA O 375 60.01 57.94 58.20
C ALA O 375 60.32 58.32 59.66
N SER O 376 59.64 59.35 60.16
CA SER O 376 59.78 59.79 61.55
C SER O 376 59.23 58.85 62.62
N ALA O 377 58.40 57.88 62.24
CA ALA O 377 57.90 56.89 63.20
C ALA O 377 59.06 56.04 63.72
N LYS O 378 58.97 55.69 64.99
CA LYS O 378 60.02 54.95 65.68
C LYS O 378 59.41 53.62 66.08
N PRO O 379 59.41 52.61 65.18
CA PRO O 379 58.82 51.31 65.52
C PRO O 379 59.70 50.49 66.45
N LYS O 380 59.13 49.93 67.52
CA LYS O 380 59.90 49.18 68.51
C LYS O 380 60.29 47.78 67.96
N VAL O 381 61.05 47.77 66.86
CA VAL O 381 61.47 46.54 66.15
C VAL O 381 62.82 46.77 65.49
N LEU O 382 63.72 45.78 65.59
CA LEU O 382 65.06 45.89 65.00
C LEU O 382 65.00 45.87 63.48
N LEU O 383 65.42 46.96 62.86
CA LEU O 383 65.43 47.11 61.40
C LEU O 383 66.82 46.92 60.86
N ASP O 384 66.93 46.31 59.69
CA ASP O 384 68.22 46.18 58.97
C ASP O 384 68.65 47.51 58.36
N VAL O 385 67.67 48.28 57.88
CA VAL O 385 67.89 49.53 57.11
C VAL O 385 67.04 50.66 57.69
N LYS O 386 67.61 51.87 57.79
CA LYS O 386 66.84 53.09 58.08
C LYS O 386 66.43 53.70 56.74
N LEU O 387 65.20 54.22 56.66
CA LEU O 387 64.66 54.82 55.42
C LEU O 387 64.34 56.30 55.61
N LYS O 388 64.79 57.13 54.66
CA LYS O 388 64.56 58.58 54.69
C LYS O 388 63.17 58.89 54.09
N ALA O 389 62.69 60.11 54.29
CA ALA O 389 61.35 60.52 53.85
C ALA O 389 61.14 60.53 52.33
N GLU O 390 62.19 60.86 51.58
CA GLU O 390 62.16 60.80 50.12
C GLU O 390 61.93 59.38 49.55
N ASP O 391 62.15 58.34 50.36
CA ASP O 391 61.89 56.95 49.97
C ASP O 391 60.39 56.59 49.95
N PHE O 392 59.58 57.32 50.73
CA PHE O 392 58.13 57.08 50.81
C PHE O 392 57.29 57.96 49.87
N ILE O 393 56.21 57.40 49.36
CA ILE O 393 55.13 58.15 48.70
C ILE O 393 53.86 57.88 49.46
N VAL O 394 53.10 58.93 49.74
CA VAL O 394 51.82 58.78 50.42
C VAL O 394 50.77 59.46 49.57
N ASP O 395 49.83 58.66 49.09
CA ASP O 395 48.79 59.07 48.14
C ASP O 395 47.51 59.13 48.96
N VAL O 396 46.89 60.30 49.02
CA VAL O 396 45.63 60.44 49.75
C VAL O 396 44.51 60.59 48.74
N ILE O 397 43.42 59.87 48.96
CA ILE O 397 42.35 59.74 47.99
C ILE O 397 41.01 59.99 48.66
N ASN O 398 40.25 60.94 48.14
CA ASN O 398 38.92 61.28 48.68
C ASN O 398 37.83 60.54 47.91
N MET O 399 37.22 59.57 48.55
CA MET O 399 36.10 58.84 47.97
C MET O 399 34.82 59.47 48.50
N ASP O 400 33.94 59.91 47.61
CA ASP O 400 32.64 60.47 48.01
C ASP O 400 31.54 60.08 47.04
N TYR O 401 30.34 60.59 47.27
CA TYR O 401 29.22 60.44 46.35
C TYR O 401 29.06 61.71 45.50
N GLY O 402 30.18 62.34 45.16
CA GLY O 402 30.18 63.47 44.25
C GLY O 402 29.94 64.83 44.85
N MET O 403 29.55 64.91 46.12
CA MET O 403 29.22 66.20 46.74
C MET O 403 29.81 66.24 48.12
N GLN O 404 31.12 66.07 48.15
CA GLN O 404 31.88 65.97 49.38
C GLN O 404 31.08 65.15 50.41
N GLU O 405 30.74 65.73 51.56
CA GLU O 405 30.10 64.98 52.64
C GLU O 405 28.60 64.82 52.51
N LYS O 406 28.00 65.40 51.49
CA LYS O 406 26.54 65.38 51.30
C LYS O 406 26.04 64.18 50.53
N ASN O 407 24.78 63.83 50.85
CA ASN O 407 24.03 62.78 50.17
C ASN O 407 23.39 63.45 48.95
N PRO O 408 23.81 63.09 47.74
CA PRO O 408 23.25 63.76 46.57
C PRO O 408 21.78 63.46 46.31
N ILE O 409 21.25 62.39 46.87
CA ILE O 409 19.84 62.07 46.71
C ILE O 409 18.95 63.05 47.47
N ASP O 410 19.48 63.68 48.52
CA ASP O 410 18.80 64.80 49.18
C ASP O 410 18.68 66.02 48.27
N HIS O 411 19.47 66.08 47.20
CA HIS O 411 19.34 67.12 46.17
C HIS O 411 18.72 66.63 44.83
N VAL O 412 17.83 65.62 44.90
CA VAL O 412 17.06 65.15 43.74
C VAL O 412 15.59 65.36 44.03
N SER O 413 14.87 65.80 43.02
CA SER O 413 13.42 65.97 43.09
C SER O 413 12.76 64.77 42.46
N PHE O 414 11.67 64.30 43.05
CA PHE O 414 10.94 63.11 42.59
C PHE O 414 9.49 63.45 42.23
N TYR O 415 8.79 62.54 41.56
CA TYR O 415 7.35 62.70 41.29
C TYR O 415 6.60 61.38 41.44
N CYS O 416 5.28 61.45 41.67
CA CYS O 416 4.46 60.25 41.85
C CYS O 416 3.55 60.00 40.70
N LYS O 417 3.15 58.74 40.52
CA LYS O 417 2.24 58.36 39.44
C LYS O 417 0.95 59.14 39.57
N THR O 418 0.47 59.28 40.80
CA THR O 418 -0.78 59.94 41.12
C THR O 418 -0.82 61.46 40.90
N ALA O 419 0.35 62.12 40.85
CA ALA O 419 0.46 63.58 40.67
C ALA O 419 1.79 63.93 40.00
N PRO O 420 1.86 63.71 38.68
CA PRO O 420 3.14 63.76 37.98
C PRO O 420 3.75 65.14 37.77
N ASN O 421 3.02 66.21 38.08
CA ASN O 421 3.60 67.56 38.02
C ASN O 421 4.05 68.11 39.35
N ARG O 422 3.73 67.38 40.41
CA ARG O 422 4.06 67.78 41.77
C ARG O 422 5.35 67.10 42.20
N ALA O 423 6.41 67.91 42.28
CA ALA O 423 7.71 67.48 42.75
C ALA O 423 7.76 67.28 44.24
N ILE O 424 8.54 66.31 44.69
CA ILE O 424 8.71 66.01 46.12
C ILE O 424 10.12 65.62 46.44
N ARG O 425 10.42 65.45 47.73
CA ARG O 425 11.73 65.02 48.20
C ARG O 425 11.56 63.68 48.88
N ILE O 426 12.61 62.87 48.87
CA ILE O 426 12.62 61.59 49.55
C ILE O 426 13.89 61.53 50.37
N THR O 427 13.76 61.38 51.68
CA THR O 427 14.91 61.35 52.58
C THR O 427 15.53 59.97 52.58
N LYS O 428 16.64 59.81 53.28
CA LYS O 428 17.30 58.51 53.36
C LYS O 428 16.45 57.51 54.16
N ASN O 429 15.90 57.96 55.28
CA ASN O 429 15.07 57.10 56.15
C ASN O 429 13.84 56.51 55.47
N GLN O 430 13.29 57.25 54.52
CA GLN O 430 12.14 56.80 53.75
C GLN O 430 12.46 55.65 52.79
N VAL O 431 13.75 55.40 52.50
CA VAL O 431 14.16 54.37 51.52
C VAL O 431 14.62 53.06 52.14
N SER O 432 15.67 53.12 52.95
CA SER O 432 16.28 51.89 53.49
C SER O 432 17.25 52.17 54.64
N GLN O 433 17.26 51.27 55.60
CA GLN O 433 18.23 51.26 56.68
C GLN O 433 19.60 50.66 56.24
N LEU O 434 19.65 49.99 55.09
CA LEU O 434 20.88 49.39 54.58
C LEU O 434 21.73 50.32 53.70
N LEU O 435 21.37 51.60 53.63
CA LEU O 435 22.14 52.56 52.86
C LEU O 435 23.33 53.06 53.67
N PRO O 436 24.27 53.77 53.04
CA PRO O 436 25.45 54.23 53.77
C PRO O 436 25.15 55.26 54.85
N GLU O 437 25.96 55.24 55.91
CA GLU O 437 25.81 56.17 57.02
C GLU O 437 26.46 57.49 56.64
N LYS O 438 27.70 57.41 56.14
CA LYS O 438 28.45 58.55 55.62
C LYS O 438 28.45 58.52 54.09
N PHE O 439 28.79 59.65 53.47
CA PHE O 439 28.92 59.74 52.01
C PHE O 439 30.27 60.27 51.55
N ALA O 440 31.27 60.22 52.43
CA ALA O 440 32.64 60.53 52.06
C ALA O 440 33.62 59.92 53.04
N GLU O 441 34.82 59.64 52.55
CA GLU O 441 35.89 59.12 53.37
C GLU O 441 37.21 59.36 52.67
N GLN O 442 38.30 59.04 53.36
CA GLN O 442 39.63 59.19 52.80
C GLN O 442 40.37 57.87 52.85
N LEU O 443 41.16 57.61 51.83
CA LEU O 443 42.04 56.44 51.78
C LEU O 443 43.45 56.93 51.67
N ILE O 444 44.33 56.34 52.46
CA ILE O 444 45.74 56.68 52.45
C ILE O 444 46.53 55.46 52.06
N ARG O 445 47.16 55.53 50.90
CA ARG O 445 48.02 54.47 50.40
C ARG O 445 49.46 54.91 50.57
N VAL O 446 50.29 54.02 51.09
CA VAL O 446 51.71 54.30 51.25
C VAL O 446 52.48 53.34 50.36
N TYR O 447 53.44 53.88 49.61
CA TYR O 447 54.33 53.05 48.79
C TYR O 447 55.77 53.36 49.18
N CYS O 448 56.69 52.51 48.76
CA CYS O 448 58.12 52.69 49.04
C CYS O 448 58.89 52.64 47.73
N LYS O 449 59.76 53.62 47.50
CA LYS O 449 60.56 53.67 46.28
C LYS O 449 61.68 52.64 46.22
N LYS O 450 62.16 52.16 47.36
CA LYS O 450 63.14 51.09 47.39
C LYS O 450 62.43 49.74 47.32
N VAL O 451 62.83 48.94 46.33
CA VAL O 451 62.11 47.74 45.90
C VAL O 451 62.53 46.46 46.65
N ASP O 452 63.80 46.37 47.05
CA ASP O 452 64.41 45.14 47.65
C ASP O 452 63.73 44.56 48.90
N ARG O 453 63.96 43.27 49.15
CA ARG O 453 63.33 42.52 50.26
C ARG O 453 63.53 43.19 51.64
N LYS O 454 64.74 43.70 51.89
CA LYS O 454 65.11 44.29 53.20
C LYS O 454 64.39 45.63 53.43
N SER O 455 64.34 46.49 52.42
CA SER O 455 63.72 47.82 52.53
C SER O 455 62.19 47.75 52.64
N LEU O 456 61.60 46.79 51.93
CA LEU O 456 60.17 46.57 51.98
C LEU O 456 59.72 46.13 53.38
N TYR O 457 60.48 45.24 54.02
CA TYR O 457 60.20 44.84 55.40
C TYR O 457 60.21 46.08 56.32
N ALA O 458 61.23 46.91 56.16
CA ALA O 458 61.38 48.10 56.97
C ALA O 458 60.23 49.05 56.77
N ALA O 459 59.91 49.32 55.50
CA ALA O 459 58.82 50.20 55.12
C ALA O 459 57.50 49.79 55.79
N ARG O 460 57.21 48.49 55.78
CA ARG O 460 56.02 47.95 56.45
C ARG O 460 55.96 48.27 57.93
N GLN O 461 57.11 48.22 58.60
CA GLN O 461 57.18 48.50 60.03
C GLN O 461 56.94 49.99 60.28
N TYR O 462 57.62 50.85 59.53
CA TYR O 462 57.37 52.29 59.61
C TYR O 462 55.89 52.62 59.40
N PHE O 463 55.30 52.02 58.38
CA PHE O 463 53.90 52.27 58.03
C PHE O 463 52.93 51.84 59.13
N VAL O 464 53.02 50.60 59.58
CA VAL O 464 52.05 50.07 60.55
C VAL O 464 52.19 50.81 61.89
N GLN O 465 53.39 51.29 62.18
CA GLN O 465 53.63 52.12 63.36
C GLN O 465 52.94 53.46 63.17
N TRP O 466 53.27 54.13 62.07
CA TRP O 466 52.68 55.42 61.73
C TRP O 466 51.16 55.43 61.83
N CYS O 467 50.54 54.30 61.45
CA CYS O 467 49.11 54.08 61.60
C CYS O 467 48.69 54.08 63.07
N ALA O 468 49.41 53.35 63.91
CA ALA O 468 49.14 53.35 65.35
C ALA O 468 49.38 54.73 65.96
N ASP O 469 50.47 55.39 65.56
CA ASP O 469 50.82 56.72 66.05
C ASP O 469 49.72 57.75 65.81
N ARG O 470 49.07 57.69 64.67
CA ARG O 470 48.05 58.70 64.29
C ARG O 470 46.60 58.26 64.51
N ASN O 471 46.43 57.16 65.26
CA ASN O 471 45.13 56.56 65.52
C ASN O 471 44.31 56.29 64.23
N PHE O 472 45.00 55.80 63.21
CA PHE O 472 44.36 55.34 61.97
C PHE O 472 43.89 53.90 62.12
N THR O 473 43.15 53.41 61.11
CA THR O 473 42.63 52.05 61.11
C THR O 473 43.76 51.06 60.90
N LYS O 474 43.58 49.86 61.42
CA LYS O 474 44.55 48.80 61.27
C LYS O 474 44.59 48.37 59.81
N PRO O 475 45.78 48.36 59.19
CA PRO O 475 45.87 47.77 57.86
C PRO O 475 45.30 46.36 57.82
N GLN O 476 44.57 46.03 56.75
CA GLN O 476 43.88 44.73 56.62
C GLN O 476 44.83 43.56 56.86
N ASP O 477 45.99 43.64 56.20
CA ASP O 477 47.08 42.66 56.32
C ASP O 477 48.07 42.93 57.48
N GLY O 478 47.67 43.76 58.45
CA GLY O 478 48.60 44.34 59.42
C GLY O 478 49.26 43.34 60.34
N ASP O 479 48.48 42.35 60.79
CA ASP O 479 49.01 41.31 61.68
C ASP O 479 50.04 40.43 61.00
N VAL O 480 49.98 40.34 59.67
CA VAL O 480 50.94 39.56 58.91
C VAL O 480 52.22 40.35 58.63
N ILE O 481 52.08 41.55 58.05
CA ILE O 481 53.25 42.35 57.63
C ILE O 481 54.09 42.93 58.77
N ALA O 482 53.45 43.18 59.91
CA ALA O 482 54.13 43.75 61.07
C ALA O 482 53.54 43.16 62.35
N PRO O 483 53.83 41.87 62.60
CA PRO O 483 53.22 41.14 63.72
C PRO O 483 53.73 41.60 65.09
N LEU O 484 54.91 42.21 65.12
CA LEU O 484 55.50 42.74 66.34
C LEU O 484 54.92 44.12 66.72
N ILE O 485 54.31 44.82 65.77
CA ILE O 485 53.77 46.17 66.00
C ILE O 485 52.28 46.23 66.34
N THR O 486 51.47 45.35 65.76
CA THR O 486 50.01 45.40 65.97
C THR O 486 49.49 45.14 67.41
N PRO O 487 50.16 44.29 68.21
CA PRO O 487 49.66 44.19 69.60
C PRO O 487 49.90 45.46 70.45
N GLN O 488 50.92 46.27 70.13
CA GLN O 488 51.18 47.57 70.80
C GLN O 488 49.93 48.44 71.01
N LYS O 489 49.05 48.49 70.00
CA LYS O 489 47.85 49.33 70.07
C LYS O 489 46.67 48.60 70.74
N LYS O 490 46.22 49.13 71.89
CA LYS O 490 45.08 48.59 72.66
C LYS O 490 43.80 48.57 71.82
N GLU O 491 43.57 49.65 71.07
CA GLU O 491 42.36 49.81 70.26
C GLU O 491 42.17 48.75 69.15
N TRP O 492 43.24 48.10 68.68
CA TRP O 492 43.14 47.06 67.63
C TRP O 492 42.87 45.64 68.17
N ASN O 493 42.81 45.43 69.48
CA ASN O 493 42.48 44.11 70.05
C ASN O 493 41.02 44.05 70.51
N THR P 8 54.46 32.26 42.74
CA THR P 8 52.98 32.16 42.49
C THR P 8 52.60 32.68 41.06
N MET P 9 51.31 32.63 40.72
CA MET P 9 50.78 32.99 39.39
C MET P 9 50.22 34.40 39.42
N LYS P 10 50.34 35.10 38.29
CA LYS P 10 49.76 36.42 38.15
C LYS P 10 48.45 36.35 37.39
N VAL P 11 47.43 37.02 37.91
CA VAL P 11 46.14 37.05 37.25
C VAL P 11 45.93 38.41 36.62
N ILE P 12 45.36 38.42 35.42
CA ILE P 12 45.16 39.65 34.65
C ILE P 12 43.81 39.60 33.94
N ASN P 13 43.08 40.72 33.96
CA ASN P 13 41.67 40.73 33.52
C ASN P 13 41.46 41.35 32.14
N ASP P 14 41.37 40.45 31.17
CA ASP P 14 40.99 40.75 29.80
C ASP P 14 39.48 40.74 29.67
N PRO P 15 38.88 41.76 29.01
CA PRO P 15 37.43 41.77 28.89
C PRO P 15 36.85 40.72 27.97
N ILE P 16 37.66 40.12 27.11
CA ILE P 16 37.17 39.04 26.25
C ILE P 16 37.19 37.73 26.98
N HIS P 17 38.35 37.36 27.52
CA HIS P 17 38.56 36.01 28.05
C HIS P 17 38.38 35.85 29.54
N GLY P 18 38.31 36.95 30.26
CA GLY P 18 38.12 36.88 31.71
C GLY P 18 39.44 37.00 32.42
N HIS P 19 39.57 36.35 33.56
CA HIS P 19 40.80 36.39 34.34
C HIS P 19 41.78 35.32 33.85
N ILE P 20 42.78 35.77 33.12
CA ILE P 20 43.84 34.90 32.61
C ILE P 20 44.89 34.70 33.70
N GLU P 21 45.38 33.46 33.85
CA GLU P 21 46.55 33.20 34.69
C GLU P 21 47.82 33.25 33.85
N LEU P 22 48.85 33.92 34.37
CA LEU P 22 50.12 34.05 33.67
C LEU P 22 51.24 33.42 34.50
N HIS P 23 51.85 32.40 33.91
CA HIS P 23 53.04 31.77 34.46
C HIS P 23 54.21 32.76 34.58
N PRO P 24 55.04 32.64 35.64
CA PRO P 24 56.11 33.61 35.89
C PRO P 24 57.03 33.89 34.72
N LEU P 25 57.35 32.85 33.96
CA LEU P 25 58.12 32.96 32.72
C LEU P 25 57.44 33.86 31.70
N LEU P 26 56.13 33.73 31.56
CA LEU P 26 55.36 34.58 30.63
C LEU P 26 55.38 36.03 31.10
N VAL P 27 55.18 36.23 32.41
CA VAL P 27 55.22 37.57 32.99
C VAL P 27 56.56 38.24 32.70
N ARG P 28 57.60 37.47 32.79
CA ARG P 28 58.95 37.93 32.58
C ARG P 28 59.20 38.35 31.13
N ILE P 29 58.60 37.61 30.20
CA ILE P 29 58.61 37.94 28.77
C ILE P 29 57.75 39.15 28.47
N ILE P 30 56.57 39.21 29.08
CA ILE P 30 55.64 40.33 28.90
C ILE P 30 56.24 41.66 29.33
N ASN P 31 56.90 41.68 30.48
CA ASN P 31 57.46 42.91 31.03
C ASN P 31 58.83 43.27 30.45
N THR P 32 58.83 43.49 29.14
CA THR P 32 60.02 43.88 28.39
C THR P 32 59.62 44.95 27.36
N PRO P 33 60.56 45.82 26.97
CA PRO P 33 60.24 46.81 25.95
C PRO P 33 59.76 46.26 24.62
N GLN P 34 60.22 45.07 24.27
CA GLN P 34 59.92 44.48 22.96
C GLN P 34 58.45 44.05 22.88
N PHE P 35 57.93 43.59 24.01
CA PHE P 35 56.54 43.17 24.15
C PHE P 35 55.62 44.35 24.47
N GLN P 36 55.98 45.17 25.45
CA GLN P 36 55.13 46.30 25.86
C GLN P 36 54.93 47.29 24.71
N ARG P 37 55.87 47.31 23.78
CA ARG P 37 55.74 47.99 22.49
C ARG P 37 54.36 47.80 21.86
N LEU P 38 53.81 46.60 21.96
CA LEU P 38 52.53 46.29 21.35
C LEU P 38 51.37 47.07 21.94
N ARG P 39 51.55 47.70 23.11
CA ARG P 39 50.54 48.63 23.64
C ARG P 39 50.29 49.83 22.75
N TYR P 40 51.26 50.13 21.87
CA TYR P 40 51.22 51.33 21.07
C TYR P 40 51.04 51.03 19.57
N ILE P 41 50.45 49.88 19.26
CA ILE P 41 50.11 49.53 17.90
C ILE P 41 48.66 49.06 17.82
N LYS P 42 47.81 49.75 17.06
CA LYS P 42 46.40 49.41 17.00
C LYS P 42 46.18 48.16 16.17
N GLN P 43 45.21 47.36 16.59
CA GLN P 43 44.94 46.07 15.97
C GLN P 43 44.48 46.29 14.55
N LEU P 44 43.53 47.20 14.39
CA LEU P 44 42.87 47.42 13.11
C LEU P 44 43.34 48.67 12.40
N GLY P 45 44.54 49.14 12.74
CA GLY P 45 45.14 50.30 12.09
C GLY P 45 44.19 51.46 11.86
N GLY P 46 43.99 51.76 10.58
CA GLY P 46 43.10 52.85 10.14
C GLY P 46 41.62 52.63 10.37
N GLY P 47 41.23 51.39 10.67
CA GLY P 47 39.87 51.05 11.05
C GLY P 47 39.32 51.86 12.21
N TYR P 48 40.20 52.28 13.14
CA TYR P 48 39.77 53.17 14.23
C TYR P 48 39.11 54.44 13.70
N TYR P 49 39.59 54.93 12.55
CA TYR P 49 39.04 56.14 11.92
C TYR P 49 37.71 55.91 11.19
N VAL P 50 37.21 54.68 11.22
CA VAL P 50 35.86 54.35 10.75
C VAL P 50 34.98 53.75 11.86
N PHE P 51 35.53 52.82 12.64
CA PHE P 51 34.85 52.25 13.80
C PHE P 51 35.44 52.83 15.07
N PRO P 52 34.80 53.84 15.64
CA PRO P 52 35.44 54.52 16.77
C PRO P 52 35.61 53.62 18.01
N GLY P 53 34.97 52.46 18.04
CA GLY P 53 35.25 51.51 19.11
C GLY P 53 36.62 50.84 19.09
N ALA P 54 37.22 50.76 17.90
CA ALA P 54 38.40 49.95 17.60
C ALA P 54 39.76 50.56 18.01
N SER P 55 39.77 51.05 19.25
CA SER P 55 40.94 51.60 19.93
C SER P 55 41.92 50.52 20.38
N HIS P 56 41.45 49.27 20.42
CA HIS P 56 42.24 48.14 20.92
C HIS P 56 43.55 47.91 20.17
N ASN P 57 44.56 47.51 20.95
CA ASN P 57 45.94 47.36 20.52
C ASN P 57 46.40 45.90 20.52
N ARG P 58 47.55 45.63 19.89
CA ARG P 58 48.08 44.27 19.75
C ARG P 58 48.43 43.61 21.07
N PHE P 59 48.92 44.39 22.00
CA PHE P 59 49.21 43.91 23.36
C PHE P 59 48.16 42.92 23.86
N GLU P 60 46.92 43.38 23.90
CA GLU P 60 45.85 42.57 24.49
C GLU P 60 45.42 41.41 23.60
N HIS P 61 45.48 41.56 22.29
CA HIS P 61 45.34 40.42 21.35
C HIS P 61 46.40 39.37 21.67
N SER P 62 47.64 39.83 21.81
CA SER P 62 48.77 38.97 22.09
C SER P 62 48.55 38.18 23.39
N LEU P 63 48.09 38.83 24.45
CA LEU P 63 47.75 38.10 25.70
C LEU P 63 46.70 37.01 25.47
N GLY P 64 45.66 37.36 24.72
CA GLY P 64 44.57 36.44 24.46
C GLY P 64 44.95 35.24 23.62
N VAL P 65 45.83 35.44 22.65
CA VAL P 65 46.28 34.33 21.83
C VAL P 65 47.12 33.40 22.67
N GLY P 66 47.95 33.99 23.53
CA GLY P 66 48.70 33.22 24.51
C GLY P 66 47.78 32.42 25.40
N TYR P 67 46.72 33.06 25.87
CA TYR P 67 45.74 32.39 26.74
C TYR P 67 45.06 31.21 26.05
N LEU P 68 44.56 31.43 24.83
CA LEU P 68 43.81 30.40 24.12
C LEU P 68 44.71 29.27 23.69
N ALA P 69 45.94 29.59 23.34
CA ALA P 69 46.92 28.55 23.04
C ALA P 69 47.06 27.59 24.22
N GLY P 70 47.16 28.15 25.43
CA GLY P 70 47.17 27.35 26.65
C GLY P 70 45.91 26.52 26.83
N CYS P 71 44.76 27.12 26.57
CA CYS P 71 43.48 26.43 26.74
C CYS P 71 43.42 25.20 25.90
N LEU P 72 43.78 25.33 24.63
CA LEU P 72 43.61 24.25 23.67
C LEU P 72 44.60 23.12 23.96
N VAL P 73 45.86 23.45 24.17
CA VAL P 73 46.86 22.43 24.44
C VAL P 73 46.62 21.72 25.78
N HIS P 74 46.18 22.48 26.78
CA HIS P 74 45.88 21.90 28.10
C HIS P 74 44.63 21.00 28.02
N ALA P 75 43.67 21.39 27.21
CA ALA P 75 42.46 20.59 27.00
C ALA P 75 42.74 19.28 26.31
N LEU P 76 43.55 19.32 25.26
CA LEU P 76 43.93 18.10 24.55
C LEU P 76 44.64 17.16 25.50
N GLY P 77 45.47 17.70 26.38
CA GLY P 77 46.19 16.94 27.37
C GLY P 77 45.31 16.22 28.37
N GLU P 78 44.32 16.90 28.92
CA GLU P 78 43.41 16.28 29.90
C GLU P 78 42.62 15.18 29.22
N LYS P 79 42.03 15.48 28.05
CA LYS P 79 41.19 14.50 27.33
C LYS P 79 42.03 13.27 26.86
N GLN P 80 43.30 13.46 26.49
CA GLN P 80 44.15 12.37 25.93
C GLN P 80 45.56 12.32 26.55
N PRO P 81 45.70 11.67 27.72
CA PRO P 81 47.00 11.57 28.35
C PRO P 81 48.03 10.82 27.52
N GLU P 82 47.56 9.87 26.71
CA GLU P 82 48.43 9.14 25.78
C GLU P 82 49.35 10.01 24.93
N LEU P 83 48.97 11.26 24.69
CA LEU P 83 49.78 12.18 23.89
C LEU P 83 51.07 12.64 24.57
N GLN P 84 51.10 12.54 25.89
CA GLN P 84 52.24 12.92 26.71
C GLN P 84 52.67 14.34 26.44
N ILE P 85 51.72 15.23 26.65
CA ILE P 85 51.92 16.65 26.52
C ILE P 85 52.52 17.06 27.84
N SER P 86 53.73 17.61 27.82
CA SER P 86 54.43 18.02 29.04
C SER P 86 54.12 19.46 29.41
N GLU P 87 54.34 19.83 30.67
CA GLU P 87 54.20 21.23 31.10
C GLU P 87 55.23 22.12 30.39
N ARG P 88 56.28 21.50 29.89
CA ARG P 88 57.22 22.17 29.02
C ARG P 88 56.59 22.50 27.65
N ASP P 89 55.90 21.53 27.06
CA ASP P 89 55.19 21.76 25.80
C ASP P 89 54.16 22.87 25.93
N VAL P 90 53.43 22.86 27.04
CA VAL P 90 52.36 23.84 27.29
C VAL P 90 52.93 25.25 27.35
N LEU P 91 54.00 25.41 28.12
CA LEU P 91 54.66 26.70 28.22
C LEU P 91 55.15 27.21 26.89
N CYS P 92 55.73 26.34 26.08
CA CYS P 92 56.23 26.74 24.78
C CYS P 92 55.13 27.20 23.83
N VAL P 93 54.01 26.49 23.84
CA VAL P 93 52.85 26.85 23.04
C VAL P 93 52.31 28.21 23.49
N GLN P 94 52.20 28.42 24.80
CA GLN P 94 51.81 29.72 25.35
C GLN P 94 52.74 30.86 24.95
N ILE P 95 54.04 30.62 25.04
CA ILE P 95 55.02 31.64 24.67
C ILE P 95 54.88 31.99 23.20
N ALA P 96 54.67 30.99 22.35
CA ALA P 96 54.48 31.25 20.92
C ALA P 96 53.25 32.11 20.69
N GLY P 97 52.14 31.70 21.27
CA GLY P 97 50.90 32.45 21.18
C GLY P 97 51.06 33.88 21.65
N LEU P 98 51.75 34.04 22.76
CA LEU P 98 51.98 35.34 23.35
C LEU P 98 52.81 36.25 22.44
N CYS P 99 53.83 35.66 21.83
CA CYS P 99 54.80 36.42 21.01
C CYS P 99 54.52 36.37 19.49
N HIS P 100 53.36 35.87 19.09
CA HIS P 100 53.15 35.50 17.68
C HIS P 100 53.07 36.73 16.77
N ASP P 101 52.56 37.83 17.32
CA ASP P 101 52.43 39.08 16.55
C ASP P 101 53.43 40.15 16.97
N LEU P 102 54.44 39.76 17.74
CA LEU P 102 55.53 40.69 18.15
C LEU P 102 56.11 41.63 17.09
N GLY P 103 56.09 41.19 15.83
CA GLY P 103 56.69 41.92 14.72
C GLY P 103 55.77 42.79 13.87
N HIS P 104 54.57 43.09 14.34
CA HIS P 104 53.71 44.00 13.60
C HIS P 104 54.25 45.40 13.65
N GLY P 105 54.06 46.12 12.56
CA GLY P 105 54.53 47.50 12.46
C GLY P 105 53.49 48.50 12.88
N PRO P 106 53.79 49.80 12.71
CA PRO P 106 52.79 50.84 12.92
C PRO P 106 51.55 50.57 12.08
N PHE P 107 50.40 50.69 12.72
CA PHE P 107 49.09 50.39 12.13
C PHE P 107 48.99 48.97 11.55
N SER P 108 49.58 48.02 12.28
CA SER P 108 49.47 46.60 12.00
C SER P 108 49.67 46.19 10.53
N HIS P 109 48.59 45.88 9.82
CA HIS P 109 48.68 45.25 8.50
C HIS P 109 48.94 46.28 7.42
N MET P 110 48.65 47.54 7.69
CA MET P 110 49.05 48.62 6.82
C MET P 110 50.55 48.58 6.54
N PHE P 111 51.34 48.29 7.58
CA PHE P 111 52.80 48.27 7.46
C PHE P 111 53.33 47.18 6.56
N ASP P 112 53.01 45.92 6.87
CA ASP P 112 53.51 44.80 6.07
C ASP P 112 52.74 44.59 4.76
N GLY P 113 51.53 45.14 4.69
CA GLY P 113 50.64 44.94 3.55
C GLY P 113 50.62 46.05 2.51
N ARG P 114 50.83 47.29 2.92
CA ARG P 114 50.85 48.44 2.01
C ARG P 114 52.20 49.13 1.95
N PHE P 115 52.71 49.55 3.10
CA PHE P 115 53.91 50.40 3.18
C PHE P 115 55.21 49.75 2.73
N ILE P 116 55.61 48.66 3.37
CA ILE P 116 56.88 48.02 3.05
C ILE P 116 56.92 47.54 1.59
N PRO P 117 55.84 46.95 1.08
CA PRO P 117 55.86 46.62 -0.34
C PRO P 117 56.06 47.80 -1.30
N LEU P 118 55.62 49.00 -0.92
CA LEU P 118 55.87 50.20 -1.73
C LEU P 118 57.23 50.81 -1.45
N ALA P 119 57.60 50.94 -0.19
CA ALA P 119 58.85 51.56 0.21
C ALA P 119 60.08 50.74 -0.19
N ARG P 120 59.97 49.42 -0.13
CA ARG P 120 61.10 48.53 -0.41
C ARG P 120 60.66 47.30 -1.19
N PRO P 121 60.36 47.48 -2.49
CA PRO P 121 59.84 46.40 -3.34
C PRO P 121 60.76 45.20 -3.49
N GLU P 122 62.06 45.42 -3.34
CA GLU P 122 63.06 44.34 -3.40
C GLU P 122 62.87 43.26 -2.33
N VAL P 123 62.37 43.62 -1.14
CA VAL P 123 62.32 42.71 0.01
C VAL P 123 61.04 41.89 0.00
N LYS P 124 61.10 40.66 0.51
CA LYS P 124 59.92 39.85 0.83
C LYS P 124 59.92 39.76 2.37
N TRP P 125 59.14 40.62 3.01
CA TRP P 125 59.05 40.73 4.49
C TRP P 125 57.61 40.66 4.98
N THR P 126 57.39 40.00 6.12
CA THR P 126 56.07 39.80 6.73
C THR P 126 56.09 40.10 8.24
N HIS P 127 54.89 40.29 8.84
CA HIS P 127 54.77 40.54 10.28
C HIS P 127 55.39 39.39 11.07
N GLU P 128 55.23 38.17 10.53
CA GLU P 128 55.68 36.94 11.19
C GLU P 128 57.20 36.86 11.24
N GLN P 129 57.85 37.12 10.12
CA GLN P 129 59.32 37.12 10.08
C GLN P 129 59.86 38.10 11.09
N GLY P 130 59.20 39.25 11.20
CA GLY P 130 59.52 40.24 12.21
C GLY P 130 59.36 39.72 13.62
N SER P 131 58.30 38.95 13.84
CA SER P 131 58.07 38.35 15.17
C SER P 131 59.20 37.43 15.62
N VAL P 132 59.66 36.58 14.70
CA VAL P 132 60.78 35.70 14.99
C VAL P 132 62.01 36.51 15.37
N MET P 133 62.33 37.50 14.58
CA MET P 133 63.49 38.36 14.84
C MET P 133 63.35 39.13 16.14
N MET P 134 62.17 39.71 16.36
CA MET P 134 61.91 40.46 17.55
C MET P 134 61.86 39.56 18.79
N PHE P 135 61.46 38.31 18.61
CA PHE P 135 61.48 37.33 19.71
C PHE P 135 62.91 37.02 20.15
N GLU P 136 63.77 36.74 19.18
CA GLU P 136 65.22 36.58 19.40
C GLU P 136 65.78 37.78 20.15
N HIS P 137 65.50 38.99 19.67
CA HIS P 137 65.97 40.23 20.33
C HIS P 137 65.46 40.34 21.76
N LEU P 138 64.21 39.97 21.99
CA LEU P 138 63.61 40.02 23.33
C LEU P 138 64.34 39.10 24.30
N ILE P 139 64.58 37.87 23.86
CA ILE P 139 65.23 36.85 24.66
C ILE P 139 66.64 37.29 25.06
N ASN P 140 67.41 37.75 24.09
CA ASN P 140 68.81 38.08 24.28
C ASN P 140 68.98 39.34 25.10
N SER P 141 68.26 40.39 24.75
CA SER P 141 68.39 41.65 25.46
C SER P 141 67.82 41.63 26.90
N ASN P 142 67.04 40.62 27.29
CA ASN P 142 66.46 40.59 28.64
C ASN P 142 66.83 39.37 29.51
N GLY P 143 67.79 38.56 29.05
CA GLY P 143 68.28 37.42 29.82
C GLY P 143 67.21 36.41 30.19
N ILE P 144 66.42 36.04 29.20
CA ILE P 144 65.30 35.15 29.40
C ILE P 144 65.78 33.71 29.44
N LYS P 145 66.83 33.39 28.67
CA LYS P 145 67.34 32.02 28.56
C LYS P 145 67.59 31.31 29.91
N PRO P 146 68.24 32.00 30.88
CA PRO P 146 68.33 31.47 32.25
C PRO P 146 67.00 31.13 32.90
N VAL P 147 66.01 32.00 32.69
CA VAL P 147 64.69 31.84 33.28
C VAL P 147 63.95 30.66 32.64
N MET P 148 64.11 30.50 31.33
CA MET P 148 63.51 29.34 30.64
C MET P 148 64.02 28.04 31.26
N GLU P 149 65.33 27.94 31.44
CA GLU P 149 65.98 26.78 32.06
C GLU P 149 65.44 26.55 33.45
N GLN P 150 65.36 27.62 34.24
CA GLN P 150 64.83 27.54 35.60
C GLN P 150 63.47 26.85 35.68
N TYR P 151 62.63 27.06 34.67
CA TYR P 151 61.29 26.43 34.61
C TYR P 151 61.23 25.22 33.68
N GLY P 152 62.36 24.54 33.50
CA GLY P 152 62.38 23.25 32.80
C GLY P 152 62.40 23.26 31.29
N LEU P 153 62.64 24.42 30.68
CA LEU P 153 62.74 24.47 29.22
C LEU P 153 64.19 24.24 28.80
N ILE P 154 64.36 23.88 27.54
CA ILE P 154 65.66 23.67 26.93
C ILE P 154 65.82 24.65 25.75
N PRO P 155 66.41 25.82 26.00
CA PRO P 155 66.49 26.88 24.98
C PRO P 155 66.92 26.46 23.59
N GLU P 156 67.91 25.58 23.45
CA GLU P 156 68.32 25.09 22.13
C GLU P 156 67.11 24.59 21.34
N GLU P 157 66.44 23.58 21.87
CA GLU P 157 65.29 22.93 21.22
C GLU P 157 64.05 23.81 21.19
N ASP P 158 63.74 24.43 22.33
CA ASP P 158 62.45 25.11 22.50
C ASP P 158 62.33 26.48 21.83
N ILE P 159 63.39 27.27 21.80
CA ILE P 159 63.37 28.54 21.07
C ILE P 159 63.17 28.30 19.59
N CYS P 160 63.67 27.19 19.07
CA CYS P 160 63.39 26.79 17.70
C CYS P 160 61.89 26.45 17.55
N PHE P 161 61.38 25.65 18.47
CA PHE P 161 59.98 25.24 18.48
C PHE P 161 59.02 26.44 18.51
N ILE P 162 59.35 27.43 19.34
CA ILE P 162 58.56 28.64 19.43
C ILE P 162 58.56 29.41 18.12
N LYS P 163 59.75 29.63 17.55
CA LYS P 163 59.87 30.31 16.26
C LYS P 163 59.14 29.56 15.16
N GLU P 164 59.24 28.23 15.19
CA GLU P 164 58.58 27.39 14.20
C GLU P 164 57.05 27.48 14.27
N GLN P 165 56.51 27.60 15.48
CA GLN P 165 55.08 27.80 15.67
C GLN P 165 54.60 29.08 14.99
N ILE P 166 55.45 30.10 14.97
CA ILE P 166 55.09 31.41 14.46
C ILE P 166 55.16 31.50 12.93
N VAL P 167 56.31 31.17 12.34
CA VAL P 167 56.54 31.37 10.88
C VAL P 167 56.51 30.12 10.05
N GLY P 168 56.40 28.96 10.66
CA GLY P 168 56.51 27.69 9.93
C GLY P 168 57.93 27.20 9.97
N PRO P 169 58.28 26.29 9.05
CA PRO P 169 59.65 25.75 9.12
C PRO P 169 60.71 26.76 8.71
N LEU P 170 61.76 26.86 9.48
CA LEU P 170 62.81 27.87 9.27
C LEU P 170 63.73 27.44 8.05
N LEU P 178 59.69 14.46 3.80
CA LEU P 178 60.05 14.25 5.19
C LEU P 178 59.60 15.39 6.14
N TRP P 179 59.70 15.09 7.44
CA TRP P 179 59.24 15.98 8.52
C TRP P 179 60.07 17.27 8.59
N PRO P 180 59.48 18.42 8.23
CA PRO P 180 60.26 19.64 8.15
C PRO P 180 60.64 20.35 9.45
N TYR P 181 60.15 19.92 10.60
CA TYR P 181 60.40 20.65 11.85
C TYR P 181 61.54 20.06 12.67
N LYS P 182 62.41 20.93 13.18
CA LYS P 182 63.51 20.56 14.06
C LYS P 182 63.14 20.70 15.54
N GLY P 183 62.09 21.46 15.87
CA GLY P 183 61.76 21.79 17.25
C GLY P 183 61.04 20.71 18.02
N ARG P 184 60.23 19.91 17.33
CA ARG P 184 59.52 18.78 17.93
C ARG P 184 59.34 17.65 16.92
N PRO P 185 59.27 16.40 17.40
CA PRO P 185 59.04 15.25 16.51
C PRO P 185 57.65 15.15 15.92
N GLU P 186 57.48 14.22 14.99
CA GLU P 186 56.20 13.97 14.29
C GLU P 186 55.05 13.57 15.22
N ASN P 187 55.38 12.91 16.34
CA ASN P 187 54.37 12.48 17.31
C ASN P 187 53.80 13.63 18.14
N LYS P 188 54.31 14.84 17.92
CA LYS P 188 53.72 16.05 18.48
C LYS P 188 53.46 17.11 17.42
N SER P 189 53.11 16.70 16.20
CA SER P 189 52.80 17.67 15.13
C SER P 189 51.59 18.51 15.44
N PHE P 190 50.67 17.96 16.22
CA PHE P 190 49.46 18.69 16.61
C PHE P 190 49.75 20.00 17.32
N LEU P 191 50.87 20.09 18.02
CA LEU P 191 51.26 21.34 18.66
C LEU P 191 51.49 22.50 17.66
N TYR P 192 51.91 22.18 16.45
CA TYR P 192 52.08 23.21 15.42
C TYR P 192 50.78 23.76 14.83
N GLU P 193 49.67 23.07 15.06
CA GLU P 193 48.36 23.49 14.60
C GLU P 193 47.58 24.41 15.58
N ILE P 194 48.18 24.84 16.68
CA ILE P 194 47.47 25.65 17.68
C ILE P 194 47.55 27.16 17.40
N VAL P 195 48.74 27.69 17.32
CA VAL P 195 48.92 29.15 17.23
C VAL P 195 48.76 29.67 15.80
N SER P 196 49.32 28.95 14.84
CA SER P 196 49.24 29.35 13.43
C SER P 196 49.23 28.08 12.56
N ASN P 197 48.03 27.71 12.13
CA ASN P 197 47.77 26.42 11.50
C ASN P 197 48.04 26.55 10.01
N LYS P 198 49.15 25.97 9.55
CA LYS P 198 49.53 26.03 8.14
C LYS P 198 48.70 25.09 7.27
N ARG P 199 48.12 24.06 7.86
CA ARG P 199 47.38 23.03 7.12
C ARG P 199 46.08 23.59 6.56
N ASN P 200 45.28 24.18 7.44
CA ASN P 200 43.94 24.67 7.10
C ASN P 200 43.57 26.08 7.60
N GLY P 201 44.36 26.64 8.52
CA GLY P 201 44.09 27.99 9.02
C GLY P 201 43.25 28.09 10.28
N ILE P 202 42.74 26.97 10.79
CA ILE P 202 41.96 26.97 12.02
C ILE P 202 42.93 27.03 13.20
N ASP P 203 43.09 28.24 13.76
CA ASP P 203 44.04 28.50 14.86
C ASP P 203 43.47 29.48 15.90
N VAL P 204 44.15 29.62 17.02
CA VAL P 204 43.65 30.47 18.10
C VAL P 204 43.90 31.97 17.84
N ASP P 205 44.80 32.34 16.93
CA ASP P 205 44.96 33.75 16.49
C ASP P 205 43.58 34.21 16.03
N LYS P 206 42.97 33.42 15.14
CA LYS P 206 41.62 33.72 14.62
C LYS P 206 40.61 33.84 15.72
N TRP P 207 40.64 32.90 16.65
CA TRP P 207 39.57 32.80 17.64
C TRP P 207 39.57 34.03 18.53
N ASP P 208 40.76 34.49 18.89
CA ASP P 208 40.85 35.67 19.71
C ASP P 208 40.37 36.90 18.95
N TYR P 209 40.91 37.16 17.76
CA TYR P 209 40.57 38.41 17.08
C TYR P 209 39.11 38.48 16.62
N PHE P 210 38.47 37.34 16.34
CA PHE P 210 37.03 37.36 16.09
C PHE P 210 36.33 37.96 17.29
N ALA P 211 36.54 37.35 18.44
CA ALA P 211 35.91 37.76 19.69
C ALA P 211 36.27 39.18 20.03
N ARG P 212 37.54 39.53 19.91
CA ARG P 212 38.04 40.82 20.34
C ARG P 212 37.62 41.93 19.41
N ASP P 213 37.80 41.72 18.11
CA ASP P 213 37.49 42.77 17.13
C ASP P 213 35.99 43.05 17.19
N CYS P 214 35.18 41.99 17.23
CA CYS P 214 33.73 42.15 17.39
C CYS P 214 33.34 43.00 18.61
N HIS P 215 33.97 42.71 19.74
CA HIS P 215 33.67 43.40 20.99
C HIS P 215 33.86 44.89 20.84
N HIS P 216 34.96 45.28 20.22
CA HIS P 216 35.35 46.67 20.05
C HIS P 216 34.68 47.31 18.81
N LEU P 217 34.46 46.54 17.74
CA LEU P 217 33.87 47.10 16.51
C LEU P 217 32.42 47.51 16.72
N GLY P 218 31.71 46.68 17.46
CA GLY P 218 30.28 46.78 17.60
C GLY P 218 29.57 45.91 16.59
N ILE P 219 30.12 44.73 16.34
CA ILE P 219 29.50 43.70 15.54
C ILE P 219 29.46 42.47 16.44
N GLN P 220 28.43 41.64 16.33
CA GLN P 220 28.40 40.39 17.11
C GLN P 220 29.09 39.24 16.30
N ASN P 221 29.75 38.38 17.06
CA ASN P 221 30.56 37.28 16.57
C ASN P 221 29.72 36.01 16.58
N ASN P 222 29.71 35.31 15.45
CA ASN P 222 28.88 34.11 15.31
C ASN P 222 29.65 32.78 15.48
N PHE P 223 30.86 32.81 16.07
CA PHE P 223 31.71 31.60 16.16
C PHE P 223 32.07 31.25 17.60
N ASP P 224 31.83 30.00 17.99
CA ASP P 224 32.02 29.55 19.37
C ASP P 224 33.29 28.73 19.47
N TYR P 225 34.39 29.37 19.90
CA TYR P 225 35.69 28.66 19.99
C TYR P 225 35.69 27.65 21.12
N LYS P 226 35.01 27.98 22.22
CA LYS P 226 34.94 27.09 23.36
C LYS P 226 34.35 25.73 23.01
N ARG P 227 33.31 25.77 22.19
CA ARG P 227 32.64 24.59 21.71
C ARG P 227 33.59 23.75 20.86
N PHE P 228 34.33 24.40 19.97
CA PHE P 228 35.26 23.68 19.11
C PHE P 228 36.30 22.92 19.92
N ILE P 229 36.79 23.54 21.00
CA ILE P 229 37.73 22.91 21.91
C ILE P 229 37.11 21.69 22.59
N LYS P 230 35.88 21.76 23.01
CA LYS P 230 35.23 20.59 23.63
C LYS P 230 35.15 19.39 22.69
N PHE P 231 35.07 19.62 21.38
CA PHE P 231 34.98 18.53 20.42
C PHE P 231 36.23 18.41 19.56
N ALA P 232 37.37 18.77 20.12
CA ALA P 232 38.63 18.65 19.43
C ALA P 232 39.33 17.43 19.99
N ARG P 233 40.18 16.84 19.17
CA ARG P 233 40.81 15.58 19.52
C ARG P 233 41.94 15.29 18.55
N VAL P 234 42.99 14.63 19.04
CA VAL P 234 44.15 14.27 18.20
C VAL P 234 43.99 12.85 17.70
N CYS P 235 44.15 12.65 16.40
CA CYS P 235 44.08 11.32 15.76
C CYS P 235 45.24 11.17 14.82
N GLU P 236 45.50 9.93 14.40
CA GLU P 236 46.56 9.67 13.43
C GLU P 236 46.01 9.96 12.03
N VAL P 237 46.77 10.72 11.24
CA VAL P 237 46.45 11.00 9.84
C VAL P 237 47.74 10.96 9.04
N ASP P 238 47.88 10.01 8.12
CA ASP P 238 49.08 9.87 7.29
C ASP P 238 50.36 9.87 8.13
N ASN P 239 50.43 8.90 9.06
CA ASN P 239 51.62 8.64 9.91
C ASN P 239 52.07 9.83 10.77
N GLU P 240 51.09 10.65 11.17
CA GLU P 240 51.34 11.94 11.83
C GLU P 240 50.13 12.24 12.74
N LEU P 241 50.36 12.72 13.95
CA LEU P 241 49.27 13.01 14.91
C LEU P 241 48.74 14.45 14.79
N ARG P 242 47.52 14.62 14.26
CA ARG P 242 46.92 15.94 14.02
C ARG P 242 45.65 16.17 14.81
N ILE P 243 45.26 17.44 14.93
CA ILE P 243 44.01 17.80 15.59
C ILE P 243 42.88 17.53 14.60
N CYS P 244 41.81 16.96 15.14
CA CYS P 244 40.60 16.65 14.38
C CYS P 244 39.39 17.19 15.11
N ALA P 245 38.39 17.61 14.34
CA ALA P 245 37.13 18.08 14.89
C ALA P 245 36.09 16.98 14.75
N ARG P 246 35.01 17.09 15.52
CA ARG P 246 34.00 16.08 15.39
C ARG P 246 33.18 16.29 14.10
N ASP P 247 32.69 15.20 13.52
CA ASP P 247 31.85 15.22 12.29
C ASP P 247 30.78 16.29 12.28
N LYS P 248 30.07 16.45 13.39
CA LYS P 248 28.98 17.42 13.49
C LYS P 248 29.45 18.90 13.39
N GLU P 249 30.67 19.18 13.80
CA GLU P 249 31.19 20.55 13.69
C GLU P 249 31.48 21.06 12.27
N VAL P 250 31.41 20.20 11.26
CA VAL P 250 31.78 20.63 9.90
C VAL P 250 31.03 21.89 9.48
N GLY P 251 29.75 21.98 9.83
CA GLY P 251 28.97 23.16 9.52
C GLY P 251 29.51 24.42 10.18
N ASN P 252 29.80 24.31 11.47
CA ASN P 252 30.35 25.43 12.23
C ASN P 252 31.71 25.89 11.73
N LEU P 253 32.48 24.97 11.16
CA LEU P 253 33.76 25.31 10.57
C LEU P 253 33.61 26.07 9.26
N TYR P 254 32.65 25.71 8.41
CA TYR P 254 32.39 26.54 7.22
C TYR P 254 31.95 27.92 7.65
N ASP P 255 31.16 28.00 8.73
CA ASP P 255 30.67 29.29 9.26
C ASP P 255 31.79 30.11 9.88
N MET P 256 32.83 29.45 10.38
CA MET P 256 34.01 30.16 10.89
C MET P 256 34.64 30.99 9.77
N PHE P 257 34.83 30.39 8.61
CA PHE P 257 35.46 31.11 7.50
C PHE P 257 34.51 32.12 6.88
N HIS P 258 33.21 31.87 6.96
CA HIS P 258 32.20 32.84 6.57
C HIS P 258 32.28 34.08 7.45
N THR P 259 32.29 33.86 8.76
CA THR P 259 32.46 34.92 9.75
C THR P 259 33.70 35.76 9.44
N ARG P 260 34.80 35.09 9.11
CA ARG P 260 36.05 35.77 8.76
C ARG P 260 35.86 36.69 7.57
N ASN P 261 35.31 36.12 6.50
CA ASN P 261 35.10 36.84 5.27
C ASN P 261 34.15 38.01 5.50
N SER P 262 33.16 37.76 6.32
CA SER P 262 32.18 38.77 6.67
C SER P 262 32.80 39.95 7.45
N LEU P 263 33.68 39.66 8.39
CA LEU P 263 34.45 40.72 9.11
C LEU P 263 35.36 41.52 8.19
N HIS P 264 35.93 40.85 7.19
CA HIS P 264 36.72 41.56 6.19
C HIS P 264 35.87 42.48 5.35
N ARG P 265 34.69 42.01 4.95
CA ARG P 265 33.82 42.82 4.11
C ARG P 265 33.32 44.02 4.85
N ARG P 266 32.83 43.81 6.06
CA ARG P 266 32.26 44.91 6.84
C ARG P 266 33.28 45.89 7.40
N ALA P 267 34.36 45.36 7.97
CA ALA P 267 35.27 46.18 8.76
C ALA P 267 36.66 46.30 8.18
N TYR P 268 37.37 45.18 8.07
CA TYR P 268 38.81 45.26 7.81
C TYR P 268 39.11 45.87 6.43
N GLN P 269 38.31 45.49 5.42
CA GLN P 269 38.41 46.05 4.08
C GLN P 269 37.35 47.11 3.79
N HIS P 270 36.92 47.82 4.83
CA HIS P 270 35.97 48.92 4.66
C HIS P 270 36.56 49.97 3.72
N LYS P 271 35.76 50.41 2.76
CA LYS P 271 36.24 51.32 1.69
C LYS P 271 37.00 52.54 2.21
N VAL P 272 36.54 53.11 3.32
CA VAL P 272 37.15 54.31 3.90
C VAL P 272 38.30 53.94 4.83
N GLY P 273 38.19 52.80 5.51
CA GLY P 273 39.28 52.30 6.32
C GLY P 273 40.52 52.08 5.47
N ASN P 274 40.31 51.50 4.30
CA ASN P 274 41.38 51.26 3.33
C ASN P 274 41.95 52.55 2.75
N ILE P 275 41.10 53.53 2.48
CA ILE P 275 41.62 54.78 1.92
C ILE P 275 42.41 55.57 2.97
N ILE P 276 42.01 55.46 4.23
CA ILE P 276 42.78 56.06 5.29
C ILE P 276 44.12 55.35 5.46
N ASP P 277 44.12 54.03 5.34
CA ASP P 277 45.36 53.26 5.34
C ASP P 277 46.26 53.72 4.18
N THR P 278 45.72 53.85 2.96
CA THR P 278 46.56 54.29 1.83
C THR P 278 47.08 55.72 2.04
N MET P 279 46.26 56.59 2.64
CA MET P 279 46.70 57.97 2.93
C MET P 279 47.78 58.02 4.00
N ILE P 280 47.67 57.18 5.03
CA ILE P 280 48.72 57.12 6.04
C ILE P 280 49.99 56.52 5.46
N THR P 281 49.87 55.45 4.68
CA THR P 281 50.99 54.86 3.96
C THR P 281 51.69 55.90 3.10
N ASP P 282 50.89 56.67 2.36
CA ASP P 282 51.40 57.72 1.48
C ASP P 282 52.21 58.75 2.27
N ALA P 283 51.68 59.20 3.40
CA ALA P 283 52.39 60.12 4.28
C ALA P 283 53.67 59.53 4.86
N PHE P 284 53.68 58.23 5.11
CA PHE P 284 54.89 57.56 5.59
C PHE P 284 55.95 57.53 4.51
N LEU P 285 55.55 57.21 3.28
CA LEU P 285 56.48 57.22 2.14
C LEU P 285 57.12 58.60 1.97
N LYS P 286 56.33 59.66 2.10
CA LYS P 286 56.85 61.03 1.98
C LYS P 286 57.68 61.47 3.14
N ALA P 287 57.44 60.92 4.32
CA ALA P 287 58.22 61.22 5.52
C ALA P 287 59.44 60.34 5.69
N ASP P 288 59.57 59.29 4.87
CA ASP P 288 60.54 58.22 5.12
C ASP P 288 61.95 58.76 5.21
N ASP P 289 62.32 59.51 4.19
CA ASP P 289 63.65 60.06 3.98
C ASP P 289 64.13 60.94 5.14
N TYR P 290 63.23 61.67 5.78
CA TYR P 290 63.64 62.66 6.77
C TYR P 290 63.41 62.25 8.24
N ILE P 291 62.95 61.03 8.49
CA ILE P 291 62.80 60.53 9.86
C ILE P 291 63.89 59.53 10.18
N GLU P 292 64.58 59.82 11.29
CA GLU P 292 65.65 58.98 11.80
C GLU P 292 65.18 58.29 13.06
N ILE P 293 65.52 57.01 13.20
CA ILE P 293 65.22 56.24 14.41
C ILE P 293 66.50 55.56 14.87
N THR P 294 66.87 55.83 16.13
CA THR P 294 68.11 55.32 16.71
C THR P 294 68.03 53.83 16.91
N GLY P 295 69.01 53.12 16.37
CA GLY P 295 69.10 51.66 16.46
C GLY P 295 70.22 51.19 17.35
N ALA P 296 70.79 50.03 16.98
CA ALA P 296 71.85 49.41 17.74
C ALA P 296 73.16 50.12 17.47
N GLY P 297 73.89 50.40 18.54
CA GLY P 297 75.12 51.18 18.51
C GLY P 297 74.94 52.60 18.02
N GLY P 298 73.76 53.16 18.20
CA GLY P 298 73.46 54.50 17.71
C GLY P 298 73.22 54.70 16.22
N LYS P 299 73.34 53.66 15.40
CA LYS P 299 73.16 53.79 13.94
C LYS P 299 71.77 54.35 13.61
N LYS P 300 71.67 55.16 12.55
CA LYS P 300 70.39 55.78 12.17
C LYS P 300 69.66 54.90 11.15
N TYR P 301 68.39 54.60 11.45
CA TYR P 301 67.51 53.89 10.53
C TYR P 301 66.30 54.72 10.15
N ARG P 302 65.78 54.45 8.96
CA ARG P 302 64.57 55.09 8.45
C ARG P 302 63.38 54.21 8.82
N ILE P 303 62.17 54.71 8.55
CA ILE P 303 60.96 53.95 8.83
C ILE P 303 60.99 52.63 8.08
N SER P 304 61.28 52.71 6.79
CA SER P 304 61.34 51.52 5.94
C SER P 304 62.47 50.54 6.28
N THR P 305 63.57 51.03 6.87
CA THR P 305 64.73 50.21 7.18
C THR P 305 64.84 49.75 8.64
N ALA P 306 63.92 50.21 9.50
CA ALA P 306 63.95 49.79 10.90
C ALA P 306 63.68 48.30 11.07
N ILE P 307 62.98 47.71 10.11
CA ILE P 307 62.78 46.26 10.09
C ILE P 307 64.08 45.45 10.06
N ASP P 308 65.16 46.04 9.60
CA ASP P 308 66.45 45.38 9.57
C ASP P 308 67.13 45.27 10.93
N ASP P 309 66.87 46.23 11.83
CA ASP P 309 67.46 46.22 13.18
C ASP P 309 66.41 46.35 14.29
N MET P 310 66.28 45.29 15.10
CA MET P 310 65.21 45.20 16.09
C MET P 310 65.29 46.20 17.23
N GLU P 311 66.47 46.73 17.52
CA GLU P 311 66.55 47.74 18.56
C GLU P 311 65.90 49.04 18.10
N ALA P 312 65.97 49.29 16.81
CA ALA P 312 65.28 50.43 16.19
C ALA P 312 63.81 50.19 16.10
N TYR P 313 63.46 49.03 15.57
CA TYR P 313 62.05 48.61 15.39
C TYR P 313 61.24 48.60 16.68
N THR P 314 61.90 48.36 17.81
CA THR P 314 61.29 48.47 19.13
C THR P 314 60.67 49.86 19.38
N LYS P 315 61.29 50.89 18.82
CA LYS P 315 60.81 52.26 18.98
C LYS P 315 59.88 52.73 17.85
N LEU P 316 59.58 51.86 16.89
CA LEU P 316 58.72 52.19 15.75
C LEU P 316 57.29 51.69 15.96
N THR P 317 56.39 52.61 16.32
CA THR P 317 55.01 52.32 16.69
C THR P 317 54.06 53.31 16.00
N ASP P 318 52.78 53.27 16.37
CA ASP P 318 51.80 54.23 15.88
C ASP P 318 52.17 55.67 16.18
N ASN P 319 52.98 55.89 17.22
CA ASN P 319 53.59 57.18 17.50
C ASN P 319 54.03 57.96 16.27
N ILE P 320 54.60 57.25 15.32
CA ILE P 320 55.20 57.86 14.14
C ILE P 320 54.21 58.75 13.38
N PHE P 321 52.92 58.38 13.42
CA PHE P 321 51.82 59.20 12.91
C PHE P 321 51.80 60.56 13.60
N LEU P 322 51.73 60.56 14.91
CA LEU P 322 51.65 61.81 15.65
C LEU P 322 52.94 62.63 15.62
N GLU P 323 54.08 61.94 15.41
CA GLU P 323 55.36 62.60 15.27
C GLU P 323 55.34 63.45 14.02
N ILE P 324 54.91 62.85 12.91
CA ILE P 324 54.73 63.56 11.64
C ILE P 324 53.71 64.69 11.78
N LEU P 325 52.57 64.40 12.40
CA LEU P 325 51.50 65.39 12.51
C LEU P 325 51.90 66.61 13.32
N TYR P 326 52.53 66.39 14.46
CA TYR P 326 52.96 67.49 15.32
C TYR P 326 54.24 68.20 14.89
N SER P 327 54.97 67.68 13.90
CA SER P 327 56.26 68.27 13.53
C SER P 327 56.15 69.63 12.89
N THR P 328 57.25 70.38 12.98
CA THR P 328 57.42 71.68 12.35
C THR P 328 58.53 71.70 11.29
N ASP P 329 59.29 70.63 11.13
CA ASP P 329 60.33 70.53 10.09
C ASP P 329 59.68 70.75 8.71
N PRO P 330 60.20 71.72 7.92
CA PRO P 330 59.64 71.90 6.59
C PRO P 330 59.89 70.75 5.61
N LYS P 331 60.85 69.87 5.90
CA LYS P 331 61.07 68.69 5.07
C LYS P 331 59.88 67.72 5.11
N LEU P 332 59.20 67.69 6.27
CA LEU P 332 58.01 66.86 6.48
C LEU P 332 56.69 67.53 6.12
N LYS P 333 56.70 68.68 5.44
CA LYS P 333 55.46 69.41 5.16
C LYS P 333 54.53 68.60 4.26
N ASP P 334 55.06 67.93 3.24
CA ASP P 334 54.22 67.10 2.37
C ASP P 334 53.49 65.97 3.11
N ALA P 335 54.21 65.30 3.99
CA ALA P 335 53.63 64.21 4.80
C ALA P 335 52.61 64.75 5.81
N ARG P 336 53.00 65.77 6.56
CA ARG P 336 52.12 66.42 7.53
C ARG P 336 50.82 66.93 6.92
N GLU P 337 50.85 67.36 5.66
CA GLU P 337 49.63 67.86 5.00
C GLU P 337 48.65 66.74 4.72
N ILE P 338 49.13 65.55 4.38
CA ILE P 338 48.25 64.40 4.18
C ILE P 338 47.54 64.03 5.48
N LEU P 339 48.30 63.93 6.57
CA LEU P 339 47.73 63.59 7.86
C LEU P 339 46.78 64.66 8.38
N LYS P 340 47.06 65.93 8.07
CA LYS P 340 46.14 67.00 8.43
C LYS P 340 44.84 66.88 7.63
N GLN P 341 44.93 66.46 6.38
CA GLN P 341 43.73 66.21 5.56
C GLN P 341 42.85 65.07 6.09
N ILE P 342 43.43 64.12 6.83
CA ILE P 342 42.65 63.08 7.49
C ILE P 342 41.88 63.64 8.69
N GLU P 343 42.54 64.51 9.45
CA GLU P 343 41.88 65.16 10.61
C GLU P 343 40.63 65.91 10.17
N TYR P 344 40.79 66.72 9.13
CA TYR P 344 39.70 67.55 8.58
C TYR P 344 38.68 66.74 7.77
N ARG P 345 39.03 65.51 7.43
CA ARG P 345 38.16 64.57 6.73
C ARG P 345 38.03 64.89 5.24
N ASN P 346 39.09 65.44 4.64
CA ASN P 346 39.19 65.61 3.18
C ASN P 346 39.91 64.42 2.66
N LEU P 347 39.19 63.30 2.63
CA LEU P 347 39.75 62.05 2.18
C LEU P 347 39.56 61.96 0.68
N PHE P 348 40.38 61.13 0.05
CA PHE P 348 40.18 60.81 -1.35
C PHE P 348 38.79 60.18 -1.51
N LYS P 349 38.07 60.55 -2.56
CA LYS P 349 36.67 60.13 -2.69
C LYS P 349 36.54 58.76 -3.33
N TYR P 350 35.66 57.94 -2.76
CA TYR P 350 35.37 56.62 -3.27
C TYR P 350 34.49 56.77 -4.48
N VAL P 351 34.87 56.13 -5.58
CA VAL P 351 34.11 56.19 -6.82
C VAL P 351 33.17 55.00 -6.94
N GLY P 352 33.72 53.80 -6.70
CA GLY P 352 32.92 52.57 -6.75
C GLY P 352 33.75 51.30 -6.66
N GLU P 353 33.06 50.17 -6.65
CA GLU P 353 33.68 48.86 -6.50
C GLU P 353 33.26 48.03 -7.70
N THR P 354 34.13 47.12 -8.10
CA THR P 354 33.81 46.15 -9.16
C THR P 354 34.63 44.88 -9.02
N GLN P 355 34.18 43.85 -9.74
CA GLN P 355 34.82 42.53 -9.72
C GLN P 355 35.12 42.06 -11.14
N PRO P 356 36.19 41.25 -11.32
CA PRO P 356 36.34 40.55 -12.59
C PRO P 356 35.27 39.49 -12.81
N THR P 357 35.12 39.04 -14.06
CA THR P 357 34.19 37.94 -14.40
C THR P 357 34.93 36.78 -15.05
N GLY P 358 34.19 35.68 -15.20
CA GLY P 358 34.71 34.47 -15.78
C GLY P 358 35.62 33.99 -14.68
N GLN P 359 36.85 33.67 -15.04
CA GLN P 359 37.89 33.35 -14.11
C GLN P 359 39.11 34.19 -14.57
N ILE P 360 38.97 35.53 -14.57
CA ILE P 360 40.07 36.45 -14.92
C ILE P 360 40.71 36.97 -13.62
N LYS P 361 41.84 36.40 -13.19
CA LYS P 361 42.57 36.92 -12.01
C LYS P 361 43.43 38.10 -12.43
N ILE P 362 43.45 39.17 -11.66
CA ILE P 362 44.36 40.28 -11.88
C ILE P 362 45.66 40.03 -11.12
N LYS P 363 46.77 39.87 -11.85
CA LYS P 363 48.08 39.54 -11.25
C LYS P 363 48.63 40.77 -10.48
N ARG P 364 49.39 40.52 -9.42
CA ARG P 364 49.94 41.60 -8.57
C ARG P 364 50.89 42.56 -9.32
N GLU P 365 51.71 41.99 -10.20
CA GLU P 365 52.51 42.73 -11.20
C GLU P 365 51.78 43.88 -11.91
N ASP P 366 50.49 43.69 -12.23
CA ASP P 366 49.68 44.68 -12.98
C ASP P 366 49.05 45.83 -12.14
N TYR P 367 49.12 45.75 -10.81
CA TYR P 367 48.47 46.74 -9.93
C TYR P 367 48.94 48.17 -10.24
N GLU P 368 50.26 48.36 -10.43
CA GLU P 368 50.84 49.68 -10.75
C GLU P 368 50.18 50.32 -11.97
N SER P 369 49.83 49.50 -12.96
CA SER P 369 49.29 49.98 -14.25
C SER P 369 47.81 50.38 -14.31
N LEU P 370 47.03 50.02 -13.29
CA LEU P 370 45.58 50.17 -13.35
C LEU P 370 45.04 51.60 -13.32
N PRO P 371 45.66 52.51 -12.55
CA PRO P 371 45.25 53.92 -12.66
C PRO P 371 45.38 54.51 -14.08
N LYS P 372 46.45 54.13 -14.78
CA LYS P 372 46.63 54.49 -16.20
C LYS P 372 45.44 54.01 -17.03
N GLU P 373 45.01 52.78 -16.83
CA GLU P 373 43.90 52.21 -17.60
C GLU P 373 42.56 52.94 -17.41
N VAL P 374 42.31 53.43 -16.19
CA VAL P 374 41.04 54.12 -15.88
C VAL P 374 40.99 55.48 -16.58
N ALA P 375 42.07 56.25 -16.46
CA ALA P 375 42.21 57.53 -17.17
C ALA P 375 42.19 57.35 -18.70
N SER P 376 42.75 56.25 -19.18
CA SER P 376 42.75 55.91 -20.61
C SER P 376 41.41 55.55 -21.22
N ALA P 377 40.40 55.26 -20.40
CA ALA P 377 39.07 54.96 -20.93
C ALA P 377 38.49 56.21 -21.57
N LYS P 378 37.75 56.00 -22.65
CA LYS P 378 37.18 57.09 -23.43
C LYS P 378 35.66 56.93 -23.33
N PRO P 379 35.05 57.52 -22.27
CA PRO P 379 33.58 57.42 -22.11
C PRO P 379 32.86 58.35 -23.08
N LYS P 380 31.83 57.84 -23.76
CA LYS P 380 31.17 58.63 -24.84
C LYS P 380 30.25 59.72 -24.27
N VAL P 381 30.78 60.61 -23.45
CA VAL P 381 30.09 61.77 -22.89
C VAL P 381 31.02 62.95 -22.70
N LEU P 382 30.56 64.16 -22.99
CA LEU P 382 31.37 65.37 -22.79
C LEU P 382 31.58 65.67 -21.31
N LEU P 383 32.83 65.65 -20.90
CA LEU P 383 33.26 65.91 -19.52
C LEU P 383 33.84 67.33 -19.44
N ASP P 384 33.59 67.99 -18.31
CA ASP P 384 34.09 69.33 -18.06
C ASP P 384 35.57 69.35 -17.73
N VAL P 385 36.06 68.30 -17.07
CA VAL P 385 37.48 68.14 -16.74
C VAL P 385 38.03 66.79 -17.25
N LYS P 386 39.25 66.81 -17.80
CA LYS P 386 40.00 65.58 -18.12
C LYS P 386 40.86 65.24 -16.90
N LEU P 387 40.96 63.95 -16.56
CA LEU P 387 41.71 63.48 -15.38
C LEU P 387 42.90 62.60 -15.78
N LYS P 388 44.07 62.90 -15.22
CA LYS P 388 45.31 62.13 -15.48
C LYS P 388 45.34 60.89 -14.56
N ALA P 389 46.23 59.95 -14.86
CA ALA P 389 46.31 58.67 -14.11
C ALA P 389 46.74 58.82 -12.64
N GLU P 390 47.58 59.80 -12.34
CA GLU P 390 47.98 60.12 -10.97
C GLU P 390 46.81 60.57 -10.06
N ASP P 391 45.69 60.99 -10.66
CA ASP P 391 44.49 61.38 -9.93
C ASP P 391 43.71 60.17 -9.36
N PHE P 392 43.86 58.99 -9.99
CA PHE P 392 43.18 57.78 -9.55
C PHE P 392 44.01 56.89 -8.62
N ILE P 393 43.33 56.24 -7.68
CA ILE P 393 43.86 55.13 -6.89
C ILE P 393 43.01 53.92 -7.15
N VAL P 394 43.64 52.79 -7.42
CA VAL P 394 42.92 51.53 -7.61
C VAL P 394 43.48 50.52 -6.64
N ASP P 395 42.62 50.08 -5.72
CA ASP P 395 42.97 49.20 -4.63
C ASP P 395 42.39 47.85 -5.00
N VAL P 396 43.23 46.83 -5.11
CA VAL P 396 42.75 45.49 -5.42
C VAL P 396 42.87 44.65 -4.18
N ILE P 397 41.81 43.89 -3.89
CA ILE P 397 41.67 43.18 -2.63
C ILE P 397 41.29 41.74 -2.90
N ASN P 398 42.08 40.80 -2.39
CA ASN P 398 41.81 39.37 -2.55
C ASN P 398 41.07 38.82 -1.35
N MET P 399 39.80 38.50 -1.53
CA MET P 399 39.00 37.88 -0.49
C MET P 399 39.02 36.39 -0.73
N ASP P 400 39.44 35.62 0.27
CA ASP P 400 39.47 34.16 0.18
C ASP P 400 39.11 33.52 1.52
N TYR P 401 39.15 32.19 1.56
CA TYR P 401 38.97 31.43 2.78
C TYR P 401 40.34 31.02 3.35
N GLY P 402 41.34 31.87 3.17
CA GLY P 402 42.65 31.67 3.78
C GLY P 402 43.63 30.81 3.00
N MET P 403 43.19 30.15 1.93
CA MET P 403 44.06 29.25 1.18
C MET P 403 43.85 29.49 -0.30
N GLN P 404 44.05 30.73 -0.69
CA GLN P 404 43.81 31.17 -2.05
C GLN P 404 42.52 30.53 -2.58
N GLU P 405 42.58 29.75 -3.66
CA GLU P 405 41.39 29.22 -4.30
C GLU P 405 40.85 27.95 -3.68
N LYS P 406 41.52 27.41 -2.66
CA LYS P 406 41.15 26.14 -2.03
C LYS P 406 40.14 26.28 -0.90
N ASN P 407 39.36 25.22 -0.73
CA ASN P 407 38.40 25.06 0.36
C ASN P 407 39.18 24.51 1.54
N PRO P 408 39.35 25.30 2.62
CA PRO P 408 40.15 24.80 3.74
C PRO P 408 39.53 23.62 4.49
N ILE P 409 38.22 23.43 4.36
CA ILE P 409 37.56 22.29 5.01
C ILE P 409 37.96 20.97 4.37
N ASP P 410 38.36 21.00 3.09
CA ASP P 410 38.96 19.82 2.46
C ASP P 410 40.32 19.46 3.08
N HIS P 411 40.93 20.38 3.80
CA HIS P 411 42.14 20.10 4.59
C HIS P 411 41.93 20.01 6.11
N VAL P 412 40.74 19.57 6.55
CA VAL P 412 40.44 19.30 7.96
C VAL P 412 40.10 17.84 8.10
N SER P 413 40.60 17.23 9.18
CA SER P 413 40.30 15.85 9.51
C SER P 413 39.19 15.84 10.56
N PHE P 414 38.25 14.89 10.43
CA PHE P 414 37.12 14.77 11.34
C PHE P 414 37.09 13.41 12.03
N TYR P 415 36.27 13.26 13.07
CA TYR P 415 36.08 11.95 13.73
C TYR P 415 34.62 11.73 14.10
N CYS P 416 34.21 10.47 14.29
CA CYS P 416 32.83 10.14 14.66
C CYS P 416 32.71 9.65 16.07
N LYS P 417 31.51 9.79 16.64
CA LYS P 417 31.25 9.34 18.00
C LYS P 417 31.53 7.85 18.13
N THR P 418 31.12 7.11 17.10
CA THR P 418 31.25 5.66 17.04
C THR P 418 32.68 5.13 16.90
N ALA P 419 33.62 5.95 16.43
CA ALA P 419 35.03 5.56 16.24
C ALA P 419 35.95 6.76 16.36
N PRO P 420 36.20 7.17 17.61
CA PRO P 420 36.83 8.47 17.86
C PRO P 420 38.32 8.55 17.57
N ASN P 421 38.98 7.44 17.27
CA ASN P 421 40.39 7.48 16.86
C ASN P 421 40.60 7.40 15.36
N ARG P 422 39.51 7.14 14.63
CA ARG P 422 39.55 7.01 13.20
C ARG P 422 39.19 8.31 12.53
N ALA P 423 40.20 8.94 11.95
CA ALA P 423 40.06 10.21 11.24
C ALA P 423 39.44 10.00 9.88
N ILE P 424 38.65 10.97 9.42
CA ILE P 424 37.99 10.92 8.12
C ILE P 424 37.98 12.29 7.46
N ARG P 425 37.53 12.33 6.21
CA ARG P 425 37.36 13.58 5.47
C ARG P 425 35.90 13.78 5.18
N ILE P 426 35.48 15.04 5.06
CA ILE P 426 34.10 15.37 4.73
C ILE P 426 34.18 16.37 3.57
N THR P 427 33.60 16.01 2.44
CA THR P 427 33.64 16.87 1.25
C THR P 427 32.58 17.93 1.35
N LYS P 428 32.55 18.85 0.39
CA LYS P 428 31.54 19.90 0.40
C LYS P 428 30.15 19.34 0.12
N ASN P 429 30.04 18.42 -0.84
CA ASN P 429 28.75 17.80 -1.21
C ASN P 429 28.05 17.06 -0.07
N GLN P 430 28.85 16.51 0.82
CA GLN P 430 28.32 15.80 1.99
C GLN P 430 27.66 16.74 3.02
N VAL P 431 27.93 18.05 2.94
CA VAL P 431 27.44 19.01 3.94
C VAL P 431 26.20 19.79 3.50
N SER P 432 26.33 20.55 2.42
CA SER P 432 25.24 21.44 1.97
C SER P 432 25.45 21.97 0.56
N GLN P 433 24.34 22.09 -0.16
CA GLN P 433 24.31 22.76 -1.45
C GLN P 433 24.28 24.29 -1.34
N LEU P 434 24.02 24.82 -0.15
CA LEU P 434 24.01 26.27 0.08
C LEU P 434 25.37 26.88 0.46
N LEU P 435 26.43 26.10 0.36
CA LEU P 435 27.79 26.61 0.61
C LEU P 435 28.31 27.33 -0.60
N PRO P 436 29.42 28.06 -0.48
CA PRO P 436 29.97 28.79 -1.62
C PRO P 436 30.46 27.88 -2.75
N GLU P 437 30.36 28.36 -3.98
CA GLU P 437 30.80 27.64 -5.15
C GLU P 437 32.33 27.77 -5.28
N LYS P 438 32.78 29.02 -5.21
CA LYS P 438 34.21 29.38 -5.18
C LYS P 438 34.64 29.73 -3.76
N PHE P 439 35.94 29.78 -3.53
CA PHE P 439 36.51 30.18 -2.23
C PHE P 439 37.51 31.34 -2.31
N ALA P 440 37.47 32.06 -3.41
CA ALA P 440 38.27 33.27 -3.59
C ALA P 440 37.67 34.15 -4.65
N GLU P 441 37.91 35.45 -4.51
CA GLU P 441 37.48 36.45 -5.48
C GLU P 441 38.32 37.70 -5.30
N GLN P 442 38.14 38.65 -6.19
CA GLN P 442 38.83 39.92 -6.13
C GLN P 442 37.86 41.06 -6.12
N LEU P 443 38.19 42.09 -5.34
CA LEU P 443 37.42 43.32 -5.32
C LEU P 443 38.32 44.44 -5.76
N ILE P 444 37.80 45.29 -6.64
CA ILE P 444 38.55 46.42 -7.15
C ILE P 444 37.81 47.68 -6.77
N ARG P 445 38.42 48.47 -5.90
CA ARG P 445 37.89 49.75 -5.48
C ARG P 445 38.66 50.84 -6.18
N VAL P 446 37.95 51.82 -6.72
CA VAL P 446 38.57 52.95 -7.37
C VAL P 446 38.23 54.20 -6.58
N TYR P 447 39.23 55.03 -6.31
CA TYR P 447 39.02 56.31 -5.65
C TYR P 447 39.60 57.41 -6.52
N CYS P 448 39.25 58.66 -6.24
CA CYS P 448 39.76 59.81 -6.97
C CYS P 448 40.36 60.79 -5.99
N LYS P 449 41.59 61.26 -6.26
CA LYS P 449 42.26 62.22 -5.38
C LYS P 449 41.68 63.64 -5.45
N LYS P 450 41.05 64.00 -6.55
CA LYS P 450 40.39 65.29 -6.66
C LYS P 450 38.96 65.18 -6.08
N VAL P 451 38.69 66.07 -5.12
CA VAL P 451 37.52 65.98 -4.24
C VAL P 451 36.27 66.69 -4.80
N ASP P 452 36.46 67.78 -5.55
CA ASP P 452 35.38 68.67 -6.05
C ASP P 452 34.24 68.01 -6.85
N ARG P 453 33.08 68.66 -6.90
CA ARG P 453 31.86 68.15 -7.56
C ARG P 453 32.10 67.76 -9.04
N LYS P 454 32.86 68.60 -9.77
CA LYS P 454 33.11 68.40 -11.21
C LYS P 454 34.00 67.19 -11.49
N SER P 455 35.08 67.04 -10.72
CA SER P 455 36.04 65.94 -10.91
C SER P 455 35.47 64.58 -10.51
N LEU P 456 34.64 64.57 -9.47
CA LEU P 456 33.99 63.35 -9.02
C LEU P 456 33.02 62.83 -10.08
N TYR P 457 32.26 63.71 -10.72
CA TYR P 457 31.39 63.31 -11.83
C TYR P 457 32.21 62.64 -12.94
N ALA P 458 33.33 63.27 -13.30
CA ALA P 458 34.19 62.77 -14.35
C ALA P 458 34.75 61.41 -14.00
N ALA P 459 35.28 61.31 -12.78
CA ALA P 459 35.86 60.07 -12.27
C ALA P 459 34.88 58.91 -12.39
N ARG P 460 33.63 59.13 -12.02
CA ARG P 460 32.57 58.13 -12.14
C ARG P 460 32.37 57.64 -13.57
N GLN P 461 32.47 58.55 -14.53
CA GLN P 461 32.29 58.19 -15.94
C GLN P 461 33.48 57.35 -16.42
N TYR P 462 34.70 57.79 -16.12
CA TYR P 462 35.88 57.01 -16.43
C TYR P 462 35.80 55.60 -15.85
N PHE P 463 35.40 55.51 -14.58
CA PHE P 463 35.30 54.23 -13.88
C PHE P 463 34.27 53.29 -14.50
N VAL P 464 33.04 53.74 -14.68
CA VAL P 464 31.97 52.87 -15.16
C VAL P 464 32.24 52.42 -16.59
N GLN P 465 32.96 53.26 -17.35
CA GLN P 465 33.40 52.90 -18.69
C GLN P 465 34.46 51.81 -18.59
N TRP P 466 35.51 52.10 -17.83
CA TRP P 466 36.60 51.13 -17.62
C TRP P 466 36.11 49.74 -17.23
N CYS P 467 35.03 49.71 -16.44
CA CYS P 467 34.35 48.46 -16.09
C CYS P 467 33.75 47.77 -17.31
N ALA P 468 33.05 48.53 -18.15
CA ALA P 468 32.50 47.98 -19.39
C ALA P 468 33.62 47.53 -20.34
N ASP P 469 34.67 48.33 -20.45
CA ASP P 469 35.82 48.05 -21.32
C ASP P 469 36.49 46.72 -20.98
N ARG P 470 36.59 46.40 -19.70
CA ARG P 470 37.30 45.17 -19.27
C ARG P 470 36.39 43.99 -18.91
N ASN P 471 35.12 44.10 -19.30
CA ASN P 471 34.09 43.10 -19.00
C ASN P 471 34.01 42.74 -17.51
N PHE P 472 34.11 43.77 -16.66
CA PHE P 472 33.89 43.63 -15.21
C PHE P 472 32.40 43.74 -14.87
N THR P 473 32.06 43.47 -13.62
CA THR P 473 30.68 43.52 -13.14
C THR P 473 30.21 44.96 -13.09
N LYS P 474 28.91 45.14 -13.25
CA LYS P 474 28.30 46.46 -13.18
C LYS P 474 28.38 46.97 -11.76
N PRO P 475 28.93 48.18 -11.55
CA PRO P 475 28.86 48.76 -10.22
C PRO P 475 27.43 48.79 -9.69
N GLN P 476 27.24 48.49 -8.41
CA GLN P 476 25.91 48.41 -7.79
C GLN P 476 25.09 49.67 -8.04
N ASP P 477 25.73 50.81 -7.83
CA ASP P 477 25.14 52.14 -8.06
C ASP P 477 25.31 52.67 -9.51
N GLY P 478 25.63 51.79 -10.46
CA GLY P 478 26.14 52.20 -11.77
C GLY P 478 25.14 52.97 -12.62
N ASP P 479 23.88 52.56 -12.58
CA ASP P 479 22.82 53.23 -13.32
C ASP P 479 22.56 54.65 -12.84
N VAL P 480 22.87 54.90 -11.57
CA VAL P 480 22.70 56.23 -10.99
C VAL P 480 23.90 57.15 -11.31
N ILE P 481 25.11 56.70 -11.00
CA ILE P 481 26.31 57.53 -11.15
C ILE P 481 26.74 57.82 -12.59
N ALA P 482 26.41 56.90 -13.50
CA ALA P 482 26.77 57.04 -14.91
C ALA P 482 25.64 56.46 -15.77
N PRO P 483 24.49 57.15 -15.81
CA PRO P 483 23.30 56.62 -16.49
C PRO P 483 23.43 56.61 -18.02
N LEU P 484 24.33 57.45 -18.55
CA LEU P 484 24.61 57.52 -19.97
C LEU P 484 25.54 56.41 -20.45
N ILE P 485 26.29 55.78 -19.54
CA ILE P 485 27.27 54.74 -19.89
C ILE P 485 26.75 53.30 -19.75
N THR P 486 25.90 53.03 -18.76
CA THR P 486 25.43 51.65 -18.50
C THR P 486 24.60 50.98 -19.62
N PRO P 487 23.77 51.74 -20.39
CA PRO P 487 23.11 51.01 -21.49
C PRO P 487 24.05 50.56 -22.63
N GLN P 488 25.18 51.25 -22.83
CA GLN P 488 26.23 50.85 -23.81
C GLN P 488 26.57 49.35 -23.78
N LYS P 489 26.67 48.75 -22.61
CA LYS P 489 27.05 47.33 -22.47
C LYS P 489 25.82 46.41 -22.56
N LYS P 490 25.82 45.55 -23.60
CA LYS P 490 24.75 44.56 -23.84
C LYS P 490 24.60 43.60 -22.67
N GLU P 491 25.73 43.15 -22.12
CA GLU P 491 25.75 42.17 -21.02
C GLU P 491 25.07 42.64 -19.72
N TRP P 492 24.96 43.96 -19.48
CA TRP P 492 24.31 44.48 -18.25
C TRP P 492 22.79 44.67 -18.41
FE FE Q . -27.07 -20.57 -34.48
MG MG R . -26.38 -17.62 -36.76
MG MG S . -25.44 -14.55 -32.40
MG MG T . -46.17 -38.43 -34.95
N1 XG4 U . -14.83 -23.12 -35.48
C2 XG4 U . -15.73 -24.11 -35.13
N2 XG4 U . -15.35 -25.38 -35.27
N3 XG4 U . -16.96 -23.85 -34.69
C4 XG4 U . -17.23 -22.53 -34.62
C5 XG4 U . -16.40 -21.49 -34.94
C6 XG4 U . -15.10 -21.76 -35.41
O6 XG4 U . -14.24 -20.96 -35.79
N7 XG4 U . -17.05 -20.28 -34.73
C8 XG4 U . -18.25 -20.63 -34.28
N9 XG4 U . -18.41 -21.96 -34.20
PA XG4 U . -24.11 -19.50 -35.10
PB XG4 U . -23.15 -17.01 -33.92
PG XG4 U . -22.14 -15.66 -31.55
C1' XG4 U . -19.58 -22.68 -33.74
O1A XG4 U . -24.86 -18.80 -36.28
O1B XG4 U . -21.83 -17.12 -34.65
O1G XG4 U . -20.78 -15.41 -32.21
C2' XG4 U . -19.85 -22.48 -32.26
O2A XG4 U . -24.62 -20.76 -34.40
O2B XG4 U . -24.05 -15.80 -34.12
O2G XG4 U . -23.25 -14.53 -31.78
C3' XG4 U . -21.36 -22.41 -32.19
O3' XG4 U . -21.90 -23.71 -31.99
N3A XG4 U . -24.04 -18.37 -33.94
O3B XG4 U . -22.78 -16.92 -32.35
O3G XG4 U . -21.93 -16.13 -30.12
C4' XG4 U . -21.78 -21.85 -33.56
O4' XG4 U . -20.71 -22.21 -34.48
C5' XG4 U . -22.01 -20.35 -33.64
O5' XG4 U . -22.56 -19.99 -34.97
C1 CZF V . -39.66 -37.45 -34.84
C2 CZF V . -40.76 -34.84 -38.41
C3 CZF V . -40.82 -36.68 -34.21
C4 CZF V . -42.03 -37.56 -34.51
C5 CZF V . -39.34 -35.93 -36.86
C6 CZF V . -41.41 -38.92 -34.84
C7 CZF V . -38.22 -35.41 -37.49
C8 CZF V . -42.19 -39.85 -35.74
C9 CZF V . -38.34 -34.58 -38.62
C10 CZF V . -37.51 -36.57 -35.84
N1 CZF V . -39.66 -34.34 -39.03
N2 CZF V . -40.59 -35.65 -37.32
N3 CZF V . -37.08 -35.83 -36.83
N4 CZF V . -38.88 -36.68 -35.80
O1 CZF V . -41.87 -34.55 -38.82
O2 CZF V . -40.56 -36.56 -32.83
O3 CZF V . -42.94 -37.62 -33.41
O4 CZF V . -40.19 -38.55 -35.52
O5 CZF V . -42.28 -39.26 -37.07
O6 CZF V . -37.41 -34.09 -39.25
O7 CZF V . -44.31 -40.30 -38.05
O8 CZF V . -43.56 -38.05 -38.88
O9 CZF V . -44.60 -38.33 -36.56
O10 CZF V . -46.64 -39.86 -38.50
O11 CZF V . -45.88 -42.23 -38.03
O12 CZF V . -45.92 -40.45 -36.15
O13 CZF V . -49.05 -39.48 -38.25
O14 CZF V . -47.52 -38.45 -36.57
O15 CZF V . -47.61 -37.57 -38.94
P1 CZF V . -43.73 -38.87 -37.65
P2 CZF V . -45.75 -40.81 -37.59
P3 CZF V . -47.76 -38.77 -38.04
S SO4 W . -27.13 0.76 -25.84
O1 SO4 W . -25.89 1.03 -25.02
O2 SO4 W . -27.45 -0.68 -25.99
O3 SO4 W . -28.31 1.29 -25.12
O4 SO4 W . -27.09 1.43 -27.18
N1 XG4 X . -26.54 -19.78 -9.99
C2 XG4 X . -27.39 -20.80 -9.65
N2 XG4 X . -27.43 -21.85 -10.49
N3 XG4 X . -28.17 -20.79 -8.56
C4 XG4 X . -28.00 -19.67 -7.81
C5 XG4 X . -27.18 -18.60 -8.09
C6 XG4 X . -26.36 -18.61 -9.26
O6 XG4 X . -25.61 -17.71 -9.66
N7 XG4 X . -27.30 -17.64 -7.08
C8 XG4 X . -28.20 -18.12 -6.26
N9 XG4 X . -28.63 -19.35 -6.63
PA XG4 X . -30.88 -15.79 -5.36
PB XG4 X . -32.14 -14.22 -3.15
PG XG4 X . -33.31 -11.70 -3.73
C1' XG4 X . -29.68 -20.10 -5.97
O1A XG4 X . -29.52 -15.15 -5.11
O1B XG4 X . -33.47 -14.30 -2.42
O1G XG4 X . -34.02 -11.77 -2.34
C2' XG4 X . -29.74 -20.12 -4.45
O2A XG4 X . -31.32 -15.93 -6.80
O2B XG4 X . -30.87 -14.14 -2.33
O2G XG4 X . -32.42 -10.44 -3.90
C3' XG4 X . -31.24 -20.30 -4.20
O3' XG4 X . -31.65 -21.66 -4.30
N3A XG4 X . -32.12 -15.14 -4.51
O3B XG4 X . -32.16 -12.83 -3.92
O3G XG4 X . -34.34 -11.97 -4.81
C4' XG4 X . -31.88 -19.48 -5.32
O4' XG4 X . -30.90 -19.48 -6.39
C5' XG4 X . -32.24 -18.07 -4.98
O5' XG4 X . -31.00 -17.30 -4.83
FE FE Y . -20.27 -52.41 -32.13
MG MG Z . -20.55 -55.34 -34.08
MG MG AA . -22.40 -58.33 -29.33
MG MG BA . -1.20 -34.60 -30.48
N1 XG4 CA . -31.95 -50.51 -35.89
C2 XG4 CA . -31.14 -49.45 -35.53
N2 XG4 CA . -31.49 -48.23 -35.98
N3 XG4 CA . -30.03 -49.59 -34.81
C4 XG4 CA . -29.80 -50.87 -34.46
C5 XG4 CA . -30.55 -52.00 -34.75
C6 XG4 CA . -31.74 -51.84 -35.54
O6 XG4 CA . -32.54 -52.71 -35.94
N7 XG4 CA . -29.95 -53.12 -34.17
C8 XG4 CA . -28.89 -52.66 -33.55
N9 XG4 CA . -28.73 -51.30 -33.71
PA XG4 CA . -23.13 -53.51 -33.09
PB XG4 CA . -24.02 -55.97 -31.88
PG XG4 CA . -25.53 -57.04 -29.78
C1' XG4 CA . -27.71 -50.40 -33.18
O1A XG4 CA . -22.29 -54.15 -34.21
O1B XG4 CA . -24.90 -55.98 -33.12
O1G XG4 CA . -24.25 -57.93 -29.67
C2' XG4 CA . -27.77 -50.26 -31.66
O2A XG4 CA . -22.65 -52.21 -32.47
O2B XG4 CA . -23.06 -57.13 -31.63
O2G XG4 CA . -25.90 -56.37 -28.50
C3' XG4 CA . -26.30 -50.32 -31.24
O3' XG4 CA . -25.72 -49.02 -31.20
N3A XG4 CA . -23.26 -54.53 -31.82
O3B XG4 CA . -25.14 -55.88 -30.77
O3G XG4 CA . -26.71 -57.71 -30.47
C4' XG4 CA . -25.63 -51.13 -32.35
O4' XG4 CA . -26.43 -50.92 -33.53
C5' XG4 CA . -25.46 -52.62 -32.12
O5' XG4 CA . -24.71 -53.20 -33.25
C1 CZF DA . -7.56 -35.68 -31.56
C2 CZF DA . -5.94 -38.65 -34.57
C3 CZF DA . -6.51 -36.35 -30.70
C4 CZF DA . -5.25 -35.52 -30.96
C5 CZF DA . -7.57 -37.42 -33.40
C6 CZF DA . -5.84 -34.20 -31.45
C7 CZF DA . -8.55 -38.01 -34.15
C8 CZF DA . -4.93 -33.29 -32.22
C9 CZF DA . -8.26 -38.94 -35.15
C10 CZF DA . -9.52 -36.65 -32.79
N1 CZF DA . -6.92 -39.22 -35.30
N2 CZF DA . -6.28 -37.73 -33.61
N3 CZF DA . -9.79 -37.52 -33.74
N4 CZF DA . -8.18 -36.55 -32.53
O1 CZF DA . -4.78 -38.96 -34.79
O2 CZF DA . -7.01 -36.37 -29.37
O3 CZF DA . -4.42 -35.34 -29.83
O4 CZF DA . -6.92 -34.65 -32.28
O5 CZF DA . -4.66 -33.87 -33.50
O6 CZF DA . -9.06 -39.50 -35.89
O7 CZF DA . -2.37 -33.09 -34.17
O8 CZF DA . -3.35 -35.25 -35.10
O9 CZF DA . -2.56 -35.12 -32.69
O10 CZF DA . -0.05 -33.53 -33.86
O11 CZF DA . -0.89 -31.22 -33.55
O12 CZF DA . -1.32 -33.10 -31.81
O13 CZF DA . 2.32 -33.70 -33.20
O14 CZF DA . 0.62 -34.65 -31.63
O15 CZF DA . 0.86 -35.64 -33.91
P1 CZF DA . -3.19 -34.44 -33.87
P2 CZF DA . -1.17 -32.63 -33.23
P3 CZF DA . 1.00 -34.42 -33.08
S SO4 EA . -21.81 -72.69 -21.22
O1 SO4 EA . -20.56 -73.31 -20.72
O2 SO4 EA . -22.18 -73.35 -22.51
O3 SO4 EA . -21.53 -71.27 -21.45
O4 SO4 EA . -22.92 -72.74 -20.22
N1 XG4 FA . -25.61 -50.49 -8.23
C2 XG4 FA . -24.83 -49.42 -7.85
N2 XG4 FA . -24.58 -48.48 -8.78
N3 XG4 FA . -24.32 -49.27 -6.62
C4 XG4 FA . -24.66 -50.30 -5.81
C5 XG4 FA . -25.44 -51.40 -6.10
C6 XG4 FA . -26.00 -51.55 -7.40
O6 XG4 FA . -26.69 -52.49 -7.83
N7 XG4 FA . -25.52 -52.23 -5.00
C8 XG4 FA . -24.78 -51.65 -4.09
N9 XG4 FA . -24.26 -50.46 -4.51
PA XG4 FA . -22.62 -53.99 -2.39
PB XG4 FA . -21.51 -54.84 0.26
PG XG4 FA . -20.27 -57.54 0.04
C1' XG4 FA . -23.34 -49.57 -3.81
O1A XG4 FA . -23.97 -54.58 -2.09
O1B XG4 FA . -20.32 -54.67 1.16
O1G XG4 FA . -19.43 -57.42 1.32
C2' XG4 FA . -23.60 -49.31 -2.33
O2A XG4 FA . -22.17 -53.98 -3.81
O2B XG4 FA . -22.85 -54.77 0.89
O2G XG4 FA . -21.17 -58.75 0.00
C3' XG4 FA . -22.20 -49.33 -1.70
O3' XG4 FA . -21.61 -48.03 -1.64
N3A XG4 FA . -21.44 -54.44 -1.33
O3B XG4 FA . -21.41 -56.39 -0.06
O3G XG4 FA . -19.45 -57.40 -1.19
C4' XG4 FA . -21.41 -50.25 -2.63
O4' XG4 FA . -22.07 -50.21 -3.91
C5' XG4 FA . -21.28 -51.69 -2.15
O5' XG4 FA . -22.57 -52.40 -2.22
N1 XG4 GA . -38.75 -42.54 -24.72
C2 XG4 GA . -38.10 -41.38 -25.05
N2 XG4 GA . -37.38 -40.82 -24.08
N3 XG4 GA . -38.17 -40.80 -26.25
C4 XG4 GA . -38.92 -41.54 -27.11
C5 XG4 GA . -39.57 -42.72 -26.88
C6 XG4 GA . -39.52 -43.32 -25.60
O6 XG4 GA . -40.09 -44.36 -25.21
N7 XG4 GA . -40.24 -43.13 -28.03
C8 XG4 GA . -40.00 -42.18 -28.90
N9 XG4 GA . -39.16 -41.22 -28.40
PA XG4 GA . -42.95 -41.07 -30.54
PB XG4 GA . -44.50 -40.70 -33.00
PG XG4 GA . -47.40 -40.66 -32.97
C1' XG4 GA . -38.76 -40.01 -29.05
O1A XG4 GA . -42.77 -42.55 -30.69
O1B XG4 GA . -44.80 -39.53 -33.89
O1G XG4 GA . -47.39 -40.04 -34.35
C2' XG4 GA . -38.52 -40.08 -30.54
O2A XG4 GA . -43.27 -40.57 -29.17
O2B XG4 GA . -43.75 -41.88 -33.56
O2G XG4 GA . -48.27 -41.85 -32.87
C3' XG4 GA . -39.06 -38.75 -31.06
O3' XG4 GA . -38.02 -37.78 -31.08
N3A XG4 GA . -44.03 -40.31 -31.49
O3B XG4 GA . -45.95 -41.27 -32.62
O3G XG4 GA . -47.65 -39.65 -31.91
C4' XG4 GA . -40.17 -38.41 -30.07
O4' XG4 GA . -39.84 -39.11 -28.83
C5' XG4 GA . -41.56 -38.81 -30.49
O5' XG4 GA . -41.60 -40.24 -30.78
FE FE HA . -42.84 -38.61 -0.69
MG MG IA . -45.48 -40.23 1.22
MG MG JA . -47.18 -43.57 -3.27
MG MG KA . -35.30 -13.53 -1.81
N1 XG4 LA . -35.90 -48.35 2.91
C2 XG4 LA . -35.25 -47.18 2.58
N2 XG4 LA . -33.98 -47.11 3.00
N3 XG4 LA . -35.82 -46.16 1.93
C4 XG4 LA . -37.10 -46.45 1.59
C5 XG4 LA . -37.82 -47.58 1.86
C6 XG4 LA . -37.23 -48.63 2.59
O6 XG4 LA . -37.76 -49.70 2.91
N7 XG4 LA . -39.10 -47.49 1.33
C8 XG4 LA . -39.12 -46.34 0.71
N9 XG4 LA . -37.94 -45.63 0.88
PA XG4 LA . -42.69 -41.59 0.20
PB XG4 LA . -44.40 -43.69 -1.13
PG XG4 LA . -44.27 -45.59 -3.28
C1' XG4 LA . -37.63 -44.35 0.35
O1A XG4 LA . -43.83 -41.06 1.11
O1B XG4 LA . -43.99 -44.56 0.05
O1G XG4 LA . -43.25 -45.91 -4.34
C2' XG4 LA . -37.70 -44.38 -1.16
O2A XG4 LA . -41.71 -40.61 -0.44
O2B XG4 LA . -45.87 -43.42 -1.46
O2G XG4 LA . -44.40 -46.70 -2.24
C3' XG4 LA . -38.32 -43.03 -1.50
O3' XG4 LA . -37.32 -42.01 -1.51
N3A XG4 LA . -43.55 -42.26 -1.04
O3B XG4 LA . -43.72 -44.34 -2.44
O3G XG4 LA . -45.62 -45.08 -3.80
C4' XG4 LA . -39.28 -42.83 -0.33
O4' XG4 LA . -38.62 -43.42 0.81
C5' XG4 LA . -40.70 -43.37 -0.50
O5' XG4 LA . -41.62 -42.81 0.56
C1 CZF MA . -33.54 -19.73 -0.63
C2 CZF MA . -37.18 -19.64 2.03
C3 CZF MA . -34.59 -19.11 -1.55
C4 CZF MA . -34.35 -17.61 -1.39
C5 CZF MA . -35.19 -20.50 1.10
C6 CZF MA . -32.91 -17.58 -0.85
C7 CZF MA . -35.29 -21.63 1.89
C8 CZF MA . -32.46 -16.37 -0.08
C9 CZF MA . -36.34 -21.81 2.80
C10 CZF MA . -33.54 -21.89 0.69
N1 CZF MA . -37.27 -20.77 2.81
N2 CZF MA . -36.11 -19.51 1.18
N3 CZF MA . -34.23 -22.48 1.62
N4 CZF MA . -34.07 -20.66 0.35
O1 CZF MA . -38.03 -18.78 2.10
O2 CZF MA . -34.34 -19.62 -2.85
O3 CZF MA . -34.55 -16.88 -2.61
O4 CZF MA . -32.89 -18.70 0.06
O5 CZF MA . -33.29 -16.22 1.07
O6 CZF MA . -36.49 -22.77 3.54
O7 CZF MA . -33.65 -13.98 1.88
O8 CZF MA . -35.48 -15.74 2.07
O9 CZF MA . -34.83 -14.47 -0.16
O10 CZF MA . -34.92 -11.88 1.85
O11 CZF MA . -32.54 -11.88 2.54
O12 CZF MA . -33.17 -12.36 0.05
O13 CZF MA . -36.12 -9.96 0.93
O14 CZF MA . -35.66 -12.06 -0.46
O15 CZF MA . -37.39 -12.10 1.42
P1 CZF MA . -34.46 -15.13 1.15
P2 CZF MA . -33.46 -12.46 1.51
P3 CZF MA . -36.13 -11.46 0.89
S SO4 NA . -59.89 -49.15 -11.56
O1 SO4 NA . -58.59 -48.45 -11.48
O2 SO4 NA . -59.72 -50.59 -11.93
O3 SO4 NA . -60.70 -48.47 -12.60
O4 SO4 NA . -60.48 -49.09 -10.20
C1 CZF OA . -20.73 -49.40 2.16
C2 CZF OA . -17.93 -48.95 5.70
C3 CZF OA . -19.52 -50.22 1.71
C4 CZF OA . -19.83 -51.62 2.24
C5 CZF OA . -19.54 -48.29 4.11
C6 CZF OA . -21.36 -51.60 2.36
C7 CZF OA . -19.60 -47.02 4.68
C8 CZF OA . -21.99 -52.61 3.30
C9 CZF OA . -18.80 -46.68 5.80
C10 CZF OA . -20.96 -47.03 3.05
N1 CZF OA . -17.97 -47.71 6.26
N2 CZF OA . -18.73 -49.23 4.62
N3 CZF OA . -20.51 -46.24 3.99
N4 CZF OA . -20.42 -48.29 3.07
O1 CZF OA . -17.20 -49.82 6.15
O2 CZF OA . -19.47 -50.17 0.31
O3 CZF OA . -19.35 -52.65 1.38
O4 CZF OA . -21.62 -50.27 2.83
O5 CZF OA . -21.32 -52.57 4.60
O6 CZF OA . -18.77 -45.60 6.37
O7 CZF OA . -21.40 -54.96 5.19
O8 CZF OA . -19.62 -53.49 6.23
O9 CZF OA . -19.56 -54.15 3.78
O10 CZF OA . -19.98 -56.81 5.55
O11 CZF OA . -22.44 -57.20 4.94
O12 CZF OA . -20.78 -56.33 3.17
O13 CZF OA . -18.37 -58.69 5.78
O14 CZF OA . -17.52 -56.39 6.11
O15 CZF OA . -18.20 -57.09 3.82
P1 CZF OA . -20.36 -53.78 4.98
P2 CZF OA . -21.22 -56.42 4.60
P3 CZF OA . -18.43 -57.26 5.31
N1 XG4 PA . -10.62 -29.53 -22.39
C2 XG4 PA . -11.13 -30.76 -22.73
N2 XG4 PA . -12.02 -31.31 -21.87
N3 XG4 PA . -10.79 -31.41 -23.83
C4 XG4 PA . -9.89 -30.73 -24.59
C5 XG4 PA . -9.32 -29.51 -24.32
C6 XG4 PA . -9.66 -28.82 -23.13
O6 XG4 PA . -9.19 -27.74 -22.72
N7 XG4 PA . -8.44 -29.16 -25.34
C8 XG4 PA . -8.49 -30.16 -26.18
N9 XG4 PA . -9.36 -31.14 -25.79
PA XG4 PA . -5.24 -31.57 -27.02
PB XG4 PA . -3.29 -32.20 -29.13
PG XG4 PA . -0.49 -32.01 -28.57
C1' XG4 PA . -9.66 -32.43 -26.46
O1A XG4 PA . -5.20 -30.16 -27.56
O1B XG4 PA . -2.77 -33.37 -29.94
O1G XG4 PA . 0.18 -32.83 -29.74
C2' XG4 PA . -9.57 -32.45 -27.97
O2A XG4 PA . -5.31 -31.69 -25.53
O2B XG4 PA . -3.96 -31.05 -29.82
O2G XG4 PA . 0.07 -30.60 -28.34
C3' XG4 PA . -9.10 -33.87 -28.23
O3' XG4 PA . -10.22 -34.75 -28.20
N3A XG4 PA . -4.03 -32.47 -27.68
O3B XG4 PA . -1.94 -31.43 -28.86
O3G XG4 PA . -0.63 -32.88 -27.32
C4' XG4 PA . -8.15 -34.14 -27.09
O4' XG4 PA . -8.67 -33.36 -25.99
C5' XG4 PA . -6.70 -33.76 -27.31
O5' XG4 PA . -6.58 -32.33 -27.48
FE FE QA . -11.38 -30.42 2.13
MG MG RA . -9.17 -28.65 4.36
MG MG SA . -6.33 -26.14 0.12
MG MG TA . -18.85 -55.82 2.19
N1 XG4 UA . -18.88 -20.59 3.21
C2 XG4 UA . -19.35 -21.86 2.95
N2 XG4 UA . -20.66 -22.07 3.17
N3 XG4 UA . -18.57 -22.84 2.49
C4 XG4 UA . -17.29 -22.46 2.34
C5 XG4 UA . -16.71 -21.24 2.59
C6 XG4 UA . -17.54 -20.19 3.08
O6 XG4 UA . -17.22 -19.01 3.35
N7 XG4 UA . -15.35 -21.26 2.29
C8 XG4 UA . -15.13 -22.49 1.86
N9 XG4 UA . -16.30 -23.26 1.86
PA XG4 UA . -11.55 -27.35 2.64
PB XG4 UA . -9.70 -25.38 1.56
PG XG4 UA . -9.13 -23.81 -0.75
C1' XG4 UA . -16.51 -24.62 1.44
O1A XG4 UA . -10.55 -27.80 3.77
O1B XG4 UA . -10.22 -24.58 2.74
O1G XG4 UA . -7.83 -24.73 -0.73
C2' XG4 UA . -16.28 -24.86 -0.05
O2A XG4 UA . -12.52 -28.36 2.03
O2B XG4 UA . -8.19 -25.63 1.33
O2G XG4 UA . -9.79 -23.54 -2.12
C3' XG4 UA . -15.62 -26.24 -0.04
O3' XG4 UA . -16.62 -27.26 -0.06
N3A XG4 UA . -10.60 -26.73 1.48
O3B XG4 UA . -10.15 -24.65 0.19
O3G XG4 UA . -9.01 -22.53 0.07
C4' XG4 UA . -14.80 -26.25 1.28
O4' XG4 UA . -15.57 -25.40 2.17
C5' XG4 UA . -13.34 -25.81 1.26
O5' XG4 UA . -12.60 -26.11 2.56
S SO4 VA . 7.84 -21.16 -6.30
O1 SO4 VA . 9.22 -21.61 -6.65
O2 SO4 VA . 6.91 -22.25 -6.63
O3 SO4 VA . 7.67 -20.81 -4.84
O4 SO4 VA . 7.55 -19.95 -7.12
FE FE WA . -46.77 43.25 -3.51
MG MG XA . -45.51 43.76 -6.95
MG MG YA . -47.37 38.61 -9.32
MG MG ZA . -35.97 46.93 20.12
N1 XG4 AB . -57.07 49.01 -8.15
C2 XG4 AB . -56.81 49.09 -6.79
N2 XG4 AB . -57.45 50.07 -6.11
N3 XG4 AB . -55.97 48.26 -6.16
C4 XG4 AB . -55.40 47.34 -7.00
C5 XG4 AB . -55.60 47.20 -8.35
C6 XG4 AB . -56.49 48.08 -9.03
O6 XG4 AB . -56.77 48.09 -10.23
N7 XG4 AB . -54.83 46.14 -8.85
C8 XG4 AB . -54.21 45.67 -7.79
N9 XG4 AB . -54.51 46.37 -6.63
PA XG4 AB . -48.73 43.97 -6.06
PB XG4 AB . -49.32 41.96 -8.23
PG XG4 AB . -51.12 39.86 -8.95
C1' XG4 AB . -54.01 46.11 -5.27
O1A XG4 AB . -47.41 44.45 -6.64
O1B XG4 AB . -49.76 43.11 -9.14
O1G XG4 AB . -49.78 39.07 -8.84
C2' XG4 AB . -54.52 44.77 -4.75
O2A XG4 AB . -48.84 43.86 -4.55
O2B XG4 AB . -48.28 40.95 -8.67
O2G XG4 AB . -52.28 39.11 -8.32
C3' XG4 AB . -53.28 44.11 -4.13
O3' XG4 AB . -53.22 44.37 -2.72
N3A XG4 AB . -48.83 42.46 -6.73
O3B XG4 AB . -50.73 41.17 -8.08
O3G XG4 AB . -51.47 40.40 -10.32
C4' XG4 AB . -52.10 44.77 -4.85
O4' XG4 AB . -52.59 46.06 -5.29
C5' XG4 AB . -51.46 44.01 -6.00
O5' XG4 AB . -50.19 44.64 -6.45
C1 CZF BB . -41.37 48.38 15.94
C2 CZF BB . -37.80 49.36 13.31
C3 CZF BB . -40.47 47.16 16.12
C4 CZF BB . -39.44 47.62 17.16
C5 CZF BB . -40.09 49.29 13.94
C6 CZF BB . -40.29 48.63 17.96
C7 CZF BB . -40.46 49.91 12.77
C8 CZF BB . -39.54 49.66 18.77
C9 CZF BB . -39.49 50.29 11.81
C10 CZF BB . -42.27 49.56 13.87
N1 CZF BB . -38.18 49.99 12.16
N2 CZF BB . -38.79 49.01 14.20
N3 CZF BB . -41.85 50.08 12.75
N4 CZF BB . -41.25 49.05 14.65
O1 CZF BB . -36.63 49.13 13.56
O2 CZF BB . -41.22 46.06 16.57
O3 CZF BB . -38.86 46.57 17.95
O4 CZF BB . -41.07 49.31 16.94
O5 CZF BB . -38.54 50.30 17.93
O6 CZF BB . -39.70 50.84 10.74
O7 CZF BB . -36.92 50.94 19.66
O8 CZF BB . -36.18 50.71 17.30
O9 CZF BB . -36.81 48.64 18.73
O10 CZF BB . -34.61 50.52 20.18
O11 CZF BB . -36.15 51.59 21.97
O12 CZF BB . -36.34 49.10 21.24
O13 CZF BB . -32.52 49.52 20.90
O14 CZF BB . -34.29 48.01 19.97
O15 CZF BB . -33.16 49.64 18.45
P1 CZF BB . -37.03 50.08 18.34
P2 CZF BB . -36.04 50.53 20.92
P3 CZF BB . -33.59 49.35 19.86
S SO4 CB . -44.57 25.37 -17.61
O1 SO4 CB . -44.52 25.50 -16.13
O2 SO4 CB . -43.76 24.18 -17.96
O3 SO4 CB . -44.10 26.65 -18.28
O4 SO4 CB . -45.94 24.97 -18.02
N1 XG4 DB . -59.00 23.03 3.67
C2 XG4 DB . -58.77 23.09 5.02
N2 XG4 DB . -58.64 24.32 5.53
N3 XG4 DB . -58.64 22.02 5.81
C4 XG4 DB . -58.81 20.86 5.12
C5 XG4 DB . -59.06 20.71 3.78
C6 XG4 DB . -59.17 21.85 2.94
O6 XG4 DB . -59.38 21.87 1.73
N7 XG4 DB . -59.17 19.36 3.45
C8 XG4 DB . -58.96 18.72 4.58
N9 XG4 DB . -58.76 19.58 5.62
PA XG4 DB . -56.53 16.12 4.24
PB XG4 DB . -55.99 13.21 4.36
PG XG4 DB . -53.90 12.02 2.72
C1' XG4 DB . -58.52 19.19 7.00
O1A XG4 DB . -57.57 15.75 3.21
O1B XG4 DB . -55.40 12.20 5.32
O1G XG4 DB . -53.99 10.71 3.48
C2' XG4 DB . -59.14 17.89 7.47
O2A XG4 DB . -55.65 17.29 3.97
O2B XG4 DB . -57.40 13.03 3.88
O2G XG4 DB . -54.07 11.88 1.23
C3' XG4 DB . -58.09 17.34 8.43
O3' XG4 DB . -58.20 17.93 9.72
N3A XG4 DB . -55.66 14.81 4.72
O3B XG4 DB . -55.12 13.03 3.03
O3G XG4 DB . -52.71 12.79 3.15
C4' XG4 DB . -56.80 17.79 7.77
O4' XG4 DB . -57.10 19.04 7.11
C5' XG4 DB . -56.18 16.83 6.76
O5' XG4 DB . -57.12 16.58 5.65
FE FE EB . -62.89 59.49 19.68
MG MG FB . -62.64 62.55 21.54
MG MG GB . -64.11 60.00 26.50
MG MG HB . -74.27 54.91 -3.33
N1 XG4 IB . -50.95 57.95 22.44
C2 XG4 IB . -51.54 57.35 21.36
N2 XG4 IB . -50.73 56.80 20.44
N3 XG4 IB . -52.87 57.28 21.20
C4 XG4 IB . -53.53 57.85 22.23
C5 XG4 IB . -53.03 58.46 23.35
C6 XG4 IB . -51.63 58.56 23.50
O6 XG4 IB . -50.99 59.09 24.42
N7 XG4 IB . -54.06 58.92 24.17
C8 XG4 IB . -55.16 58.51 23.56
N9 XG4 IB . -54.89 57.89 22.34
PA XG4 IB . -60.56 60.18 21.59
PB XG4 IB . -61.07 60.13 24.42
PG XG4 IB . -61.03 58.40 26.76
C1' XG4 IB . -55.80 57.26 21.35
O1A XG4 IB . -60.89 61.68 21.40
O1B XG4 IB . -59.68 60.71 24.49
O1G XG4 IB . -61.49 56.96 26.73
C2' XG4 IB . -56.51 56.03 21.89
O2A XG4 IB . -60.83 59.19 20.48
O2B XG4 IB . -62.26 60.85 25.00
O2G XG4 IB . -59.66 58.50 27.44
C3' XG4 IB . -57.86 56.09 21.18
O3' XG4 IB . -57.76 55.46 19.90
N3A XG4 IB . -61.40 59.67 22.90
O3B XG4 IB . -60.78 58.75 25.18
O3G XG4 IB . -62.10 59.41 27.34
C4' XG4 IB . -58.10 57.60 21.10
O4' XG4 IB . -56.79 58.19 20.91
C5' XG4 IB . -58.79 58.25 22.30
O5' XG4 IB . -59.07 59.71 22.06
C1 CZF JB . -68.74 54.34 0.02
C2 CZF JB . -69.69 58.73 0.62
C3 CZF JB . -70.23 54.35 0.35
C4 CZF JB . -70.90 54.51 -1.01
C5 CZF JB . -68.41 56.73 0.75
C6 CZF JB . -69.83 53.96 -1.96
C7 CZF JB . -67.40 57.40 1.42
C8 CZF JB . -69.91 54.39 -3.41
C9 CZF JB . -67.51 58.79 1.72
C10 CZF JB . -66.78 55.36 1.24
N1 CZF JB . -68.70 59.38 1.29
N2 CZF JB . -69.52 57.39 0.34
N3 CZF JB . -66.38 56.52 1.72
N4 CZF JB . -68.01 55.42 0.62
O1 CZF JB . -70.70 59.30 0.26
O2 CZF JB . -70.56 53.16 1.01
O3 CZF JB . -72.12 53.81 -1.18
O4 CZF JB . -68.61 54.47 -1.37
O5 CZF JB . -69.77 55.83 -3.52
O6 CZF JB . -66.68 59.46 2.32
O7 CZF JB . -71.19 56.52 -5.42
O8 CZF JB . -70.73 58.12 -3.50
O9 CZF JB . -72.27 56.13 -3.22
O10 CZF JB . -73.36 57.30 -6.11
O11 CZF JB . -72.14 55.51 -7.45
O12 CZF JB . -73.24 55.00 -5.17
O13 CZF JB . -75.50 58.37 -6.71
O14 CZF JB . -75.52 56.38 -5.12
O15 CZF JB . -74.55 58.57 -4.38
P1 CZF JB . -71.06 56.72 -3.85
P2 CZF JB . -72.52 55.94 -6.08
P3 CZF JB . -74.82 57.66 -5.55
S SO4 KB . -72.66 60.88 40.24
O1 SO4 KB . -71.75 61.96 40.74
O2 SO4 KB . -72.06 59.54 40.49
O3 SO4 KB . -74.04 60.88 40.80
O4 SO4 KB . -72.85 61.12 38.81
N1 XG4 LB . -69.88 37.60 28.72
C2 XG4 LB . -70.41 37.00 27.61
N2 XG4 LB . -69.91 37.43 26.44
N3 XG4 LB . -71.38 36.08 27.64
C4 XG4 LB . -71.75 35.78 28.90
C5 XG4 LB . -71.26 36.31 30.07
C6 XG4 LB . -70.27 37.32 30.03
O6 XG4 LB . -69.76 37.94 30.98
N7 XG4 LB . -71.90 35.74 31.16
C8 XG4 LB . -72.73 34.86 30.65
N9 XG4 LB . -72.69 34.85 29.27
PA XG4 LB . -76.24 35.55 31.70
PB XG4 LB . -78.51 34.33 33.06
PG XG4 LB . -80.30 36.24 34.36
C1' XG4 LB . -73.49 34.05 28.35
O1A XG4 LB . -75.32 35.01 32.74
O1B XG4 LB . -79.79 33.83 32.45
O1G XG4 LB . -81.64 35.55 34.23
C2' XG4 LB . -74.06 32.75 28.93
O2A XG4 LB . -76.06 36.94 31.22
O2B XG4 LB . -77.57 33.38 33.76
O2G XG4 LB . -80.10 36.94 35.69
C3' XG4 LB . -75.43 32.66 28.28
O3' XG4 LB . -75.33 32.00 27.01
N3A XG4 LB . -77.83 35.40 32.01
O3B XG4 LB . -79.11 35.14 34.30
O3G XG4 LB . -79.96 37.09 33.14
C4' XG4 LB . -75.84 34.12 28.10
O4' XG4 LB . -74.60 34.86 27.96
C5' XG4 LB . -76.65 34.70 29.23
O5' XG4 LB . -75.90 34.62 30.47
N1 XG4 MB . -49.10 42.44 22.65
C2 XG4 MB . -48.94 42.46 21.29
N2 XG4 MB . -49.77 41.65 20.62
N3 XG4 MB . -48.04 43.21 20.66
C4 XG4 MB . -47.33 43.99 21.52
C5 XG4 MB . -47.43 44.06 22.89
C6 XG4 MB . -48.37 43.22 23.56
O6 XG4 MB . -48.58 43.16 24.78
N7 XG4 MB . -46.55 44.97 23.41
C8 XG4 MB . -45.93 45.47 22.36
N9 XG4 MB . -46.36 44.88 21.18
PA XG4 MB . -41.69 45.56 21.96
PB XG4 MB . -39.21 47.13 21.51
PG XG4 MB . -37.00 46.24 23.09
C1' XG4 MB . -45.90 45.13 19.77
O1A XG4 MB . -42.21 46.19 23.25
O1B XG4 MB . -38.15 47.25 20.44
O1G XG4 MB . -37.28 46.57 24.52
C2' XG4 MB . -45.21 46.46 19.47
O2A XG4 MB . -41.16 44.16 22.04
O2B XG4 MB . -39.54 48.31 22.37
O2G XG4 MB . -36.36 44.91 22.87
C3' XG4 MB . -44.18 46.14 18.38
O3' XG4 MB . -44.69 46.21 17.05
N3A XG4 MB . -40.67 46.48 21.08
O3B XG4 MB . -38.49 46.12 22.52
O3G XG4 MB . -36.23 47.29 22.33
C4' XG4 MB . -43.81 44.70 18.75
O4' XG4 MB . -44.95 44.12 19.42
C5' XG4 MB . -42.59 44.62 19.65
O5' XG4 MB . -42.86 45.28 20.91
FE FE NB . -55.66 20.32 30.21
MG MG OB . -55.00 18.96 33.19
MG MG PB . -52.47 23.85 34.76
MG MG QB . -53.96 10.75 5.54
N1 XG4 RB . -66.41 24.36 35.64
C2 XG4 RB . -66.35 24.17 34.28
N2 XG4 RB . -67.54 24.07 33.64
N3 XG4 RB . -65.19 24.04 33.62
C4 XG4 RB . -64.09 24.13 34.44
C5 XG4 RB . -64.07 24.29 35.81
C6 XG4 RB . -65.29 24.38 36.50
O6 XG4 RB . -65.42 24.52 37.71
N7 XG4 RB . -62.77 24.35 36.29
C8 XG4 RB . -62.02 24.25 35.21
N9 XG4 RB . -62.77 24.08 34.05
PA XG4 RB . -57.31 21.11 32.63
PB XG4 RB . -55.88 22.78 34.77
PG XG4 RB . -55.35 25.49 35.51
C1' XG4 RB . -62.29 23.95 32.69
O1A XG4 RB . -57.07 19.63 32.96
O1B XG4 RB . -57.11 22.33 35.53
O1G XG4 RB . -53.85 25.00 35.63
C2' XG4 RB . -61.63 25.24 32.20
O2A XG4 RB . -57.38 21.55 31.17
O2B XG4 RB . -54.50 22.62 35.40
O2G XG4 RB . -55.52 26.83 34.83
C3' XG4 RB . -60.50 24.73 31.30
O3' XG4 RB . -60.95 24.58 29.97
N3A XG4 RB . -56.04 21.97 33.32
O3B XG4 RB . -55.99 24.37 34.50
O3G XG4 RB . -56.13 25.49 36.86
C4' XG4 RB . -60.14 23.35 31.88
O4' XG4 RB . -61.30 22.93 32.65
C5' XG4 RB . -58.89 23.29 32.73
O5' XG4 RB . -58.61 21.90 33.20
C1 CZF SB . -57.73 13.59 10.25
C2 CZF SB . -56.23 10.11 12.80
C3 CZF SB . -56.23 13.61 9.88
C4 CZF SB . -56.18 12.73 8.62
C5 CZF SB . -57.50 12.04 12.28
C6 CZF SB . -57.62 12.79 8.10
C7 CZF SB . -58.08 12.01 13.51
C8 CZF SB . -58.05 11.68 7.17
C9 CZF SB . -57.77 11.03 14.44
C10 CZF SB . -58.92 13.68 12.48
N1 CZF SB . -56.82 10.10 14.03
N2 CZF SB . -56.58 11.12 11.92
N3 CZF SB . -58.98 13.05 13.63
N4 CZF SB . -58.03 13.12 11.60
O1 CZF SB . -55.40 9.24 12.49
O2 CZF SB . -55.83 14.95 9.69
O3 CZF SB . -55.28 13.16 7.61
O4 CZF SB . -58.39 12.74 9.32
O5 CZF SB . -57.83 10.42 7.82
O6 CZF SB . -58.25 10.92 15.57
O7 CZF SB . -57.17 8.72 6.30
O8 CZF SB . -56.37 8.50 8.64
O9 CZF SB . -55.37 10.28 7.09
O10 CZF SB . -55.44 7.33 5.40
O11 CZF SB . -57.32 8.14 3.97
O12 CZF SB . -55.48 9.76 4.74
O13 CZF SB . -53.50 6.51 4.17
O14 CZF SB . -53.33 8.67 5.52
O15 CZF SB . -53.46 6.46 6.71
P1 CZF SB . -56.56 9.48 7.52
P2 CZF SB . -56.34 8.56 4.98
P3 CZF SB . -53.83 7.24 5.46
S SO4 TB . -39.71 29.75 42.96
O1 SO4 TB . -38.38 30.40 43.03
O2 SO4 TB . -39.68 28.27 43.14
O3 SO4 TB . -40.64 30.29 43.99
O4 SO4 TB . -40.20 30.11 41.61
N1 XG4 UB . -68.92 42.68 -0.17
C2 XG4 UB . -68.70 43.48 0.93
N2 XG4 UB . -68.52 42.84 2.10
N3 XG4 UB . -68.64 44.81 0.89
C4 XG4 UB . -68.82 45.28 -0.36
C5 XG4 UB . -69.06 44.57 -1.52
C6 XG4 UB . -69.12 43.15 -1.46
O6 XG4 UB . -69.36 42.32 -2.37
N7 XG4 UB . -69.18 45.44 -2.60
C8 XG4 UB . -69.03 46.64 -2.08
N9 XG4 UB . -68.81 46.61 -0.71
PA XG4 UB . -71.65 49.28 -2.75
PB XG4 UB . -72.40 51.86 -4.01
PG XG4 UB . -74.99 52.19 -5.16
C1' XG4 UB . -68.64 47.75 0.25
O1A XG4 UB . -70.71 48.82 -3.83
O1B XG4 UB . -72.81 53.23 -3.50
O1G XG4 UB . -75.04 53.69 -4.86
C2' XG4 UB . -67.91 48.99 -0.25
O2A XG4 UB . -72.62 48.32 -2.16
O2B XG4 UB . -71.14 51.69 -4.82
O2G XG4 UB . -75.38 51.81 -6.56
C3' XG4 UB . -68.59 50.15 0.47
O3' XG4 UB . -67.96 50.49 1.70
N3A XG4 UB . -72.61 50.58 -3.00
O3B XG4 UB . -73.52 51.63 -5.09
O3G XG4 UB . -75.62 51.36 -4.12
C4' XG4 UB . -70.01 49.62 0.68
O4' XG4 UB . -69.95 48.18 0.63
C5' XG4 UB . -71.02 50.11 -0.33
O5' XG4 UB . -70.59 49.74 -1.65
FE FE VB . -80.55 23.16 8.94
MG MG WB . -82.89 21.01 7.08
MG MG XB . -82.31 23.93 2.11
MG MG YB . -81.79 33.51 32.76
N1 XG4 ZB . -71.85 15.18 5.03
C2 XG4 ZB . -71.57 15.96 6.12
N2 XG4 ZB . -70.56 15.58 6.92
N3 XG4 ZB . -72.28 17.05 6.44
C4 XG4 ZB . -73.26 17.32 5.53
C5 XG4 ZB . -73.60 16.60 4.42
C6 XG4 ZB . -72.88 15.43 4.11
O6 XG4 ZB . -73.05 14.67 3.16
N7 XG4 ZB . -74.66 17.20 3.75
C8 XG4 ZB . -74.94 18.26 4.47
N9 XG4 ZB . -74.11 18.39 5.57
PA XG4 ZB . -79.63 20.97 6.77
PB XG4 ZB . -80.13 21.45 3.88
PG XG4 ZB . -79.10 22.85 1.67
C1' XG4 ZB . -74.10 19.39 6.59
O1A XG4 ZB . -81.09 20.54 7.11
O1B XG4 ZB . -80.03 19.93 3.76
O1G XG4 ZB . -80.45 23.69 1.93
C2' XG4 ZB . -73.75 20.79 6.12
O2A XG4 ZB . -78.87 21.70 7.87
O2B XG4 ZB . -81.41 22.18 3.45
O2G XG4 ZB . -77.81 23.69 1.58
C3' XG4 ZB . -74.64 21.61 7.05
O3' XG4 ZB . -73.98 21.74 8.32
N3A XG4 ZB . -79.68 21.91 5.39
O3B XG4 ZB . -78.85 21.95 3.03
O3G XG4 ZB . -79.26 21.87 0.49
C4' XG4 ZB . -75.92 20.77 7.15
O4' XG4 ZB . -75.42 19.42 7.14
C5' XG4 ZB . -76.97 20.89 6.05
O5' XG4 ZB . -78.25 20.13 6.35
C1 CZF AC . -78.42 30.21 28.72
C2 CZF AC . -82.37 27.92 28.50
C3 CZF AC . -79.38 31.39 28.53
C4 CZF AC . -79.92 31.64 29.93
C5 CZF AC . -80.08 28.38 28.08
C6 CZF AC . -78.75 31.13 30.80
C7 CZF AC . -79.96 27.21 27.33
C8 CZF AC . -79.08 30.75 32.22
C9 CZF AC . -81.05 26.35 27.15
C10 CZF AC . -78.05 28.13 27.32
N1 CZF AC . -82.24 26.78 27.76
N2 CZF AC . -81.25 28.71 28.65
N3 CZF AC . -78.67 27.07 26.87
N4 CZF AC . -78.85 28.97 28.07
O1 CZF AC . -83.44 28.21 29.01
O2 CZF AC . -78.64 32.46 27.97
O3 CZF AC . -80.26 33.00 30.22
O4 CZF AC . -78.30 29.95 30.09
O5 CZF AC . -80.08 29.71 32.18
O6 CZF AC . -81.03 25.29 26.54
O7 CZF AC . -81.09 30.37 34.32
O8 CZF AC . -82.28 28.75 32.87
O9 CZF AC . -82.14 31.19 32.18
O10 CZF AC . -82.93 31.50 35.40
O11 CZF AC . -80.64 31.54 36.42
O12 CZF AC . -81.13 32.85 34.24
O13 CZF AC . -84.65 33.08 36.23
O14 CZF AC . -83.62 33.53 33.98
O15 CZF AC . -85.19 31.58 34.31
P1 CZF AC . -81.50 30.03 32.83
P2 CZF AC . -81.37 31.68 35.14
P3 CZF AC . -84.17 32.48 34.95
S SO4 BC . -89.38 30.95 -10.46
O1 SO4 BC . -88.42 31.04 -11.64
O2 SO4 BC . -89.84 29.54 -10.25
O3 SO4 BC . -90.56 31.83 -10.67
O4 SO4 BC . -88.69 31.43 -9.24
FE FE CC . 38.38 -47.58 -31.14
MG MG DC . 35.77 -49.03 -33.09
MG MG EC . 38.31 -48.51 -38.02
MG MG FC . 38.22 -29.38 -12.59
N1 XG4 GC . 42.60 -59.25 -30.01
C2 XG4 GC . 42.94 -58.29 -29.08
N2 XG4 GC . 43.35 -58.72 -27.88
N3 XG4 GC . 42.87 -56.98 -29.31
C4 XG4 GC . 42.41 -56.70 -30.57
C5 XG4 GC . 42.05 -57.60 -31.57
C6 XG4 GC . 42.14 -58.99 -31.32
O6 XG4 GC . 41.85 -59.94 -32.07
N7 XG4 GC . 41.64 -56.90 -32.70
C8 XG4 GC . 41.76 -55.62 -32.38
N9 XG4 GC . 42.22 -55.45 -31.10
PA XG4 GC . 38.68 -50.49 -32.50
PB XG4 GC . 39.06 -50.80 -35.34
PG XG4 GC . 41.10 -51.19 -37.35
C1' XG4 GC . 42.48 -54.18 -30.40
O1A XG4 GC . 37.16 -50.37 -32.40
O1B XG4 GC . 38.67 -52.21 -34.97
O1G XG4 GC . 40.47 -50.02 -38.17
C2' XG4 GC . 43.56 -53.33 -31.05
O2A XG4 GC . 39.55 -49.71 -31.54
O2B XG4 GC . 38.27 -50.01 -36.37
O2G XG4 GC . 42.61 -51.22 -37.37
C3' XG4 GC . 43.06 -51.92 -30.75
O3' XG4 GC . 43.39 -51.55 -29.41
N3A XG4 GC . 39.22 -49.99 -33.95
O3B XG4 GC . 40.58 -50.89 -35.85
O3G XG4 GC . 40.54 -52.58 -37.67
C4' XG4 GC . 41.55 -52.08 -30.89
O4' XG4 GC . 41.29 -53.40 -30.36
C5' XG4 GC . 40.97 -51.92 -32.29
O5' XG4 GC . 39.48 -51.87 -32.29
S SO4 HC . 38.27 -44.58 -54.28
O1 SO4 HC . 37.32 -45.69 -54.56
O2 SO4 HC . 39.67 -45.09 -54.46
O3 SO4 HC . 38.08 -44.05 -52.91
O4 SO4 HC . 38.11 -43.44 -55.20
N1 XG4 IC . 57.98 -57.91 -28.95
C2 XG4 IC . 57.83 -57.51 -27.65
N2 XG4 IC . 58.37 -56.33 -27.30
N3 XG4 IC . 57.20 -58.25 -26.73
C4 XG4 IC . 56.71 -59.40 -27.23
C5 XG4 IC . 56.79 -59.87 -28.52
C6 XG4 IC . 57.47 -59.11 -29.50
O6 XG4 IC . 57.68 -59.42 -30.69
N7 XG4 IC . 56.15 -61.10 -28.62
C8 XG4 IC . 55.71 -61.34 -27.41
N9 XG4 IC . 56.01 -60.33 -26.54
PA XG4 IC . 56.65 -64.79 -26.12
PB XG4 IC . 55.71 -67.34 -24.96
PG XG4 IC . 57.02 -69.87 -25.72
C1' XG4 IC . 55.79 -60.27 -25.14
O1A XG4 IC . 55.59 -65.07 -27.14
O1B XG4 IC . 55.74 -68.06 -23.63
O1G XG4 IC . 57.51 -70.11 -24.33
C2' XG4 IC . 54.60 -61.03 -24.62
O2A XG4 IC . 57.98 -64.31 -26.65
O2B XG4 IC . 54.38 -67.13 -25.63
O2G XG4 IC . 55.94 -70.84 -26.17
C3' XG4 IC . 55.12 -61.61 -23.31
O3' XG4 IC . 55.00 -60.64 -22.26
N3A XG4 IC . 56.77 -66.07 -25.09
O3B XG4 IC . 56.39 -68.42 -25.92
O3G XG4 IC . 58.10 -69.65 -26.68
C4' XG4 IC . 56.62 -61.84 -23.58
O4' XG4 IC . 56.96 -60.87 -24.60
C5' XG4 IC . 57.01 -63.23 -24.02
O5' XG4 IC . 56.12 -63.73 -25.04
N1 XG4 JC . 59.49 -38.69 -40.53
C2 XG4 JC . 59.86 -37.69 -39.65
N2 XG4 JC . 59.44 -37.83 -38.39
N3 XG4 JC . 60.56 -36.62 -40.00
C4 XG4 JC . 60.88 -36.64 -41.31
C5 XG4 JC . 60.57 -37.59 -42.26
C6 XG4 JC . 59.80 -38.71 -41.88
O6 XG4 JC . 59.41 -39.66 -42.57
N7 XG4 JC . 61.10 -37.22 -43.49
C8 XG4 JC . 61.72 -36.08 -43.26
N9 XG4 JC . 61.60 -35.67 -41.96
PA XG4 JC . 60.63 -33.23 -45.47
PB XG4 JC . 61.45 -31.11 -47.33
PG XG4 JC . 59.59 -30.18 -49.36
C1' XG4 JC . 62.19 -34.50 -41.30
O1A XG4 JC . 61.50 -34.16 -46.26
O1B XG4 JC . 61.72 -29.63 -47.35
O1G XG4 JC . 59.79 -31.00 -50.63
C2' XG4 JC . 63.36 -33.83 -42.00
O2A XG4 JC . 59.19 -33.62 -45.30
O2B XG4 JC . 62.49 -32.05 -47.89
O2G XG4 JC . 58.16 -29.92 -49.04
C3' XG4 JC . 63.12 -32.34 -41.75
O3' XG4 JC . 63.67 -31.93 -40.52
N3A XG4 JC . 60.83 -31.67 -45.92
O3B XG4 JC . 60.12 -31.16 -48.23
O3G XG4 JC . 60.39 -28.93 -49.33
C4' XG4 JC . 61.60 -32.26 -41.71
O4' XG4 JC . 61.15 -33.52 -41.17
C5' XG4 JC . 60.92 -32.03 -43.05
O5' XG4 JC . 61.13 -33.19 -43.94
C1 CZF KC . 40.22 -35.41 -14.10
C2 CZF KC . 35.81 -35.60 -15.02
C3 CZF KC . 39.98 -34.11 -14.88
C4 CZF KC . 39.63 -33.08 -13.78
C5 CZF KC . 38.02 -36.43 -14.79
C6 CZF KC . 40.10 -33.77 -12.49
C7 CZF KC . 37.60 -37.70 -15.19
C8 CZF KC . 39.31 -33.41 -11.26
C9 CZF KC . 36.23 -37.94 -15.52
C10 CZF KC . 39.72 -37.80 -14.82
N1 CZF KC . 35.40 -36.84 -15.41
N2 CZF KC . 37.12 -35.41 -14.69
N3 CZF KC . 38.71 -38.55 -15.20
N4 CZF KC . 39.37 -36.50 -14.56
O1 CZF KC . 35.00 -34.69 -14.93
O2 CZF KC . 41.10 -33.74 -15.66
O3 CZF KC . 40.31 -31.85 -13.99
O4 CZF KC . 39.92 -35.18 -12.75
O5 CZF KC . 37.93 -33.74 -11.50
O6 CZF KC . 35.72 -39.01 -15.88
O7 CZF KC . 37.04 -32.12 -9.85
O8 CZF KC . 35.48 -33.48 -11.25
O9 CZF KC . 36.88 -31.58 -12.29
O10 CZF KC . 35.64 -30.12 -9.79
O11 CZF KC . 37.07 -30.69 -7.83
O12 CZF KC . 38.13 -29.88 -10.05
O13 CZF KC . 34.85 -27.77 -9.98
O14 CZF KC . 36.36 -28.69 -11.78
O15 CZF KC . 34.04 -29.65 -11.53
P1 CZF KC . 36.74 -32.68 -11.31
P2 CZF KC . 37.08 -30.63 -9.32
P3 CZF KC . 35.21 -28.98 -10.83
FE FE LC . 54.71 -52.17 -3.31
MG MG MC . 54.02 -52.45 0.28
MG MG NC . 58.36 -49.05 1.99
MG MG OC . 55.90 -69.68 -22.75
N1 XG4 PC . 46.77 -42.76 -2.20
C2 XG4 PC . 46.89 -43.43 -3.41
N2 XG4 PC . 45.90 -43.28 -4.31
N3 XG4 PC . 47.92 -44.21 -3.72
C4 XG4 PC . 48.84 -44.26 -2.72
C5 XG4 PC . 48.82 -43.63 -1.48
C6 XG4 PC . 47.70 -42.82 -1.15
O6 XG4 PC . 47.49 -42.21 -0.09
N7 XG4 PC . 49.96 -43.93 -0.73
C8 XG4 PC . 50.66 -44.73 -1.51
N9 XG4 PC . 50.01 -44.97 -2.76
PA XG4 PC . 53.50 -50.07 -1.33
PB XG4 PC . 55.12 -48.38 0.54
PG XG4 PC . 56.65 -45.98 0.79
C1' XG4 PC . 50.51 -45.76 -3.90
O1A XG4 PC . 53.39 -51.24 -0.35
O1B XG4 PC . 53.80 -48.26 1.28
O1G XG4 PC . 57.11 -45.16 -0.41
C2' XG4 PC . 51.76 -45.13 -4.50
O2A XG4 PC . 53.43 -50.35 -2.82
O2B XG4 PC . 56.35 -48.99 1.25
O2G XG4 PC . 55.99 -45.16 1.87
C3' XG4 PC . 52.69 -46.32 -4.70
O3' XG4 PC . 52.57 -46.72 -6.07
N3A XG4 PC . 54.83 -49.19 -0.89
O3B XG4 PC . 55.44 -46.85 0.15
O3G XG4 PC . 57.73 -46.98 1.33
C4' XG4 PC . 52.21 -47.39 -3.70
O4' XG4 PC . 50.83 -47.06 -3.41
C5' XG4 PC . 53.00 -47.58 -2.41
O5' XG4 PC . 52.52 -48.76 -1.59
C1 CZF QC . 53.38 -63.98 -20.47
C2 CZF QC . 52.92 -66.83 -16.95
C3 CZF QC . 54.80 -64.58 -20.37
C4 CZF QC . 54.62 -65.98 -20.96
C5 CZF QC . 52.59 -64.88 -18.21
C6 CZF QC . 53.55 -65.69 -22.03
C7 CZF QC . 51.76 -64.38 -17.22
C8 CZF QC . 52.84 -66.90 -22.59
C9 CZF QC . 51.48 -65.09 -16.05
C10 CZF QC . 51.88 -62.90 -18.76
N1 CZF QC . 52.09 -66.33 -15.98
N2 CZF QC . 53.14 -66.08 -18.07
N3 CZF QC . 51.32 -63.12 -17.60
N4 CZF QC . 52.65 -63.94 -19.20
O1 CZF QC . 53.44 -67.93 -16.81
O2 CZF QC . 55.70 -63.86 -21.19
O3 CZF QC . 55.81 -66.49 -21.57
O4 CZF QC . 52.64 -64.76 -21.37
O5 CZF QC . 52.30 -67.73 -21.51
O6 CZF QC . 50.76 -64.72 -15.13
O7 CZF QC . 52.05 -69.96 -22.52
O8 CZF QC . 52.40 -69.72 -20.04
O9 CZF QC . 54.25 -69.31 -21.78
O10 CZF QC . 53.25 -72.01 -22.40
O11 CZF QC . 51.50 -71.69 -24.21
O12 CZF QC . 53.76 -70.43 -24.34
O13 CZF QC . 54.96 -73.77 -22.92
O14 CZF QC . 55.67 -71.46 -22.34
O15 CZF QC . 54.64 -72.92 -20.56
P1 CZF QC . 52.83 -69.23 -21.36
P2 CZF QC . 52.65 -71.03 -23.52
P3 CZF QC . 54.72 -72.58 -22.02
S SO4 RC . 70.88 -46.19 11.76
O1 SO4 RC . 72.11 -46.44 12.58
O2 SO4 RC . 70.91 -47.09 10.60
O3 SO4 RC . 69.64 -46.46 12.55
O4 SO4 RC . 70.83 -44.81 11.19
N1 XG4 SC . 72.79 -38.55 -13.11
C2 XG4 SC . 73.03 -39.19 -14.30
N2 XG4 SC . 71.97 -39.80 -14.89
N3 XG4 SC . 74.24 -39.27 -14.87
C4 XG4 SC . 75.18 -38.60 -14.14
C5 XG4 SC . 75.02 -37.91 -12.96
C6 XG4 SC . 73.75 -37.84 -12.36
O6 XG4 SC . 73.46 -37.34 -11.27
N7 XG4 SC . 76.23 -37.37 -12.53
C8 XG4 SC . 77.11 -37.75 -13.44
N9 XG4 SC . 76.53 -38.49 -14.45
PA XG4 SC . 80.19 -39.34 -12.19
PB XG4 SC . 83.17 -39.14 -12.24
PG XG4 SC . 84.30 -40.34 -9.91
C1' XG4 SC . 77.21 -39.17 -15.55
O1A XG4 SC . 80.19 -37.99 -11.49
O1B XG4 SC . 84.38 -39.79 -12.90
O1G XG4 SC . 85.82 -40.35 -10.19
C2' XG4 SC . 78.29 -38.34 -16.23
O2A XG4 SC . 79.08 -40.31 -11.83
O2B XG4 SC . 83.00 -37.64 -12.26
O2G XG4 SC . 83.89 -39.84 -8.56
C3' XG4 SC . 79.24 -39.44 -16.69
O3' XG4 SC . 78.87 -40.01 -17.96
N3A XG4 SC . 81.71 -40.00 -12.16
O3B XG4 SC . 83.62 -39.16 -10.71
O3G XG4 SC . 83.62 -41.62 -10.33
C4' XG4 SC . 79.13 -40.48 -15.58
O4' XG4 SC . 77.83 -40.30 -14.97
C5' XG4 SC . 80.23 -40.40 -14.55
O5' XG4 SC . 80.08 -39.22 -13.77
N1 XG4 TC . 51.49 -32.51 -13.32
C2 XG4 TC . 50.88 -33.19 -14.35
N2 XG4 TC . 51.66 -33.50 -15.39
N3 XG4 TC . 49.58 -33.55 -14.34
C4 XG4 TC . 48.92 -33.14 -13.22
C5 XG4 TC . 49.46 -32.44 -12.15
C6 XG4 TC . 50.84 -32.09 -12.16
O6 XG4 TC . 51.49 -31.45 -11.31
N7 XG4 TC . 48.45 -32.20 -11.21
C8 XG4 TC . 47.35 -32.71 -11.73
N9 XG4 TC . 47.58 -33.31 -12.93
PA XG4 TC . 44.23 -30.63 -11.90
PB XG4 TC . 41.28 -30.21 -11.26
PG XG4 TC . 40.34 -27.54 -10.87
C1' XG4 TC . 46.59 -34.02 -13.79
O1A XG4 TC . 44.61 -31.00 -10.50
O1B XG4 TC . 39.98 -30.17 -12.04
O1G XG4 TC . 38.90 -28.01 -10.90
C2' XG4 TC . 45.43 -34.71 -13.09
O2A XG4 TC . 45.12 -29.74 -12.71
O2B XG4 TC . 41.34 -30.99 -9.96
O2G XG4 TC . 40.78 -26.95 -9.54
C3' XG4 TC . 44.25 -34.53 -14.03
O3' XG4 TC . 44.12 -35.50 -15.05
N3A XG4 TC . 42.67 -30.16 -12.17
O3B XG4 TC . 41.41 -28.69 -10.89
O3G XG4 TC . 40.72 -26.75 -12.07
C4' XG4 TC . 44.58 -33.23 -14.74
O4' XG4 TC . 46.02 -33.06 -14.67
C5' XG4 TC . 43.89 -32.05 -14.11
O5' XG4 TC . 44.23 -32.00 -12.69
FE FE UC . 69.08 -19.70 -24.10
MG MG VC . 70.36 -16.53 -23.33
MG MG WC . 67.04 -16.40 -18.37
MG MG XC . 61.43 -27.85 -48.18
N1 XG4 YC . 78.25 -24.65 -17.56
C2 XG4 YC . 77.81 -25.33 -18.67
N2 XG4 YC . 78.68 -26.24 -19.16
N3 XG4 YC . 76.63 -25.13 -19.26
C4 XG4 YC . 75.90 -24.19 -18.64
C5 XG4 YC . 76.25 -23.45 -17.53
C6 XG4 YC . 77.52 -23.65 -16.93
O6 XG4 YC . 78.01 -23.10 -15.93
N7 XG4 YC . 75.22 -22.57 -17.18
C8 XG4 YC . 74.28 -22.80 -18.06
N9 XG4 YC . 74.63 -23.78 -18.98
PA XG4 YC . 71.04 -19.56 -21.88
PB XG4 YC . 70.02 -18.49 -19.24
PG XG4 YC . 68.82 -19.26 -16.76
C1' XG4 YC . 73.80 -24.25 -20.09
O1A XG4 YC . 71.61 -18.27 -22.43
O1B XG4 YC . 71.44 -18.46 -18.72
O1G XG4 YC . 67.92 -18.04 -16.93
C2' XG4 YC . 72.50 -24.99 -19.74
O2A XG4 YC . 70.38 -20.47 -22.88
O2B XG4 YC . 69.18 -17.22 -19.22
O2G XG4 YC . 68.09 -20.49 -16.28
C3' XG4 YC . 71.46 -24.43 -20.72
O3' XG4 YC . 71.38 -25.19 -21.93
N3A XG4 YC . 69.92 -19.22 -20.71
O3B XG4 YC . 69.25 -19.52 -18.28
O3G XG4 YC . 70.05 -18.96 -15.97
C4' XG4 YC . 72.01 -23.03 -21.06
O4' XG4 YC . 73.43 -23.08 -20.82
C5' XG4 YC . 71.44 -21.82 -20.35
O5' XG4 YC . 71.97 -20.55 -20.97
C1 CZF ZC . 64.94 -28.86 -42.97
C2 CZF ZC . 66.30 -24.55 -43.73
C3 CZF ZC . 63.56 -28.23 -43.11
C4 CZF ZC . 63.18 -28.46 -44.57
C5 CZF ZC . 66.31 -26.70 -42.74
C6 CZF ZC . 64.18 -29.54 -45.01
C7 CZF ZC . 67.38 -26.36 -41.94
C8 CZF ZC . 64.54 -29.61 -46.48
C9 CZF ZC . 67.96 -25.08 -42.02
C10 CZF ZC . 66.88 -28.38 -41.44
N1 CZF ZC . 67.37 -24.23 -42.95
N2 CZF ZC . 65.78 -25.82 -43.62
N3 CZF ZC . 67.74 -27.43 -41.13
N4 CZF ZC . 65.98 -28.00 -42.40
O1 CZF ZC . 65.84 -23.73 -44.52
O2 CZF ZC . 62.68 -28.91 -42.24
O3 CZF ZC . 61.83 -28.89 -44.69
O4 CZF ZC . 65.37 -29.21 -44.27
O5 CZF ZC . 65.30 -28.44 -46.85
O6 CZF ZC . 68.93 -24.68 -41.38
O7 CZF ZC . 64.92 -27.99 -49.23
O8 CZF ZC . 65.42 -26.08 -47.63
O9 CZF ZC . 63.16 -27.27 -47.59
O10 CZF ZC . 63.62 -26.89 -50.92
O11 CZF ZC . 64.61 -29.12 -51.44
O12 CZF ZC . 62.67 -28.92 -49.80
O13 CZF ZC . 61.65 -25.96 -52.11
O14 CZF ZC . 61.52 -26.42 -49.67
O15 CZF ZC . 62.93 -24.56 -50.50
P1 CZF ZC . 64.64 -27.34 -47.80
P2 CZF ZC . 63.90 -28.36 -50.39
P3 CZF ZC . 62.36 -25.91 -50.79
S SO4 AD . 57.36 -7.80 -8.76
O1 SO4 AD . 58.61 -7.00 -8.78
O2 SO4 AD . 57.44 -8.85 -9.78
O3 SO4 AD . 56.20 -6.95 -9.10
O4 SO4 AD . 57.13 -8.41 -7.41
FE FE BD . 79.30 -48.34 -36.97
MG MG CD . 81.19 -49.49 -39.50
MG MG DD . 77.54 -53.97 -41.26
MG MG ED . 85.92 -40.93 -12.72
N1 XG4 FD . 74.04 -40.96 -45.15
C2 XG4 FD . 74.20 -40.71 -43.80
N2 XG4 FD . 74.14 -39.43 -43.37
N3 XG4 FD . 74.42 -41.68 -42.90
C4 XG4 FD . 74.47 -42.90 -43.47
C5 XG4 FD . 74.34 -43.25 -44.79
C6 XG4 FD . 74.12 -42.23 -45.74
O6 XG4 FD . 73.97 -42.36 -46.97
N7 XG4 FD . 74.46 -44.64 -44.95
C8 XG4 FD . 74.63 -45.09 -43.73
N9 XG4 FD . 74.68 -44.08 -42.80
PA XG4 FD . 78.59 -47.84 -39.75
PB XG4 FD . 77.78 -49.97 -41.59
PG XG4 FD . 75.35 -51.44 -41.95
C1' XG4 FD . 74.76 -44.14 -41.35
O1A XG4 FD . 80.03 -47.72 -40.22
O1B XG4 FD . 78.28 -48.99 -42.63
O1G XG4 FD . 75.92 -52.37 -40.82
C2' XG4 FD . 73.72 -45.08 -40.76
O2A XG4 FD . 78.20 -47.44 -38.35
O2B XG4 FD . 78.44 -51.34 -41.51
O2G XG4 FD . 73.96 -50.94 -41.73
C3' XG4 FD . 74.34 -45.37 -39.42
O3' XG4 FD . 74.10 -44.28 -38.54
N3A XG4 FD . 77.84 -49.25 -40.12
O3B XG4 FD . 76.20 -50.08 -41.95
O3G XG4 FD . 75.50 -52.08 -43.29
C4' XG4 FD . 75.81 -45.53 -39.83
O4' XG4 FD . 76.03 -44.59 -40.90
C5' XG4 FD . 76.19 -46.90 -40.34
O5' XG4 FD . 77.61 -46.94 -40.64
C1 CZF GD . 82.95 -39.42 -18.22
C2 CZF GD . 87.02 -40.66 -19.94
C3 CZF GD . 83.18 -40.72 -17.44
C4 CZF GD . 84.04 -40.27 -16.27
C5 CZF GD . 84.83 -39.77 -19.95
C6 CZF GD . 83.59 -38.81 -16.09
C7 CZF GD . 84.94 -39.45 -21.33
C8 CZF GD . 84.50 -37.89 -15.33
C9 CZF GD . 86.15 -39.75 -22.04
C10 CZF GD . 82.99 -38.82 -20.70
N1 CZF GD . 87.14 -40.35 -21.29
N2 CZF GD . 85.84 -40.34 -19.29
N3 CZF GD . 83.76 -38.87 -21.76
N4 CZF GD . 83.56 -39.36 -19.56
O1 CZF GD . 87.95 -41.19 -19.33
O2 CZF GD . 81.96 -41.26 -17.00
O3 CZF GD . 83.82 -41.09 -15.11
O4 CZF GD . 83.45 -38.35 -17.45
O5 CZF GD . 85.82 -37.86 -15.92
O6 CZF GD . 86.39 -39.52 -23.22
O7 CZF GD . 87.61 -37.59 -14.15
O8 CZF GD . 88.14 -38.64 -16.40
O9 CZF GD . 86.79 -39.89 -14.66
O10 CZF GD . 88.96 -38.81 -12.54
O11 CZF GD . 87.63 -36.85 -11.74
O12 CZF GD . 86.49 -39.05 -12.45
O13 CZF GD . 90.10 -40.08 -10.62
O14 CZF GD . 88.04 -41.01 -11.71
O15 CZF GD . 90.15 -40.85 -13.10
P1 CZF GD . 87.14 -38.58 -15.31
P2 CZF GD . 87.58 -38.04 -12.64
P3 CZF GD . 89.34 -40.27 -11.94
S SO4 HD . 74.64 -69.53 -44.78
O1 SO4 HD . 75.40 -69.73 -46.03
O2 SO4 HD . 75.07 -70.47 -43.71
O3 SO4 HD . 74.91 -68.17 -44.25
O4 SO4 HD . 73.20 -69.66 -45.13
FE FE ID . 6.48 35.23 15.16
MG MG JD . 4.13 33.87 12.55
MG MG KD . 7.51 35.29 8.35
MG MG LD . 1.92 50.10 36.00
N1 XG4 MD . 11.09 23.92 14.97
C2 XG4 MD . 11.32 24.69 16.08
N2 XG4 MD . 11.62 24.06 17.22
N3 XG4 MD . 11.25 26.02 16.07
C4 XG4 MD . 10.94 26.52 14.84
C5 XG4 MD . 10.71 25.83 13.68
C6 XG4 MD . 10.77 24.41 13.70
O6 XG4 MD . 10.58 23.61 12.77
N7 XG4 MD . 10.42 26.71 12.63
C8 XG4 MD . 10.50 27.91 13.18
N9 XG4 MD . 10.81 27.84 14.53
PA XG4 MD . 6.92 32.58 13.57
PB XG4 MD . 7.60 32.48 10.78
PG XG4 MD . 9.91 33.05 9.15
C1' XG4 MD . 10.94 28.92 15.49
O1A XG4 MD . 5.41 32.46 13.38
O1B XG4 MD . 7.13 31.06 10.87
O1G XG4 MD . 9.67 34.53 9.47
C2' XG4 MD . 12.02 29.92 15.12
O2A XG4 MD . 7.41 33.42 14.71
O2B XG4 MD . 6.94 33.44 9.81
O2G XG4 MD . 11.36 32.61 9.25
C3' XG4 MD . 11.35 31.26 15.38
O3' XG4 MD . 11.66 31.67 16.71
N3A XG4 MD . 7.66 33.15 12.24
O3B XG4 MD . 9.12 32.31 10.34
O3G XG4 MD . 9.22 32.62 7.87
C4' XG4 MD . 9.85 30.99 15.22
O4' XG4 MD . 9.69 29.59 15.55
C5' XG4 MD . 9.27 31.30 13.85
O5' XG4 MD . 7.80 31.24 13.84
C1 CZF ND . 4.62 44.53 33.91
C2 CZF ND . 0.48 43.97 32.08
C3 CZF ND . 4.31 45.90 33.30
C4 CZF ND . 3.77 46.73 34.49
C5 CZF ND . 2.69 43.39 32.71
C6 CZF ND . 4.20 45.90 35.71
C7 CZF ND . 2.55 42.14 32.11
C8 CZF ND . 3.38 46.04 36.98
C9 CZF ND . 1.35 41.76 31.49
C10 CZF ND . 4.53 42.21 32.92
N1 CZF ND . 0.37 42.74 31.50
N2 CZF ND . 1.68 44.29 32.70
N3 CZF ND . 3.73 41.41 32.27
N4 CZF ND . 3.98 43.43 33.22
O1 CZF ND . -0.43 44.78 32.06
O2 CZF ND . 5.49 46.38 32.70
O3 CZF ND . 4.26 48.07 34.52
O4 CZF ND . 4.15 44.52 35.23
O5 CZF ND . 2.05 45.47 36.80
O6 CZF ND . 1.14 40.68 30.95
O7 CZF ND . 0.48 46.78 38.17
O8 CZF ND . -0.33 45.62 36.04
O9 CZF ND . 1.14 47.71 35.98
O10 CZF ND . -0.84 48.72 38.40
O11 CZF ND . 0.63 48.06 40.33
O12 CZF ND . 1.64 49.01 38.17
O13 CZF ND . -2.05 50.88 38.40
O14 CZF ND . 0.01 50.61 36.94
O15 CZF ND . -2.05 49.23 36.41
P1 CZF ND . 0.77 46.43 36.65
P2 CZF ND . 0.59 48.21 38.85
P3 CZF ND . -1.24 49.95 37.48
S SO4 OD . 9.01 41.79 -7.06
O1 SO4 OD . 9.55 42.33 -5.78
O2 SO4 OD . 9.93 40.82 -7.73
O3 SO4 OD . 8.84 42.87 -8.06
O4 SO4 OD . 7.69 41.17 -6.76
N1 XG4 PD . 27.75 46.61 10.48
C2 XG4 PD . 27.99 47.44 11.56
N2 XG4 PD . 27.52 47.04 12.74
N3 XG4 PD . 28.65 48.60 11.49
C4 XG4 PD . 29.07 48.85 10.22
C5 XG4 PD . 28.90 48.08 9.09
C6 XG4 PD . 28.19 46.85 9.18
O6 XG4 PD . 27.93 46.03 8.28
N7 XG4 PD . 29.49 48.70 8.00
C8 XG4 PD . 29.98 49.82 8.48
N9 XG4 PD . 29.77 49.96 9.84
PA XG4 PD . 29.15 52.88 6.54
PB XG4 PD . 30.00 55.35 5.22
PG XG4 PD . 28.42 56.39 2.94
C1' XG4 PD . 30.15 51.07 10.75
O1A XG4 PD . 30.19 52.24 5.67
O1B XG4 PD . 30.03 56.82 5.56
O1G XG4 PD . 28.13 57.59 3.81
C2' XG4 PD . 31.46 51.79 10.44
O2A XG4 PD . 27.81 52.22 6.59
O2B XG4 PD . 31.30 54.66 4.98
O2G XG4 PD . 29.22 56.75 1.69
C3' XG4 PD . 31.17 53.25 10.77
O3' XG4 PD . 31.47 53.51 12.14
N3A XG4 PD . 28.99 54.45 6.12
O3B XG4 PD . 29.27 55.33 3.79
O3G XG4 PD . 27.21 55.58 2.64
C4' XG4 PD . 29.67 53.37 10.47
O4' XG4 PD . 29.11 52.05 10.69
C5' XG4 PD . 29.29 53.83 9.08
O5' XG4 PD . 29.75 52.90 8.04
FE FE QD . 19.13 27.09 44.22
MG MG RD . 17.93 25.97 47.54
MG MG SD . 21.87 29.48 50.11
MG MG TD . 24.62 13.09 22.61
N1 XG4 UD . 10.13 35.57 45.16
C2 XG4 UD . 10.56 35.16 43.92
N2 XG4 UD . 9.70 35.37 42.92
N3 XG4 UD . 11.75 34.58 43.69
C4 XG4 UD . 12.49 34.44 44.82
C5 XG4 UD . 12.14 34.80 46.10
C6 XG4 UD . 10.88 35.42 46.33
O6 XG4 UD . 10.39 35.81 47.39
N7 XG4 UD . 13.18 34.47 46.99
C8 XG4 UD . 14.11 33.92 46.24
N9 XG4 UD . 13.74 33.88 44.91
PA XG4 UD . 17.34 29.04 46.03
PB XG4 UD . 18.57 30.24 48.30
PG XG4 UD . 19.77 32.72 49.14
C1' XG4 UD . 14.50 33.34 43.82
O1A XG4 UD . 17.00 27.79 46.81
O1B XG4 UD . 17.18 30.55 48.81
O1G XG4 UD . 20.75 31.83 49.91
C2' XG4 UD . 15.82 34.07 43.59
O2A XG4 UD . 17.44 28.93 44.54
O2B XG4 UD . 19.51 29.44 49.19
O2G XG4 UD . 20.44 33.84 48.37
C3' XG4 UD . 16.75 32.94 43.15
O3' XG4 UD . 16.66 32.70 41.74
N3A XG4 UD . 18.60 29.74 46.76
O3B XG4 UD . 19.15 31.71 48.05
O3G XG4 UD . 18.61 33.21 49.97
C4' XG4 UD . 16.23 31.77 44.00
O4' XG4 UD . 14.80 31.97 44.13
C5' XG4 UD . 16.86 31.61 45.36
O5' XG4 UD . 16.41 30.35 46.02
C1 CZF VD . 21.18 18.09 25.24
C2 CZF VD . 19.89 14.82 28.20
C3 CZF VD . 22.55 17.46 25.50
C4 CZF VD . 22.61 16.28 24.52
C5 CZF VD . 19.92 16.96 27.18
C6 CZF VD . 21.61 16.70 23.43
C7 CZF VD . 18.95 17.42 28.09
C8 CZF VD . 20.97 15.61 22.57
C9 CZF VD . 18.40 16.56 29.08
C10 CZF VD . 19.43 19.06 26.79
N1 CZF VD . 18.92 15.27 29.07
N2 CZF VD . 20.38 15.69 27.26
N3 CZF VD . 18.66 18.76 27.81
N4 CZF VD . 20.24 18.03 26.36
O1 CZF VD . 20.31 13.68 28.26
O2 CZF VD . 23.54 18.43 25.28
O3 CZF VD . 23.94 16.08 24.05
O4 CZF VD . 20.59 17.40 24.17
O5 CZF VD . 20.38 14.54 23.38
O6 CZF VD . 17.52 16.83 29.90
O7 CZF VD . 20.64 12.42 22.07
O8 CZF VD . 20.49 12.32 24.58
O9 CZF VD . 22.56 13.26 23.45
O10 CZF VD . 21.98 10.39 21.94
O11 CZF VD . 20.72 11.17 19.91
O12 CZF VD . 22.75 12.51 20.71
O13 CZF VD . 22.74 9.50 24.15
O14 CZF VD . 23.94 8.90 21.99
O15 CZF VD . 24.12 11.21 22.94
P1 CZF VD . 21.08 13.10 23.46
P2 CZF VD . 21.57 11.65 21.03
P3 CZF VD . 23.27 9.98 22.81
S SO4 WD . 32.63 31.82 62.04
O1 SO4 WD . 33.60 30.92 62.68
O2 SO4 WD . 32.91 31.76 60.58
O3 SO4 WD . 32.88 33.20 62.58
O4 SO4 WD . 31.26 31.34 62.36
N1 XG4 XD . 36.98 43.08 39.57
C2 XG4 XD . 37.39 42.68 38.31
N2 XG4 XD . 36.48 42.09 37.52
N3 XG4 XD . 38.64 42.85 37.88
C4 XG4 XD . 39.44 43.45 38.80
C5 XG4 XD . 39.10 43.89 40.06
C6 XG4 XD . 37.78 43.73 40.52
O6 XG4 XD . 37.34 44.04 41.64
N7 XG4 XD . 40.20 44.46 40.68
C8 XG4 XD . 41.18 44.32 39.82
N9 XG4 XD . 40.77 43.75 38.65
PA XG4 XD . 44.43 42.71 41.34
PB XG4 XD . 47.35 42.95 41.79
PG XG4 XD . 48.28 41.47 44.05
C1' XG4 XD . 41.61 43.41 37.51
O1A XG4 XD . 44.35 44.20 41.21
O1B XG4 XD . 48.54 42.32 41.11
O1G XG4 XD . 49.79 41.42 44.14
C2' XG4 XD . 42.66 44.43 37.10
O2A XG4 XD . 43.43 42.00 42.19
O2B XG4 XD . 47.11 44.42 41.68
O2G XG4 XD . 47.63 41.59 45.36
C3' XG4 XD . 43.72 43.53 36.51
O3' XG4 XD . 43.33 42.94 35.27
N3A XG4 XD . 45.96 42.11 41.57
O3B XG4 XD . 47.91 42.80 43.28
O3G XG4 XD . 47.69 40.34 43.25
C4' XG4 XD . 43.73 42.44 37.56
O4' XG4 XD . 42.34 42.23 37.86
C5' XG4 XD . 44.52 42.85 38.78
O5' XG4 XD . 43.97 42.20 39.93
N1 XG4 YD . 15.25 47.75 36.80
C2 XG4 YD . 14.86 47.18 35.60
N2 XG4 YD . 15.79 47.08 34.65
N3 XG4 YD . 13.61 46.76 35.38
C4 XG4 YD . 12.78 46.95 36.45
C5 XG4 YD . 13.09 47.50 37.67
C6 XG4 YD . 14.43 47.94 37.92
O6 XG4 YD . 14.88 48.51 38.93
N7 XG4 YD . 11.96 47.52 38.50
C8 XG4 YD . 10.99 47.01 37.76
N9 XG4 YD . 11.44 46.62 36.51
PA XG4 YD . 7.96 49.04 37.48
PB XG4 YD . 4.88 49.15 37.83
PG XG4 YD . 3.65 51.66 38.64
C1' XG4 YD . 10.65 46.06 35.39
O1A XG4 YD . 8.33 48.65 38.88
O1B XG4 YD . 3.84 49.24 36.75
O1G XG4 YD . 2.27 51.34 38.12
C2' XG4 YD . 9.49 45.14 35.73
O2A XG4 YD . 8.79 50.08 36.78
O2B XG4 YD . 4.72 48.07 38.87
O2G XG4 YD . 3.63 52.12 40.08
C3' XG4 YD . 8.49 45.45 34.61
O3' XG4 YD . 8.76 44.75 33.40
N3A XG4 YD . 6.39 49.48 37.17
O3B XG4 YD . 4.61 50.40 38.76
O3G XG4 YD . 4.42 52.50 37.70
C4' XG4 YD . 8.72 46.93 34.36
O4' XG4 YD . 10.09 47.18 34.70
C5' XG4 YD . 7.82 47.85 35.15
O5' XG4 YD . 8.15 47.77 36.54
FE FE ZD . 33.44 63.25 30.52
MG MG AE . 34.31 66.30 32.28
MG MG BE . 30.29 65.44 36.33
MG MG CE . 29.58 58.78 4.73
N1 XG4 DE . 42.11 57.92 37.67
C2 XG4 DE . 41.80 57.40 36.43
N2 XG4 DE . 42.74 56.65 35.86
N3 XG4 DE . 40.64 57.60 35.82
C4 XG4 DE . 39.81 58.39 36.54
C5 XG4 DE . 40.03 58.96 37.78
C6 XG4 DE . 41.27 58.73 38.43
O6 XG4 DE . 41.66 59.17 39.52
N7 XG4 DE . 38.94 59.72 38.18
C8 XG4 DE . 38.07 59.60 37.19
N9 XG4 DE . 38.56 58.77 36.16
PA XG4 DE . 34.96 63.01 33.16
PB XG4 DE . 33.70 63.85 35.71
PG XG4 DE . 32.05 62.49 37.63
C1' XG4 DE . 37.88 58.38 34.84
O1A XG4 DE . 35.47 64.38 32.72
O1B XG4 DE . 35.03 64.05 36.40
O1G XG4 DE . 31.33 61.19 37.52
C2' XG4 DE . 36.57 57.60 34.95
O2A XG4 DE . 34.45 62.06 32.11
O2B XG4 DE . 32.68 64.96 35.66
O2G XG4 DE . 32.79 62.58 38.92
C3' XG4 DE . 35.69 58.20 33.85
O3' XG4 DE . 35.84 57.51 32.61
N3A XG4 DE . 33.73 63.20 34.21
O3B XG4 DE . 33.19 62.56 36.51
O3G XG4 DE . 31.14 63.67 37.29
C4' XG4 DE . 36.19 59.64 33.73
O4' XG4 DE . 37.59 59.57 34.09
C5' XG4 DE . 35.48 60.70 34.55
O5' XG4 DE . 35.89 62.06 34.12
C1 CZF EE . 32.69 56.89 10.43
C2 CZF EE . 33.70 61.29 10.45
C3 CZF EE . 31.32 57.52 10.18
C4 CZF EE . 31.29 57.75 8.66
C5 CZF EE . 33.81 59.03 11.15
C6 CZF EE . 32.25 56.65 8.17
C7 CZF EE . 34.74 59.36 12.12
C8 CZF EE . 32.84 56.80 6.79
C9 CZF EE . 35.20 60.69 12.28
C10 CZF EE . 34.37 57.25 12.29
N1 CZF EE . 34.63 61.61 11.40
N2 CZF EE . 33.29 59.98 10.34
N3 CZF EE . 35.09 58.21 12.83
N4 CZF EE . 33.57 57.69 11.26
O1 CZF EE . 33.25 62.14 9.70
O2 CZF EE . 30.37 56.59 10.60
O3 CZF EE . 29.95 57.62 8.19
O4 CZF EE . 33.30 56.70 9.16
O5 CZF EE . 33.69 57.97 6.71
O6 CZF EE . 36.05 61.07 13.09
O7 CZF EE . 33.46 58.69 4.27
O8 CZF EE . 34.13 60.35 6.07
O9 CZF EE . 31.76 59.38 5.88
O10 CZF EE . 32.26 60.14 2.69
O11 CZF EE . 33.09 57.93 1.85
O12 CZF EE . 31.13 58.08 3.52
O13 CZF EE . 30.26 60.66 1.27
O14 CZF EE . 30.04 60.52 3.77
O15 CZF EE . 31.40 62.35 2.75
P1 CZF EE . 33.24 59.19 5.77
P2 CZF EE . 32.43 58.59 3.03
P3 CZF EE . 30.90 60.95 2.60
S SO4 FE . 19.03 72.10 45.63
O1 SO4 FE . 20.45 72.61 45.59
O2 SO4 FE . 18.90 70.86 46.45
O3 SO4 FE . 18.07 73.15 46.13
O4 SO4 FE . 18.71 71.70 44.24
N1 XG4 GE . 26.33 25.59 18.47
C2 XG4 GE . 26.10 25.75 19.82
N2 XG4 GE . 26.61 26.86 20.40
N3 XG4 GE . 25.42 24.88 20.56
C4 XG4 GE . 24.95 23.83 19.84
C5 XG4 GE . 25.12 23.59 18.50
C6 XG4 GE . 25.86 24.51 17.70
O6 XG4 GE . 26.12 24.45 16.49
N7 XG4 GE . 24.49 22.40 18.15
C8 XG4 GE . 23.97 21.96 19.27
N9 XG4 GE . 24.21 22.80 20.33
PA XG4 GE . 24.93 18.48 20.04
PB XG4 GE . 24.12 15.68 20.60
PG XG4 GE . 25.90 13.49 19.62
C1' XG4 GE . 23.84 22.65 21.71
O1A XG4 GE . 24.12 18.52 18.77
O1B XG4 GE . 24.17 14.79 21.81
O1G XG4 GE . 25.11 12.44 20.40
C2' XG4 GE . 22.53 21.92 22.01
O2A XG4 GE . 26.31 19.08 20.02
O2B XG4 GE . 22.86 15.79 19.76
O2G XG4 GE . 25.97 13.20 18.14
C3' XG4 GE . 22.86 21.18 23.30
O3' XG4 GE . 22.71 22.02 24.45
N3A XG4 GE . 24.99 17.05 20.83
O3B XG4 GE . 25.08 14.88 19.61
O3G XG4 GE . 27.21 13.81 20.29
C4' XG4 GE . 24.33 20.82 23.12
O4' XG4 GE . 24.88 21.86 22.28
C5' XG4 GE . 24.61 19.46 22.51
O5' XG4 GE . 24.15 19.38 21.11
FE FE HE . 47.69 37.76 15.72
MG MG IE . 49.97 36.89 12.94
MG MG JE . 47.06 32.76 10.71
MG MG KE . 50.46 41.46 41.45
N1 XG4 LE . 43.39 45.89 7.54
C2 XG4 LE . 43.34 46.02 8.92
N2 XG4 LE . 43.27 47.26 9.41
N3 XG4 LE . 43.35 44.99 9.75
C4 XG4 LE . 43.44 43.80 9.11
C5 XG4 LE . 43.52 43.58 7.75
C6 XG4 LE . 43.51 44.67 6.85
O6 XG4 LE . 43.54 44.66 5.61
N7 XG4 LE . 43.60 42.21 7.50
C8 XG4 LE . 43.56 41.65 8.69
N9 XG4 LE . 43.48 42.59 9.72
PA XG4 LE . 47.23 38.53 12.74
PB XG4 LE . 46.78 36.37 10.82
PG XG4 LE . 44.43 35.35 9.26
C1' XG4 LE . 43.33 42.37 11.19
O1A XG4 LE . 46.72 38.71 14.15
O1B XG4 LE . 47.68 37.31 10.07
O1G XG4 LE . 44.64 34.05 10.07
C2' XG4 LE . 42.21 41.37 11.51
O2A XG4 LE . 48.72 38.66 12.49
O2B XG4 LE . 47.21 34.93 11.04
O2G XG4 LE . 43.00 35.78 9.18
C3' XG4 LE . 42.70 40.71 12.79
O3' XG4 LE . 42.29 41.48 13.91
N3A XG4 LE . 46.59 37.11 12.25
O3B XG4 LE . 45.34 36.46 10.04
O3G XG4 LE . 45.01 35.28 7.91
C4' XG4 LE . 44.22 40.70 12.59
O4' XG4 LE . 44.52 41.86 11.78
C5' XG4 LE . 44.80 39.45 11.94
O5' XG4 LE . 46.27 39.51 11.87
C1 CZF ME . 47.84 43.72 35.91
C2 CZF ME . 52.15 42.99 34.39
C3 CZF ME . 48.13 42.32 36.46
C4 CZF ME . 48.71 42.60 37.85
C5 CZF ME . 49.88 43.79 34.34
C6 CZF ME . 48.17 44.00 38.17
C7 CZF ME . 50.09 44.37 33.08
C8 CZF ME . 48.93 44.81 39.18
C9 CZF ME . 51.35 44.28 32.45
C10 CZF ME . 48.05 44.75 33.61
N1 CZF ME . 52.33 43.58 33.16
N2 CZF ME . 50.91 43.12 34.98
N3 CZF ME . 48.92 44.98 32.65
N4 CZF ME . 48.56 44.05 34.68
O1 CZF ME . 53.05 42.39 34.94
O2 CZF ME . 46.94 41.57 36.47
O3 CZF ME . 48.28 41.64 38.80
O4 CZF ME . 48.22 44.65 36.90
O5 CZF ME . 50.29 45.05 38.75
O6 CZF ME . 51.65 44.75 31.35
O7 CZF ME . 51.62 45.11 40.92
O8 CZF ME . 52.77 44.64 38.69
O9 CZF ME . 51.23 42.93 39.82
O10 CZF ME . 53.10 43.98 42.52
O11 CZF ME . 51.36 45.59 43.37
O12 CZF ME . 50.71 43.28 42.42
O13 CZF ME . 54.89 42.72 43.62
O14 CZF ME . 52.65 41.60 43.26
O15 CZF ME . 54.14 42.05 41.31
P1 CZF ME . 51.55 44.36 39.50
P2 CZF ME . 51.59 44.49 42.39
P3 CZF ME . 53.72 42.50 42.68
#